data_2WJ8
#
_entry.id   2WJ8
#
_cell.length_a   218.200
_cell.length_b   220.990
_cell.length_c   218.100
_cell.angle_alpha   90.00
_cell.angle_beta   93.09
_cell.angle_gamma   90.00
#
_symmetry.space_group_name_H-M   'C 1 2 1'
#
loop_
_entity.id
_entity.type
_entity.pdbx_description
1 polymer NUCLEOPROTEIN
2 polymer "RNA (5'-R(*CP*CP*CP*CP*CP*C)-3')"
3 non-polymer 'BORATE ION'
4 water water
#
loop_
_entity_poly.entity_id
_entity_poly.type
_entity_poly.pdbx_seq_one_letter_code
_entity_poly.pdbx_strand_id
1 'polypeptide(L)'
;MALSKVKLNDTLNKDQLLSSSKYTIQRSTGDSIDTPNYDVQKHINKLCGMLLITEDANHKFTGLIGMLYAMSRLGREDTI
KILRDAGYHVKANGVDVTTHRQDINGKEMKFEVLTLASLTTEIQINIEIESRKSYKKMLKEMGEVAPEYRHDSPDCGMII
LCIAALVITKLAAGDRSGLTAVIRRANNVLKNEMKRYKGLLPKDIANSFYEVFEKHPHFIDVFVHFGIAQSSTRGGSRVE
GIFAGLFMNAYGAGQVMLRWGVLAKSVKNIMLGHASVQAEMEQVVEVYEYAQKLGGEAGFYHILNNPKASLLSLTQFPHF
SSVVLGNAAGLGIMGEYRGTPRNQDLYDAAKAYAEQLKENGVINYSVLDLTAEELEAIKHQLNPKDNDVEL
;
A,B,C,D,E,F,G,H,I,J,K,L,M,N,O,P,Q,R,S,T
2 'polyribonucleotide' CCCCCCC a,b,c,d,e,f,g,h,i,j,k,l,m,n,o,p,q,r,s,t
#
loop_
_chem_comp.id
_chem_comp.type
_chem_comp.name
_chem_comp.formula
BO4 non-polymer 'BORATE ION' 'B H4 O4 -1'
C RNA linking CYTIDINE-5'-MONOPHOSPHATE 'C9 H14 N3 O8 P'
#
# COMPACT_ATOMS: atom_id res chain seq x y z
N ALA A 2 -43.61 -11.15 -55.52
CA ALA A 2 -42.22 -11.16 -55.93
C ALA A 2 -41.38 -12.09 -55.04
N LEU A 3 -40.40 -12.75 -55.66
CA LEU A 3 -39.48 -13.65 -54.95
C LEU A 3 -38.50 -12.91 -54.05
N SER A 4 -38.47 -11.58 -54.17
CA SER A 4 -37.63 -10.71 -53.35
C SER A 4 -38.24 -10.59 -51.95
N LYS A 5 -39.57 -10.71 -51.90
CA LYS A 5 -40.36 -10.60 -50.67
C LYS A 5 -40.27 -11.84 -49.77
N VAL A 6 -39.90 -12.99 -50.35
CA VAL A 6 -39.75 -14.23 -49.58
C VAL A 6 -38.46 -14.21 -48.73
N LYS A 7 -38.58 -13.57 -47.57
CA LYS A 7 -37.49 -13.44 -46.60
C LYS A 7 -38.03 -13.41 -45.17
N LEU A 8 -37.13 -13.61 -44.21
CA LEU A 8 -37.47 -13.59 -42.79
C LEU A 8 -36.20 -13.29 -41.99
N ASN A 9 -36.22 -12.16 -41.28
CA ASN A 9 -35.06 -11.73 -40.49
C ASN A 9 -35.12 -12.34 -39.09
N ASP A 10 -34.76 -13.61 -39.00
CA ASP A 10 -34.76 -14.35 -37.74
C ASP A 10 -33.85 -13.79 -36.65
N THR A 11 -32.68 -13.28 -37.05
CA THR A 11 -31.70 -12.70 -36.12
C THR A 11 -32.27 -11.48 -35.41
N LEU A 12 -32.88 -10.58 -36.17
CA LEU A 12 -33.49 -9.35 -35.65
C LEU A 12 -34.75 -9.63 -34.81
N ASN A 13 -35.58 -10.56 -35.29
CA ASN A 13 -36.81 -10.95 -34.62
C ASN A 13 -36.57 -11.65 -33.27
N LYS A 14 -35.55 -12.50 -33.22
CA LYS A 14 -35.17 -13.21 -32.00
C LYS A 14 -34.75 -12.22 -30.91
N ASP A 15 -33.97 -11.22 -31.32
CA ASP A 15 -33.51 -10.14 -30.44
C ASP A 15 -34.71 -9.32 -29.96
N GLN A 16 -35.61 -9.00 -30.89
CA GLN A 16 -36.85 -8.25 -30.61
C GLN A 16 -37.68 -8.93 -29.53
N LEU A 17 -37.79 -10.27 -29.64
CA LEU A 17 -38.53 -11.09 -28.68
C LEU A 17 -37.93 -11.00 -27.27
N LEU A 18 -36.59 -11.06 -27.20
CA LEU A 18 -35.87 -10.99 -25.93
C LEU A 18 -35.80 -9.59 -25.33
N SER A 19 -35.73 -8.59 -26.19
CA SER A 19 -35.69 -7.19 -25.78
C SER A 19 -37.05 -6.70 -25.26
N SER A 20 -38.12 -7.33 -25.73
CA SER A 20 -39.48 -6.97 -25.35
C SER A 20 -40.18 -7.97 -24.42
N SER A 21 -39.45 -8.48 -23.43
CA SER A 21 -40.02 -9.42 -22.46
C SER A 21 -40.90 -8.69 -21.46
N LYS A 22 -42.12 -9.20 -21.26
CA LYS A 22 -43.09 -8.60 -20.34
C LYS A 22 -42.83 -9.01 -18.89
N TYR A 23 -42.07 -10.09 -18.71
CA TYR A 23 -41.77 -10.67 -17.40
C TYR A 23 -40.27 -10.78 -17.14
N THR A 24 -39.89 -10.89 -15.87
CA THR A 24 -38.49 -10.92 -15.45
C THR A 24 -38.15 -11.99 -14.42
N ILE A 25 -36.93 -12.52 -14.53
CA ILE A 25 -36.40 -13.49 -13.57
C ILE A 25 -35.39 -12.84 -12.63
N GLN A 26 -35.35 -13.32 -11.39
CA GLN A 26 -34.41 -12.84 -10.39
C GLN A 26 -33.72 -14.03 -9.74
N ARG A 27 -32.40 -14.06 -9.83
CA ARG A 27 -31.58 -15.17 -9.36
C ARG A 27 -31.02 -14.98 -7.96
N SER A 28 -30.99 -16.06 -7.19
CA SER A 28 -30.42 -16.05 -5.84
C SER A 28 -28.91 -16.28 -5.94
N THR A 29 -28.14 -15.30 -5.45
CA THR A 29 -26.67 -15.34 -5.46
C THR A 29 -26.09 -16.36 -4.50
N GLY A 30 -26.83 -16.64 -3.43
CA GLY A 30 -26.45 -17.55 -2.38
C GLY A 30 -26.91 -16.97 -1.06
N ASP A 31 -25.98 -16.87 -0.11
CA ASP A 31 -26.30 -16.33 1.21
C ASP A 31 -26.02 -14.85 1.42
N SER A 32 -24.77 -14.43 1.18
CA SER A 32 -24.36 -13.03 1.37
C SER A 32 -23.20 -12.61 0.48
N ILE A 33 -23.25 -11.34 0.04
CA ILE A 33 -22.19 -10.74 -0.77
C ILE A 33 -21.67 -9.51 -0.01
N ASP A 34 -20.34 -9.47 0.17
CA ASP A 34 -19.69 -8.34 0.81
C ASP A 34 -19.71 -7.18 -0.17
N THR A 35 -20.27 -6.05 0.26
CA THR A 35 -20.35 -4.85 -0.56
C THR A 35 -19.53 -3.74 0.12
N PRO A 36 -18.20 -3.73 -0.11
CA PRO A 36 -17.39 -2.70 0.55
C PRO A 36 -17.56 -1.33 -0.10
N ASN A 37 -17.60 -0.30 0.75
CA ASN A 37 -17.72 1.08 0.29
C ASN A 37 -16.34 1.72 0.21
N TYR A 38 -16.30 2.96 -0.27
CA TYR A 38 -15.07 3.74 -0.47
C TYR A 38 -14.15 3.85 0.75
N ASP A 39 -14.75 3.84 1.95
CA ASP A 39 -14.01 3.94 3.21
C ASP A 39 -13.02 2.79 3.45
N VAL A 40 -13.38 1.62 2.93
CA VAL A 40 -12.62 0.39 3.06
C VAL A 40 -11.61 0.16 1.91
N GLN A 41 -11.73 0.96 0.85
CA GLN A 41 -10.90 0.89 -0.36
C GLN A 41 -9.39 0.90 -0.11
N LYS A 42 -8.93 1.84 0.73
CA LYS A 42 -7.51 1.97 1.07
C LYS A 42 -6.97 0.73 1.79
N HIS A 43 -7.79 0.14 2.65
CA HIS A 43 -7.45 -1.07 3.40
C HIS A 43 -7.27 -2.28 2.48
N ILE A 44 -8.14 -2.40 1.47
CA ILE A 44 -8.08 -3.50 0.51
C ILE A 44 -6.83 -3.36 -0.38
N ASN A 45 -6.50 -2.13 -0.75
CA ASN A 45 -5.30 -1.83 -1.54
C ASN A 45 -4.04 -2.27 -0.79
N LYS A 46 -4.04 -2.05 0.53
CA LYS A 46 -2.95 -2.44 1.42
C LYS A 46 -2.85 -3.97 1.48
N LEU A 47 -4.02 -4.63 1.52
CA LEU A 47 -4.12 -6.09 1.53
C LEU A 47 -3.62 -6.69 0.22
N CYS A 48 -3.90 -6.00 -0.90
CA CYS A 48 -3.44 -6.39 -2.23
C CYS A 48 -1.92 -6.28 -2.28
N GLY A 49 -1.39 -5.19 -1.71
CA GLY A 49 0.02 -4.91 -1.62
C GLY A 49 0.78 -5.92 -0.78
N MET A 50 0.11 -6.40 0.28
CA MET A 50 0.67 -7.41 1.17
C MET A 50 0.93 -8.73 0.44
N LEU A 51 0.01 -9.10 -0.46
CA LEU A 51 0.14 -10.30 -1.28
C LEU A 51 1.22 -10.11 -2.36
N LEU A 52 1.35 -8.87 -2.84
CA LEU A 52 2.34 -8.52 -3.86
C LEU A 52 3.78 -8.47 -3.36
N ILE A 53 3.96 -8.12 -2.09
CA ILE A 53 5.30 -8.07 -1.48
C ILE A 53 5.76 -9.45 -1.01
N THR A 54 4.80 -10.33 -0.74
CA THR A 54 5.05 -11.69 -0.27
C THR A 54 5.69 -12.58 -1.34
N GLU A 55 6.92 -13.00 -1.07
CA GLU A 55 7.67 -13.90 -1.94
C GLU A 55 7.00 -15.28 -1.83
N ASP A 56 6.63 -15.84 -2.98
CA ASP A 56 5.92 -17.13 -3.07
C ASP A 56 4.61 -17.10 -2.26
N ALA A 57 3.78 -16.11 -2.58
CA ALA A 57 2.51 -15.86 -1.90
C ALA A 57 1.43 -16.88 -2.24
N ASN A 58 0.50 -17.04 -1.30
CA ASN A 58 -0.65 -17.93 -1.48
C ASN A 58 -1.77 -17.11 -2.12
N HIS A 59 -1.90 -17.25 -3.43
CA HIS A 59 -2.90 -16.52 -4.20
C HIS A 59 -4.26 -17.22 -4.31
N LYS A 60 -4.62 -17.96 -3.26
CA LYS A 60 -5.89 -18.70 -3.20
C LYS A 60 -7.06 -17.73 -3.06
N PHE A 61 -6.81 -16.58 -2.43
CA PHE A 61 -7.84 -15.59 -2.13
C PHE A 61 -7.73 -14.29 -2.92
N THR A 62 -6.69 -14.18 -3.75
CA THR A 62 -6.44 -12.98 -4.56
C THR A 62 -7.55 -12.63 -5.56
N GLY A 63 -8.20 -13.66 -6.12
CA GLY A 63 -9.32 -13.49 -7.03
C GLY A 63 -10.48 -12.80 -6.35
N LEU A 64 -10.76 -13.23 -5.12
CA LEU A 64 -11.82 -12.67 -4.29
C LEU A 64 -11.44 -11.29 -3.75
N ILE A 65 -10.19 -11.15 -3.30
CA ILE A 65 -9.66 -9.87 -2.79
C ILE A 65 -9.67 -8.82 -3.89
N GLY A 66 -9.31 -9.24 -5.11
CA GLY A 66 -9.33 -8.41 -6.31
C GLY A 66 -10.73 -7.89 -6.57
N MET A 67 -11.72 -8.77 -6.43
CA MET A 67 -13.14 -8.42 -6.60
C MET A 67 -13.61 -7.42 -5.56
N LEU A 68 -13.12 -7.58 -4.33
CA LEU A 68 -13.45 -6.68 -3.23
C LEU A 68 -12.93 -5.27 -3.49
N TYR A 69 -11.72 -5.18 -4.08
CA TYR A 69 -11.12 -3.90 -4.43
C TYR A 69 -11.91 -3.19 -5.53
N ALA A 70 -12.36 -3.96 -6.53
CA ALA A 70 -13.16 -3.44 -7.63
C ALA A 70 -14.50 -2.94 -7.12
N MET A 71 -15.06 -3.65 -6.14
CA MET A 71 -16.33 -3.29 -5.49
C MET A 71 -16.18 -2.05 -4.61
N SER A 72 -15.04 -1.93 -3.94
CA SER A 72 -14.73 -0.79 -3.08
C SER A 72 -14.49 0.49 -3.89
N ARG A 73 -14.08 0.33 -5.15
CA ARG A 73 -13.88 1.44 -6.07
C ARG A 73 -15.25 1.91 -6.58
N LEU A 74 -16.15 0.96 -6.83
CA LEU A 74 -17.52 1.23 -7.26
C LEU A 74 -18.33 1.82 -6.09
N GLY A 75 -18.09 1.29 -4.89
CA GLY A 75 -18.75 1.72 -3.65
C GLY A 75 -20.11 1.08 -3.46
N ARG A 76 -20.34 0.57 -2.25
CA ARG A 76 -21.58 -0.13 -1.85
C ARG A 76 -22.84 0.11 -2.68
N GLU A 77 -23.28 1.37 -2.76
CA GLU A 77 -24.47 1.78 -3.51
C GLU A 77 -24.48 1.31 -4.97
N ASP A 78 -23.41 1.63 -5.70
CA ASP A 78 -23.26 1.26 -7.11
C ASP A 78 -23.12 -0.24 -7.32
N THR A 79 -22.29 -0.91 -6.50
CA THR A 79 -22.13 -2.38 -6.60
C THR A 79 -23.44 -3.17 -6.40
N ILE A 80 -24.25 -2.74 -5.44
CA ILE A 80 -25.58 -3.34 -5.19
C ILE A 80 -26.47 -3.12 -6.42
N LYS A 81 -26.41 -1.91 -6.98
CA LYS A 81 -27.15 -1.53 -8.19
C LYS A 81 -26.77 -2.42 -9.38
N ILE A 82 -25.47 -2.66 -9.57
CA ILE A 82 -24.99 -3.52 -10.67
C ILE A 82 -25.42 -4.98 -10.51
N LEU A 83 -25.48 -5.44 -9.26
CA LEU A 83 -25.91 -6.80 -8.93
C LEU A 83 -27.40 -6.98 -9.18
N ARG A 84 -28.19 -5.96 -8.81
CA ARG A 84 -29.65 -5.98 -9.01
C ARG A 84 -30.05 -5.83 -10.47
N ASP A 85 -29.33 -4.96 -11.19
CA ASP A 85 -29.56 -4.75 -12.63
C ASP A 85 -29.20 -5.98 -13.46
N ALA A 86 -28.23 -6.76 -12.98
CA ALA A 86 -27.78 -7.99 -13.64
C ALA A 86 -28.83 -9.10 -13.51
N GLY A 87 -29.66 -9.01 -12.47
CA GLY A 87 -30.73 -9.95 -12.20
C GLY A 87 -30.48 -10.84 -11.00
N TYR A 88 -29.87 -10.29 -9.95
CA TYR A 88 -29.56 -11.03 -8.74
C TYR A 88 -30.17 -10.45 -7.47
N HIS A 89 -30.63 -11.35 -6.60
CA HIS A 89 -31.19 -11.01 -5.29
C HIS A 89 -30.01 -10.97 -4.33
N VAL A 90 -29.72 -9.77 -3.81
CA VAL A 90 -28.56 -9.58 -2.95
C VAL A 90 -28.76 -9.21 -1.47
N LYS A 91 -28.14 -10.04 -0.62
CA LYS A 91 -28.10 -9.82 0.82
C LYS A 91 -26.72 -9.19 1.05
N ALA A 92 -26.71 -7.85 1.07
CA ALA A 92 -25.48 -7.08 1.20
C ALA A 92 -24.86 -7.15 2.59
N ASN A 93 -23.56 -7.42 2.62
CA ASN A 93 -22.78 -7.47 3.85
C ASN A 93 -21.91 -6.22 3.93
N GLY A 94 -22.07 -5.46 5.00
CA GLY A 94 -21.33 -4.23 5.24
C GLY A 94 -19.92 -4.52 5.73
N VAL A 95 -18.93 -4.02 4.97
CA VAL A 95 -17.52 -4.21 5.31
C VAL A 95 -17.02 -3.05 6.17
N ASP A 96 -16.57 -3.38 7.38
CA ASP A 96 -16.05 -2.41 8.35
C ASP A 96 -14.67 -2.86 8.84
N VAL A 97 -13.86 -1.90 9.27
CA VAL A 97 -12.52 -2.18 9.80
C VAL A 97 -12.60 -2.35 11.33
N THR A 98 -12.08 -3.47 11.81
CA THR A 98 -12.04 -3.80 13.24
C THR A 98 -10.64 -4.26 13.62
N THR A 99 -10.25 -3.99 14.87
CA THR A 99 -8.95 -4.39 15.39
C THR A 99 -9.08 -5.74 16.08
N HIS A 100 -8.28 -6.72 15.62
CA HIS A 100 -8.28 -8.06 16.17
C HIS A 100 -6.98 -8.34 16.93
N ARG A 101 -7.13 -8.78 18.18
CA ARG A 101 -6.00 -9.11 19.04
C ARG A 101 -5.85 -10.62 19.15
N GLN A 102 -4.69 -11.11 18.71
CA GLN A 102 -4.36 -12.54 18.74
C GLN A 102 -2.88 -12.72 19.06
N ASP A 103 -2.60 -13.66 19.96
CA ASP A 103 -1.23 -13.95 20.38
C ASP A 103 -0.51 -14.96 19.48
N ILE A 104 0.28 -14.41 18.57
CA ILE A 104 1.07 -15.20 17.61
C ILE A 104 2.48 -15.34 18.19
N ASN A 105 2.89 -16.59 18.38
CA ASN A 105 4.19 -16.98 18.97
C ASN A 105 4.38 -16.44 20.40
N GLY A 106 3.30 -16.50 21.18
CA GLY A 106 3.26 -16.04 22.56
C GLY A 106 2.92 -14.57 22.73
N LYS A 107 3.58 -13.72 21.94
CA LYS A 107 3.39 -12.27 21.96
C LYS A 107 2.04 -11.86 21.37
N GLU A 108 1.26 -11.11 22.16
CA GLU A 108 -0.06 -10.63 21.74
C GLU A 108 0.11 -9.54 20.69
N MET A 109 -0.53 -9.75 19.54
CA MET A 109 -0.43 -8.84 18.40
C MET A 109 -1.77 -8.25 17.95
N LYS A 110 -1.71 -7.02 17.43
CA LYS A 110 -2.88 -6.31 16.92
C LYS A 110 -2.90 -6.33 15.39
N PHE A 111 -4.09 -6.51 14.83
CA PHE A 111 -4.28 -6.55 13.38
C PHE A 111 -5.54 -5.80 12.96
N GLU A 112 -5.43 -5.06 11.86
CA GLU A 112 -6.57 -4.34 11.30
C GLU A 112 -7.20 -5.27 10.25
N VAL A 113 -8.38 -5.79 10.58
CA VAL A 113 -9.09 -6.72 9.70
C VAL A 113 -10.44 -6.17 9.22
N LEU A 114 -10.97 -6.78 8.16
CA LEU A 114 -12.25 -6.40 7.59
C LEU A 114 -13.33 -7.41 7.96
N THR A 115 -14.55 -6.91 8.20
CA THR A 115 -15.69 -7.76 8.53
C THR A 115 -16.27 -8.34 7.24
N LEU A 116 -15.61 -9.41 6.77
CA LEU A 116 -15.98 -10.08 5.53
C LEU A 116 -16.53 -11.48 5.80
N ALA A 117 -17.53 -11.86 5.02
CA ALA A 117 -18.15 -13.17 5.11
C ALA A 117 -17.34 -14.17 4.27
N SER A 118 -16.95 -13.72 3.08
CA SER A 118 -16.16 -14.50 2.14
C SER A 118 -14.72 -14.77 2.61
N LEU A 119 -14.18 -13.84 3.40
CA LEU A 119 -12.82 -13.96 3.92
C LEU A 119 -12.76 -13.94 5.45
N THR A 120 -12.19 -15.01 6.00
CA THR A 120 -12.05 -15.19 7.45
C THR A 120 -11.02 -14.21 8.02
N THR A 121 -11.25 -13.78 9.26
CA THR A 121 -10.31 -12.89 9.97
C THR A 121 -9.01 -13.63 10.27
N GLU A 122 -9.11 -14.96 10.39
CA GLU A 122 -7.99 -15.85 10.65
C GLU A 122 -7.09 -15.95 9.40
N ILE A 123 -7.70 -15.90 8.22
CA ILE A 123 -6.94 -15.97 6.97
C ILE A 123 -6.36 -14.60 6.56
N GLN A 124 -7.04 -13.53 7.01
CA GLN A 124 -6.64 -12.16 6.75
C GLN A 124 -5.35 -11.81 7.49
N ILE A 125 -5.26 -12.27 8.74
CA ILE A 125 -4.08 -12.04 9.60
C ILE A 125 -2.84 -12.76 9.05
N ASN A 126 -3.07 -13.94 8.47
CA ASN A 126 -2.01 -14.75 7.88
C ASN A 126 -1.39 -14.10 6.63
N ILE A 127 -2.17 -13.30 5.91
CA ILE A 127 -1.70 -12.55 4.75
C ILE A 127 -0.74 -11.47 5.24
N GLU A 128 -1.11 -10.80 6.34
CA GLU A 128 -0.30 -9.76 6.98
C GLU A 128 0.95 -10.36 7.63
N ILE A 129 0.80 -11.53 8.25
CA ILE A 129 1.90 -12.24 8.91
C ILE A 129 3.01 -12.61 7.92
N GLU A 130 2.63 -13.25 6.81
CA GLU A 130 3.58 -13.67 5.77
C GLU A 130 4.19 -12.50 5.00
N SER A 131 3.46 -11.37 4.92
CA SER A 131 3.94 -10.17 4.25
C SER A 131 5.03 -9.49 5.08
N ARG A 132 4.83 -9.45 6.41
CA ARG A 132 5.78 -8.87 7.35
C ARG A 132 7.11 -9.62 7.32
N LYS A 133 7.05 -10.93 7.13
CA LYS A 133 8.22 -11.81 7.01
C LYS A 133 9.00 -11.42 5.75
N SER A 134 8.27 -11.26 4.64
CA SER A 134 8.85 -10.87 3.35
C SER A 134 9.35 -9.43 3.35
N TYR A 135 8.73 -8.58 4.18
CA TYR A 135 9.09 -7.17 4.31
C TYR A 135 10.40 -7.00 5.08
N LYS A 136 10.55 -7.75 6.18
CA LYS A 136 11.76 -7.67 7.01
C LYS A 136 12.99 -8.27 6.30
N LYS A 137 12.74 -9.25 5.44
CA LYS A 137 13.77 -9.90 4.62
C LYS A 137 14.20 -8.92 3.52
N MET A 138 13.23 -8.16 3.02
CA MET A 138 13.44 -7.14 1.99
C MET A 138 14.17 -5.93 2.58
N LEU A 139 13.86 -5.61 3.84
CA LEU A 139 14.49 -4.50 4.57
C LEU A 139 15.93 -4.84 4.92
N LYS A 140 16.22 -6.12 5.12
CA LYS A 140 17.55 -6.64 5.42
C LYS A 140 18.44 -6.63 4.18
N GLU A 141 17.82 -6.81 3.01
CA GLU A 141 18.52 -6.87 1.71
C GLU A 141 18.86 -5.51 1.10
N MET A 142 17.93 -4.55 1.20
CA MET A 142 18.14 -3.22 0.62
C MET A 142 18.23 -2.03 1.59
N GLY A 143 18.19 -2.32 2.90
CA GLY A 143 18.28 -1.32 3.95
C GLY A 143 17.00 -0.52 4.11
N GLU A 144 16.73 0.34 3.13
CA GLU A 144 15.54 1.18 3.10
C GLU A 144 14.68 0.78 1.89
N VAL A 145 13.39 0.55 2.14
CA VAL A 145 12.45 0.16 1.08
C VAL A 145 11.76 1.35 0.41
N ALA A 146 11.98 1.46 -0.90
CA ALA A 146 11.43 2.53 -1.73
C ALA A 146 9.90 2.46 -1.84
N PRO A 147 9.24 3.60 -2.17
CA PRO A 147 7.76 3.61 -2.30
C PRO A 147 7.20 2.66 -3.36
N GLU A 148 8.03 2.33 -4.36
CA GLU A 148 7.66 1.44 -5.47
C GLU A 148 7.60 -0.03 -5.05
N TYR A 149 8.46 -0.40 -4.10
CA TYR A 149 8.57 -1.78 -3.62
C TYR A 149 7.64 -2.16 -2.47
N ARG A 150 7.01 -1.17 -1.84
CA ARG A 150 6.12 -1.38 -0.69
C ARG A 150 4.64 -1.62 -0.98
N HIS A 151 3.95 -2.18 0.01
CA HIS A 151 2.52 -2.49 -0.02
C HIS A 151 1.59 -1.27 0.02
N ASP A 152 2.10 -0.14 0.50
CA ASP A 152 1.36 1.12 0.63
C ASP A 152 0.93 1.73 -0.71
N SER A 153 1.77 1.51 -1.75
CA SER A 153 1.56 2.05 -3.09
C SER A 153 0.12 1.94 -3.61
N PRO A 154 -0.43 3.04 -4.16
CA PRO A 154 -1.80 3.07 -4.70
C PRO A 154 -2.03 2.16 -5.91
N ASP A 155 -0.94 1.78 -6.58
CA ASP A 155 -0.97 0.92 -7.75
C ASP A 155 -1.36 -0.53 -7.44
N CYS A 156 -0.98 -0.98 -6.25
CA CYS A 156 -1.21 -2.35 -5.75
C CYS A 156 -2.51 -3.05 -6.12
N GLY A 157 -3.64 -2.44 -5.77
CA GLY A 157 -4.96 -2.98 -6.06
C GLY A 157 -5.18 -3.15 -7.56
N MET A 158 -4.84 -2.11 -8.31
CA MET A 158 -4.98 -2.09 -9.77
C MET A 158 -4.02 -3.03 -10.50
N ILE A 159 -2.85 -3.29 -9.90
CA ILE A 159 -1.86 -4.21 -10.45
C ILE A 159 -2.48 -5.62 -10.47
N ILE A 160 -3.13 -5.99 -9.37
CA ILE A 160 -3.83 -7.26 -9.25
C ILE A 160 -4.98 -7.35 -10.26
N LEU A 161 -5.72 -6.25 -10.40
CA LEU A 161 -6.83 -6.18 -11.35
C LEU A 161 -6.40 -6.15 -12.82
N CYS A 162 -5.10 -5.90 -13.05
CA CYS A 162 -4.53 -5.91 -14.39
C CYS A 162 -4.50 -7.32 -14.98
N ILE A 163 -4.16 -8.31 -14.13
CA ILE A 163 -4.18 -9.71 -14.57
C ILE A 163 -5.60 -10.25 -14.63
N ALA A 164 -6.51 -9.61 -13.88
CA ALA A 164 -7.94 -9.95 -13.90
C ALA A 164 -8.52 -9.54 -15.25
N ALA A 165 -8.00 -8.45 -15.81
CA ALA A 165 -8.39 -7.94 -17.13
C ALA A 165 -7.86 -8.88 -18.22
N LEU A 166 -6.72 -9.53 -17.94
CA LEU A 166 -6.12 -10.49 -18.86
C LEU A 166 -6.89 -11.80 -18.86
N VAL A 167 -7.41 -12.18 -17.69
CA VAL A 167 -8.23 -13.39 -17.52
C VAL A 167 -9.54 -13.19 -18.28
N ILE A 168 -10.13 -12.00 -18.11
CA ILE A 168 -11.36 -11.60 -18.78
C ILE A 168 -11.20 -11.59 -20.31
N THR A 169 -9.98 -11.31 -20.76
CA THR A 169 -9.59 -11.28 -22.17
C THR A 169 -9.71 -12.65 -22.83
N LYS A 170 -9.41 -13.69 -22.06
CA LYS A 170 -9.43 -15.08 -22.54
C LYS A 170 -10.56 -15.97 -22.00
N LEU A 171 -11.60 -15.33 -21.43
CA LEU A 171 -12.76 -16.05 -20.88
C LEU A 171 -13.70 -16.63 -21.96
N ALA A 172 -13.59 -16.11 -23.18
CA ALA A 172 -14.40 -16.53 -24.33
C ALA A 172 -14.24 -18.01 -24.67
N ALA A 173 -13.05 -18.55 -24.41
CA ALA A 173 -12.73 -19.97 -24.62
C ALA A 173 -13.49 -20.85 -23.60
N GLY A 174 -13.70 -20.30 -22.40
CA GLY A 174 -14.42 -20.90 -21.29
C GLY A 174 -13.88 -22.22 -20.75
N ASP A 175 -12.55 -22.36 -20.69
CA ASP A 175 -11.92 -23.60 -20.20
C ASP A 175 -10.51 -23.44 -19.61
N ARG A 176 -10.12 -22.19 -19.29
CA ARG A 176 -8.79 -21.87 -18.73
C ARG A 176 -7.62 -22.11 -19.69
N SER A 177 -7.93 -22.35 -20.97
CA SER A 177 -6.94 -22.60 -22.01
C SER A 177 -6.05 -21.38 -22.28
N GLY A 178 -6.64 -20.19 -22.11
CA GLY A 178 -5.97 -18.92 -22.30
C GLY A 178 -4.88 -18.59 -21.30
N LEU A 179 -4.85 -19.30 -20.16
CA LEU A 179 -3.87 -19.10 -19.10
C LEU A 179 -2.41 -18.87 -19.55
N THR A 180 -1.97 -19.65 -20.54
CA THR A 180 -0.63 -19.55 -21.11
C THR A 180 -0.39 -18.15 -21.71
N ALA A 181 -1.38 -17.67 -22.48
CA ALA A 181 -1.35 -16.34 -23.09
C ALA A 181 -1.48 -15.25 -22.02
N VAL A 182 -2.27 -15.54 -20.98
CA VAL A 182 -2.47 -14.62 -19.85
C VAL A 182 -1.14 -14.34 -19.16
N ILE A 183 -0.37 -15.42 -18.90
CA ILE A 183 0.95 -15.32 -18.27
C ILE A 183 1.92 -14.61 -19.20
N ARG A 184 1.96 -15.04 -20.47
CA ARG A 184 2.82 -14.48 -21.52
C ARG A 184 2.69 -12.96 -21.59
N ARG A 185 1.45 -12.48 -21.73
CA ARG A 185 1.15 -11.05 -21.82
C ARG A 185 1.44 -10.29 -20.53
N ALA A 186 1.21 -10.94 -19.39
CA ALA A 186 1.49 -10.38 -18.07
C ALA A 186 2.99 -10.15 -17.84
N ASN A 187 3.81 -10.75 -18.71
CA ASN A 187 5.25 -10.60 -18.66
C ASN A 187 5.76 -9.52 -19.62
N ASN A 188 5.15 -9.44 -20.80
CA ASN A 188 5.50 -8.43 -21.83
C ASN A 188 5.03 -7.05 -21.34
N VAL A 189 3.72 -6.97 -21.06
CA VAL A 189 3.09 -5.79 -20.46
C VAL A 189 3.31 -6.09 -18.96
N LEU A 190 3.22 -5.08 -18.09
CA LEU A 190 3.35 -5.28 -16.65
C LEU A 190 4.73 -5.80 -16.17
N LYS A 191 5.76 -5.59 -16.99
CA LYS A 191 7.13 -6.04 -16.68
C LYS A 191 7.78 -5.28 -15.53
N ASN A 192 7.57 -3.96 -15.50
CA ASN A 192 8.10 -3.08 -14.46
C ASN A 192 7.44 -3.37 -13.10
N GLU A 193 6.16 -3.74 -13.15
CA GLU A 193 5.35 -4.07 -11.98
C GLU A 193 5.84 -5.36 -11.31
N MET A 194 6.28 -6.30 -12.14
CA MET A 194 6.80 -7.59 -11.68
C MET A 194 8.17 -7.45 -11.02
N LYS A 195 8.92 -6.42 -11.43
CA LYS A 195 10.23 -6.09 -10.88
C LYS A 195 10.09 -5.60 -9.44
N ARG A 196 9.11 -4.72 -9.23
CA ARG A 196 8.87 -4.15 -7.90
C ARG A 196 8.14 -5.06 -6.91
N TYR A 197 7.39 -6.04 -7.42
CA TYR A 197 6.65 -6.96 -6.57
C TYR A 197 6.96 -8.44 -6.77
N LYS A 198 7.57 -9.03 -5.73
CA LYS A 198 7.95 -10.45 -5.70
C LYS A 198 6.76 -11.40 -5.80
N GLY A 199 5.62 -10.97 -5.28
CA GLY A 199 4.36 -11.71 -5.25
C GLY A 199 3.48 -11.60 -6.48
N LEU A 200 3.95 -10.90 -7.50
CA LEU A 200 3.21 -10.79 -8.75
C LEU A 200 3.49 -12.05 -9.57
N LEU A 201 2.73 -13.09 -9.27
CA LEU A 201 2.86 -14.40 -9.91
C LEU A 201 1.67 -14.55 -10.86
N PRO A 202 1.85 -14.20 -12.17
CA PRO A 202 0.76 -14.29 -13.15
C PRO A 202 -0.06 -15.57 -13.11
N LYS A 203 0.60 -16.73 -13.14
CA LYS A 203 -0.07 -18.03 -13.09
C LYS A 203 -0.97 -18.20 -11.86
N ASP A 204 -0.42 -17.89 -10.68
CA ASP A 204 -1.13 -17.99 -9.41
C ASP A 204 -2.34 -17.07 -9.28
N ILE A 205 -2.15 -15.80 -9.65
CA ILE A 205 -3.22 -14.79 -9.60
C ILE A 205 -4.28 -15.05 -10.68
N ALA A 206 -3.84 -15.41 -11.88
CA ALA A 206 -4.73 -15.70 -13.00
C ALA A 206 -5.67 -16.86 -12.73
N ASN A 207 -5.15 -17.90 -12.08
CA ASN A 207 -5.95 -19.07 -11.70
C ASN A 207 -6.99 -18.71 -10.64
N SER A 208 -6.60 -17.81 -9.73
CA SER A 208 -7.49 -17.33 -8.67
C SER A 208 -8.70 -16.60 -9.24
N PHE A 209 -8.44 -15.75 -10.24
CA PHE A 209 -9.51 -15.00 -10.92
C PHE A 209 -10.37 -15.93 -11.77
N TYR A 210 -9.72 -16.90 -12.44
CA TYR A 210 -10.42 -17.91 -13.23
C TYR A 210 -11.40 -18.67 -12.34
N GLU A 211 -10.94 -19.02 -11.13
CA GLU A 211 -11.73 -19.73 -10.12
C GLU A 211 -12.92 -18.91 -9.62
N VAL A 212 -12.67 -17.63 -9.28
CA VAL A 212 -13.72 -16.72 -8.81
C VAL A 212 -14.81 -16.45 -9.84
N PHE A 213 -14.43 -16.37 -11.11
CA PHE A 213 -15.37 -16.17 -12.22
C PHE A 213 -16.17 -17.43 -12.54
N GLU A 214 -15.56 -18.58 -12.29
CA GLU A 214 -16.21 -19.89 -12.51
C GLU A 214 -17.19 -20.19 -11.37
N LYS A 215 -16.74 -19.98 -10.13
CA LYS A 215 -17.56 -20.23 -8.94
C LYS A 215 -18.66 -19.18 -8.74
N HIS A 216 -18.34 -17.92 -9.05
CA HIS A 216 -19.29 -16.81 -8.89
C HIS A 216 -19.45 -16.04 -10.21
N PRO A 217 -20.37 -16.49 -11.08
CA PRO A 217 -20.59 -15.84 -12.39
C PRO A 217 -21.09 -14.40 -12.32
N HIS A 218 -21.66 -14.02 -11.17
CA HIS A 218 -22.14 -12.65 -10.94
C HIS A 218 -20.98 -11.68 -10.78
N PHE A 219 -19.83 -12.20 -10.32
CA PHE A 219 -18.61 -11.41 -10.14
C PHE A 219 -18.00 -10.99 -11.47
N ILE A 220 -18.23 -11.79 -12.51
CA ILE A 220 -17.76 -11.45 -13.85
C ILE A 220 -18.55 -10.24 -14.37
N ASP A 221 -19.84 -10.17 -14.03
CA ASP A 221 -20.70 -9.04 -14.37
C ASP A 221 -20.22 -7.80 -13.59
N VAL A 222 -19.86 -8.02 -12.33
CA VAL A 222 -19.34 -6.97 -11.46
C VAL A 222 -18.03 -6.41 -12.02
N PHE A 223 -17.10 -7.29 -12.40
CA PHE A 223 -15.83 -6.90 -12.97
C PHE A 223 -15.93 -6.15 -14.29
N VAL A 224 -16.77 -6.68 -15.21
CA VAL A 224 -16.98 -6.06 -16.52
C VAL A 224 -17.51 -4.64 -16.35
N HIS A 225 -18.52 -4.49 -15.48
CA HIS A 225 -19.11 -3.19 -15.20
C HIS A 225 -18.19 -2.24 -14.44
N PHE A 226 -17.27 -2.80 -13.64
CA PHE A 226 -16.28 -2.01 -12.95
C PHE A 226 -15.28 -1.48 -13.98
N GLY A 227 -14.80 -2.38 -14.85
CA GLY A 227 -13.86 -2.08 -15.91
C GLY A 227 -14.33 -0.97 -16.83
N ILE A 228 -15.61 -0.99 -17.17
CA ILE A 228 -16.25 0.04 -18.00
C ILE A 228 -16.30 1.36 -17.22
N ALA A 229 -16.68 1.28 -15.95
CA ALA A 229 -16.76 2.44 -15.04
C ALA A 229 -15.38 3.07 -14.81
N GLN A 230 -14.37 2.20 -14.72
CA GLN A 230 -12.97 2.59 -14.55
C GLN A 230 -12.50 3.23 -15.85
N SER A 231 -12.87 2.63 -16.99
CA SER A 231 -12.50 3.15 -18.30
C SER A 231 -13.27 4.42 -18.73
N SER A 232 -14.23 4.83 -17.89
CA SER A 232 -15.02 6.04 -18.11
C SER A 232 -14.35 7.28 -17.49
N THR A 233 -13.30 7.02 -16.71
CA THR A 233 -12.53 8.05 -16.02
C THR A 233 -11.89 9.07 -16.96
N ARG A 234 -11.62 10.26 -16.43
CA ARG A 234 -11.00 11.38 -17.18
C ARG A 234 -9.50 11.19 -17.39
N GLY A 235 -8.84 10.59 -16.40
CA GLY A 235 -7.43 10.32 -16.36
C GLY A 235 -7.07 9.45 -15.19
N GLY A 236 -5.78 9.19 -15.01
CA GLY A 236 -5.28 8.39 -13.91
C GLY A 236 -3.81 8.05 -13.98
N SER A 237 -3.42 7.03 -13.21
CA SER A 237 -2.03 6.55 -13.17
C SER A 237 -1.70 5.73 -14.41
N ARG A 238 -0.43 5.40 -14.59
CA ARG A 238 -0.01 4.59 -15.73
C ARG A 238 -0.50 3.14 -15.63
N VAL A 239 -0.58 2.64 -14.39
CA VAL A 239 -1.08 1.30 -14.08
C VAL A 239 -2.58 1.24 -14.41
N GLU A 240 -3.28 2.34 -14.13
CA GLU A 240 -4.71 2.48 -14.44
C GLU A 240 -4.92 2.56 -15.95
N GLY A 241 -3.92 3.07 -16.66
CA GLY A 241 -3.89 3.18 -18.12
C GLY A 241 -3.65 1.81 -18.74
N ILE A 242 -2.77 1.03 -18.11
CA ILE A 242 -2.44 -0.33 -18.52
C ILE A 242 -3.71 -1.19 -18.40
N PHE A 243 -4.37 -1.09 -17.24
CA PHE A 243 -5.62 -1.81 -16.97
C PHE A 243 -6.67 -1.52 -18.04
N ALA A 244 -6.89 -0.23 -18.29
CA ALA A 244 -7.87 0.24 -19.27
C ALA A 244 -7.63 -0.32 -20.67
N GLY A 245 -6.36 -0.39 -21.04
CA GLY A 245 -5.91 -0.93 -22.32
C GLY A 245 -6.14 -2.43 -22.39
N LEU A 246 -5.72 -3.14 -21.34
CA LEU A 246 -5.88 -4.58 -21.23
C LEU A 246 -7.35 -5.01 -21.14
N PHE A 247 -8.16 -4.19 -20.46
CA PHE A 247 -9.60 -4.44 -20.32
C PHE A 247 -10.29 -4.28 -21.68
N MET A 248 -9.84 -3.29 -22.45
CA MET A 248 -10.41 -3.05 -23.78
C MET A 248 -10.00 -4.08 -24.84
N ASN A 249 -8.98 -4.88 -24.52
CA ASN A 249 -8.53 -5.96 -25.39
C ASN A 249 -9.58 -7.08 -25.38
N ALA A 250 -10.36 -7.12 -24.29
CA ALA A 250 -11.44 -8.10 -24.12
C ALA A 250 -12.65 -7.79 -25.01
N TYR A 251 -12.84 -6.52 -25.36
CA TYR A 251 -13.95 -6.10 -26.23
C TYR A 251 -13.91 -6.85 -27.54
N GLY A 252 -14.98 -7.59 -27.83
CA GLY A 252 -15.13 -8.38 -29.03
C GLY A 252 -14.59 -9.80 -28.94
N ALA A 253 -14.43 -10.31 -27.72
CA ALA A 253 -13.98 -11.68 -27.50
C ALA A 253 -15.13 -12.63 -27.71
N GLY A 254 -14.86 -13.74 -28.38
CA GLY A 254 -15.87 -14.75 -28.71
C GLY A 254 -16.59 -14.40 -30.00
N GLN A 255 -16.05 -13.40 -30.71
CA GLN A 255 -16.62 -12.91 -31.95
C GLN A 255 -15.53 -12.42 -32.91
N VAL A 256 -14.45 -13.22 -33.00
CA VAL A 256 -13.31 -12.93 -33.86
C VAL A 256 -13.65 -13.11 -35.35
N MET A 257 -14.59 -14.03 -35.62
CA MET A 257 -15.05 -14.31 -36.97
C MET A 257 -15.72 -13.10 -37.63
N LEU A 258 -16.36 -12.28 -36.78
CA LEU A 258 -17.03 -11.05 -37.19
C LEU A 258 -16.01 -10.03 -37.72
N ARG A 259 -14.89 -9.92 -37.00
CA ARG A 259 -13.81 -9.01 -37.36
C ARG A 259 -12.98 -9.52 -38.54
N TRP A 260 -12.79 -10.84 -38.60
CA TRP A 260 -12.07 -11.49 -39.70
C TRP A 260 -12.87 -11.45 -40.99
N GLY A 261 -14.20 -11.35 -40.86
CA GLY A 261 -15.13 -11.24 -41.97
C GLY A 261 -14.98 -9.89 -42.66
N VAL A 262 -14.80 -8.85 -41.85
CA VAL A 262 -14.59 -7.48 -42.34
C VAL A 262 -13.23 -7.41 -43.04
N LEU A 263 -12.25 -8.15 -42.50
CA LEU A 263 -10.91 -8.23 -43.06
C LEU A 263 -10.91 -8.85 -44.46
N ALA A 264 -11.62 -9.97 -44.60
CA ALA A 264 -11.77 -10.68 -45.88
C ALA A 264 -12.36 -9.77 -46.96
N LYS A 265 -13.32 -8.94 -46.56
CA LYS A 265 -13.96 -7.95 -47.41
C LYS A 265 -12.97 -6.84 -47.76
N SER A 266 -12.23 -6.37 -46.75
CA SER A 266 -11.24 -5.31 -46.90
C SER A 266 -10.07 -5.67 -47.83
N VAL A 267 -9.62 -6.92 -47.75
CA VAL A 267 -8.54 -7.43 -48.60
C VAL A 267 -9.07 -7.89 -49.97
N LYS A 268 -10.40 -7.95 -50.09
CA LYS A 268 -11.12 -8.36 -51.30
C LYS A 268 -10.78 -9.79 -51.75
N ASN A 269 -10.96 -10.74 -50.83
CA ASN A 269 -10.70 -12.16 -51.10
C ASN A 269 -11.73 -12.66 -52.11
N ILE A 270 -11.23 -13.10 -53.25
CA ILE A 270 -12.03 -13.59 -54.38
C ILE A 270 -13.13 -14.60 -54.06
N MET A 271 -12.82 -15.52 -53.14
CA MET A 271 -13.75 -16.56 -52.71
C MET A 271 -15.07 -16.09 -52.05
N LEU A 272 -15.15 -14.80 -51.75
CA LEU A 272 -16.35 -14.19 -51.18
C LEU A 272 -17.47 -14.09 -52.23
N GLY A 273 -17.06 -14.02 -53.50
CA GLY A 273 -17.96 -13.93 -54.64
C GLY A 273 -18.52 -15.27 -55.11
N HIS A 274 -18.06 -16.37 -54.49
CA HIS A 274 -18.51 -17.72 -54.82
C HIS A 274 -20.01 -17.88 -54.63
N ALA A 275 -20.63 -18.67 -55.52
CA ALA A 275 -22.07 -18.92 -55.52
C ALA A 275 -22.69 -19.35 -54.19
N SER A 276 -22.02 -20.27 -53.50
CA SER A 276 -22.49 -20.77 -52.20
C SER A 276 -22.31 -19.79 -51.05
N VAL A 277 -21.36 -18.86 -51.22
CA VAL A 277 -21.08 -17.80 -50.24
C VAL A 277 -22.10 -16.68 -50.44
N GLN A 278 -22.43 -16.41 -51.71
CA GLN A 278 -23.41 -15.38 -52.08
C GLN A 278 -24.84 -15.70 -51.62
N ALA A 279 -25.16 -17.00 -51.52
CA ALA A 279 -26.46 -17.48 -51.07
C ALA A 279 -26.71 -17.13 -49.59
N GLU A 280 -25.62 -17.17 -48.80
CA GLU A 280 -25.67 -16.87 -47.38
C GLU A 280 -25.70 -15.37 -47.07
N MET A 281 -25.18 -14.56 -48.02
CA MET A 281 -25.06 -13.11 -47.90
C MET A 281 -26.22 -12.32 -47.29
N GLU A 282 -27.44 -12.65 -47.69
CA GLU A 282 -28.67 -11.99 -47.19
C GLU A 282 -28.74 -12.12 -45.67
N GLN A 283 -28.43 -13.30 -45.16
CA GLN A 283 -28.46 -13.61 -43.74
C GLN A 283 -27.21 -13.16 -42.96
N VAL A 284 -26.05 -13.13 -43.62
CA VAL A 284 -24.81 -12.69 -42.95
C VAL A 284 -24.83 -11.18 -42.69
N VAL A 285 -25.52 -10.46 -43.57
CA VAL A 285 -25.69 -9.01 -43.43
C VAL A 285 -26.58 -8.73 -42.22
N GLU A 286 -27.61 -9.56 -42.03
CA GLU A 286 -28.55 -9.47 -40.90
C GLU A 286 -27.81 -9.45 -39.56
N VAL A 287 -26.85 -10.37 -39.39
CA VAL A 287 -26.03 -10.46 -38.17
C VAL A 287 -25.08 -9.27 -38.02
N TYR A 288 -24.48 -8.84 -39.13
CA TYR A 288 -23.59 -7.68 -39.13
C TYR A 288 -24.34 -6.40 -38.78
N GLU A 289 -25.55 -6.26 -39.32
CA GLU A 289 -26.44 -5.14 -39.04
C GLU A 289 -26.94 -5.19 -37.59
N TYR A 290 -27.09 -6.41 -37.07
CA TYR A 290 -27.48 -6.65 -35.69
C TYR A 290 -26.35 -6.24 -34.74
N ALA A 291 -25.12 -6.59 -35.12
CA ALA A 291 -23.92 -6.24 -34.37
C ALA A 291 -23.71 -4.71 -34.36
N GLN A 292 -24.04 -4.09 -35.50
CA GLN A 292 -23.97 -2.64 -35.68
C GLN A 292 -25.03 -1.95 -34.80
N LYS A 293 -26.21 -2.56 -34.73
CA LYS A 293 -27.35 -2.07 -33.94
C LYS A 293 -27.04 -2.06 -32.44
N LEU A 294 -26.49 -3.17 -31.94
CA LEU A 294 -26.14 -3.32 -30.52
C LEU A 294 -25.04 -2.37 -30.07
N GLY A 295 -24.09 -2.11 -30.96
CA GLY A 295 -22.96 -1.23 -30.70
C GLY A 295 -22.03 -1.79 -29.65
N GLY A 296 -21.65 -0.93 -28.71
CA GLY A 296 -20.75 -1.24 -27.60
C GLY A 296 -21.21 -2.34 -26.68
N GLU A 297 -22.53 -2.46 -26.53
CA GLU A 297 -23.18 -3.47 -25.70
C GLU A 297 -22.71 -4.90 -26.03
N ALA A 298 -22.61 -5.18 -27.33
CA ALA A 298 -22.20 -6.49 -27.87
C ALA A 298 -20.77 -6.94 -27.57
N GLY A 299 -19.89 -6.01 -27.22
CA GLY A 299 -18.50 -6.27 -26.92
C GLY A 299 -18.22 -7.31 -25.86
N PHE A 300 -19.01 -7.28 -24.77
CA PHE A 300 -18.83 -8.19 -23.65
C PHE A 300 -19.91 -9.29 -23.57
N TYR A 301 -20.61 -9.51 -24.69
CA TYR A 301 -21.67 -10.51 -24.81
C TYR A 301 -21.22 -11.95 -24.57
N HIS A 302 -19.97 -12.26 -24.88
CA HIS A 302 -19.43 -13.61 -24.68
C HIS A 302 -18.73 -13.76 -23.35
N ILE A 303 -18.06 -12.69 -22.91
CA ILE A 303 -17.36 -12.64 -21.62
C ILE A 303 -18.36 -12.92 -20.50
N LEU A 304 -19.40 -12.09 -20.41
CA LEU A 304 -20.55 -12.33 -19.52
C LEU A 304 -21.34 -13.30 -20.41
N ASN A 305 -21.85 -14.40 -19.86
CA ASN A 305 -22.58 -15.34 -20.71
C ASN A 305 -23.97 -14.83 -21.10
N ASN A 306 -23.98 -13.76 -21.89
CA ASN A 306 -25.20 -13.13 -22.39
C ASN A 306 -25.90 -14.11 -23.32
N PRO A 307 -27.22 -14.31 -23.15
CA PRO A 307 -28.01 -15.24 -23.95
C PRO A 307 -28.01 -14.92 -25.45
N LYS A 308 -27.99 -13.63 -25.76
CA LYS A 308 -28.00 -13.13 -27.12
C LYS A 308 -26.67 -13.30 -27.87
N ALA A 309 -25.62 -13.74 -27.17
CA ALA A 309 -24.28 -13.95 -27.75
C ALA A 309 -24.27 -14.92 -28.94
N SER A 310 -25.19 -15.89 -28.89
CA SER A 310 -25.36 -16.90 -29.93
C SER A 310 -25.80 -16.28 -31.26
N LEU A 311 -26.58 -15.20 -31.18
CA LEU A 311 -27.11 -14.49 -32.34
C LEU A 311 -26.05 -13.83 -33.23
N LEU A 312 -24.88 -13.57 -32.64
CA LEU A 312 -23.76 -12.93 -33.35
C LEU A 312 -22.86 -13.94 -34.10
N SER A 313 -23.22 -15.22 -34.04
CA SER A 313 -22.46 -16.29 -34.68
C SER A 313 -22.58 -16.30 -36.21
N LEU A 314 -21.44 -16.51 -36.86
CA LEU A 314 -21.35 -16.63 -38.32
C LEU A 314 -21.13 -18.11 -38.71
N THR A 315 -20.91 -18.95 -37.70
CA THR A 315 -20.72 -20.41 -37.83
C THR A 315 -21.94 -21.06 -38.50
N GLN A 316 -23.12 -20.46 -38.29
CA GLN A 316 -24.37 -20.89 -38.91
C GLN A 316 -24.37 -20.76 -40.44
N PHE A 317 -23.33 -20.11 -40.97
CA PHE A 317 -23.11 -19.94 -42.41
C PHE A 317 -21.79 -20.62 -42.77
N PRO A 318 -21.83 -21.95 -43.05
CA PRO A 318 -20.66 -22.78 -43.37
C PRO A 318 -19.72 -22.25 -44.45
N HIS A 319 -20.30 -21.75 -45.55
CA HIS A 319 -19.54 -21.25 -46.69
C HIS A 319 -18.78 -19.96 -46.41
N PHE A 320 -19.49 -18.95 -45.89
CA PHE A 320 -18.89 -17.65 -45.55
C PHE A 320 -17.83 -17.78 -44.46
N SER A 321 -18.12 -18.58 -43.44
CA SER A 321 -17.18 -18.83 -42.33
C SER A 321 -15.87 -19.44 -42.82
N SER A 322 -15.98 -20.36 -43.78
CA SER A 322 -14.84 -21.06 -44.38
C SER A 322 -13.90 -20.15 -45.16
N VAL A 323 -14.47 -19.28 -46.00
CA VAL A 323 -13.67 -18.32 -46.77
C VAL A 323 -13.02 -17.28 -45.83
N VAL A 324 -13.76 -16.90 -44.79
CA VAL A 324 -13.29 -15.96 -43.75
C VAL A 324 -12.13 -16.58 -42.96
N LEU A 325 -12.27 -17.85 -42.60
CA LEU A 325 -11.25 -18.60 -41.87
C LEU A 325 -10.04 -18.89 -42.76
N GLY A 326 -10.29 -19.11 -44.06
CA GLY A 326 -9.27 -19.34 -45.07
C GLY A 326 -8.40 -18.12 -45.25
N ASN A 327 -9.06 -16.98 -45.45
CA ASN A 327 -8.39 -15.68 -45.59
C ASN A 327 -7.51 -15.35 -44.39
N ALA A 328 -7.99 -15.70 -43.19
CA ALA A 328 -7.28 -15.51 -41.93
C ALA A 328 -6.03 -16.39 -41.85
N ALA A 329 -6.12 -17.59 -42.43
CA ALA A 329 -5.01 -18.54 -42.46
C ALA A 329 -3.97 -18.14 -43.51
N GLY A 330 -4.47 -17.68 -44.67
CA GLY A 330 -3.66 -17.24 -45.80
C GLY A 330 -2.86 -15.98 -45.49
N LEU A 331 -3.44 -15.11 -44.66
CA LEU A 331 -2.78 -13.89 -44.20
C LEU A 331 -1.89 -14.17 -42.98
N GLY A 332 -1.93 -15.42 -42.51
CA GLY A 332 -1.15 -15.92 -41.39
C GLY A 332 -1.48 -15.24 -40.06
N ILE A 333 -2.76 -14.95 -39.84
CA ILE A 333 -3.21 -14.29 -38.62
C ILE A 333 -3.88 -15.17 -37.55
N MET A 334 -4.24 -16.40 -37.94
CA MET A 334 -4.82 -17.36 -36.99
C MET A 334 -3.75 -18.30 -36.43
N GLY A 335 -4.15 -19.35 -35.71
CA GLY A 335 -3.24 -20.32 -35.13
C GLY A 335 -2.71 -19.88 -33.79
N GLU A 336 -2.94 -20.65 -32.72
CA GLU A 336 -3.66 -21.93 -32.76
C GLU A 336 -5.15 -21.74 -32.46
N TYR A 337 -5.86 -21.15 -33.42
CA TYR A 337 -7.30 -20.92 -33.31
C TYR A 337 -8.00 -22.25 -33.56
N ARG A 338 -8.78 -22.69 -32.56
CA ARG A 338 -9.47 -23.98 -32.60
C ARG A 338 -10.75 -24.04 -33.45
N GLY A 339 -10.89 -23.10 -34.38
CA GLY A 339 -12.01 -23.04 -35.31
C GLY A 339 -11.74 -23.90 -36.53
N THR A 340 -12.72 -24.72 -36.88
CA THR A 340 -12.62 -25.63 -38.01
C THR A 340 -13.58 -25.20 -39.12
N PRO A 341 -13.10 -25.15 -40.40
CA PRO A 341 -13.98 -24.78 -41.51
C PRO A 341 -14.92 -25.92 -41.90
N ARG A 342 -16.20 -25.60 -42.03
CA ARG A 342 -17.23 -26.59 -42.40
C ARG A 342 -17.08 -27.03 -43.87
N ASN A 343 -16.65 -26.10 -44.72
CA ASN A 343 -16.40 -26.37 -46.14
C ASN A 343 -14.89 -26.28 -46.33
N GLN A 344 -14.25 -27.44 -46.49
CA GLN A 344 -12.79 -27.52 -46.64
C GLN A 344 -12.27 -26.93 -47.96
N ASP A 345 -12.98 -27.20 -49.05
CA ASP A 345 -12.62 -26.73 -50.39
C ASP A 345 -12.59 -25.21 -50.52
N LEU A 346 -13.58 -24.55 -49.92
CA LEU A 346 -13.69 -23.09 -49.90
C LEU A 346 -12.60 -22.44 -49.04
N TYR A 347 -12.25 -23.11 -47.94
CA TYR A 347 -11.21 -22.67 -47.01
C TYR A 347 -9.85 -22.67 -47.72
N ASP A 348 -9.53 -23.80 -48.35
CA ASP A 348 -8.28 -24.01 -49.08
C ASP A 348 -8.11 -23.02 -50.25
N ALA A 349 -9.22 -22.74 -50.94
CA ALA A 349 -9.25 -21.80 -52.05
C ALA A 349 -9.03 -20.37 -51.58
N ALA A 350 -9.61 -20.03 -50.43
CA ALA A 350 -9.48 -18.70 -49.82
C ALA A 350 -8.10 -18.49 -49.21
N LYS A 351 -7.55 -19.56 -48.63
CA LYS A 351 -6.21 -19.54 -48.03
C LYS A 351 -5.17 -19.32 -49.12
N ALA A 352 -5.36 -19.97 -50.27
CA ALA A 352 -4.48 -19.85 -51.43
C ALA A 352 -4.46 -18.43 -52.00
N TYR A 353 -5.64 -17.84 -52.16
CA TYR A 353 -5.77 -16.47 -52.69
C TYR A 353 -5.18 -15.43 -51.74
N ALA A 354 -5.40 -15.63 -50.44
CA ALA A 354 -4.89 -14.74 -49.40
C ALA A 354 -3.37 -14.76 -49.33
N GLU A 355 -2.78 -15.93 -49.61
CA GLU A 355 -1.33 -16.12 -49.66
C GLU A 355 -0.74 -15.39 -50.87
N GLN A 356 -1.51 -15.33 -51.95
CA GLN A 356 -1.12 -14.63 -53.17
C GLN A 356 -1.26 -13.10 -53.02
N LEU A 357 -2.17 -12.68 -52.13
CA LEU A 357 -2.41 -11.26 -51.85
C LEU A 357 -1.23 -10.59 -51.15
N LYS A 358 -0.55 -11.34 -50.28
CA LYS A 358 0.61 -10.84 -49.54
C LYS A 358 1.93 -10.86 -50.32
N GLU A 359 1.83 -11.06 -51.64
CA GLU A 359 2.98 -11.08 -52.55
C GLU A 359 2.88 -9.93 -53.56
N ASN A 360 1.65 -9.59 -53.94
CA ASN A 360 1.35 -8.51 -54.88
C ASN A 360 1.21 -7.17 -54.15
N GLY A 361 0.55 -6.20 -54.78
CA GLY A 361 0.32 -4.88 -54.23
C GLY A 361 0.60 -3.77 -55.22
N VAL A 362 -0.43 -3.40 -55.99
CA VAL A 362 -0.34 -2.36 -57.00
C VAL A 362 -0.93 -1.05 -56.46
N ILE A 363 -0.31 0.07 -56.82
CA ILE A 363 -0.74 1.41 -56.38
C ILE A 363 -2.00 1.86 -57.12
N ASN A 364 -3.00 2.27 -56.35
CA ASN A 364 -4.25 2.80 -56.90
C ASN A 364 -4.18 4.33 -56.88
N TYR A 365 -3.87 4.89 -58.04
CA TYR A 365 -3.68 6.32 -58.23
C TYR A 365 -4.95 7.17 -58.23
N SER A 366 -6.10 6.52 -58.40
CA SER A 366 -7.41 7.17 -58.40
C SER A 366 -7.85 7.66 -57.01
N VAL A 367 -7.31 7.03 -55.97
CA VAL A 367 -7.60 7.37 -54.57
C VAL A 367 -7.06 8.76 -54.19
N LEU A 368 -5.82 9.03 -54.60
CA LEU A 368 -5.15 10.30 -54.35
C LEU A 368 -5.75 11.42 -55.18
N ASP A 369 -5.77 12.64 -54.63
CA ASP A 369 -6.33 13.82 -55.30
C ASP A 369 -5.30 14.50 -56.23
N LEU A 370 -4.70 13.69 -57.11
CA LEU A 370 -3.69 14.15 -58.06
C LEU A 370 -4.28 14.98 -59.20
N THR A 371 -3.59 16.07 -59.54
CA THR A 371 -4.00 16.98 -60.62
C THR A 371 -3.32 16.60 -61.94
N ALA A 372 -2.30 17.37 -62.34
CA ALA A 372 -1.54 17.11 -63.56
C ALA A 372 -0.51 16.03 -63.26
N GLU A 373 -0.77 14.83 -63.78
CA GLU A 373 0.07 13.67 -63.55
C GLU A 373 1.20 13.48 -64.56
N GLU A 374 2.42 13.45 -64.03
CA GLU A 374 3.65 13.28 -64.80
C GLU A 374 4.47 12.14 -64.17
N LEU A 375 3.81 11.36 -63.31
CA LEU A 375 4.43 10.25 -62.58
C LEU A 375 4.77 9.05 -63.44
N ALA B 2 -25.36 -7.19 -49.54
CA ALA B 2 -24.18 -6.57 -50.16
C ALA B 2 -22.95 -6.69 -49.28
N LEU B 3 -21.79 -6.87 -49.92
CA LEU B 3 -20.51 -6.96 -49.22
C LEU B 3 -20.05 -5.63 -48.64
N SER B 4 -20.75 -4.55 -48.99
CA SER B 4 -20.49 -3.21 -48.48
C SER B 4 -21.01 -3.11 -47.04
N LYS B 5 -22.05 -3.88 -46.75
CA LYS B 5 -22.72 -3.92 -45.45
C LYS B 5 -21.94 -4.69 -44.38
N VAL B 6 -21.02 -5.56 -44.79
CA VAL B 6 -20.18 -6.32 -43.87
C VAL B 6 -19.08 -5.45 -43.26
N LYS B 7 -19.47 -4.72 -42.21
CA LYS B 7 -18.58 -3.81 -41.49
C LYS B 7 -18.97 -3.74 -40.01
N LEU B 8 -18.05 -3.21 -39.20
CA LEU B 8 -18.25 -3.04 -37.77
C LEU B 8 -17.34 -1.92 -37.26
N ASN B 9 -17.95 -0.85 -36.75
CA ASN B 9 -17.18 0.29 -36.26
C ASN B 9 -16.82 0.11 -34.79
N ASP B 10 -15.80 -0.71 -34.56
CA ASP B 10 -15.32 -1.02 -33.21
C ASP B 10 -14.82 0.19 -32.42
N THR B 11 -14.16 1.13 -33.09
CA THR B 11 -13.63 2.35 -32.47
C THR B 11 -14.75 3.20 -31.86
N LEU B 12 -15.80 3.43 -32.65
CA LEU B 12 -16.97 4.22 -32.25
C LEU B 12 -17.79 3.52 -31.17
N ASN B 13 -17.98 2.21 -31.33
CA ASN B 13 -18.75 1.39 -30.39
C ASN B 13 -18.09 1.27 -29.01
N LYS B 14 -16.76 1.14 -29.00
CA LYS B 14 -15.99 1.05 -27.76
C LYS B 14 -16.14 2.34 -26.94
N ASP B 15 -16.07 3.48 -27.65
CA ASP B 15 -16.25 4.80 -27.05
C ASP B 15 -17.68 4.94 -26.52
N GLN B 16 -18.66 4.49 -27.31
CA GLN B 16 -20.08 4.52 -26.96
C GLN B 16 -20.33 3.77 -25.64
N LEU B 17 -19.68 2.61 -25.51
CA LEU B 17 -19.78 1.77 -24.30
C LEU B 17 -19.25 2.50 -23.05
N LEU B 18 -18.12 3.19 -23.22
CA LEU B 18 -17.49 3.92 -22.12
C LEU B 18 -18.18 5.24 -21.79
N SER B 19 -18.73 5.89 -22.81
CA SER B 19 -19.46 7.15 -22.66
C SER B 19 -20.83 6.94 -21.98
N SER B 20 -21.40 5.74 -22.15
CA SER B 20 -22.70 5.40 -21.59
C SER B 20 -22.66 4.43 -20.40
N SER B 21 -21.72 4.66 -19.48
CA SER B 21 -21.59 3.82 -18.28
C SER B 21 -22.68 4.18 -17.27
N LYS B 22 -23.39 3.15 -16.78
CA LYS B 22 -24.47 3.34 -15.81
C LYS B 22 -23.93 3.49 -14.38
N TYR B 23 -22.69 3.06 -14.17
CA TYR B 23 -22.04 3.06 -12.85
C TYR B 23 -20.72 3.84 -12.86
N THR B 24 -20.27 4.22 -11.67
CA THR B 24 -19.06 5.04 -11.49
C THR B 24 -18.14 4.57 -10.37
N ILE B 25 -16.84 4.77 -10.60
CA ILE B 25 -15.81 4.47 -9.59
C ILE B 25 -15.28 5.76 -8.95
N GLN B 26 -14.91 5.67 -7.67
CA GLN B 26 -14.35 6.81 -6.94
C GLN B 26 -13.07 6.37 -6.24
N ARG B 27 -11.98 7.05 -6.57
CA ARG B 27 -10.65 6.72 -6.06
C ARG B 27 -10.22 7.52 -4.85
N SER B 28 -9.54 6.85 -3.92
CA SER B 28 -9.01 7.49 -2.72
C SER B 28 -7.64 8.10 -3.05
N THR B 29 -7.55 9.44 -2.88
CA THR B 29 -6.31 10.19 -3.15
C THR B 29 -5.20 9.93 -2.15
N GLY B 30 -5.60 9.55 -0.93
CA GLY B 30 -4.70 9.29 0.18
C GLY B 30 -5.35 9.82 1.43
N ASP B 31 -4.60 10.64 2.16
CA ASP B 31 -5.10 11.21 3.42
C ASP B 31 -5.71 12.61 3.32
N SER B 32 -4.94 13.57 2.80
CA SER B 32 -5.39 14.96 2.67
C SER B 32 -4.73 15.72 1.52
N ILE B 33 -5.51 16.59 0.89
CA ILE B 33 -5.03 17.47 -0.18
C ILE B 33 -5.27 18.91 0.25
N ASP B 34 -4.21 19.72 0.18
CA ASP B 34 -4.28 21.15 0.49
C ASP B 34 -5.01 21.82 -0.66
N THR B 35 -6.09 22.52 -0.33
CA THR B 35 -6.89 23.25 -1.31
C THR B 35 -6.81 24.74 -0.98
N PRO B 36 -5.74 25.43 -1.46
CA PRO B 36 -5.64 26.86 -1.13
C PRO B 36 -6.59 27.72 -1.96
N ASN B 37 -7.16 28.72 -1.31
CA ASN B 37 -8.09 29.64 -1.96
C ASN B 37 -7.31 30.89 -2.40
N TYR B 38 -8.03 31.80 -3.09
CA TYR B 38 -7.47 33.05 -3.62
C TYR B 38 -6.72 33.93 -2.62
N ASP B 39 -7.14 33.88 -1.35
CA ASP B 39 -6.52 34.67 -0.28
C ASP B 39 -5.05 34.33 -0.03
N VAL B 40 -4.70 33.08 -0.27
CA VAL B 40 -3.36 32.55 -0.07
C VAL B 40 -2.47 32.63 -1.33
N GLN B 41 -3.08 32.95 -2.47
CA GLN B 41 -2.42 33.06 -3.78
C GLN B 41 -1.17 33.94 -3.81
N LYS B 42 -1.28 35.14 -3.24
CA LYS B 42 -0.18 36.11 -3.19
C LYS B 42 1.01 35.59 -2.38
N HIS B 43 0.71 34.88 -1.29
CA HIS B 43 1.72 34.27 -0.42
C HIS B 43 2.51 33.17 -1.13
N ILE B 44 1.81 32.36 -1.93
CA ILE B 44 2.45 31.27 -2.70
C ILE B 44 3.35 31.84 -3.80
N ASN B 45 2.89 32.94 -4.43
CA ASN B 45 3.66 33.63 -5.46
C ASN B 45 4.99 34.15 -4.88
N LYS B 46 4.92 34.65 -3.64
CA LYS B 46 6.09 35.15 -2.92
C LYS B 46 7.04 33.98 -2.61
N LEU B 47 6.47 32.83 -2.26
CA LEU B 47 7.22 31.59 -1.97
C LEU B 47 7.91 31.06 -3.24
N CYS B 48 7.23 31.21 -4.37
CA CYS B 48 7.76 30.82 -5.68
C CYS B 48 8.95 31.73 -6.03
N GLY B 49 8.78 33.03 -5.75
CA GLY B 49 9.79 34.05 -5.96
C GLY B 49 11.02 33.84 -5.11
N MET B 50 10.81 33.35 -3.89
CA MET B 50 11.89 33.05 -2.94
C MET B 50 12.82 31.97 -3.48
N LEU B 51 12.23 30.96 -4.13
CA LEU B 51 12.97 29.86 -4.75
C LEU B 51 13.69 30.34 -6.01
N LEU B 52 13.08 31.29 -6.71
CA LEU B 52 13.63 31.86 -7.95
C LEU B 52 14.80 32.81 -7.71
N ILE B 53 14.82 33.50 -6.58
CA ILE B 53 15.92 34.41 -6.24
C ILE B 53 17.12 33.67 -5.63
N THR B 54 16.84 32.51 -5.04
CA THR B 54 17.85 31.66 -4.40
C THR B 54 18.81 31.04 -5.41
N GLU B 55 20.09 31.44 -5.29
CA GLU B 55 21.17 30.91 -6.12
C GLU B 55 21.41 29.46 -5.65
N ASP B 56 21.38 28.53 -6.61
CA ASP B 56 21.52 27.09 -6.36
C ASP B 56 20.48 26.61 -5.34
N ALA B 57 19.22 26.87 -5.67
CA ALA B 57 18.06 26.55 -4.83
C ALA B 57 17.74 25.05 -4.80
N ASN B 58 17.13 24.64 -3.70
CA ASN B 58 16.68 23.26 -3.51
C ASN B 58 15.26 23.15 -4.06
N HIS B 59 15.16 22.66 -5.28
CA HIS B 59 13.89 22.51 -5.98
C HIS B 59 13.17 21.18 -5.72
N LYS B 60 13.35 20.64 -4.52
CA LYS B 60 12.74 19.38 -4.10
C LYS B 60 11.23 19.54 -3.92
N PHE B 61 10.81 20.75 -3.54
CA PHE B 61 9.42 21.06 -3.25
C PHE B 61 8.71 21.97 -4.25
N THR B 62 9.46 22.43 -5.26
CA THR B 62 8.95 23.33 -6.30
C THR B 62 7.79 22.76 -7.13
N GLY B 63 7.81 21.46 -7.38
CA GLY B 63 6.76 20.76 -8.10
C GLY B 63 5.45 20.84 -7.34
N LEU B 64 5.52 20.63 -6.03
CA LEU B 64 4.37 20.71 -5.13
C LEU B 64 3.92 22.16 -4.90
N ILE B 65 4.89 23.07 -4.72
CA ILE B 65 4.63 24.51 -4.53
C ILE B 65 3.96 25.08 -5.78
N GLY B 66 4.42 24.64 -6.94
CA GLY B 66 3.88 25.01 -8.24
C GLY B 66 2.42 24.60 -8.35
N MET B 67 2.12 23.39 -7.88
CA MET B 67 0.76 22.85 -7.85
C MET B 67 -0.15 23.64 -6.92
N LEU B 68 0.40 24.08 -5.79
CA LEU B 68 -0.33 24.89 -4.83
C LEU B 68 -0.71 26.25 -5.41
N TYR B 69 0.19 26.83 -6.21
CA TYR B 69 -0.07 28.11 -6.87
C TYR B 69 -1.17 27.97 -7.92
N ALA B 70 -1.14 26.88 -8.68
CA ALA B 70 -2.16 26.59 -9.69
C ALA B 70 -3.53 26.39 -9.04
N MET B 71 -3.52 25.75 -7.86
CA MET B 71 -4.73 25.50 -7.08
C MET B 71 -5.28 26.79 -6.46
N SER B 72 -4.37 27.68 -6.04
CA SER B 72 -4.74 28.97 -5.45
C SER B 72 -5.31 29.93 -6.50
N ARG B 73 -4.95 29.72 -7.75
CA ARG B 73 -5.47 30.50 -8.88
C ARG B 73 -6.87 30.01 -9.20
N LEU B 74 -7.08 28.69 -9.12
CA LEU B 74 -8.38 28.06 -9.34
C LEU B 74 -9.33 28.37 -8.18
N GLY B 75 -8.78 28.37 -6.95
CA GLY B 75 -9.50 28.66 -5.72
C GLY B 75 -10.23 27.45 -5.18
N ARG B 76 -10.06 27.19 -3.88
CA ARG B 76 -10.65 26.06 -3.14
C ARG B 76 -11.86 25.36 -3.77
N GLU B 77 -12.95 26.12 -3.98
CA GLU B 77 -14.19 25.61 -4.56
C GLU B 77 -14.01 24.87 -5.89
N ASP B 78 -13.36 25.54 -6.85
CA ASP B 78 -13.09 24.98 -8.18
C ASP B 78 -12.12 23.80 -8.15
N THR B 79 -11.03 23.91 -7.39
CA THR B 79 -10.07 22.81 -7.27
C THR B 79 -10.67 21.51 -6.71
N ILE B 80 -11.54 21.63 -5.70
CA ILE B 80 -12.27 20.50 -5.12
C ILE B 80 -13.18 19.88 -6.20
N LYS B 81 -13.85 20.75 -6.95
CA LYS B 81 -14.74 20.36 -8.04
C LYS B 81 -13.99 19.56 -9.12
N ILE B 82 -12.78 20.03 -9.50
CA ILE B 82 -11.96 19.34 -10.50
C ILE B 82 -11.46 17.98 -10.02
N LEU B 83 -11.19 17.88 -8.72
CA LEU B 83 -10.75 16.63 -8.10
C LEU B 83 -11.89 15.61 -8.04
N ARG B 84 -13.09 16.09 -7.72
CA ARG B 84 -14.28 15.24 -7.64
C ARG B 84 -14.76 14.78 -9.02
N ASP B 85 -14.71 15.70 -9.99
CA ASP B 85 -15.10 15.40 -11.37
C ASP B 85 -14.14 14.41 -12.04
N ALA B 86 -12.88 14.43 -11.60
CA ALA B 86 -11.84 13.52 -12.12
C ALA B 86 -12.06 12.09 -11.63
N GLY B 87 -12.73 11.95 -10.48
CA GLY B 87 -13.06 10.69 -9.86
C GLY B 87 -12.29 10.39 -8.59
N TYR B 88 -12.06 11.43 -7.78
CA TYR B 88 -11.31 11.29 -6.54
C TYR B 88 -12.08 11.74 -5.29
N HIS B 89 -11.90 10.97 -4.22
CA HIS B 89 -12.48 11.25 -2.91
C HIS B 89 -11.49 12.17 -2.20
N VAL B 90 -11.91 13.40 -1.94
CA VAL B 90 -11.02 14.40 -1.35
C VAL B 90 -11.32 14.93 0.06
N LYS B 91 -10.30 14.82 0.91
CA LYS B 91 -10.33 15.37 2.26
C LYS B 91 -9.54 16.67 2.13
N ALA B 92 -10.29 17.76 1.92
CA ALA B 92 -9.72 19.09 1.70
C ALA B 92 -9.11 19.71 2.94
N ASN B 93 -7.88 20.20 2.78
CA ASN B 93 -7.16 20.89 3.85
C ASN B 93 -7.14 22.38 3.55
N GLY B 94 -7.67 23.17 4.49
CA GLY B 94 -7.74 24.62 4.38
C GLY B 94 -6.41 25.27 4.64
N VAL B 95 -5.91 26.02 3.66
CA VAL B 95 -4.63 26.72 3.76
C VAL B 95 -4.84 28.13 4.31
N ASP B 96 -4.23 28.40 5.46
CA ASP B 96 -4.30 29.70 6.13
C ASP B 96 -2.89 30.21 6.44
N VAL B 97 -2.76 31.53 6.55
CA VAL B 97 -1.47 32.16 6.89
C VAL B 97 -1.37 32.35 8.40
N THR B 98 -0.27 31.85 8.96
CA THR B 98 0.02 31.96 10.40
C THR B 98 1.45 32.43 10.60
N THR B 99 1.67 33.17 11.69
CA THR B 99 3.00 33.67 12.03
C THR B 99 3.70 32.68 12.96
N HIS B 100 4.88 32.23 12.53
CA HIS B 100 5.68 31.29 13.29
C HIS B 100 6.94 31.95 13.84
N ARG B 101 7.13 31.82 15.16
CA ARG B 101 8.29 32.37 15.85
C ARG B 101 9.28 31.26 16.18
N GLN B 102 10.49 31.40 15.64
CA GLN B 102 11.57 30.44 15.84
C GLN B 102 12.91 31.17 15.92
N ASP B 103 13.71 30.79 16.92
CA ASP B 103 15.03 31.40 17.13
C ASP B 103 16.15 30.76 16.29
N ILE B 104 16.44 31.40 15.16
CA ILE B 104 17.48 30.97 14.24
C ILE B 104 18.76 31.76 14.57
N ASN B 105 19.81 31.01 14.91
CA ASN B 105 21.12 31.55 15.31
C ASN B 105 21.05 32.43 16.56
N GLY B 106 20.23 32.00 17.53
CA GLY B 106 20.02 32.68 18.79
C GLY B 106 18.91 33.72 18.76
N LYS B 107 18.92 34.56 17.73
CA LYS B 107 17.94 35.64 17.53
C LYS B 107 16.58 35.09 17.14
N GLU B 108 15.55 35.45 17.91
CA GLU B 108 14.18 35.03 17.66
C GLU B 108 13.63 35.74 16.43
N MET B 109 13.16 34.95 15.46
CA MET B 109 12.67 35.47 14.18
C MET B 109 11.22 35.11 13.89
N LYS B 110 10.53 36.00 13.17
CA LYS B 110 9.13 35.81 12.75
C LYS B 110 9.06 35.42 11.28
N PHE B 111 8.16 34.49 10.98
CA PHE B 111 7.95 34.00 9.62
C PHE B 111 6.48 33.82 9.31
N GLU B 112 6.08 34.20 8.10
CA GLU B 112 4.71 34.03 7.63
C GLU B 112 4.67 32.69 6.88
N VAL B 113 4.02 31.70 7.51
CA VAL B 113 3.92 30.36 6.94
C VAL B 113 2.48 29.94 6.62
N LEU B 114 2.34 28.91 5.79
CA LEU B 114 1.04 28.38 5.40
C LEU B 114 0.75 27.07 6.13
N THR B 115 -0.51 26.87 6.49
CA THR B 115 -0.95 25.65 7.16
C THR B 115 -1.16 24.55 6.11
N LEU B 116 -0.04 23.94 5.71
CA LEU B 116 -0.01 22.90 4.70
C LEU B 116 0.36 21.55 5.29
N ALA B 117 -0.30 20.50 4.78
CA ALA B 117 -0.04 19.13 5.20
C ALA B 117 1.15 18.58 4.42
N SER B 118 1.15 18.86 3.11
CA SER B 118 2.20 18.44 2.19
C SER B 118 3.55 19.11 2.45
N LEU B 119 3.50 20.34 2.95
CA LEU B 119 4.71 21.12 3.23
C LEU B 119 4.83 21.53 4.69
N THR B 120 5.93 21.12 5.32
CA THR B 120 6.22 21.40 6.73
C THR B 120 6.53 22.88 6.92
N THR B 121 6.18 23.41 8.09
CA THR B 121 6.46 24.79 8.47
C THR B 121 7.96 24.98 8.65
N GLU B 122 8.64 23.89 9.01
CA GLU B 122 10.09 23.84 9.21
C GLU B 122 10.82 23.96 7.87
N ILE B 123 10.23 23.38 6.81
CA ILE B 123 10.84 23.44 5.48
C ILE B 123 10.49 24.75 4.75
N GLN B 124 9.36 25.35 5.13
CA GLN B 124 8.89 26.61 4.56
C GLN B 124 9.78 27.77 5.00
N ILE B 125 10.18 27.76 6.28
CA ILE B 125 11.06 28.79 6.86
C ILE B 125 12.46 28.75 6.23
N ASN B 126 12.92 27.54 5.91
CA ASN B 126 14.22 27.32 5.27
C ASN B 126 14.29 27.87 3.85
N ILE B 127 13.15 27.92 3.16
CA ILE B 127 13.06 28.50 1.81
C ILE B 127 13.25 30.02 1.94
N GLU B 128 12.62 30.61 2.95
CA GLU B 128 12.73 32.04 3.26
C GLU B 128 14.13 32.40 3.77
N ILE B 129 14.70 31.53 4.59
CA ILE B 129 16.04 31.71 5.15
C ILE B 129 17.11 31.78 4.06
N GLU B 130 17.10 30.80 3.16
CA GLU B 130 18.06 30.73 2.05
C GLU B 130 17.86 31.81 0.99
N SER B 131 16.63 32.29 0.86
CA SER B 131 16.29 33.37 -0.08
C SER B 131 16.83 34.71 0.41
N ARG B 132 16.71 34.94 1.73
CA ARG B 132 17.21 36.16 2.38
C ARG B 132 18.74 36.28 2.24
N LYS B 133 19.42 35.14 2.29
CA LYS B 133 20.88 35.04 2.11
C LYS B 133 21.24 35.48 0.69
N SER B 134 20.49 34.96 -0.28
CA SER B 134 20.67 35.27 -1.70
C SER B 134 20.25 36.69 -2.04
N TYR B 135 19.31 37.23 -1.27
CA TYR B 135 18.81 38.60 -1.45
C TYR B 135 19.81 39.63 -0.96
N LYS B 136 20.41 39.38 0.20
CA LYS B 136 21.40 40.30 0.78
C LYS B 136 22.72 40.32 -0.02
N LYS B 137 23.04 39.18 -0.65
CA LYS B 137 24.21 39.04 -1.51
C LYS B 137 23.95 39.79 -2.82
N MET B 138 22.70 39.75 -3.27
CA MET B 138 22.23 40.43 -4.47
C MET B 138 22.16 41.95 -4.23
N LEU B 139 21.79 42.33 -3.02
CA LEU B 139 21.70 43.74 -2.61
C LEU B 139 23.11 44.35 -2.47
N LYS B 140 24.08 43.51 -2.12
CA LYS B 140 25.48 43.92 -1.96
C LYS B 140 26.15 44.09 -3.33
N GLU B 141 25.69 43.33 -4.32
CA GLU B 141 26.22 43.36 -5.69
C GLU B 141 25.70 44.49 -6.56
N MET B 142 24.39 44.78 -6.48
CA MET B 142 23.77 45.81 -7.30
C MET B 142 23.22 47.05 -6.58
N GLY B 143 23.41 47.11 -5.25
CA GLY B 143 22.97 48.23 -4.43
C GLY B 143 21.48 48.21 -4.17
N GLU B 144 20.72 48.52 -5.22
CA GLU B 144 19.25 48.54 -5.19
C GLU B 144 18.72 47.45 -6.14
N VAL B 145 17.80 46.62 -5.63
CA VAL B 145 17.21 45.54 -6.42
C VAL B 145 15.93 45.94 -7.14
N ALA B 146 15.99 45.84 -8.47
CA ALA B 146 14.88 46.21 -9.36
C ALA B 146 13.66 45.30 -9.19
N PRO B 147 12.44 45.77 -9.58
CA PRO B 147 11.23 44.94 -9.45
C PRO B 147 11.26 43.61 -10.22
N GLU B 148 12.08 43.56 -11.27
CA GLU B 148 12.22 42.38 -12.13
C GLU B 148 13.02 41.27 -11.46
N TYR B 149 14.00 41.67 -10.63
CA TYR B 149 14.90 40.73 -9.95
C TYR B 149 14.42 40.19 -8.61
N ARG B 150 13.36 40.80 -8.06
CA ARG B 150 12.81 40.42 -6.75
C ARG B 150 11.72 39.35 -6.72
N HIS B 151 11.52 38.77 -5.53
CA HIS B 151 10.53 37.73 -5.26
C HIS B 151 9.06 38.21 -5.27
N ASP B 152 8.87 39.52 -5.08
CA ASP B 152 7.55 40.16 -5.05
C ASP B 152 6.79 40.08 -6.37
N SER B 153 7.53 40.12 -7.48
CA SER B 153 6.99 40.12 -8.84
C SER B 153 5.86 39.12 -9.08
N PRO B 154 4.74 39.57 -9.70
CA PRO B 154 3.58 38.72 -9.98
C PRO B 154 3.85 37.57 -10.96
N ASP B 155 4.92 37.71 -11.74
CA ASP B 155 5.34 36.72 -12.72
C ASP B 155 5.85 35.42 -12.10
N CYS B 156 6.49 35.54 -10.93
CA CYS B 156 7.10 34.44 -10.18
C CYS B 156 6.42 33.07 -10.19
N GLY B 157 5.16 33.03 -9.75
CA GLY B 157 4.37 31.81 -9.71
C GLY B 157 4.21 31.20 -11.08
N MET B 158 3.86 32.03 -12.05
CA MET B 158 3.66 31.62 -13.44
C MET B 158 4.95 31.21 -14.17
N ILE B 159 6.08 31.80 -13.75
CA ILE B 159 7.41 31.46 -14.30
C ILE B 159 7.70 29.99 -13.98
N ILE B 160 7.43 29.60 -12.73
CA ILE B 160 7.59 28.22 -12.27
C ILE B 160 6.64 27.28 -13.04
N LEU B 161 5.39 27.73 -13.21
CA LEU B 161 4.40 26.95 -13.95
C LEU B 161 4.66 26.86 -15.46
N CYS B 162 5.58 27.71 -15.96
CA CYS B 162 5.98 27.69 -17.37
C CYS B 162 6.78 26.43 -17.69
N ILE B 163 7.67 26.04 -16.78
CA ILE B 163 8.43 24.79 -16.95
C ILE B 163 7.57 23.56 -16.66
N ALA B 164 6.50 23.76 -15.88
CA ALA B 164 5.51 22.71 -15.60
C ALA B 164 4.73 22.39 -16.87
N ALA B 165 4.51 23.42 -17.69
CA ALA B 165 3.84 23.30 -18.98
C ALA B 165 4.76 22.57 -19.97
N LEU B 166 6.06 22.75 -19.80
CA LEU B 166 7.06 22.08 -20.64
C LEU B 166 7.17 20.60 -20.27
N VAL B 167 7.04 20.29 -18.98
CA VAL B 167 7.06 18.92 -18.47
C VAL B 167 5.82 18.18 -19.02
N ILE B 168 4.67 18.85 -18.94
CA ILE B 168 3.40 18.35 -19.44
C ILE B 168 3.44 18.07 -20.95
N THR B 169 4.28 18.86 -21.64
CA THR B 169 4.48 18.76 -23.09
C THR B 169 5.14 17.43 -23.49
N LYS B 170 6.02 16.94 -22.62
CA LYS B 170 6.78 15.70 -22.85
C LYS B 170 6.37 14.50 -21.96
N LEU B 171 5.19 14.58 -21.34
CA LEU B 171 4.67 13.49 -20.48
C LEU B 171 4.17 12.27 -21.26
N ALA B 172 3.91 12.46 -22.55
CA ALA B 172 3.42 11.41 -23.45
C ALA B 172 4.37 10.22 -23.56
N ALA B 173 5.67 10.49 -23.43
CA ALA B 173 6.73 9.46 -23.45
C ALA B 173 6.65 8.60 -22.19
N GLY B 174 6.24 9.21 -21.08
CA GLY B 174 6.06 8.61 -19.77
C GLY B 174 7.28 7.97 -19.12
N ASP B 175 8.44 8.59 -19.27
CA ASP B 175 9.69 8.06 -18.71
C ASP B 175 10.79 9.10 -18.41
N ARG B 176 10.42 10.38 -18.37
CA ARG B 176 11.35 11.50 -18.12
C ARG B 176 12.40 11.71 -19.23
N SER B 177 12.21 11.04 -20.36
CA SER B 177 13.12 11.14 -21.51
C SER B 177 13.14 12.53 -22.14
N GLY B 178 12.00 13.21 -22.06
CA GLY B 178 11.80 14.55 -22.58
C GLY B 178 12.56 15.65 -21.86
N LEU B 179 13.06 15.37 -20.65
CA LEU B 179 13.80 16.32 -19.81
C LEU B 179 14.84 17.18 -20.55
N THR B 180 15.59 16.56 -21.46
CA THR B 180 16.60 17.24 -22.28
C THR B 180 15.97 18.34 -23.13
N ALA B 181 14.84 18.01 -23.77
CA ALA B 181 14.08 18.95 -24.59
C ALA B 181 13.41 20.02 -23.73
N VAL B 182 12.98 19.61 -22.53
CA VAL B 182 12.34 20.50 -21.55
C VAL B 182 13.32 21.61 -21.16
N ILE B 183 14.57 21.23 -20.86
CA ILE B 183 15.64 22.17 -20.51
C ILE B 183 15.98 23.06 -21.71
N ARG B 184 16.20 22.42 -22.86
CA ARG B 184 16.52 23.09 -24.13
C ARG B 184 15.54 24.23 -24.44
N ARG B 185 14.25 23.90 -24.43
CA ARG B 185 13.17 24.87 -24.71
C ARG B 185 13.05 25.95 -23.64
N ALA B 186 13.30 25.57 -22.39
CA ALA B 186 13.27 26.50 -21.24
C ALA B 186 14.38 27.55 -21.33
N ASN B 187 15.34 27.30 -22.22
CA ASN B 187 16.45 28.22 -22.45
C ASN B 187 16.19 29.13 -23.65
N ASN B 188 15.59 28.58 -24.71
CA ASN B 188 15.25 29.34 -25.94
C ASN B 188 14.11 30.31 -25.61
N VAL B 189 13.01 29.74 -25.12
CA VAL B 189 11.84 30.48 -24.62
C VAL B 189 12.27 30.72 -23.17
N LEU B 190 11.66 31.69 -22.47
CA LEU B 190 11.96 31.94 -21.06
C LEU B 190 13.41 32.39 -20.76
N LYS B 191 14.10 32.93 -21.76
CA LYS B 191 15.49 33.39 -21.64
C LYS B 191 15.65 34.63 -20.77
N ASN B 192 14.72 35.58 -20.92
CA ASN B 192 14.70 36.82 -20.16
C ASN B 192 14.40 36.56 -18.68
N GLU B 193 13.56 35.55 -18.43
CA GLU B 193 13.14 35.13 -17.09
C GLU B 193 14.32 34.53 -16.32
N MET B 194 15.17 33.80 -17.04
CA MET B 194 16.36 33.16 -16.47
C MET B 194 17.43 34.18 -16.10
N LYS B 195 17.43 35.32 -16.81
CA LYS B 195 18.35 36.42 -16.56
C LYS B 195 18.03 37.09 -15.22
N ARG B 196 16.73 37.33 -14.99
CA ARG B 196 16.28 37.96 -13.75
C ARG B 196 16.25 37.08 -12.51
N TYR B 197 16.17 35.76 -12.70
CA TYR B 197 16.14 34.81 -11.59
C TYR B 197 17.22 33.75 -11.59
N LYS B 198 18.11 33.85 -10.60
CA LYS B 198 19.24 32.93 -10.39
C LYS B 198 18.80 31.49 -10.12
N GLY B 199 17.63 31.35 -9.48
CA GLY B 199 17.05 30.07 -9.11
C GLY B 199 16.20 29.38 -10.16
N LEU B 200 16.12 29.96 -11.35
CA LEU B 200 15.38 29.34 -12.45
C LEU B 200 16.30 28.29 -13.08
N LEU B 201 16.29 27.10 -12.47
CA LEU B 201 17.10 25.97 -12.90
C LEU B 201 16.17 24.96 -13.58
N PRO B 202 16.05 25.04 -14.94
CA PRO B 202 15.15 24.14 -15.68
C PRO B 202 15.21 22.67 -15.28
N LYS B 203 16.42 22.10 -15.23
CA LYS B 203 16.61 20.69 -14.85
C LYS B 203 16.03 20.36 -13.47
N ASP B 204 16.36 21.20 -12.47
CA ASP B 204 15.92 21.03 -11.10
C ASP B 204 14.40 21.15 -10.91
N ILE B 205 13.81 22.18 -11.52
CA ILE B 205 12.36 22.42 -11.44
C ILE B 205 11.58 21.38 -12.26
N ALA B 206 12.09 21.04 -13.45
CA ALA B 206 11.46 20.05 -14.33
C ALA B 206 11.37 18.66 -13.71
N ASN B 207 12.42 18.27 -12.98
CA ASN B 207 12.47 16.99 -12.28
C ASN B 207 11.45 16.97 -11.13
N SER B 208 11.31 18.12 -10.47
CA SER B 208 10.36 18.28 -9.35
C SER B 208 8.92 18.08 -9.82
N PHE B 209 8.59 18.65 -10.98
CA PHE B 209 7.27 18.50 -11.58
C PHE B 209 7.05 17.09 -12.09
N TYR B 210 8.09 16.50 -12.69
CA TYR B 210 8.06 15.11 -13.16
C TYR B 210 7.74 14.19 -11.99
N GLU B 211 8.38 14.44 -10.85
CA GLU B 211 8.19 13.69 -9.61
C GLU B 211 6.77 13.83 -9.05
N VAL B 212 6.27 15.07 -8.98
CA VAL B 212 4.91 15.35 -8.48
C VAL B 212 3.79 14.71 -9.33
N PHE B 213 4.01 14.67 -10.66
CA PHE B 213 3.06 14.07 -11.58
C PHE B 213 3.11 12.54 -11.55
N GLU B 214 4.28 12.00 -11.22
CA GLU B 214 4.48 10.56 -11.09
C GLU B 214 3.91 10.05 -9.77
N LYS B 215 4.22 10.76 -8.68
CA LYS B 215 3.76 10.40 -7.34
C LYS B 215 2.27 10.69 -7.13
N HIS B 216 1.79 11.81 -7.68
CA HIS B 216 0.39 12.21 -7.55
C HIS B 216 -0.26 12.44 -8.93
N PRO B 217 -0.80 11.36 -9.54
CA PRO B 217 -1.42 11.45 -10.88
C PRO B 217 -2.65 12.36 -10.96
N HIS B 218 -3.27 12.62 -9.80
CA HIS B 218 -4.42 13.51 -9.74
C HIS B 218 -4.02 14.97 -9.95
N PHE B 219 -2.76 15.27 -9.63
CA PHE B 219 -2.21 16.62 -9.80
C PHE B 219 -2.01 16.97 -11.27
N ILE B 220 -1.80 15.94 -12.10
CA ILE B 220 -1.68 16.16 -13.54
C ILE B 220 -3.03 16.58 -14.11
N ASP B 221 -4.12 16.02 -13.56
CA ASP B 221 -5.49 16.38 -13.93
C ASP B 221 -5.77 17.81 -13.47
N VAL B 222 -5.27 18.14 -12.27
CA VAL B 222 -5.40 19.47 -11.71
C VAL B 222 -4.69 20.51 -12.57
N PHE B 223 -3.44 20.21 -12.95
CA PHE B 223 -2.64 21.09 -13.79
C PHE B 223 -3.24 21.31 -15.19
N VAL B 224 -3.65 20.23 -15.84
CA VAL B 224 -4.25 20.28 -17.18
C VAL B 224 -5.49 21.18 -17.16
N HIS B 225 -6.36 20.96 -16.16
CA HIS B 225 -7.56 21.74 -16.00
C HIS B 225 -7.32 23.19 -15.59
N PHE B 226 -6.21 23.42 -14.88
CA PHE B 226 -5.80 24.78 -14.53
C PHE B 226 -5.34 25.49 -15.79
N GLY B 227 -4.48 24.82 -16.57
CA GLY B 227 -3.93 25.32 -17.82
C GLY B 227 -5.00 25.75 -18.82
N ILE B 228 -6.06 24.94 -18.91
CA ILE B 228 -7.20 25.21 -19.78
C ILE B 228 -7.96 26.44 -19.24
N ALA B 229 -8.17 26.48 -17.92
CA ALA B 229 -8.84 27.59 -17.23
C ALA B 229 -8.06 28.89 -17.36
N GLN B 230 -6.74 28.78 -17.30
CA GLN B 230 -5.80 29.88 -17.45
C GLN B 230 -5.83 30.35 -18.91
N SER B 231 -5.86 29.39 -19.84
CA SER B 231 -5.92 29.69 -21.27
C SER B 231 -7.29 30.19 -21.76
N SER B 232 -8.27 30.19 -20.86
CA SER B 232 -9.63 30.68 -21.13
C SER B 232 -9.75 32.19 -20.86
N THR B 233 -8.70 32.75 -20.25
CA THR B 233 -8.62 34.16 -19.90
C THR B 233 -8.73 35.10 -21.12
N ARG B 234 -9.16 36.33 -20.86
CA ARG B 234 -9.32 37.37 -21.88
C ARG B 234 -8.00 37.99 -22.32
N GLY B 235 -7.07 38.10 -21.38
CA GLY B 235 -5.75 38.65 -21.55
C GLY B 235 -4.90 38.44 -20.31
N GLY B 236 -3.69 38.98 -20.33
CA GLY B 236 -2.78 38.88 -19.20
C GLY B 236 -1.39 39.39 -19.46
N SER B 237 -0.45 38.98 -18.61
CA SER B 237 0.97 39.36 -18.73
C SER B 237 1.64 38.58 -19.85
N ARG B 238 2.86 38.97 -20.20
CA ARG B 238 3.61 38.27 -21.24
C ARG B 238 4.04 36.87 -20.81
N VAL B 239 4.33 36.73 -19.51
CA VAL B 239 4.69 35.44 -18.89
C VAL B 239 3.49 34.50 -18.93
N GLU B 240 2.29 35.07 -18.72
CA GLU B 240 1.03 34.33 -18.80
C GLU B 240 0.74 33.91 -20.24
N GLY B 241 1.23 34.70 -21.20
CA GLY B 241 1.12 34.44 -22.62
C GLY B 241 2.07 33.33 -23.03
N ILE B 242 3.27 33.35 -22.45
CA ILE B 242 4.30 32.32 -22.68
C ILE B 242 3.75 30.98 -22.19
N PHE B 243 3.22 30.96 -20.97
CA PHE B 243 2.62 29.77 -20.36
C PHE B 243 1.54 29.19 -21.26
N ALA B 244 0.60 30.03 -21.68
CA ALA B 244 -0.52 29.64 -22.53
C ALA B 244 -0.07 28.99 -23.83
N GLY B 245 1.01 29.54 -24.41
CA GLY B 245 1.61 29.04 -25.64
C GLY B 245 2.28 27.69 -25.41
N LEU B 246 3.08 27.61 -24.35
CA LEU B 246 3.77 26.38 -23.97
C LEU B 246 2.81 25.27 -23.55
N PHE B 247 1.72 25.64 -22.89
CA PHE B 247 0.69 24.69 -22.46
C PHE B 247 -0.04 24.13 -23.67
N MET B 248 -0.27 24.98 -24.66
CA MET B 248 -0.94 24.56 -25.90
C MET B 248 -0.08 23.69 -26.82
N ASN B 249 1.23 23.69 -26.56
CA ASN B 249 2.18 22.85 -27.31
C ASN B 249 1.94 21.38 -26.92
N ALA B 250 1.39 21.18 -25.71
CA ALA B 250 1.06 19.85 -25.19
C ALA B 250 -0.15 19.23 -25.89
N TYR B 251 -1.05 20.07 -26.41
CA TYR B 251 -2.24 19.59 -27.11
C TYR B 251 -1.84 18.70 -28.28
N GLY B 252 -2.33 17.46 -28.24
CA GLY B 252 -2.06 16.46 -29.25
C GLY B 252 -0.81 15.62 -29.02
N ALA B 253 -0.32 15.59 -27.77
CA ALA B 253 0.85 14.79 -27.42
C ALA B 253 0.42 13.34 -27.25
N GLY B 254 1.24 12.42 -27.77
CA GLY B 254 0.97 11.00 -27.75
C GLY B 254 0.10 10.59 -28.92
N GLN B 255 -0.06 11.51 -29.86
CA GLN B 255 -0.87 11.31 -31.07
C GLN B 255 -0.29 12.06 -32.27
N VAL B 256 1.03 11.98 -32.41
CA VAL B 256 1.76 12.63 -33.50
C VAL B 256 1.50 11.95 -34.85
N MET B 257 1.24 10.64 -34.80
CA MET B 257 0.94 9.84 -35.98
C MET B 257 -0.33 10.30 -36.69
N LEU B 258 -1.27 10.81 -35.89
CA LEU B 258 -2.54 11.34 -36.38
C LEU B 258 -2.31 12.58 -37.23
N ARG B 259 -1.40 13.45 -36.76
CA ARG B 259 -1.06 14.70 -37.45
C ARG B 259 -0.16 14.44 -38.67
N TRP B 260 0.75 13.47 -38.53
CA TRP B 260 1.65 13.07 -39.60
C TRP B 260 0.91 12.36 -40.74
N GLY B 261 -0.24 11.76 -40.39
CA GLY B 261 -1.12 11.08 -41.31
C GLY B 261 -1.81 12.08 -42.23
N VAL B 262 -2.21 13.22 -41.66
CA VAL B 262 -2.85 14.31 -42.40
C VAL B 262 -1.80 14.94 -43.33
N LEU B 263 -0.55 15.00 -42.86
CA LEU B 263 0.58 15.54 -43.63
C LEU B 263 0.84 14.70 -44.88
N ALA B 264 0.89 13.37 -44.71
CA ALA B 264 1.10 12.42 -45.80
C ALA B 264 0.05 12.57 -46.90
N LYS B 265 -1.19 12.81 -46.47
CA LYS B 265 -2.33 13.06 -47.35
C LYS B 265 -2.16 14.41 -48.05
N SER B 266 -1.76 15.43 -47.29
CA SER B 266 -1.56 16.79 -47.77
C SER B 266 -0.45 16.91 -48.82
N VAL B 267 0.63 16.15 -48.63
CA VAL B 267 1.77 16.14 -49.56
C VAL B 267 1.52 15.16 -50.72
N LYS B 268 0.45 14.36 -50.58
CA LYS B 268 0.03 13.35 -51.57
C LYS B 268 1.10 12.27 -51.82
N ASN B 269 1.54 11.63 -50.74
CA ASN B 269 2.54 10.56 -50.81
C ASN B 269 1.93 9.36 -51.52
N ILE B 270 2.52 9.00 -52.65
CA ILE B 270 2.08 7.91 -53.51
C ILE B 270 1.77 6.57 -52.84
N MET B 271 2.60 6.21 -51.84
CA MET B 271 2.43 4.97 -51.09
C MET B 271 1.13 4.79 -50.30
N LEU B 272 0.34 5.86 -50.20
CA LEU B 272 -0.96 5.84 -49.54
C LEU B 272 -1.99 5.07 -50.37
N GLY B 273 -1.76 5.04 -51.69
CA GLY B 273 -2.61 4.35 -52.65
C GLY B 273 -2.33 2.86 -52.78
N HIS B 274 -1.31 2.38 -52.09
CA HIS B 274 -0.93 0.96 -52.09
C HIS B 274 -2.06 0.06 -51.62
N ALA B 275 -2.17 -1.12 -52.23
CA ALA B 275 -3.21 -2.11 -51.94
C ALA B 275 -3.41 -2.46 -50.47
N SER B 276 -2.30 -2.68 -49.76
CA SER B 276 -2.34 -3.04 -48.33
C SER B 276 -2.68 -1.86 -47.42
N VAL B 277 -2.43 -0.64 -47.90
CA VAL B 277 -2.74 0.60 -47.18
C VAL B 277 -4.23 0.91 -47.37
N GLN B 278 -4.73 0.64 -48.60
CA GLN B 278 -6.13 0.85 -48.95
C GLN B 278 -7.10 -0.07 -48.20
N ALA B 279 -6.61 -1.26 -47.83
CA ALA B 279 -7.40 -2.24 -47.07
C ALA B 279 -7.71 -1.74 -45.67
N GLU B 280 -6.77 -1.00 -45.09
CA GLU B 280 -6.89 -0.44 -43.74
C GLU B 280 -7.75 0.83 -43.70
N MET B 281 -7.83 1.52 -44.84
CA MET B 281 -8.55 2.79 -44.99
C MET B 281 -9.92 2.96 -44.32
N GLU B 282 -10.76 1.93 -44.44
CA GLU B 282 -12.10 1.91 -43.84
C GLU B 282 -12.02 2.15 -42.34
N GLN B 283 -11.07 1.47 -41.70
CA GLN B 283 -10.85 1.55 -40.26
C GLN B 283 -10.03 2.77 -39.81
N VAL B 284 -9.12 3.27 -40.65
CA VAL B 284 -8.31 4.45 -40.31
C VAL B 284 -9.17 5.71 -40.30
N VAL B 285 -10.19 5.72 -41.15
CA VAL B 285 -11.15 6.83 -41.24
C VAL B 285 -11.98 6.86 -39.94
N GLU B 286 -12.34 5.67 -39.45
CA GLU B 286 -13.10 5.53 -38.19
C GLU B 286 -12.44 6.26 -37.03
N VAL B 287 -11.12 6.07 -36.88
CA VAL B 287 -10.33 6.73 -35.83
C VAL B 287 -10.21 8.24 -36.05
N TYR B 288 -10.02 8.65 -37.31
CA TYR B 288 -9.95 10.07 -37.66
C TYR B 288 -11.26 10.77 -37.40
N GLU B 289 -12.37 10.10 -37.74
CA GLU B 289 -13.72 10.60 -37.50
C GLU B 289 -14.02 10.63 -35.99
N TYR B 290 -13.43 9.68 -35.26
CA TYR B 290 -13.55 9.62 -33.81
C TYR B 290 -12.80 10.78 -33.15
N ALA B 291 -11.62 11.08 -33.69
CA ALA B 291 -10.78 12.19 -33.23
C ALA B 291 -11.47 13.52 -33.51
N GLN B 292 -12.16 13.59 -34.66
CA GLN B 292 -12.93 14.75 -35.08
C GLN B 292 -14.13 14.94 -34.16
N LYS B 293 -14.76 13.82 -33.79
CA LYS B 293 -15.93 13.80 -32.89
C LYS B 293 -15.60 14.32 -31.49
N LEU B 294 -14.50 13.84 -30.92
CA LEU B 294 -14.05 14.24 -29.59
C LEU B 294 -13.66 15.72 -29.49
N GLY B 295 -13.08 16.23 -30.58
CA GLY B 295 -12.63 17.61 -30.68
C GLY B 295 -11.49 17.91 -29.71
N GLY B 296 -11.62 19.05 -29.02
CA GLY B 296 -10.64 19.53 -28.05
C GLY B 296 -10.35 18.61 -26.89
N GLU B 297 -11.36 17.83 -26.50
CA GLU B 297 -11.28 16.86 -25.40
C GLU B 297 -10.10 15.89 -25.57
N ALA B 298 -9.92 15.40 -26.80
CA ALA B 298 -8.89 14.44 -27.19
C ALA B 298 -7.43 14.91 -27.07
N GLY B 299 -7.22 16.22 -27.03
CA GLY B 299 -5.91 16.83 -26.95
C GLY B 299 -5.04 16.40 -25.80
N PHE B 300 -5.65 16.27 -24.62
CA PHE B 300 -4.92 15.87 -23.40
C PHE B 300 -5.17 14.44 -22.94
N TYR B 301 -5.69 13.61 -23.87
CA TYR B 301 -6.00 12.20 -23.63
C TYR B 301 -4.80 11.34 -23.24
N HIS B 302 -3.61 11.70 -23.72
CA HIS B 302 -2.40 10.94 -23.40
C HIS B 302 -1.66 11.52 -22.21
N ILE B 303 -1.70 12.85 -22.07
CA ILE B 303 -1.07 13.58 -20.96
C ILE B 303 -1.69 13.06 -19.64
N LEU B 304 -3.01 13.20 -19.51
CA LEU B 304 -3.76 12.59 -18.40
C LEU B 304 -3.90 11.17 -18.96
N ASN B 305 -3.67 10.14 -18.16
CA ASN B 305 -3.79 8.78 -18.70
C ASN B 305 -5.25 8.36 -18.90
N ASN B 306 -5.90 9.03 -19.86
CA ASN B 306 -7.29 8.75 -20.22
C ASN B 306 -7.35 7.37 -20.85
N PRO B 307 -8.32 6.53 -20.40
CA PRO B 307 -8.48 5.16 -20.90
C PRO B 307 -8.75 5.06 -22.39
N LYS B 308 -9.48 6.05 -22.91
CA LYS B 308 -9.85 6.12 -24.33
C LYS B 308 -8.69 6.53 -25.26
N ALA B 309 -7.54 6.91 -24.68
CA ALA B 309 -6.36 7.32 -25.45
C ALA B 309 -5.87 6.26 -26.44
N SER B 310 -6.07 4.99 -26.07
CA SER B 310 -5.69 3.84 -26.89
C SER B 310 -6.47 3.78 -28.20
N LEU B 311 -7.72 4.26 -28.17
CA LEU B 311 -8.63 4.28 -29.31
C LEU B 311 -8.18 5.17 -30.46
N LEU B 312 -7.33 6.14 -30.16
CA LEU B 312 -6.80 7.10 -31.13
C LEU B 312 -5.54 6.60 -31.86
N SER B 313 -5.10 5.38 -31.52
CA SER B 313 -3.90 4.77 -32.11
C SER B 313 -4.08 4.34 -33.56
N LEU B 314 -3.05 4.63 -34.35
CA LEU B 314 -2.98 4.23 -35.77
C LEU B 314 -2.01 3.07 -35.95
N THR B 315 -1.29 2.75 -34.86
CA THR B 315 -0.31 1.64 -34.78
C THR B 315 -0.97 0.30 -35.09
N GLN B 316 -2.27 0.21 -34.78
CA GLN B 316 -3.09 -0.97 -35.08
C GLN B 316 -3.25 -1.24 -36.60
N PHE B 317 -2.79 -0.27 -37.41
CA PHE B 317 -2.79 -0.35 -38.87
C PHE B 317 -1.33 -0.28 -39.35
N PRO B 318 -0.62 -1.44 -39.39
CA PRO B 318 0.79 -1.54 -39.76
C PRO B 318 1.20 -0.87 -41.07
N HIS B 319 0.38 -1.05 -42.11
CA HIS B 319 0.67 -0.51 -43.44
C HIS B 319 0.57 1.02 -43.52
N PHE B 320 -0.55 1.57 -43.07
CA PHE B 320 -0.79 3.02 -43.05
C PHE B 320 0.21 3.75 -42.16
N SER B 321 0.50 3.19 -40.98
CA SER B 321 1.47 3.76 -40.03
C SER B 321 2.86 3.86 -40.64
N SER B 322 3.24 2.83 -41.40
CA SER B 322 4.54 2.74 -42.06
C SER B 322 4.76 3.80 -43.13
N VAL B 323 3.76 3.99 -44.00
CA VAL B 323 3.82 5.02 -45.05
C VAL B 323 3.83 6.42 -44.43
N VAL B 324 3.06 6.59 -43.35
CA VAL B 324 2.96 7.84 -42.59
C VAL B 324 4.31 8.16 -41.93
N LEU B 325 4.93 7.14 -41.32
CA LEU B 325 6.24 7.26 -40.68
C LEU B 325 7.35 7.48 -41.71
N GLY B 326 7.20 6.86 -42.88
CA GLY B 326 8.11 6.97 -44.02
C GLY B 326 8.12 8.39 -44.55
N ASN B 327 6.93 8.91 -44.81
CA ASN B 327 6.73 10.28 -45.29
C ASN B 327 7.34 11.30 -44.33
N ALA B 328 7.20 11.05 -43.03
CA ALA B 328 7.74 11.90 -41.97
C ALA B 328 9.27 11.87 -41.95
N ALA B 329 9.85 10.73 -42.31
CA ALA B 329 11.30 10.56 -42.38
C ALA B 329 11.86 11.18 -43.65
N GLY B 330 11.14 11.00 -44.76
CA GLY B 330 11.49 11.54 -46.08
C GLY B 330 11.45 13.05 -46.12
N LEU B 331 10.54 13.64 -45.37
CA LEU B 331 10.40 15.09 -45.24
C LEU B 331 11.36 15.64 -44.17
N GLY B 332 12.07 14.72 -43.49
CA GLY B 332 13.04 15.00 -42.46
C GLY B 332 12.47 15.69 -41.23
N ILE B 333 11.27 15.28 -40.84
CA ILE B 333 10.58 15.87 -39.68
C ILE B 333 10.59 15.05 -38.39
N MET B 334 10.96 13.77 -38.48
CA MET B 334 11.09 12.91 -37.31
C MET B 334 12.54 12.86 -36.80
N GLY B 335 12.83 11.97 -35.85
CA GLY B 335 14.17 11.82 -35.29
C GLY B 335 14.42 12.78 -34.15
N GLU B 336 14.73 12.29 -32.94
CA GLU B 336 14.85 10.87 -32.64
C GLU B 336 13.53 10.28 -32.11
N TYR B 337 12.57 10.15 -33.01
CA TYR B 337 11.26 9.58 -32.69
C TYR B 337 11.43 8.06 -32.59
N ARG B 338 11.10 7.53 -31.41
CA ARG B 338 11.25 6.10 -31.11
C ARG B 338 10.19 5.16 -31.70
N GLY B 339 9.50 5.62 -32.74
CA GLY B 339 8.49 4.84 -33.44
C GLY B 339 9.14 4.01 -34.53
N THR B 340 8.78 2.72 -34.56
CA THR B 340 9.32 1.77 -35.52
C THR B 340 8.22 1.33 -36.50
N PRO B 341 8.51 1.33 -37.82
CA PRO B 341 7.52 0.90 -38.81
C PRO B 341 7.37 -0.62 -38.82
N ARG B 342 6.12 -1.09 -38.78
CA ARG B 342 5.82 -2.54 -38.79
C ARG B 342 6.11 -3.16 -40.17
N ASN B 343 5.89 -2.39 -41.23
CA ASN B 343 6.18 -2.81 -42.61
C ASN B 343 7.37 -1.96 -43.08
N GLN B 344 8.54 -2.59 -43.15
CA GLN B 344 9.76 -1.90 -43.54
C GLN B 344 9.79 -1.45 -45.01
N ASP B 345 9.31 -2.33 -45.90
CA ASP B 345 9.26 -2.06 -47.34
C ASP B 345 8.41 -0.85 -47.72
N LEU B 346 7.26 -0.71 -47.07
CA LEU B 346 6.34 0.42 -47.29
C LEU B 346 6.92 1.73 -46.75
N TYR B 347 7.64 1.63 -45.64
CA TYR B 347 8.30 2.78 -44.99
C TYR B 347 9.38 3.34 -45.92
N ASP B 348 10.25 2.45 -46.41
CA ASP B 348 11.36 2.79 -47.31
C ASP B 348 10.88 3.40 -48.63
N ALA B 349 9.77 2.86 -49.15
CA ALA B 349 9.15 3.34 -50.38
C ALA B 349 8.54 4.73 -50.21
N ALA B 350 7.93 4.96 -49.04
CA ALA B 350 7.32 6.25 -48.69
C ALA B 350 8.36 7.30 -48.38
N LYS B 351 9.46 6.89 -47.74
CA LYS B 351 10.59 7.76 -47.39
C LYS B 351 11.26 8.26 -48.68
N ALA B 352 11.40 7.35 -49.65
CA ALA B 352 11.99 7.64 -50.95
C ALA B 352 11.18 8.65 -51.75
N TYR B 353 9.87 8.46 -51.79
CA TYR B 353 8.95 9.36 -52.50
C TYR B 353 8.89 10.75 -51.87
N ALA B 354 8.90 10.78 -50.53
CA ALA B 354 8.87 12.03 -49.76
C ALA B 354 10.14 12.85 -49.96
N GLU B 355 11.27 12.15 -50.15
CA GLU B 355 12.57 12.78 -50.41
C GLU B 355 12.57 13.40 -51.81
N GLN B 356 11.85 12.76 -52.74
CA GLN B 356 11.70 13.26 -54.10
C GLN B 356 10.73 14.44 -54.20
N LEU B 357 9.80 14.51 -53.24
CA LEU B 357 8.81 15.59 -53.17
C LEU B 357 9.44 16.93 -52.81
N LYS B 358 10.46 16.90 -51.97
CA LYS B 358 11.18 18.11 -51.54
C LYS B 358 12.25 18.62 -52.53
N GLU B 359 12.21 18.09 -53.75
CA GLU B 359 13.11 18.47 -54.84
C GLU B 359 12.33 19.11 -55.98
N ASN B 360 11.10 18.63 -56.20
CA ASN B 360 10.20 19.12 -57.25
C ASN B 360 9.36 20.31 -56.74
N GLY B 361 8.26 20.58 -57.41
CA GLY B 361 7.36 21.67 -57.05
C GLY B 361 6.95 22.51 -58.25
N VAL B 362 5.87 22.09 -58.92
CA VAL B 362 5.34 22.78 -60.10
C VAL B 362 4.14 23.64 -59.70
N ILE B 363 4.02 24.81 -60.34
CA ILE B 363 2.94 25.77 -60.07
C ILE B 363 1.61 25.29 -60.68
N ASN B 364 0.57 25.25 -59.85
CA ASN B 364 -0.78 24.88 -60.28
C ASN B 364 -1.56 26.18 -60.50
N TYR B 365 -1.66 26.56 -61.77
CA TYR B 365 -2.31 27.80 -62.21
C TYR B 365 -3.84 27.80 -62.14
N SER B 366 -4.43 26.61 -62.04
CA SER B 366 -5.89 26.43 -61.96
C SER B 366 -6.48 26.87 -60.60
N VAL B 367 -5.63 26.88 -59.57
CA VAL B 367 -6.01 27.28 -58.21
C VAL B 367 -6.33 28.78 -58.13
N LEU B 368 -5.46 29.59 -58.75
CA LEU B 368 -5.61 31.04 -58.80
C LEU B 368 -6.77 31.46 -59.70
N ASP B 369 -7.44 32.56 -59.33
CA ASP B 369 -8.58 33.09 -60.08
C ASP B 369 -8.15 34.00 -61.24
N LEU B 370 -7.24 33.49 -62.07
CA LEU B 370 -6.68 34.21 -63.22
C LEU B 370 -7.67 34.32 -64.38
N THR B 371 -7.73 35.52 -64.96
CA THR B 371 -8.63 35.82 -66.09
C THR B 371 -7.90 35.60 -67.43
N ALA B 372 -7.50 36.70 -68.08
CA ALA B 372 -6.78 36.65 -69.35
C ALA B 372 -5.30 36.39 -69.04
N GLU B 373 -4.87 35.16 -69.33
CA GLU B 373 -3.51 34.72 -69.05
C GLU B 373 -2.51 34.98 -70.18
N GLU B 374 -1.46 35.73 -69.83
CA GLU B 374 -0.38 36.11 -70.73
C GLU B 374 0.96 35.77 -70.05
N LEU B 375 0.89 34.94 -69.01
CA LEU B 375 2.04 34.52 -68.22
C LEU B 375 3.01 33.59 -68.94
N GLU B 376 2.49 32.84 -69.91
CA GLU B 376 3.29 31.91 -70.71
C GLU B 376 4.34 32.64 -71.55
N ALA C 2 -12.40 6.99 -47.47
CA ALA C 2 -11.83 7.95 -48.40
C ALA C 2 -10.70 8.74 -47.75
N LEU C 3 -9.68 9.05 -48.55
CA LEU C 3 -8.52 9.84 -48.10
C LEU C 3 -8.86 11.30 -47.85
N SER C 4 -10.07 11.72 -48.25
CA SER C 4 -10.57 13.06 -48.03
C SER C 4 -10.98 13.23 -46.57
N LYS C 5 -11.40 12.11 -45.97
CA LYS C 5 -11.85 12.04 -44.58
C LYS C 5 -10.71 12.11 -43.54
N VAL C 6 -9.49 11.78 -43.97
CA VAL C 6 -8.32 11.84 -43.10
C VAL C 6 -7.86 13.29 -42.87
N LYS C 7 -8.53 13.94 -41.92
CA LYS C 7 -8.26 15.32 -41.53
C LYS C 7 -8.53 15.52 -40.04
N LEU C 8 -8.03 16.63 -39.51
CA LEU C 8 -8.19 16.99 -38.11
C LEU C 8 -8.04 18.51 -37.98
N ASN C 9 -9.13 19.17 -37.55
CA ASN C 9 -9.13 20.63 -37.42
C ASN C 9 -8.66 21.03 -36.03
N ASP C 10 -7.34 20.97 -35.83
CA ASP C 10 -6.69 21.31 -34.56
C ASP C 10 -6.94 22.74 -34.09
N THR C 11 -6.97 23.69 -35.02
CA THR C 11 -7.19 25.10 -34.72
C THR C 11 -8.57 25.33 -34.08
N LEU C 12 -9.60 24.75 -34.69
CA LEU C 12 -10.98 24.85 -34.22
C LEU C 12 -11.21 24.09 -32.91
N ASN C 13 -10.63 22.90 -32.81
CA ASN C 13 -10.74 22.04 -31.63
C ASN C 13 -10.06 22.63 -30.40
N LYS C 14 -8.89 23.26 -30.59
CA LYS C 14 -8.15 23.91 -29.50
C LYS C 14 -8.95 25.06 -28.91
N ASP C 15 -9.59 25.84 -29.79
CA ASP C 15 -10.46 26.94 -29.41
C ASP C 15 -11.69 26.41 -28.66
N GLN C 16 -12.28 25.34 -29.19
CA GLN C 16 -13.43 24.66 -28.60
C GLN C 16 -13.15 24.24 -27.15
N LEU C 17 -11.95 23.69 -26.92
CA LEU C 17 -11.49 23.25 -25.61
C LEU C 17 -11.41 24.42 -24.62
N LEU C 18 -10.88 25.55 -25.09
CA LEU C 18 -10.72 26.74 -24.26
C LEU C 18 -12.03 27.50 -24.04
N SER C 19 -12.91 27.48 -25.04
CA SER C 19 -14.21 28.14 -24.96
C SER C 19 -15.18 27.39 -24.05
N SER C 20 -14.96 26.08 -23.91
CA SER C 20 -15.81 25.22 -23.08
C SER C 20 -15.17 24.74 -21.78
N SER C 21 -14.49 25.64 -21.08
CA SER C 21 -13.85 25.31 -19.80
C SER C 21 -14.90 25.22 -18.69
N LYS C 22 -14.86 24.13 -17.93
CA LYS C 22 -15.82 23.90 -16.84
C LYS C 22 -15.42 24.66 -15.56
N TYR C 23 -14.14 25.04 -15.49
CA TYR C 23 -13.56 25.70 -14.33
C TYR C 23 -12.91 27.04 -14.68
N THR C 24 -12.72 27.88 -13.67
CA THR C 24 -12.19 29.24 -13.86
C THR C 24 -11.11 29.65 -12.86
N ILE C 25 -10.16 30.45 -13.34
CA ILE C 25 -9.10 31.02 -12.50
C ILE C 25 -9.37 32.50 -12.21
N GLN C 26 -8.96 32.94 -11.03
CA GLN C 26 -9.10 34.33 -10.61
C GLN C 26 -7.77 34.82 -10.08
N ARG C 27 -7.27 35.89 -10.70
CA ARG C 27 -5.96 36.45 -10.40
C ARG C 27 -5.98 37.61 -9.42
N SER C 28 -4.99 37.65 -8.53
CA SER C 28 -4.86 38.74 -7.57
C SER C 28 -4.10 39.89 -8.22
N THR C 29 -4.75 41.06 -8.30
CA THR C 29 -4.17 42.27 -8.90
C THR C 29 -3.05 42.89 -8.07
N GLY C 30 -3.11 42.65 -6.76
CA GLY C 30 -2.15 43.17 -5.80
C GLY C 30 -2.92 43.56 -4.55
N ASP C 31 -2.73 44.79 -4.10
CA ASP C 31 -3.41 45.27 -2.90
C ASP C 31 -4.69 46.05 -3.12
N SER C 32 -4.63 47.13 -3.92
CA SER C 32 -5.79 47.97 -4.20
C SER C 32 -5.72 48.67 -5.54
N ILE C 33 -6.89 48.83 -6.17
CA ILE C 33 -7.04 49.54 -7.45
C ILE C 33 -8.02 50.69 -7.22
N ASP C 34 -7.60 51.89 -7.61
CA ASP C 34 -8.44 53.09 -7.52
C ASP C 34 -9.48 52.98 -8.63
N THR C 35 -10.75 53.05 -8.23
CA THR C 35 -11.86 52.98 -9.17
C THR C 35 -12.62 54.31 -9.12
N PRO C 36 -12.15 55.33 -9.88
CA PRO C 36 -12.84 56.62 -9.82
C PRO C 36 -14.15 56.61 -10.60
N ASN C 37 -15.16 57.27 -10.04
CA ASN C 37 -16.47 57.38 -10.66
C ASN C 37 -16.56 58.70 -11.42
N TYR C 38 -17.68 58.90 -12.11
CA TYR C 38 -17.95 60.08 -12.94
C TYR C 38 -17.77 61.43 -12.24
N ASP C 39 -18.03 61.47 -10.93
CA ASP C 39 -17.90 62.69 -10.13
C ASP C 39 -16.48 63.27 -10.09
N VAL C 40 -15.50 62.38 -10.17
CA VAL C 40 -14.08 62.69 -10.12
C VAL C 40 -13.45 62.95 -11.50
N GLN C 41 -14.20 62.63 -12.57
CA GLN C 41 -13.78 62.76 -13.97
C GLN C 41 -13.25 64.14 -14.36
N LYS C 42 -13.99 65.19 -13.99
CA LYS C 42 -13.62 66.58 -14.29
C LYS C 42 -12.30 66.98 -13.62
N HIS C 43 -12.08 66.49 -12.40
CA HIS C 43 -10.87 66.74 -11.63
C HIS C 43 -9.64 66.10 -12.28
N ILE C 44 -9.80 64.89 -12.80
CA ILE C 44 -8.71 64.17 -13.47
C ILE C 44 -8.35 64.86 -14.79
N ASN C 45 -9.36 65.35 -15.50
CA ASN C 45 -9.16 66.09 -16.76
C ASN C 45 -8.34 67.35 -16.51
N LYS C 46 -8.59 68.01 -15.37
CA LYS C 46 -7.87 69.21 -14.95
C LYS C 46 -6.42 68.84 -14.63
N LEU C 47 -6.23 67.68 -14.00
CA LEU C 47 -4.91 67.15 -13.65
C LEU C 47 -4.11 66.80 -14.90
N CYS C 48 -4.80 66.28 -15.92
CA CYS C 48 -4.23 65.95 -17.22
C CYS C 48 -3.76 67.23 -17.90
N GLY C 49 -4.61 68.26 -17.82
CA GLY C 49 -4.37 69.58 -18.38
C GLY C 49 -3.19 70.27 -17.73
N MET C 50 -3.02 70.04 -16.42
CA MET C 50 -1.92 70.60 -15.64
C MET C 50 -0.57 70.10 -16.14
N LEU C 51 -0.52 68.81 -16.50
CA LEU C 51 0.68 68.18 -17.05
C LEU C 51 0.94 68.66 -18.49
N LEU C 52 -0.15 68.93 -19.21
CA LEU C 52 -0.07 69.40 -20.59
C LEU C 52 0.38 70.85 -20.74
N ILE C 53 0.07 71.68 -19.75
CA ILE C 53 0.49 73.10 -19.77
C ILE C 53 1.92 73.28 -19.27
N THR C 54 2.37 72.32 -18.45
CA THR C 54 3.72 72.32 -17.87
C THR C 54 4.81 72.10 -18.91
N GLU C 55 5.65 73.13 -19.08
CA GLU C 55 6.79 73.08 -19.99
C GLU C 55 7.82 72.15 -19.34
N ASP C 56 8.27 71.15 -20.10
CA ASP C 56 9.21 70.12 -19.64
C ASP C 56 8.67 69.40 -18.38
N ALA C 57 7.46 68.87 -18.53
CA ALA C 57 6.74 68.18 -17.46
C ALA C 57 7.30 66.81 -17.12
N ASN C 58 7.09 66.40 -15.87
CA ASN C 58 7.50 65.09 -15.39
C ASN C 58 6.35 64.11 -15.66
N HIS C 59 6.49 63.37 -16.76
CA HIS C 59 5.47 62.41 -17.18
C HIS C 59 5.65 61.01 -16.59
N LYS C 60 6.16 60.94 -15.36
CA LYS C 60 6.39 59.69 -14.64
C LYS C 60 5.06 59.05 -14.24
N PHE C 61 4.06 59.90 -14.00
CA PHE C 61 2.75 59.48 -13.52
C PHE C 61 1.61 59.60 -14.52
N THR C 62 1.90 60.14 -15.70
CA THR C 62 0.93 60.36 -16.77
C THR C 62 0.24 59.09 -17.29
N GLY C 63 0.97 57.97 -17.31
CA GLY C 63 0.46 56.67 -17.71
C GLY C 63 -0.64 56.22 -16.77
N LEU C 64 -0.39 56.40 -15.47
CA LEU C 64 -1.33 56.05 -14.41
C LEU C 64 -2.50 57.04 -14.35
N ILE C 65 -2.21 58.34 -14.49
CA ILE C 65 -3.21 59.42 -14.50
C ILE C 65 -4.15 59.23 -15.70
N GLY C 66 -3.58 58.85 -16.83
CA GLY C 66 -4.31 58.55 -18.07
C GLY C 66 -5.29 57.41 -17.84
N MET C 67 -4.84 56.38 -17.13
CA MET C 67 -5.67 55.22 -16.78
C MET C 67 -6.81 55.59 -15.85
N LEU C 68 -6.55 56.51 -14.93
CA LEU C 68 -7.55 57.00 -13.99
C LEU C 68 -8.66 57.77 -14.72
N TYR C 69 -8.28 58.53 -15.74
CA TYR C 69 -9.24 59.28 -16.56
C TYR C 69 -10.13 58.33 -17.36
N ALA C 70 -9.54 57.28 -17.92
CA ALA C 70 -10.27 56.26 -18.68
C ALA C 70 -11.25 55.53 -17.78
N MET C 71 -10.83 55.28 -16.53
CA MET C 71 -11.65 54.61 -15.53
C MET C 71 -12.78 55.51 -15.03
N SER C 72 -12.51 56.81 -14.93
CA SER C 72 -13.51 57.80 -14.51
C SER C 72 -14.58 58.03 -15.58
N ARG C 73 -14.21 57.76 -16.84
CA ARG C 73 -15.14 57.85 -17.97
C ARG C 73 -16.06 56.62 -17.96
N LEU C 74 -15.48 55.47 -17.63
CA LEU C 74 -16.22 54.21 -17.50
C LEU C 74 -17.11 54.23 -16.27
N GLY C 75 -16.59 54.81 -15.17
CA GLY C 75 -17.28 54.95 -13.89
C GLY C 75 -17.18 53.70 -13.04
N ARG C 76 -16.84 53.89 -11.77
CA ARG C 76 -16.64 52.82 -10.76
C ARG C 76 -17.30 51.46 -11.04
N GLU C 77 -18.62 51.45 -11.19
CA GLU C 77 -19.40 50.22 -11.45
C GLU C 77 -18.91 49.42 -12.66
N ASP C 78 -18.80 50.09 -13.81
CA ASP C 78 -18.33 49.47 -15.05
C ASP C 78 -16.87 49.03 -15.00
N THR C 79 -15.99 49.88 -14.47
CA THR C 79 -14.56 49.52 -14.34
C THR C 79 -14.31 48.28 -13.47
N ILE C 80 -15.04 48.15 -12.36
CA ILE C 80 -14.98 46.97 -11.48
C ILE C 80 -15.45 45.74 -12.27
N LYS C 81 -16.53 45.91 -13.02
CA LYS C 81 -17.09 44.85 -13.87
C LYS C 81 -16.09 44.36 -14.91
N ILE C 82 -15.37 45.29 -15.57
CA ILE C 82 -14.36 44.94 -16.56
C ILE C 82 -13.17 44.22 -15.96
N LEU C 83 -12.81 44.59 -14.72
CA LEU C 83 -11.71 43.95 -14.00
C LEU C 83 -12.08 42.53 -13.57
N ARG C 84 -13.32 42.34 -13.14
CA ARG C 84 -13.82 41.04 -12.70
C ARG C 84 -14.04 40.09 -13.88
N ASP C 85 -14.56 40.63 -14.99
CA ASP C 85 -14.78 39.86 -16.22
C ASP C 85 -13.47 39.41 -16.87
N ALA C 86 -12.42 40.21 -16.67
CA ALA C 86 -11.07 39.91 -17.19
C ALA C 86 -10.42 38.74 -16.44
N GLY C 87 -10.86 38.54 -15.19
CA GLY C 87 -10.38 37.47 -14.32
C GLY C 87 -9.52 37.96 -13.17
N TYR C 88 -9.87 39.11 -12.60
CA TYR C 88 -9.10 39.68 -11.49
C TYR C 88 -9.91 39.92 -10.23
N HIS C 89 -9.28 39.66 -9.09
CA HIS C 89 -9.85 39.89 -7.76
C HIS C 89 -9.51 41.32 -7.40
N VAL C 90 -10.54 42.16 -7.28
CA VAL C 90 -10.34 43.58 -7.03
C VAL C 90 -10.81 44.18 -5.70
N LYS C 91 -9.86 44.84 -5.03
CA LYS C 91 -10.12 45.58 -3.80
C LYS C 91 -10.20 47.03 -4.29
N ALA C 92 -11.44 47.46 -4.53
CA ALA C 92 -11.72 48.78 -5.07
C ALA C 92 -11.50 49.91 -4.07
N ASN C 93 -10.77 50.93 -4.52
CA ASN C 93 -10.49 52.12 -3.73
C ASN C 93 -11.34 53.27 -4.27
N GLY C 94 -12.16 53.85 -3.39
CA GLY C 94 -13.04 54.96 -3.73
C GLY C 94 -12.29 56.27 -3.81
N VAL C 95 -12.35 56.92 -4.97
CA VAL C 95 -11.67 58.19 -5.20
C VAL C 95 -12.61 59.35 -4.88
N ASP C 96 -12.18 60.17 -3.92
CA ASP C 96 -12.94 61.34 -3.47
C ASP C 96 -12.05 62.58 -3.48
N VAL C 97 -12.66 63.76 -3.63
CA VAL C 97 -11.94 65.02 -3.64
C VAL C 97 -11.88 65.59 -2.22
N THR C 98 -10.66 65.91 -1.77
CA THR C 98 -10.40 66.48 -0.45
C THR C 98 -9.47 67.69 -0.58
N THR C 99 -9.65 68.65 0.31
CA THR C 99 -8.82 69.86 0.33
C THR C 99 -7.63 69.64 1.27
N HIS C 100 -6.44 69.81 0.73
CA HIS C 100 -5.20 69.65 1.49
C HIS C 100 -4.50 70.99 1.70
N ARG C 101 -4.20 71.29 2.96
CA ARG C 101 -3.51 72.53 3.34
C ARG C 101 -2.06 72.24 3.67
N GLN C 102 -1.16 72.87 2.91
CA GLN C 102 0.28 72.71 3.09
C GLN C 102 0.97 74.05 2.81
N ASP C 103 1.91 74.41 3.69
CA ASP C 103 2.66 75.65 3.57
C ASP C 103 3.89 75.53 2.67
N ILE C 104 3.72 75.95 1.42
CA ILE C 104 4.78 75.94 0.41
C ILE C 104 5.39 77.35 0.38
N ASN C 105 6.71 77.39 0.63
CA ASN C 105 7.51 78.63 0.72
C ASN C 105 7.02 79.60 1.80
N GLY C 106 6.64 79.03 2.96
CA GLY C 106 6.14 79.76 4.11
C GLY C 106 4.65 80.00 4.10
N LYS C 107 4.13 80.45 2.95
CA LYS C 107 2.71 80.75 2.76
C LYS C 107 1.87 79.47 2.70
N GLU C 108 0.86 79.40 3.57
CA GLU C 108 -0.06 78.26 3.63
C GLU C 108 -0.97 78.26 2.40
N MET C 109 -0.96 77.14 1.68
CA MET C 109 -1.73 76.99 0.44
C MET C 109 -2.74 75.85 0.47
N LYS C 110 -3.83 76.04 -0.26
CA LYS C 110 -4.90 75.05 -0.39
C LYS C 110 -4.82 74.34 -1.73
N PHE C 111 -5.06 73.03 -1.72
CA PHE C 111 -5.03 72.20 -2.92
C PHE C 111 -6.16 71.19 -2.94
N GLU C 112 -6.76 71.00 -4.11
CA GLU C 112 -7.83 70.02 -4.29
C GLU C 112 -7.16 68.74 -4.79
N VAL C 113 -7.11 67.74 -3.91
CA VAL C 113 -6.47 66.45 -4.22
C VAL C 113 -7.45 65.28 -4.20
N LEU C 114 -7.02 64.18 -4.82
CA LEU C 114 -7.82 62.96 -4.88
C LEU C 114 -7.29 61.91 -3.91
N THR C 115 -8.20 61.15 -3.31
CA THR C 115 -7.84 60.08 -2.38
C THR C 115 -7.46 58.84 -3.18
N LEU C 116 -6.22 58.85 -3.65
CA LEU C 116 -5.66 57.78 -4.47
C LEU C 116 -4.57 57.02 -3.74
N ALA C 117 -4.55 55.70 -3.95
CA ALA C 117 -3.55 54.82 -3.36
C ALA C 117 -2.30 54.82 -4.23
N SER C 118 -2.53 54.75 -5.55
CA SER C 118 -1.47 54.74 -6.56
C SER C 118 -0.72 56.08 -6.65
N LEU C 119 -1.42 57.17 -6.36
CA LEU C 119 -0.84 58.51 -6.42
C LEU C 119 -0.89 59.25 -5.09
N THR C 120 0.28 59.66 -4.60
CA THR C 120 0.44 60.38 -3.34
C THR C 120 -0.12 61.79 -3.45
N THR C 121 -0.65 62.30 -2.34
CA THR C 121 -1.17 63.67 -2.26
C THR C 121 -0.03 64.67 -2.36
N GLU C 122 1.16 64.23 -1.96
CA GLU C 122 2.39 65.01 -2.01
C GLU C 122 2.87 65.18 -3.45
N ILE C 123 2.64 64.15 -4.28
CA ILE C 123 3.04 64.21 -5.69
C ILE C 123 2.00 64.92 -6.55
N GLN C 124 0.74 64.89 -6.10
CA GLN C 124 -0.39 65.52 -6.77
C GLN C 124 -0.27 67.05 -6.70
N ILE C 125 0.13 67.55 -5.53
CA ILE C 125 0.32 68.99 -5.28
C ILE C 125 1.45 69.56 -6.12
N ASN C 126 2.50 68.75 -6.32
CA ASN C 126 3.66 69.12 -7.12
C ASN C 126 3.34 69.28 -8.61
N ILE C 127 2.33 68.54 -9.09
CA ILE C 127 1.86 68.64 -10.48
C ILE C 127 1.17 70.01 -10.64
N GLU C 128 0.37 70.39 -9.64
CA GLU C 128 -0.33 71.68 -9.60
C GLU C 128 0.66 72.84 -9.41
N ILE C 129 1.67 72.63 -8.56
CA ILE C 129 2.71 73.63 -8.28
C ILE C 129 3.50 74.01 -9.55
N GLU C 130 3.99 72.99 -10.25
CA GLU C 130 4.76 73.19 -11.49
C GLU C 130 3.93 73.71 -12.65
N SER C 131 2.63 73.42 -12.64
CA SER C 131 1.71 73.90 -13.67
C SER C 131 1.44 75.38 -13.52
N ARG C 132 1.27 75.82 -12.26
CA ARG C 132 1.04 77.22 -11.91
C ARG C 132 2.22 78.10 -12.34
N LYS C 133 3.43 77.55 -12.21
CA LYS C 133 4.67 78.21 -12.63
C LYS C 133 4.65 78.42 -14.14
N SER C 134 4.28 77.36 -14.87
CA SER C 134 4.18 77.38 -16.33
C SER C 134 3.01 78.23 -16.83
N TYR C 135 1.97 78.36 -16.00
CA TYR C 135 0.79 79.15 -16.31
C TYR C 135 1.07 80.65 -16.19
N LYS C 136 1.78 81.04 -15.13
CA LYS C 136 2.11 82.45 -14.90
C LYS C 136 3.14 82.98 -15.90
N LYS C 137 4.01 82.08 -16.38
CA LYS C 137 5.01 82.37 -17.40
C LYS C 137 4.30 82.55 -18.74
N MET C 138 3.27 81.74 -18.96
CA MET C 138 2.43 81.76 -20.15
C MET C 138 1.55 83.01 -20.17
N LEU C 139 1.09 83.42 -18.98
CA LEU C 139 0.25 84.61 -18.81
C LEU C 139 1.07 85.89 -19.02
N LYS C 140 2.37 85.81 -18.70
CA LYS C 140 3.31 86.91 -18.87
C LYS C 140 3.69 87.10 -20.34
N GLU C 141 3.67 86.00 -21.09
CA GLU C 141 4.03 85.99 -22.52
C GLU C 141 2.91 86.42 -23.47
N MET C 142 1.69 85.98 -23.20
CA MET C 142 0.54 86.30 -24.06
C MET C 142 -0.56 87.18 -23.47
N GLY C 143 -0.36 87.64 -22.23
CA GLY C 143 -1.31 88.50 -21.53
C GLY C 143 -2.52 87.74 -21.03
N GLU C 144 -3.38 87.34 -21.96
CA GLU C 144 -4.60 86.58 -21.68
C GLU C 144 -4.48 85.21 -22.32
N VAL C 145 -4.76 84.16 -21.53
CA VAL C 145 -4.68 82.77 -22.02
C VAL C 145 -6.01 82.25 -22.56
N ALA C 146 -5.99 81.89 -23.84
CA ALA C 146 -7.15 81.39 -24.57
C ALA C 146 -7.64 80.04 -24.03
N PRO C 147 -8.93 79.67 -24.28
CA PRO C 147 -9.46 78.39 -23.80
C PRO C 147 -8.75 77.14 -24.34
N GLU C 148 -8.10 77.29 -25.50
CA GLU C 148 -7.36 76.20 -26.16
C GLU C 148 -6.02 75.89 -25.47
N TYR C 149 -5.41 76.93 -24.90
CA TYR C 149 -4.10 76.81 -24.25
C TYR C 149 -4.12 76.42 -22.76
N ARG C 150 -5.31 76.49 -22.14
CA ARG C 150 -5.47 76.19 -20.71
C ARG C 150 -5.79 74.74 -20.32
N HIS C 151 -5.55 74.45 -19.04
CA HIS C 151 -5.78 73.13 -18.44
C HIS C 151 -7.26 72.74 -18.26
N ASP C 152 -8.14 73.74 -18.26
CA ASP C 152 -9.59 73.57 -18.11
C ASP C 152 -10.25 72.79 -19.24
N SER C 153 -9.71 72.95 -20.45
CA SER C 153 -10.23 72.34 -21.68
C SER C 153 -10.62 70.86 -21.54
N PRO C 154 -11.82 70.50 -22.03
CA PRO C 154 -12.33 69.12 -21.96
C PRO C 154 -11.51 68.09 -22.77
N ASP C 155 -10.74 68.60 -23.73
CA ASP C 155 -9.90 67.78 -24.60
C ASP C 155 -8.71 67.15 -23.87
N CYS C 156 -8.20 67.87 -22.87
CA CYS C 156 -7.02 67.48 -22.06
C CYS C 156 -6.83 65.99 -21.73
N GLY C 157 -7.82 65.39 -21.07
CA GLY C 157 -7.79 63.99 -20.70
C GLY C 157 -7.65 63.08 -21.91
N MET C 158 -8.46 63.35 -22.92
CA MET C 158 -8.47 62.59 -24.18
C MET C 158 -7.22 62.78 -25.03
N ILE C 159 -6.58 63.95 -24.91
CA ILE C 159 -5.32 64.25 -25.62
C ILE C 159 -4.24 63.29 -25.12
N ILE C 160 -4.18 63.13 -23.80
CA ILE C 160 -3.25 62.20 -23.15
C ILE C 160 -3.55 60.75 -23.57
N LEU C 161 -4.85 60.40 -23.60
CA LEU C 161 -5.27 59.07 -24.02
C LEU C 161 -5.07 58.79 -25.51
N CYS C 162 -4.82 59.84 -26.29
CA CYS C 162 -4.55 59.71 -27.73
C CYS C 162 -3.20 59.04 -27.97
N ILE C 163 -2.20 59.41 -27.17
CA ILE C 163 -0.89 58.77 -27.27
C ILE C 163 -0.90 57.38 -26.64
N ALA C 164 -1.85 57.15 -25.73
CA ALA C 164 -2.06 55.83 -25.10
C ALA C 164 -2.60 54.86 -26.14
N ALA C 165 -3.39 55.38 -27.08
CA ALA C 165 -3.95 54.63 -28.19
C ALA C 165 -2.83 54.29 -29.20
N LEU C 166 -1.84 55.18 -29.28
CA LEU C 166 -0.68 54.98 -30.16
C LEU C 166 0.26 53.93 -29.58
N VAL C 167 0.38 53.90 -28.25
CA VAL C 167 1.20 52.91 -27.52
C VAL C 167 0.56 51.53 -27.72
N ILE C 168 -0.77 51.48 -27.56
CA ILE C 168 -1.55 50.27 -27.74
C ILE C 168 -1.44 49.73 -29.17
N THR C 169 -1.23 50.64 -30.12
CA THR C 169 -1.07 50.34 -31.54
C THR C 169 0.19 49.51 -31.82
N LYS C 170 1.25 49.79 -31.05
CA LYS C 170 2.55 49.13 -31.19
C LYS C 170 2.93 48.15 -30.07
N LEU C 171 1.94 47.74 -29.27
CA LEU C 171 2.18 46.78 -28.17
C LEU C 171 2.42 45.35 -28.62
N ALA C 172 2.03 45.05 -29.87
CA ALA C 172 2.17 43.73 -30.49
C ALA C 172 3.63 43.24 -30.56
N ALA C 173 4.56 44.20 -30.70
CA ALA C 173 5.99 43.93 -30.73
C ALA C 173 6.49 43.49 -29.34
N GLY C 174 5.84 44.02 -28.30
CA GLY C 174 6.10 43.73 -26.89
C GLY C 174 7.50 44.01 -26.37
N ASP C 175 8.12 45.10 -26.82
CA ASP C 175 9.47 45.48 -26.40
C ASP C 175 9.81 46.98 -26.47
N ARG C 176 8.78 47.83 -26.58
CA ARG C 176 8.93 49.29 -26.69
C ARG C 176 9.63 49.77 -27.98
N SER C 177 9.79 48.86 -28.94
CA SER C 177 10.43 49.15 -30.21
C SER C 177 9.63 50.15 -31.06
N GLY C 178 8.30 50.10 -30.91
CA GLY C 178 7.37 50.95 -31.60
C GLY C 178 7.41 52.43 -31.23
N LEU C 179 8.03 52.74 -30.08
CA LEU C 179 8.16 54.11 -29.56
C LEU C 179 8.50 55.20 -30.60
N THR C 180 9.42 54.88 -31.50
CA THR C 180 9.83 55.79 -32.58
C THR C 180 8.64 56.14 -33.49
N ALA C 181 7.88 55.11 -33.86
CA ALA C 181 6.67 55.28 -34.69
C ALA C 181 5.56 55.98 -33.91
N VAL C 182 5.50 55.71 -32.61
CA VAL C 182 4.53 56.31 -31.69
C VAL C 182 4.73 57.83 -31.67
N ILE C 183 5.99 58.27 -31.53
CA ILE C 183 6.36 59.68 -31.52
C ILE C 183 6.08 60.30 -32.90
N ARG C 184 6.56 59.63 -33.95
CA ARG C 184 6.39 60.06 -35.34
C ARG C 184 4.93 60.37 -35.68
N ARG C 185 4.05 59.42 -35.39
CA ARG C 185 2.62 59.56 -35.63
C ARG C 185 1.95 60.62 -34.75
N ALA C 186 2.43 60.74 -33.51
CA ALA C 186 1.94 61.74 -32.55
C ALA C 186 2.26 63.17 -33.00
N ASN C 187 3.15 63.28 -33.99
CA ASN C 187 3.54 64.56 -34.56
C ASN C 187 2.76 64.89 -35.83
N ASN C 188 2.51 63.87 -36.67
CA ASN C 188 1.75 64.02 -37.92
C ASN C 188 0.27 64.26 -37.57
N VAL C 189 -0.29 63.33 -36.81
CA VAL C 189 -1.65 63.42 -36.24
C VAL C 189 -1.36 64.17 -34.95
N LEU C 190 -2.37 64.80 -34.33
CA LEU C 190 -2.18 65.50 -33.05
C LEU C 190 -1.22 66.71 -33.09
N LYS C 191 -1.02 67.28 -34.27
CA LYS C 191 -0.11 68.43 -34.47
C LYS C 191 -0.63 69.73 -33.85
N ASN C 192 -1.94 69.96 -34.00
CA ASN C 192 -2.62 71.14 -33.47
C ASN C 192 -2.63 71.11 -31.93
N GLU C 193 -2.76 69.90 -31.38
CA GLU C 193 -2.79 69.65 -29.94
C GLU C 193 -1.45 69.96 -29.29
N MET C 194 -0.36 69.67 -30.02
CA MET C 194 1.00 69.92 -29.57
C MET C 194 1.34 71.41 -29.56
N LYS C 195 0.66 72.16 -30.44
CA LYS C 195 0.81 73.61 -30.54
C LYS C 195 0.25 74.30 -29.30
N ARG C 196 -0.93 73.85 -28.88
CA ARG C 196 -1.62 74.41 -27.71
C ARG C 196 -1.07 73.96 -26.35
N TYR C 197 -0.41 72.80 -26.31
CA TYR C 197 0.16 72.28 -25.07
C TYR C 197 1.65 71.99 -25.08
N LYS C 198 2.37 72.79 -24.29
CA LYS C 198 3.84 72.69 -24.14
C LYS C 198 4.29 71.35 -23.56
N GLY C 199 3.45 70.76 -22.71
CA GLY C 199 3.69 69.50 -22.02
C GLY C 199 3.32 68.24 -22.78
N LEU C 200 2.87 68.39 -24.03
CA LEU C 200 2.55 67.24 -24.86
C LEU C 200 3.86 66.73 -25.45
N LEU C 201 4.54 65.90 -24.67
CA LEU C 201 5.83 65.31 -25.02
C LEU C 201 5.59 63.84 -25.37
N PRO C 202 5.39 63.52 -26.67
CA PRO C 202 5.10 62.13 -27.09
C PRO C 202 5.99 61.06 -26.47
N LYS C 203 7.32 61.26 -26.53
CA LYS C 203 8.29 60.31 -25.96
C LYS C 203 8.06 60.06 -24.46
N ASP C 204 7.92 61.15 -23.70
CA ASP C 204 7.72 61.10 -22.25
C ASP C 204 6.41 60.43 -21.83
N ILE C 205 5.31 60.80 -22.49
CA ILE C 205 3.99 60.23 -22.20
C ILE C 205 3.88 58.79 -22.69
N ALA C 206 4.43 58.51 -23.87
CA ALA C 206 4.42 57.15 -24.45
C ALA C 206 5.15 56.14 -23.60
N ASN C 207 6.28 56.55 -23.02
CA ASN C 207 7.07 55.69 -22.13
C ASN C 207 6.31 55.41 -20.83
N SER C 208 5.57 56.41 -20.36
CA SER C 208 4.76 56.29 -19.14
C SER C 208 3.66 55.26 -19.31
N PHE C 209 3.01 55.27 -20.48
CA PHE C 209 1.96 54.30 -20.81
C PHE C 209 2.55 52.91 -21.03
N TYR C 210 3.70 52.86 -21.69
CA TYR C 210 4.43 51.61 -21.90
C TYR C 210 4.74 50.96 -20.56
N GLU C 211 5.19 51.78 -19.61
CA GLU C 211 5.52 51.35 -18.25
C GLU C 211 4.29 50.83 -17.48
N VAL C 212 3.19 51.59 -17.54
CA VAL C 212 1.94 51.20 -16.86
C VAL C 212 1.33 49.89 -17.39
N PHE C 213 1.46 49.66 -18.70
CA PHE C 213 0.96 48.45 -19.35
C PHE C 213 1.86 47.25 -19.06
N GLU C 214 3.16 47.51 -18.85
CA GLU C 214 4.13 46.48 -18.53
C GLU C 214 4.01 46.07 -17.05
N LYS C 215 3.93 47.07 -16.17
CA LYS C 215 3.81 46.85 -14.73
C LYS C 215 2.43 46.33 -14.32
N HIS C 216 1.38 46.85 -14.96
CA HIS C 216 0.00 46.46 -14.66
C HIS C 216 -0.72 45.97 -15.92
N PRO C 217 -0.60 44.67 -16.24
CA PRO C 217 -1.23 44.09 -17.45
C PRO C 217 -2.76 44.15 -17.47
N HIS C 218 -3.36 44.31 -16.29
CA HIS C 218 -4.82 44.42 -16.17
C HIS C 218 -5.31 45.77 -16.68
N PHE C 219 -4.42 46.78 -16.64
CA PHE C 219 -4.73 48.12 -17.13
C PHE C 219 -4.84 48.17 -18.64
N ILE C 220 -4.14 47.25 -19.31
CA ILE C 220 -4.22 47.15 -20.77
C ILE C 220 -5.61 46.63 -21.16
N ASP C 221 -6.16 45.74 -20.34
CA ASP C 221 -7.51 45.20 -20.52
C ASP C 221 -8.53 46.33 -20.27
N VAL C 222 -8.24 47.14 -19.25
CA VAL C 222 -9.07 48.29 -18.89
C VAL C 222 -9.10 49.30 -20.04
N PHE C 223 -7.92 49.63 -20.56
CA PHE C 223 -7.80 50.58 -21.67
C PHE C 223 -8.48 50.11 -22.96
N VAL C 224 -8.25 48.86 -23.34
CA VAL C 224 -8.85 48.27 -24.54
C VAL C 224 -10.37 48.33 -24.46
N HIS C 225 -10.91 47.93 -23.31
CA HIS C 225 -12.35 47.96 -23.07
C HIS C 225 -12.94 49.36 -22.96
N PHE C 226 -12.11 50.30 -22.50
CA PHE C 226 -12.51 51.71 -22.45
C PHE C 226 -12.60 52.23 -23.88
N GLY C 227 -11.55 51.97 -24.67
CA GLY C 227 -11.44 52.39 -26.06
C GLY C 227 -12.61 51.92 -26.91
N ILE C 228 -13.04 50.67 -26.69
CA ILE C 228 -14.19 50.08 -27.38
C ILE C 228 -15.47 50.80 -26.93
N ALA C 229 -15.59 51.03 -25.61
CA ALA C 229 -16.74 51.72 -25.02
C ALA C 229 -16.84 53.17 -25.49
N GLN C 230 -15.68 53.80 -25.63
CA GLN C 230 -15.53 55.16 -26.14
C GLN C 230 -15.89 55.18 -27.62
N SER C 231 -15.43 54.18 -28.35
CA SER C 231 -15.72 54.06 -29.79
C SER C 231 -17.14 53.61 -30.11
N SER C 232 -17.92 53.31 -29.07
CA SER C 232 -19.32 52.90 -29.19
C SER C 232 -20.26 54.11 -29.17
N THR C 233 -19.68 55.27 -28.83
CA THR C 233 -20.38 56.55 -28.75
C THR C 233 -21.04 56.97 -30.09
N ARG C 234 -22.05 57.84 -29.98
CA ARG C 234 -22.79 58.34 -31.14
C ARG C 234 -22.02 59.44 -31.90
N GLY C 235 -21.26 60.24 -31.16
CA GLY C 235 -20.52 61.38 -31.67
C GLY C 235 -19.66 61.96 -30.56
N GLY C 236 -19.08 63.14 -30.78
CA GLY C 236 -18.17 63.75 -29.81
C GLY C 236 -17.30 64.85 -30.40
N SER C 237 -16.23 65.18 -29.67
CA SER C 237 -15.29 66.20 -30.10
C SER C 237 -14.36 65.65 -31.19
N ARG C 238 -13.58 66.54 -31.81
CA ARG C 238 -12.63 66.13 -32.84
C ARG C 238 -11.47 65.32 -32.25
N VAL C 239 -11.08 65.66 -31.02
CA VAL C 239 -10.03 64.96 -30.27
C VAL C 239 -10.50 63.54 -29.94
N GLU C 240 -11.79 63.41 -29.63
CA GLU C 240 -12.43 62.12 -29.36
C GLU C 240 -12.51 61.28 -30.64
N GLY C 241 -12.61 61.97 -31.79
CA GLY C 241 -12.63 61.36 -33.11
C GLY C 241 -11.24 60.86 -33.49
N ILE C 242 -10.22 61.66 -33.13
CA ILE C 242 -8.81 61.33 -33.37
C ILE C 242 -8.48 60.05 -32.58
N PHE C 243 -8.86 60.05 -31.29
CA PHE C 243 -8.65 58.90 -30.40
C PHE C 243 -9.26 57.63 -30.99
N ALA C 244 -10.53 57.73 -31.38
CA ALA C 244 -11.29 56.61 -31.94
C ALA C 244 -10.62 56.02 -33.17
N GLY C 245 -10.07 56.89 -34.02
CA GLY C 245 -9.35 56.53 -35.23
C GLY C 245 -8.04 55.84 -34.91
N LEU C 246 -7.28 56.45 -34.00
CA LEU C 246 -5.98 55.92 -33.54
C LEU C 246 -6.13 54.60 -32.78
N PHE C 247 -7.21 54.48 -32.01
CA PHE C 247 -7.51 53.26 -31.27
C PHE C 247 -7.85 52.12 -32.22
N MET C 248 -8.58 52.44 -33.29
CA MET C 248 -8.94 51.46 -34.29
C MET C 248 -7.81 51.00 -35.20
N ASN C 249 -6.70 51.76 -35.17
CA ASN C 249 -5.49 51.40 -35.92
C ASN C 249 -4.84 50.19 -35.25
N ALA C 250 -5.12 50.01 -33.96
CA ALA C 250 -4.62 48.89 -33.18
C ALA C 250 -5.31 47.57 -33.53
N TYR C 251 -6.55 47.64 -34.02
CA TYR C 251 -7.30 46.45 -34.43
C TYR C 251 -6.52 45.67 -35.47
N GLY C 252 -6.22 44.41 -35.14
CA GLY C 252 -5.48 43.50 -36.01
C GLY C 252 -3.97 43.55 -35.85
N ALA C 253 -3.49 44.09 -34.73
CA ALA C 253 -2.05 44.16 -34.45
C ALA C 253 -1.59 42.79 -33.97
N GLY C 254 -0.41 42.36 -34.45
CA GLY C 254 0.17 41.08 -34.15
C GLY C 254 -0.37 40.00 -35.07
N GLN C 255 -1.07 40.44 -36.12
CA GLN C 255 -1.68 39.56 -37.10
C GLN C 255 -1.70 40.19 -38.50
N VAL C 256 -0.57 40.81 -38.85
CA VAL C 256 -0.38 41.46 -40.14
C VAL C 256 -0.27 40.45 -41.29
N MET C 257 0.25 39.26 -40.97
CA MET C 257 0.40 38.17 -41.93
C MET C 257 -0.94 37.69 -42.48
N LEU C 258 -1.97 37.78 -41.63
CA LEU C 258 -3.35 37.41 -41.97
C LEU C 258 -3.89 38.35 -43.04
N ARG C 259 -3.62 39.64 -42.90
CA ARG C 259 -4.06 40.67 -43.83
C ARG C 259 -3.24 40.68 -45.12
N TRP C 260 -1.94 40.40 -44.98
CA TRP C 260 -1.03 40.31 -46.13
C TRP C 260 -1.29 39.07 -46.97
N GLY C 261 -1.89 38.05 -46.32
CA GLY C 261 -2.28 36.81 -46.96
C GLY C 261 -3.45 37.04 -47.90
N VAL C 262 -4.39 37.87 -47.46
CA VAL C 262 -5.56 38.25 -48.26
C VAL C 262 -5.11 39.09 -49.44
N LEU C 263 -4.09 39.93 -49.21
CA LEU C 263 -3.50 40.78 -50.25
C LEU C 263 -2.88 39.96 -51.37
N ALA C 264 -2.08 38.95 -50.99
CA ALA C 264 -1.42 38.03 -51.92
C ALA C 264 -2.43 37.33 -52.83
N LYS C 265 -3.57 36.97 -52.24
CA LYS C 265 -4.69 36.34 -52.94
C LYS C 265 -5.35 37.37 -53.87
N SER C 266 -5.56 38.58 -53.37
CA SER C 266 -6.18 39.68 -54.11
C SER C 266 -5.38 40.13 -55.34
N VAL C 267 -4.06 40.15 -55.21
CA VAL C 267 -3.16 40.52 -56.30
C VAL C 267 -2.87 39.32 -57.22
N LYS C 268 -3.29 38.13 -56.78
CA LYS C 268 -3.12 36.85 -57.48
C LYS C 268 -1.65 36.49 -57.74
N ASN C 269 -0.86 36.46 -56.65
CA ASN C 269 0.55 36.12 -56.72
C ASN C 269 0.68 34.65 -57.10
N ILE C 270 1.33 34.42 -58.23
CA ILE C 270 1.55 33.09 -58.83
C ILE C 270 2.07 32.00 -57.89
N MET C 271 3.00 32.39 -57.01
CA MET C 271 3.61 31.48 -56.04
C MET C 271 2.68 30.82 -55.01
N LEU C 272 1.42 31.28 -54.97
CA LEU C 272 0.39 30.72 -54.09
C LEU C 272 -0.07 29.35 -54.59
N GLY C 273 0.08 29.14 -55.90
CA GLY C 273 -0.28 27.90 -56.58
C GLY C 273 0.78 26.80 -56.50
N HIS C 274 1.93 27.13 -55.92
CA HIS C 274 3.04 26.18 -55.76
C HIS C 274 2.63 24.97 -54.95
N ALA C 275 3.18 23.80 -55.33
CA ALA C 275 2.88 22.51 -54.70
C ALA C 275 3.00 22.47 -53.18
N SER C 276 4.08 23.05 -52.64
CA SER C 276 4.33 23.08 -51.21
C SER C 276 3.42 24.07 -50.44
N VAL C 277 2.92 25.07 -51.17
CA VAL C 277 1.99 26.07 -50.61
C VAL C 277 0.58 25.47 -50.60
N GLN C 278 0.26 24.71 -51.65
CA GLN C 278 -1.03 24.03 -51.78
C GLN C 278 -1.27 22.94 -50.74
N ALA C 279 -0.18 22.33 -50.27
CA ALA C 279 -0.24 21.29 -49.23
C ALA C 279 -0.71 21.86 -47.89
N GLU C 280 -0.32 23.10 -47.61
CA GLU C 280 -0.67 23.80 -46.38
C GLU C 280 -2.09 24.38 -46.40
N MET C 281 -2.60 24.63 -47.61
CA MET C 281 -3.92 25.23 -47.83
C MET C 281 -5.10 24.77 -46.98
N GLU C 282 -5.23 23.47 -46.78
CA GLU C 282 -6.29 22.87 -45.96
C GLU C 282 -6.27 23.46 -44.55
N GLN C 283 -5.07 23.58 -43.98
CA GLN C 283 -4.86 24.11 -42.64
C GLN C 283 -4.85 25.63 -42.55
N VAL C 284 -4.42 26.33 -43.61
CA VAL C 284 -4.41 27.80 -43.62
C VAL C 284 -5.83 28.36 -43.67
N VAL C 285 -6.72 27.61 -44.31
CA VAL C 285 -8.14 27.96 -44.41
C VAL C 285 -8.77 27.86 -43.02
N GLU C 286 -8.38 26.82 -42.27
CA GLU C 286 -8.86 26.58 -40.91
C GLU C 286 -8.66 27.81 -40.01
N VAL C 287 -7.46 28.41 -40.07
CA VAL C 287 -7.14 29.62 -39.31
C VAL C 287 -7.90 30.85 -39.79
N TYR C 288 -8.04 30.99 -41.10
CA TYR C 288 -8.80 32.09 -41.71
C TYR C 288 -10.28 32.01 -41.34
N GLU C 289 -10.81 30.79 -41.36
CA GLU C 289 -12.20 30.51 -40.97
C GLU C 289 -12.39 30.74 -39.47
N TYR C 290 -11.33 30.46 -38.70
CA TYR C 290 -11.31 30.69 -37.25
C TYR C 290 -11.32 32.20 -36.95
N ALA C 291 -10.54 32.95 -37.73
CA ALA C 291 -10.46 34.40 -37.62
C ALA C 291 -11.80 35.04 -38.00
N GLN C 292 -12.46 34.44 -39.00
CA GLN C 292 -13.77 34.86 -39.48
C GLN C 292 -14.83 34.60 -38.40
N LYS C 293 -14.69 33.44 -37.73
CA LYS C 293 -15.59 33.00 -36.67
C LYS C 293 -15.56 33.94 -35.46
N LEU C 294 -14.35 34.28 -35.01
CA LEU C 294 -14.14 35.16 -33.86
C LEU C 294 -14.64 36.59 -34.09
N GLY C 295 -14.50 37.06 -35.33
CA GLY C 295 -14.91 38.39 -35.74
C GLY C 295 -14.10 39.48 -35.06
N GLY C 296 -14.80 40.48 -34.55
CA GLY C 296 -14.24 41.64 -33.86
C GLY C 296 -13.41 41.33 -32.63
N GLU C 297 -13.78 40.25 -31.95
CA GLU C 297 -13.11 39.76 -30.73
C GLU C 297 -11.59 39.58 -30.94
N ALA C 298 -11.24 38.99 -32.08
CA ALA C 298 -9.87 38.68 -32.48
C ALA C 298 -8.94 39.87 -32.69
N GLY C 299 -9.50 41.06 -32.92
CA GLY C 299 -8.76 42.28 -33.17
C GLY C 299 -7.73 42.68 -32.12
N PHE C 300 -8.10 42.51 -30.85
CA PHE C 300 -7.23 42.87 -29.73
C PHE C 300 -6.60 41.67 -29.01
N TYR C 301 -6.60 40.52 -29.68
CA TYR C 301 -6.05 39.27 -29.16
C TYR C 301 -4.56 39.31 -28.84
N HIS C 302 -3.80 40.12 -29.57
CA HIS C 302 -2.36 40.24 -29.34
C HIS C 302 -2.02 41.39 -28.41
N ILE C 303 -2.80 42.48 -28.48
CA ILE C 303 -2.64 43.66 -27.63
C ILE C 303 -2.79 43.23 -26.17
N LEU C 304 -3.95 42.66 -25.84
CA LEU C 304 -4.18 42.02 -24.53
C LEU C 304 -3.52 40.66 -24.81
N ASN C 305 -2.71 40.15 -23.90
CA ASN C 305 -2.05 38.87 -24.17
C ASN C 305 -3.01 37.69 -24.05
N ASN C 306 -3.98 37.64 -24.97
CA ASN C 306 -4.99 36.60 -25.03
C ASN C 306 -4.29 35.29 -25.40
N PRO C 307 -4.59 34.21 -24.65
CA PRO C 307 -3.97 32.89 -24.87
C PRO C 307 -4.22 32.31 -26.26
N LYS C 308 -5.41 32.60 -26.81
CA LYS C 308 -5.82 32.13 -28.12
C LYS C 308 -5.15 32.85 -29.30
N ALA C 309 -4.38 33.91 -29.00
CA ALA C 309 -3.68 34.70 -30.03
C ALA C 309 -2.73 33.87 -30.90
N SER C 310 -2.15 32.83 -30.29
CA SER C 310 -1.23 31.90 -30.95
C SER C 310 -1.91 31.14 -32.08
N LEU C 311 -3.21 30.86 -31.91
CA LEU C 311 -4.03 30.10 -32.87
C LEU C 311 -4.22 30.79 -34.22
N LEU C 312 -4.05 32.11 -34.23
CA LEU C 312 -4.20 32.93 -35.43
C LEU C 312 -2.91 33.04 -36.26
N SER C 313 -1.85 32.38 -35.80
CA SER C 313 -0.55 32.39 -36.49
C SER C 313 -0.52 31.59 -37.79
N LEU C 314 0.12 32.20 -38.80
CA LEU C 314 0.33 31.57 -40.11
C LEU C 314 1.78 31.11 -40.26
N THR C 315 2.61 31.50 -39.28
CA THR C 315 4.04 31.15 -39.17
C THR C 315 4.24 29.64 -39.13
N GLN C 316 3.24 28.93 -38.60
CA GLN C 316 3.21 27.46 -38.55
C GLN C 316 3.16 26.81 -39.95
N PHE C 317 2.95 27.64 -40.98
CA PHE C 317 2.92 27.24 -42.38
C PHE C 317 4.05 27.98 -43.11
N PRO C 318 5.28 27.40 -43.08
CA PRO C 318 6.50 27.99 -43.67
C PRO C 318 6.39 28.44 -45.12
N HIS C 319 5.76 27.62 -45.95
CA HIS C 319 5.62 27.90 -47.38
C HIS C 319 4.68 29.06 -47.71
N PHE C 320 3.46 29.00 -47.17
CA PHE C 320 2.45 30.06 -47.34
C PHE C 320 2.91 31.40 -46.78
N SER C 321 3.52 31.37 -45.59
CA SER C 321 4.04 32.57 -44.94
C SER C 321 5.11 33.26 -45.79
N SER C 322 5.96 32.46 -46.42
CA SER C 322 7.06 32.94 -47.27
C SER C 322 6.58 33.65 -48.53
N VAL C 323 5.60 33.06 -49.23
CA VAL C 323 5.02 33.68 -50.43
C VAL C 323 4.27 34.97 -50.06
N VAL C 324 3.60 34.94 -48.91
CA VAL C 324 2.86 36.08 -48.37
C VAL C 324 3.83 37.23 -48.01
N LEU C 325 4.93 36.88 -47.37
CA LEU C 325 5.98 37.83 -46.99
C LEU C 325 6.72 38.37 -48.21
N GLY C 326 6.88 37.50 -49.23
CA GLY C 326 7.52 37.82 -50.50
C GLY C 326 6.71 38.84 -51.25
N ASN C 327 5.41 38.56 -51.39
CA ASN C 327 4.45 39.45 -52.05
C ASN C 327 4.42 40.83 -51.40
N ALA C 328 4.52 40.85 -50.07
CA ALA C 328 4.54 42.09 -49.27
C ALA C 328 5.82 42.89 -49.52
N ALA C 329 6.92 42.19 -49.78
CA ALA C 329 8.21 42.82 -50.07
C ALA C 329 8.26 43.32 -51.50
N GLY C 330 7.71 42.54 -52.43
CA GLY C 330 7.63 42.84 -53.85
C GLY C 330 6.75 44.05 -54.14
N LEU C 331 5.69 44.20 -53.35
CA LEU C 331 4.77 45.33 -53.45
C LEU C 331 5.31 46.54 -52.67
N GLY C 332 6.44 46.34 -51.98
CA GLY C 332 7.13 47.34 -51.19
C GLY C 332 6.34 47.88 -50.01
N ILE C 333 5.60 46.98 -49.35
CA ILE C 333 4.76 47.36 -48.20
C ILE C 333 5.30 47.01 -46.81
N MET C 334 6.32 46.16 -46.77
CA MET C 334 6.97 45.80 -45.50
C MET C 334 8.22 46.66 -45.25
N GLY C 335 9.01 46.32 -44.24
CA GLY C 335 10.23 47.04 -43.90
C GLY C 335 9.94 48.24 -43.00
N GLU C 336 10.54 48.28 -41.79
CA GLU C 336 11.46 47.27 -41.30
C GLU C 336 10.73 46.21 -40.45
N TYR C 337 9.96 45.38 -41.13
CA TYR C 337 9.23 44.29 -40.51
C TYR C 337 10.22 43.18 -40.17
N ARG C 338 10.31 42.84 -38.88
CA ARG C 338 11.25 41.84 -38.37
C ARG C 338 10.88 40.37 -38.60
N GLY C 339 9.99 40.12 -39.57
CA GLY C 339 9.57 38.78 -39.95
C GLY C 339 10.51 38.20 -40.98
N THR C 340 10.94 36.97 -40.72
CA THR C 340 11.87 36.26 -41.60
C THR C 340 11.16 35.08 -42.28
N PRO C 341 11.34 34.94 -43.62
CA PRO C 341 10.71 33.81 -44.33
C PRO C 341 11.45 32.49 -44.06
N ARG C 342 10.69 31.46 -43.72
CA ARG C 342 11.25 30.13 -43.45
C ARG C 342 11.77 29.44 -44.72
N ASN C 343 11.10 29.70 -45.85
CA ASN C 343 11.50 29.19 -47.16
C ASN C 343 11.98 30.41 -47.96
N GLN C 344 13.30 30.51 -48.14
CA GLN C 344 13.90 31.64 -48.85
C GLN C 344 13.60 31.67 -50.35
N ASP C 345 13.64 30.49 -50.98
CA ASP C 345 13.39 30.34 -52.42
C ASP C 345 11.99 30.78 -52.84
N LEU C 346 10.99 30.43 -52.03
CA LEU C 346 9.59 30.79 -52.27
C LEU C 346 9.35 32.29 -52.07
N TYR C 347 10.06 32.86 -51.10
CA TYR C 347 9.99 34.29 -50.78
C TYR C 347 10.52 35.11 -51.96
N ASP C 348 11.70 34.74 -52.43
CA ASP C 348 12.38 35.41 -53.56
C ASP C 348 11.58 35.33 -54.85
N ALA C 349 10.94 34.17 -55.08
CA ALA C 349 10.10 33.93 -56.24
C ALA C 349 8.82 34.78 -56.20
N ALA C 350 8.26 34.92 -55.01
CA ALA C 350 7.04 35.70 -54.78
C ALA C 350 7.32 37.19 -54.84
N LYS C 351 8.49 37.60 -54.33
CA LYS C 351 8.94 38.99 -54.34
C LYS C 351 9.15 39.45 -55.79
N ALA C 352 9.74 38.56 -56.60
CA ALA C 352 9.99 38.81 -58.02
C ALA C 352 8.71 39.01 -58.82
N TYR C 353 7.73 38.13 -58.60
CA TYR C 353 6.44 38.21 -59.29
C TYR C 353 5.63 39.45 -58.89
N ALA C 354 5.69 39.79 -57.60
CA ALA C 354 5.01 40.96 -57.05
C ALA C 354 5.58 42.26 -57.61
N GLU C 355 6.89 42.26 -57.87
CA GLU C 355 7.60 43.40 -58.45
C GLU C 355 7.18 43.58 -59.91
N GLN C 356 6.89 42.47 -60.58
CA GLN C 356 6.42 42.45 -61.97
C GLN C 356 4.96 42.87 -62.08
N LEU C 357 4.19 42.65 -61.01
CA LEU C 357 2.77 43.00 -60.94
C LEU C 357 2.56 44.51 -60.93
N LYS C 358 3.46 45.24 -60.28
CA LYS C 358 3.39 46.70 -60.20
C LYS C 358 3.92 47.46 -61.43
N GLU C 359 4.13 46.71 -62.52
CA GLU C 359 4.59 47.26 -63.80
C GLU C 359 3.53 47.07 -64.89
N ASN C 360 2.79 45.97 -64.79
CA ASN C 360 1.71 45.63 -65.73
C ASN C 360 0.38 46.25 -65.29
N GLY C 361 -0.74 45.70 -65.80
CA GLY C 361 -2.08 46.16 -65.47
C GLY C 361 -2.94 46.37 -66.69
N VAL C 362 -3.64 45.31 -67.09
CA VAL C 362 -4.54 45.32 -68.26
C VAL C 362 -5.99 45.48 -67.80
N ILE C 363 -6.77 46.25 -68.57
CA ILE C 363 -8.18 46.50 -68.28
C ILE C 363 -9.06 45.30 -68.63
N ASN C 364 -9.86 44.87 -67.66
CA ASN C 364 -10.80 43.76 -67.85
C ASN C 364 -12.18 44.36 -68.13
N TYR C 365 -12.53 44.39 -69.41
CA TYR C 365 -13.78 44.98 -69.92
C TYR C 365 -15.05 44.16 -69.65
N SER C 366 -14.87 42.88 -69.31
CA SER C 366 -15.98 41.97 -69.00
C SER C 366 -16.66 42.27 -67.66
N VAL C 367 -15.93 42.93 -66.75
CA VAL C 367 -16.41 43.30 -65.42
C VAL C 367 -17.50 44.38 -65.51
N LEU C 368 -17.25 45.38 -66.34
CA LEU C 368 -18.19 46.50 -66.56
C LEU C 368 -19.42 46.04 -67.34
N ASP C 369 -20.57 46.65 -67.04
CA ASP C 369 -21.84 46.30 -67.70
C ASP C 369 -22.04 47.06 -69.03
N LEU C 370 -21.03 46.99 -69.89
CA LEU C 370 -21.00 47.68 -71.18
C LEU C 370 -21.93 47.05 -72.21
N THR C 371 -22.66 47.90 -72.94
CA THR C 371 -23.60 47.47 -73.98
C THR C 371 -22.93 47.47 -75.36
N ALA C 372 -23.22 48.48 -76.18
CA ALA C 372 -22.63 48.62 -77.51
C ALA C 372 -21.25 49.25 -77.36
N GLU C 373 -20.22 48.42 -77.55
CA GLU C 373 -18.84 48.84 -77.38
C GLU C 373 -18.18 49.40 -78.65
N GLU C 374 -17.71 50.64 -78.53
CA GLU C 374 -17.03 51.37 -79.60
C GLU C 374 -15.72 51.94 -79.04
N LEU C 375 -15.33 51.44 -77.87
CA LEU C 375 -14.13 51.89 -77.15
C LEU C 375 -12.81 51.53 -77.81
N GLU C 376 -12.82 50.44 -78.57
CA GLU C 376 -11.64 49.93 -79.27
C GLU C 376 -11.19 50.91 -80.35
N ALA C 377 -12.13 51.73 -80.82
CA ALA C 377 -11.87 52.81 -81.78
C ALA C 377 -11.32 54.05 -81.06
N ILE C 378 -11.71 54.22 -79.78
CA ILE C 378 -11.26 55.33 -78.93
C ILE C 378 -9.78 55.21 -78.58
N ALA D 2 -9.57 25.99 -50.27
CA ALA D 2 -9.69 26.85 -51.43
C ALA D 2 -9.19 28.26 -51.13
N LEU D 3 -8.56 28.87 -52.13
CA LEU D 3 -8.04 30.24 -52.04
C LEU D 3 -9.15 31.30 -51.99
N SER D 4 -10.39 30.86 -52.25
CA SER D 4 -11.56 31.72 -52.19
C SER D 4 -11.94 31.99 -50.73
N LYS D 5 -11.61 31.01 -49.87
CA LYS D 5 -11.89 31.05 -48.44
C LYS D 5 -10.96 31.97 -47.65
N VAL D 6 -9.78 32.27 -48.21
CA VAL D 6 -8.82 33.18 -47.57
C VAL D 6 -9.27 34.65 -47.68
N LYS D 7 -10.15 35.02 -46.76
CA LYS D 7 -10.72 36.36 -46.66
C LYS D 7 -11.00 36.73 -45.20
N LEU D 8 -11.19 38.02 -44.97
CA LEU D 8 -11.47 38.55 -43.63
C LEU D 8 -12.18 39.90 -43.79
N ASN D 9 -13.41 39.98 -43.31
CA ASN D 9 -14.21 41.20 -43.41
C ASN D 9 -13.96 42.11 -42.21
N ASP D 10 -12.81 42.80 -42.25
CA ASP D 10 -12.38 43.70 -41.19
C ASP D 10 -13.34 44.87 -40.91
N THR D 11 -13.93 45.42 -41.97
CA THR D 11 -14.87 46.54 -41.88
C THR D 11 -16.12 46.16 -41.07
N LEU D 12 -16.69 45.00 -41.39
CA LEU D 12 -17.88 44.48 -40.72
C LEU D 12 -17.59 44.05 -39.28
N ASN D 13 -16.46 43.40 -39.07
CA ASN D 13 -16.02 42.91 -37.76
C ASN D 13 -15.71 44.04 -36.79
N LYS D 14 -15.08 45.11 -37.28
CA LYS D 14 -14.75 46.28 -36.47
C LYS D 14 -16.03 46.95 -35.95
N ASP D 15 -17.02 47.06 -36.83
CA ASP D 15 -18.34 47.61 -36.50
C ASP D 15 -19.03 46.71 -35.46
N GLN D 16 -18.96 45.39 -35.69
CA GLN D 16 -19.53 44.38 -34.80
C GLN D 16 -18.98 44.52 -33.38
N LEU D 17 -17.67 44.75 -33.27
CA LEU D 17 -16.97 44.94 -32.00
C LEU D 17 -17.49 46.17 -31.25
N LEU D 18 -17.69 47.26 -31.99
CA LEU D 18 -18.18 48.51 -31.42
C LEU D 18 -19.66 48.52 -31.10
N SER D 19 -20.44 47.81 -31.92
CA SER D 19 -21.88 47.69 -31.74
C SER D 19 -22.22 46.79 -30.54
N SER D 20 -21.34 45.85 -30.22
CA SER D 20 -21.53 44.90 -29.13
C SER D 20 -20.65 45.15 -27.89
N SER D 21 -20.54 46.41 -27.49
CA SER D 21 -19.75 46.78 -26.31
C SER D 21 -20.51 46.41 -25.03
N LYS D 22 -19.82 45.73 -24.11
CA LYS D 22 -20.41 45.28 -22.85
C LYS D 22 -20.45 46.41 -21.80
N TYR D 23 -19.62 47.43 -22.02
CA TYR D 23 -19.46 48.56 -21.10
C TYR D 23 -19.71 49.90 -21.78
N THR D 24 -19.99 50.92 -20.96
CA THR D 24 -20.33 52.26 -21.46
C THR D 24 -19.62 53.41 -20.75
N ILE D 25 -19.30 54.45 -21.52
CA ILE D 25 -18.70 55.67 -20.99
C ILE D 25 -19.72 56.81 -20.92
N GLN D 26 -19.57 57.67 -19.92
CA GLN D 26 -20.43 58.84 -19.74
C GLN D 26 -19.55 60.06 -19.51
N ARG D 27 -19.73 61.05 -20.38
CA ARG D 27 -18.91 62.26 -20.40
C ARG D 27 -19.52 63.43 -19.64
N SER D 28 -18.66 64.18 -18.95
CA SER D 28 -19.10 65.38 -18.23
C SER D 28 -19.09 66.57 -19.18
N THR D 29 -20.27 67.17 -19.37
CA THR D 29 -20.46 68.33 -20.26
C THR D 29 -19.81 69.61 -19.75
N GLY D 30 -19.68 69.71 -18.43
CA GLY D 30 -19.12 70.84 -17.74
C GLY D 30 -19.90 71.06 -16.47
N ASP D 31 -20.39 72.29 -16.29
CA ASP D 31 -21.16 72.63 -15.09
C ASP D 31 -22.68 72.56 -15.24
N SER D 32 -23.23 73.28 -16.21
CA SER D 32 -24.67 73.33 -16.44
C SER D 32 -25.06 73.64 -17.89
N ILE D 33 -26.15 73.01 -18.34
CA ILE D 33 -26.71 73.22 -19.67
C ILE D 33 -28.14 73.72 -19.50
N ASP D 34 -28.44 74.84 -20.17
CA ASP D 34 -29.78 75.42 -20.16
C ASP D 34 -30.65 74.54 -21.04
N THR D 35 -31.74 74.04 -20.47
CA THR D 35 -32.69 73.19 -21.19
C THR D 35 -34.04 73.91 -21.25
N PRO D 36 -34.21 74.82 -22.24
CA PRO D 36 -35.50 75.54 -22.31
C PRO D 36 -36.63 74.68 -22.84
N ASN D 37 -37.80 74.85 -22.25
CA ASN D 37 -38.99 74.12 -22.67
C ASN D 37 -39.80 74.98 -23.63
N TYR D 38 -40.89 74.40 -24.15
CA TYR D 38 -41.78 75.04 -25.12
C TYR D 38 -42.33 76.42 -24.72
N ASP D 39 -42.51 76.64 -23.41
CA ASP D 39 -43.03 77.90 -22.87
C ASP D 39 -42.13 79.11 -23.15
N VAL D 40 -40.83 78.84 -23.24
CA VAL D 40 -39.81 79.86 -23.47
C VAL D 40 -39.48 80.06 -24.97
N GLN D 41 -39.97 79.16 -25.82
CA GLN D 41 -39.75 79.15 -27.27
C GLN D 41 -40.06 80.47 -27.98
N LYS D 42 -41.23 81.05 -27.69
CA LYS D 42 -41.66 82.31 -28.28
C LYS D 42 -40.73 83.48 -27.92
N HIS D 43 -40.25 83.47 -26.68
CA HIS D 43 -39.33 84.49 -26.17
C HIS D 43 -37.98 84.44 -26.88
N ILE D 44 -37.48 83.23 -27.15
CA ILE D 44 -36.20 83.03 -27.86
C ILE D 44 -36.32 83.49 -29.30
N ASN D 45 -37.47 83.20 -29.93
CA ASN D 45 -37.75 83.62 -31.30
C ASN D 45 -37.73 85.15 -31.43
N LYS D 46 -38.25 85.82 -30.41
CA LYS D 46 -38.27 87.29 -30.32
C LYS D 46 -36.83 87.80 -30.18
N LEU D 47 -36.02 87.09 -29.37
CA LEU D 47 -34.60 87.41 -29.16
C LEU D 47 -33.79 87.23 -30.44
N CYS D 48 -34.14 86.21 -31.23
CA CYS D 48 -33.53 85.93 -32.52
C CYS D 48 -33.86 87.06 -33.49
N GLY D 49 -35.12 87.50 -33.46
CA GLY D 49 -35.65 88.59 -34.27
C GLY D 49 -35.00 89.91 -33.95
N MET D 50 -34.68 90.12 -32.67
CA MET D 50 -34.01 91.33 -32.19
C MET D 50 -32.62 91.48 -32.79
N LEU D 51 -31.91 90.36 -32.93
CA LEU D 51 -30.58 90.32 -33.54
C LEU D 51 -30.67 90.51 -35.05
N LEU D 52 -31.76 90.01 -35.64
CA LEU D 52 -32.01 90.11 -37.08
C LEU D 52 -32.41 91.51 -37.54
N ILE D 53 -33.09 92.27 -36.69
CA ILE D 53 -33.48 93.65 -37.02
C ILE D 53 -32.36 94.65 -36.78
N THR D 54 -31.42 94.28 -35.90
CA THR D 54 -30.27 95.11 -35.54
C THR D 54 -29.27 95.24 -36.70
N GLU D 55 -29.12 96.48 -37.18
CA GLU D 55 -28.17 96.82 -38.23
C GLU D 55 -26.78 96.73 -37.60
N ASP D 56 -25.89 95.96 -38.24
CA ASP D 56 -24.52 95.68 -37.76
C ASP D 56 -24.55 95.11 -36.33
N ALA D 57 -25.29 94.01 -36.18
CA ALA D 57 -25.48 93.33 -34.92
C ALA D 57 -24.25 92.57 -34.43
N ASN D 58 -24.16 92.41 -33.11
CA ASN D 58 -23.09 91.65 -32.48
C ASN D 58 -23.55 90.19 -32.39
N HIS D 59 -23.09 89.39 -33.34
CA HIS D 59 -23.45 87.98 -33.41
C HIS D 59 -22.52 87.05 -32.62
N LYS D 60 -22.01 87.55 -31.50
CA LYS D 60 -21.11 86.80 -30.62
C LYS D 60 -21.88 85.68 -29.90
N PHE D 61 -23.17 85.93 -29.66
CA PHE D 61 -24.03 85.02 -28.90
C PHE D 61 -25.11 84.30 -29.72
N THR D 62 -25.18 84.63 -31.02
CA THR D 62 -26.18 84.06 -31.94
C THR D 62 -26.09 82.53 -32.10
N GLY D 63 -24.88 81.98 -32.03
CA GLY D 63 -24.63 80.55 -32.12
C GLY D 63 -25.28 79.84 -30.94
N LEU D 64 -25.11 80.42 -29.75
CA LEU D 64 -25.67 79.90 -28.50
C LEU D 64 -27.19 80.13 -28.44
N ILE D 65 -27.64 81.32 -28.85
CA ILE D 65 -29.06 81.69 -28.89
C ILE D 65 -29.81 80.76 -29.86
N GLY D 66 -29.17 80.48 -31.00
CA GLY D 66 -29.67 79.57 -32.02
C GLY D 66 -29.89 78.18 -31.45
N MET D 67 -28.92 77.73 -30.65
CA MET D 67 -28.98 76.43 -29.96
C MET D 67 -30.11 76.37 -28.95
N LEU D 68 -30.34 77.48 -28.26
CA LEU D 68 -31.41 77.59 -27.28
C LEU D 68 -32.78 77.48 -27.94
N TYR D 69 -32.92 78.07 -29.13
CA TYR D 69 -34.16 77.99 -29.90
C TYR D 69 -34.44 76.57 -30.36
N ALA D 70 -33.40 75.87 -30.82
CA ALA D 70 -33.50 74.49 -31.26
C ALA D 70 -33.89 73.58 -30.09
N MET D 71 -33.35 73.89 -28.91
CA MET D 71 -33.65 73.15 -27.68
C MET D 71 -35.06 73.43 -27.18
N SER D 72 -35.53 74.67 -27.36
CA SER D 72 -36.88 75.07 -26.96
C SER D 72 -37.96 74.46 -27.87
N ARG D 73 -37.56 74.13 -29.09
CA ARG D 73 -38.43 73.47 -30.06
C ARG D 73 -38.54 71.99 -29.69
N LEU D 74 -37.43 71.40 -29.25
CA LEU D 74 -37.37 70.01 -28.79
C LEU D 74 -38.09 69.86 -27.45
N GLY D 75 -37.91 70.86 -26.57
CA GLY D 75 -38.51 70.93 -25.25
C GLY D 75 -37.72 70.14 -24.22
N ARG D 76 -37.48 70.77 -23.06
CA ARG D 76 -36.71 70.23 -21.93
C ARG D 76 -36.54 68.71 -21.86
N GLU D 77 -37.65 67.98 -21.79
CA GLU D 77 -37.67 66.52 -21.70
C GLU D 77 -36.87 65.81 -22.81
N ASP D 78 -37.18 66.16 -24.06
CA ASP D 78 -36.51 65.59 -25.23
C ASP D 78 -35.04 65.99 -25.34
N THR D 79 -34.72 67.27 -25.13
CA THR D 79 -33.33 67.74 -25.16
C THR D 79 -32.41 67.04 -24.14
N ILE D 80 -32.92 66.83 -22.92
CA ILE D 80 -32.20 66.09 -21.87
C ILE D 80 -31.96 64.64 -22.34
N LYS D 81 -33.00 64.05 -22.92
CA LYS D 81 -32.95 62.69 -23.48
C LYS D 81 -31.87 62.56 -24.57
N ILE D 82 -31.81 63.54 -25.48
CA ILE D 82 -30.81 63.53 -26.55
C ILE D 82 -29.38 63.68 -26.02
N LEU D 83 -29.22 64.46 -24.95
CA LEU D 83 -27.93 64.68 -24.30
C LEU D 83 -27.46 63.41 -23.58
N ARG D 84 -28.39 62.72 -22.92
CA ARG D 84 -28.10 61.48 -22.20
C ARG D 84 -27.82 60.32 -23.14
N ASP D 85 -28.60 60.24 -24.22
CA ASP D 85 -28.43 59.20 -25.24
C ASP D 85 -27.11 59.34 -26.01
N ALA D 86 -26.63 60.59 -26.12
CA ALA D 86 -25.36 60.90 -26.79
C ALA D 86 -24.17 60.45 -25.96
N GLY D 87 -24.35 60.35 -24.64
CA GLY D 87 -23.36 59.91 -23.68
C GLY D 87 -22.83 61.02 -22.79
N TYR D 88 -23.72 61.93 -22.38
CA TYR D 88 -23.34 63.06 -21.53
C TYR D 88 -24.10 63.14 -20.23
N HIS D 89 -23.37 63.51 -19.17
CA HIS D 89 -23.93 63.71 -17.83
C HIS D 89 -24.39 65.16 -17.78
N VAL D 90 -25.70 65.35 -17.65
CA VAL D 90 -26.27 66.70 -17.68
C VAL D 90 -26.94 67.26 -16.43
N LYS D 91 -26.47 68.45 -16.04
CA LYS D 91 -27.03 69.23 -14.94
C LYS D 91 -27.90 70.26 -15.66
N ALA D 92 -29.18 69.93 -15.78
CA ALA D 92 -30.16 70.76 -16.49
C ALA D 92 -30.52 72.04 -15.75
N ASN D 93 -30.47 73.15 -16.49
CA ASN D 93 -30.85 74.46 -15.97
C ASN D 93 -32.21 74.85 -16.56
N GLY D 94 -33.16 75.11 -15.69
CA GLY D 94 -34.51 75.51 -16.07
C GLY D 94 -34.58 76.95 -16.49
N VAL D 95 -35.03 77.18 -17.73
CA VAL D 95 -35.15 78.52 -18.30
C VAL D 95 -36.55 79.08 -18.03
N ASP D 96 -36.59 80.19 -17.31
CA ASP D 96 -37.84 80.88 -16.96
C ASP D 96 -37.75 82.36 -17.35
N VAL D 97 -38.91 82.97 -17.58
CA VAL D 97 -38.97 84.39 -17.93
C VAL D 97 -39.17 85.23 -16.66
N THR D 98 -38.29 86.22 -16.49
CA THR D 98 -38.33 87.13 -15.34
C THR D 98 -38.19 88.57 -15.83
N THR D 99 -38.82 89.50 -15.10
CA THR D 99 -38.77 90.91 -15.43
C THR D 99 -37.62 91.57 -14.67
N HIS D 100 -36.71 92.20 -15.42
CA HIS D 100 -35.55 92.87 -14.85
C HIS D 100 -35.67 94.39 -15.00
N ARG D 101 -35.53 95.09 -13.87
CA ARG D 101 -35.60 96.55 -13.84
C ARG D 101 -34.20 97.14 -13.69
N GLN D 102 -33.82 97.94 -14.69
CA GLN D 102 -32.51 98.58 -14.73
C GLN D 102 -32.64 99.98 -15.34
N ASP D 103 -32.01 100.96 -14.70
CA ASP D 103 -32.05 102.35 -15.17
C ASP D 103 -30.98 102.67 -16.21
N ILE D 104 -31.41 102.63 -17.47
CA ILE D 104 -30.56 102.93 -18.62
C ILE D 104 -30.78 104.40 -19.00
N ASN D 105 -29.69 105.17 -18.97
CA ASN D 105 -29.67 106.62 -19.25
C ASN D 105 -30.56 107.42 -18.27
N GLY D 106 -30.52 107.03 -17.00
CA GLY D 106 -31.28 107.65 -15.93
C GLY D 106 -32.68 107.08 -15.74
N LYS D 107 -33.40 106.91 -16.85
CA LYS D 107 -34.77 106.39 -16.86
C LYS D 107 -34.81 104.90 -16.56
N GLU D 108 -35.58 104.53 -15.54
CA GLU D 108 -35.74 103.13 -15.12
C GLU D 108 -36.56 102.37 -16.16
N MET D 109 -35.98 101.28 -16.67
CA MET D 109 -36.60 100.47 -17.72
C MET D 109 -36.84 99.02 -17.33
N LYS D 110 -37.90 98.44 -17.89
CA LYS D 110 -38.28 97.04 -17.67
C LYS D 110 -37.89 96.19 -18.87
N PHE D 111 -37.39 94.98 -18.59
CA PHE D 111 -36.96 94.03 -19.61
C PHE D 111 -37.39 92.61 -19.27
N GLU D 112 -37.84 91.87 -20.28
CA GLU D 112 -38.21 90.47 -20.11
C GLU D 112 -36.99 89.65 -20.48
N VAL D 113 -36.36 89.05 -19.46
CA VAL D 113 -35.15 88.25 -19.62
C VAL D 113 -35.35 86.78 -19.25
N LEU D 114 -34.43 85.94 -19.72
CA LEU D 114 -34.45 84.50 -19.44
C LEU D 114 -33.40 84.14 -18.40
N THR D 115 -33.74 83.18 -17.53
CA THR D 115 -32.82 82.71 -16.50
C THR D 115 -31.86 81.69 -17.12
N LEU D 116 -30.84 82.22 -17.78
CA LEU D 116 -29.83 81.44 -18.48
C LEU D 116 -28.48 81.54 -17.80
N ALA D 117 -27.77 80.41 -17.77
CA ALA D 117 -26.42 80.34 -17.20
C ALA D 117 -25.40 80.77 -18.25
N SER D 118 -25.61 80.29 -19.48
CA SER D 118 -24.76 80.59 -20.63
C SER D 118 -24.85 82.06 -21.09
N LEU D 119 -26.01 82.67 -20.88
CA LEU D 119 -26.24 84.05 -21.27
C LEU D 119 -26.63 84.95 -20.09
N THR D 120 -25.83 86.00 -19.90
CA THR D 120 -26.04 86.97 -18.81
C THR D 120 -27.27 87.83 -19.08
N THR D 121 -27.94 88.23 -18.00
CA THR D 121 -29.11 89.12 -18.08
C THR D 121 -28.69 90.51 -18.55
N GLU D 122 -27.42 90.85 -18.26
CA GLU D 122 -26.81 92.12 -18.66
C GLU D 122 -26.57 92.15 -20.17
N ILE D 123 -26.23 91.00 -20.74
CA ILE D 123 -25.99 90.92 -22.19
C ILE D 123 -27.29 90.77 -22.99
N GLN D 124 -28.31 90.20 -22.34
CA GLN D 124 -29.64 90.00 -22.92
C GLN D 124 -30.34 91.33 -23.13
N ILE D 125 -30.23 92.23 -22.15
CA ILE D 125 -30.84 93.56 -22.20
C ILE D 125 -30.22 94.42 -23.29
N ASN D 126 -28.91 94.25 -23.52
CA ASN D 126 -28.17 94.95 -24.55
C ASN D 126 -28.58 94.57 -25.96
N ILE D 127 -29.06 93.34 -26.14
CA ILE D 127 -29.57 92.86 -27.43
C ILE D 127 -30.89 93.60 -27.72
N GLU D 128 -31.72 93.73 -26.69
CA GLU D 128 -33.00 94.45 -26.77
C GLU D 128 -32.79 95.95 -26.95
N ILE D 129 -31.79 96.50 -26.24
CA ILE D 129 -31.44 97.92 -26.31
C ILE D 129 -31.03 98.34 -27.73
N GLU D 130 -30.09 97.60 -28.32
CA GLU D 130 -29.60 97.87 -29.67
C GLU D 130 -30.63 97.60 -30.77
N SER D 131 -31.56 96.69 -30.50
CA SER D 131 -32.64 96.36 -31.45
C SER D 131 -33.67 97.48 -31.50
N ARG D 132 -33.98 98.06 -30.34
CA ARG D 132 -34.92 99.18 -30.21
C ARG D 132 -34.42 100.41 -30.97
N LYS D 133 -33.09 100.61 -30.94
CA LYS D 133 -32.42 101.69 -31.66
C LYS D 133 -32.61 101.50 -33.17
N SER D 134 -32.38 100.27 -33.63
CA SER D 134 -32.53 99.89 -35.03
C SER D 134 -34.00 99.88 -35.48
N TYR D 135 -34.90 99.64 -34.53
CA TYR D 135 -36.34 99.61 -34.80
C TYR D 135 -36.91 101.02 -34.97
N LYS D 136 -36.48 101.96 -34.12
CA LYS D 136 -36.94 103.35 -34.20
C LYS D 136 -36.40 104.07 -35.44
N LYS D 137 -35.20 103.66 -35.87
CA LYS D 137 -34.54 104.19 -37.08
C LYS D 137 -35.29 103.65 -38.31
N MET D 138 -35.74 102.40 -38.21
CA MET D 138 -36.51 101.71 -39.24
C MET D 138 -37.92 102.28 -39.34
N LEU D 139 -38.49 102.65 -38.19
CA LEU D 139 -39.81 103.25 -38.10
C LEU D 139 -39.82 104.69 -38.66
N LYS D 140 -38.67 105.36 -38.53
CA LYS D 140 -38.47 106.71 -39.04
C LYS D 140 -38.31 106.72 -40.56
N GLU D 141 -37.76 105.63 -41.11
CA GLU D 141 -37.51 105.46 -42.54
C GLU D 141 -38.72 105.02 -43.37
N MET D 142 -39.51 104.10 -42.84
CA MET D 142 -40.68 103.56 -43.55
C MET D 142 -42.05 103.87 -42.95
N GLY D 143 -42.09 104.63 -41.86
CA GLY D 143 -43.32 105.02 -41.19
C GLY D 143 -43.92 103.90 -40.37
N GLU D 144 -44.47 102.91 -41.08
CA GLU D 144 -45.08 101.73 -40.47
C GLU D 144 -44.27 100.49 -40.87
N VAL D 145 -43.90 99.68 -39.87
CA VAL D 145 -43.12 98.46 -40.10
C VAL D 145 -43.99 97.22 -40.34
N ALA D 146 -43.82 96.63 -41.52
CA ALA D 146 -44.57 95.45 -41.95
C ALA D 146 -44.24 94.20 -41.11
N PRO D 147 -45.14 93.19 -41.07
CA PRO D 147 -44.87 91.97 -40.30
C PRO D 147 -43.63 91.18 -40.71
N GLU D 148 -43.20 91.36 -41.96
CA GLU D 148 -42.03 90.68 -42.53
C GLU D 148 -40.72 91.28 -42.01
N TYR D 149 -40.72 92.59 -41.75
CA TYR D 149 -39.53 93.31 -41.29
C TYR D 149 -39.29 93.32 -39.78
N ARG D 150 -40.29 92.92 -39.01
CA ARG D 150 -40.22 92.92 -37.54
C ARG D 150 -39.68 91.67 -36.85
N HIS D 151 -39.28 91.84 -35.59
CA HIS D 151 -38.74 90.78 -34.73
C HIS D 151 -39.77 89.74 -34.26
N ASP D 152 -41.05 90.11 -34.30
CA ASP D 152 -42.17 89.26 -33.88
C ASP D 152 -42.36 88.01 -34.75
N SER D 153 -42.04 88.14 -36.04
CA SER D 153 -42.20 87.08 -37.04
C SER D 153 -41.74 85.70 -36.57
N PRO D 154 -42.58 84.66 -36.79
CA PRO D 154 -42.26 83.27 -36.39
C PRO D 154 -41.07 82.66 -37.13
N ASP D 155 -40.71 83.24 -38.27
CA ASP D 155 -39.60 82.79 -39.11
C ASP D 155 -38.23 83.06 -38.48
N CYS D 156 -38.14 84.15 -37.71
CA CYS D 156 -36.91 84.61 -37.05
C CYS D 156 -35.94 83.56 -36.50
N GLY D 157 -36.43 82.72 -35.58
CA GLY D 157 -35.64 81.66 -34.98
C GLY D 157 -35.08 80.70 -36.02
N MET D 158 -35.95 80.26 -36.92
CA MET D 158 -35.60 79.34 -37.99
C MET D 158 -34.67 79.93 -39.06
N ILE D 159 -34.76 81.25 -39.27
CA ILE D 159 -33.90 81.98 -40.20
C ILE D 159 -32.45 81.85 -39.72
N ILE D 160 -32.25 82.07 -38.41
CA ILE D 160 -30.95 81.93 -37.77
C ILE D 160 -30.44 80.49 -37.87
N LEU D 161 -31.34 79.52 -37.64
CA LEU D 161 -31.01 78.10 -37.74
C LEU D 161 -30.76 77.62 -39.18
N CYS D 162 -31.14 78.43 -40.16
CA CYS D 162 -30.91 78.13 -41.57
C CYS D 162 -29.42 78.22 -41.90
N ILE D 163 -28.73 79.22 -41.36
CA ILE D 163 -27.29 79.33 -41.55
C ILE D 163 -26.53 78.34 -40.69
N ALA D 164 -27.16 77.88 -39.60
CA ALA D 164 -26.61 76.83 -38.73
C ALA D 164 -26.58 75.49 -39.49
N ALA D 165 -27.59 75.31 -40.36
CA ALA D 165 -27.69 74.13 -41.22
C ALA D 165 -26.62 74.19 -42.31
N LEU D 166 -26.25 75.41 -42.71
CA LEU D 166 -25.21 75.63 -43.71
C LEU D 166 -23.82 75.38 -43.13
N VAL D 167 -23.65 75.73 -41.84
CA VAL D 167 -22.41 75.50 -41.10
C VAL D 167 -22.22 73.99 -40.95
N ILE D 168 -23.29 73.31 -40.57
CA ILE D 168 -23.32 71.86 -40.40
C ILE D 168 -22.99 71.13 -41.71
N THR D 169 -23.35 71.76 -42.83
CA THR D 169 -23.12 71.27 -44.19
C THR D 169 -21.62 71.17 -44.51
N LYS D 170 -20.85 72.12 -43.98
CA LYS D 170 -19.41 72.21 -44.21
C LYS D 170 -18.50 71.86 -43.02
N LEU D 171 -19.08 71.19 -42.01
CA LEU D 171 -18.33 70.78 -40.81
C LEU D 171 -17.37 69.61 -41.05
N ALA D 172 -17.60 68.87 -42.13
CA ALA D 172 -16.80 67.71 -42.53
C ALA D 172 -15.32 68.04 -42.76
N ALA D 173 -15.05 69.26 -43.21
CA ALA D 173 -13.70 69.77 -43.43
C ALA D 173 -12.98 69.98 -42.09
N GLY D 174 -13.75 70.34 -41.07
CA GLY D 174 -13.31 70.55 -39.70
C GLY D 174 -12.26 71.62 -39.46
N ASP D 175 -12.36 72.74 -40.18
CA ASP D 175 -11.40 73.85 -40.05
C ASP D 175 -11.92 75.23 -40.43
N ARG D 176 -13.25 75.39 -40.53
CA ARG D 176 -13.91 76.66 -40.91
C ARG D 176 -13.64 77.11 -42.35
N SER D 177 -13.06 76.21 -43.16
CA SER D 177 -12.73 76.48 -44.56
C SER D 177 -13.97 76.70 -45.42
N GLY D 178 -15.06 76.02 -45.05
CA GLY D 178 -16.34 76.09 -45.72
C GLY D 178 -17.08 77.42 -45.62
N LEU D 179 -16.66 78.26 -44.66
CA LEU D 179 -17.27 79.58 -44.41
C LEU D 179 -17.60 80.40 -45.67
N THR D 180 -16.69 80.41 -46.65
CA THR D 180 -16.87 81.12 -47.92
C THR D 180 -18.10 80.59 -48.67
N ALA D 181 -18.23 79.26 -48.73
CA ALA D 181 -19.36 78.58 -49.37
C ALA D 181 -20.64 78.78 -48.55
N VAL D 182 -20.49 78.83 -47.22
CA VAL D 182 -21.60 79.05 -46.29
C VAL D 182 -22.24 80.41 -46.57
N ILE D 183 -21.39 81.44 -46.71
CA ILE D 183 -21.85 82.81 -47.02
C ILE D 183 -22.47 82.85 -48.41
N ARG D 184 -21.75 82.30 -49.39
CA ARG D 184 -22.18 82.23 -50.79
C ARG D 184 -23.59 81.68 -50.93
N ARG D 185 -23.83 80.50 -50.34
CA ARG D 185 -25.12 79.82 -50.36
C ARG D 185 -26.21 80.57 -49.59
N ALA D 186 -25.82 81.20 -48.49
CA ALA D 186 -26.72 82.01 -47.65
C ALA D 186 -27.23 83.24 -48.40
N ASN D 187 -26.58 83.56 -49.52
CA ASN D 187 -26.96 84.68 -50.37
C ASN D 187 -27.85 84.25 -51.53
N ASN D 188 -27.55 83.09 -52.13
CA ASN D 188 -28.32 82.52 -53.24
C ASN D 188 -29.69 82.06 -52.70
N VAL D 189 -29.63 81.16 -51.71
CA VAL D 189 -30.80 80.69 -50.95
C VAL D 189 -30.90 81.77 -49.88
N LEU D 190 -32.06 81.91 -49.23
CA LEU D 190 -32.23 82.88 -48.14
C LEU D 190 -32.06 84.37 -48.55
N LYS D 191 -32.24 84.67 -49.83
CA LYS D 191 -32.11 86.03 -50.37
C LYS D 191 -33.21 86.97 -49.93
N ASN D 192 -34.44 86.47 -49.90
CA ASN D 192 -35.62 87.22 -49.48
C ASN D 192 -35.57 87.55 -47.97
N GLU D 193 -34.99 86.62 -47.21
CA GLU D 193 -34.83 86.74 -45.75
C GLU D 193 -33.83 87.84 -45.40
N MET D 194 -32.79 87.97 -46.23
CA MET D 194 -31.75 88.98 -46.05
C MET D 194 -32.27 90.39 -46.37
N LYS D 195 -33.28 90.46 -47.24
CA LYS D 195 -33.93 91.71 -47.62
C LYS D 195 -34.71 92.27 -46.44
N ARG D 196 -35.46 91.40 -45.77
CA ARG D 196 -36.28 91.79 -44.63
C ARG D 196 -35.53 92.02 -43.32
N TYR D 197 -34.35 91.41 -43.18
CA TYR D 197 -33.55 91.56 -41.96
C TYR D 197 -32.14 92.09 -42.17
N LYS D 198 -31.91 93.30 -41.66
CA LYS D 198 -30.62 94.00 -41.72
C LYS D 198 -29.50 93.28 -41.00
N GLY D 199 -29.86 92.54 -39.93
CA GLY D 199 -28.95 91.78 -39.08
C GLY D 199 -28.62 90.39 -39.54
N LEU D 200 -29.13 89.98 -40.71
CA LEU D 200 -28.82 88.67 -41.25
C LEU D 200 -27.47 88.78 -41.95
N LEU D 201 -26.40 88.63 -41.15
CA LEU D 201 -25.03 88.72 -41.61
C LEU D 201 -24.46 87.30 -41.64
N PRO D 202 -24.52 86.62 -42.82
CA PRO D 202 -24.03 85.23 -42.94
C PRO D 202 -22.68 84.96 -42.29
N LYS D 203 -21.67 85.78 -42.60
CA LYS D 203 -20.31 85.62 -42.02
C LYS D 203 -20.31 85.65 -40.49
N ASP D 204 -20.98 86.66 -39.92
CA ASP D 204 -21.07 86.85 -38.47
C ASP D 204 -21.78 85.72 -37.74
N ILE D 205 -22.95 85.32 -38.26
CA ILE D 205 -23.75 84.24 -37.68
C ILE D 205 -23.09 82.88 -37.87
N ALA D 206 -22.52 82.64 -39.06
CA ALA D 206 -21.84 81.39 -39.39
C ALA D 206 -20.63 81.12 -38.50
N ASN D 207 -19.87 82.17 -38.19
CA ASN D 207 -18.71 82.07 -37.30
C ASN D 207 -19.15 81.76 -35.87
N SER D 208 -20.29 82.33 -35.46
CA SER D 208 -20.86 82.10 -34.14
C SER D 208 -21.23 80.64 -33.93
N PHE D 209 -21.85 80.04 -34.97
CA PHE D 209 -22.22 78.63 -34.94
C PHE D 209 -21.00 77.73 -35.00
N TYR D 210 -20.02 78.12 -35.83
CA TYR D 210 -18.75 77.40 -35.94
C TYR D 210 -18.08 77.34 -34.56
N GLU D 211 -18.10 78.48 -33.85
CA GLU D 211 -17.53 78.61 -32.51
C GLU D 211 -18.27 77.73 -31.48
N VAL D 212 -19.60 77.78 -31.49
CA VAL D 212 -20.41 76.99 -30.56
C VAL D 212 -20.26 75.47 -30.74
N PHE D 213 -20.08 75.04 -32.00
CA PHE D 213 -19.87 73.63 -32.32
C PHE D 213 -18.46 73.16 -31.98
N GLU D 214 -17.50 74.09 -32.04
CA GLU D 214 -16.11 73.82 -31.69
C GLU D 214 -15.94 73.76 -30.17
N LYS D 215 -16.50 74.75 -29.48
CA LYS D 215 -16.42 74.85 -28.02
C LYS D 215 -17.29 73.82 -27.30
N HIS D 216 -18.48 73.55 -27.86
CA HIS D 216 -19.42 72.59 -27.26
C HIS D 216 -19.82 71.53 -28.29
N PRO D 217 -19.04 70.43 -28.39
CA PRO D 217 -19.31 69.35 -29.35
C PRO D 217 -20.64 68.61 -29.14
N HIS D 218 -21.18 68.71 -27.93
CA HIS D 218 -22.46 68.09 -27.60
C HIS D 218 -23.61 68.83 -28.26
N PHE D 219 -23.40 70.12 -28.54
CA PHE D 219 -24.40 70.96 -29.20
C PHE D 219 -24.59 70.59 -30.66
N ILE D 220 -23.54 70.03 -31.27
CA ILE D 220 -23.61 69.56 -32.65
C ILE D 220 -24.52 68.33 -32.72
N ASP D 221 -24.47 67.50 -31.68
CA ASP D 221 -25.34 66.32 -31.53
C ASP D 221 -26.78 66.79 -31.33
N VAL D 222 -26.93 67.85 -30.52
CA VAL D 222 -28.22 68.46 -30.24
C VAL D 222 -28.84 69.01 -31.52
N PHE D 223 -28.05 69.77 -32.29
CA PHE D 223 -28.50 70.35 -33.55
C PHE D 223 -28.88 69.31 -34.60
N VAL D 224 -28.03 68.30 -34.80
CA VAL D 224 -28.27 67.22 -35.76
C VAL D 224 -29.59 66.52 -35.45
N HIS D 225 -29.78 66.17 -34.17
CA HIS D 225 -31.00 65.52 -33.71
C HIS D 225 -32.23 66.41 -33.75
N PHE D 226 -32.02 67.72 -33.61
CA PHE D 226 -33.12 68.69 -33.74
C PHE D 226 -33.53 68.74 -35.22
N GLY D 227 -32.54 68.87 -36.11
CA GLY D 227 -32.73 68.94 -37.54
C GLY D 227 -33.50 67.76 -38.10
N ILE D 228 -33.19 66.56 -37.60
CA ILE D 228 -33.88 65.32 -37.96
C ILE D 228 -35.32 65.37 -37.45
N ALA D 229 -35.49 65.80 -36.19
CA ALA D 229 -36.80 65.93 -35.55
C ALA D 229 -37.67 66.97 -36.25
N GLN D 230 -37.04 68.06 -36.69
CA GLN D 230 -37.67 69.14 -37.44
C GLN D 230 -38.04 68.61 -38.83
N SER D 231 -37.15 67.85 -39.45
CA SER D 231 -37.40 67.26 -40.76
C SER D 231 -38.39 66.08 -40.76
N SER D 232 -38.83 65.68 -39.56
CA SER D 232 -39.81 64.61 -39.38
C SER D 232 -41.24 65.16 -39.40
N THR D 233 -41.36 66.48 -39.38
CA THR D 233 -42.62 67.20 -39.40
C THR D 233 -43.49 66.89 -40.63
N ARG D 234 -44.81 67.09 -40.48
CA ARG D 234 -45.79 66.85 -41.55
C ARG D 234 -45.78 67.96 -42.62
N GLY D 235 -45.53 69.18 -42.18
CA GLY D 235 -45.50 70.39 -42.98
C GLY D 235 -45.00 71.56 -42.17
N GLY D 236 -45.01 72.74 -42.78
CA GLY D 236 -44.60 73.96 -42.12
C GLY D 236 -44.49 75.17 -43.03
N SER D 237 -43.77 76.18 -42.54
CA SER D 237 -43.54 77.42 -43.29
C SER D 237 -42.51 77.20 -44.40
N ARG D 238 -42.35 78.19 -45.28
CA ARG D 238 -41.38 78.09 -46.36
C ARG D 238 -39.94 78.15 -45.84
N VAL D 239 -39.74 78.93 -44.77
CA VAL D 239 -38.45 79.07 -44.08
C VAL D 239 -38.07 77.73 -43.44
N GLU D 240 -39.08 77.04 -42.90
CA GLU D 240 -38.91 75.70 -42.31
C GLU D 240 -38.59 74.67 -43.40
N GLY D 241 -39.08 74.92 -44.61
CA GLY D 241 -38.83 74.10 -45.78
C GLY D 241 -37.41 74.30 -46.29
N ILE D 242 -36.96 75.57 -46.25
CA ILE D 242 -35.60 75.96 -46.64
C ILE D 242 -34.62 75.26 -45.70
N PHE D 243 -34.87 75.37 -44.39
CA PHE D 243 -34.04 74.73 -43.35
C PHE D 243 -33.91 73.24 -43.60
N ALA D 244 -35.04 72.57 -43.78
CA ALA D 244 -35.11 71.13 -44.02
C ALA D 244 -34.28 70.69 -45.21
N GLY D 245 -34.32 71.49 -46.28
CA GLY D 245 -33.58 71.28 -47.51
C GLY D 245 -32.09 71.46 -47.28
N LEU D 246 -31.74 72.57 -46.63
CA LEU D 246 -30.35 72.90 -46.30
C LEU D 246 -29.72 71.91 -45.32
N PHE D 247 -30.53 71.43 -44.37
CA PHE D 247 -30.09 70.46 -43.37
C PHE D 247 -29.82 69.11 -44.05
N MET D 248 -30.66 68.76 -45.02
CA MET D 248 -30.49 67.52 -45.77
C MET D 248 -29.32 67.51 -46.74
N ASN D 249 -28.78 68.71 -47.03
CA ASN D 249 -27.61 68.86 -47.89
C ASN D 249 -26.38 68.34 -47.14
N ALA D 250 -26.47 68.36 -45.81
CA ALA D 250 -25.40 67.87 -44.92
C ALA D 250 -25.31 66.34 -44.92
N TYR D 251 -26.41 65.65 -45.22
CA TYR D 251 -26.43 64.19 -45.27
C TYR D 251 -25.40 63.68 -46.28
N GLY D 252 -24.46 62.88 -45.77
CA GLY D 252 -23.39 62.30 -46.57
C GLY D 252 -22.14 63.15 -46.69
N ALA D 253 -21.96 64.11 -45.77
CA ALA D 253 -20.78 64.96 -45.75
C ALA D 253 -19.63 64.19 -45.12
N GLY D 254 -18.44 64.33 -45.72
CA GLY D 254 -17.24 63.63 -45.30
C GLY D 254 -17.16 62.25 -45.92
N GLN D 255 -18.04 62.00 -46.89
CA GLN D 255 -18.13 60.72 -47.59
C GLN D 255 -18.55 60.92 -49.05
N VAL D 256 -17.94 61.93 -49.69
CA VAL D 256 -18.20 62.27 -51.09
C VAL D 256 -17.63 61.21 -52.04
N MET D 257 -16.54 60.57 -51.62
CA MET D 257 -15.87 59.52 -52.39
C MET D 257 -16.78 58.31 -52.61
N LEU D 258 -17.65 58.06 -51.64
CA LEU D 258 -18.63 56.97 -51.68
C LEU D 258 -19.65 57.21 -52.79
N ARG D 259 -20.11 58.46 -52.91
CA ARG D 259 -21.07 58.86 -53.91
C ARG D 259 -20.45 58.98 -55.30
N TRP D 260 -19.20 59.46 -55.34
CA TRP D 260 -18.45 59.58 -56.59
C TRP D 260 -18.05 58.22 -57.14
N GLY D 261 -17.97 57.23 -56.26
CA GLY D 261 -17.67 55.85 -56.59
C GLY D 261 -18.82 55.22 -57.35
N VAL D 262 -20.04 55.53 -56.91
CA VAL D 262 -21.28 55.05 -57.54
C VAL D 262 -21.41 55.71 -58.92
N LEU D 263 -20.99 56.98 -59.01
CA LEU D 263 -21.00 57.75 -60.25
C LEU D 263 -20.09 57.13 -61.31
N ALA D 264 -18.86 56.79 -60.91
CA ALA D 264 -17.86 56.15 -61.77
C ALA D 264 -18.38 54.84 -62.36
N LYS D 265 -19.12 54.09 -61.53
CA LYS D 265 -19.77 52.84 -61.92
C LYS D 265 -20.92 53.13 -62.89
N SER D 266 -21.72 54.15 -62.57
CA SER D 266 -22.87 54.56 -63.37
C SER D 266 -22.51 55.06 -64.77
N VAL D 267 -21.39 55.78 -64.87
CA VAL D 267 -20.89 56.29 -66.15
C VAL D 267 -20.05 55.24 -66.89
N LYS D 268 -19.74 54.14 -66.19
CA LYS D 268 -18.95 53.01 -66.68
C LYS D 268 -17.54 53.41 -67.12
N ASN D 269 -16.80 54.04 -66.20
CA ASN D 269 -15.42 54.47 -66.44
C ASN D 269 -14.55 53.22 -66.58
N ILE D 270 -13.94 53.10 -67.76
CA ILE D 270 -13.09 51.97 -68.14
C ILE D 270 -12.01 51.56 -67.13
N MET D 271 -11.39 52.55 -66.49
CA MET D 271 -10.34 52.34 -65.50
C MET D 271 -10.72 51.55 -64.24
N LEU D 272 -12.02 51.31 -64.06
CA LEU D 272 -12.54 50.52 -62.94
C LEU D 272 -12.21 49.03 -63.12
N GLY D 273 -12.06 48.63 -64.38
CA GLY D 273 -11.74 47.27 -64.75
C GLY D 273 -10.26 46.91 -64.68
N HIS D 274 -9.42 47.91 -64.37
CA HIS D 274 -7.98 47.73 -64.25
C HIS D 274 -7.62 46.69 -63.18
N ALA D 275 -6.57 45.93 -63.45
CA ALA D 275 -6.08 44.86 -62.57
C ALA D 275 -5.86 45.24 -61.10
N SER D 276 -5.25 46.40 -60.87
CA SER D 276 -4.98 46.88 -59.51
C SER D 276 -6.22 47.40 -58.79
N VAL D 277 -7.23 47.82 -59.57
CA VAL D 277 -8.52 48.30 -59.05
C VAL D 277 -9.38 47.09 -58.68
N GLN D 278 -9.30 46.05 -59.52
CA GLN D 278 -10.04 44.80 -59.33
C GLN D 278 -9.60 44.02 -58.09
N ALA D 279 -8.32 44.18 -57.71
CA ALA D 279 -7.75 43.53 -56.52
C ALA D 279 -8.39 44.07 -55.23
N GLU D 280 -8.70 45.37 -55.24
CA GLU D 280 -9.30 46.05 -54.10
C GLU D 280 -10.81 45.81 -53.98
N MET D 281 -11.45 45.47 -55.10
CA MET D 281 -12.89 45.23 -55.20
C MET D 281 -13.60 44.45 -54.10
N GLU D 282 -12.98 43.35 -53.65
CA GLU D 282 -13.52 42.51 -52.58
C GLU D 282 -13.74 43.33 -51.30
N GLN D 283 -12.76 44.18 -50.98
CA GLN D 283 -12.80 45.04 -49.80
C GLN D 283 -13.61 46.32 -49.97
N VAL D 284 -13.68 46.87 -51.20
CA VAL D 284 -14.46 48.09 -51.45
C VAL D 284 -15.96 47.81 -51.36
N VAL D 285 -16.34 46.59 -51.71
CA VAL D 285 -17.73 46.13 -51.63
C VAL D 285 -18.13 46.04 -50.15
N GLU D 286 -17.20 45.56 -49.31
CA GLU D 286 -17.40 45.44 -47.86
C GLU D 286 -17.85 46.77 -47.24
N VAL D 287 -17.17 47.86 -47.59
CA VAL D 287 -17.50 49.20 -47.11
C VAL D 287 -18.83 49.72 -47.67
N TYR D 288 -19.09 49.45 -48.95
CA TYR D 288 -20.35 49.83 -49.59
C TYR D 288 -21.53 49.09 -48.97
N GLU D 289 -21.33 47.80 -48.69
CA GLU D 289 -22.33 46.96 -48.04
C GLU D 289 -22.53 47.40 -46.58
N TYR D 290 -21.45 47.90 -45.96
CA TYR D 290 -21.48 48.44 -44.61
C TYR D 290 -22.29 49.74 -44.57
N ALA D 291 -22.07 50.57 -45.58
CA ALA D 291 -22.78 51.85 -45.74
C ALA D 291 -24.27 51.59 -45.99
N GLN D 292 -24.56 50.53 -46.75
CA GLN D 292 -25.91 50.09 -47.06
C GLN D 292 -26.60 49.57 -45.79
N LYS D 293 -25.83 48.85 -44.97
CA LYS D 293 -26.30 48.27 -43.70
C LYS D 293 -26.72 49.36 -42.70
N LEU D 294 -25.85 50.37 -42.53
CA LEU D 294 -26.10 51.47 -41.60
C LEU D 294 -27.30 52.34 -41.99
N GLY D 295 -27.50 52.50 -43.30
CA GLY D 295 -28.58 53.29 -43.86
C GLY D 295 -28.45 54.77 -43.52
N GLY D 296 -29.55 55.36 -43.09
CA GLY D 296 -29.66 56.76 -42.72
C GLY D 296 -28.74 57.23 -41.61
N GLU D 297 -28.44 56.31 -40.69
CA GLU D 297 -27.57 56.54 -39.54
C GLU D 297 -26.20 57.11 -39.96
N ALA D 298 -25.64 56.53 -41.03
CA ALA D 298 -24.33 56.90 -41.59
C ALA D 298 -24.20 58.31 -42.16
N GLY D 299 -25.32 58.95 -42.49
CA GLY D 299 -25.37 60.28 -43.08
C GLY D 299 -24.67 61.38 -42.30
N PHE D 300 -24.83 61.35 -40.97
CA PHE D 300 -24.23 62.36 -40.10
C PHE D 300 -23.03 61.87 -39.28
N TYR D 301 -22.45 60.76 -39.72
CA TYR D 301 -21.28 60.13 -39.10
C TYR D 301 -20.03 61.00 -39.04
N HIS D 302 -19.87 61.89 -40.02
CA HIS D 302 -18.71 62.78 -40.05
C HIS D 302 -18.99 64.12 -39.41
N ILE D 303 -20.23 64.60 -39.55
CA ILE D 303 -20.69 65.86 -38.95
C ILE D 303 -20.52 65.77 -37.43
N LEU D 304 -21.18 64.78 -36.81
CA LEU D 304 -20.96 64.45 -35.40
C LEU D 304 -19.70 63.60 -35.55
N ASN D 305 -18.69 63.81 -34.70
CA ASN D 305 -17.47 63.01 -34.85
C ASN D 305 -17.64 61.57 -34.36
N ASN D 306 -18.48 60.82 -35.09
CA ASN D 306 -18.76 59.42 -34.81
C ASN D 306 -17.49 58.63 -35.06
N PRO D 307 -17.12 57.75 -34.09
CA PRO D 307 -15.91 56.93 -34.18
C PRO D 307 -15.86 56.01 -35.40
N LYS D 308 -17.04 55.49 -35.78
CA LYS D 308 -17.19 54.58 -36.90
C LYS D 308 -17.07 55.26 -38.29
N ALA D 309 -16.99 56.59 -38.30
CA ALA D 309 -16.87 57.36 -39.55
C ALA D 309 -15.66 56.96 -40.42
N SER D 310 -14.59 56.53 -39.74
CA SER D 310 -13.35 56.09 -40.38
C SER D 310 -13.56 54.84 -41.23
N LEU D 311 -14.49 53.98 -40.80
CA LEU D 311 -14.81 52.72 -41.47
C LEU D 311 -15.41 52.87 -42.86
N LEU D 312 -16.00 54.04 -43.13
CA LEU D 312 -16.61 54.36 -44.41
C LEU D 312 -15.62 54.91 -45.46
N SER D 313 -14.35 55.02 -45.08
CA SER D 313 -13.29 55.52 -45.95
C SER D 313 -12.91 54.58 -47.09
N LEU D 314 -12.74 55.17 -48.28
CA LEU D 314 -12.31 54.46 -49.48
C LEU D 314 -10.84 54.79 -49.80
N THR D 315 -10.30 55.76 -49.05
CA THR D 315 -8.91 56.23 -49.14
C THR D 315 -7.92 55.08 -48.88
N GLN D 316 -8.36 54.11 -48.08
CA GLN D 316 -7.59 52.90 -47.77
C GLN D 316 -7.36 52.00 -49.01
N PHE D 317 -8.04 52.35 -50.11
CA PHE D 317 -7.92 51.66 -51.40
C PHE D 317 -7.39 52.68 -52.42
N PRO D 318 -6.05 52.84 -52.51
CA PRO D 318 -5.38 53.81 -53.39
C PRO D 318 -5.78 53.78 -54.86
N HIS D 319 -5.92 52.59 -55.43
CA HIS D 319 -6.26 52.41 -56.83
C HIS D 319 -7.69 52.82 -57.18
N PHE D 320 -8.66 52.29 -56.44
CA PHE D 320 -10.08 52.59 -56.63
C PHE D 320 -10.39 54.08 -56.39
N SER D 321 -9.79 54.64 -55.32
CA SER D 321 -9.96 56.06 -54.98
C SER D 321 -9.47 56.97 -56.10
N SER D 322 -8.36 56.60 -56.72
CA SER D 322 -7.74 57.35 -57.81
C SER D 322 -8.59 57.40 -59.08
N VAL D 323 -9.13 56.25 -59.50
CA VAL D 323 -10.02 56.19 -60.67
C VAL D 323 -11.32 56.96 -60.40
N VAL D 324 -11.81 56.85 -59.16
CA VAL D 324 -13.02 57.55 -58.71
C VAL D 324 -12.81 59.07 -58.72
N LEU D 325 -11.65 59.50 -58.21
CA LEU D 325 -11.25 60.91 -58.19
C LEU D 325 -10.98 61.44 -59.59
N GLY D 326 -10.43 60.58 -60.45
CA GLY D 326 -10.14 60.87 -61.86
C GLY D 326 -11.42 61.12 -62.62
N ASN D 327 -12.36 60.20 -62.49
CA ASN D 327 -13.68 60.29 -63.11
C ASN D 327 -14.41 61.58 -62.71
N ALA D 328 -14.28 61.95 -61.44
CA ALA D 328 -14.86 63.17 -60.88
C ALA D 328 -14.23 64.43 -61.48
N ALA D 329 -12.93 64.35 -61.79
CA ALA D 329 -12.20 65.46 -62.40
C ALA D 329 -12.51 65.58 -63.88
N GLY D 330 -12.61 64.42 -64.55
CA GLY D 330 -12.91 64.31 -65.97
C GLY D 330 -14.31 64.78 -66.31
N LEU D 331 -15.24 64.55 -65.39
CA LEU D 331 -16.63 64.99 -65.52
C LEU D 331 -16.77 66.45 -65.06
N GLY D 332 -15.68 67.01 -64.55
CA GLY D 332 -15.59 68.39 -64.08
C GLY D 332 -16.48 68.70 -62.88
N ILE D 333 -16.60 67.74 -61.97
CA ILE D 333 -17.44 67.89 -60.78
C ILE D 333 -16.72 68.19 -59.47
N MET D 334 -15.41 68.02 -59.44
CA MET D 334 -14.59 68.35 -58.26
C MET D 334 -13.99 69.76 -58.38
N GLY D 335 -13.08 70.12 -57.47
CA GLY D 335 -12.44 71.41 -57.47
C GLY D 335 -13.25 72.47 -56.75
N GLU D 336 -12.72 73.10 -55.69
CA GLU D 336 -11.37 72.84 -55.18
C GLU D 336 -11.38 71.79 -54.06
N TYR D 337 -11.61 70.55 -54.45
CA TYR D 337 -11.63 69.42 -53.53
C TYR D 337 -10.18 69.09 -53.18
N ARG D 338 -9.87 69.16 -51.88
CA ARG D 338 -8.51 68.93 -51.37
C ARG D 338 -8.05 67.46 -51.28
N GLY D 339 -8.71 66.59 -52.03
CA GLY D 339 -8.38 65.17 -52.10
C GLY D 339 -7.32 64.93 -53.16
N THR D 340 -6.29 64.18 -52.78
CA THR D 340 -5.16 63.86 -53.67
C THR D 340 -5.17 62.37 -54.02
N PRO D 341 -5.01 62.03 -55.33
CA PRO D 341 -4.97 60.61 -55.72
C PRO D 341 -3.63 59.97 -55.37
N ARG D 342 -3.70 58.80 -54.73
CA ARG D 342 -2.50 58.05 -54.33
C ARG D 342 -1.76 57.46 -55.54
N ASN D 343 -2.53 57.06 -56.57
CA ASN D 343 -1.99 56.55 -57.83
C ASN D 343 -2.27 57.60 -58.89
N GLN D 344 -1.23 58.32 -59.30
CA GLN D 344 -1.35 59.39 -60.28
C GLN D 344 -1.70 58.92 -61.69
N ASP D 345 -1.08 57.82 -62.11
CA ASP D 345 -1.29 57.23 -63.44
C ASP D 345 -2.73 56.78 -63.69
N LEU D 346 -3.33 56.17 -62.68
CA LEU D 346 -4.72 55.70 -62.74
C LEU D 346 -5.71 56.86 -62.75
N TYR D 347 -5.37 57.93 -62.03
CA TYR D 347 -6.19 59.14 -61.95
C TYR D 347 -6.24 59.82 -63.32
N ASP D 348 -5.06 60.00 -63.92
CA ASP D 348 -4.90 60.64 -65.24
C ASP D 348 -5.61 59.86 -66.35
N ALA D 349 -5.54 58.53 -66.26
CA ALA D 349 -6.19 57.64 -67.22
C ALA D 349 -7.71 57.69 -67.10
N ALA D 350 -8.20 57.79 -65.86
CA ALA D 350 -9.63 57.87 -65.57
C ALA D 350 -10.19 59.25 -65.93
N LYS D 351 -9.40 60.29 -65.69
CA LYS D 351 -9.76 61.67 -66.02
C LYS D 351 -9.91 61.82 -67.54
N ALA D 352 -8.98 61.19 -68.27
CA ALA D 352 -8.97 61.21 -69.74
C ALA D 352 -10.20 60.53 -70.33
N TYR D 353 -10.55 59.36 -69.80
CA TYR D 353 -11.71 58.60 -70.26
C TYR D 353 -13.03 59.30 -69.96
N ALA D 354 -13.10 59.92 -68.78
CA ALA D 354 -14.27 60.67 -68.33
C ALA D 354 -14.52 61.90 -69.19
N GLU D 355 -13.43 62.52 -69.65
CA GLU D 355 -13.48 63.69 -70.54
C GLU D 355 -13.99 63.28 -71.92
N GLN D 356 -13.67 62.05 -72.32
CA GLN D 356 -14.12 61.50 -73.59
C GLN D 356 -15.59 61.06 -73.53
N LEU D 357 -16.06 60.73 -72.33
CA LEU D 357 -17.45 60.31 -72.09
C LEU D 357 -18.44 61.45 -72.30
N LYS D 358 -18.03 62.67 -71.94
CA LYS D 358 -18.87 63.86 -72.10
C LYS D 358 -18.88 64.48 -73.51
N GLU D 359 -18.36 63.73 -74.48
CA GLU D 359 -18.32 64.12 -75.88
C GLU D 359 -19.16 63.17 -76.75
N ASN D 360 -19.18 61.90 -76.35
CA ASN D 360 -19.94 60.85 -77.04
C ASN D 360 -21.38 60.78 -76.50
N GLY D 361 -22.04 59.63 -76.71
CA GLY D 361 -23.40 59.38 -76.26
C GLY D 361 -24.26 58.79 -77.36
N VAL D 362 -24.27 57.46 -77.43
CA VAL D 362 -25.04 56.72 -78.44
C VAL D 362 -26.34 56.20 -77.80
N ILE D 363 -27.42 56.24 -78.58
CA ILE D 363 -28.74 55.78 -78.14
C ILE D 363 -28.83 54.26 -78.12
N ASN D 364 -29.26 53.75 -76.95
CA ASN D 364 -29.51 52.33 -76.75
C ASN D 364 -30.97 52.02 -76.95
N TYR D 365 -31.31 51.55 -78.16
CA TYR D 365 -32.70 51.29 -78.58
C TYR D 365 -33.37 50.07 -77.94
N SER D 366 -32.56 49.17 -77.38
CA SER D 366 -33.05 47.95 -76.72
C SER D 366 -33.74 48.22 -75.39
N VAL D 367 -33.41 49.35 -74.77
CA VAL D 367 -33.97 49.79 -73.47
C VAL D 367 -35.47 50.13 -73.61
N LEU D 368 -35.79 50.87 -74.66
CA LEU D 368 -37.17 51.30 -74.96
C LEU D 368 -38.02 50.13 -75.43
N ASP D 369 -39.31 50.17 -75.08
CA ASP D 369 -40.27 49.12 -75.45
C ASP D 369 -40.86 49.33 -76.85
N LEU D 370 -39.98 49.52 -77.83
CA LEU D 370 -40.35 49.76 -79.23
C LEU D 370 -40.87 48.51 -79.92
N THR D 371 -41.95 48.68 -80.70
CA THR D 371 -42.59 47.61 -81.45
C THR D 371 -42.04 47.55 -82.89
N ALA D 372 -42.82 48.03 -83.85
CA ALA D 372 -42.42 48.07 -85.26
C ALA D 372 -41.50 49.28 -85.46
N GLU D 373 -40.21 49.00 -85.62
CA GLU D 373 -39.19 50.04 -85.79
C GLU D 373 -38.96 50.44 -87.24
N GLU D 374 -39.07 51.76 -87.47
CA GLU D 374 -38.96 52.38 -88.80
C GLU D 374 -38.11 53.62 -88.64
N LEU D 375 -37.34 53.64 -87.53
CA LEU D 375 -36.52 54.76 -87.02
C LEU D 375 -36.33 56.11 -87.70
N ALA E 2 -18.23 42.42 -56.75
CA ALA E 2 -18.85 42.81 -58.01
C ALA E 2 -19.15 44.31 -58.04
N LEU E 3 -18.98 44.90 -59.23
CA LEU E 3 -19.26 46.32 -59.44
C LEU E 3 -20.75 46.66 -59.41
N SER E 4 -21.58 45.62 -59.38
CA SER E 4 -23.03 45.76 -59.29
C SER E 4 -23.42 46.13 -57.86
N LYS E 5 -22.60 45.66 -56.92
CA LYS E 5 -22.78 45.89 -55.48
C LYS E 5 -22.44 47.30 -55.01
N VAL E 6 -21.62 48.02 -55.79
CA VAL E 6 -21.25 49.41 -55.48
C VAL E 6 -22.41 50.38 -55.76
N LYS E 7 -23.31 50.45 -54.78
CA LYS E 7 -24.50 51.31 -54.83
C LYS E 7 -24.86 51.81 -53.43
N LEU E 8 -25.70 52.83 -53.39
CA LEU E 8 -26.18 53.42 -52.13
C LEU E 8 -27.50 54.15 -52.41
N ASN E 9 -28.56 53.66 -51.76
CA ASN E 9 -29.90 54.25 -51.94
C ASN E 9 -30.12 55.40 -50.97
N ASP E 10 -29.52 56.55 -51.30
CA ASP E 10 -29.61 57.75 -50.48
C ASP E 10 -31.02 58.29 -50.27
N THR E 11 -31.86 58.20 -51.30
CA THR E 11 -33.26 58.66 -51.26
C THR E 11 -34.07 57.88 -50.21
N LEU E 12 -33.95 56.56 -50.24
CA LEU E 12 -34.64 55.67 -49.32
C LEU E 12 -34.11 55.78 -47.88
N ASN E 13 -32.79 55.87 -47.76
CA ASN E 13 -32.12 55.98 -46.46
C ASN E 13 -32.41 57.30 -45.75
N LYS E 14 -32.48 58.41 -46.50
CA LYS E 14 -32.80 59.72 -45.97
C LYS E 14 -34.21 59.73 -45.38
N ASP E 15 -35.15 59.11 -46.10
CA ASP E 15 -36.53 58.96 -45.66
C ASP E 15 -36.59 58.10 -44.39
N GLN E 16 -35.84 56.99 -44.40
CA GLN E 16 -35.74 56.06 -43.27
C GLN E 16 -35.29 56.79 -41.99
N LEU E 17 -34.29 57.67 -42.14
CA LEU E 17 -33.75 58.48 -41.05
C LEU E 17 -34.81 59.40 -40.45
N LEU E 18 -35.60 60.03 -41.32
CA LEU E 18 -36.67 60.95 -40.90
C LEU E 18 -37.91 60.27 -40.36
N SER E 19 -38.21 59.09 -40.91
CA SER E 19 -39.36 58.29 -40.48
C SER E 19 -39.11 57.64 -39.11
N SER E 20 -37.84 57.41 -38.78
CA SER E 20 -37.45 56.77 -37.52
C SER E 20 -36.79 57.70 -36.51
N SER E 21 -37.35 58.90 -36.34
CA SER E 21 -36.84 59.88 -35.39
C SER E 21 -37.19 59.48 -33.96
N LYS E 22 -36.18 59.49 -33.08
CA LYS E 22 -36.35 59.12 -31.67
C LYS E 22 -36.92 60.27 -30.84
N TYR E 23 -36.81 61.49 -31.37
CA TYR E 23 -37.23 62.71 -30.69
C TYR E 23 -38.21 63.53 -31.51
N THR E 24 -38.96 64.41 -30.84
CA THR E 24 -40.00 65.22 -31.48
C THR E 24 -39.98 66.70 -31.11
N ILE E 25 -40.32 67.54 -32.09
CA ILE E 25 -40.44 68.98 -31.88
C ILE E 25 -41.92 69.40 -31.84
N GLN E 26 -42.21 70.42 -31.04
CA GLN E 26 -43.55 70.97 -30.92
C GLN E 26 -43.46 72.48 -31.06
N ARG E 27 -44.19 73.01 -32.04
CA ARG E 27 -44.16 74.43 -32.40
C ARG E 27 -45.26 75.26 -31.76
N SER E 28 -44.92 76.47 -31.35
CA SER E 28 -45.89 77.40 -30.77
C SER E 28 -46.58 78.17 -31.91
N THR E 29 -47.90 78.02 -31.99
CA THR E 29 -48.72 78.67 -33.03
C THR E 29 -48.84 80.18 -32.84
N GLY E 30 -48.72 80.63 -31.59
CA GLY E 30 -48.83 82.01 -31.19
C GLY E 30 -49.56 82.06 -29.87
N ASP E 31 -50.62 82.88 -29.81
CA ASP E 31 -51.39 83.03 -28.60
C ASP E 31 -52.64 82.16 -28.49
N SER E 32 -53.54 82.26 -29.47
CA SER E 32 -54.80 81.50 -29.48
C SER E 32 -55.33 81.22 -30.87
N ILE E 33 -55.94 80.05 -31.02
CA ILE E 33 -56.59 79.62 -32.27
C ILE E 33 -58.06 79.34 -31.96
N ASP E 34 -58.95 79.95 -32.74
CA ASP E 34 -60.39 79.73 -32.61
C ASP E 34 -60.68 78.36 -33.19
N THR E 35 -61.30 77.51 -32.37
CA THR E 35 -61.68 76.16 -32.77
C THR E 35 -63.20 76.05 -32.73
N PRO E 36 -63.89 76.48 -33.82
CA PRO E 36 -65.35 76.40 -33.79
C PRO E 36 -65.87 74.98 -34.00
N ASN E 37 -66.92 74.64 -33.26
CA ASN E 37 -67.55 73.33 -33.35
C ASN E 37 -68.75 73.41 -34.30
N TYR E 38 -69.37 72.25 -34.53
CA TYR E 38 -70.51 72.11 -35.44
C TYR E 38 -71.69 73.05 -35.18
N ASP E 39 -71.89 73.43 -33.92
CA ASP E 39 -72.99 74.33 -33.52
C ASP E 39 -72.90 75.73 -34.15
N VAL E 40 -71.67 76.16 -34.40
CA VAL E 40 -71.37 77.47 -34.96
C VAL E 40 -71.26 77.48 -36.50
N GLN E 41 -71.23 76.27 -37.09
CA GLN E 41 -71.11 76.06 -38.54
C GLN E 41 -72.11 76.82 -39.41
N LYS E 42 -73.39 76.76 -39.03
CA LYS E 42 -74.47 77.45 -39.75
C LYS E 42 -74.30 78.97 -39.74
N HIS E 43 -73.83 79.50 -38.61
CA HIS E 43 -73.58 80.93 -38.44
C HIS E 43 -72.45 81.43 -39.35
N ILE E 44 -71.39 80.62 -39.48
CA ILE E 44 -70.24 80.95 -40.33
C ILE E 44 -70.65 80.93 -41.81
N ASN E 45 -71.50 79.97 -42.17
CA ASN E 45 -72.02 79.85 -43.53
C ASN E 45 -72.82 81.09 -43.92
N LYS E 46 -73.58 81.62 -42.95
CA LYS E 46 -74.38 82.84 -43.11
C LYS E 46 -73.43 84.04 -43.29
N LEU E 47 -72.33 84.05 -42.53
CA LEU E 47 -71.30 85.10 -42.60
C LEU E 47 -70.59 85.07 -43.95
N CYS E 48 -70.37 83.87 -44.48
CA CYS E 48 -69.76 83.65 -45.80
C CYS E 48 -70.69 84.20 -46.87
N GLY E 49 -71.99 83.92 -46.70
CA GLY E 49 -73.05 84.37 -47.60
C GLY E 49 -73.20 85.87 -47.61
N MET E 50 -72.99 86.50 -46.45
CA MET E 50 -73.06 87.95 -46.30
C MET E 50 -72.01 88.65 -47.14
N LEU E 51 -70.80 88.06 -47.20
CA LEU E 51 -69.69 88.58 -48.00
C LEU E 51 -69.95 88.34 -49.49
N LEU E 52 -70.62 87.22 -49.79
CA LEU E 52 -70.95 86.86 -51.17
C LEU E 52 -72.06 87.69 -51.80
N ILE E 53 -72.99 88.18 -50.98
CA ILE E 53 -74.09 89.02 -51.47
C ILE E 53 -73.67 90.49 -51.60
N THR E 54 -72.64 90.87 -50.83
CA THR E 54 -72.11 92.23 -50.80
C THR E 54 -71.39 92.60 -52.10
N GLU E 55 -71.95 93.59 -52.81
CA GLU E 55 -71.39 94.12 -54.04
C GLU E 55 -70.13 94.90 -53.64
N ASP E 56 -69.00 94.58 -54.27
CA ASP E 56 -67.69 95.16 -53.97
C ASP E 56 -67.32 95.01 -52.49
N ALA E 57 -67.35 93.75 -52.05
CA ALA E 57 -67.09 93.37 -50.66
C ALA E 57 -65.63 93.48 -50.26
N ASN E 58 -65.41 93.70 -48.96
CA ASN E 58 -64.07 93.77 -48.39
C ASN E 58 -63.66 92.35 -47.98
N HIS E 59 -62.88 91.71 -48.86
CA HIS E 59 -62.42 90.34 -48.63
C HIS E 59 -61.11 90.23 -47.85
N LYS E 60 -60.90 91.17 -46.93
CA LYS E 60 -59.70 91.21 -46.09
C LYS E 60 -59.71 90.06 -45.07
N PHE E 61 -60.91 89.65 -44.68
CA PHE E 61 -61.12 88.63 -43.65
C PHE E 61 -61.67 87.30 -44.15
N THR E 62 -61.98 87.23 -45.45
CA THR E 62 -62.53 86.04 -46.09
C THR E 62 -61.65 84.78 -46.01
N GLY E 63 -60.34 84.97 -46.05
CA GLY E 63 -59.37 83.89 -45.92
C GLY E 63 -59.46 83.24 -44.55
N LEU E 64 -59.58 84.08 -43.53
CA LEU E 64 -59.72 83.65 -42.14
C LEU E 64 -61.12 83.06 -41.87
N ILE E 65 -62.15 83.72 -42.40
CA ILE E 65 -63.55 83.28 -42.27
C ILE E 65 -63.73 81.91 -42.94
N GLY E 66 -63.09 81.75 -44.09
CA GLY E 66 -63.08 80.51 -44.86
C GLY E 66 -62.48 79.37 -44.03
N MET E 67 -61.39 79.69 -43.33
CA MET E 67 -60.71 78.73 -42.45
C MET E 67 -61.57 78.34 -41.27
N LEU E 68 -62.34 79.31 -40.74
CA LEU E 68 -63.26 79.06 -39.63
C LEU E 68 -64.38 78.11 -40.04
N TYR E 69 -64.86 78.26 -41.27
CA TYR E 69 -65.91 77.38 -41.80
C TYR E 69 -65.40 75.95 -41.97
N ALA E 70 -64.16 75.80 -42.46
CA ALA E 70 -63.52 74.51 -42.64
C ALA E 70 -63.31 73.82 -41.30
N MET E 71 -62.97 74.63 -40.28
CA MET E 71 -62.77 74.15 -38.92
C MET E 71 -64.08 73.76 -38.25
N SER E 72 -65.15 74.50 -38.56
CA SER E 72 -66.49 74.23 -38.02
C SER E 72 -67.10 72.97 -38.62
N ARG E 73 -66.65 72.61 -39.83
CA ARG E 73 -67.07 71.40 -40.52
C ARG E 73 -66.35 70.20 -39.89
N LEU E 74 -65.07 70.40 -39.55
CA LEU E 74 -64.26 69.38 -38.87
C LEU E 74 -64.72 69.20 -37.42
N GLY E 75 -65.07 70.31 -36.77
CA GLY E 75 -65.54 70.36 -35.40
C GLY E 75 -64.41 70.37 -34.39
N ARG E 76 -64.49 71.27 -33.41
CA ARG E 76 -63.50 71.48 -32.34
C ARG E 76 -62.52 70.33 -32.04
N GLU E 77 -63.08 69.17 -31.67
CA GLU E 77 -62.29 67.97 -31.34
C GLU E 77 -61.31 67.54 -32.42
N ASP E 78 -61.80 67.38 -33.65
CA ASP E 78 -60.99 66.99 -34.80
C ASP E 78 -59.97 68.05 -35.20
N THR E 79 -60.39 69.33 -35.27
CA THR E 79 -59.47 70.42 -35.60
C THR E 79 -58.28 70.56 -34.64
N ILE E 80 -58.53 70.39 -33.34
CA ILE E 80 -57.47 70.40 -32.31
C ILE E 80 -56.51 69.22 -32.56
N LYS E 81 -57.09 68.06 -32.85
CA LYS E 81 -56.35 66.84 -33.17
C LYS E 81 -55.43 67.03 -34.38
N ILE E 82 -55.94 67.67 -35.45
CA ILE E 82 -55.14 67.93 -36.65
C ILE E 82 -54.00 68.91 -36.40
N LEU E 83 -54.23 69.89 -35.51
CA LEU E 83 -53.23 70.87 -35.12
C LEU E 83 -52.12 70.23 -34.28
N ARG E 84 -52.50 69.34 -33.37
CA ARG E 84 -51.56 68.63 -32.50
C ARG E 84 -50.74 67.60 -33.27
N ASP E 85 -51.39 66.88 -34.19
CA ASP E 85 -50.75 65.87 -35.04
C ASP E 85 -49.76 66.50 -36.01
N ALA E 86 -50.02 67.74 -36.41
CA ALA E 86 -49.15 68.50 -37.32
C ALA E 86 -47.86 68.94 -36.63
N GLY E 87 -47.91 69.06 -35.30
CA GLY E 87 -46.79 69.43 -34.46
C GLY E 87 -46.89 70.82 -33.86
N TYR E 88 -48.11 71.21 -33.48
CA TYR E 88 -48.36 72.54 -32.91
C TYR E 88 -48.99 72.52 -31.52
N HIS E 89 -48.53 73.44 -30.68
CA HIS E 89 -49.03 73.62 -29.32
C HIS E 89 -50.20 74.60 -29.44
N VAL E 90 -51.41 74.11 -29.14
CA VAL E 90 -52.62 74.92 -29.30
C VAL E 90 -53.43 75.33 -28.09
N LYS E 91 -53.64 76.64 -27.98
CA LYS E 91 -54.49 77.24 -26.96
C LYS E 91 -55.82 77.49 -27.67
N ALA E 92 -56.72 76.52 -27.54
CA ALA E 92 -58.02 76.54 -28.20
C ALA E 92 -58.98 77.58 -27.65
N ASN E 93 -59.57 78.35 -28.54
CA ASN E 93 -60.57 79.35 -28.21
C ASN E 93 -61.94 78.84 -28.63
N GLY E 94 -62.86 78.76 -27.66
CA GLY E 94 -64.23 78.29 -27.88
C GLY E 94 -65.08 79.36 -28.53
N VAL E 95 -65.64 79.03 -29.69
CA VAL E 95 -66.48 79.94 -30.45
C VAL E 95 -67.96 79.75 -30.07
N ASP E 96 -68.56 80.82 -29.55
CA ASP E 96 -69.96 80.83 -29.11
C ASP E 96 -70.70 82.00 -29.75
N VAL E 97 -72.02 81.86 -29.91
CA VAL E 97 -72.85 82.92 -30.47
C VAL E 97 -73.40 83.80 -29.34
N THR E 98 -73.19 85.11 -29.48
CA THR E 98 -73.66 86.11 -28.52
C THR E 98 -74.34 87.26 -29.25
N THR E 99 -75.34 87.86 -28.61
CA THR E 99 -76.07 88.99 -29.18
C THR E 99 -75.42 90.29 -28.73
N HIS E 100 -75.02 91.11 -29.71
CA HIS E 100 -74.38 92.39 -29.46
C HIS E 100 -75.31 93.55 -29.83
N ARG E 101 -75.51 94.46 -28.88
CA ARG E 101 -76.35 95.64 -29.08
C ARG E 101 -75.48 96.88 -29.27
N GLN E 102 -75.63 97.50 -30.43
CA GLN E 102 -74.88 98.71 -30.79
C GLN E 102 -75.78 99.65 -31.59
N ASP E 103 -75.74 100.93 -31.24
CA ASP E 103 -76.54 101.95 -31.91
C ASP E 103 -75.87 102.53 -33.16
N ILE E 104 -76.27 102.00 -34.31
CA ILE E 104 -75.77 102.42 -35.62
C ILE E 104 -76.77 103.42 -36.19
N ASN E 105 -76.26 104.63 -36.47
CA ASN E 105 -77.04 105.77 -36.97
C ASN E 105 -78.17 106.20 -36.03
N GLY E 106 -77.87 106.19 -34.73
CA GLY E 106 -78.79 106.55 -33.67
C GLY E 106 -79.65 105.41 -33.16
N LYS E 107 -80.22 104.65 -34.09
CA LYS E 107 -81.10 103.51 -33.80
C LYS E 107 -80.30 102.32 -33.25
N GLU E 108 -80.71 101.84 -32.06
CA GLU E 108 -80.07 100.70 -31.40
C GLU E 108 -80.40 99.42 -32.16
N MET E 109 -79.35 98.71 -32.57
CA MET E 109 -79.49 97.48 -33.36
C MET E 109 -78.89 96.24 -32.68
N LYS E 110 -79.49 95.09 -32.97
CA LYS E 110 -79.05 93.79 -32.45
C LYS E 110 -78.32 93.01 -33.54
N PHE E 111 -77.23 92.33 -33.15
CA PHE E 111 -76.42 91.54 -34.05
C PHE E 111 -76.00 90.23 -33.41
N GLU E 112 -76.03 89.15 -34.19
CA GLU E 112 -75.58 87.84 -33.74
C GLU E 112 -74.12 87.71 -34.15
N VAL E 113 -73.23 87.76 -33.16
CA VAL E 113 -71.78 87.69 -33.39
C VAL E 113 -71.14 86.46 -32.74
N LEU E 114 -69.93 86.13 -33.20
CA LEU E 114 -69.16 85.00 -32.68
C LEU E 114 -68.04 85.48 -31.78
N THR E 115 -67.77 84.71 -30.72
CA THR E 115 -66.70 85.03 -29.78
C THR E 115 -65.38 84.54 -30.37
N LEU E 116 -64.83 85.36 -31.27
CA LEU E 116 -63.59 85.07 -31.97
C LEU E 116 -62.47 86.00 -31.55
N ALA E 117 -61.27 85.44 -31.45
CA ALA E 117 -60.07 86.20 -31.10
C ALA E 117 -59.50 86.85 -32.36
N SER E 118 -59.46 86.07 -33.44
CA SER E 118 -58.96 86.49 -34.75
C SER E 118 -59.84 87.54 -35.42
N LEU E 119 -61.15 87.51 -35.14
CA LEU E 119 -62.11 88.44 -35.72
C LEU E 119 -62.86 89.25 -34.66
N THR E 120 -62.74 90.57 -34.77
CA THR E 120 -63.39 91.52 -33.84
C THR E 120 -64.90 91.53 -34.05
N THR E 121 -65.63 91.76 -32.96
CA THR E 121 -67.09 91.86 -33.00
C THR E 121 -67.51 93.14 -33.76
N GLU E 122 -66.61 94.13 -33.74
CA GLU E 122 -66.80 95.41 -34.44
C GLU E 122 -66.68 95.22 -35.95
N ILE E 123 -65.81 94.30 -36.37
CA ILE E 123 -65.63 94.03 -37.80
C ILE E 123 -66.69 93.05 -38.34
N GLN E 124 -67.20 92.21 -37.45
CA GLN E 124 -68.23 91.22 -37.76
C GLN E 124 -69.56 91.91 -38.08
N ILE E 125 -69.90 92.93 -37.30
CA ILE E 125 -71.13 93.71 -37.47
C ILE E 125 -71.13 94.49 -38.79
N ASN E 126 -69.94 94.97 -39.18
CA ASN E 126 -69.74 95.70 -40.42
C ASN E 126 -69.95 94.85 -41.67
N ILE E 127 -69.70 93.54 -41.56
CA ILE E 127 -69.92 92.59 -42.64
C ILE E 127 -71.45 92.46 -42.85
N GLU E 128 -72.17 92.37 -41.73
CA GLU E 128 -73.63 92.29 -41.72
C GLU E 128 -74.27 93.60 -42.18
N ILE E 129 -73.69 94.72 -41.75
CA ILE E 129 -74.17 96.07 -42.11
C ILE E 129 -74.12 96.30 -43.63
N GLU E 130 -72.95 96.03 -44.23
CA GLU E 130 -72.75 96.20 -45.66
C GLU E 130 -73.52 95.19 -46.52
N SER E 131 -73.81 94.02 -45.95
CA SER E 131 -74.58 92.98 -46.64
C SER E 131 -76.05 93.38 -46.73
N ARG E 132 -76.57 93.95 -45.64
CA ARG E 132 -77.95 94.42 -45.55
C ARG E 132 -78.23 95.53 -46.58
N LYS E 133 -77.22 96.38 -46.80
CA LYS E 133 -77.27 97.46 -47.79
C LYS E 133 -77.40 96.85 -49.18
N SER E 134 -76.56 95.84 -49.46
CA SER E 134 -76.55 95.13 -50.75
C SER E 134 -77.80 94.27 -50.95
N TYR E 135 -78.39 93.83 -49.84
CA TYR E 135 -79.60 93.00 -49.84
C TYR E 135 -80.84 93.83 -50.17
N LYS E 136 -80.95 95.02 -49.56
CA LYS E 136 -82.08 95.91 -49.80
C LYS E 136 -82.07 96.50 -51.22
N LYS E 137 -80.87 96.68 -51.77
CA LYS E 137 -80.66 97.17 -53.13
C LYS E 137 -81.05 96.07 -54.11
N MET E 138 -80.76 94.82 -53.73
CA MET E 138 -81.08 93.62 -54.50
C MET E 138 -82.58 93.34 -54.45
N LEU E 139 -83.20 93.63 -53.31
CA LEU E 139 -84.64 93.46 -53.10
C LEU E 139 -85.44 94.51 -53.88
N LYS E 140 -84.84 95.68 -54.07
CA LYS E 140 -85.42 96.79 -54.82
C LYS E 140 -85.35 96.53 -56.34
N GLU E 141 -84.33 95.79 -56.76
CA GLU E 141 -84.10 95.46 -58.17
C GLU E 141 -84.93 94.28 -58.70
N MET E 142 -85.06 93.22 -57.90
CA MET E 142 -85.80 92.02 -58.32
C MET E 142 -87.09 91.69 -57.56
N GLY E 143 -87.48 92.57 -56.62
CA GLY E 143 -88.69 92.41 -55.84
C GLY E 143 -88.55 91.35 -54.75
N GLU E 144 -88.51 90.09 -55.18
CA GLU E 144 -88.36 88.94 -54.29
C GLU E 144 -87.03 88.25 -54.61
N VAL E 145 -86.24 87.99 -53.56
CA VAL E 145 -84.93 87.33 -53.71
C VAL E 145 -85.00 85.81 -53.59
N ALA E 146 -84.61 85.14 -54.66
CA ALA E 146 -84.61 83.68 -54.77
C ALA E 146 -83.62 83.02 -53.79
N PRO E 147 -83.84 81.72 -53.44
CA PRO E 147 -82.92 81.02 -52.53
C PRO E 147 -81.47 80.93 -53.00
N GLU E 148 -81.27 81.00 -54.32
CA GLU E 148 -79.94 80.93 -54.95
C GLU E 148 -79.13 82.20 -54.76
N TYR E 149 -79.82 83.34 -54.72
CA TYR E 149 -79.19 84.67 -54.59
C TYR E 149 -78.92 85.15 -53.17
N ARG E 150 -79.51 84.46 -52.18
CA ARG E 150 -79.38 84.84 -50.77
C ARG E 150 -78.22 84.24 -49.97
N HIS E 151 -77.92 84.87 -48.84
CA HIS E 151 -76.86 84.47 -47.91
C HIS E 151 -77.14 83.19 -47.12
N ASP E 152 -78.42 82.84 -47.01
CA ASP E 152 -78.89 81.64 -46.27
C ASP E 152 -78.42 80.33 -46.87
N SER E 153 -78.28 80.30 -48.20
CA SER E 153 -77.89 79.11 -48.98
C SER E 153 -76.73 78.31 -48.38
N PRO E 154 -76.89 76.97 -48.27
CA PRO E 154 -75.86 76.09 -47.70
C PRO E 154 -74.56 76.02 -48.51
N ASP E 155 -74.63 76.42 -49.78
CA ASP E 155 -73.49 76.43 -50.70
C ASP E 155 -72.46 77.50 -50.34
N CYS E 156 -72.92 78.63 -49.80
CA CYS E 156 -72.11 79.79 -49.43
C CYS E 156 -70.71 79.56 -48.88
N GLY E 157 -70.62 78.81 -47.76
CA GLY E 157 -69.36 78.48 -47.12
C GLY E 157 -68.42 77.75 -48.06
N MET E 158 -68.96 76.72 -48.73
CA MET E 158 -68.21 75.90 -49.68
C MET E 158 -67.81 76.62 -50.97
N ILE E 159 -68.60 77.62 -51.37
CA ILE E 159 -68.31 78.44 -52.54
C ILE E 159 -67.00 79.20 -52.28
N ILE E 160 -66.89 79.78 -51.08
CA ILE E 160 -65.69 80.49 -50.64
C ILE E 160 -64.48 79.52 -50.57
N LEU E 161 -64.72 78.32 -50.05
CA LEU E 161 -63.68 77.31 -49.95
C LEU E 161 -63.28 76.71 -51.31
N CYS E 162 -64.08 76.96 -52.34
CA CYS E 162 -63.79 76.51 -53.71
C CYS E 162 -62.59 77.26 -54.29
N ILE E 163 -62.53 78.57 -54.03
CA ILE E 163 -61.38 79.37 -54.46
C ILE E 163 -60.17 79.13 -53.58
N ALA E 164 -60.41 78.66 -52.35
CA ALA E 164 -59.34 78.28 -51.41
C ALA E 164 -58.64 77.03 -51.93
N ALA E 165 -59.41 76.16 -52.58
CA ALA E 165 -58.91 74.93 -53.21
C ALA E 165 -58.09 75.29 -54.45
N LEU E 166 -58.45 76.39 -55.10
CA LEU E 166 -57.74 76.88 -56.28
C LEU E 166 -56.41 77.53 -55.89
N VAL E 167 -56.40 78.20 -54.73
CA VAL E 167 -55.19 78.82 -54.16
C VAL E 167 -54.21 77.71 -53.79
N ILE E 168 -54.74 76.67 -53.13
CA ILE E 168 -53.97 75.50 -52.72
C ILE E 168 -53.37 74.77 -53.93
N THR E 169 -54.07 74.86 -55.07
CA THR E 169 -53.65 74.26 -56.34
C THR E 169 -52.36 74.87 -56.88
N LYS E 170 -52.19 76.18 -56.64
CA LYS E 170 -51.05 76.95 -57.12
C LYS E 170 -50.05 77.39 -56.04
N LEU E 171 -50.12 76.78 -54.85
CA LEU E 171 -49.21 77.11 -53.74
C LEU E 171 -47.79 76.58 -53.91
N ALA E 172 -47.64 75.60 -54.82
CA ALA E 172 -46.35 74.97 -55.14
C ALA E 172 -45.30 75.96 -55.65
N ALA E 173 -45.75 77.00 -56.33
CA ALA E 173 -44.90 78.07 -56.85
C ALA E 173 -44.35 78.93 -55.69
N GLY E 174 -45.15 79.06 -54.63
CA GLY E 174 -44.85 79.77 -53.40
C GLY E 174 -44.52 81.26 -53.51
N ASP E 175 -45.23 81.96 -54.40
CA ASP E 175 -45.00 83.40 -54.62
C ASP E 175 -46.21 84.19 -55.16
N ARG E 176 -47.42 83.61 -55.05
CA ARG E 176 -48.67 84.22 -55.54
C ARG E 176 -48.74 84.40 -57.06
N SER E 177 -47.81 83.78 -57.78
CA SER E 177 -47.75 83.86 -59.24
C SER E 177 -48.94 83.18 -59.91
N GLY E 178 -49.47 82.15 -59.27
CA GLY E 178 -50.62 81.38 -59.73
C GLY E 178 -51.95 82.13 -59.74
N LEU E 179 -52.02 83.25 -59.02
CA LEU E 179 -53.22 84.09 -58.91
C LEU E 179 -54.00 84.31 -60.21
N THR E 180 -53.28 84.55 -61.30
CA THR E 180 -53.87 84.75 -62.63
C THR E 180 -54.66 83.51 -63.07
N ALA E 181 -54.05 82.34 -62.89
CA ALA E 181 -54.67 81.05 -63.20
C ALA E 181 -55.81 80.74 -62.25
N VAL E 182 -55.65 81.15 -60.99
CA VAL E 182 -56.66 80.98 -59.93
C VAL E 182 -57.95 81.71 -60.33
N ILE E 183 -57.80 82.97 -60.78
CA ILE E 183 -58.93 83.79 -61.24
C ILE E 183 -59.54 83.18 -62.51
N ARG E 184 -58.68 82.88 -63.48
CA ARG E 184 -59.07 82.28 -64.76
C ARG E 184 -59.97 81.05 -64.57
N ARG E 185 -59.50 80.10 -63.76
CA ARG E 185 -60.23 78.86 -63.47
C ARG E 185 -61.51 79.10 -62.67
N ALA E 186 -61.47 80.08 -61.76
CA ALA E 186 -62.63 80.47 -60.94
C ALA E 186 -63.75 81.06 -61.80
N ASN E 187 -63.43 81.39 -63.05
CA ASN E 187 -64.39 81.94 -64.00
C ASN E 187 -64.96 80.85 -64.91
N ASN E 188 -64.11 79.92 -65.34
CA ASN E 188 -64.52 78.79 -66.20
C ASN E 188 -65.38 77.83 -65.38
N VAL E 189 -64.81 77.34 -64.28
CA VAL E 189 -65.50 76.52 -63.28
C VAL E 189 -66.12 77.61 -62.40
N LEU E 190 -67.14 77.28 -61.61
CA LEU E 190 -67.75 78.25 -60.68
C LEU E 190 -68.43 79.47 -61.35
N LYS E 191 -68.80 79.33 -62.62
CA LYS E 191 -69.45 80.40 -63.40
C LYS E 191 -70.87 80.72 -62.94
N ASN E 192 -71.63 79.67 -62.64
CA ASN E 192 -73.01 79.78 -62.16
C ASN E 192 -73.06 80.42 -60.77
N GLU E 193 -72.04 80.12 -59.95
CA GLU E 193 -71.90 80.64 -58.59
C GLU E 193 -71.64 82.14 -58.58
N MET E 194 -70.88 82.59 -59.58
CA MET E 194 -70.54 84.02 -59.75
C MET E 194 -71.74 84.84 -60.20
N LYS E 195 -72.67 84.17 -60.91
CA LYS E 195 -73.91 84.79 -61.39
C LYS E 195 -74.82 85.11 -60.21
N ARG E 196 -74.95 84.15 -59.29
CA ARG E 196 -75.79 84.32 -58.11
C ARG E 196 -75.23 85.20 -56.99
N TYR E 197 -73.90 85.33 -56.95
CA TYR E 197 -73.25 86.14 -55.93
C TYR E 197 -72.35 87.26 -56.44
N LYS E 198 -72.79 88.50 -56.17
CA LYS E 198 -72.09 89.73 -56.57
C LYS E 198 -70.71 89.87 -55.91
N GLY E 199 -70.58 89.33 -54.70
CA GLY E 199 -69.37 89.36 -53.90
C GLY E 199 -68.35 88.27 -54.16
N LEU E 200 -68.62 87.40 -55.14
CA LEU E 200 -67.68 86.36 -55.50
C LEU E 200 -66.63 86.99 -56.42
N LEU E 201 -65.62 87.59 -55.78
CA LEU E 201 -64.53 88.27 -56.47
C LEU E 201 -63.29 87.38 -56.35
N PRO E 202 -63.03 86.53 -57.37
CA PRO E 202 -61.88 85.60 -57.33
C PRO E 202 -60.56 86.21 -56.87
N LYS E 203 -60.16 87.34 -57.47
CA LYS E 203 -58.92 88.05 -57.11
C LYS E 203 -58.87 88.43 -55.62
N ASP E 204 -59.94 89.04 -55.13
CA ASP E 204 -60.04 89.49 -53.74
C ASP E 204 -60.01 88.35 -52.72
N ILE E 205 -60.79 87.30 -52.97
CA ILE E 205 -60.87 86.12 -52.10
C ILE E 205 -59.58 85.30 -52.16
N ALA E 206 -59.04 85.13 -53.37
CA ALA E 206 -57.80 84.37 -53.58
C ALA E 206 -56.60 84.96 -52.86
N ASN E 207 -56.52 86.30 -52.86
CA ASN E 207 -55.45 87.02 -52.17
C ASN E 207 -55.58 86.86 -50.66
N SER E 208 -56.83 86.83 -50.17
CA SER E 208 -57.12 86.66 -48.76
C SER E 208 -56.64 85.30 -48.25
N PHE E 209 -56.88 84.26 -49.05
CA PHE E 209 -56.43 82.90 -48.73
C PHE E 209 -54.92 82.77 -48.84
N TYR E 210 -54.35 83.42 -49.86
CA TYR E 210 -52.90 83.45 -50.05
C TYR E 210 -52.24 84.06 -48.81
N GLU E 211 -52.83 85.16 -48.31
CA GLU E 211 -52.37 85.86 -47.11
C GLU E 211 -52.46 85.00 -45.85
N VAL E 212 -53.61 84.34 -45.66
CA VAL E 212 -53.83 83.48 -44.49
C VAL E 212 -52.88 82.26 -44.44
N PHE E 213 -52.56 81.72 -45.62
CA PHE E 213 -51.65 80.58 -45.73
C PHE E 213 -50.18 81.00 -45.54
N GLU E 214 -49.88 82.25 -45.90
CA GLU E 214 -48.54 82.82 -45.76
C GLU E 214 -48.30 83.21 -44.29
N LYS E 215 -49.27 83.90 -43.69
CA LYS E 215 -49.18 84.35 -42.31
C LYS E 215 -49.33 83.20 -41.29
N HIS E 216 -50.21 82.26 -41.60
CA HIS E 216 -50.46 81.11 -40.71
C HIS E 216 -50.28 79.79 -41.46
N PRO E 217 -49.03 79.26 -41.50
CA PRO E 217 -48.72 78.00 -42.22
C PRO E 217 -49.43 76.77 -41.68
N HIS E 218 -49.88 76.84 -40.42
CA HIS E 218 -50.61 75.75 -39.79
C HIS E 218 -52.02 75.61 -40.36
N PHE E 219 -52.55 76.72 -40.89
CA PHE E 219 -53.88 76.75 -41.51
C PHE E 219 -53.89 76.02 -42.84
N ILE E 220 -52.73 75.96 -43.51
CA ILE E 220 -52.62 75.23 -44.76
C ILE E 220 -52.73 73.71 -44.47
N ASP E 221 -52.18 73.29 -43.32
CA ASP E 221 -52.28 71.91 -42.85
C ASP E 221 -53.72 71.60 -42.49
N VAL E 222 -54.38 72.58 -41.86
CA VAL E 222 -55.80 72.48 -41.49
C VAL E 222 -56.67 72.33 -42.73
N PHE E 223 -56.44 73.19 -43.73
CA PHE E 223 -57.19 73.14 -44.98
C PHE E 223 -57.01 71.85 -45.77
N VAL E 224 -55.75 71.41 -45.92
CA VAL E 224 -55.42 70.18 -46.64
C VAL E 224 -56.13 68.99 -46.00
N HIS E 225 -56.04 68.90 -44.68
CA HIS E 225 -56.70 67.84 -43.92
C HIS E 225 -58.22 67.92 -43.92
N PHE E 226 -58.75 69.14 -44.03
CA PHE E 226 -60.20 69.35 -44.15
C PHE E 226 -60.63 68.84 -45.52
N GLY E 227 -59.92 69.27 -46.56
CA GLY E 227 -60.18 68.90 -47.95
C GLY E 227 -60.22 67.39 -48.17
N ILE E 228 -59.28 66.68 -47.52
CA ILE E 228 -59.21 65.22 -47.58
C ILE E 228 -60.42 64.63 -46.85
N ALA E 229 -60.75 65.18 -45.67
CA ALA E 229 -61.89 64.76 -44.86
C ALA E 229 -63.22 64.99 -45.58
N GLN E 230 -63.28 66.13 -46.29
CA GLN E 230 -64.43 66.53 -47.10
C GLN E 230 -64.53 65.59 -48.30
N SER E 231 -63.39 65.27 -48.91
CA SER E 231 -63.34 64.37 -50.06
C SER E 231 -63.52 62.88 -49.71
N SER E 232 -63.63 62.60 -48.41
CA SER E 232 -63.87 61.24 -47.90
C SER E 232 -65.37 60.95 -47.79
N THR E 233 -66.18 61.98 -47.98
CA THR E 233 -67.64 61.91 -47.92
C THR E 233 -68.24 60.94 -48.94
N ARG E 234 -69.44 60.44 -48.63
CA ARG E 234 -70.17 59.50 -49.48
C ARG E 234 -70.83 60.18 -50.70
N GLY E 235 -71.28 61.42 -50.48
CA GLY E 235 -71.94 62.25 -51.47
C GLY E 235 -72.13 63.66 -50.95
N GLY E 236 -72.81 64.49 -51.72
CA GLY E 236 -73.07 65.87 -51.35
C GLY E 236 -73.68 66.72 -52.45
N SER E 237 -73.59 68.03 -52.27
CA SER E 237 -74.10 69.00 -53.24
C SER E 237 -73.17 69.10 -54.44
N ARG E 238 -73.61 69.80 -55.49
CA ARG E 238 -72.78 69.98 -56.68
C ARG E 238 -71.58 70.89 -56.42
N VAL E 239 -71.79 71.88 -55.53
CA VAL E 239 -70.74 72.82 -55.08
C VAL E 239 -69.67 72.05 -54.30
N GLU E 240 -70.12 71.08 -53.50
CA GLU E 240 -69.24 70.20 -52.73
C GLU E 240 -68.46 69.26 -53.66
N GLY E 241 -69.07 68.94 -54.81
CA GLY E 241 -68.46 68.13 -55.84
C GLY E 241 -67.41 68.91 -56.60
N ILE E 242 -67.70 70.20 -56.84
CA ILE E 242 -66.79 71.13 -57.52
C ILE E 242 -65.54 71.27 -56.64
N PHE E 243 -65.75 71.53 -55.34
CA PHE E 243 -64.67 71.67 -54.36
C PHE E 243 -63.76 70.45 -54.37
N ALA E 244 -64.37 69.27 -54.26
CA ALA E 244 -63.66 67.99 -54.23
C ALA E 244 -62.77 67.78 -55.45
N GLY E 245 -63.30 68.19 -56.62
CA GLY E 245 -62.60 68.11 -57.90
C GLY E 245 -61.44 69.08 -57.95
N LEU E 246 -61.71 70.33 -57.56
CA LEU E 246 -60.70 71.39 -57.52
C LEU E 246 -59.61 71.11 -56.50
N PHE E 247 -59.98 70.52 -55.36
CA PHE E 247 -59.04 70.17 -54.30
C PHE E 247 -58.12 69.05 -54.77
N MET E 248 -58.68 68.10 -55.52
CA MET E 248 -57.90 66.99 -56.07
C MET E 248 -56.96 67.38 -57.21
N ASN E 249 -57.17 68.56 -57.77
CA ASN E 249 -56.30 69.10 -58.82
C ASN E 249 -54.95 69.48 -58.20
N ALA E 250 -54.97 69.76 -56.90
CA ALA E 250 -53.77 70.10 -56.13
C ALA E 250 -52.86 68.89 -55.88
N TYR E 251 -53.44 67.68 -55.88
CA TYR E 251 -52.66 66.46 -55.68
C TYR E 251 -51.57 66.35 -56.74
N GLY E 252 -50.32 66.28 -56.28
CA GLY E 252 -49.14 66.18 -57.13
C GLY E 252 -48.56 67.50 -57.58
N ALA E 253 -48.89 68.59 -56.87
CA ALA E 253 -48.35 69.92 -57.18
C ALA E 253 -46.95 70.01 -56.63
N GLY E 254 -46.04 70.61 -57.42
CA GLY E 254 -44.64 70.75 -57.08
C GLY E 254 -43.86 69.51 -57.46
N GLN E 255 -44.50 68.64 -58.23
CA GLN E 255 -43.91 67.38 -58.68
C GLN E 255 -44.43 67.00 -60.08
N VAL E 256 -44.50 68.00 -60.96
CA VAL E 256 -44.95 67.82 -62.35
C VAL E 256 -43.94 67.03 -63.19
N MET E 257 -42.66 67.17 -62.83
CA MET E 257 -41.55 66.48 -63.51
C MET E 257 -41.67 64.96 -63.38
N LEU E 258 -42.23 64.52 -62.26
CA LEU E 258 -42.46 63.11 -61.96
C LEU E 258 -43.49 62.53 -62.93
N ARG E 259 -44.55 63.29 -63.19
CA ARG E 259 -45.63 62.89 -64.09
C ARG E 259 -45.22 63.01 -65.56
N TRP E 260 -44.42 64.04 -65.87
CA TRP E 260 -43.90 64.26 -67.22
C TRP E 260 -42.85 63.22 -67.59
N GLY E 261 -42.21 62.65 -66.58
CA GLY E 261 -41.22 61.59 -66.72
C GLY E 261 -41.88 60.30 -67.17
N VAL E 262 -43.06 60.03 -66.61
CA VAL E 262 -43.85 58.85 -66.97
C VAL E 262 -44.37 59.02 -68.40
N LEU E 263 -44.71 60.25 -68.75
CA LEU E 263 -45.18 60.60 -70.09
C LEU E 263 -44.13 60.34 -71.16
N ALA E 264 -42.89 60.79 -70.90
CA ALA E 264 -41.74 60.59 -71.78
C ALA E 264 -41.49 59.11 -72.06
N LYS E 265 -41.67 58.28 -71.02
CA LYS E 265 -41.54 56.84 -71.09
C LYS E 265 -42.71 56.26 -71.91
N SER E 266 -43.92 56.76 -71.65
CA SER E 266 -45.14 56.32 -72.32
C SER E 266 -45.15 56.59 -73.82
N VAL E 267 -44.62 57.76 -74.22
CA VAL E 267 -44.52 58.15 -75.62
C VAL E 267 -43.27 57.56 -76.29
N LYS E 268 -42.40 56.97 -75.47
CA LYS E 268 -41.13 56.34 -75.88
C LYS E 268 -40.18 57.31 -76.58
N ASN E 269 -39.87 58.42 -75.91
CA ASN E 269 -38.96 59.44 -76.42
C ASN E 269 -37.55 58.84 -76.49
N ILE E 270 -37.01 58.80 -77.70
CA ILE E 270 -35.70 58.23 -78.01
C ILE E 270 -34.53 58.68 -77.12
N MET E 271 -34.53 59.97 -76.77
CA MET E 271 -33.50 60.56 -75.92
C MET E 271 -33.34 59.99 -74.50
N LEU E 272 -34.30 59.15 -74.09
CA LEU E 272 -34.26 58.48 -72.79
C LEU E 272 -33.19 57.40 -72.76
N GLY E 273 -32.88 56.86 -73.95
CA GLY E 273 -31.88 55.82 -74.13
C GLY E 273 -30.44 56.33 -74.23
N HIS E 274 -30.28 57.65 -74.22
CA HIS E 274 -28.96 58.29 -74.28
C HIS E 274 -28.06 57.87 -73.12
N ALA E 275 -26.77 57.73 -73.42
CA ALA E 275 -25.75 57.29 -72.46
C ALA E 275 -25.72 58.04 -71.12
N SER E 276 -25.82 59.37 -71.18
CA SER E 276 -25.81 60.21 -69.97
C SER E 276 -27.12 60.15 -69.17
N VAL E 277 -28.21 59.79 -69.85
CA VAL E 277 -29.53 59.63 -69.24
C VAL E 277 -29.59 58.26 -68.55
N GLN E 278 -28.99 57.27 -69.20
CA GLN E 278 -28.92 55.90 -68.69
C GLN E 278 -28.08 55.75 -67.41
N ALA E 279 -27.09 56.63 -67.27
CA ALA E 279 -26.22 56.66 -66.09
C ALA E 279 -26.98 57.07 -64.82
N GLU E 280 -27.96 57.96 -65.00
CA GLU E 280 -28.80 58.46 -63.92
C GLU E 280 -29.92 57.50 -63.53
N MET E 281 -30.31 56.64 -64.47
CA MET E 281 -31.40 55.67 -64.31
C MET E 281 -31.53 54.90 -63.00
N GLU E 282 -30.41 54.42 -62.47
CA GLU E 282 -30.35 53.68 -61.20
C GLU E 282 -30.94 54.52 -60.07
N GLN E 283 -30.56 55.80 -60.04
CA GLN E 283 -31.02 56.75 -59.04
C GLN E 283 -32.41 57.36 -59.29
N VAL E 284 -32.80 57.49 -60.56
CA VAL E 284 -34.14 58.03 -60.90
C VAL E 284 -35.23 57.05 -60.53
N VAL E 285 -34.90 55.76 -60.60
CA VAL E 285 -35.82 54.68 -60.24
C VAL E 285 -36.05 54.72 -58.72
N GLU E 286 -34.98 55.00 -57.97
CA GLU E 286 -35.02 55.12 -56.51
C GLU E 286 -36.10 56.12 -56.05
N VAL E 287 -36.13 57.30 -56.68
CA VAL E 287 -37.12 58.34 -56.39
C VAL E 287 -38.54 57.94 -56.81
N TYR E 288 -38.66 57.30 -57.98
CA TYR E 288 -39.95 56.82 -58.47
C TYR E 288 -40.52 55.73 -57.55
N GLU E 289 -39.64 54.83 -57.10
CA GLU E 289 -39.99 53.76 -56.17
C GLU E 289 -40.34 54.35 -54.80
N TYR E 290 -39.68 55.46 -54.44
CA TYR E 290 -39.95 56.18 -53.20
C TYR E 290 -41.32 56.86 -53.26
N ALA E 291 -41.63 57.43 -54.42
CA ALA E 291 -42.93 58.07 -54.68
C ALA E 291 -44.05 57.04 -54.65
N GLN E 292 -43.75 55.84 -55.17
CA GLN E 292 -44.67 54.70 -55.19
C GLN E 292 -44.91 54.21 -53.76
N LYS E 293 -43.85 54.19 -52.96
CA LYS E 293 -43.87 53.76 -51.55
C LYS E 293 -44.76 54.66 -50.68
N LEU E 294 -44.58 55.97 -50.82
CA LEU E 294 -45.34 56.97 -50.07
C LEU E 294 -46.83 56.97 -50.40
N GLY E 295 -47.14 56.71 -51.67
CA GLY E 295 -48.50 56.68 -52.18
C GLY E 295 -49.17 58.04 -52.12
N GLY E 296 -50.41 58.05 -51.62
CA GLY E 296 -51.25 59.23 -51.48
C GLY E 296 -50.67 60.34 -50.61
N GLU E 297 -49.89 59.94 -49.61
CA GLU E 297 -49.22 60.85 -48.67
C GLU E 297 -48.40 61.94 -49.39
N ALA E 298 -47.67 61.51 -50.42
CA ALA E 298 -46.79 62.37 -51.23
C ALA E 298 -47.46 63.47 -52.04
N GLY E 299 -48.77 63.34 -52.29
CA GLY E 299 -49.56 64.28 -53.07
C GLY E 299 -49.53 65.72 -52.61
N PHE E 300 -49.59 65.91 -51.30
CA PHE E 300 -49.60 67.25 -50.70
C PHE E 300 -48.28 67.66 -50.02
N TYR E 301 -47.21 66.94 -50.35
CA TYR E 301 -45.87 67.17 -49.82
C TYR E 301 -45.28 68.55 -50.11
N HIS E 302 -45.67 69.16 -51.23
CA HIS E 302 -45.18 70.47 -51.60
C HIS E 302 -46.12 71.59 -51.15
N ILE E 303 -47.42 71.30 -51.18
CA ILE E 303 -48.46 72.24 -50.74
C ILE E 303 -48.20 72.60 -49.27
N LEU E 304 -48.19 71.58 -48.40
CA LEU E 304 -47.77 71.73 -47.00
C LEU E 304 -46.26 71.66 -47.19
N ASN E 305 -45.49 72.55 -46.57
CA ASN E 305 -44.04 72.49 -46.77
C ASN E 305 -43.38 71.33 -46.04
N ASN E 306 -43.71 70.11 -46.49
CA ASN E 306 -43.19 68.87 -45.94
C ASN E 306 -41.69 68.82 -46.23
N PRO E 307 -40.86 68.51 -45.21
CA PRO E 307 -39.40 68.43 -45.35
C PRO E 307 -38.92 67.42 -46.38
N LYS E 308 -39.65 66.31 -46.48
CA LYS E 308 -39.33 65.23 -47.40
C LYS E 308 -39.66 65.52 -48.88
N ALA E 309 -40.31 66.66 -49.13
CA ALA E 309 -40.68 67.08 -50.49
C ALA E 309 -39.49 67.18 -51.46
N SER E 310 -38.33 67.54 -50.90
CA SER E 310 -37.08 67.67 -51.64
C SER E 310 -36.62 66.34 -52.22
N LEU E 311 -36.92 65.25 -51.51
CA LEU E 311 -36.54 63.89 -51.90
C LEU E 311 -37.19 63.38 -53.19
N LEU E 312 -38.31 63.99 -53.55
CA LEU E 312 -39.07 63.64 -54.76
C LEU E 312 -38.57 64.37 -56.03
N SER E 313 -37.55 65.21 -55.87
CA SER E 313 -36.98 65.98 -56.97
C SER E 313 -36.19 65.16 -57.98
N LEU E 314 -36.41 65.45 -59.26
CA LEU E 314 -35.70 64.83 -60.38
C LEU E 314 -34.67 65.80 -60.96
N THR E 315 -34.71 67.05 -60.49
CA THR E 315 -33.80 68.14 -60.86
C THR E 315 -32.35 67.77 -60.56
N GLN E 316 -32.16 66.93 -59.54
CA GLN E 316 -30.84 66.40 -59.17
C GLN E 316 -30.21 65.50 -60.25
N PHE E 317 -31.00 65.19 -61.28
CA PHE E 317 -30.58 64.41 -62.44
C PHE E 317 -30.73 65.29 -63.69
N PRO E 318 -29.69 66.10 -64.00
CA PRO E 318 -29.68 67.06 -65.12
C PRO E 318 -30.07 66.50 -66.49
N HIS E 319 -29.55 65.32 -66.82
CA HIS E 319 -29.81 64.68 -68.11
C HIS E 319 -31.24 64.19 -68.30
N PHE E 320 -31.73 63.41 -67.34
CA PHE E 320 -33.10 62.88 -67.36
C PHE E 320 -34.15 64.00 -67.32
N SER E 321 -33.92 65.00 -66.48
CA SER E 321 -34.82 66.16 -66.36
C SER E 321 -34.95 66.92 -67.67
N SER E 322 -33.83 67.05 -68.39
CA SER E 322 -33.76 67.74 -69.67
C SER E 322 -34.55 67.07 -70.79
N VAL E 323 -34.40 65.74 -70.91
CA VAL E 323 -35.15 64.97 -71.91
C VAL E 323 -36.65 64.98 -71.58
N VAL E 324 -36.96 64.91 -70.28
CA VAL E 324 -38.34 64.95 -69.77
C VAL E 324 -38.98 66.31 -70.07
N LEU E 325 -38.21 67.38 -69.83
CA LEU E 325 -38.66 68.75 -70.09
C LEU E 325 -38.76 69.03 -71.60
N GLY E 326 -37.87 68.41 -72.38
CA GLY E 326 -37.83 68.50 -73.83
C GLY E 326 -39.07 67.87 -74.43
N ASN E 327 -39.35 66.64 -74.01
CA ASN E 327 -40.53 65.88 -74.43
C ASN E 327 -41.82 66.65 -74.15
N ALA E 328 -41.87 67.31 -72.99
CA ALA E 328 -43.00 68.13 -72.55
C ALA E 328 -43.19 69.36 -73.45
N ALA E 329 -42.07 69.90 -73.92
CA ALA E 329 -42.08 71.08 -74.81
C ALA E 329 -42.45 70.67 -76.24
N GLY E 330 -41.93 69.52 -76.68
CA GLY E 330 -42.18 68.96 -78.00
C GLY E 330 -43.62 68.53 -78.20
N LEU E 331 -44.25 68.07 -77.12
CA LEU E 331 -45.65 67.68 -77.11
C LEU E 331 -46.56 68.89 -76.89
N GLY E 332 -45.93 70.05 -76.65
CA GLY E 332 -46.58 71.34 -76.43
C GLY E 332 -47.45 71.38 -75.18
N ILE E 333 -46.99 70.73 -74.11
CA ILE E 333 -47.74 70.68 -72.85
C ILE E 333 -47.25 71.59 -71.73
N MET E 334 -46.05 72.16 -71.87
CA MET E 334 -45.51 73.10 -70.90
C MET E 334 -45.77 74.56 -71.34
N GLY E 335 -45.18 75.53 -70.65
CA GLY E 335 -45.34 76.94 -70.96
C GLY E 335 -46.58 77.53 -70.31
N GLU E 336 -46.42 78.56 -69.48
CA GLU E 336 -45.13 79.17 -69.15
C GLU E 336 -44.53 78.56 -67.88
N TYR E 337 -44.06 77.32 -68.01
CA TYR E 337 -43.42 76.60 -66.93
C TYR E 337 -42.00 77.16 -66.76
N ARG E 338 -41.72 77.67 -65.56
CA ARG E 338 -40.44 78.30 -65.24
C ARG E 338 -39.27 77.35 -64.97
N GLY E 339 -39.37 76.11 -65.45
CA GLY E 339 -38.33 75.11 -65.33
C GLY E 339 -37.34 75.23 -66.48
N THR E 340 -36.05 75.25 -66.15
CA THR E 340 -34.97 75.39 -67.12
C THR E 340 -34.19 74.07 -67.21
N PRO E 341 -33.92 73.58 -68.45
CA PRO E 341 -33.13 72.36 -68.60
C PRO E 341 -31.64 72.60 -68.35
N ARG E 342 -31.03 71.75 -67.52
CA ARG E 342 -29.60 71.85 -67.19
C ARG E 342 -28.71 71.47 -68.39
N ASN E 343 -29.19 70.52 -69.20
CA ASN E 343 -28.49 70.10 -70.41
C ASN E 343 -29.35 70.58 -71.59
N GLN E 344 -28.88 71.63 -72.26
CA GLN E 344 -29.61 72.23 -73.38
C GLN E 344 -29.69 71.33 -74.62
N ASP E 345 -28.58 70.67 -74.94
CA ASP E 345 -28.49 69.78 -76.11
C ASP E 345 -29.47 68.59 -76.06
N LEU E 346 -29.60 67.99 -74.87
CA LEU E 346 -30.51 66.88 -74.64
C LEU E 346 -31.97 67.31 -74.70
N TYR E 347 -32.24 68.52 -74.22
CA TYR E 347 -33.58 69.13 -74.23
C TYR E 347 -34.04 69.34 -75.67
N ASP E 348 -33.18 69.98 -76.47
CA ASP E 348 -33.44 70.29 -77.88
C ASP E 348 -33.65 69.04 -78.72
N ALA E 349 -32.87 67.99 -78.42
CA ALA E 349 -32.96 66.70 -79.11
C ALA E 349 -34.26 65.98 -78.78
N ALA E 350 -34.68 66.08 -77.51
CA ALA E 350 -35.91 65.47 -77.02
C ALA E 350 -37.15 66.22 -77.52
N LYS E 351 -37.04 67.55 -77.59
CA LYS E 351 -38.10 68.42 -78.08
C LYS E 351 -38.36 68.13 -79.56
N ALA E 352 -37.28 67.94 -80.32
CA ALA E 352 -37.33 67.63 -81.74
C ALA E 352 -38.01 66.29 -82.03
N TYR E 353 -37.65 65.26 -81.26
CA TYR E 353 -38.23 63.92 -81.40
C TYR E 353 -39.71 63.89 -81.02
N ALA E 354 -40.06 64.62 -79.96
CA ALA E 354 -41.43 64.71 -79.48
C ALA E 354 -42.34 65.42 -80.48
N GLU E 355 -41.78 66.40 -81.21
CA GLU E 355 -42.48 67.13 -82.25
C GLU E 355 -42.75 66.21 -83.46
N GLN E 356 -41.82 65.28 -83.69
CA GLN E 356 -41.95 64.30 -84.77
C GLN E 356 -42.94 63.19 -84.40
N LEU E 357 -43.12 62.95 -83.10
CA LEU E 357 -44.04 61.93 -82.59
C LEU E 357 -45.51 62.30 -82.83
N LYS E 358 -45.80 63.60 -82.75
CA LYS E 358 -47.17 64.11 -82.97
C LYS E 358 -47.56 64.30 -84.46
N GLU E 359 -46.75 63.72 -85.34
CA GLU E 359 -46.98 63.74 -86.79
C GLU E 359 -47.22 62.34 -87.33
N ASN E 360 -46.55 61.36 -86.72
CA ASN E 360 -46.65 59.94 -87.08
C ASN E 360 -47.81 59.26 -86.33
N GLY E 361 -47.77 57.93 -86.23
CA GLY E 361 -48.78 57.16 -85.55
C GLY E 361 -49.24 55.95 -86.37
N VAL E 362 -48.55 54.84 -86.18
CA VAL E 362 -48.84 53.59 -86.89
C VAL E 362 -49.65 52.65 -85.97
N ILE E 363 -50.60 51.93 -86.56
CA ILE E 363 -51.47 50.99 -85.85
C ILE E 363 -50.72 49.70 -85.50
N ASN E 364 -50.78 49.33 -84.21
CA ASN E 364 -50.17 48.09 -83.72
C ASN E 364 -51.27 47.04 -83.62
N TYR E 365 -51.31 46.17 -84.64
CA TYR E 365 -52.32 45.12 -84.79
C TYR E 365 -52.17 43.93 -83.84
N SER E 366 -50.98 43.78 -83.24
CA SER E 366 -50.68 42.71 -82.30
C SER E 366 -51.39 42.86 -80.94
N VAL E 367 -51.74 44.10 -80.60
CA VAL E 367 -52.43 44.45 -79.35
C VAL E 367 -53.86 43.89 -79.33
N LEU E 368 -54.57 44.06 -80.43
CA LEU E 368 -55.95 43.57 -80.59
C LEU E 368 -55.99 42.04 -80.70
N ASP E 369 -57.07 41.45 -80.17
CA ASP E 369 -57.26 40.00 -80.19
C ASP E 369 -57.90 39.50 -81.50
N LEU E 370 -57.30 39.91 -82.62
CA LEU E 370 -57.77 39.57 -83.96
C LEU E 370 -57.50 38.11 -84.34
N THR E 371 -58.49 37.47 -84.95
CA THR E 371 -58.41 36.08 -85.38
C THR E 371 -57.95 35.98 -86.84
N ALA E 372 -58.89 35.70 -87.75
CA ALA E 372 -58.61 35.61 -89.19
C ALA E 372 -58.59 37.02 -89.76
N GLU E 373 -57.38 37.51 -90.06
CA GLU E 373 -57.18 38.85 -90.57
C GLU E 373 -57.26 38.99 -92.08
N GLU E 374 -58.18 39.86 -92.51
CA GLU E 374 -58.43 40.16 -93.92
C GLU E 374 -58.39 41.69 -94.11
N LEU E 375 -57.84 42.38 -93.11
CA LEU E 375 -57.75 43.85 -93.08
C LEU E 375 -56.75 44.43 -94.06
N ALA F 2 -34.40 50.43 -64.54
CA ALA F 2 -35.16 50.14 -65.74
C ALA F 2 -36.23 51.21 -65.99
N LEU F 3 -36.46 51.51 -67.27
CA LEU F 3 -37.48 52.47 -67.68
C LEU F 3 -38.91 51.96 -67.49
N SER F 4 -39.04 50.68 -67.15
CA SER F 4 -40.32 50.05 -66.86
C SER F 4 -40.79 50.48 -65.48
N LYS F 5 -39.82 50.76 -64.60
CA LYS F 5 -40.06 51.16 -63.21
C LYS F 5 -40.53 52.62 -63.06
N VAL F 6 -40.26 53.45 -64.08
CA VAL F 6 -40.70 54.85 -64.08
C VAL F 6 -42.22 54.97 -64.33
N LYS F 7 -42.97 54.79 -63.25
CA LYS F 7 -44.44 54.86 -63.26
C LYS F 7 -44.95 55.40 -61.92
N LEU F 8 -46.20 55.82 -61.91
CA LEU F 8 -46.87 56.35 -60.72
C LEU F 8 -48.37 56.19 -60.88
N ASN F 9 -48.98 55.40 -59.99
CA ASN F 9 -50.41 55.14 -60.06
C ASN F 9 -51.18 56.19 -59.26
N ASP F 10 -51.33 57.37 -59.87
CA ASP F 10 -52.03 58.50 -59.26
C ASP F 10 -53.49 58.24 -58.91
N THR F 11 -54.19 57.48 -59.76
CA THR F 11 -55.61 57.13 -59.55
C THR F 11 -55.81 56.33 -58.26
N LEU F 12 -54.98 55.30 -58.09
CA LEU F 12 -55.01 54.42 -56.92
C LEU F 12 -54.56 55.13 -55.64
N ASN F 13 -53.50 55.93 -55.76
CA ASN F 13 -52.94 56.69 -54.64
C ASN F 13 -53.88 57.77 -54.11
N LYS F 14 -54.58 58.46 -55.03
CA LYS F 14 -55.54 59.51 -54.68
C LYS F 14 -56.69 58.91 -53.87
N ASP F 15 -57.16 57.74 -54.29
CA ASP F 15 -58.21 56.99 -53.61
C ASP F 15 -57.72 56.55 -52.23
N GLN F 16 -56.49 56.03 -52.18
CA GLN F 16 -55.84 55.59 -50.93
C GLN F 16 -55.80 56.71 -49.90
N LEU F 17 -55.47 57.92 -50.36
CA LEU F 17 -55.40 59.11 -49.51
C LEU F 17 -56.77 59.46 -48.91
N LEU F 18 -57.82 59.36 -49.73
CA LEU F 18 -59.19 59.65 -49.30
C LEU F 18 -59.82 58.55 -48.45
N SER F 19 -59.46 57.31 -48.74
CA SER F 19 -59.95 56.16 -48.00
C SER F 19 -59.33 56.06 -46.60
N SER F 20 -58.12 56.61 -46.45
CA SER F 20 -57.38 56.58 -45.20
C SER F 20 -57.31 57.93 -44.46
N SER F 21 -58.43 58.65 -44.41
CA SER F 21 -58.50 59.94 -43.72
C SER F 21 -58.56 59.72 -42.20
N LYS F 22 -57.70 60.42 -41.47
CA LYS F 22 -57.65 60.31 -40.01
C LYS F 22 -58.72 61.16 -39.33
N TYR F 23 -59.25 62.13 -40.08
CA TYR F 23 -60.24 63.10 -39.57
C TYR F 23 -61.52 63.11 -40.41
N THR F 24 -62.60 63.62 -39.82
CA THR F 24 -63.93 63.62 -40.44
C THR F 24 -64.68 64.95 -40.33
N ILE F 25 -65.47 65.25 -41.37
CA ILE F 25 -66.34 66.43 -41.39
C ILE F 25 -67.79 66.04 -41.17
N GLN F 26 -68.55 66.93 -40.51
CA GLN F 26 -69.97 66.71 -40.25
C GLN F 26 -70.74 67.96 -40.67
N ARG F 27 -71.68 67.77 -41.59
CA ARG F 27 -72.47 68.85 -42.18
C ARG F 27 -73.81 69.08 -41.52
N SER F 28 -74.19 70.35 -41.39
CA SER F 28 -75.48 70.73 -40.82
C SER F 28 -76.54 70.71 -41.94
N THR F 29 -77.56 69.86 -41.75
CA THR F 29 -78.66 69.70 -42.71
C THR F 29 -79.59 70.90 -42.77
N GLY F 30 -79.67 71.63 -41.66
CA GLY F 30 -80.52 72.80 -41.50
C GLY F 30 -81.08 72.76 -40.10
N ASP F 31 -82.40 72.88 -39.99
CA ASP F 31 -83.06 72.88 -38.69
C ASP F 31 -83.61 71.54 -38.21
N SER F 32 -84.46 70.90 -39.02
CA SER F 32 -85.07 69.62 -38.66
C SER F 32 -85.44 68.75 -39.86
N ILE F 33 -85.29 67.44 -39.70
CA ILE F 33 -85.65 66.45 -40.70
C ILE F 33 -86.69 65.51 -40.09
N ASP F 34 -87.80 65.34 -40.79
CA ASP F 34 -88.87 64.42 -40.37
C ASP F 34 -88.37 63.01 -40.63
N THR F 35 -88.35 62.20 -39.57
CA THR F 35 -87.93 60.80 -39.67
C THR F 35 -89.13 59.90 -39.33
N PRO F 36 -89.99 59.62 -40.33
CA PRO F 36 -91.14 58.78 -40.03
C PRO F 36 -90.79 57.31 -39.88
N ASN F 37 -91.42 56.66 -38.91
CA ASN F 37 -91.21 55.25 -38.65
C ASN F 37 -92.29 54.43 -39.38
N TYR F 38 -92.17 53.10 -39.28
CA TYR F 38 -93.07 52.14 -39.93
C TYR F 38 -94.57 52.34 -39.63
N ASP F 39 -94.88 52.85 -38.44
CA ASP F 39 -96.27 53.09 -38.01
C ASP F 39 -97.02 54.11 -38.87
N VAL F 40 -96.26 55.06 -39.42
CA VAL F 40 -96.77 56.14 -40.24
C VAL F 40 -96.76 55.82 -41.76
N GLN F 41 -96.10 54.72 -42.12
CA GLN F 41 -95.95 54.25 -43.51
C GLN F 41 -97.26 54.11 -44.30
N LYS F 42 -98.26 53.48 -43.69
CA LYS F 42 -99.57 53.27 -44.31
C LYS F 42 -100.29 54.59 -44.60
N HIS F 43 -100.13 55.55 -43.69
CA HIS F 43 -100.72 56.89 -43.82
C HIS F 43 -100.12 57.67 -44.99
N ILE F 44 -98.80 57.55 -45.17
CA ILE F 44 -98.09 58.22 -46.26
C ILE F 44 -98.50 57.62 -47.61
N ASN F 45 -98.66 56.29 -47.64
CA ASN F 45 -99.11 55.58 -48.85
C ASN F 45 -100.49 56.06 -49.28
N LYS F 46 -101.36 56.32 -48.30
CA LYS F 46 -102.71 56.84 -48.52
C LYS F 46 -102.62 58.27 -49.08
N LEU F 47 -101.68 59.06 -48.55
CA LEU F 47 -101.42 60.43 -48.99
C LEU F 47 -100.89 60.47 -50.43
N CYS F 48 -100.06 59.48 -50.77
CA CYS F 48 -99.51 59.30 -52.11
C CYS F 48 -100.64 58.98 -53.08
N GLY F 49 -101.54 58.10 -52.63
CA GLY F 49 -102.71 57.67 -53.37
C GLY F 49 -103.69 58.79 -53.63
N MET F 50 -103.80 59.70 -52.66
CA MET F 50 -104.67 60.88 -52.75
C MET F 50 -104.24 61.80 -53.88
N LEU F 51 -102.92 61.96 -54.05
CA LEU F 51 -102.33 62.76 -55.12
C LEU F 51 -102.49 62.07 -56.48
N LEU F 52 -102.44 60.74 -56.46
CA LEU F 52 -102.57 59.91 -57.65
C LEU F 52 -104.00 59.84 -58.21
N ILE F 53 -104.99 59.93 -57.33
CA ILE F 53 -106.40 59.92 -57.76
C ILE F 53 -106.89 61.30 -58.21
N THR F 54 -106.22 62.34 -57.72
CA THR F 54 -106.54 63.72 -58.03
C THR F 54 -106.22 64.08 -59.49
N GLU F 55 -107.27 64.40 -60.24
CA GLU F 55 -107.17 64.83 -61.63
C GLU F 55 -106.56 66.24 -61.61
N ASP F 56 -105.48 66.42 -62.37
CA ASP F 56 -104.71 67.68 -62.43
C ASP F 56 -104.25 68.11 -61.03
N ALA F 57 -103.54 67.20 -60.37
CA ALA F 57 -103.04 67.37 -59.01
C ALA F 57 -101.87 68.35 -58.92
N ASN F 58 -101.74 68.96 -57.74
CA ASN F 58 -100.65 69.88 -57.44
C ASN F 58 -99.49 69.05 -56.87
N HIS F 59 -98.54 68.73 -57.74
CA HIS F 59 -97.37 67.93 -57.37
C HIS F 59 -96.19 68.74 -56.84
N LYS F 60 -96.49 69.84 -56.15
CA LYS F 60 -95.48 70.71 -55.56
C LYS F 60 -94.79 70.03 -54.38
N PHE F 61 -95.53 69.16 -53.70
CA PHE F 61 -95.07 68.48 -52.49
C PHE F 61 -94.81 66.99 -52.64
N THR F 62 -95.09 66.44 -53.83
CA THR F 62 -94.91 65.02 -54.14
C THR F 62 -93.47 64.50 -53.99
N GLY F 63 -92.49 65.34 -54.32
CA GLY F 63 -91.08 65.03 -54.18
C GLY F 63 -90.72 64.79 -52.72
N LEU F 64 -91.23 65.66 -51.85
CA LEU F 64 -91.04 65.58 -50.41
C LEU F 64 -91.84 64.44 -49.79
N ILE F 65 -93.09 64.27 -50.22
CA ILE F 65 -93.99 63.20 -49.77
C ILE F 65 -93.41 61.84 -50.15
N GLY F 66 -92.84 61.75 -51.36
CA GLY F 66 -92.17 60.58 -51.87
C GLY F 66 -91.00 60.18 -50.98
N MET F 67 -90.23 61.20 -50.56
CA MET F 67 -89.10 61.01 -49.65
C MET F 67 -89.53 60.52 -48.28
N LEU F 68 -90.67 61.03 -47.81
CA LEU F 68 -91.23 60.61 -46.53
C LEU F 68 -91.65 59.14 -46.55
N TYR F 69 -92.19 58.69 -47.69
CA TYR F 69 -92.58 57.29 -47.85
C TYR F 69 -91.37 56.36 -47.85
N ALA F 70 -90.30 56.80 -48.53
CA ALA F 70 -89.05 56.04 -48.60
C ALA F 70 -88.42 55.94 -47.21
N MET F 71 -88.53 57.02 -46.43
CA MET F 71 -88.02 57.08 -45.06
C MET F 71 -88.86 56.23 -44.11
N SER F 72 -90.17 56.19 -44.34
CA SER F 72 -91.09 55.38 -43.53
C SER F 72 -90.92 53.88 -43.78
N ARG F 73 -90.40 53.54 -44.97
CA ARG F 73 -90.11 52.16 -45.34
C ARG F 73 -88.81 51.73 -44.65
N LEU F 74 -87.85 52.66 -44.59
CA LEU F 74 -86.57 52.44 -43.91
C LEU F 74 -86.77 52.41 -42.39
N GLY F 75 -87.65 53.29 -41.90
CA GLY F 75 -87.99 53.41 -40.49
C GLY F 75 -87.00 54.26 -39.72
N ARG F 76 -87.54 55.20 -38.92
CA ARG F 76 -86.78 56.15 -38.10
C ARG F 76 -85.31 55.81 -37.78
N GLU F 77 -85.09 54.67 -37.12
CA GLU F 77 -83.76 54.21 -36.73
C GLU F 77 -82.75 54.13 -37.88
N ASP F 78 -83.14 53.42 -38.96
CA ASP F 78 -82.32 53.26 -40.15
C ASP F 78 -82.09 54.57 -40.92
N THR F 79 -83.16 55.36 -41.12
CA THR F 79 -83.03 56.65 -41.80
C THR F 79 -82.06 57.64 -41.12
N ILE F 80 -82.11 57.69 -39.78
CA ILE F 80 -81.19 58.51 -38.98
C ILE F 80 -79.75 58.01 -39.19
N LYS F 81 -79.60 56.68 -39.17
CA LYS F 81 -78.31 56.02 -39.40
C LYS F 81 -77.73 56.37 -40.77
N ILE F 82 -78.57 56.35 -41.82
CA ILE F 82 -78.12 56.69 -43.17
C ILE F 82 -77.71 58.16 -43.31
N LEU F 83 -78.41 59.03 -42.57
CA LEU F 83 -78.11 60.46 -42.56
C LEU F 83 -76.80 60.75 -41.83
N ARG F 84 -76.56 60.04 -40.73
CA ARG F 84 -75.33 60.19 -39.94
C ARG F 84 -74.12 59.60 -40.64
N ASP F 85 -74.31 58.45 -41.30
CA ASP F 85 -73.24 57.78 -42.05
C ASP F 85 -72.83 58.57 -43.30
N ALA F 86 -73.78 59.33 -43.85
CA ALA F 86 -73.54 60.18 -45.01
C ALA F 86 -72.69 61.40 -44.66
N GLY F 87 -72.73 61.80 -43.39
CA GLY F 87 -71.97 62.91 -42.85
C GLY F 87 -72.81 64.12 -42.49
N TYR F 88 -74.01 63.88 -41.96
CA TYR F 88 -74.92 64.95 -41.60
C TYR F 88 -75.36 64.95 -40.13
N HIS F 89 -75.44 66.14 -39.56
CA HIS F 89 -75.90 66.36 -38.19
C HIS F 89 -77.41 66.49 -38.27
N VAL F 90 -78.11 65.53 -37.67
CA VAL F 90 -79.58 65.50 -37.74
C VAL F 90 -80.40 65.70 -36.49
N LYS F 91 -81.32 66.66 -36.57
CA LYS F 91 -82.29 66.95 -35.53
C LYS F 91 -83.57 66.27 -36.03
N ALA F 92 -83.76 65.03 -35.55
CA ALA F 92 -84.88 64.20 -35.97
C ALA F 92 -86.23 64.66 -35.44
N ASN F 93 -87.19 64.75 -36.35
CA ASN F 93 -88.57 65.11 -36.01
C ASN F 93 -89.44 63.85 -36.07
N GLY F 94 -90.10 63.54 -34.97
CA GLY F 94 -90.97 62.39 -34.85
C GLY F 94 -92.31 62.63 -35.51
N VAL F 95 -92.64 61.77 -36.47
CA VAL F 95 -93.90 61.87 -37.21
C VAL F 95 -94.98 61.01 -36.53
N ASP F 96 -96.05 61.68 -36.11
CA ASP F 96 -97.19 61.04 -35.44
C ASP F 96 -98.49 61.44 -36.13
N VAL F 97 -99.51 60.59 -36.01
CA VAL F 97 -100.83 60.85 -36.59
C VAL F 97 -101.72 61.54 -35.56
N THR F 98 -102.28 62.68 -35.95
CA THR F 98 -103.18 63.47 -35.11
C THR F 98 -104.43 63.85 -35.90
N THR F 99 -105.56 63.97 -35.19
CA THR F 99 -106.82 64.34 -35.81
C THR F 99 -106.99 65.86 -35.73
N HIS F 100 -107.19 66.48 -36.89
CA HIS F 100 -107.37 67.92 -36.99
C HIS F 100 -108.80 68.27 -37.40
N ARG F 101 -109.44 69.13 -36.59
CA ARG F 101 -110.80 69.58 -36.84
C ARG F 101 -110.79 70.99 -37.40
N GLN F 102 -111.34 71.15 -38.61
CA GLN F 102 -111.42 72.43 -39.30
C GLN F 102 -112.72 72.50 -40.08
N ASP F 103 -113.40 73.65 -39.97
CA ASP F 103 -114.68 73.88 -40.66
C ASP F 103 -114.51 74.39 -42.09
N ILE F 104 -114.60 73.46 -43.03
CA ILE F 104 -114.49 73.75 -44.46
C ILE F 104 -115.91 73.88 -45.02
N ASN F 105 -116.20 75.05 -45.59
CA ASN F 105 -117.50 75.43 -46.14
C ASN F 105 -118.63 75.41 -45.10
N GLY F 106 -118.30 75.88 -43.89
CA GLY F 106 -119.21 75.95 -42.76
C GLY F 106 -119.25 74.68 -41.90
N LYS F 107 -119.34 73.53 -42.57
CA LYS F 107 -119.40 72.22 -41.92
C LYS F 107 -118.05 71.83 -41.32
N GLU F 108 -118.05 71.51 -40.03
CA GLU F 108 -116.85 71.10 -39.30
C GLU F 108 -116.44 69.70 -39.75
N MET F 109 -115.19 69.58 -40.21
CA MET F 109 -114.65 68.32 -40.73
C MET F 109 -113.43 67.82 -39.97
N LYS F 110 -113.29 66.49 -39.93
CA LYS F 110 -112.16 65.81 -39.29
C LYS F 110 -111.17 65.30 -40.33
N PHE F 111 -109.88 65.44 -40.03
CA PHE F 111 -108.81 65.00 -40.92
C PHE F 111 -107.68 64.34 -40.15
N GLU F 112 -107.15 63.26 -40.70
CA GLU F 112 -106.02 62.55 -40.11
C GLU F 112 -104.76 63.12 -40.75
N VAL F 113 -104.01 63.88 -39.97
CA VAL F 113 -102.79 64.55 -40.44
C VAL F 113 -101.53 64.06 -39.72
N LEU F 114 -100.38 64.33 -40.33
CA LEU F 114 -99.08 63.95 -39.76
C LEU F 114 -98.37 65.17 -39.18
N THR F 115 -97.66 64.95 -38.07
CA THR F 115 -96.90 66.02 -37.41
C THR F 115 -95.56 66.19 -38.14
N LEU F 116 -95.62 66.91 -39.25
CA LEU F 116 -94.47 67.17 -40.11
C LEU F 116 -94.05 68.63 -40.07
N ALA F 117 -92.75 68.85 -40.10
CA ALA F 117 -92.17 70.19 -40.11
C ALA F 117 -92.12 70.70 -41.55
N SER F 118 -91.71 69.82 -42.46
CA SER F 118 -91.62 70.10 -43.88
C SER F 118 -92.97 70.32 -44.57
N LEU F 119 -94.01 69.66 -44.04
CA LEU F 119 -95.35 69.75 -44.59
C LEU F 119 -96.38 70.27 -43.57
N THR F 120 -97.03 71.37 -43.93
CA THR F 120 -98.04 72.02 -43.10
C THR F 120 -99.30 71.17 -43.02
N THR F 121 -99.98 71.24 -41.87
CA THR F 121 -101.26 70.53 -41.65
C THR F 121 -102.35 71.15 -42.54
N GLU F 122 -102.17 72.42 -42.86
CA GLU F 122 -103.08 73.18 -43.72
C GLU F 122 -102.96 72.72 -45.17
N ILE F 123 -101.75 72.34 -45.58
CA ILE F 123 -101.52 71.87 -46.95
C ILE F 123 -101.87 70.39 -47.11
N GLN F 124 -101.77 69.64 -46.00
CA GLN F 124 -102.08 68.22 -45.95
C GLN F 124 -103.58 67.98 -46.13
N ILE F 125 -104.40 68.82 -45.49
CA ILE F 125 -105.86 68.74 -45.57
C ILE F 125 -106.36 69.06 -46.98
N ASN F 126 -105.67 69.98 -47.66
CA ASN F 126 -105.99 70.37 -49.03
C ASN F 126 -105.75 69.26 -50.06
N ILE F 127 -104.80 68.37 -49.76
CA ILE F 127 -104.50 67.21 -50.60
C ILE F 127 -105.69 66.24 -50.49
N GLU F 128 -106.19 66.06 -49.27
CA GLU F 128 -107.34 65.20 -48.98
C GLU F 128 -108.63 65.81 -49.53
N ILE F 129 -108.77 67.13 -49.42
CA ILE F 129 -109.93 67.88 -49.93
C ILE F 129 -110.10 67.72 -51.44
N GLU F 130 -109.03 67.98 -52.19
CA GLU F 130 -109.03 67.86 -53.64
C GLU F 130 -109.14 66.43 -54.16
N SER F 131 -108.69 65.47 -53.35
CA SER F 131 -108.78 64.05 -53.68
C SER F 131 -110.21 63.55 -53.57
N ARG F 132 -110.91 64.00 -52.52
CA ARG F 132 -112.31 63.66 -52.28
C ARG F 132 -113.22 64.16 -53.41
N LYS F 133 -112.87 65.32 -53.96
CA LYS F 133 -113.57 65.92 -55.09
C LYS F 133 -113.42 65.02 -56.32
N SER F 134 -112.18 64.58 -56.56
CA SER F 134 -111.84 63.70 -57.67
C SER F 134 -112.38 62.29 -57.49
N TYR F 135 -112.56 61.89 -56.23
CA TYR F 135 -113.09 60.57 -55.87
C TYR F 135 -114.60 60.49 -56.11
N LYS F 136 -115.32 61.54 -55.72
CA LYS F 136 -116.77 61.60 -55.89
C LYS F 136 -117.18 61.73 -57.36
N LYS F 137 -116.32 62.38 -58.15
CA LYS F 137 -116.50 62.56 -59.59
C LYS F 137 -116.26 61.20 -60.28
N MET F 138 -115.28 60.46 -59.74
CA MET F 138 -114.91 59.12 -60.21
C MET F 138 -115.99 58.10 -59.85
N LEU F 139 -116.61 58.29 -58.67
CA LEU F 139 -117.68 57.43 -58.18
C LEU F 139 -118.97 57.65 -58.99
N LYS F 140 -119.14 58.88 -59.47
CA LYS F 140 -120.29 59.28 -60.29
C LYS F 140 -120.17 58.72 -61.72
N GLU F 141 -118.93 58.57 -62.19
CA GLU F 141 -118.63 58.08 -63.54
C GLU F 141 -118.68 56.56 -63.70
N MET F 142 -118.15 55.83 -62.71
CA MET F 142 -118.10 54.36 -62.76
C MET F 142 -118.95 53.60 -61.74
N GLY F 143 -119.70 54.32 -60.91
CA GLY F 143 -120.57 53.73 -59.91
C GLY F 143 -119.81 53.23 -58.70
N GLU F 144 -119.09 52.13 -58.90
CA GLU F 144 -118.27 51.50 -57.87
C GLU F 144 -116.79 51.57 -58.29
N VAL F 145 -115.95 52.05 -57.38
CA VAL F 145 -114.51 52.17 -57.65
C VAL F 145 -113.70 50.94 -57.24
N ALA F 146 -113.05 50.35 -58.24
CA ALA F 146 -112.23 49.14 -58.08
C ALA F 146 -111.00 49.38 -57.20
N PRO F 147 -110.42 48.31 -56.61
CA PRO F 147 -109.22 48.45 -55.76
C PRO F 147 -108.00 49.04 -56.47
N GLU F 148 -107.94 48.89 -57.79
CA GLU F 148 -106.85 49.37 -58.63
C GLU F 148 -106.88 50.89 -58.82
N TYR F 149 -108.10 51.45 -58.85
CA TYR F 149 -108.31 52.88 -59.08
C TYR F 149 -108.29 53.76 -57.83
N ARG F 150 -108.34 53.15 -56.65
CA ARG F 150 -108.38 53.87 -55.38
C ARG F 150 -107.03 54.20 -54.71
N HIS F 151 -107.07 55.15 -53.78
CA HIS F 151 -105.93 55.63 -53.00
C HIS F 151 -105.40 54.64 -51.96
N ASP F 152 -106.25 53.69 -51.56
CA ASP F 152 -105.93 52.67 -50.56
C ASP F 152 -104.82 51.71 -50.99
N SER F 153 -104.76 51.43 -52.30
CA SER F 153 -103.81 50.48 -52.90
C SER F 153 -102.38 50.61 -52.39
N PRO F 154 -101.74 49.47 -52.02
CA PRO F 154 -100.37 49.45 -51.51
C PRO F 154 -99.30 49.90 -52.51
N ASP F 155 -99.66 49.86 -53.80
CA ASP F 155 -98.78 50.26 -54.90
C ASP F 155 -98.50 51.76 -54.94
N CYS F 156 -99.49 52.56 -54.52
CA CYS F 156 -99.46 54.02 -54.52
C CYS F 156 -98.14 54.72 -54.19
N GLY F 157 -97.59 54.44 -53.01
CA GLY F 157 -96.34 55.02 -52.57
C GLY F 157 -95.19 54.69 -53.51
N MET F 158 -95.10 53.40 -53.87
CA MET F 158 -94.06 52.91 -54.79
C MET F 158 -94.21 53.39 -56.23
N ILE F 159 -95.44 53.67 -56.65
CA ILE F 159 -95.74 54.21 -57.99
C ILE F 159 -95.07 55.59 -58.11
N ILE F 160 -95.24 56.40 -57.06
CA ILE F 160 -94.62 57.73 -56.99
C ILE F 160 -93.08 57.61 -56.97
N LEU F 161 -92.57 56.66 -56.21
CA LEU F 161 -91.13 56.40 -56.13
C LEU F 161 -90.53 55.81 -57.41
N CYS F 162 -91.40 55.32 -58.31
CA CYS F 162 -90.97 54.77 -59.59
C CYS F 162 -90.44 55.88 -60.51
N ILE F 163 -91.12 57.04 -60.50
CA ILE F 163 -90.64 58.18 -61.28
C ILE F 163 -89.46 58.86 -60.60
N ALA F 164 -89.32 58.66 -59.29
CA ALA F 164 -88.19 59.16 -58.51
C ALA F 164 -86.92 58.39 -58.92
N ALA F 165 -87.11 57.12 -59.25
CA ALA F 165 -86.04 56.25 -59.73
C ALA F 165 -85.63 56.66 -61.15
N LEU F 166 -86.58 57.20 -61.91
CA LEU F 166 -86.33 57.68 -63.26
C LEU F 166 -85.59 59.01 -63.24
N VAL F 167 -85.89 59.84 -62.24
CA VAL F 167 -85.21 61.13 -62.02
C VAL F 167 -83.76 60.85 -61.64
N ILE F 168 -83.57 59.89 -60.73
CA ILE F 168 -82.26 59.45 -60.26
C ILE F 168 -81.41 58.89 -61.41
N THR F 169 -82.09 58.32 -62.40
CA THR F 169 -81.49 57.74 -63.59
C THR F 169 -80.80 58.79 -64.47
N LYS F 170 -81.38 59.98 -64.50
CA LYS F 170 -80.88 61.10 -65.30
C LYS F 170 -80.25 62.27 -64.51
N LEU F 171 -79.91 62.02 -63.26
CA LEU F 171 -79.28 63.05 -62.39
C LEU F 171 -77.82 63.33 -62.73
N ALA F 172 -77.19 62.40 -63.46
CA ALA F 172 -75.79 62.50 -63.88
C ALA F 172 -75.49 63.73 -64.74
N ALA F 173 -76.49 64.16 -65.51
CA ALA F 173 -76.41 65.36 -66.35
C ALA F 173 -76.37 66.63 -65.49
N GLY F 174 -77.05 66.57 -64.35
CA GLY F 174 -77.15 67.62 -63.34
C GLY F 174 -77.73 68.94 -63.76
N ASP F 175 -78.76 68.92 -64.61
CA ASP F 175 -79.39 70.15 -65.12
C ASP F 175 -80.86 70.01 -65.56
N ARG F 176 -81.52 68.92 -65.14
CA ARG F 176 -82.93 68.63 -65.49
C ARG F 176 -83.17 68.36 -66.99
N SER F 177 -82.09 68.18 -67.74
CA SER F 177 -82.15 67.92 -69.19
C SER F 177 -82.81 66.56 -69.50
N GLY F 178 -82.63 65.60 -68.59
CA GLY F 178 -83.17 64.27 -68.69
C GLY F 178 -84.68 64.15 -68.59
N LEU F 179 -85.34 65.21 -68.09
CA LEU F 179 -86.80 65.27 -67.90
C LEU F 179 -87.64 64.70 -69.05
N THR F 180 -87.24 65.01 -70.29
CA THR F 180 -87.91 64.53 -71.50
C THR F 180 -87.89 62.99 -71.56
N ALA F 181 -86.71 62.42 -71.29
CA ALA F 181 -86.51 60.97 -71.25
C ALA F 181 -87.22 60.34 -70.07
N VAL F 182 -87.26 61.08 -68.95
CA VAL F 182 -87.94 60.66 -67.71
C VAL F 182 -89.43 60.47 -67.99
N ILE F 183 -90.04 61.44 -68.68
CA ILE F 183 -91.47 61.39 -69.06
C ILE F 183 -91.70 60.26 -70.06
N ARG F 184 -90.86 60.23 -71.11
CA ARG F 184 -90.92 59.22 -72.17
C ARG F 184 -90.96 57.80 -71.62
N ARG F 185 -89.99 57.48 -70.75
CA ARG F 185 -89.89 56.17 -70.11
C ARG F 185 -91.03 55.87 -69.14
N ALA F 186 -91.50 56.90 -68.44
CA ALA F 186 -92.63 56.81 -67.52
C ALA F 186 -93.93 56.46 -68.23
N ASN F 187 -93.92 56.60 -69.56
CA ASN F 187 -95.07 56.29 -70.39
C ASN F 187 -94.99 54.88 -70.99
N ASN F 188 -93.78 54.47 -71.40
CA ASN F 188 -93.52 53.13 -71.95
C ASN F 188 -93.64 52.10 -70.85
N VAL F 189 -92.85 52.29 -69.79
CA VAL F 189 -92.90 51.50 -68.56
C VAL F 189 -93.98 52.26 -67.78
N LEU F 190 -94.59 51.64 -66.77
CA LEU F 190 -95.59 52.32 -65.93
C LEU F 190 -96.87 52.78 -66.66
N LYS F 191 -97.17 52.15 -67.80
CA LYS F 191 -98.34 52.48 -68.63
C LYS F 191 -99.67 52.09 -67.98
N ASN F 192 -99.70 50.91 -67.37
CA ASN F 192 -100.87 50.37 -66.67
C ASN F 192 -101.21 51.21 -65.43
N GLU F 193 -100.16 51.72 -64.77
CA GLU F 193 -100.25 52.54 -63.56
C GLU F 193 -100.88 53.91 -63.88
N MET F 194 -100.56 54.43 -65.06
CA MET F 194 -101.09 55.71 -65.54
C MET F 194 -102.57 55.62 -65.90
N LYS F 195 -103.00 54.42 -66.30
CA LYS F 195 -104.39 54.13 -66.64
C LYS F 195 -105.26 54.19 -65.39
N ARG F 196 -104.78 53.58 -64.30
CA ARG F 196 -105.50 53.55 -63.04
C ARG F 196 -105.48 54.84 -62.22
N TYR F 197 -104.46 55.67 -62.44
CA TYR F 197 -104.32 56.93 -61.71
C TYR F 197 -104.24 58.19 -62.56
N LYS F 198 -105.29 59.01 -62.45
CA LYS F 198 -105.42 60.28 -63.17
C LYS F 198 -104.33 61.30 -62.82
N GLY F 199 -103.85 61.24 -61.58
CA GLY F 199 -102.82 62.10 -61.02
C GLY F 199 -101.39 61.71 -61.27
N LEU F 200 -101.18 60.62 -62.02
CA LEU F 200 -99.83 60.19 -62.36
C LEU F 200 -99.37 61.04 -63.55
N LEU F 201 -98.85 62.22 -63.22
CA LEU F 201 -98.36 63.18 -64.20
C LEU F 201 -96.83 63.16 -64.17
N PRO F 202 -96.18 62.36 -65.05
CA PRO F 202 -94.72 62.24 -65.06
C PRO F 202 -93.96 63.56 -64.96
N LYS F 203 -94.30 64.53 -65.81
CA LYS F 203 -93.65 65.85 -65.82
C LYS F 203 -93.73 66.55 -64.46
N ASP F 204 -94.94 66.60 -63.89
CA ASP F 204 -95.20 67.25 -62.60
C ASP F 204 -94.47 66.60 -61.42
N ILE F 205 -94.55 65.27 -61.34
CA ILE F 205 -93.90 64.50 -60.27
C ILE F 205 -92.37 64.51 -60.43
N ALA F 206 -91.90 64.35 -61.66
CA ALA F 206 -90.46 64.36 -61.96
C ALA F 206 -89.77 65.66 -61.59
N ASN F 207 -90.45 66.78 -61.85
CA ASN F 207 -89.94 68.11 -61.49
C ASN F 207 -89.87 68.28 -59.98
N SER F 208 -90.86 67.72 -59.28
CA SER F 208 -90.93 67.77 -57.81
C SER F 208 -89.74 67.06 -57.18
N PHE F 209 -89.40 65.89 -57.72
CA PHE F 209 -88.25 65.10 -57.26
C PHE F 209 -86.93 65.78 -57.62
N TYR F 210 -86.87 66.36 -58.83
CA TYR F 210 -85.71 67.12 -59.28
C TYR F 210 -85.45 68.27 -58.32
N GLU F 211 -86.53 68.96 -57.91
CA GLU F 211 -86.47 70.07 -56.96
C GLU F 211 -85.99 69.64 -55.57
N VAL F 212 -86.56 68.55 -55.05
CA VAL F 212 -86.20 68.02 -53.74
C VAL F 212 -84.73 67.56 -53.65
N PHE F 213 -84.22 66.99 -54.74
CA PHE F 213 -82.83 66.54 -54.83
C PHE F 213 -81.85 67.71 -54.98
N GLU F 214 -82.32 68.79 -55.61
CA GLU F 214 -81.54 70.00 -55.81
C GLU F 214 -81.47 70.81 -54.51
N LYS F 215 -82.64 70.99 -53.87
CA LYS F 215 -82.75 71.75 -52.63
C LYS F 215 -82.18 71.00 -51.42
N HIS F 216 -82.37 69.68 -51.38
CA HIS F 216 -81.89 68.84 -50.28
C HIS F 216 -81.03 67.69 -50.80
N PRO F 217 -79.72 67.92 -50.98
CA PRO F 217 -78.80 66.90 -51.49
C PRO F 217 -78.64 65.65 -50.62
N HIS F 218 -78.99 65.79 -49.35
CA HIS F 218 -78.94 64.67 -48.40
C HIS F 218 -80.06 63.67 -48.69
N PHE F 219 -81.16 64.14 -49.30
CA PHE F 219 -82.30 63.31 -49.66
C PHE F 219 -81.97 62.37 -50.81
N ILE F 220 -81.02 62.77 -51.65
CA ILE F 220 -80.57 61.93 -52.76
C ILE F 220 -79.79 60.73 -52.20
N ASP F 221 -79.05 60.96 -51.11
CA ASP F 221 -78.32 59.91 -50.40
C ASP F 221 -79.33 58.98 -49.73
N VAL F 222 -80.39 59.57 -49.18
CA VAL F 222 -81.47 58.83 -48.53
C VAL F 222 -82.17 57.93 -49.55
N PHE F 223 -82.52 58.50 -50.71
CA PHE F 223 -83.19 57.75 -51.77
C PHE F 223 -82.34 56.61 -52.35
N VAL F 224 -81.08 56.89 -52.64
CA VAL F 224 -80.14 55.89 -53.18
C VAL F 224 -80.02 54.71 -52.23
N HIS F 225 -79.83 55.02 -50.94
CA HIS F 225 -79.74 53.99 -49.90
C HIS F 225 -81.04 53.25 -49.63
N PHE F 226 -82.17 53.92 -49.86
CA PHE F 226 -83.48 53.29 -49.75
C PHE F 226 -83.63 52.30 -50.91
N GLY F 227 -83.33 52.76 -52.13
CA GLY F 227 -83.41 51.99 -53.35
C GLY F 227 -82.61 50.70 -53.29
N ILE F 228 -81.41 50.78 -52.71
CA ILE F 228 -80.52 49.63 -52.52
C ILE F 228 -81.16 48.68 -51.48
N ALA F 229 -81.66 49.24 -50.38
CA ALA F 229 -82.33 48.50 -49.31
C ALA F 229 -83.60 47.80 -49.81
N GLN F 230 -84.32 48.50 -50.69
CA GLN F 230 -85.54 48.00 -51.33
C GLN F 230 -85.15 46.89 -52.30
N SER F 231 -84.06 47.10 -53.05
CA SER F 231 -83.57 46.11 -54.01
C SER F 231 -82.87 44.91 -53.37
N SER F 232 -82.73 44.95 -52.04
CA SER F 232 -82.14 43.85 -51.26
C SER F 232 -83.20 42.83 -50.83
N THR F 233 -84.46 43.19 -51.05
CA THR F 233 -85.61 42.36 -50.72
C THR F 233 -85.62 41.00 -51.42
N ARG F 234 -86.31 40.03 -50.83
CA ARG F 234 -86.41 38.67 -51.36
C ARG F 234 -87.41 38.56 -52.52
N GLY F 235 -88.46 39.37 -52.47
CA GLY F 235 -89.53 39.45 -53.44
C GLY F 235 -90.45 40.61 -53.14
N GLY F 236 -91.52 40.73 -53.92
CA GLY F 236 -92.50 41.79 -53.75
C GLY F 236 -93.54 41.88 -54.85
N SER F 237 -94.21 43.03 -54.93
CA SER F 237 -95.23 43.30 -55.93
C SER F 237 -94.58 43.58 -57.29
N ARG F 238 -95.39 43.65 -58.34
CA ARG F 238 -94.88 43.94 -59.68
C ARG F 238 -94.39 45.39 -59.81
N VAL F 239 -95.06 46.30 -59.09
CA VAL F 239 -94.71 47.73 -59.02
C VAL F 239 -93.35 47.87 -58.32
N GLU F 240 -93.14 47.05 -57.28
CA GLU F 240 -91.87 47.00 -56.54
C GLU F 240 -90.76 46.44 -57.43
N GLY F 241 -91.13 45.57 -58.36
CA GLY F 241 -90.23 44.97 -59.34
C GLY F 241 -89.84 45.98 -60.41
N ILE F 242 -90.82 46.80 -60.80
CA ILE F 242 -90.63 47.88 -61.79
C ILE F 242 -89.64 48.88 -61.19
N PHE F 243 -89.89 49.30 -59.94
CA PHE F 243 -89.02 50.23 -59.23
C PHE F 243 -87.58 49.73 -59.19
N ALA F 244 -87.42 48.48 -58.76
CA ALA F 244 -86.10 47.84 -58.63
C ALA F 244 -85.33 47.84 -59.94
N GLY F 245 -86.05 47.61 -61.05
CA GLY F 245 -85.50 47.59 -62.40
C GLY F 245 -85.09 48.98 -62.82
N LEU F 246 -85.99 49.94 -62.62
CA LEU F 246 -85.76 51.35 -62.95
C LEU F 246 -84.65 51.97 -62.11
N PHE F 247 -84.57 51.57 -60.83
CA PHE F 247 -83.53 52.05 -59.92
C PHE F 247 -82.16 51.51 -60.35
N MET F 248 -82.14 50.27 -60.82
CA MET F 248 -80.90 49.66 -61.29
C MET F 248 -80.39 50.19 -62.63
N ASN F 249 -81.27 50.89 -63.35
CA ASN F 249 -80.91 51.54 -64.61
C ASN F 249 -79.98 52.72 -64.32
N ALA F 250 -80.08 53.26 -63.10
CA ALA F 250 -79.24 54.36 -62.65
C ALA F 250 -77.80 53.93 -62.37
N TYR F 251 -77.59 52.65 -62.03
CA TYR F 251 -76.26 52.11 -61.78
C TYR F 251 -75.35 52.35 -62.97
N GLY F 252 -74.26 53.07 -62.73
CA GLY F 252 -73.27 53.40 -63.76
C GLY F 252 -73.55 54.68 -64.53
N ALA F 253 -74.40 55.56 -63.97
CA ALA F 253 -74.71 56.84 -64.62
C ALA F 253 -73.56 57.80 -64.34
N GLY F 254 -73.19 58.57 -65.36
CA GLY F 254 -72.09 59.51 -65.32
C GLY F 254 -70.77 58.83 -65.61
N GLN F 255 -70.86 57.59 -66.09
CA GLN F 255 -69.69 56.77 -66.41
C GLN F 255 -69.97 55.84 -67.58
N VAL F 256 -70.63 56.40 -68.61
CA VAL F 256 -70.99 55.67 -69.84
C VAL F 256 -69.75 55.36 -70.69
N MET F 257 -68.75 56.24 -70.61
CA MET F 257 -67.50 56.10 -71.34
C MET F 257 -66.73 54.83 -70.92
N LEU F 258 -66.89 54.46 -69.65
CA LEU F 258 -66.27 53.27 -69.08
C LEU F 258 -66.85 52.01 -69.73
N ARG F 259 -68.17 52.00 -69.91
CA ARG F 259 -68.88 50.87 -70.52
C ARG F 259 -68.69 50.82 -72.03
N TRP F 260 -68.62 52.00 -72.66
CA TRP F 260 -68.38 52.12 -74.10
C TRP F 260 -66.95 51.75 -74.47
N GLY F 261 -66.05 51.88 -73.49
CA GLY F 261 -64.65 51.51 -73.62
C GLY F 261 -64.49 50.00 -73.71
N VAL F 262 -65.28 49.29 -72.90
CA VAL F 262 -65.29 47.82 -72.89
C VAL F 262 -65.89 47.33 -74.21
N LEU F 263 -66.88 48.07 -74.72
CA LEU F 263 -67.54 47.76 -76.00
C LEU F 263 -66.56 47.84 -77.17
N ALA F 264 -65.78 48.92 -77.21
CA ALA F 264 -64.76 49.17 -78.25
C ALA F 264 -63.74 48.02 -78.29
N LYS F 265 -63.38 47.53 -77.10
CA LYS F 265 -62.46 46.41 -76.94
C LYS F 265 -63.15 45.11 -77.41
N SER F 266 -64.41 44.93 -77.03
CA SER F 266 -65.21 43.75 -77.38
C SER F 266 -65.44 43.61 -78.88
N VAL F 267 -65.67 44.73 -79.56
CA VAL F 267 -65.88 44.75 -81.01
C VAL F 267 -64.55 44.77 -81.78
N LYS F 268 -63.46 44.97 -81.04
CA LYS F 268 -62.08 45.02 -81.55
C LYS F 268 -61.88 46.14 -82.59
N ASN F 269 -62.21 47.37 -82.18
CA ASN F 269 -62.04 48.56 -83.02
C ASN F 269 -60.56 48.81 -83.23
N ILE F 270 -60.15 48.75 -84.50
CA ILE F 270 -58.76 48.92 -84.94
C ILE F 270 -58.00 50.13 -84.37
N MET F 271 -58.70 51.25 -84.25
CA MET F 271 -58.14 52.49 -83.74
C MET F 271 -57.62 52.47 -82.29
N LEU F 272 -57.91 51.38 -81.57
CA LEU F 272 -57.45 51.18 -80.19
C LEU F 272 -55.95 50.88 -80.17
N GLY F 273 -55.45 50.33 -81.27
CA GLY F 273 -54.05 49.97 -81.46
C GLY F 273 -53.16 51.12 -81.89
N HIS F 274 -53.75 52.28 -82.15
CA HIS F 274 -53.03 53.48 -82.56
C HIS F 274 -51.99 53.90 -81.53
N ALA F 275 -50.86 54.41 -82.02
CA ALA F 275 -49.72 54.84 -81.20
C ALA F 275 -50.05 55.78 -80.04
N SER F 276 -50.88 56.80 -80.31
CA SER F 276 -51.29 57.78 -79.30
C SER F 276 -52.29 57.23 -78.28
N VAL F 277 -53.02 56.19 -78.68
CA VAL F 277 -54.00 55.51 -77.81
C VAL F 277 -53.24 54.54 -76.90
N GLN F 278 -52.22 53.89 -77.47
CA GLN F 278 -51.37 52.95 -76.74
C GLN F 278 -50.54 53.60 -75.63
N ALA F 279 -50.20 54.87 -75.81
CA ALA F 279 -49.43 55.65 -74.84
C ALA F 279 -50.23 55.89 -73.55
N GLU F 280 -51.55 56.04 -73.70
CA GLU F 280 -52.46 56.27 -72.59
C GLU F 280 -52.83 54.99 -71.84
N MET F 281 -52.73 53.85 -72.54
CA MET F 281 -53.08 52.53 -72.02
C MET F 281 -52.69 52.16 -70.58
N GLU F 282 -51.46 52.49 -70.19
CA GLU F 282 -50.94 52.23 -68.84
C GLU F 282 -51.84 52.88 -67.79
N GLN F 283 -52.24 54.12 -68.05
CA GLN F 283 -53.10 54.90 -67.16
C GLN F 283 -54.59 54.59 -67.28
N VAL F 284 -55.06 54.18 -68.46
CA VAL F 284 -56.49 53.83 -68.65
C VAL F 284 -56.83 52.53 -67.92
N VAL F 285 -55.84 51.65 -67.82
CA VAL F 285 -55.98 50.38 -67.11
C VAL F 285 -56.12 50.65 -65.61
N GLU F 286 -55.35 51.63 -65.13
CA GLU F 286 -55.38 52.06 -63.72
C GLU F 286 -56.80 52.42 -63.26
N VAL F 287 -57.51 53.20 -64.08
CA VAL F 287 -58.90 53.60 -63.79
C VAL F 287 -59.88 52.42 -63.88
N TYR F 288 -59.68 51.55 -64.88
CA TYR F 288 -60.51 50.35 -65.03
C TYR F 288 -60.32 49.39 -63.87
N GLU F 289 -59.08 49.24 -63.42
CA GLU F 289 -58.73 48.41 -62.27
C GLU F 289 -59.27 49.04 -60.98
N TYR F 290 -59.33 50.37 -60.95
CA TYR F 290 -59.88 51.12 -59.84
C TYR F 290 -61.41 50.93 -59.76
N ALA F 291 -62.05 50.94 -60.93
CA ALA F 291 -63.49 50.72 -61.07
C ALA F 291 -63.85 49.29 -60.65
N GLN F 292 -62.95 48.36 -61.00
CA GLN F 292 -63.07 46.94 -60.65
C GLN F 292 -62.93 46.75 -59.14
N LYS F 293 -61.99 47.50 -58.56
CA LYS F 293 -61.70 47.48 -57.11
C LYS F 293 -62.90 47.96 -56.28
N LEU F 294 -63.49 49.09 -56.67
CA LEU F 294 -64.64 49.68 -55.98
C LEU F 294 -65.89 48.81 -56.03
N GLY F 295 -66.07 48.13 -57.16
CA GLY F 295 -67.21 47.25 -57.40
C GLY F 295 -68.51 48.01 -57.45
N GLY F 296 -69.52 47.49 -56.75
CA GLY F 296 -70.86 48.05 -56.67
C GLY F 296 -70.96 49.46 -56.14
N GLU F 297 -70.03 49.80 -55.24
CA GLU F 297 -69.93 51.12 -54.61
C GLU F 297 -69.90 52.26 -55.64
N ALA F 298 -69.11 52.06 -56.70
CA ALA F 298 -68.90 53.01 -57.80
C ALA F 298 -70.11 53.35 -58.65
N GLY F 299 -71.13 52.48 -58.64
CA GLY F 299 -72.34 52.64 -59.42
C GLY F 299 -73.10 53.94 -59.23
N PHE F 300 -73.19 54.40 -57.98
CA PHE F 300 -73.92 55.63 -57.65
C PHE F 300 -73.02 56.82 -57.29
N TYR F 301 -71.75 56.72 -57.68
CA TYR F 301 -70.73 57.75 -57.45
C TYR F 301 -71.04 59.10 -58.08
N HIS F 302 -71.75 59.11 -59.20
CA HIS F 302 -72.10 60.36 -59.88
C HIS F 302 -73.47 60.87 -59.48
N ILE F 303 -74.40 59.94 -59.22
CA ILE F 303 -75.76 60.26 -58.77
C ILE F 303 -75.68 61.05 -57.45
N LEU F 304 -75.05 60.45 -56.44
CA LEU F 304 -74.71 61.14 -55.19
C LEU F 304 -73.42 61.84 -55.63
N ASN F 305 -73.24 63.12 -55.33
CA ASN F 305 -72.02 63.79 -55.78
C ASN F 305 -70.78 63.37 -54.97
N ASN F 306 -70.41 62.10 -55.14
CA ASN F 306 -69.25 61.50 -54.46
C ASN F 306 -68.00 62.18 -55.00
N PRO F 307 -67.09 62.61 -54.11
CA PRO F 307 -65.84 63.29 -54.49
C PRO F 307 -64.93 62.47 -55.39
N LYS F 308 -64.92 61.15 -55.17
CA LYS F 308 -64.11 60.21 -55.92
C LYS F 308 -64.61 59.93 -57.34
N ALA F 309 -65.80 60.44 -57.68
CA ALA F 309 -66.42 60.25 -59.00
C ALA F 309 -65.53 60.73 -60.17
N SER F 310 -64.74 61.77 -59.89
CA SER F 310 -63.82 62.37 -60.86
C SER F 310 -62.72 61.38 -61.27
N LEU F 311 -62.32 60.51 -60.33
CA LEU F 311 -61.27 59.51 -60.54
C LEU F 311 -61.59 58.45 -61.58
N LEU F 312 -62.89 58.26 -61.84
CA LEU F 312 -63.38 57.27 -62.82
C LEU F 312 -63.45 57.82 -64.25
N SER F 313 -63.06 59.09 -64.43
CA SER F 313 -63.08 59.74 -65.74
C SER F 313 -62.01 59.23 -66.72
N LEU F 314 -62.43 59.04 -67.96
CA LEU F 314 -61.56 58.64 -69.06
C LEU F 314 -61.27 59.83 -69.98
N THR F 315 -61.98 60.93 -69.74
CA THR F 315 -61.86 62.21 -70.46
C THR F 315 -60.42 62.76 -70.36
N GLN F 316 -59.74 62.43 -69.26
CA GLN F 316 -58.34 62.79 -69.04
C GLN F 316 -57.37 62.13 -70.05
N PHE F 317 -57.91 61.20 -70.84
CA PHE F 317 -57.18 60.51 -71.90
C PHE F 317 -57.87 60.83 -73.23
N PRO F 318 -57.48 61.96 -73.87
CA PRO F 318 -58.07 62.46 -75.12
C PRO F 318 -58.15 61.47 -76.28
N HIS F 319 -57.08 60.70 -76.49
CA HIS F 319 -56.99 59.74 -77.58
C HIS F 319 -57.91 58.53 -77.41
N PHE F 320 -57.84 57.87 -76.26
CA PHE F 320 -58.68 56.71 -75.94
C PHE F 320 -60.16 57.06 -75.91
N SER F 321 -60.49 58.21 -75.31
CA SER F 321 -61.87 58.70 -75.23
C SER F 321 -62.48 58.91 -76.62
N SER F 322 -61.66 59.44 -77.54
CA SER F 322 -62.06 59.73 -78.91
C SER F 322 -62.39 58.48 -79.73
N VAL F 323 -61.53 57.46 -79.65
CA VAL F 323 -61.77 56.18 -80.33
C VAL F 323 -63.00 55.47 -79.74
N VAL F 324 -63.15 55.57 -78.42
CA VAL F 324 -64.29 55.01 -77.69
C VAL F 324 -65.59 55.69 -78.11
N LEU F 325 -65.55 57.02 -78.20
CA LEU F 325 -66.69 57.83 -78.63
C LEU F 325 -67.02 57.62 -80.11
N GLY F 326 -65.97 57.40 -80.92
CA GLY F 326 -66.06 57.13 -82.34
C GLY F 326 -66.76 55.81 -82.58
N ASN F 327 -66.29 54.77 -81.90
CA ASN F 327 -66.85 53.43 -81.96
C ASN F 327 -68.34 53.43 -81.59
N ALA F 328 -68.70 54.23 -80.58
CA ALA F 328 -70.07 54.40 -80.10
C ALA F 328 -70.96 55.08 -81.15
N ALA F 329 -70.36 55.99 -81.92
CA ALA F 329 -71.06 56.70 -82.98
C ALA F 329 -71.22 55.83 -84.23
N GLY F 330 -70.17 55.06 -84.54
CA GLY F 330 -70.12 54.15 -85.67
C GLY F 330 -71.10 52.98 -85.53
N LEU F 331 -71.29 52.55 -84.29
CA LEU F 331 -72.23 51.48 -83.96
C LEU F 331 -73.66 52.04 -83.79
N GLY F 332 -73.77 53.37 -83.88
CA GLY F 332 -75.02 54.12 -83.78
C GLY F 332 -75.70 54.01 -82.43
N ILE F 333 -74.90 53.99 -81.36
CA ILE F 333 -75.43 53.86 -80.00
C ILE F 333 -75.49 55.15 -79.16
N MET F 334 -74.81 56.20 -79.62
CA MET F 334 -74.85 57.51 -78.95
C MET F 334 -75.90 58.43 -79.59
N GLY F 335 -75.92 59.71 -79.19
CA GLY F 335 -76.85 60.69 -79.73
C GLY F 335 -78.18 60.67 -78.98
N GLU F 336 -78.58 61.80 -78.39
CA GLU F 336 -77.84 63.06 -78.41
C GLU F 336 -76.93 63.20 -77.18
N TYR F 337 -75.86 62.42 -77.17
CA TYR F 337 -74.86 62.44 -76.11
C TYR F 337 -74.01 63.68 -76.30
N ARG F 338 -74.00 64.55 -75.27
CA ARG F 338 -73.28 65.82 -75.31
C ARG F 338 -71.75 65.76 -75.10
N GLY F 339 -71.18 64.57 -75.32
CA GLY F 339 -69.74 64.35 -75.22
C GLY F 339 -69.06 64.68 -76.53
N THR F 340 -67.98 65.45 -76.43
CA THR F 340 -67.21 65.90 -77.60
C THR F 340 -65.84 65.23 -77.60
N PRO F 341 -65.40 64.67 -78.75
CA PRO F 341 -64.07 64.06 -78.82
C PRO F 341 -62.95 65.11 -78.88
N ARG F 342 -61.94 64.94 -78.04
CA ARG F 342 -60.80 65.87 -78.00
C ARG F 342 -59.91 65.75 -79.24
N ASN F 343 -59.81 64.52 -79.77
CA ASN F 343 -59.06 64.25 -81.01
C ASN F 343 -60.09 63.89 -82.08
N GLN F 344 -60.33 64.82 -82.99
CA GLN F 344 -61.33 64.64 -84.05
C GLN F 344 -60.96 63.56 -85.08
N ASP F 345 -59.68 63.53 -85.47
CA ASP F 345 -59.17 62.57 -86.45
C ASP F 345 -59.31 61.11 -86.02
N LEU F 346 -59.02 60.85 -84.74
CA LEU F 346 -59.15 59.51 -84.16
C LEU F 346 -60.60 59.07 -84.03
N TYR F 347 -61.48 60.03 -83.73
CA TYR F 347 -62.92 59.80 -83.61
C TYR F 347 -63.49 59.37 -84.95
N ASP F 348 -63.18 60.15 -86.00
CA ASP F 348 -63.64 59.91 -87.37
C ASP F 348 -63.15 58.57 -87.92
N ALA F 349 -61.91 58.22 -87.60
CA ALA F 349 -61.30 56.96 -88.01
C ALA F 349 -61.95 55.76 -87.31
N ALA F 350 -62.29 55.93 -86.04
CA ALA F 350 -62.95 54.90 -85.24
C ALA F 350 -64.41 54.73 -85.63
N LYS F 351 -65.07 55.85 -85.95
CA LYS F 351 -66.46 55.86 -86.39
C LYS F 351 -66.59 55.12 -87.73
N ALA F 352 -65.63 55.35 -88.61
CA ALA F 352 -65.56 54.71 -89.93
C ALA F 352 -65.39 53.20 -89.84
N TYR F 353 -64.48 52.75 -88.99
CA TYR F 353 -64.21 51.33 -88.78
C TYR F 353 -65.39 50.61 -88.14
N ALA F 354 -66.04 51.27 -87.18
CA ALA F 354 -67.20 50.74 -86.47
C ALA F 354 -68.40 50.57 -87.40
N GLU F 355 -68.52 51.49 -88.38
CA GLU F 355 -69.56 51.44 -89.40
C GLU F 355 -69.34 50.27 -90.36
N GLN F 356 -68.06 49.94 -90.58
CA GLN F 356 -67.67 48.81 -91.42
C GLN F 356 -67.85 47.48 -90.70
N LEU F 357 -67.80 47.51 -89.36
CA LEU F 357 -67.97 46.32 -88.51
C LEU F 357 -69.40 45.79 -88.55
N LYS F 358 -70.37 46.69 -88.65
CA LYS F 358 -71.79 46.32 -88.71
C LYS F 358 -72.29 45.89 -90.10
N GLU F 359 -71.35 45.64 -91.01
CA GLU F 359 -71.63 45.17 -92.37
C GLU F 359 -71.06 43.78 -92.60
N ASN F 360 -69.92 43.51 -91.97
CA ASN F 360 -69.23 42.21 -92.05
C ASN F 360 -69.76 41.24 -90.98
N GLY F 361 -68.98 40.21 -90.67
CA GLY F 361 -69.32 39.20 -89.68
C GLY F 361 -69.07 37.79 -90.17
N VAL F 362 -67.85 37.30 -89.95
CA VAL F 362 -67.43 35.96 -90.35
C VAL F 362 -67.48 35.02 -89.13
N ILE F 363 -67.89 33.77 -89.38
CA ILE F 363 -68.01 32.74 -88.34
C ILE F 363 -66.64 32.21 -87.92
N ASN F 364 -66.37 32.24 -86.61
CA ASN F 364 -65.14 31.71 -86.04
C ASN F 364 -65.43 30.30 -85.51
N TYR F 365 -65.05 29.31 -86.31
CA TYR F 365 -65.29 27.90 -86.03
C TYR F 365 -64.42 27.27 -84.93
N SER F 366 -63.33 27.96 -84.59
CA SER F 366 -62.40 27.52 -83.54
C SER F 366 -62.97 27.64 -82.12
N VAL F 367 -63.95 28.54 -81.96
CA VAL F 367 -64.62 28.80 -80.68
C VAL F 367 -65.47 27.60 -80.24
N LEU F 368 -66.23 27.04 -81.20
CA LEU F 368 -67.09 25.89 -80.96
C LEU F 368 -66.27 24.61 -80.75
N ASP F 369 -66.78 23.71 -79.91
CA ASP F 369 -66.11 22.44 -79.61
C ASP F 369 -66.44 21.34 -80.63
N LEU F 370 -66.25 21.67 -81.91
CA LEU F 370 -66.54 20.79 -83.03
C LEU F 370 -65.51 19.65 -83.17
N THR F 371 -66.01 18.44 -83.42
CA THR F 371 -65.17 17.25 -83.59
C THR F 371 -64.84 17.02 -85.07
N ALA F 372 -65.52 16.04 -85.70
CA ALA F 372 -65.33 15.73 -87.11
C ALA F 372 -66.15 16.72 -87.94
N GLU F 373 -65.45 17.65 -88.57
CA GLU F 373 -66.07 18.71 -89.36
C GLU F 373 -66.31 18.35 -90.83
N GLU F 374 -67.58 18.43 -91.22
CA GLU F 374 -68.05 18.16 -92.57
C GLU F 374 -68.92 19.33 -93.04
N LEU F 375 -68.81 20.45 -92.32
CA LEU F 375 -69.58 21.66 -92.58
C LEU F 375 -69.20 22.41 -93.86
N GLU F 376 -67.94 22.23 -94.29
CA GLU F 376 -67.43 22.85 -95.52
C GLU F 376 -68.17 22.34 -96.75
N ALA F 377 -68.71 21.12 -96.64
CA ALA F 377 -69.51 20.48 -97.68
C ALA F 377 -70.95 21.00 -97.63
N ILE F 378 -71.40 21.40 -96.44
CA ILE F 378 -72.75 21.94 -96.20
C ILE F 378 -72.92 23.33 -96.83
N ALA G 2 -52.51 46.50 -70.82
CA ALA G 2 -53.07 45.55 -71.77
C ALA G 2 -54.56 45.79 -72.01
N LEU G 3 -55.00 45.58 -73.26
CA LEU G 3 -56.40 45.73 -73.64
C LEU G 3 -57.30 44.62 -73.05
N SER G 4 -56.68 43.60 -72.47
CA SER G 4 -57.38 42.51 -71.82
C SER G 4 -57.92 42.98 -70.47
N LYS G 5 -57.22 43.94 -69.88
CA LYS G 5 -57.54 44.52 -68.58
C LYS G 5 -58.72 45.51 -68.61
N VAL G 6 -59.02 46.05 -69.79
CA VAL G 6 -60.16 46.97 -69.97
C VAL G 6 -61.50 46.21 -69.95
N LYS G 7 -61.97 45.95 -68.74
CA LYS G 7 -63.23 45.25 -68.48
C LYS G 7 -63.89 45.76 -67.20
N LEU G 8 -65.17 45.43 -67.05
CA LEU G 8 -65.96 45.82 -65.89
C LEU G 8 -67.12 44.83 -65.73
N ASN G 9 -67.13 44.09 -64.62
CA ASN G 9 -68.16 43.09 -64.36
C ASN G 9 -69.35 43.72 -63.66
N ASP G 10 -70.16 44.43 -64.43
CA ASP G 10 -71.35 45.12 -63.92
C ASP G 10 -72.39 44.22 -63.26
N THR G 11 -72.57 43.01 -63.82
CA THR G 11 -73.53 42.03 -63.30
C THR G 11 -73.17 41.60 -61.87
N LEU G 12 -71.91 41.26 -61.66
CA LEU G 12 -71.38 40.83 -60.37
C LEU G 12 -71.35 41.97 -59.34
N ASN G 13 -70.94 43.16 -59.80
CA ASN G 13 -70.85 44.35 -58.96
C ASN G 13 -72.21 44.85 -58.47
N LYS G 14 -73.22 44.79 -59.35
CA LYS G 14 -74.59 45.19 -59.02
C LYS G 14 -75.16 44.31 -57.92
N ASP G 15 -74.90 43.00 -58.05
CA ASP G 15 -75.31 42.00 -57.05
C ASP G 15 -74.58 42.26 -55.73
N GLN G 16 -73.28 42.53 -55.81
CA GLN G 16 -72.43 42.83 -54.66
C GLN G 16 -72.99 44.02 -53.86
N LEU G 17 -73.42 45.06 -54.58
CA LEU G 17 -74.01 46.26 -53.99
C LEU G 17 -75.30 45.95 -53.22
N LEU G 18 -76.14 45.10 -53.80
CA LEU G 18 -77.41 44.71 -53.19
C LEU G 18 -77.26 43.70 -52.06
N SER G 19 -76.28 42.82 -52.18
CA SER G 19 -75.99 41.81 -51.16
C SER G 19 -75.36 42.42 -49.91
N SER G 20 -74.67 43.54 -50.09
CA SER G 20 -73.98 44.24 -49.00
C SER G 20 -74.65 45.54 -48.54
N SER G 21 -75.97 45.53 -48.43
CA SER G 21 -76.72 46.70 -47.98
C SER G 21 -76.59 46.86 -46.46
N LYS G 22 -76.23 48.07 -46.02
CA LYS G 22 -76.06 48.35 -44.60
C LYS G 22 -77.39 48.64 -43.89
N TYR G 23 -78.41 48.97 -44.71
CA TYR G 23 -79.73 49.35 -44.22
C TYR G 23 -80.84 48.47 -44.80
N THR G 24 -81.99 48.45 -44.13
CA THR G 24 -83.12 47.59 -44.49
C THR G 24 -84.49 48.29 -44.47
N ILE G 25 -85.35 47.84 -45.39
CA ILE G 25 -86.75 48.32 -45.46
C ILE G 25 -87.71 47.28 -44.90
N GLN G 26 -88.79 47.74 -44.29
CA GLN G 26 -89.84 46.87 -43.74
C GLN G 26 -91.19 47.35 -44.23
N ARG G 27 -91.90 46.45 -44.90
CA ARG G 27 -93.19 46.76 -45.53
C ARG G 27 -94.40 46.38 -44.68
N SER G 28 -95.42 47.23 -44.72
CA SER G 28 -96.67 46.98 -44.01
C SER G 28 -97.58 46.11 -44.88
N THR G 29 -97.93 44.92 -44.37
CA THR G 29 -98.79 43.96 -45.06
C THR G 29 -100.24 44.40 -45.17
N GLY G 30 -100.67 45.23 -44.23
CA GLY G 30 -102.01 45.74 -44.12
C GLY G 30 -102.39 45.77 -42.66
N ASP G 31 -103.53 45.17 -42.33
CA ASP G 31 -104.01 45.14 -40.96
C ASP G 31 -103.67 43.89 -40.15
N SER G 32 -104.05 42.71 -40.67
CA SER G 32 -103.80 41.43 -39.98
C SER G 32 -103.67 40.24 -40.92
N ILE G 33 -102.79 39.31 -40.56
CA ILE G 33 -102.59 38.07 -41.29
C ILE G 33 -102.87 36.91 -40.34
N ASP G 34 -103.73 36.00 -40.78
CA ASP G 34 -104.06 34.79 -40.03
C ASP G 34 -102.86 33.85 -40.13
N THR G 35 -102.34 33.46 -38.96
CA THR G 35 -101.21 32.56 -38.88
C THR G 35 -101.67 31.27 -38.18
N PRO G 36 -102.26 30.33 -38.95
CA PRO G 36 -102.73 29.10 -38.28
C PRO G 36 -101.59 28.15 -37.96
N ASN G 37 -101.69 27.52 -36.79
CA ASN G 37 -100.70 26.56 -36.33
C ASN G 37 -101.15 25.14 -36.69
N TYR G 38 -100.31 24.16 -36.39
CA TYR G 38 -100.54 22.74 -36.68
C TYR G 38 -101.87 22.17 -36.15
N ASP G 39 -102.35 22.71 -35.03
CA ASP G 39 -103.60 22.26 -34.40
C ASP G 39 -104.83 22.46 -35.29
N VAL G 40 -104.79 23.49 -36.11
CA VAL G 40 -105.86 23.89 -37.02
C VAL G 40 -105.76 23.25 -38.43
N GLN G 41 -104.60 22.64 -38.71
CA GLN G 41 -104.29 21.99 -39.99
C GLN G 41 -105.32 20.98 -40.50
N LYS G 42 -105.75 20.08 -39.61
CA LYS G 42 -106.74 19.05 -39.94
C LYS G 42 -108.09 19.66 -40.33
N HIS G 43 -108.47 20.74 -39.64
CA HIS G 43 -109.72 21.47 -39.89
C HIS G 43 -109.73 22.13 -41.27
N ILE G 44 -108.58 22.70 -41.67
CA ILE G 44 -108.43 23.35 -42.97
C ILE G 44 -108.49 22.33 -44.09
N ASN G 45 -107.88 21.15 -43.86
CA ASN G 45 -107.90 20.05 -44.82
C ASN G 45 -109.34 19.58 -45.08
N LYS G 46 -110.15 19.56 -44.02
CA LYS G 46 -111.56 19.19 -44.08
C LYS G 46 -112.33 20.26 -44.89
N LEU G 47 -111.97 21.53 -44.68
CA LEU G 47 -112.56 22.66 -45.40
C LEU G 47 -112.22 22.63 -46.88
N CYS G 48 -110.99 22.19 -47.19
CA CYS G 48 -110.51 22.03 -48.55
C CYS G 48 -111.30 20.90 -49.23
N GLY G 49 -111.52 19.81 -48.49
CA GLY G 49 -112.29 18.66 -48.92
C GLY G 49 -113.73 18.98 -49.18
N MET G 50 -114.29 19.88 -48.39
CA MET G 50 -115.68 20.34 -48.52
C MET G 50 -115.90 21.04 -49.86
N LEU G 51 -114.91 21.83 -50.28
CA LEU G 51 -114.95 22.54 -51.57
C LEU G 51 -114.75 21.55 -52.73
N LEU G 52 -113.95 20.51 -52.48
CA LEU G 52 -113.66 19.49 -53.48
C LEU G 52 -114.81 18.53 -53.74
N ILE G 53 -115.65 18.28 -52.73
CA ILE G 53 -116.81 17.40 -52.89
C ILE G 53 -118.01 18.13 -53.48
N THR G 54 -118.03 19.46 -53.31
CA THR G 54 -119.10 20.32 -53.80
C THR G 54 -119.11 20.42 -55.33
N GLU G 55 -120.20 19.93 -55.92
CA GLU G 55 -120.43 19.99 -57.36
C GLU G 55 -120.73 21.45 -57.69
N ASP G 56 -119.97 21.99 -58.66
CA ASP G 56 -120.06 23.40 -59.07
C ASP G 56 -119.86 24.35 -57.88
N ALA G 57 -118.72 24.15 -57.21
CA ALA G 57 -118.33 24.90 -56.02
C ALA G 57 -117.93 26.35 -56.32
N ASN G 58 -118.11 27.20 -55.31
CA ASN G 58 -117.71 28.61 -55.38
C ASN G 58 -116.27 28.70 -54.89
N HIS G 59 -115.34 28.75 -55.86
CA HIS G 59 -113.92 28.82 -55.56
C HIS G 59 -113.37 30.23 -55.40
N LYS G 60 -114.20 31.13 -54.87
CA LYS G 60 -113.84 32.53 -54.64
C LYS G 60 -112.83 32.64 -53.50
N PHE G 61 -112.91 31.71 -52.55
CA PHE G 61 -112.08 31.71 -51.35
C PHE G 61 -111.02 30.61 -51.28
N THR G 62 -111.00 29.74 -52.28
CA THR G 62 -110.07 28.61 -52.36
C THR G 62 -108.59 29.00 -52.39
N GLY G 63 -108.28 30.13 -53.03
CA GLY G 63 -106.93 30.67 -53.10
C GLY G 63 -106.42 31.03 -51.71
N LEU G 64 -107.30 31.68 -50.93
CA LEU G 64 -107.00 32.07 -49.55
C LEU G 64 -106.99 30.86 -48.60
N ILE G 65 -107.96 29.95 -48.78
CA ILE G 65 -108.07 28.71 -47.98
C ILE G 65 -106.83 27.84 -48.22
N GLY G 66 -106.38 27.78 -49.46
CA GLY G 66 -105.19 27.06 -49.88
C GLY G 66 -103.96 27.60 -49.16
N MET G 67 -103.88 28.93 -49.07
CA MET G 67 -102.79 29.62 -48.38
C MET G 67 -102.80 29.33 -46.88
N LEU G 68 -103.99 29.24 -46.31
CA LEU G 68 -104.16 28.92 -44.89
C LEU G 68 -103.66 27.51 -44.58
N TYR G 69 -103.93 26.57 -45.50
CA TYR G 69 -103.46 25.19 -45.34
C TYR G 69 -101.94 25.10 -45.40
N ALA G 70 -101.33 25.86 -46.32
CA ALA G 70 -99.88 25.91 -46.48
C ALA G 70 -99.23 26.50 -45.23
N MET G 71 -99.90 27.51 -44.65
CA MET G 71 -99.45 28.18 -43.43
C MET G 71 -99.60 27.27 -42.20
N SER G 72 -100.67 26.47 -42.18
CA SER G 72 -100.92 25.52 -41.09
C SER G 72 -99.95 24.35 -41.11
N ARG G 73 -99.40 24.05 -42.29
CA ARG G 73 -98.38 23.01 -42.45
C ARG G 73 -97.04 23.55 -41.95
N LEU G 74 -96.77 24.82 -42.23
CA LEU G 74 -95.56 25.51 -41.76
C LEU G 74 -95.63 25.76 -40.25
N GLY G 75 -96.82 26.10 -39.76
CA GLY G 75 -97.11 26.37 -38.37
C GLY G 75 -96.75 27.77 -37.94
N ARG G 76 -97.67 28.44 -37.24
CA ARG G 76 -97.53 29.83 -36.76
C ARG G 76 -96.13 30.41 -36.65
N GLU G 77 -95.27 29.79 -35.85
CA GLU G 77 -93.89 30.22 -35.63
C GLU G 77 -93.08 30.42 -36.91
N ASP G 78 -93.05 29.37 -37.76
CA ASP G 78 -92.34 29.40 -39.04
C ASP G 78 -92.93 30.38 -40.05
N THR G 79 -94.26 30.39 -40.19
CA THR G 79 -94.93 31.33 -41.10
C THR G 79 -94.66 32.81 -40.78
N ILE G 80 -94.66 33.16 -39.49
CA ILE G 80 -94.33 34.51 -39.03
C ILE G 80 -92.87 34.84 -39.40
N LYS G 81 -91.99 33.86 -39.18
CA LYS G 81 -90.57 33.96 -39.51
C LYS G 81 -90.36 34.23 -41.01
N ILE G 82 -91.08 33.50 -41.86
CA ILE G 82 -90.98 33.67 -43.32
C ILE G 82 -91.48 35.04 -43.78
N LEU G 83 -92.52 35.55 -43.10
CA LEU G 83 -93.09 36.86 -43.39
C LEU G 83 -92.13 37.99 -42.98
N ARG G 84 -91.49 37.82 -41.84
CA ARG G 84 -90.52 38.80 -41.31
C ARG G 84 -89.22 38.80 -42.11
N ASP G 85 -88.75 37.61 -42.50
CA ASP G 85 -87.54 37.45 -43.31
C ASP G 85 -87.71 38.02 -44.71
N ALA G 86 -88.95 37.98 -45.22
CA ALA G 86 -89.29 38.50 -46.54
C ALA G 86 -89.27 40.03 -46.57
N GLY G 87 -89.46 40.65 -45.40
CA GLY G 87 -89.44 42.07 -45.21
C GLY G 87 -90.80 42.69 -44.93
N TYR G 88 -91.63 41.98 -44.16
CA TYR G 88 -92.97 42.44 -43.82
C TYR G 88 -93.24 42.56 -42.33
N HIS G 89 -93.97 43.62 -41.97
CA HIS G 89 -94.39 43.89 -40.60
C HIS G 89 -95.72 43.16 -40.42
N VAL G 90 -95.71 42.15 -39.56
CA VAL G 90 -96.90 41.31 -39.36
C VAL G 90 -97.63 41.33 -38.02
N LYS G 91 -98.93 41.60 -38.11
CA LYS G 91 -99.85 41.57 -36.98
C LYS G 91 -100.53 40.21 -37.11
N ALA G 92 -99.97 39.23 -36.39
CA ALA G 92 -100.43 37.85 -36.45
C ALA G 92 -101.77 37.63 -35.77
N ASN G 93 -102.67 36.94 -36.50
CA ASN G 93 -103.99 36.58 -35.99
C ASN G 93 -103.99 35.09 -35.67
N GLY G 94 -104.31 34.75 -34.42
CA GLY G 94 -104.37 33.38 -33.95
C GLY G 94 -105.63 32.69 -34.39
N VAL G 95 -105.47 31.58 -35.11
CA VAL G 95 -106.60 30.79 -35.61
C VAL G 95 -106.97 29.70 -34.61
N ASP G 96 -108.20 29.77 -34.13
CA ASP G 96 -108.74 28.81 -33.16
C ASP G 96 -110.07 28.25 -33.66
N VAL G 97 -110.42 27.04 -33.20
CA VAL G 97 -111.68 26.40 -33.58
C VAL G 97 -112.75 26.74 -32.54
N THR G 98 -113.88 27.24 -33.02
CA THR G 98 -115.03 27.60 -32.19
C THR G 98 -116.31 27.04 -32.79
N THR G 99 -117.26 26.70 -31.93
CA THR G 99 -118.55 26.17 -32.35
C THR G 99 -119.55 27.31 -32.51
N HIS G 100 -120.11 27.42 -33.71
CA HIS G 100 -121.09 28.46 -34.02
C HIS G 100 -122.48 27.86 -34.21
N ARG G 101 -123.44 28.42 -33.48
CA ARG G 101 -124.83 27.98 -33.55
C ARG G 101 -125.66 29.00 -34.34
N GLN G 102 -126.25 28.52 -35.43
CA GLN G 102 -127.08 29.34 -36.32
C GLN G 102 -128.24 28.50 -36.85
N ASP G 103 -129.44 29.08 -36.82
CA ASP G 103 -130.65 28.41 -37.29
C ASP G 103 -130.89 28.56 -38.80
N ILE G 104 -130.47 27.53 -39.54
CA ILE G 104 -130.62 27.46 -40.99
C ILE G 104 -131.89 26.68 -41.28
N ASN G 105 -132.81 27.33 -42.00
CA ASN G 105 -134.14 26.80 -42.37
C ASN G 105 -135.00 26.43 -41.14
N GLY G 106 -134.94 27.28 -40.12
CA GLY G 106 -135.66 27.12 -38.87
C GLY G 106 -134.93 26.31 -37.82
N LYS G 107 -134.39 25.16 -38.25
CA LYS G 107 -133.67 24.23 -37.38
C LYS G 107 -132.30 24.78 -36.97
N GLU G 108 -132.06 24.85 -35.67
CA GLU G 108 -130.80 25.35 -35.11
C GLU G 108 -129.69 24.33 -35.36
N MET G 109 -128.63 24.79 -36.01
CA MET G 109 -127.50 23.93 -36.38
C MET G 109 -126.16 24.37 -35.79
N LYS G 110 -125.29 23.39 -35.55
CA LYS G 110 -123.94 23.60 -35.01
C LYS G 110 -122.90 23.46 -36.11
N PHE G 111 -121.91 24.35 -36.07
CA PHE G 111 -120.82 24.36 -37.05
C PHE G 111 -119.47 24.62 -36.38
N GLU G 112 -118.45 23.90 -36.83
CA GLU G 112 -117.09 24.09 -36.34
C GLU G 112 -116.41 25.07 -37.30
N VAL G 113 -116.19 26.29 -36.80
CA VAL G 113 -115.58 27.36 -37.60
C VAL G 113 -114.23 27.82 -37.04
N LEU G 114 -113.47 28.51 -37.89
CA LEU G 114 -112.16 29.05 -37.52
C LEU G 114 -112.24 30.55 -37.30
N THR G 115 -111.48 31.04 -36.31
CA THR G 115 -111.43 32.46 -36.00
C THR G 115 -110.46 33.15 -36.97
N LEU G 116 -110.98 33.42 -38.17
CA LEU G 116 -110.22 34.03 -39.25
C LEU G 116 -110.71 35.45 -39.55
N ALA G 117 -109.75 36.33 -39.85
CA ALA G 117 -110.04 37.71 -40.20
C ALA G 117 -110.36 37.79 -41.69
N SER G 118 -109.58 37.08 -42.49
CA SER G 118 -109.73 37.00 -43.94
C SER G 118 -110.99 36.29 -44.39
N LEU G 119 -111.45 35.33 -43.58
CA LEU G 119 -112.64 34.54 -43.88
C LEU G 119 -113.71 34.65 -42.80
N THR G 120 -114.90 35.10 -43.23
CA THR G 120 -116.06 35.27 -42.34
C THR G 120 -116.61 33.93 -41.90
N THR G 121 -117.15 33.91 -40.68
CA THR G 121 -117.78 32.70 -40.11
C THR G 121 -119.07 32.38 -40.88
N GLU G 122 -119.66 33.43 -41.45
CA GLU G 122 -120.89 33.34 -42.25
C GLU G 122 -120.60 32.67 -43.59
N ILE G 123 -119.41 32.92 -44.14
CA ILE G 123 -119.02 32.33 -45.42
C ILE G 123 -118.47 30.90 -45.25
N GLN G 124 -117.91 30.63 -44.06
CA GLN G 124 -117.37 29.33 -43.71
C GLN G 124 -118.47 28.28 -43.57
N ILE G 125 -119.58 28.68 -42.95
CA ILE G 125 -120.75 27.81 -42.75
C ILE G 125 -121.41 27.43 -44.08
N ASN G 126 -121.40 28.38 -45.01
CA ASN G 126 -121.96 28.19 -46.36
C ASN G 126 -121.18 27.18 -47.19
N ILE G 127 -119.88 27.04 -46.93
CA ILE G 127 -119.02 26.06 -47.59
C ILE G 127 -119.44 24.66 -47.09
N GLU G 128 -119.69 24.55 -45.78
CA GLU G 128 -120.13 23.32 -45.14
C GLU G 128 -121.58 22.96 -45.56
N ILE G 129 -122.43 23.98 -45.66
CA ILE G 129 -123.82 23.82 -46.06
C ILE G 129 -123.95 23.23 -47.47
N GLU G 130 -123.25 23.84 -48.43
CA GLU G 130 -123.27 23.38 -49.82
C GLU G 130 -122.57 22.05 -50.04
N SER G 131 -121.62 21.71 -49.17
CA SER G 131 -120.90 20.44 -49.24
C SER G 131 -121.78 19.29 -48.78
N ARG G 132 -122.57 19.54 -47.72
CA ARG G 132 -123.51 18.57 -47.17
C ARG G 132 -124.59 18.21 -48.18
N LYS G 133 -125.00 19.19 -48.98
CA LYS G 133 -125.98 19.02 -50.06
C LYS G 133 -125.40 18.08 -51.12
N SER G 134 -124.15 18.33 -51.50
CA SER G 134 -123.42 17.53 -52.48
C SER G 134 -123.06 16.14 -51.96
N TYR G 135 -122.91 16.03 -50.64
CA TYR G 135 -122.58 14.77 -49.98
C TYR G 135 -123.80 13.84 -49.91
N LYS G 136 -124.96 14.39 -49.58
CA LYS G 136 -126.20 13.61 -49.50
C LYS G 136 -126.68 13.13 -50.88
N LYS G 137 -126.38 13.93 -51.90
CA LYS G 137 -126.70 13.62 -53.30
C LYS G 137 -125.77 12.49 -53.77
N MET G 138 -124.52 12.55 -53.30
CA MET G 138 -123.48 11.56 -53.59
C MET G 138 -123.77 10.25 -52.87
N LEU G 139 -124.32 10.35 -51.66
CA LEU G 139 -124.70 9.20 -50.83
C LEU G 139 -125.92 8.49 -51.41
N LYS G 140 -126.78 9.26 -52.08
CA LYS G 140 -127.99 8.76 -52.73
C LYS G 140 -127.64 8.02 -54.03
N GLU G 141 -126.56 8.45 -54.68
CA GLU G 141 -126.11 7.89 -55.96
C GLU G 141 -125.29 6.60 -55.84
N MET G 142 -124.40 6.54 -54.85
CA MET G 142 -123.52 5.38 -54.66
C MET G 142 -123.74 4.55 -53.38
N GLY G 143 -124.73 4.93 -52.57
CA GLY G 143 -125.06 4.24 -51.34
C GLY G 143 -124.08 4.54 -50.22
N GLU G 144 -122.88 3.99 -50.34
CA GLU G 144 -121.79 4.18 -49.38
C GLU G 144 -120.65 4.93 -50.07
N VAL G 145 -120.17 6.00 -49.42
CA VAL G 145 -119.08 6.81 -49.96
C VAL G 145 -117.69 6.35 -49.50
N ALA G 146 -116.87 5.99 -50.48
CA ALA G 146 -115.51 5.49 -50.26
C ALA G 146 -114.59 6.57 -49.67
N PRO G 147 -113.47 6.16 -49.01
CA PRO G 147 -112.53 7.14 -48.44
C PRO G 147 -111.89 8.11 -49.45
N GLU G 148 -111.83 7.67 -50.71
CA GLU G 148 -111.24 8.45 -51.80
C GLU G 148 -112.14 9.61 -52.24
N TYR G 149 -113.46 9.40 -52.15
CA TYR G 149 -114.46 10.37 -52.59
C TYR G 149 -114.88 11.41 -51.54
N ARG G 150 -114.51 11.18 -50.28
CA ARG G 150 -114.88 12.05 -49.16
C ARG G 150 -113.93 13.21 -48.81
N HIS G 151 -114.46 14.18 -48.08
CA HIS G 151 -113.75 15.38 -47.62
C HIS G 151 -112.71 15.13 -46.53
N ASP G 152 -112.84 14.00 -45.82
CA ASP G 152 -111.95 13.60 -44.73
C ASP G 152 -110.51 13.32 -45.18
N SER G 153 -110.37 12.80 -46.41
CA SER G 153 -109.09 12.41 -47.00
C SER G 153 -107.96 13.40 -46.78
N PRO G 154 -106.77 12.91 -46.35
CA PRO G 154 -105.60 13.77 -46.09
C PRO G 154 -105.03 14.46 -47.34
N ASP G 155 -105.37 13.92 -48.51
CA ASP G 155 -104.92 14.45 -49.80
C ASP G 155 -105.55 15.80 -50.16
N CYS G 156 -106.80 16.00 -49.71
CA CYS G 156 -107.60 17.20 -49.97
C CYS G 156 -106.90 18.55 -50.02
N GLY G 157 -106.23 18.92 -48.93
CA GLY G 157 -105.50 20.17 -48.83
C GLY G 157 -104.42 20.30 -49.89
N MET G 158 -103.63 19.22 -50.03
CA MET G 158 -102.55 19.16 -51.01
C MET G 158 -103.01 19.11 -52.47
N ILE G 159 -104.21 18.56 -52.70
CA ILE G 159 -104.82 18.51 -54.04
C ILE G 159 -105.06 19.94 -54.51
N ILE G 160 -105.60 20.77 -53.62
CA ILE G 160 -105.84 22.19 -53.89
C ILE G 160 -104.52 22.93 -54.14
N LEU G 161 -103.51 22.62 -53.32
CA LEU G 161 -102.18 23.21 -53.45
C LEU G 161 -101.42 22.73 -54.70
N CYS G 162 -101.90 21.66 -55.32
CA CYS G 162 -101.30 21.14 -56.55
C CYS G 162 -101.54 22.08 -57.73
N ILE G 163 -102.75 22.65 -57.80
CA ILE G 163 -103.05 23.63 -58.84
C ILE G 163 -102.43 24.99 -58.52
N ALA G 164 -102.14 25.22 -57.24
CA ALA G 164 -101.45 26.43 -56.78
C ALA G 164 -100.00 26.39 -57.26
N ALA G 165 -99.43 25.18 -57.33
CA ALA G 165 -98.08 24.93 -57.83
C ALA G 165 -98.05 25.14 -59.35
N LEU G 166 -99.18 24.88 -60.01
CA LEU G 166 -99.32 25.06 -61.45
C LEU G 166 -99.45 26.54 -61.80
N VAL G 167 -100.12 27.30 -60.91
CA VAL G 167 -100.29 28.75 -61.06
C VAL G 167 -98.91 29.41 -60.90
N ILE G 168 -98.17 28.97 -59.88
CA ILE G 168 -96.82 29.42 -59.59
C ILE G 168 -95.85 29.15 -60.76
N THR G 169 -96.15 28.07 -61.49
CA THR G 169 -95.38 27.63 -62.66
C THR G 169 -95.45 28.64 -63.81
N LYS G 170 -96.61 29.28 -63.95
CA LYS G 170 -96.88 30.25 -65.01
C LYS G 170 -96.97 31.72 -64.57
N LEU G 171 -96.49 32.03 -63.36
CA LEU G 171 -96.50 33.40 -62.82
C LEU G 171 -95.48 34.33 -63.46
N ALA G 172 -94.47 33.75 -64.12
CA ALA G 172 -93.39 34.47 -64.79
C ALA G 172 -93.89 35.41 -65.89
N ALA G 173 -95.00 35.02 -66.54
CA ALA G 173 -95.64 35.83 -67.58
C ALA G 173 -96.29 37.08 -66.97
N GLY G 174 -96.76 36.96 -65.73
CA GLY G 174 -97.38 38.00 -64.92
C GLY G 174 -98.64 38.65 -65.47
N ASP G 175 -99.51 37.87 -66.10
CA ASP G 175 -100.75 38.39 -66.68
C ASP G 175 -101.90 37.38 -66.82
N ARG G 176 -101.81 36.26 -66.11
CA ARG G 176 -102.83 35.17 -66.15
C ARG G 176 -102.95 34.45 -67.50
N SER G 177 -102.00 34.71 -68.40
CA SER G 177 -101.97 34.10 -69.73
C SER G 177 -101.76 32.58 -69.69
N GLY G 178 -101.02 32.14 -68.67
CA GLY G 178 -100.71 30.74 -68.43
C GLY G 178 -101.89 29.86 -68.03
N LEU G 179 -103.00 30.48 -67.61
CA LEU G 179 -104.23 29.79 -67.18
C LEU G 179 -104.66 28.59 -68.05
N THR G 180 -104.56 28.75 -69.38
CA THR G 180 -104.90 27.70 -70.33
C THR G 180 -104.02 26.46 -70.13
N ALA G 181 -102.72 26.70 -69.98
CA ALA G 181 -101.73 25.65 -69.74
C ALA G 181 -101.90 25.05 -68.34
N VAL G 182 -102.29 25.91 -67.38
CA VAL G 182 -102.55 25.51 -65.99
C VAL G 182 -103.69 24.47 -65.96
N ILE G 183 -104.78 24.76 -66.69
CA ILE G 183 -105.93 23.87 -66.79
C ILE G 183 -105.54 22.58 -67.52
N ARG G 184 -104.89 22.75 -68.68
CA ARG G 184 -104.41 21.64 -69.52
C ARG G 184 -103.61 20.61 -68.72
N ARG G 185 -102.60 21.09 -68.00
CA ARG G 185 -101.73 20.24 -67.17
C ARG G 185 -102.46 19.63 -65.98
N ALA G 186 -103.39 20.38 -65.40
CA ALA G 186 -104.22 19.92 -64.28
C ALA G 186 -105.14 18.77 -64.68
N ASN G 187 -105.28 18.55 -65.99
CA ASN G 187 -106.08 17.47 -66.54
C ASN G 187 -105.24 16.24 -66.87
N ASN G 188 -104.04 16.46 -67.41
CA ASN G 188 -103.09 15.39 -67.77
C ASN G 188 -102.56 14.76 -66.49
N VAL G 189 -101.96 15.60 -65.65
CA VAL G 189 -101.49 15.24 -64.30
C VAL G 189 -102.77 15.47 -63.49
N LEU G 190 -102.88 14.89 -62.29
CA LEU G 190 -104.04 15.11 -61.42
C LEU G 190 -105.39 14.60 -61.98
N LYS G 191 -105.33 13.65 -62.92
CA LYS G 191 -106.53 13.08 -63.56
C LYS G 191 -107.36 12.21 -62.63
N ASN G 192 -106.68 11.40 -61.82
CA ASN G 192 -107.30 10.51 -60.84
C ASN G 192 -107.99 11.31 -59.72
N GLU G 193 -107.39 12.44 -59.37
CA GLU G 193 -107.87 13.35 -58.33
C GLU G 193 -109.17 14.03 -58.75
N MET G 194 -109.27 14.33 -60.05
CA MET G 194 -110.45 14.96 -60.64
C MET G 194 -111.63 14.01 -60.71
N LYS G 195 -111.33 12.70 -60.80
CA LYS G 195 -112.33 11.64 -60.84
C LYS G 195 -113.02 11.53 -59.47
N ARG G 196 -112.22 11.56 -58.41
CA ARG G 196 -112.73 11.46 -57.04
C ARG G 196 -113.40 12.72 -56.48
N TYR G 197 -113.04 13.88 -57.02
CA TYR G 197 -113.61 15.15 -56.56
C TYR G 197 -114.30 15.99 -57.62
N LYS G 198 -115.62 16.12 -57.47
CA LYS G 198 -116.49 16.89 -58.37
C LYS G 198 -116.15 18.38 -58.41
N GLY G 199 -115.66 18.89 -57.27
CA GLY G 199 -115.28 20.29 -57.08
C GLY G 199 -113.88 20.68 -57.50
N LEU G 200 -113.13 19.74 -58.07
CA LEU G 200 -111.79 20.03 -58.58
C LEU G 200 -111.96 20.67 -59.96
N LEU G 201 -112.18 21.98 -59.95
CA LEU G 201 -112.39 22.78 -61.15
C LEU G 201 -111.11 23.60 -61.39
N PRO G 202 -110.16 23.08 -62.22
CA PRO G 202 -108.89 23.77 -62.47
C PRO G 202 -109.01 25.27 -62.75
N LYS G 203 -109.87 25.66 -63.68
CA LYS G 203 -110.09 27.07 -64.03
C LYS G 203 -110.49 27.93 -62.83
N ASP G 204 -111.48 27.45 -62.06
CA ASP G 204 -112.01 28.16 -60.89
C ASP G 204 -110.98 28.31 -59.76
N ILE G 205 -110.27 27.22 -59.44
CA ILE G 205 -109.26 27.22 -58.39
C ILE G 205 -108.01 28.00 -58.82
N ALA G 206 -107.60 27.84 -60.07
CA ALA G 206 -106.42 28.54 -60.62
C ALA G 206 -106.59 30.05 -60.62
N ASN G 207 -107.79 30.52 -60.93
CA ASN G 207 -108.10 31.96 -60.93
C ASN G 207 -108.07 32.51 -59.50
N SER G 208 -108.53 31.69 -58.54
CA SER G 208 -108.54 32.06 -57.12
C SER G 208 -107.12 32.27 -56.60
N PHE G 209 -106.21 31.38 -56.99
CA PHE G 209 -104.80 31.49 -56.60
C PHE G 209 -104.12 32.66 -57.31
N TYR G 210 -104.46 32.85 -58.59
CA TYR G 210 -103.96 33.98 -59.37
C TYR G 210 -104.34 35.29 -58.69
N GLU G 211 -105.59 35.37 -58.22
CA GLU G 211 -106.13 36.52 -57.51
C GLU G 211 -105.43 36.77 -56.17
N VAL G 212 -105.25 35.72 -55.38
CA VAL G 212 -104.58 35.82 -54.07
C VAL G 212 -103.12 36.26 -54.17
N PHE G 213 -102.42 35.80 -55.23
CA PHE G 213 -101.03 36.17 -55.48
C PHE G 213 -100.90 37.60 -56.01
N GLU G 214 -101.93 38.06 -56.72
CA GLU G 214 -101.97 39.41 -57.27
C GLU G 214 -102.32 40.41 -56.16
N LYS G 215 -103.34 40.09 -55.37
CA LYS G 215 -103.80 40.95 -54.28
C LYS G 215 -102.84 40.95 -53.08
N HIS G 216 -102.26 39.79 -52.78
CA HIS G 216 -101.33 39.66 -51.65
C HIS G 216 -100.00 39.06 -52.12
N PRO G 217 -99.05 39.92 -52.56
CA PRO G 217 -97.75 39.46 -53.05
C PRO G 217 -96.87 38.75 -52.01
N HIS G 218 -97.16 38.98 -50.74
CA HIS G 218 -96.45 38.34 -49.64
C HIS G 218 -96.81 36.86 -49.53
N PHE G 219 -98.01 36.52 -50.00
CA PHE G 219 -98.49 35.13 -50.01
C PHE G 219 -97.75 34.27 -51.02
N ILE G 220 -97.25 34.90 -52.08
CA ILE G 220 -96.44 34.20 -53.08
C ILE G 220 -95.10 33.78 -52.46
N ASP G 221 -94.57 34.65 -51.59
CA ASP G 221 -93.34 34.36 -50.84
C ASP G 221 -93.61 33.23 -49.85
N VAL G 222 -94.78 33.28 -49.22
CA VAL G 222 -95.22 32.26 -48.28
C VAL G 222 -95.35 30.90 -48.97
N PHE G 223 -96.01 30.88 -50.13
CA PHE G 223 -96.19 29.66 -50.91
C PHE G 223 -94.87 29.05 -51.42
N VAL G 224 -94.00 29.89 -51.98
CA VAL G 224 -92.71 29.45 -52.50
C VAL G 224 -91.89 28.81 -51.38
N HIS G 225 -91.83 29.47 -50.22
CA HIS G 225 -91.13 28.95 -49.06
C HIS G 225 -91.76 27.72 -48.43
N PHE G 226 -93.08 27.60 -48.58
CA PHE G 226 -93.80 26.41 -48.12
C PHE G 226 -93.43 25.24 -49.03
N GLY G 227 -93.50 25.47 -50.35
CA GLY G 227 -93.19 24.51 -51.38
C GLY G 227 -91.80 23.92 -51.23
N ILE G 228 -90.82 24.77 -50.91
CA ILE G 228 -89.44 24.37 -50.68
C ILE G 228 -89.36 23.52 -49.40
N ALA G 229 -90.05 23.98 -48.34
CA ALA G 229 -90.11 23.28 -47.05
C ALA G 229 -90.79 21.92 -47.17
N GLN G 230 -91.83 21.87 -48.02
CA GLN G 230 -92.58 20.66 -48.33
C GLN G 230 -91.68 19.73 -49.15
N SER G 231 -90.95 20.29 -50.10
CA SER G 231 -90.03 19.52 -50.95
C SER G 231 -88.74 19.09 -50.24
N SER G 232 -88.58 19.52 -48.99
CA SER G 232 -87.42 19.17 -48.16
C SER G 232 -87.68 17.88 -47.36
N THR G 233 -88.94 17.44 -47.40
CA THR G 233 -89.41 16.23 -46.72
C THR G 233 -88.68 14.95 -47.18
N ARG G 234 -88.70 13.94 -46.32
CA ARG G 234 -88.05 12.64 -46.56
C ARG G 234 -88.86 11.75 -47.51
N GLY G 235 -90.18 11.86 -47.44
CA GLY G 235 -91.12 11.06 -48.21
C GLY G 235 -92.54 11.56 -47.97
N GLY G 236 -93.55 10.83 -48.45
CA GLY G 236 -94.93 11.27 -48.31
C GLY G 236 -95.90 10.52 -49.21
N SER G 237 -97.09 11.08 -49.38
CA SER G 237 -98.14 10.50 -50.22
C SER G 237 -97.82 10.75 -51.69
N ARG G 238 -98.58 10.09 -52.58
CA ARG G 238 -98.39 10.28 -54.02
C ARG G 238 -98.81 11.69 -54.48
N VAL G 239 -99.84 12.23 -53.82
CA VAL G 239 -100.36 13.58 -54.08
C VAL G 239 -99.29 14.61 -53.66
N GLU G 240 -98.59 14.32 -52.56
CA GLU G 240 -97.49 15.14 -52.06
C GLU G 240 -96.29 15.07 -53.02
N GLY G 241 -96.16 13.93 -53.71
CA GLY G 241 -95.13 13.70 -54.71
C GLY G 241 -95.44 14.46 -55.98
N ILE G 242 -96.72 14.49 -56.34
CA ILE G 242 -97.22 15.22 -57.52
C ILE G 242 -96.95 16.71 -57.30
N PHE G 243 -97.33 17.21 -56.12
CA PHE G 243 -97.11 18.61 -55.74
C PHE G 243 -95.64 19.00 -55.88
N ALA G 244 -94.77 18.19 -55.28
CA ALA G 244 -93.33 18.41 -55.28
C ALA G 244 -92.76 18.49 -56.68
N GLY G 245 -93.25 17.65 -57.58
CA GLY G 245 -92.88 17.59 -58.98
C GLY G 245 -93.35 18.83 -59.72
N LEU G 246 -94.63 19.17 -59.53
CA LEU G 246 -95.25 20.34 -60.14
C LEU G 246 -94.65 21.66 -59.63
N PHE G 247 -94.28 21.69 -58.35
CA PHE G 247 -93.65 22.86 -57.73
C PHE G 247 -92.26 23.06 -58.30
N MET G 248 -91.54 21.96 -58.54
CA MET G 248 -90.21 22.01 -59.11
C MET G 248 -90.16 22.38 -60.59
N ASN G 249 -91.32 22.29 -61.26
CA ASN G 249 -91.45 22.70 -62.66
C ASN G 249 -91.34 24.22 -62.75
N ALA G 250 -91.66 24.90 -61.65
CA ALA G 250 -91.57 26.35 -61.55
C ALA G 250 -90.13 26.85 -61.46
N TYR G 251 -89.22 26.01 -60.95
CA TYR G 251 -87.80 26.37 -60.84
C TYR G 251 -87.25 26.74 -62.21
N GLY G 252 -86.76 27.97 -62.31
CA GLY G 252 -86.18 28.51 -63.52
C GLY G 252 -87.17 29.20 -64.45
N ALA G 253 -88.34 29.59 -63.92
CA ALA G 253 -89.35 30.30 -64.71
C ALA G 253 -88.94 31.76 -64.82
N GLY G 254 -89.12 32.32 -66.01
CA GLY G 254 -88.74 33.69 -66.32
C GLY G 254 -87.28 33.78 -66.72
N GLN G 255 -86.67 32.61 -66.95
CA GLN G 255 -85.26 32.50 -67.33
C GLN G 255 -85.04 31.30 -68.26
N VAL G 256 -85.94 31.14 -69.23
CA VAL G 256 -85.88 30.06 -70.22
C VAL G 256 -84.73 30.26 -71.21
N MET G 257 -84.40 31.53 -71.47
CA MET G 257 -83.32 31.91 -72.37
C MET G 257 -81.96 31.39 -71.89
N LEU G 258 -81.81 31.33 -70.57
CA LEU G 258 -80.61 30.83 -69.90
C LEU G 258 -80.41 29.34 -70.21
N ARG G 259 -81.50 28.59 -70.15
CA ARG G 259 -81.49 27.15 -70.42
C ARG G 259 -81.38 26.84 -71.91
N TRP G 260 -82.01 27.67 -72.73
CA TRP G 260 -81.96 27.54 -74.18
C TRP G 260 -80.58 27.91 -74.74
N GLY G 261 -79.86 28.74 -73.98
CA GLY G 261 -78.50 29.16 -74.28
C GLY G 261 -77.54 28.01 -74.13
N VAL G 262 -77.75 27.20 -73.08
CA VAL G 262 -76.94 26.01 -72.81
C VAL G 262 -77.21 24.97 -73.89
N LEU G 263 -78.47 24.91 -74.34
CA LEU G 263 -78.90 23.99 -75.41
C LEU G 263 -78.21 24.29 -76.73
N ALA G 264 -78.17 25.59 -77.09
CA ALA G 264 -77.52 26.07 -78.32
C ALA G 264 -76.04 25.68 -78.34
N LYS G 265 -75.40 25.76 -77.18
CA LYS G 265 -74.01 25.38 -76.97
C LYS G 265 -73.86 23.85 -77.09
N SER G 266 -74.79 23.13 -76.46
CA SER G 266 -74.80 21.66 -76.45
C SER G 266 -74.99 21.04 -77.83
N VAL G 267 -75.84 21.67 -78.66
CA VAL G 267 -76.10 21.21 -80.03
C VAL G 267 -75.05 21.75 -81.00
N LYS G 268 -74.23 22.68 -80.51
CA LYS G 268 -73.15 23.33 -81.27
C LYS G 268 -73.65 24.10 -82.50
N ASN G 269 -74.60 25.01 -82.27
CA ASN G 269 -75.17 25.85 -83.33
C ASN G 269 -74.09 26.80 -83.83
N ILE G 270 -73.78 26.66 -85.13
CA ILE G 270 -72.74 27.42 -85.83
C ILE G 270 -72.77 28.93 -85.63
N MET G 271 -73.98 29.51 -85.59
CA MET G 271 -74.18 30.95 -85.40
C MET G 271 -73.67 31.56 -84.09
N LEU G 272 -73.27 30.70 -83.15
CA LEU G 272 -72.70 31.13 -81.87
C LEU G 272 -71.29 31.69 -82.06
N GLY G 273 -70.62 31.22 -83.11
CA GLY G 273 -69.27 31.64 -83.48
C GLY G 273 -69.20 32.94 -84.26
N HIS G 274 -70.36 33.50 -84.61
CA HIS G 274 -70.46 34.75 -85.35
C HIS G 274 -69.78 35.91 -84.61
N ALA G 275 -69.15 36.80 -85.38
CA ALA G 275 -68.42 37.95 -84.86
C ALA G 275 -69.16 38.82 -83.85
N SER G 276 -70.44 39.14 -84.14
CA SER G 276 -71.26 39.96 -83.27
C SER G 276 -71.74 39.24 -82.01
N VAL G 277 -71.78 37.91 -82.07
CA VAL G 277 -72.17 37.05 -80.94
C VAL G 277 -70.95 36.90 -80.02
N GLN G 278 -69.77 36.78 -80.63
CA GLN G 278 -68.50 36.65 -79.91
C GLN G 278 -68.12 37.89 -79.10
N ALA G 279 -68.57 39.06 -79.57
CA ALA G 279 -68.32 40.34 -78.90
C ALA G 279 -69.05 40.41 -77.55
N GLU G 280 -70.23 39.80 -77.50
CA GLU G 280 -71.07 39.77 -76.30
C GLU G 280 -70.62 38.72 -75.28
N MET G 281 -69.93 37.69 -75.77
CA MET G 281 -69.44 36.56 -74.97
C MET G 281 -68.85 36.81 -73.58
N GLU G 282 -68.00 37.84 -73.49
CA GLU G 282 -67.36 38.24 -72.23
C GLU G 282 -68.42 38.54 -71.16
N GLN G 283 -69.45 39.27 -71.57
CA GLN G 283 -70.55 39.66 -70.70
C GLN G 283 -71.63 38.59 -70.48
N VAL G 284 -71.85 37.71 -71.47
CA VAL G 284 -72.83 36.62 -71.32
C VAL G 284 -72.35 35.58 -70.33
N VAL G 285 -71.03 35.40 -70.26
CA VAL G 285 -70.40 34.48 -69.33
C VAL G 285 -70.59 35.01 -67.90
N GLU G 286 -70.48 36.32 -67.73
CA GLU G 286 -70.68 37.01 -66.44
C GLU G 286 -72.03 36.66 -65.82
N VAL G 287 -73.09 36.70 -66.62
CA VAL G 287 -74.45 36.34 -66.16
C VAL G 287 -74.60 34.85 -65.87
N TYR G 288 -74.00 34.01 -66.71
CA TYR G 288 -74.01 32.56 -66.50
C TYR G 288 -73.26 32.17 -65.23
N GLU G 289 -72.12 32.83 -65.00
CA GLU G 289 -71.31 32.63 -63.79
C GLU G 289 -72.05 33.17 -62.56
N TYR G 290 -72.85 34.22 -62.77
CA TYR G 290 -73.68 34.82 -61.72
C TYR G 290 -74.81 33.87 -61.34
N ALA G 291 -75.41 33.24 -62.36
CA ALA G 291 -76.48 32.25 -62.19
C ALA G 291 -75.94 31.02 -61.47
N GLN G 292 -74.70 30.64 -61.79
CA GLN G 292 -73.98 29.52 -61.18
C GLN G 292 -73.69 29.83 -59.71
N LYS G 293 -73.32 31.09 -59.45
CA LYS G 293 -72.99 31.58 -58.10
C LYS G 293 -74.20 31.53 -57.16
N LEU G 294 -75.33 32.03 -57.64
CA LEU G 294 -76.58 32.06 -56.87
C LEU G 294 -77.13 30.68 -56.55
N GLY G 295 -76.95 29.75 -57.48
CA GLY G 295 -77.40 28.37 -57.35
C GLY G 295 -78.91 28.27 -57.32
N GLY G 296 -79.42 27.48 -56.36
CA GLY G 296 -80.83 27.23 -56.15
C GLY G 296 -81.68 28.46 -55.86
N GLU G 297 -81.06 29.46 -55.22
CA GLU G 297 -81.70 30.72 -54.87
C GLU G 297 -82.36 31.40 -56.08
N ALA G 298 -81.64 31.40 -57.20
CA ALA G 298 -82.06 32.01 -58.46
C ALA G 298 -83.30 31.43 -59.14
N GLY G 299 -83.64 30.19 -58.79
CA GLY G 299 -84.76 29.48 -59.37
C GLY G 299 -86.12 30.16 -59.28
N PHE G 300 -86.39 30.79 -58.13
CA PHE G 300 -87.66 31.47 -57.89
C PHE G 300 -87.58 33.01 -57.92
N TYR G 301 -86.50 33.51 -58.51
CA TYR G 301 -86.23 34.95 -58.64
C TYR G 301 -87.28 35.72 -59.43
N HIS G 302 -87.92 35.06 -60.39
CA HIS G 302 -88.95 35.71 -61.21
C HIS G 302 -90.35 35.49 -60.67
N ILE G 303 -90.58 34.31 -60.08
CA ILE G 303 -91.85 33.94 -59.46
C ILE G 303 -92.16 34.95 -58.34
N LEU G 304 -91.25 35.05 -57.36
CA LEU G 304 -91.30 36.10 -56.34
C LEU G 304 -90.67 37.23 -57.12
N ASN G 305 -91.21 38.45 -57.08
CA ASN G 305 -90.61 39.53 -57.85
C ASN G 305 -89.31 40.06 -57.22
N ASN G 306 -88.30 39.19 -57.22
CA ASN G 306 -86.98 39.50 -56.68
C ASN G 306 -86.36 40.58 -57.55
N PRO G 307 -85.80 41.64 -56.93
CA PRO G 307 -85.18 42.77 -57.63
C PRO G 307 -84.01 42.37 -58.53
N LYS G 308 -83.25 41.37 -58.08
CA LYS G 308 -82.09 40.87 -58.79
C LYS G 308 -82.41 40.01 -60.02
N ALA G 309 -83.70 39.70 -60.23
CA ALA G 309 -84.17 38.89 -61.36
C ALA G 309 -83.77 39.47 -62.73
N SER G 310 -83.69 40.80 -62.80
CA SER G 310 -83.30 41.53 -64.00
C SER G 310 -81.87 41.23 -64.42
N LEU G 311 -81.00 40.96 -63.43
CA LEU G 311 -79.58 40.67 -63.64
C LEU G 311 -79.31 39.38 -64.41
N LEU G 312 -80.27 38.47 -64.39
CA LEU G 312 -80.17 37.17 -65.07
C LEU G 312 -80.60 37.22 -66.55
N SER G 313 -81.00 38.40 -67.02
CA SER G 313 -81.46 38.60 -68.39
C SER G 313 -80.34 38.52 -69.44
N LEU G 314 -80.64 37.83 -70.54
CA LEU G 314 -79.74 37.70 -71.68
C LEU G 314 -80.22 38.58 -72.83
N THR G 315 -81.41 39.16 -72.67
CA THR G 315 -82.07 40.08 -73.61
C THR G 315 -81.18 41.31 -73.87
N GLN G 316 -80.38 41.69 -72.87
CA GLN G 316 -79.41 42.78 -72.97
C GLN G 316 -78.30 42.51 -74.00
N PHE G 317 -78.25 41.27 -74.51
CA PHE G 317 -77.31 40.85 -75.54
C PHE G 317 -78.13 40.42 -76.77
N PRO G 318 -78.48 41.38 -77.65
CA PRO G 318 -79.30 41.16 -78.85
C PRO G 318 -78.86 40.03 -79.78
N HIS G 319 -77.56 39.93 -80.03
CA HIS G 319 -77.00 38.93 -80.93
C HIS G 319 -77.07 37.50 -80.40
N PHE G 320 -76.58 37.30 -79.17
CA PHE G 320 -76.61 35.98 -78.51
C PHE G 320 -78.03 35.48 -78.28
N SER G 321 -78.93 36.38 -77.84
CA SER G 321 -80.33 36.06 -77.61
C SER G 321 -81.02 35.57 -78.88
N SER G 322 -80.68 36.21 -80.01
CA SER G 322 -81.24 35.88 -81.32
C SER G 322 -80.86 34.50 -81.84
N VAL G 323 -79.57 34.14 -81.72
CA VAL G 323 -79.09 32.82 -82.12
C VAL G 323 -79.67 31.73 -81.21
N VAL G 324 -79.79 32.06 -79.92
CA VAL G 324 -80.38 31.18 -78.90
C VAL G 324 -81.87 30.92 -79.20
N LEU G 325 -82.59 32.01 -79.53
CA LEU G 325 -84.00 31.94 -79.88
C LEU G 325 -84.22 31.24 -81.23
N GLY G 326 -83.28 31.42 -82.14
CA GLY G 326 -83.26 30.80 -83.46
C GLY G 326 -83.12 29.30 -83.35
N ASN G 327 -82.11 28.89 -82.58
CA ASN G 327 -81.82 27.47 -82.31
C ASN G 327 -83.03 26.77 -81.68
N ALA G 328 -83.72 27.48 -80.78
CA ALA G 328 -84.93 27.00 -80.10
C ALA G 328 -86.10 26.82 -81.08
N ALA G 329 -86.16 27.68 -82.10
CA ALA G 329 -87.20 27.63 -83.12
C ALA G 329 -86.89 26.53 -84.14
N GLY G 330 -85.61 26.40 -84.50
CA GLY G 330 -85.12 25.40 -85.44
C GLY G 330 -85.25 23.98 -84.92
N LEU G 331 -85.12 23.83 -83.61
CA LEU G 331 -85.28 22.54 -82.94
C LEU G 331 -86.76 22.28 -82.62
N GLY G 332 -87.61 23.27 -82.92
CA GLY G 332 -89.05 23.23 -82.73
C GLY G 332 -89.48 23.10 -81.28
N ILE G 333 -88.76 23.79 -80.39
CA ILE G 333 -89.05 23.74 -78.95
C ILE G 333 -89.78 24.94 -78.35
N MET G 334 -89.84 26.05 -79.11
CA MET G 334 -90.56 27.25 -78.68
C MET G 334 -91.99 27.27 -79.28
N GLY G 335 -92.70 28.39 -79.12
CA GLY G 335 -94.05 28.55 -79.63
C GLY G 335 -95.09 28.02 -78.67
N GLU G 336 -96.03 28.85 -78.22
CA GLU G 336 -96.14 30.26 -78.59
C GLU G 336 -95.40 31.16 -77.58
N TYR G 337 -94.07 31.10 -77.64
CA TYR G 337 -93.20 31.91 -76.79
C TYR G 337 -93.21 33.34 -77.34
N ARG G 338 -93.64 34.29 -76.51
CA ARG G 338 -93.76 35.69 -76.90
C ARG G 338 -92.46 36.51 -76.95
N GLY G 339 -91.32 35.81 -77.07
CA GLY G 339 -90.02 36.42 -77.18
C GLY G 339 -89.70 36.73 -78.63
N THR G 340 -89.24 37.96 -78.86
CA THR G 340 -88.90 38.44 -80.20
C THR G 340 -87.38 38.64 -80.33
N PRO G 341 -86.77 38.14 -81.43
CA PRO G 341 -85.33 38.34 -81.63
C PRO G 341 -85.01 39.77 -82.08
N ARG G 342 -84.03 40.38 -81.41
CA ARG G 342 -83.60 41.75 -81.74
C ARG G 342 -82.87 41.82 -83.08
N ASN G 343 -82.12 40.76 -83.40
CA ASN G 343 -81.40 40.62 -84.67
C ASN G 343 -82.12 39.52 -85.46
N GLN G 344 -82.87 39.92 -86.47
CA GLN G 344 -83.65 38.99 -87.29
C GLN G 344 -82.79 38.05 -88.16
N ASP G 345 -81.74 38.61 -88.76
CA ASP G 345 -80.83 37.87 -89.64
C ASP G 345 -80.10 36.72 -88.94
N LEU G 346 -79.66 36.97 -87.70
CA LEU G 346 -78.97 35.98 -86.88
C LEU G 346 -79.92 34.87 -86.41
N TYR G 347 -81.17 35.26 -86.14
CA TYR G 347 -82.23 34.33 -85.72
C TYR G 347 -82.53 33.34 -86.85
N ASP G 348 -82.76 33.88 -88.06
CA ASP G 348 -83.08 33.11 -89.26
C ASP G 348 -81.94 32.15 -89.64
N ALA G 349 -80.70 32.61 -89.48
CA ALA G 349 -79.51 31.82 -89.77
C ALA G 349 -79.34 30.67 -88.77
N ALA G 350 -79.66 30.94 -87.50
CA ALA G 350 -79.58 29.95 -86.43
C ALA G 350 -80.71 28.94 -86.51
N LYS G 351 -81.90 29.41 -86.90
CA LYS G 351 -83.09 28.57 -87.09
C LYS G 351 -82.84 27.57 -88.23
N ALA G 352 -82.21 28.06 -89.30
CA ALA G 352 -81.88 27.26 -90.48
C ALA G 352 -80.88 26.14 -90.14
N TYR G 353 -79.82 26.48 -89.40
CA TYR G 353 -78.79 25.52 -89.00
C TYR G 353 -79.34 24.46 -88.04
N ALA G 354 -80.21 24.89 -87.12
CA ALA G 354 -80.83 24.01 -86.14
C ALA G 354 -81.77 23.01 -86.79
N GLU G 355 -82.43 23.44 -87.88
CA GLU G 355 -83.32 22.60 -88.68
C GLU G 355 -82.51 21.54 -89.42
N GLN G 356 -81.29 21.90 -89.81
CA GLN G 356 -80.37 20.99 -90.50
C GLN G 356 -79.74 19.98 -89.52
N LEU G 357 -79.64 20.37 -88.25
CA LEU G 357 -79.08 19.54 -87.19
C LEU G 357 -79.95 18.33 -86.88
N LYS G 358 -81.27 18.51 -86.96
CA LYS G 358 -82.24 17.44 -86.71
C LYS G 358 -82.49 16.48 -87.88
N GLU G 359 -81.61 16.55 -88.89
CA GLU G 359 -81.65 15.70 -90.07
C GLU G 359 -80.40 14.82 -90.14
N ASN G 360 -79.27 15.36 -89.68
CA ASN G 360 -77.99 14.66 -89.65
C ASN G 360 -77.83 13.85 -88.35
N GLY G 361 -76.58 13.52 -87.99
CA GLY G 361 -76.27 12.77 -86.79
C GLY G 361 -75.29 11.65 -87.04
N VAL G 362 -74.00 11.98 -86.91
CA VAL G 362 -72.90 11.03 -87.12
C VAL G 362 -72.39 10.51 -85.77
N ILE G 363 -72.04 9.23 -85.73
CA ILE G 363 -71.53 8.57 -84.52
C ILE G 363 -70.08 8.97 -84.23
N ASN G 364 -69.84 9.42 -83.00
CA ASN G 364 -68.50 9.79 -82.54
C ASN G 364 -67.92 8.60 -81.76
N TYR G 365 -67.08 7.84 -82.45
CA TYR G 365 -66.46 6.61 -81.92
C TYR G 365 -65.35 6.82 -80.89
N SER G 366 -64.82 8.05 -80.82
CA SER G 366 -63.77 8.42 -79.88
C SER G 366 -64.25 8.52 -78.42
N VAL G 367 -65.56 8.75 -78.25
CA VAL G 367 -66.21 8.86 -76.93
C VAL G 367 -66.21 7.52 -76.19
N LEU G 368 -66.56 6.46 -76.91
CA LEU G 368 -66.61 5.09 -76.38
C LEU G 368 -65.20 4.55 -76.11
N ASP G 369 -65.07 3.73 -75.07
CA ASP G 369 -63.80 3.13 -74.67
C ASP G 369 -63.47 1.85 -75.45
N LEU G 370 -63.56 1.95 -76.79
CA LEU G 370 -63.32 0.83 -77.70
C LEU G 370 -61.84 0.47 -77.82
N THR G 371 -61.56 -0.84 -77.81
CA THR G 371 -60.20 -1.37 -77.91
C THR G 371 -59.86 -1.70 -79.38
N ALA G 372 -59.87 -2.99 -79.72
CA ALA G 372 -59.60 -3.46 -81.09
C ALA G 372 -60.88 -3.30 -81.90
N GLU G 373 -60.87 -2.31 -82.79
CA GLU G 373 -62.04 -1.97 -83.61
C GLU G 373 -62.11 -2.72 -84.94
N GLU G 374 -63.22 -3.43 -85.12
CA GLU G 374 -63.51 -4.23 -86.31
C GLU G 374 -64.92 -3.85 -86.81
N LEU G 375 -65.42 -2.72 -86.32
CA LEU G 375 -66.75 -2.20 -86.65
C LEU G 375 -66.90 -1.70 -88.08
N GLU G 376 -65.78 -1.26 -88.67
CA GLU G 376 -65.74 -0.76 -90.05
C GLU G 376 -66.12 -1.86 -91.05
N ALA G 377 -65.88 -3.11 -90.65
CA ALA G 377 -66.24 -4.30 -91.43
C ALA G 377 -67.73 -4.63 -91.23
N ILE G 378 -68.27 -4.28 -90.06
CA ILE G 378 -69.69 -4.50 -89.71
C ILE G 378 -70.61 -3.59 -90.52
N ALA H 2 -65.47 32.31 -72.87
CA ALA H 2 -65.45 31.00 -73.52
C ALA H 2 -66.82 30.35 -73.52
N LEU H 3 -67.13 29.64 -74.61
CA LEU H 3 -68.41 28.92 -74.73
C LEU H 3 -68.49 27.68 -73.83
N SER H 4 -67.38 27.33 -73.20
CA SER H 4 -67.30 26.23 -72.25
C SER H 4 -67.93 26.64 -70.93
N LYS H 5 -67.86 27.95 -70.65
CA LYS H 5 -68.39 28.56 -69.42
C LYS H 5 -69.91 28.71 -69.41
N VAL H 6 -70.53 28.70 -70.59
CA VAL H 6 -71.99 28.78 -70.71
C VAL H 6 -72.67 27.46 -70.32
N LYS H 7 -72.85 27.30 -69.01
CA LYS H 7 -73.46 26.11 -68.42
C LYS H 7 -74.22 26.48 -67.14
N LEU H 8 -75.08 25.57 -66.70
CA LEU H 8 -75.88 25.73 -65.50
C LEU H 8 -76.29 24.36 -64.97
N ASN H 9 -75.82 24.03 -63.77
CA ASN H 9 -76.10 22.73 -63.16
C ASN H 9 -77.41 22.78 -62.37
N ASP H 10 -78.52 22.73 -63.09
CA ASP H 10 -79.85 22.78 -62.52
C ASP H 10 -80.17 21.65 -61.53
N THR H 11 -79.69 20.45 -61.83
CA THR H 11 -79.90 19.26 -60.98
C THR H 11 -79.29 19.45 -59.59
N LEU H 12 -78.04 19.90 -59.56
CA LEU H 12 -77.30 20.15 -58.32
C LEU H 12 -77.85 21.34 -57.53
N ASN H 13 -78.20 22.40 -58.25
CA ASN H 13 -78.74 23.63 -57.66
C ASN H 13 -80.13 23.43 -57.04
N LYS H 14 -80.98 22.63 -57.70
CA LYS H 14 -82.31 22.31 -57.20
C LYS H 14 -82.23 21.55 -55.89
N ASP H 15 -81.30 20.60 -55.81
CA ASP H 15 -81.03 19.82 -54.62
C ASP H 15 -80.51 20.73 -53.50
N GLN H 16 -79.58 21.62 -53.86
CA GLN H 16 -78.98 22.61 -52.95
C GLN H 16 -80.06 23.46 -52.29
N LEU H 17 -81.04 23.90 -53.09
CA LEU H 17 -82.17 24.71 -52.63
C LEU H 17 -83.02 23.96 -51.59
N LEU H 18 -83.27 22.68 -51.86
CA LEU H 18 -84.07 21.83 -50.97
C LEU H 18 -83.33 21.38 -49.72
N SER H 19 -82.03 21.16 -49.86
CA SER H 19 -81.17 20.75 -48.75
C SER H 19 -80.93 21.89 -47.77
N SER H 20 -81.00 23.13 -48.26
CA SER H 20 -80.76 24.31 -47.44
C SER H 20 -82.02 25.14 -47.13
N SER H 21 -83.11 24.46 -46.77
CA SER H 21 -84.36 25.12 -46.42
C SER H 21 -84.26 25.74 -45.02
N LYS H 22 -84.63 27.01 -44.91
CA LYS H 22 -84.58 27.76 -43.65
C LYS H 22 -85.80 27.46 -42.76
N TYR H 23 -86.86 26.93 -43.39
CA TYR H 23 -88.13 26.64 -42.71
C TYR H 23 -88.56 25.19 -42.88
N THR H 24 -89.44 24.73 -42.00
CA THR H 24 -89.89 23.34 -41.98
C THR H 24 -91.41 23.15 -41.83
N ILE H 25 -91.92 22.11 -42.48
CA ILE H 25 -93.32 21.73 -42.38
C ILE H 25 -93.48 20.48 -41.50
N GLN H 26 -94.61 20.43 -40.78
CA GLN H 26 -94.94 19.29 -39.93
C GLN H 26 -96.37 18.86 -40.23
N ARG H 27 -96.50 17.59 -40.62
CA ARG H 27 -97.77 17.02 -41.05
C ARG H 27 -98.53 16.28 -39.96
N SER H 28 -99.85 16.44 -39.96
CA SER H 28 -100.72 15.75 -39.01
C SER H 28 -101.04 14.36 -39.55
N THR H 29 -100.65 13.32 -38.80
CA THR H 29 -100.88 11.92 -39.16
C THR H 29 -102.35 11.49 -39.09
N GLY H 30 -103.10 12.18 -38.24
CA GLY H 30 -104.51 11.91 -37.99
C GLY H 30 -104.77 12.09 -36.51
N ASP H 31 -105.38 11.07 -35.90
CA ASP H 31 -105.69 11.12 -34.48
C ASP H 31 -104.67 10.47 -33.54
N SER H 32 -104.37 9.19 -33.78
CA SER H 32 -103.43 8.43 -32.94
C SER H 32 -102.72 7.31 -33.69
N ILE H 33 -101.45 7.09 -33.31
CA ILE H 33 -100.64 6.00 -33.85
C ILE H 33 -100.19 5.13 -32.69
N ASP H 34 -100.43 3.82 -32.82
CA ASP H 34 -100.01 2.84 -31.82
C ASP H 34 -98.49 2.68 -31.95
N THR H 35 -97.80 2.91 -30.85
CA THR H 35 -96.35 2.78 -30.80
C THR H 35 -95.99 1.65 -29.82
N PRO H 36 -96.01 0.39 -30.31
CA PRO H 36 -95.70 -0.71 -29.38
C PRO H 36 -94.20 -0.81 -29.09
N ASN H 37 -93.90 -1.11 -27.83
CA ASN H 37 -92.52 -1.28 -27.39
C ASN H 37 -92.14 -2.76 -27.41
N TYR H 38 -90.88 -3.05 -27.10
CA TYR H 38 -90.31 -4.40 -27.10
C TYR H 38 -91.08 -5.44 -26.26
N ASP H 39 -91.73 -4.99 -25.19
CA ASP H 39 -92.50 -5.85 -24.29
C ASP H 39 -93.69 -6.55 -24.97
N VAL H 40 -94.25 -5.86 -25.96
CA VAL H 40 -95.41 -6.32 -26.72
C VAL H 40 -95.04 -7.11 -28.00
N GLN H 41 -93.76 -7.09 -28.37
CA GLN H 41 -93.21 -7.76 -29.55
C GLN H 41 -93.55 -9.23 -29.69
N LYS H 42 -93.37 -9.99 -28.61
CA LYS H 42 -93.66 -11.43 -28.58
C LYS H 42 -95.14 -11.72 -28.82
N HIS H 43 -96.02 -10.87 -28.28
CA HIS H 43 -97.46 -10.99 -28.43
C HIS H 43 -97.90 -10.77 -29.89
N ILE H 44 -97.27 -9.80 -30.56
CA ILE H 44 -97.57 -9.49 -31.97
C ILE H 44 -97.11 -10.64 -32.87
N ASN H 45 -95.95 -11.23 -32.55
CA ASN H 45 -95.42 -12.37 -33.29
C ASN H 45 -96.37 -13.56 -33.22
N LYS H 46 -96.99 -13.75 -32.05
CA LYS H 46 -97.98 -14.80 -31.80
C LYS H 46 -99.23 -14.53 -32.64
N LEU H 47 -99.62 -13.24 -32.71
CA LEU H 47 -100.77 -12.79 -33.51
C LEU H 47 -100.53 -12.99 -35.00
N CYS H 48 -99.28 -12.78 -35.43
CA CYS H 48 -98.85 -13.00 -36.81
C CYS H 48 -98.95 -14.48 -37.14
N GLY H 49 -98.51 -15.31 -36.19
CA GLY H 49 -98.53 -16.76 -36.28
C GLY H 49 -99.93 -17.32 -36.35
N MET H 50 -100.86 -16.68 -35.64
CA MET H 50 -102.26 -17.06 -35.61
C MET H 50 -102.90 -16.92 -36.98
N LEU H 51 -102.53 -15.85 -37.70
CA LEU H 51 -103.00 -15.60 -39.07
C LEU H 51 -102.37 -16.58 -40.06
N LEU H 52 -101.11 -16.95 -39.78
CA LEU H 52 -100.35 -17.87 -40.62
C LEU H 52 -100.81 -19.33 -40.51
N ILE H 53 -101.33 -19.73 -39.35
CA ILE H 53 -101.82 -21.09 -39.15
C ILE H 53 -103.26 -21.26 -39.65
N THR H 54 -103.99 -20.13 -39.71
CA THR H 54 -105.38 -20.10 -40.15
C THR H 54 -105.52 -20.38 -41.65
N GLU H 55 -106.19 -21.50 -41.95
CA GLU H 55 -106.49 -21.91 -43.32
C GLU H 55 -107.56 -20.94 -43.85
N ASP H 56 -107.27 -20.34 -45.00
CA ASP H 56 -108.13 -19.32 -45.63
C ASP H 56 -108.41 -18.15 -44.66
N ALA H 57 -107.32 -17.56 -44.18
CA ALA H 57 -107.36 -16.47 -43.21
C ALA H 57 -107.81 -15.15 -43.81
N ASN H 58 -108.37 -14.30 -42.94
CA ASN H 58 -108.81 -12.96 -43.33
C ASN H 58 -107.64 -12.01 -43.12
N HIS H 59 -106.94 -11.72 -44.21
CA HIS H 59 -105.76 -10.85 -44.18
C HIS H 59 -106.08 -9.37 -44.37
N LYS H 60 -107.23 -8.94 -43.87
CA LYS H 60 -107.68 -7.55 -43.95
C LYS H 60 -106.84 -6.66 -43.04
N PHE H 61 -106.35 -7.24 -41.94
CA PHE H 61 -105.60 -6.53 -40.92
C PHE H 61 -104.11 -6.86 -40.83
N THR H 62 -103.67 -7.82 -41.66
CA THR H 62 -102.28 -8.27 -41.69
C THR H 62 -101.25 -7.18 -42.04
N GLY H 63 -101.64 -6.24 -42.91
CA GLY H 63 -100.81 -5.11 -43.30
C GLY H 63 -100.51 -4.22 -42.10
N LEU H 64 -101.55 -3.97 -41.30
CA LEU H 64 -101.46 -3.17 -40.09
C LEU H 64 -100.74 -3.92 -38.96
N ILE H 65 -101.06 -5.22 -38.81
CA ILE H 65 -100.44 -6.10 -37.80
C ILE H 65 -98.93 -6.23 -38.09
N GLY H 66 -98.60 -6.34 -39.37
CA GLY H 66 -97.22 -6.40 -39.86
C GLY H 66 -96.46 -5.16 -39.47
N MET H 67 -97.11 -3.99 -39.62
CA MET H 67 -96.54 -2.71 -39.24
C MET H 67 -96.31 -2.58 -37.75
N LEU H 68 -97.23 -3.14 -36.97
CA LEU H 68 -97.13 -3.16 -35.51
C LEU H 68 -95.93 -3.99 -35.04
N TYR H 69 -95.68 -5.11 -35.74
CA TYR H 69 -94.52 -5.96 -35.44
C TYR H 69 -93.21 -5.26 -35.73
N ALA H 70 -93.16 -4.54 -36.86
CA ALA H 70 -91.98 -3.78 -37.27
C ALA H 70 -91.71 -2.65 -36.27
N MET H 71 -92.78 -2.04 -35.76
CA MET H 71 -92.71 -0.97 -34.77
C MET H 71 -92.28 -1.50 -33.40
N SER H 72 -92.73 -2.71 -33.06
CA SER H 72 -92.38 -3.36 -31.79
C SER H 72 -90.92 -3.82 -31.77
N ARG H 73 -90.36 -4.05 -32.96
CA ARG H 73 -88.95 -4.41 -33.11
C ARG H 73 -88.09 -3.16 -32.94
N LEU H 74 -88.58 -2.04 -33.48
CA LEU H 74 -87.92 -0.74 -33.35
C LEU H 74 -88.03 -0.21 -31.91
N GLY H 75 -89.20 -0.44 -31.30
CA GLY H 75 -89.51 -0.04 -29.94
C GLY H 75 -89.95 1.40 -29.84
N ARG H 76 -91.05 1.64 -29.11
CA ARG H 76 -91.68 2.95 -28.90
C ARG H 76 -90.82 4.20 -29.14
N GLU H 77 -89.72 4.33 -28.40
CA GLU H 77 -88.79 5.45 -28.50
C GLU H 77 -88.29 5.73 -29.91
N ASP H 78 -87.74 4.69 -30.56
CA ASP H 78 -87.22 4.79 -31.92
C ASP H 78 -88.30 5.04 -32.96
N THR H 79 -89.42 4.32 -32.89
CA THR H 79 -90.55 4.53 -33.81
C THR H 79 -91.11 5.95 -33.81
N ILE H 80 -91.23 6.54 -32.62
CA ILE H 80 -91.68 7.94 -32.46
C ILE H 80 -90.66 8.87 -33.12
N LYS H 81 -89.38 8.59 -32.89
CA LYS H 81 -88.27 9.34 -33.47
C LYS H 81 -88.30 9.30 -35.00
N ILE H 82 -88.56 8.13 -35.59
CA ILE H 82 -88.64 7.98 -37.05
C ILE H 82 -89.83 8.73 -37.64
N LEU H 83 -90.94 8.77 -36.89
CA LEU H 83 -92.15 9.48 -37.31
C LEU H 83 -91.95 11.00 -37.26
N ARG H 84 -91.25 11.47 -36.24
CA ARG H 84 -90.95 12.90 -36.06
C ARG H 84 -89.92 13.40 -37.05
N ASP H 85 -88.90 12.57 -37.31
CA ASP H 85 -87.83 12.89 -38.27
C ASP H 85 -88.36 12.93 -39.71
N ALA H 86 -89.39 12.13 -39.98
CA ALA H 86 -90.04 12.06 -41.29
C ALA H 86 -90.86 13.32 -41.58
N GLY H 87 -91.30 14.00 -40.52
CA GLY H 87 -92.05 15.24 -40.59
C GLY H 87 -93.52 15.09 -40.18
N TYR H 88 -93.77 14.26 -39.18
CA TYR H 88 -95.13 14.01 -38.70
C TYR H 88 -95.35 14.32 -37.23
N HIS H 89 -96.52 14.90 -36.94
CA HIS H 89 -96.95 15.22 -35.58
C HIS H 89 -97.64 13.97 -35.05
N VAL H 90 -97.04 13.35 -34.03
CA VAL H 90 -97.57 12.09 -33.49
C VAL H 90 -98.12 12.04 -32.08
N LYS H 91 -99.36 11.56 -31.99
CA LYS H 91 -100.05 11.33 -30.72
C LYS H 91 -99.88 9.82 -30.51
N ALA H 92 -98.84 9.47 -29.74
CA ALA H 92 -98.47 8.10 -29.48
C ALA H 92 -99.43 7.36 -28.57
N ASN H 93 -99.84 6.17 -28.99
CA ASN H 93 -100.72 5.31 -28.21
C ASN H 93 -99.90 4.15 -27.65
N GLY H 94 -99.91 4.01 -26.33
CA GLY H 94 -99.18 2.97 -25.62
C GLY H 94 -99.89 1.63 -25.71
N VAL H 95 -99.18 0.64 -26.25
CA VAL H 95 -99.73 -0.71 -26.42
C VAL H 95 -99.39 -1.56 -25.20
N ASP H 96 -100.43 -2.04 -24.52
CA ASP H 96 -100.32 -2.88 -23.33
C ASP H 96 -101.15 -4.15 -23.49
N VAL H 97 -100.76 -5.21 -22.80
CA VAL H 97 -101.48 -6.48 -22.83
C VAL H 97 -102.51 -6.53 -21.70
N THR H 98 -103.76 -6.80 -22.07
CA THR H 98 -104.87 -6.91 -21.12
C THR H 98 -105.66 -8.18 -21.40
N THR H 99 -106.23 -8.75 -20.33
CA THR H 99 -107.05 -9.96 -20.44
C THR H 99 -108.51 -9.59 -20.62
N HIS H 100 -109.11 -10.07 -21.70
CA HIS H 100 -110.51 -9.80 -22.03
C HIS H 100 -111.36 -11.06 -21.87
N ARG H 101 -112.43 -10.93 -21.09
CA ARG H 101 -113.36 -12.03 -20.85
C ARG H 101 -114.64 -11.82 -21.65
N GLN H 102 -114.93 -12.78 -22.53
CA GLN H 102 -116.11 -12.75 -23.39
C GLN H 102 -116.66 -14.16 -23.56
N ASP H 103 -117.97 -14.31 -23.43
CA ASP H 103 -118.64 -15.60 -23.57
C ASP H 103 -118.99 -15.95 -25.02
N ILE H 104 -118.12 -16.75 -25.62
CA ILE H 104 -118.27 -17.23 -26.99
C ILE H 104 -118.93 -18.61 -26.94
N ASN H 105 -120.09 -18.73 -27.58
CA ASN H 105 -120.92 -19.95 -27.62
C ASN H 105 -121.37 -20.41 -26.22
N GLY H 106 -121.75 -19.43 -25.39
CA GLY H 106 -122.19 -19.65 -24.02
C GLY H 106 -121.09 -19.70 -22.99
N LYS H 107 -120.03 -20.45 -23.29
CA LYS H 107 -118.88 -20.63 -22.41
C LYS H 107 -118.02 -19.36 -22.35
N GLU H 108 -117.79 -18.87 -21.13
CA GLU H 108 -116.98 -17.67 -20.90
C GLU H 108 -115.51 -17.99 -21.15
N MET H 109 -114.91 -17.21 -22.04
CA MET H 109 -113.52 -17.41 -22.45
C MET H 109 -112.60 -16.21 -22.18
N LYS H 110 -111.33 -16.51 -21.92
CA LYS H 110 -110.30 -15.50 -21.67
C LYS H 110 -109.40 -15.33 -22.89
N PHE H 111 -109.05 -14.08 -23.17
CA PHE H 111 -108.20 -13.73 -24.31
C PHE H 111 -107.18 -12.66 -23.94
N GLU H 112 -105.95 -12.82 -24.42
CA GLU H 112 -104.89 -11.85 -24.21
C GLU H 112 -104.91 -10.91 -25.41
N VAL H 113 -105.36 -9.68 -25.18
CA VAL H 113 -105.47 -8.67 -26.24
C VAL H 113 -104.57 -7.46 -26.01
N LEU H 114 -104.35 -6.70 -27.08
CA LEU H 114 -103.53 -5.49 -27.02
C LEU H 114 -104.40 -4.24 -27.05
N THR H 115 -103.98 -3.21 -26.31
CA THR H 115 -104.70 -1.94 -26.26
C THR H 115 -104.31 -1.11 -27.49
N LEU H 116 -104.96 -1.44 -28.60
CA LEU H 116 -104.71 -0.79 -29.89
C LEU H 116 -105.90 0.04 -30.33
N ALA H 117 -105.60 1.20 -30.94
CA ALA H 117 -106.61 2.10 -31.47
C ALA H 117 -107.00 1.64 -32.88
N SER H 118 -105.99 1.28 -33.66
CA SER H 118 -106.15 0.80 -35.03
C SER H 118 -106.84 -0.55 -35.12
N LEU H 119 -106.66 -1.39 -34.10
CA LEU H 119 -107.24 -2.73 -34.06
C LEU H 119 -108.15 -2.93 -32.86
N THR H 120 -109.41 -3.28 -33.14
CA THR H 120 -110.42 -3.54 -32.12
C THR H 120 -110.14 -4.82 -31.35
N THR H 121 -110.51 -4.84 -30.07
CA THR H 121 -110.35 -6.02 -29.21
C THR H 121 -111.30 -7.13 -29.68
N GLU H 122 -112.40 -6.72 -30.32
CA GLU H 122 -113.41 -7.62 -30.87
C GLU H 122 -112.87 -8.33 -32.11
N ILE H 123 -112.04 -7.64 -32.89
CA ILE H 123 -111.45 -8.22 -34.10
C ILE H 123 -110.21 -9.07 -33.78
N GLN H 124 -109.54 -8.73 -32.68
CA GLN H 124 -108.35 -9.42 -32.20
C GLN H 124 -108.69 -10.82 -31.70
N ILE H 125 -109.81 -10.93 -30.98
CA ILE H 125 -110.30 -12.21 -30.44
C ILE H 125 -110.72 -13.16 -31.55
N ASN H 126 -111.28 -12.60 -32.63
CA ASN H 126 -111.69 -13.36 -33.80
C ASN H 126 -110.53 -13.99 -34.57
N ILE H 127 -109.36 -13.36 -34.51
CA ILE H 127 -108.14 -13.88 -35.12
C ILE H 127 -107.70 -15.12 -34.34
N GLU H 128 -107.78 -15.03 -33.00
CA GLU H 128 -107.45 -16.13 -32.10
C GLU H 128 -108.49 -17.27 -32.19
N ILE H 129 -109.76 -16.90 -32.32
CA ILE H 129 -110.87 -17.85 -32.45
C ILE H 129 -110.72 -18.74 -33.69
N GLU H 130 -110.51 -18.10 -34.85
CA GLU H 130 -110.35 -18.80 -36.12
C GLU H 130 -109.05 -19.60 -36.22
N SER H 131 -108.02 -19.17 -35.48
CA SER H 131 -106.73 -19.86 -35.45
C SER H 131 -106.82 -21.15 -34.65
N ARG H 132 -107.56 -21.11 -33.53
CA ARG H 132 -107.80 -22.26 -32.66
C ARG H 132 -108.56 -23.37 -33.41
N LYS H 133 -109.48 -22.95 -34.28
CA LYS H 133 -110.25 -23.86 -35.15
C LYS H 133 -109.30 -24.58 -36.10
N SER H 134 -108.41 -23.81 -36.73
CA SER H 134 -107.42 -24.33 -37.67
C SER H 134 -106.33 -25.15 -36.97
N TYR H 135 -106.08 -24.86 -35.70
CA TYR H 135 -105.09 -25.56 -34.89
C TYR H 135 -105.59 -26.93 -34.46
N LYS H 136 -106.85 -27.01 -34.05
CA LYS H 136 -107.45 -28.29 -33.62
C LYS H 136 -107.66 -29.25 -34.79
N LYS H 137 -107.91 -28.69 -35.98
CA LYS H 137 -108.07 -29.44 -37.22
C LYS H 137 -106.71 -29.98 -37.64
N MET H 138 -105.67 -29.18 -37.41
CA MET H 138 -104.27 -29.51 -37.70
C MET H 138 -103.76 -30.57 -36.71
N LEU H 139 -104.22 -30.48 -35.47
CA LEU H 139 -103.86 -31.44 -34.40
C LEU H 139 -104.53 -32.79 -34.64
N LYS H 140 -105.71 -32.76 -35.27
CA LYS H 140 -106.47 -33.96 -35.61
C LYS H 140 -105.86 -34.69 -36.81
N GLU H 141 -105.21 -33.93 -37.69
CA GLU H 141 -104.58 -34.46 -38.91
C GLU H 141 -103.20 -35.05 -38.71
N MET H 142 -102.36 -34.41 -37.89
CA MET H 142 -100.99 -34.86 -37.65
C MET H 142 -100.65 -35.35 -36.23
N GLY H 143 -101.65 -35.36 -35.35
CA GLY H 143 -101.49 -35.81 -33.97
C GLY H 143 -100.78 -34.79 -33.11
N GLU H 144 -99.48 -34.64 -33.34
CA GLU H 144 -98.63 -33.69 -32.62
C GLU H 144 -98.11 -32.64 -33.62
N VAL H 145 -98.27 -31.36 -33.26
CA VAL H 145 -97.82 -30.26 -34.10
C VAL H 145 -96.39 -29.80 -33.82
N ALA H 146 -95.54 -29.91 -34.84
CA ALA H 146 -94.13 -29.56 -34.77
C ALA H 146 -93.91 -28.06 -34.54
N PRO H 147 -92.73 -27.65 -34.01
CA PRO H 147 -92.44 -26.23 -33.79
C PRO H 147 -92.48 -25.34 -35.04
N GLU H 148 -92.25 -25.96 -36.20
CA GLU H 148 -92.24 -25.28 -37.50
C GLU H 148 -93.65 -24.90 -37.97
N TYR H 149 -94.63 -25.73 -37.62
CA TYR H 149 -96.02 -25.56 -38.05
C TYR H 149 -96.88 -24.68 -37.14
N ARG H 150 -96.38 -24.38 -35.94
CA ARG H 150 -97.12 -23.59 -34.94
C ARG H 150 -96.93 -22.07 -34.96
N HIS H 151 -97.88 -21.37 -34.33
CA HIS H 151 -97.91 -19.91 -34.21
C HIS H 151 -96.84 -19.31 -33.28
N ASP H 152 -96.30 -20.14 -32.38
CA ASP H 152 -95.28 -19.75 -31.41
C ASP H 152 -93.95 -19.34 -32.03
N SER H 153 -93.62 -19.98 -33.16
CA SER H 153 -92.35 -19.78 -33.89
C SER H 153 -91.94 -18.31 -34.04
N PRO H 154 -90.66 -18.00 -33.74
CA PRO H 154 -90.13 -16.62 -33.84
C PRO H 154 -90.09 -16.06 -35.25
N ASP H 155 -90.14 -16.95 -36.24
CA ASP H 155 -90.11 -16.59 -37.66
C ASP H 155 -91.40 -15.90 -38.13
N CYS H 156 -92.52 -16.27 -37.52
CA CYS H 156 -93.87 -15.76 -37.85
C CYS H 156 -94.02 -14.30 -38.24
N GLY H 157 -93.60 -13.39 -37.36
CA GLY H 157 -93.67 -11.96 -37.60
C GLY H 157 -92.87 -11.55 -38.84
N MET H 158 -91.64 -12.06 -38.93
CA MET H 158 -90.75 -11.78 -40.05
C MET H 158 -91.18 -12.40 -41.38
N ILE H 159 -91.90 -13.53 -41.31
CA ILE H 159 -92.45 -14.21 -42.49
C ILE H 159 -93.45 -13.27 -43.16
N ILE H 160 -94.32 -12.66 -42.34
CA ILE H 160 -95.31 -11.69 -42.81
C ILE H 160 -94.61 -10.45 -43.39
N LEU H 161 -93.56 -9.99 -42.71
CA LEU H 161 -92.79 -8.84 -43.18
C LEU H 161 -91.94 -9.12 -44.43
N CYS H 162 -91.79 -10.40 -44.77
CA CYS H 162 -91.06 -10.81 -45.98
C CYS H 162 -91.85 -10.44 -47.24
N ILE H 163 -93.18 -10.62 -47.20
CA ILE H 163 -94.02 -10.22 -48.32
C ILE H 163 -94.23 -8.71 -48.35
N ALA H 164 -94.05 -8.06 -47.20
CA ALA H 164 -94.10 -6.60 -47.07
C ALA H 164 -92.90 -5.99 -47.79
N ALA H 165 -91.76 -6.71 -47.74
CA ALA H 165 -90.53 -6.32 -48.43
C ALA H 165 -90.70 -6.49 -49.93
N LEU H 166 -91.52 -7.47 -50.33
CA LEU H 166 -91.82 -7.72 -51.73
C LEU H 166 -92.75 -6.66 -52.31
N VAL H 167 -93.69 -6.18 -51.47
CA VAL H 167 -94.63 -5.12 -51.82
C VAL H 167 -93.82 -3.82 -52.03
N ILE H 168 -92.92 -3.56 -51.09
CA ILE H 168 -92.03 -2.39 -51.12
C ILE H 168 -91.14 -2.40 -52.36
N THR H 169 -90.82 -3.61 -52.84
CA THR H 169 -90.00 -3.84 -54.03
C THR H 169 -90.67 -3.32 -55.30
N LYS H 170 -92.00 -3.44 -55.34
CA LYS H 170 -92.81 -3.05 -56.50
C LYS H 170 -93.68 -1.78 -56.30
N LEU H 171 -93.38 -1.00 -55.27
CA LEU H 171 -94.12 0.24 -54.98
C LEU H 171 -93.82 1.40 -55.94
N ALA H 172 -92.69 1.28 -56.64
CA ALA H 172 -92.23 2.28 -57.62
C ALA H 172 -93.22 2.52 -58.75
N ALA H 173 -93.98 1.47 -59.11
CA ALA H 173 -95.02 1.54 -60.14
C ALA H 173 -96.21 2.37 -59.66
N GLY H 174 -96.46 2.31 -58.35
CA GLY H 174 -97.50 3.05 -57.64
C GLY H 174 -98.95 2.80 -58.07
N ASP H 175 -99.28 1.54 -58.40
CA ASP H 175 -100.63 1.18 -58.85
C ASP H 175 -101.04 -0.28 -58.62
N ARG H 176 -100.30 -0.98 -57.74
CA ARG H 176 -100.55 -2.40 -57.42
C ARG H 176 -100.32 -3.38 -58.58
N SER H 177 -99.72 -2.89 -59.67
CA SER H 177 -99.44 -3.69 -60.86
C SER H 177 -98.42 -4.80 -60.58
N GLY H 178 -97.49 -4.54 -59.65
CA GLY H 178 -96.46 -5.47 -59.24
C GLY H 178 -96.94 -6.71 -58.51
N LEU H 179 -98.17 -6.68 -58.01
CA LEU H 179 -98.79 -7.79 -57.27
C LEU H 179 -98.54 -9.19 -57.83
N THR H 180 -98.62 -9.33 -59.16
CA THR H 180 -98.37 -10.60 -59.86
C THR H 180 -96.95 -11.10 -59.59
N ALA H 181 -95.98 -10.18 -59.71
CA ALA H 181 -94.57 -10.47 -59.46
C ALA H 181 -94.32 -10.72 -57.97
N VAL H 182 -95.06 -10.00 -57.13
CA VAL H 182 -94.99 -10.14 -55.67
C VAL H 182 -95.36 -11.56 -55.27
N ILE H 183 -96.47 -12.06 -55.83
CA ILE H 183 -96.95 -13.43 -55.58
C ILE H 183 -95.95 -14.45 -56.14
N ARG H 184 -95.56 -14.25 -57.40
CA ARG H 184 -94.60 -15.11 -58.10
C ARG H 184 -93.33 -15.34 -57.28
N ARG H 185 -92.69 -14.25 -56.85
CA ARG H 185 -91.47 -14.29 -56.05
C ARG H 185 -91.68 -14.88 -54.66
N ALA H 186 -92.85 -14.63 -54.06
CA ALA H 186 -93.22 -15.17 -52.75
C ALA H 186 -93.38 -16.69 -52.79
N ASN H 187 -93.45 -17.24 -54.00
CA ASN H 187 -93.56 -18.68 -54.21
C ASN H 187 -92.20 -19.32 -54.47
N ASN H 188 -91.35 -18.65 -55.24
CA ASN H 188 -89.98 -19.12 -55.56
C ASN H 188 -89.12 -19.05 -54.30
N VAL H 189 -89.04 -17.84 -53.73
CA VAL H 189 -88.39 -17.57 -52.44
C VAL H 189 -89.54 -17.86 -51.47
N LEU H 190 -89.25 -18.12 -50.19
CA LEU H 190 -90.30 -18.34 -49.19
C LEU H 190 -91.18 -19.59 -49.42
N LYS H 191 -90.66 -20.55 -50.18
CA LYS H 191 -91.38 -21.81 -50.49
C LYS H 191 -91.56 -22.73 -49.31
N ASN H 192 -90.51 -22.85 -48.49
CA ASN H 192 -90.50 -23.67 -47.28
C ASN H 192 -91.46 -23.11 -46.22
N GLU H 193 -91.54 -21.78 -46.18
CA GLU H 193 -92.40 -21.04 -45.24
C GLU H 193 -93.88 -21.26 -45.55
N MET H 194 -94.20 -21.38 -46.85
CA MET H 194 -95.56 -21.62 -47.32
C MET H 194 -96.02 -23.04 -47.02
N LYS H 195 -95.06 -23.96 -46.94
CA LYS H 195 -95.32 -25.37 -46.63
C LYS H 195 -95.77 -25.50 -45.16
N ARG H 196 -95.07 -24.80 -44.27
CA ARG H 196 -95.38 -24.83 -42.84
C ARG H 196 -96.59 -24.01 -42.41
N TYR H 197 -96.96 -23.00 -43.19
CA TYR H 197 -98.10 -22.14 -42.87
C TYR H 197 -99.19 -22.07 -43.93
N LYS H 198 -100.36 -22.61 -43.58
CA LYS H 198 -101.55 -22.64 -44.43
C LYS H 198 -102.08 -21.25 -44.77
N GLY H 199 -101.89 -20.30 -43.86
CA GLY H 199 -102.33 -18.92 -43.97
C GLY H 199 -101.39 -17.97 -44.69
N LEU H 200 -100.28 -18.49 -45.21
CA LEU H 200 -99.34 -17.68 -45.97
C LEU H 200 -99.90 -17.57 -47.39
N LEU H 201 -100.80 -16.60 -47.57
CA LEU H 201 -101.46 -16.33 -48.84
C LEU H 201 -100.85 -15.06 -49.42
N PRO H 202 -99.83 -15.19 -50.30
CA PRO H 202 -99.15 -14.02 -50.88
C PRO H 202 -100.08 -12.91 -51.38
N LYS H 203 -101.08 -13.27 -52.20
CA LYS H 203 -102.04 -12.31 -52.75
C LYS H 203 -102.79 -11.53 -51.66
N ASP H 204 -103.31 -12.25 -50.67
CA ASP H 204 -104.06 -11.67 -49.57
C ASP H 204 -103.24 -10.75 -48.67
N ILE H 205 -102.05 -11.20 -48.30
CA ILE H 205 -101.14 -10.42 -47.45
C ILE H 205 -100.56 -9.22 -48.20
N ALA H 206 -100.18 -9.44 -49.46
CA ALA H 206 -99.61 -8.39 -50.32
C ALA H 206 -100.57 -7.23 -50.55
N ASN H 207 -101.85 -7.54 -50.72
CA ASN H 207 -102.90 -6.54 -50.91
C ASN H 207 -103.10 -5.73 -49.63
N SER H 208 -102.99 -6.40 -48.48
CA SER H 208 -103.12 -5.78 -47.16
C SER H 208 -102.04 -4.73 -46.93
N PHE H 209 -100.79 -5.08 -47.31
CA PHE H 209 -99.67 -4.17 -47.20
C PHE H 209 -99.77 -3.02 -48.20
N TYR H 210 -100.22 -3.34 -49.41
CA TYR H 210 -100.47 -2.34 -50.46
C TYR H 210 -101.47 -1.30 -49.94
N GLU H 211 -102.54 -1.79 -49.29
CA GLU H 211 -103.59 -0.96 -48.71
C GLU H 211 -103.06 -0.07 -47.58
N VAL H 212 -102.29 -0.65 -46.65
CA VAL H 212 -101.72 0.09 -45.52
C VAL H 212 -100.74 1.20 -45.95
N PHE H 213 -99.98 0.94 -47.01
CA PHE H 213 -99.02 1.90 -47.55
C PHE H 213 -99.72 3.01 -48.34
N GLU H 214 -100.87 2.68 -48.94
CA GLU H 214 -101.67 3.64 -49.68
C GLU H 214 -102.46 4.54 -48.73
N LYS H 215 -103.09 3.94 -47.72
CA LYS H 215 -103.89 4.65 -46.74
C LYS H 215 -103.03 5.45 -45.74
N HIS H 216 -101.90 4.87 -45.34
CA HIS H 216 -100.99 5.51 -44.38
C HIS H 216 -99.56 5.60 -44.96
N PRO H 217 -99.27 6.69 -45.71
CA PRO H 217 -97.95 6.88 -46.33
C PRO H 217 -96.79 7.01 -45.35
N HIS H 218 -97.09 7.35 -44.09
CA HIS H 218 -96.08 7.46 -43.04
C HIS H 218 -95.57 6.08 -42.62
N PHE H 219 -96.41 5.06 -42.82
CA PHE H 219 -96.05 3.68 -42.50
C PHE H 219 -95.01 3.12 -43.46
N ILE H 220 -94.99 3.65 -44.68
CA ILE H 220 -93.99 3.25 -45.67
C ILE H 220 -92.61 3.76 -45.23
N ASP H 221 -92.59 4.95 -44.62
CA ASP H 221 -91.37 5.54 -44.06
C ASP H 221 -90.92 4.71 -42.86
N VAL H 222 -91.90 4.28 -42.06
CA VAL H 222 -91.65 3.43 -40.89
C VAL H 222 -91.04 2.10 -41.31
N PHE H 223 -91.66 1.45 -42.32
CA PHE H 223 -91.18 0.18 -42.84
C PHE H 223 -89.77 0.25 -43.45
N VAL H 224 -89.54 1.25 -44.28
CA VAL H 224 -88.23 1.45 -44.93
C VAL H 224 -87.14 1.61 -43.88
N HIS H 225 -87.40 2.46 -42.89
CA HIS H 225 -86.46 2.68 -41.79
C HIS H 225 -86.29 1.49 -40.86
N PHE H 226 -87.33 0.66 -40.76
CA PHE H 226 -87.26 -0.58 -39.98
C PHE H 226 -86.36 -1.56 -40.73
N GLY H 227 -86.61 -1.71 -42.04
CA GLY H 227 -85.87 -2.58 -42.93
C GLY H 227 -84.38 -2.31 -42.92
N ILE H 228 -84.01 -1.03 -42.92
CA ILE H 228 -82.63 -0.58 -42.87
C ILE H 228 -82.04 -0.93 -41.50
N ALA H 229 -82.80 -0.68 -40.43
CA ALA H 229 -82.42 -0.97 -39.04
C ALA H 229 -82.24 -2.47 -38.82
N GLN H 230 -83.12 -3.25 -39.44
CA GLN H 230 -83.11 -4.71 -39.42
C GLN H 230 -81.89 -5.20 -40.20
N SER H 231 -81.63 -4.58 -41.35
CA SER H 231 -80.49 -4.93 -42.19
C SER H 231 -79.14 -4.45 -41.65
N SER H 232 -79.17 -3.71 -40.54
CA SER H 232 -77.97 -3.21 -39.87
C SER H 232 -77.45 -4.22 -38.83
N THR H 233 -78.26 -5.25 -38.57
CA THR H 233 -77.96 -6.32 -37.64
C THR H 233 -76.67 -7.10 -37.97
N ARG H 234 -76.09 -7.72 -36.95
CA ARG H 234 -74.86 -8.50 -37.08
C ARG H 234 -75.09 -9.88 -37.71
N GLY H 235 -76.25 -10.46 -37.39
CA GLY H 235 -76.63 -11.80 -37.81
C GLY H 235 -78.09 -12.06 -37.44
N GLY H 236 -78.56 -13.29 -37.66
CA GLY H 236 -79.95 -13.63 -37.38
C GLY H 236 -80.38 -14.96 -37.96
N SER H 237 -81.70 -15.15 -38.01
CA SER H 237 -82.30 -16.38 -38.56
C SER H 237 -82.24 -16.36 -40.08
N ARG H 238 -82.56 -17.49 -40.70
CA ARG H 238 -82.58 -17.59 -42.17
C ARG H 238 -83.71 -16.77 -42.78
N VAL H 239 -84.85 -16.70 -42.07
CA VAL H 239 -86.02 -15.91 -42.45
C VAL H 239 -85.68 -14.43 -42.41
N GLU H 240 -84.87 -14.04 -41.41
CA GLU H 240 -84.38 -12.67 -41.26
C GLU H 240 -83.39 -12.33 -42.37
N GLY H 241 -82.69 -13.35 -42.87
CA GLY H 241 -81.75 -13.24 -43.97
C GLY H 241 -82.49 -13.08 -45.29
N ILE H 242 -83.60 -13.82 -45.43
CA ILE H 242 -84.48 -13.75 -46.61
C ILE H 242 -85.05 -12.34 -46.71
N PHE H 243 -85.58 -11.84 -45.57
CA PHE H 243 -86.14 -10.49 -45.49
C PHE H 243 -85.13 -9.45 -45.93
N ALA H 244 -83.94 -9.51 -45.35
CA ALA H 244 -82.85 -8.58 -45.64
C ALA H 244 -82.49 -8.53 -47.12
N GLY H 245 -82.49 -9.71 -47.76
CA GLY H 245 -82.22 -9.87 -49.17
C GLY H 245 -83.32 -9.28 -50.02
N LEU H 246 -84.56 -9.62 -49.68
CA LEU H 246 -85.76 -9.13 -50.37
C LEU H 246 -85.95 -7.62 -50.20
N PHE H 247 -85.60 -7.10 -49.02
CA PHE H 247 -85.69 -5.67 -48.73
C PHE H 247 -84.65 -4.90 -49.56
N MET H 248 -83.47 -5.49 -49.72
CA MET H 248 -82.42 -4.88 -50.51
C MET H 248 -82.65 -4.90 -52.03
N ASN H 249 -83.61 -5.73 -52.45
CA ASN H 249 -84.01 -5.81 -53.86
C ASN H 249 -84.76 -4.53 -54.23
N ALA H 250 -85.34 -3.88 -53.21
CA ALA H 250 -86.06 -2.62 -53.38
C ALA H 250 -85.14 -1.44 -53.64
N TYR H 251 -83.89 -1.52 -53.17
CA TYR H 251 -82.90 -0.47 -53.37
C TYR H 251 -82.72 -0.19 -54.86
N GLY H 252 -82.99 1.06 -55.25
CA GLY H 252 -82.88 1.51 -56.62
C GLY H 252 -84.13 1.33 -57.46
N ALA H 253 -85.29 1.16 -56.81
CA ALA H 253 -86.56 1.03 -57.51
C ALA H 253 -87.04 2.40 -57.95
N GLY H 254 -87.56 2.48 -59.17
CA GLY H 254 -88.02 3.72 -59.79
C GLY H 254 -86.88 4.46 -60.44
N GLN H 255 -85.75 3.77 -60.57
CA GLN H 255 -84.54 4.33 -61.17
C GLN H 255 -83.73 3.26 -61.89
N VAL H 256 -84.45 2.42 -62.65
CA VAL H 256 -83.87 1.33 -63.45
C VAL H 256 -83.08 1.87 -64.65
N MET H 257 -83.51 3.02 -65.17
CA MET H 257 -82.87 3.68 -66.31
C MET H 257 -81.44 4.09 -65.99
N LEU H 258 -81.20 4.42 -64.72
CA LEU H 258 -79.90 4.82 -64.21
C LEU H 258 -78.92 3.64 -64.28
N ARG H 259 -79.41 2.46 -63.90
CA ARG H 259 -78.61 1.23 -63.92
C ARG H 259 -78.42 0.68 -65.33
N TRP H 260 -79.46 0.82 -66.16
CA TRP H 260 -79.43 0.40 -67.56
C TRP H 260 -78.52 1.29 -68.40
N GLY H 261 -78.34 2.53 -67.94
CA GLY H 261 -77.47 3.52 -68.55
C GLY H 261 -76.02 3.11 -68.39
N VAL H 262 -75.69 2.61 -67.19
CA VAL H 262 -74.34 2.12 -66.87
C VAL H 262 -74.05 0.86 -67.69
N LEU H 263 -75.10 0.05 -67.89
CA LEU H 263 -75.01 -1.18 -68.69
C LEU H 263 -74.67 -0.88 -70.14
N ALA H 264 -75.37 0.09 -70.73
CA ALA H 264 -75.17 0.53 -72.11
C ALA H 264 -73.73 0.99 -72.34
N LYS H 265 -73.17 1.67 -71.33
CA LYS H 265 -71.78 2.14 -71.33
C LYS H 265 -70.83 0.94 -71.20
N SER H 266 -71.16 0.02 -70.31
CA SER H 266 -70.37 -1.19 -70.04
C SER H 266 -70.26 -2.13 -71.24
N VAL H 267 -71.36 -2.26 -71.99
CA VAL H 267 -71.41 -3.09 -73.20
C VAL H 267 -70.89 -2.34 -74.43
N LYS H 268 -70.69 -1.03 -74.26
CA LYS H 268 -70.19 -0.11 -75.30
C LYS H 268 -71.11 -0.05 -76.53
N ASN H 269 -72.38 0.26 -76.28
CA ASN H 269 -73.38 0.38 -77.35
C ASN H 269 -73.03 1.60 -78.20
N ILE H 270 -72.78 1.34 -79.48
CA ILE H 270 -72.38 2.34 -80.47
C ILE H 270 -73.23 3.63 -80.53
N MET H 271 -74.54 3.46 -80.37
CA MET H 271 -75.50 4.56 -80.41
C MET H 271 -75.34 5.65 -79.33
N LEU H 272 -74.48 5.39 -78.34
CA LEU H 272 -74.16 6.34 -77.27
C LEU H 272 -73.32 7.50 -77.79
N GLY H 273 -72.56 7.23 -78.87
CA GLY H 273 -71.70 8.18 -79.53
C GLY H 273 -72.40 9.09 -80.53
N HIS H 274 -73.70 8.85 -80.75
CA HIS H 274 -74.51 9.65 -81.67
C HIS H 274 -74.54 11.12 -81.27
N ALA H 275 -74.56 11.99 -82.27
CA ALA H 275 -74.56 13.44 -82.10
C ALA H 275 -75.61 14.01 -81.14
N SER H 276 -76.85 13.53 -81.24
CA SER H 276 -77.95 13.96 -80.40
C SER H 276 -77.87 13.44 -78.96
N VAL H 277 -77.17 12.30 -78.79
CA VAL H 277 -76.95 11.68 -77.48
C VAL H 277 -75.81 12.42 -76.78
N GLN H 278 -74.79 12.80 -77.57
CA GLN H 278 -73.64 13.54 -77.07
C GLN H 278 -73.96 14.95 -76.57
N ALA H 279 -75.00 15.55 -77.14
CA ALA H 279 -75.47 16.87 -76.75
C ALA H 279 -76.05 16.88 -75.33
N GLU H 280 -76.68 15.77 -74.96
CA GLU H 280 -77.29 15.59 -73.65
C GLU H 280 -76.28 15.23 -72.56
N MET H 281 -75.16 14.63 -72.98
CA MET H 281 -74.09 14.17 -72.09
C MET H 281 -73.67 15.02 -70.91
N GLU H 282 -73.53 16.33 -71.13
CA GLU H 282 -73.15 17.30 -70.10
C GLU H 282 -74.13 17.25 -68.93
N GLN H 283 -75.42 17.19 -69.26
CA GLN H 283 -76.51 17.14 -68.29
C GLN H 283 -76.79 15.75 -67.70
N VAL H 284 -76.53 14.68 -68.47
CA VAL H 284 -76.74 13.30 -67.97
C VAL H 284 -75.70 12.95 -66.91
N VAL H 285 -74.51 13.53 -67.05
CA VAL H 285 -73.42 13.33 -66.10
C VAL H 285 -73.80 14.00 -64.77
N GLU H 286 -74.43 15.18 -64.86
CA GLU H 286 -74.90 15.94 -63.70
C GLU H 286 -75.79 15.09 -62.78
N VAL H 287 -76.74 14.36 -63.37
CA VAL H 287 -77.64 13.47 -62.63
C VAL H 287 -76.92 12.24 -62.05
N TYR H 288 -76.00 11.67 -62.84
CA TYR H 288 -75.19 10.53 -62.38
C TYR H 288 -74.29 10.93 -61.22
N GLU H 289 -73.70 12.12 -61.32
CA GLU H 289 -72.85 12.68 -60.26
C GLU H 289 -73.69 13.03 -59.02
N TYR H 290 -74.95 13.41 -59.26
CA TYR H 290 -75.91 13.70 -58.19
C TYR H 290 -76.30 12.42 -57.46
N ALA H 291 -76.51 11.35 -58.24
CA ALA H 291 -76.83 10.02 -57.71
C ALA H 291 -75.66 9.47 -56.90
N GLN H 292 -74.44 9.76 -57.38
CA GLN H 292 -73.19 9.37 -56.72
C GLN H 292 -73.04 10.12 -55.40
N LYS H 293 -73.40 11.41 -55.42
CA LYS H 293 -73.34 12.30 -54.26
C LYS H 293 -74.26 11.85 -53.14
N LEU H 294 -75.51 11.54 -53.48
CA LEU H 294 -76.52 11.08 -52.51
C LEU H 294 -76.19 9.74 -51.86
N GLY H 295 -75.57 8.86 -52.64
CA GLY H 295 -75.17 7.54 -52.20
C GLY H 295 -76.37 6.66 -51.87
N GLY H 296 -76.29 5.98 -50.73
CA GLY H 296 -77.30 5.08 -50.22
C GLY H 296 -78.68 5.69 -50.00
N GLU H 297 -78.69 6.98 -49.66
CA GLU H 297 -79.90 7.77 -49.42
C GLU H 297 -80.89 7.68 -50.58
N ALA H 298 -80.37 7.79 -51.81
CA ALA H 298 -81.12 7.76 -53.05
C ALA H 298 -81.85 6.47 -53.39
N GLY H 299 -81.44 5.35 -52.77
CA GLY H 299 -82.01 4.04 -53.00
C GLY H 299 -83.50 3.90 -52.79
N PHE H 300 -84.01 4.55 -51.74
CA PHE H 300 -85.43 4.49 -51.40
C PHE H 300 -86.21 5.78 -51.71
N TYR H 301 -85.63 6.62 -52.55
CA TYR H 301 -86.21 7.89 -52.98
C TYR H 301 -87.56 7.79 -53.70
N HIS H 302 -87.77 6.68 -54.40
CA HIS H 302 -89.03 6.47 -55.12
C HIS H 302 -90.04 5.68 -54.30
N ILE H 303 -89.55 4.74 -53.49
CA ILE H 303 -90.37 3.92 -52.61
C ILE H 303 -91.11 4.85 -51.65
N LEU H 304 -90.37 5.63 -50.86
CA LEU H 304 -90.93 6.71 -50.04
C LEU H 304 -91.08 7.79 -51.11
N ASN H 305 -92.20 8.49 -51.17
CA ASN H 305 -92.36 9.51 -52.21
C ASN H 305 -91.54 10.77 -51.92
N ASN H 306 -90.22 10.60 -51.97
CA ASN H 306 -89.26 11.67 -51.72
C ASN H 306 -89.39 12.68 -52.87
N PRO H 307 -89.48 13.99 -52.53
CA PRO H 307 -89.65 15.05 -53.53
C PRO H 307 -88.50 15.14 -54.54
N LYS H 308 -87.29 14.84 -54.07
CA LYS H 308 -86.08 14.87 -54.88
C LYS H 308 -85.94 13.70 -55.87
N ALA H 309 -86.85 12.72 -55.78
CA ALA H 309 -86.85 11.55 -56.67
C ALA H 309 -86.91 11.90 -58.16
N SER H 310 -87.59 13.01 -58.46
CA SER H 310 -87.75 13.52 -59.82
C SER H 310 -86.40 13.92 -60.44
N LEU H 311 -85.49 14.40 -59.59
CA LEU H 311 -84.16 14.87 -59.99
C LEU H 311 -83.26 13.78 -60.57
N LEU H 312 -83.55 12.53 -60.22
CA LEU H 312 -82.79 11.37 -60.68
C LEU H 312 -83.26 10.82 -62.04
N SER H 313 -84.26 11.46 -62.63
CA SER H 313 -84.82 11.06 -63.93
C SER H 313 -83.91 11.33 -65.12
N LEU H 314 -83.84 10.36 -66.02
CA LEU H 314 -83.08 10.45 -67.26
C LEU H 314 -84.04 10.64 -68.45
N THR H 315 -85.34 10.52 -68.17
CA THR H 315 -86.44 10.70 -69.12
C THR H 315 -86.41 12.11 -69.75
N GLN H 316 -85.90 13.07 -68.98
CA GLN H 316 -85.70 14.45 -69.43
C GLN H 316 -84.69 14.58 -70.59
N PHE H 317 -84.00 13.47 -70.88
CA PHE H 317 -83.03 13.36 -71.98
C PHE H 317 -83.53 12.28 -72.94
N PRO H 318 -84.41 12.67 -73.91
CA PRO H 318 -85.04 11.77 -74.88
C PRO H 318 -84.10 10.86 -75.66
N HIS H 319 -82.98 11.41 -76.13
CA HIS H 319 -82.01 10.67 -76.93
C HIS H 319 -81.25 9.59 -76.15
N PHE H 320 -80.66 9.98 -75.01
CA PHE H 320 -79.92 9.07 -74.15
C PHE H 320 -80.80 7.96 -73.58
N SER H 321 -82.02 8.32 -73.16
CA SER H 321 -83.00 7.37 -72.62
C SER H 321 -83.37 6.30 -73.65
N SER H 322 -83.51 6.73 -74.91
CA SER H 322 -83.87 5.86 -76.03
C SER H 322 -82.81 4.80 -76.36
N VAL H 323 -81.54 5.23 -76.42
CA VAL H 323 -80.43 4.30 -76.66
C VAL H 323 -80.26 3.33 -75.49
N VAL H 324 -80.46 3.84 -74.28
CA VAL H 324 -80.40 3.06 -73.03
C VAL H 324 -81.52 2.00 -73.01
N LEU H 325 -82.73 2.42 -73.39
CA LEU H 325 -83.89 1.54 -73.46
C LEU H 325 -83.76 0.53 -74.61
N GLY H 326 -83.13 0.95 -75.70
CA GLY H 326 -82.85 0.13 -76.88
C GLY H 326 -81.89 -0.98 -76.53
N ASN H 327 -80.78 -0.61 -75.90
CA ASN H 327 -79.75 -1.55 -75.45
C ASN H 327 -80.34 -2.61 -74.50
N ALA H 328 -81.24 -2.18 -73.63
CA ALA H 328 -81.94 -3.03 -72.67
C ALA H 328 -82.86 -4.03 -73.39
N ALA H 329 -83.46 -3.60 -74.50
CA ALA H 329 -84.35 -4.44 -75.30
C ALA H 329 -83.54 -5.42 -76.15
N GLY H 330 -82.43 -4.95 -76.71
CA GLY H 330 -81.51 -5.71 -77.54
C GLY H 330 -80.81 -6.83 -76.77
N LEU H 331 -80.53 -6.56 -75.50
CA LEU H 331 -79.92 -7.54 -74.59
C LEU H 331 -80.99 -8.45 -73.98
N GLY H 332 -82.25 -8.16 -74.30
CA GLY H 332 -83.42 -8.91 -73.84
C GLY H 332 -83.63 -8.89 -72.34
N ILE H 333 -83.36 -7.74 -71.71
CA ILE H 333 -83.49 -7.59 -70.27
C ILE H 333 -84.74 -6.85 -69.76
N MET H 334 -85.43 -6.16 -70.67
CA MET H 334 -86.67 -5.46 -70.32
C MET H 334 -87.90 -6.33 -70.66
N GLY H 335 -89.10 -5.76 -70.57
CA GLY H 335 -90.34 -6.47 -70.86
C GLY H 335 -90.86 -7.22 -69.65
N GLU H 336 -92.07 -6.93 -69.17
CA GLU H 336 -92.96 -5.92 -69.77
C GLU H 336 -92.79 -4.55 -69.08
N TYR H 337 -91.65 -3.91 -69.35
CA TYR H 337 -91.34 -2.59 -68.82
C TYR H 337 -92.16 -1.57 -69.60
N ARG H 338 -93.00 -0.82 -68.89
CA ARG H 338 -93.90 0.17 -69.49
C ARG H 338 -93.26 1.50 -69.91
N GLY H 339 -91.95 1.50 -70.10
CA GLY H 339 -91.20 2.67 -70.54
C GLY H 339 -91.20 2.74 -72.06
N THR H 340 -91.51 3.92 -72.59
CA THR H 340 -91.58 4.16 -74.03
C THR H 340 -90.44 5.10 -74.45
N PRO H 341 -89.72 4.75 -75.54
CA PRO H 341 -88.64 5.62 -76.01
C PRO H 341 -89.19 6.85 -76.75
N ARG H 342 -88.68 8.04 -76.39
CA ARG H 342 -89.10 9.29 -77.01
C ARG H 342 -88.60 9.41 -78.47
N ASN H 343 -87.41 8.86 -78.72
CA ASN H 343 -86.81 8.82 -80.06
C ASN H 343 -86.84 7.37 -80.51
N GLN H 344 -87.75 7.04 -81.42
CA GLN H 344 -87.91 5.68 -81.91
C GLN H 344 -86.75 5.16 -82.75
N ASP H 345 -86.21 6.02 -83.62
CA ASP H 345 -85.09 5.69 -84.50
C ASP H 345 -83.82 5.31 -83.76
N LEU H 346 -83.52 6.05 -82.68
CA LEU H 346 -82.35 5.79 -81.83
C LEU H 346 -82.49 4.51 -81.02
N TYR H 347 -83.73 4.23 -80.60
CA TYR H 347 -84.07 3.02 -79.84
C TYR H 347 -83.84 1.78 -80.72
N ASP H 348 -84.40 1.81 -81.93
CA ASP H 348 -84.30 0.72 -82.91
C ASP H 348 -82.85 0.44 -83.32
N ALA H 349 -82.06 1.51 -83.46
CA ALA H 349 -80.65 1.42 -83.83
C ALA H 349 -79.83 0.81 -82.70
N ALA H 350 -80.17 1.18 -81.46
CA ALA H 350 -79.50 0.67 -80.26
C ALA H 350 -79.88 -0.77 -79.97
N LYS H 351 -81.15 -1.11 -80.22
CA LYS H 351 -81.67 -2.46 -80.04
C LYS H 351 -80.99 -3.42 -81.01
N ALA H 352 -80.80 -2.96 -82.26
CA ALA H 352 -80.13 -3.71 -83.31
C ALA H 352 -78.67 -4.02 -82.99
N TYR H 353 -77.94 -3.01 -82.52
CA TYR H 353 -76.53 -3.16 -82.14
C TYR H 353 -76.34 -4.08 -80.93
N ALA H 354 -77.25 -3.96 -79.96
CA ALA H 354 -77.23 -4.77 -78.74
C ALA H 354 -77.49 -6.24 -79.05
N GLU H 355 -78.34 -6.49 -80.05
CA GLU H 355 -78.66 -7.84 -80.52
C GLU H 355 -77.45 -8.47 -81.21
N GLN H 356 -76.65 -7.62 -81.87
CA GLN H 356 -75.42 -8.05 -82.53
C GLN H 356 -74.29 -8.30 -81.54
N LEU H 357 -74.35 -7.63 -80.39
CA LEU H 357 -73.36 -7.76 -79.32
C LEU H 357 -73.41 -9.13 -78.65
N LYS H 358 -74.61 -9.70 -78.53
CA LYS H 358 -74.81 -11.01 -77.92
C LYS H 358 -74.56 -12.21 -78.86
N GLU H 359 -73.92 -11.93 -80.00
CA GLU H 359 -73.55 -12.93 -81.00
C GLU H 359 -72.03 -13.02 -81.13
N ASN H 360 -71.37 -11.88 -80.98
CA ASN H 360 -69.90 -11.77 -81.06
C ASN H 360 -69.26 -12.05 -79.69
N GLY H 361 -68.01 -11.59 -79.51
CA GLY H 361 -67.27 -11.78 -78.28
C GLY H 361 -65.86 -12.29 -78.51
N VAL H 362 -64.93 -11.35 -78.69
CA VAL H 362 -63.52 -11.66 -78.92
C VAL H 362 -62.73 -11.47 -77.62
N ILE H 363 -61.75 -12.36 -77.39
CA ILE H 363 -60.91 -12.34 -76.20
C ILE H 363 -59.88 -11.21 -76.25
N ASN H 364 -59.85 -10.40 -75.19
CA ASN H 364 -58.89 -9.31 -75.04
C ASN H 364 -57.75 -9.81 -74.14
N TYR H 365 -56.66 -10.20 -74.80
CA TYR H 365 -55.47 -10.77 -74.15
C TYR H 365 -54.60 -9.78 -73.37
N SER H 366 -54.79 -8.49 -73.63
CA SER H 366 -54.05 -7.41 -72.96
C SER H 366 -54.46 -7.21 -71.50
N VAL H 367 -55.69 -7.62 -71.17
CA VAL H 367 -56.25 -7.52 -69.81
C VAL H 367 -55.53 -8.44 -68.83
N LEU H 368 -55.29 -9.69 -69.26
CA LEU H 368 -54.60 -10.71 -68.47
C LEU H 368 -53.11 -10.39 -68.33
N ASP H 369 -52.54 -10.74 -67.18
CA ASP H 369 -51.11 -10.50 -66.89
C ASP H 369 -50.20 -11.61 -67.45
N LEU H 370 -50.38 -11.90 -68.74
CA LEU H 370 -49.63 -12.96 -69.44
C LEU H 370 -48.18 -12.57 -69.72
N THR H 371 -47.27 -13.52 -69.49
CA THR H 371 -45.83 -13.31 -69.70
C THR H 371 -45.43 -13.80 -71.11
N ALA H 372 -44.78 -14.97 -71.18
CA ALA H 372 -44.36 -15.57 -72.44
C ALA H 372 -45.57 -16.28 -73.06
N GLU H 373 -46.11 -15.67 -74.12
CA GLU H 373 -47.31 -16.17 -74.79
C GLU H 373 -47.02 -17.16 -75.92
N GLU H 374 -47.62 -18.34 -75.79
CA GLU H 374 -47.50 -19.44 -76.74
C GLU H 374 -48.92 -19.92 -77.12
N LEU H 375 -49.92 -19.12 -76.74
CA LEU H 375 -51.33 -19.44 -76.94
C LEU H 375 -51.80 -19.40 -78.38
N GLU H 376 -51.14 -18.58 -79.18
CA GLU H 376 -51.56 -18.41 -80.56
C GLU H 376 -51.20 -19.60 -81.40
N ALA I 2 -68.13 13.05 -69.90
CA ALA I 2 -67.44 11.84 -70.32
C ALA I 2 -68.25 10.60 -69.95
N LEU I 3 -68.18 9.59 -70.82
CA LEU I 3 -68.86 8.31 -70.61
C LEU I 3 -68.23 7.47 -69.50
N SER I 4 -67.06 7.91 -69.03
CA SER I 4 -66.35 7.26 -67.92
C SER I 4 -67.04 7.60 -66.61
N LYS I 5 -67.67 8.78 -66.57
CA LYS I 5 -68.37 9.30 -65.41
C LYS I 5 -69.73 8.64 -65.15
N VAL I 6 -70.31 8.03 -66.19
CA VAL I 6 -71.59 7.32 -66.06
C VAL I 6 -71.42 5.97 -65.33
N LYS I 7 -71.40 6.06 -64.00
CA LYS I 7 -71.24 4.91 -63.13
C LYS I 7 -72.01 5.13 -61.81
N LEU I 8 -72.20 4.03 -61.08
CA LEU I 8 -72.89 4.04 -59.79
C LEU I 8 -72.44 2.83 -58.98
N ASN I 9 -71.80 3.09 -57.84
CA ASN I 9 -71.30 2.01 -56.98
C ASN I 9 -72.36 1.57 -56.00
N ASP I 10 -73.32 0.78 -56.50
CA ASP I 10 -74.43 0.27 -55.71
C ASP I 10 -74.03 -0.59 -54.51
N THR I 11 -72.98 -1.40 -54.68
CA THR I 11 -72.47 -2.29 -53.63
C THR I 11 -71.98 -1.49 -52.42
N LEU I 12 -71.18 -0.47 -52.68
CA LEU I 12 -70.61 0.40 -51.65
C LEU I 12 -71.67 1.28 -50.99
N ASN I 13 -72.59 1.82 -51.80
CA ASN I 13 -73.67 2.69 -51.33
C ASN I 13 -74.69 1.95 -50.45
N LYS I 14 -75.00 0.70 -50.81
CA LYS I 14 -75.92 -0.14 -50.04
C LYS I 14 -75.37 -0.41 -48.65
N ASP I 15 -74.06 -0.70 -48.59
CA ASP I 15 -73.34 -0.93 -47.34
C ASP I 15 -73.33 0.36 -46.50
N GLN I 16 -73.06 1.49 -47.16
CA GLN I 16 -73.03 2.81 -46.55
C GLN I 16 -74.37 3.12 -45.85
N LEU I 17 -75.47 2.79 -46.53
CA LEU I 17 -76.83 2.99 -46.02
C LEU I 17 -77.08 2.17 -44.75
N LEU I 18 -76.61 0.92 -44.76
CA LEU I 18 -76.77 0.02 -43.62
C LEU I 18 -75.83 0.30 -42.45
N SER I 19 -74.63 0.78 -42.78
CA SER I 19 -73.62 1.13 -41.78
C SER I 19 -73.98 2.43 -41.05
N SER I 20 -74.75 3.30 -41.72
CA SER I 20 -75.14 4.60 -41.17
C SER I 20 -76.62 4.68 -40.77
N SER I 21 -77.15 3.65 -40.13
CA SER I 21 -78.54 3.62 -39.69
C SER I 21 -78.72 4.51 -38.46
N LYS I 22 -79.74 5.37 -38.51
CA LYS I 22 -80.03 6.30 -37.41
C LYS I 22 -80.85 5.63 -36.30
N TYR I 23 -81.47 4.50 -36.63
CA TYR I 23 -82.34 3.75 -35.72
C TYR I 23 -81.91 2.30 -35.56
N THR I 24 -82.38 1.68 -34.48
CA THR I 24 -82.01 0.30 -34.14
C THR I 24 -83.17 -0.60 -33.72
N ILE I 25 -83.07 -1.88 -34.08
CA ILE I 25 -84.04 -2.89 -33.67
C ILE I 25 -83.46 -3.79 -32.57
N GLN I 26 -84.33 -4.25 -31.67
CA GLN I 26 -83.94 -5.15 -30.59
C GLN I 26 -84.90 -6.32 -30.56
N ARG I 27 -84.35 -7.53 -30.69
CA ARG I 27 -85.12 -8.77 -30.80
C ARG I 27 -85.28 -9.51 -29.48
N SER I 28 -86.47 -10.07 -29.28
CA SER I 28 -86.77 -10.85 -28.08
C SER I 28 -86.31 -12.30 -28.31
N THR I 29 -85.38 -12.76 -27.48
CA THR I 29 -84.82 -14.12 -27.55
C THR I 29 -85.81 -15.21 -27.15
N GLY I 30 -86.77 -14.84 -26.30
CA GLY I 30 -87.77 -15.73 -25.78
C GLY I 30 -88.00 -15.37 -24.32
N ASP I 31 -87.92 -16.36 -23.45
CA ASP I 31 -88.13 -16.15 -22.03
C ASP I 31 -86.87 -15.94 -21.19
N SER I 32 -85.93 -16.89 -21.26
CA SER I 32 -84.69 -16.82 -20.48
C SER I 32 -83.52 -17.55 -21.13
N ILE I 33 -82.33 -16.98 -20.97
CA ILE I 33 -81.08 -17.58 -21.45
C ILE I 33 -80.16 -17.79 -20.25
N ASP I 34 -79.66 -19.03 -20.12
CA ASP I 34 -78.71 -19.37 -19.06
C ASP I 34 -77.37 -18.75 -19.43
N THR I 35 -76.85 -17.94 -18.53
CA THR I 35 -75.56 -17.28 -18.72
C THR I 35 -74.58 -17.79 -17.65
N PRO I 36 -73.94 -18.95 -17.89
CA PRO I 36 -73.03 -19.47 -16.86
C PRO I 36 -71.71 -18.72 -16.83
N ASN I 37 -71.21 -18.50 -15.62
CA ASN I 37 -69.94 -17.81 -15.41
C ASN I 37 -68.82 -18.84 -15.25
N TYR I 38 -67.59 -18.34 -15.11
CA TYR I 38 -66.38 -19.16 -14.99
C TYR I 38 -66.41 -20.21 -13.87
N ASP I 39 -67.13 -19.92 -12.79
CA ASP I 39 -67.25 -20.82 -11.64
C ASP I 39 -67.90 -22.17 -11.97
N VAL I 40 -68.81 -22.14 -12.94
CA VAL I 40 -69.57 -23.30 -13.40
C VAL I 40 -68.90 -24.06 -14.57
N GLN I 41 -67.87 -23.45 -15.15
CA GLN I 41 -67.12 -24.00 -16.29
C GLN I 41 -66.60 -25.43 -16.12
N LYS I 42 -65.98 -25.69 -14.97
CA LYS I 42 -65.43 -27.03 -14.65
C LYS I 42 -66.52 -28.10 -14.58
N HIS I 43 -67.68 -27.71 -14.03
CA HIS I 43 -68.83 -28.60 -13.91
C HIS I 43 -69.41 -29.00 -15.28
N ILE I 44 -69.45 -28.03 -16.20
CA ILE I 44 -69.96 -28.27 -17.57
C ILE I 44 -69.00 -29.19 -18.33
N ASN I 45 -67.70 -29.00 -18.12
CA ASN I 45 -66.67 -29.82 -18.74
C ASN I 45 -66.80 -31.29 -18.30
N LYS I 46 -67.15 -31.48 -17.03
CA LYS I 46 -67.39 -32.80 -16.44
C LYS I 46 -68.64 -33.42 -17.07
N LEU I 47 -69.67 -32.59 -17.29
CA LEU I 47 -70.92 -33.01 -17.92
C LEU I 47 -70.70 -33.41 -19.38
N CYS I 48 -69.80 -32.68 -20.06
CA CYS I 48 -69.41 -32.97 -21.44
C CYS I 48 -68.70 -34.31 -21.49
N GLY I 49 -67.81 -34.54 -20.51
CA GLY I 49 -67.04 -35.76 -20.35
C GLY I 49 -67.92 -36.96 -20.07
N MET I 50 -69.00 -36.74 -19.32
CA MET I 50 -69.97 -37.78 -18.98
C MET I 50 -70.66 -38.33 -20.23
N LEU I 51 -70.98 -37.43 -21.17
CA LEU I 51 -71.59 -37.80 -22.45
C LEU I 51 -70.58 -38.50 -23.36
N LEU I 52 -69.32 -38.08 -23.25
CA LEU I 52 -68.22 -38.66 -24.04
C LEU I 52 -67.80 -40.07 -23.61
N ILE I 53 -67.95 -40.38 -22.33
CA ILE I 53 -67.60 -41.71 -21.81
C ILE I 53 -68.75 -42.71 -22.01
N THR I 54 -69.98 -42.18 -22.13
CA THR I 54 -71.18 -42.98 -22.32
C THR I 54 -71.23 -43.65 -23.69
N GLU I 55 -71.20 -44.98 -23.68
CA GLU I 55 -71.31 -45.79 -24.89
C GLU I 55 -72.75 -45.68 -25.37
N ASP I 56 -72.91 -45.30 -26.64
CA ASP I 56 -74.22 -45.07 -27.28
C ASP I 56 -75.04 -44.03 -26.49
N ALA I 57 -74.42 -42.87 -26.30
CA ALA I 57 -74.99 -41.76 -25.55
C ALA I 57 -76.13 -41.05 -26.27
N ASN I 58 -77.01 -40.44 -25.48
CA ASN I 58 -78.14 -39.66 -25.99
C ASN I 58 -77.65 -38.21 -26.16
N HIS I 59 -77.29 -37.87 -27.39
CA HIS I 59 -76.79 -36.54 -27.72
C HIS I 59 -77.87 -35.53 -28.09
N LYS I 60 -79.05 -35.66 -27.47
CA LYS I 60 -80.18 -34.77 -27.70
C LYS I 60 -79.91 -33.38 -27.10
N PHE I 61 -79.11 -33.35 -26.04
CA PHE I 61 -78.82 -32.13 -25.30
C PHE I 61 -77.38 -31.61 -25.43
N THR I 62 -76.54 -32.36 -26.15
CA THR I 62 -75.12 -32.01 -26.36
C THR I 62 -74.89 -30.67 -27.07
N GLY I 63 -75.79 -30.31 -27.99
CA GLY I 63 -75.72 -29.04 -28.70
C GLY I 63 -75.89 -27.88 -27.74
N LEU I 64 -76.85 -28.02 -26.83
CA LEU I 64 -77.13 -27.03 -25.80
C LEU I 64 -76.06 -27.01 -24.72
N ILE I 65 -75.61 -28.20 -24.29
CA ILE I 65 -74.55 -28.36 -23.29
C ILE I 65 -73.25 -27.75 -23.80
N GLY I 66 -72.97 -27.97 -25.09
CA GLY I 66 -71.82 -27.43 -25.79
C GLY I 66 -71.83 -25.91 -25.76
N MET I 67 -73.02 -25.34 -25.99
CA MET I 67 -73.23 -23.89 -25.94
C MET I 67 -73.01 -23.31 -24.55
N LEU I 68 -73.43 -24.07 -23.54
CA LEU I 68 -73.24 -23.68 -22.14
C LEU I 68 -71.77 -23.63 -21.76
N TYR I 69 -70.98 -24.58 -22.29
CA TYR I 69 -69.54 -24.61 -22.06
C TYR I 69 -68.84 -23.42 -22.70
N ALA I 70 -69.26 -23.08 -23.92
CA ALA I 70 -68.71 -21.94 -24.65
C ALA I 70 -69.04 -20.63 -23.93
N MET I 71 -70.24 -20.57 -23.35
CA MET I 71 -70.70 -19.42 -22.57
C MET I 71 -69.98 -19.30 -21.24
N SER I 72 -69.67 -20.45 -20.62
CA SER I 72 -68.95 -20.50 -19.35
C SER I 72 -67.48 -20.12 -19.51
N ARG I 73 -66.95 -20.30 -20.72
CA ARG I 73 -65.59 -19.90 -21.07
C ARG I 73 -65.54 -18.39 -21.27
N LEU I 74 -66.59 -17.84 -21.88
CA LEU I 74 -66.75 -16.40 -22.09
C LEU I 74 -67.04 -15.68 -20.76
N GLY I 75 -67.86 -16.33 -19.93
CA GLY I 75 -68.25 -15.84 -18.62
C GLY I 75 -69.41 -14.85 -18.69
N ARG I 76 -70.41 -15.06 -17.82
CA ARG I 76 -71.64 -14.26 -17.73
C ARG I 76 -71.61 -12.85 -18.33
N GLU I 77 -70.72 -12.00 -17.83
CA GLU I 77 -70.57 -10.61 -18.28
C GLU I 77 -70.38 -10.46 -19.79
N ASP I 78 -69.39 -11.18 -20.34
CA ASP I 78 -69.09 -11.17 -21.76
C ASP I 78 -70.18 -11.77 -22.64
N THR I 79 -70.74 -12.92 -22.22
CA THR I 79 -71.83 -13.55 -22.97
C THR I 79 -73.09 -12.67 -23.09
N ILE I 80 -73.44 -11.97 -22.02
CA ILE I 80 -74.56 -11.02 -22.01
C ILE I 80 -74.26 -9.88 -23.00
N LYS I 81 -73.02 -9.39 -22.96
CA LYS I 81 -72.53 -8.34 -23.85
C LYS I 81 -72.63 -8.75 -25.32
N ILE I 82 -72.24 -9.98 -25.65
CA ILE I 82 -72.32 -10.49 -27.02
C ILE I 82 -73.76 -10.64 -27.51
N LEU I 83 -74.66 -11.00 -26.60
CA LEU I 83 -76.08 -11.14 -26.89
C LEU I 83 -76.74 -9.78 -27.14
N ARG I 84 -76.35 -8.79 -26.34
CA ARG I 84 -76.88 -7.43 -26.48
C ARG I 84 -76.33 -6.71 -27.70
N ASP I 85 -75.04 -6.92 -28.00
CA ASP I 85 -74.39 -6.34 -29.17
C ASP I 85 -74.93 -6.92 -30.48
N ALA I 86 -75.39 -8.18 -30.42
CA ALA I 86 -75.97 -8.88 -31.56
C ALA I 86 -77.35 -8.33 -31.92
N GLY I 87 -78.03 -7.75 -30.92
CA GLY I 87 -79.34 -7.14 -31.05
C GLY I 87 -80.46 -7.92 -30.39
N TYR I 88 -80.16 -8.50 -29.22
CA TYR I 88 -81.13 -9.30 -28.48
C TYR I 88 -81.40 -8.80 -27.07
N HIS I 89 -82.67 -8.88 -26.68
CA HIS I 89 -83.12 -8.52 -25.33
C HIS I 89 -82.99 -9.78 -24.49
N VAL I 90 -82.10 -9.73 -23.50
CA VAL I 90 -81.82 -10.91 -22.68
C VAL I 90 -82.17 -10.90 -21.20
N LYS I 91 -82.93 -11.92 -20.81
CA LYS I 91 -83.31 -12.17 -19.42
C LYS I 91 -82.33 -13.26 -18.99
N ALA I 92 -81.23 -12.83 -18.38
CA ALA I 92 -80.15 -13.71 -17.95
C ALA I 92 -80.50 -14.59 -16.76
N ASN I 93 -80.22 -15.88 -16.91
CA ASN I 93 -80.44 -16.86 -15.85
C ASN I 93 -79.08 -17.25 -15.26
N GLY I 94 -78.94 -17.06 -13.96
CA GLY I 94 -77.72 -17.37 -13.22
C GLY I 94 -77.59 -18.85 -12.96
N VAL I 95 -76.49 -19.43 -13.44
CA VAL I 95 -76.22 -20.86 -13.27
C VAL I 95 -75.40 -21.10 -12.00
N ASP I 96 -75.97 -21.87 -11.08
CA ASP I 96 -75.34 -22.21 -9.82
C ASP I 96 -75.35 -23.72 -9.60
N VAL I 97 -74.40 -24.22 -8.82
CA VAL I 97 -74.32 -25.65 -8.51
C VAL I 97 -75.09 -25.95 -7.23
N THR I 98 -76.00 -26.91 -7.30
CA THR I 98 -76.81 -27.36 -6.17
C THR I 98 -76.79 -28.87 -6.08
N THR I 99 -76.90 -29.39 -4.85
CA THR I 99 -76.92 -30.82 -4.61
C THR I 99 -78.36 -31.31 -4.58
N HIS I 100 -78.66 -32.28 -5.44
CA HIS I 100 -80.00 -32.86 -5.55
C HIS I 100 -80.00 -34.30 -5.04
N ARG I 101 -80.92 -34.57 -4.10
CA ARG I 101 -81.07 -35.90 -3.52
C ARG I 101 -82.31 -36.57 -4.10
N GLN I 102 -82.08 -37.72 -4.73
CA GLN I 102 -83.14 -38.52 -5.35
C GLN I 102 -82.83 -40.00 -5.19
N ASP I 103 -83.85 -40.77 -4.80
CA ASP I 103 -83.71 -42.21 -4.60
C ASP I 103 -83.90 -43.03 -5.87
N ILE I 104 -82.76 -43.38 -6.49
CA ILE I 104 -82.72 -44.18 -7.71
C ILE I 104 -82.51 -45.64 -7.30
N ASN I 105 -83.46 -46.49 -7.69
CA ASN I 105 -83.49 -47.93 -7.38
C ASN I 105 -83.53 -48.21 -5.86
N GLY I 106 -84.31 -47.40 -5.15
CA GLY I 106 -84.49 -47.48 -3.71
C GLY I 106 -83.48 -46.70 -2.90
N LYS I 107 -82.21 -46.85 -3.26
CA LYS I 107 -81.09 -46.18 -2.59
C LYS I 107 -81.05 -44.68 -2.90
N GLU I 108 -81.06 -43.87 -1.84
CA GLU I 108 -81.02 -42.41 -1.95
C GLU I 108 -79.63 -41.97 -2.42
N MET I 109 -79.61 -41.23 -3.53
CA MET I 109 -78.36 -40.77 -4.14
C MET I 109 -78.24 -39.25 -4.24
N LYS I 110 -76.99 -38.77 -4.17
CA LYS I 110 -76.68 -37.34 -4.28
C LYS I 110 -76.09 -37.03 -5.66
N PHE I 111 -76.50 -35.89 -6.20
CA PHE I 111 -76.04 -35.44 -7.52
C PHE I 111 -75.76 -33.94 -7.52
N GLU I 112 -74.67 -33.55 -8.18
CA GLU I 112 -74.31 -32.16 -8.33
C GLU I 112 -74.91 -31.69 -9.65
N VAL I 113 -75.95 -30.85 -9.55
CA VAL I 113 -76.65 -30.34 -10.73
C VAL I 113 -76.55 -28.82 -10.87
N LEU I 114 -76.84 -28.33 -12.07
CA LEU I 114 -76.82 -26.90 -12.38
C LEU I 114 -78.23 -26.34 -12.46
N THR I 115 -78.40 -25.10 -11.99
CA THR I 115 -79.68 -24.42 -12.03
C THR I 115 -79.89 -23.82 -13.42
N LEU I 116 -80.32 -24.70 -14.34
CA LEU I 116 -80.54 -24.34 -15.74
C LEU I 116 -82.02 -24.38 -16.10
N ALA I 117 -82.43 -23.42 -16.92
CA ALA I 117 -83.80 -23.33 -17.41
C ALA I 117 -83.97 -24.25 -18.62
N SER I 118 -82.97 -24.21 -19.51
CA SER I 118 -82.92 -25.01 -20.73
C SER I 118 -82.77 -26.51 -20.46
N LEU I 119 -82.09 -26.85 -19.36
CA LEU I 119 -81.85 -28.24 -18.99
C LEU I 119 -82.42 -28.60 -17.62
N THR I 120 -83.29 -29.61 -17.61
CA THR I 120 -83.95 -30.10 -16.40
C THR I 120 -82.96 -30.82 -15.50
N THR I 121 -83.19 -30.72 -14.19
CA THR I 121 -82.36 -31.40 -13.18
C THR I 121 -82.57 -32.91 -13.29
N GLU I 122 -83.75 -33.30 -13.77
CA GLU I 122 -84.14 -34.70 -13.96
C GLU I 122 -83.37 -35.30 -15.14
N ILE I 123 -83.11 -34.48 -16.16
CA ILE I 123 -82.37 -34.95 -17.34
C ILE I 123 -80.85 -34.91 -17.11
N GLN I 124 -80.41 -34.03 -16.22
CA GLN I 124 -79.01 -33.87 -15.86
C GLN I 124 -78.50 -35.08 -15.08
N ILE I 125 -79.33 -35.57 -14.16
CA ILE I 125 -79.01 -36.74 -13.34
C ILE I 125 -78.91 -38.01 -14.18
N ASN I 126 -79.74 -38.10 -15.22
CA ASN I 126 -79.75 -39.23 -16.15
C ASN I 126 -78.48 -39.33 -16.99
N ILE I 127 -77.84 -38.18 -17.26
CA ILE I 127 -76.57 -38.12 -17.99
C ILE I 127 -75.49 -38.73 -17.09
N GLU I 128 -75.52 -38.37 -15.80
CA GLU I 128 -74.59 -38.89 -14.80
C GLU I 128 -74.84 -40.37 -14.51
N ILE I 129 -76.12 -40.77 -14.47
CA ILE I 129 -76.52 -42.16 -14.23
C ILE I 129 -75.99 -43.10 -15.32
N GLU I 130 -76.24 -42.74 -16.58
CA GLU I 130 -75.79 -43.54 -17.73
C GLU I 130 -74.27 -43.54 -17.92
N SER I 131 -73.61 -42.48 -17.47
CA SER I 131 -72.15 -42.36 -17.55
C SER I 131 -71.48 -43.29 -16.54
N ARG I 132 -72.05 -43.36 -15.34
CA ARG I 132 -71.57 -44.22 -14.26
C ARG I 132 -71.64 -45.70 -14.66
N LYS I 133 -72.68 -46.05 -15.41
CA LYS I 133 -72.89 -47.40 -15.95
C LYS I 133 -71.76 -47.73 -16.92
N SER I 134 -71.47 -46.79 -17.83
CA SER I 134 -70.42 -46.91 -18.82
C SER I 134 -69.02 -46.86 -18.21
N TYR I 135 -68.91 -46.18 -17.07
CA TYR I 135 -67.64 -46.06 -16.34
C TYR I 135 -67.28 -47.35 -15.61
N LYS I 136 -68.27 -47.97 -14.96
CA LYS I 136 -68.05 -49.22 -14.23
C LYS I 136 -67.77 -50.40 -15.17
N LYS I 137 -68.35 -50.35 -16.37
CA LYS I 137 -68.15 -51.34 -17.42
C LYS I 137 -66.73 -51.18 -17.98
N MET I 138 -66.28 -49.92 -18.07
CA MET I 138 -64.96 -49.55 -18.54
C MET I 138 -63.90 -49.92 -17.50
N LEU I 139 -64.26 -49.78 -16.22
CA LEU I 139 -63.38 -50.12 -15.10
C LEU I 139 -63.21 -51.65 -14.98
N LYS I 140 -64.25 -52.38 -15.38
CA LYS I 140 -64.25 -53.84 -15.38
C LYS I 140 -63.41 -54.41 -16.52
N GLU I 141 -63.33 -53.66 -17.63
CA GLU I 141 -62.60 -54.05 -18.83
C GLU I 141 -61.09 -53.78 -18.78
N MET I 142 -60.71 -52.62 -18.24
CA MET I 142 -59.29 -52.22 -18.18
C MET I 142 -58.67 -52.10 -16.78
N GLY I 143 -59.44 -52.43 -15.75
CA GLY I 143 -58.97 -52.38 -14.36
C GLY I 143 -58.90 -50.97 -13.82
N GLU I 144 -57.90 -50.22 -14.31
CA GLU I 144 -57.67 -48.83 -13.93
C GLU I 144 -57.86 -47.94 -15.16
N VAL I 145 -58.66 -46.89 -14.99
CA VAL I 145 -58.96 -45.94 -16.08
C VAL I 145 -57.99 -44.76 -16.13
N ALA I 146 -57.29 -44.66 -17.26
CA ALA I 146 -56.30 -43.62 -17.51
C ALA I 146 -56.92 -42.21 -17.59
N PRO I 147 -56.11 -41.14 -17.35
CA PRO I 147 -56.64 -39.77 -17.43
C PRO I 147 -57.22 -39.37 -18.78
N GLU I 148 -56.78 -40.03 -19.85
CA GLU I 148 -57.22 -39.78 -21.22
C GLU I 148 -58.63 -40.31 -21.49
N TYR I 149 -58.97 -41.42 -20.84
CA TYR I 149 -60.25 -42.10 -21.02
C TYR I 149 -61.40 -41.61 -20.14
N ARG I 150 -61.07 -40.81 -19.11
CA ARG I 150 -62.06 -40.31 -18.15
C ARG I 150 -62.74 -38.98 -18.47
N HIS I 151 -63.87 -38.74 -17.79
CA HIS I 151 -64.69 -37.54 -17.92
C HIS I 151 -64.06 -36.26 -17.31
N ASP I 152 -63.12 -36.46 -16.39
CA ASP I 152 -62.41 -35.37 -15.70
C ASP I 152 -61.56 -34.49 -16.62
N SER I 153 -60.99 -35.11 -17.66
CA SER I 153 -60.10 -34.47 -18.62
C SER I 153 -60.56 -33.08 -19.09
N PRO I 154 -59.65 -32.09 -19.08
CA PRO I 154 -59.96 -30.70 -19.50
C PRO I 154 -60.32 -30.56 -20.98
N ASP I 155 -59.93 -31.56 -21.78
CA ASP I 155 -60.20 -31.58 -23.22
C ASP I 155 -61.67 -31.79 -23.56
N CYS I 156 -62.38 -32.54 -22.70
CA CYS I 156 -63.79 -32.90 -22.86
C CYS I 156 -64.73 -31.87 -23.47
N GLY I 157 -64.84 -30.70 -22.84
CA GLY I 157 -65.68 -29.61 -23.31
C GLY I 157 -65.31 -29.16 -24.71
N MET I 158 -64.02 -28.96 -24.93
CA MET I 158 -63.49 -28.53 -26.22
C MET I 158 -63.58 -29.59 -27.34
N ILE I 159 -63.57 -30.87 -26.94
CA ILE I 159 -63.72 -31.99 -27.88
C ILE I 159 -65.12 -31.90 -28.51
N ILE I 160 -66.13 -31.66 -27.66
CA ILE I 160 -67.51 -31.47 -28.10
C ILE I 160 -67.64 -30.24 -29.00
N LEU I 161 -66.97 -29.15 -28.61
CA LEU I 161 -66.98 -27.92 -29.39
C LEU I 161 -66.20 -28.01 -30.71
N CYS I 162 -65.39 -29.07 -30.85
CA CYS I 162 -64.62 -29.31 -32.08
C CYS I 162 -65.56 -29.71 -33.23
N ILE I 163 -66.56 -30.53 -32.92
CA ILE I 163 -67.56 -30.90 -33.93
C ILE I 163 -68.55 -29.78 -34.18
N ALA I 164 -68.68 -28.88 -33.20
CA ALA I 164 -69.52 -27.69 -33.31
C ALA I 164 -68.88 -26.72 -34.33
N ALA I 165 -67.54 -26.72 -34.36
CA ALA I 165 -66.77 -25.92 -35.30
C ALA I 165 -66.90 -26.51 -36.71
N LEU I 166 -67.08 -27.82 -36.79
CA LEU I 166 -67.27 -28.52 -38.06
C LEU I 166 -68.67 -28.27 -38.61
N VAL I 167 -69.66 -28.16 -37.71
CA VAL I 167 -71.06 -27.86 -38.08
C VAL I 167 -71.09 -26.43 -38.63
N ILE I 168 -70.42 -25.52 -37.93
CA ILE I 168 -70.31 -24.11 -38.31
C ILE I 168 -69.64 -23.94 -39.67
N THR I 169 -68.74 -24.89 -39.99
CA THR I 169 -68.00 -24.93 -41.25
C THR I 169 -68.92 -25.15 -42.45
N LYS I 170 -69.97 -25.95 -42.25
CA LYS I 170 -70.93 -26.31 -43.28
C LYS I 170 -72.33 -25.68 -43.15
N LEU I 171 -72.45 -24.62 -42.33
CA LEU I 171 -73.73 -23.92 -42.13
C LEU I 171 -74.15 -23.05 -43.30
N ALA I 172 -73.19 -22.72 -44.18
CA ALA I 172 -73.39 -21.90 -45.36
C ALA I 172 -74.43 -22.47 -46.34
N ALA I 173 -74.51 -23.81 -46.38
CA ALA I 173 -75.47 -24.53 -47.21
C ALA I 173 -76.90 -24.35 -46.67
N GLY I 174 -77.00 -24.22 -45.34
CA GLY I 174 -78.23 -24.00 -44.58
C GLY I 174 -79.32 -25.04 -44.71
N ASP I 175 -78.94 -26.33 -44.76
CA ASP I 175 -79.89 -27.43 -44.90
C ASP I 175 -79.44 -28.79 -44.35
N ARG I 176 -78.39 -28.79 -43.52
CA ARG I 176 -77.80 -30.00 -42.92
C ARG I 176 -77.15 -30.96 -43.93
N SER I 177 -76.97 -30.50 -45.15
CA SER I 177 -76.37 -31.29 -46.24
C SER I 177 -74.91 -31.62 -45.96
N GLY I 178 -74.23 -30.71 -45.26
CA GLY I 178 -72.83 -30.84 -44.89
C GLY I 178 -72.51 -31.94 -43.88
N LEU I 179 -73.53 -32.44 -43.19
CA LEU I 179 -73.41 -33.50 -42.17
C LEU I 179 -72.46 -34.65 -42.52
N THR I 180 -72.53 -35.12 -43.77
CA THR I 180 -71.68 -36.20 -44.28
C THR I 180 -70.20 -35.82 -44.20
N ALA I 181 -69.89 -34.59 -44.64
CA ALA I 181 -68.54 -34.03 -44.59
C ALA I 181 -68.10 -33.76 -43.15
N VAL I 182 -69.07 -33.35 -42.32
CA VAL I 182 -68.84 -33.08 -40.90
C VAL I 182 -68.36 -34.35 -40.20
N ILE I 183 -69.04 -35.47 -40.46
CA ILE I 183 -68.69 -36.79 -39.90
C ILE I 183 -67.34 -37.24 -40.46
N ARG I 184 -67.19 -37.16 -41.79
CA ARG I 184 -65.96 -37.54 -42.49
C ARG I 184 -64.73 -36.88 -41.89
N ARG I 185 -64.77 -35.55 -41.76
CA ARG I 185 -63.67 -34.77 -41.19
C ARG I 185 -63.43 -35.04 -39.71
N ALA I 186 -64.51 -35.28 -38.97
CA ALA I 186 -64.46 -35.62 -37.54
C ALA I 186 -63.77 -36.96 -37.29
N ASN I 187 -63.59 -37.73 -38.36
CA ASN I 187 -62.92 -39.01 -38.30
C ASN I 187 -61.44 -38.91 -38.68
N ASN I 188 -61.14 -38.09 -39.71
CA ASN I 188 -59.76 -37.85 -40.17
C ASN I 188 -59.01 -37.05 -39.12
N VAL I 189 -59.57 -35.88 -38.78
CA VAL I 189 -59.09 -35.02 -37.70
C VAL I 189 -59.84 -35.62 -36.50
N LEU I 190 -59.38 -35.37 -35.27
CA LEU I 190 -60.08 -35.86 -34.07
C LEU I 190 -60.15 -37.40 -33.92
N LYS I 191 -59.23 -38.11 -34.59
CA LYS I 191 -59.17 -39.57 -34.57
C LYS I 191 -58.74 -40.14 -33.22
N ASN I 192 -57.76 -39.51 -32.60
CA ASN I 192 -57.22 -39.89 -31.29
C ASN I 192 -58.27 -39.67 -30.18
N GLU I 193 -59.07 -38.62 -30.34
CA GLU I 193 -60.12 -38.24 -29.41
C GLU I 193 -61.26 -39.26 -29.41
N MET I 194 -61.54 -39.81 -30.59
CA MET I 194 -62.58 -40.83 -30.77
C MET I 194 -62.17 -42.17 -30.16
N LYS I 195 -60.86 -42.40 -30.09
CA LYS I 195 -60.29 -43.62 -29.50
C LYS I 195 -60.50 -43.62 -27.99
N ARG I 196 -60.25 -42.47 -27.36
CA ARG I 196 -60.40 -42.31 -25.91
C ARG I 196 -61.83 -42.16 -25.41
N TYR I 197 -62.74 -41.71 -26.28
CA TYR I 197 -64.15 -41.53 -25.91
C TYR I 197 -65.16 -42.28 -26.75
N LYS I 198 -65.81 -43.25 -26.11
CA LYS I 198 -66.85 -44.10 -26.72
C LYS I 198 -68.07 -43.32 -27.20
N GLY I 199 -68.37 -42.22 -26.50
CA GLY I 199 -69.51 -41.34 -26.76
C GLY I 199 -69.28 -40.25 -27.78
N LEU I 200 -68.10 -40.22 -28.40
CA LEU I 200 -67.82 -39.24 -29.45
C LEU I 200 -68.42 -39.77 -30.74
N LEU I 201 -69.71 -39.49 -30.91
CA LEU I 201 -70.48 -39.92 -32.08
C LEU I 201 -70.70 -38.69 -32.97
N PRO I 202 -69.83 -38.47 -33.98
CA PRO I 202 -69.94 -37.30 -34.86
C PRO I 202 -71.34 -36.99 -35.36
N LYS I 203 -72.03 -38.00 -35.93
CA LYS I 203 -73.39 -37.83 -36.45
C LYS I 203 -74.37 -37.32 -35.39
N ASP I 204 -74.36 -37.96 -34.22
CA ASP I 204 -75.24 -37.61 -33.10
C ASP I 204 -75.00 -36.21 -32.54
N ILE I 205 -73.74 -35.86 -32.31
CA ILE I 205 -73.35 -34.56 -31.77
C ILE I 205 -73.56 -33.44 -32.81
N ALA I 206 -73.20 -33.73 -34.08
CA ALA I 206 -73.36 -32.78 -35.18
C ALA I 206 -74.80 -32.37 -35.43
N ASN I 207 -75.71 -33.34 -35.32
CA ASN I 207 -77.14 -33.09 -35.47
C ASN I 207 -77.67 -32.23 -34.34
N SER I 208 -77.14 -32.46 -33.13
CA SER I 208 -77.52 -31.71 -31.94
C SER I 208 -77.17 -30.23 -32.08
N PHE I 209 -75.97 -29.96 -32.61
CA PHE I 209 -75.52 -28.59 -32.86
C PHE I 209 -76.29 -27.95 -33.99
N TYR I 210 -76.56 -28.73 -35.05
CA TYR I 210 -77.37 -28.28 -36.18
C TYR I 210 -78.74 -27.83 -35.68
N GLU I 211 -79.32 -28.62 -34.78
CA GLU I 211 -80.63 -28.35 -34.16
C GLU I 211 -80.61 -27.08 -33.31
N VAL I 212 -79.58 -26.94 -32.45
CA VAL I 212 -79.45 -25.76 -31.58
C VAL I 212 -79.26 -24.45 -32.36
N PHE I 213 -78.54 -24.51 -33.47
CA PHE I 213 -78.30 -23.35 -34.33
C PHE I 213 -79.53 -22.99 -35.16
N GLU I 214 -80.35 -24.00 -35.48
CA GLU I 214 -81.60 -23.81 -36.21
C GLU I 214 -82.68 -23.26 -35.30
N LYS I 215 -82.82 -23.84 -34.11
CA LYS I 215 -83.82 -23.43 -33.13
C LYS I 215 -83.48 -22.09 -32.45
N HIS I 216 -82.19 -21.89 -32.17
CA HIS I 216 -81.72 -20.67 -31.51
C HIS I 216 -80.62 -19.98 -32.34
N PRO I 217 -81.01 -19.11 -33.30
CA PRO I 217 -80.04 -18.43 -34.17
C PRO I 217 -79.07 -17.48 -33.44
N HIS I 218 -79.44 -17.07 -32.24
CA HIS I 218 -78.60 -16.21 -31.41
C HIS I 218 -77.41 -16.97 -30.87
N PHE I 219 -77.55 -18.29 -30.74
CA PHE I 219 -76.49 -19.16 -30.26
C PHE I 219 -75.37 -19.31 -31.28
N ILE I 220 -75.70 -19.15 -32.56
CA ILE I 220 -74.71 -19.21 -33.62
C ILE I 220 -73.81 -17.97 -33.53
N ASP I 221 -74.40 -16.83 -33.14
CA ASP I 221 -73.67 -15.57 -32.92
C ASP I 221 -72.78 -15.74 -31.69
N VAL I 222 -73.31 -16.41 -30.67
CA VAL I 222 -72.58 -16.70 -29.44
C VAL I 222 -71.37 -17.59 -29.73
N PHE I 223 -71.58 -18.67 -30.49
CA PHE I 223 -70.52 -19.60 -30.86
C PHE I 223 -69.42 -18.96 -31.72
N VAL I 224 -69.82 -18.20 -32.74
CA VAL I 224 -68.88 -17.52 -33.64
C VAL I 224 -67.98 -16.57 -32.84
N HIS I 225 -68.60 -15.77 -31.96
CA HIS I 225 -67.87 -14.84 -31.10
C HIS I 225 -67.02 -15.51 -30.04
N PHE I 226 -67.44 -16.71 -29.61
CA PHE I 226 -66.67 -17.51 -28.66
C PHE I 226 -65.41 -18.02 -29.39
N GLY I 227 -65.63 -18.59 -30.58
CA GLY I 227 -64.58 -19.14 -31.42
C GLY I 227 -63.48 -18.14 -31.73
N ILE I 228 -63.88 -16.89 -32.01
CA ILE I 228 -62.95 -15.79 -32.28
C ILE I 228 -62.18 -15.45 -30.99
N ALA I 229 -62.90 -15.38 -29.87
CA ALA I 229 -62.33 -15.11 -28.54
C ALA I 229 -61.36 -16.19 -28.10
N GLN I 230 -61.71 -17.43 -28.43
CA GLN I 230 -60.91 -18.62 -28.17
C GLN I 230 -59.67 -18.58 -29.06
N SER I 231 -59.86 -18.20 -30.32
CA SER I 231 -58.75 -18.10 -31.28
C SER I 231 -57.84 -16.87 -31.07
N SER I 232 -58.23 -16.03 -30.12
CA SER I 232 -57.44 -14.84 -29.75
C SER I 232 -56.41 -15.15 -28.66
N THR I 233 -56.50 -16.37 -28.11
CA THR I 233 -55.62 -16.86 -27.07
C THR I 233 -54.15 -16.90 -27.47
N ARG I 234 -53.25 -16.85 -26.48
CA ARG I 234 -51.80 -16.88 -26.68
C ARG I 234 -51.28 -18.29 -27.01
N GLY I 235 -51.91 -19.29 -26.41
CA GLY I 235 -51.58 -20.70 -26.56
C GLY I 235 -52.63 -21.56 -25.88
N GLY I 236 -52.39 -22.86 -25.84
CA GLY I 236 -53.29 -23.82 -25.22
C GLY I 236 -52.97 -25.27 -25.49
N SER I 237 -53.96 -26.14 -25.28
CA SER I 237 -53.82 -27.57 -25.50
C SER I 237 -53.87 -27.89 -27.00
N ARG I 238 -53.56 -29.15 -27.35
CA ARG I 238 -53.60 -29.58 -28.74
C ARG I 238 -55.04 -29.63 -29.28
N VAL I 239 -55.98 -30.00 -28.39
CA VAL I 239 -57.41 -30.05 -28.70
C VAL I 239 -57.94 -28.64 -28.97
N GLU I 240 -57.42 -27.68 -28.20
CA GLU I 240 -57.74 -26.26 -28.37
C GLU I 240 -57.16 -25.72 -29.69
N GLY I 241 -56.05 -26.32 -30.12
CA GLY I 241 -55.39 -26.01 -31.38
C GLY I 241 -56.17 -26.57 -32.55
N ILE I 242 -56.71 -27.79 -32.36
CA ILE I 242 -57.54 -28.46 -33.35
C ILE I 242 -58.80 -27.62 -33.59
N PHE I 243 -59.45 -27.22 -32.49
CA PHE I 243 -60.65 -26.37 -32.53
C PHE I 243 -60.40 -25.10 -33.31
N ALA I 244 -59.33 -24.40 -32.96
CA ALA I 244 -58.94 -23.14 -33.58
C ALA I 244 -58.75 -23.27 -35.09
N GLY I 245 -58.16 -24.39 -35.52
CA GLY I 245 -57.92 -24.72 -36.91
C GLY I 245 -59.22 -25.00 -37.63
N LEU I 246 -60.04 -25.85 -37.01
CA LEU I 246 -61.35 -26.22 -37.56
C LEU I 246 -62.32 -25.04 -37.62
N PHE I 247 -62.24 -24.16 -36.62
CA PHE I 247 -63.08 -22.96 -36.57
C PHE I 247 -62.68 -21.98 -37.68
N MET I 248 -61.38 -21.89 -37.94
CA MET I 248 -60.88 -21.04 -39.00
C MET I 248 -61.14 -21.53 -40.42
N ASN I 249 -61.53 -22.81 -40.53
CA ASN I 249 -61.91 -23.42 -41.81
C ASN I 249 -63.25 -22.84 -42.26
N ALA I 250 -64.03 -22.37 -41.29
CA ALA I 250 -65.33 -21.74 -41.52
C ALA I 250 -65.20 -20.34 -42.13
N TYR I 251 -64.09 -19.66 -41.88
CA TYR I 251 -63.85 -18.32 -42.43
C TYR I 251 -63.93 -18.35 -43.95
N GLY I 252 -64.86 -17.56 -44.48
CA GLY I 252 -65.09 -17.44 -45.91
C GLY I 252 -66.08 -18.44 -46.48
N ALA I 253 -66.92 -19.02 -45.62
CA ALA I 253 -67.97 -19.96 -46.05
C ALA I 253 -69.14 -19.17 -46.62
N GLY I 254 -69.68 -19.67 -47.73
CA GLY I 254 -70.77 -19.03 -48.44
C GLY I 254 -70.26 -17.98 -49.41
N GLN I 255 -68.94 -17.99 -49.61
CA GLN I 255 -68.27 -17.04 -50.49
C GLN I 255 -67.06 -17.68 -51.17
N VAL I 256 -67.25 -18.92 -51.63
CA VAL I 256 -66.21 -19.69 -52.32
C VAL I 256 -65.90 -19.13 -53.72
N MET I 257 -66.93 -18.53 -54.34
CA MET I 257 -66.81 -17.93 -55.67
C MET I 257 -65.82 -16.76 -55.67
N LEU I 258 -65.73 -16.08 -54.54
CA LEU I 258 -64.81 -14.95 -54.34
C LEU I 258 -63.37 -15.43 -54.39
N ARG I 259 -63.11 -16.57 -53.74
CA ARG I 259 -61.78 -17.17 -53.68
C ARG I 259 -61.41 -17.86 -55.00
N TRP I 260 -62.40 -18.47 -55.64
CA TRP I 260 -62.22 -19.13 -56.94
C TRP I 260 -61.99 -18.12 -58.06
N GLY I 261 -62.49 -16.90 -57.84
CA GLY I 261 -62.32 -15.78 -58.75
C GLY I 261 -60.88 -15.32 -58.77
N VAL I 262 -60.26 -15.28 -57.59
CA VAL I 262 -58.85 -14.91 -57.44
C VAL I 262 -57.97 -15.99 -58.07
N LEU I 263 -58.41 -17.25 -57.95
CA LEU I 263 -57.72 -18.41 -58.53
C LEU I 263 -57.68 -18.32 -60.06
N ALA I 264 -58.83 -18.02 -60.66
CA ALA I 264 -58.97 -17.86 -62.12
C ALA I 264 -58.03 -16.79 -62.66
N LYS I 265 -57.88 -15.71 -61.90
CA LYS I 265 -56.98 -14.60 -62.20
C LYS I 265 -55.52 -15.07 -62.05
N SER I 266 -55.24 -15.80 -60.97
CA SER I 266 -53.91 -16.31 -60.65
C SER I 266 -53.38 -17.31 -61.68
N VAL I 267 -54.27 -18.16 -62.19
CA VAL I 267 -53.92 -19.16 -63.21
C VAL I 267 -53.97 -18.56 -64.63
N LYS I 268 -54.50 -17.33 -64.71
CA LYS I 268 -54.64 -16.56 -65.95
C LYS I 268 -55.51 -17.27 -67.01
N ASN I 269 -56.73 -17.61 -66.60
CA ASN I 269 -57.69 -18.28 -67.49
C ASN I 269 -58.13 -17.30 -68.57
N ILE I 270 -57.83 -17.68 -69.82
CA ILE I 270 -58.10 -16.88 -71.01
C ILE I 270 -59.51 -16.28 -71.13
N MET I 271 -60.51 -17.07 -70.73
CA MET I 271 -61.91 -16.65 -70.78
C MET I 271 -62.32 -15.43 -69.94
N LEU I 272 -61.39 -14.97 -69.09
CA LEU I 272 -61.59 -13.77 -68.26
C LEU I 272 -61.55 -12.51 -69.12
N GLY I 273 -60.82 -12.59 -70.24
CA GLY I 273 -60.65 -11.51 -71.20
C GLY I 273 -61.78 -11.36 -72.19
N HIS I 274 -62.75 -12.27 -72.15
CA HIS I 274 -63.93 -12.26 -73.03
C HIS I 274 -64.73 -10.97 -72.88
N ALA I 275 -65.28 -10.50 -74.00
CA ALA I 275 -66.06 -9.26 -74.06
C ALA I 275 -67.19 -9.12 -73.05
N SER I 276 -67.96 -10.19 -72.86
CA SER I 276 -69.08 -10.19 -71.91
C SER I 276 -68.65 -10.25 -70.45
N VAL I 277 -67.43 -10.78 -70.22
CA VAL I 277 -66.84 -10.88 -68.88
C VAL I 277 -66.24 -9.51 -68.52
N GLN I 278 -65.64 -8.86 -69.51
CA GLN I 278 -65.04 -7.53 -69.37
C GLN I 278 -66.05 -6.43 -69.06
N ALA I 279 -67.28 -6.60 -69.53
CA ALA I 279 -68.38 -5.65 -69.29
C ALA I 279 -68.78 -5.62 -67.82
N GLU I 280 -68.69 -6.78 -67.17
CA GLU I 280 -69.03 -6.94 -65.75
C GLU I 280 -67.92 -6.46 -64.81
N MET I 281 -66.68 -6.47 -65.31
CA MET I 281 -65.48 -6.09 -64.56
C MET I 281 -65.52 -4.89 -63.62
N GLU I 282 -66.14 -3.79 -64.09
CA GLU I 282 -66.28 -2.55 -63.32
C GLU I 282 -67.02 -2.84 -61.99
N GLN I 283 -68.08 -3.64 -62.09
CA GLN I 283 -68.90 -4.00 -60.95
C GLN I 283 -68.35 -5.15 -60.09
N VAL I 284 -67.60 -6.08 -60.71
CA VAL I 284 -67.00 -7.20 -59.96
C VAL I 284 -65.87 -6.71 -59.05
N VAL I 285 -65.20 -5.65 -59.49
CA VAL I 285 -64.13 -5.02 -58.73
C VAL I 285 -64.73 -4.35 -57.48
N GLU I 286 -65.90 -3.74 -57.65
CA GLU I 286 -66.65 -3.08 -56.56
C GLU I 286 -66.87 -4.03 -55.38
N VAL I 287 -67.31 -5.26 -55.67
CA VAL I 287 -67.54 -6.29 -54.65
C VAL I 287 -66.23 -6.79 -54.01
N TYR I 288 -65.20 -6.96 -54.83
CA TYR I 288 -63.88 -7.37 -54.34
C TYR I 288 -63.27 -6.31 -53.44
N GLU I 289 -63.42 -5.05 -53.83
CA GLU I 289 -62.95 -3.90 -53.04
C GLU I 289 -63.77 -3.76 -51.76
N TYR I 290 -65.06 -4.15 -51.83
CA TYR I 290 -65.96 -4.15 -50.69
C TYR I 290 -65.54 -5.25 -49.69
N ALA I 291 -65.18 -6.42 -50.23
CA ALA I 291 -64.71 -7.55 -49.44
C ALA I 291 -63.37 -7.22 -48.77
N GLN I 292 -62.53 -6.46 -49.49
CA GLN I 292 -61.24 -5.98 -49.01
C GLN I 292 -61.44 -4.97 -47.87
N LYS I 293 -62.45 -4.12 -48.04
CA LYS I 293 -62.81 -3.07 -47.08
C LYS I 293 -63.28 -3.65 -45.74
N LEU I 294 -64.18 -4.64 -45.81
CA LEU I 294 -64.72 -5.31 -44.63
C LEU I 294 -63.67 -6.09 -43.83
N GLY I 295 -62.72 -6.68 -44.55
CA GLY I 295 -61.64 -7.47 -43.97
C GLY I 295 -62.15 -8.73 -43.31
N GLY I 296 -61.66 -8.98 -42.09
CA GLY I 296 -62.00 -10.13 -41.27
C GLY I 296 -63.46 -10.28 -40.91
N GLU I 297 -64.14 -9.14 -40.80
CA GLU I 297 -65.58 -9.06 -40.48
C GLU I 297 -66.43 -9.92 -41.43
N ALA I 298 -66.11 -9.84 -42.72
CA ALA I 298 -66.81 -10.55 -43.81
C ALA I 298 -66.74 -12.08 -43.78
N GLY I 299 -65.76 -12.63 -43.07
CA GLY I 299 -65.53 -14.07 -42.98
C GLY I 299 -66.70 -14.90 -42.49
N PHE I 300 -67.40 -14.39 -41.48
CA PHE I 300 -68.55 -15.10 -40.90
C PHE I 300 -69.92 -14.51 -41.28
N TYR I 301 -69.93 -13.71 -42.34
CA TYR I 301 -71.14 -13.05 -42.87
C TYR I 301 -72.24 -14.01 -43.30
N HIS I 302 -71.88 -15.20 -43.77
CA HIS I 302 -72.85 -16.19 -44.21
C HIS I 302 -73.22 -17.17 -43.11
N ILE I 303 -72.26 -17.50 -42.25
CA ILE I 303 -72.44 -18.40 -41.11
C ILE I 303 -73.52 -17.79 -40.20
N LEU I 304 -73.28 -16.57 -39.71
CA LEU I 304 -74.29 -15.79 -39.00
C LEU I 304 -75.05 -15.22 -40.19
N ASN I 305 -76.38 -15.25 -40.17
CA ASN I 305 -77.12 -14.72 -41.33
C ASN I 305 -77.10 -13.20 -41.40
N ASN I 306 -75.91 -12.65 -41.63
CA ASN I 306 -75.67 -11.22 -41.74
C ASN I 306 -76.39 -10.72 -43.00
N PRO I 307 -77.15 -9.62 -42.87
CA PRO I 307 -77.92 -9.04 -43.99
C PRO I 307 -77.07 -8.63 -45.18
N LYS I 308 -75.87 -8.14 -44.89
CA LYS I 308 -74.91 -7.68 -45.90
C LYS I 308 -74.22 -8.80 -46.68
N ALA I 309 -74.45 -10.06 -46.28
CA ALA I 309 -73.86 -11.24 -46.94
C ALA I 309 -74.19 -11.32 -48.43
N SER I 310 -75.37 -10.84 -48.79
CA SER I 310 -75.86 -10.81 -50.18
C SER I 310 -75.00 -9.93 -51.07
N LEU I 311 -74.44 -8.86 -50.49
CA LEU I 311 -73.60 -7.88 -51.19
C LEU I 311 -72.29 -8.44 -51.72
N LEU I 312 -71.84 -9.55 -51.13
CA LEU I 312 -70.59 -10.21 -51.51
C LEU I 312 -70.76 -11.23 -52.66
N SER I 313 -71.99 -11.36 -53.16
CA SER I 313 -72.31 -12.29 -54.24
C SER I 313 -71.77 -11.87 -55.60
N LEU I 314 -71.22 -12.86 -56.33
CA LEU I 314 -70.71 -12.68 -57.69
C LEU I 314 -71.68 -13.29 -58.70
N THR I 315 -72.70 -13.99 -58.18
CA THR I 315 -73.77 -14.64 -58.95
C THR I 315 -74.54 -13.62 -59.80
N GLN I 316 -74.59 -12.38 -59.30
CA GLN I 316 -75.21 -11.26 -60.00
C GLN I 316 -74.49 -10.90 -61.32
N PHE I 317 -73.32 -11.51 -61.54
CA PHE I 317 -72.52 -11.35 -62.76
C PHE I 317 -72.42 -12.72 -63.43
N PRO I 318 -73.42 -13.08 -64.27
CA PRO I 318 -73.51 -14.37 -64.96
C PRO I 318 -72.27 -14.83 -65.73
N HIS I 319 -71.65 -13.91 -66.46
CA HIS I 319 -70.49 -14.20 -67.29
C HIS I 319 -69.23 -14.51 -66.50
N PHE I 320 -68.88 -13.62 -65.56
CA PHE I 320 -67.71 -13.78 -64.69
C PHE I 320 -67.82 -15.03 -63.80
N SER I 321 -69.01 -15.26 -63.23
CA SER I 321 -69.28 -16.42 -62.40
C SER I 321 -69.07 -17.73 -63.14
N SER I 322 -69.49 -17.74 -64.41
CA SER I 322 -69.38 -18.91 -65.30
C SER I 322 -67.94 -19.30 -65.62
N VAL I 323 -67.11 -18.32 -65.97
CA VAL I 323 -65.69 -18.55 -66.26
C VAL I 323 -64.95 -18.99 -64.97
N VAL I 324 -65.33 -18.39 -63.85
CA VAL I 324 -64.79 -18.72 -62.53
C VAL I 324 -65.15 -20.16 -62.14
N LEU I 325 -66.40 -20.53 -62.36
CA LEU I 325 -66.91 -21.88 -62.09
C LEU I 325 -66.32 -22.91 -63.05
N GLY I 326 -66.08 -22.49 -64.28
CA GLY I 326 -65.47 -23.28 -65.34
C GLY I 326 -64.04 -23.63 -64.99
N ASN I 327 -63.27 -22.60 -64.63
CA ASN I 327 -61.88 -22.73 -64.22
C ASN I 327 -61.73 -23.68 -63.01
N ALA I 328 -62.69 -23.60 -62.08
CA ALA I 328 -62.74 -24.44 -60.89
C ALA I 328 -63.02 -25.92 -61.25
N ALA I 329 -63.80 -26.12 -62.31
CA ALA I 329 -64.14 -27.46 -62.79
C ALA I 329 -62.98 -28.05 -63.59
N GLY I 330 -62.34 -27.21 -64.41
CA GLY I 330 -61.20 -27.57 -65.25
C GLY I 330 -59.97 -27.94 -64.44
N LEU I 331 -59.81 -27.28 -63.29
CA LEU I 331 -58.72 -27.55 -62.36
C LEU I 331 -59.08 -28.72 -61.42
N GLY I 332 -60.31 -29.20 -61.55
CA GLY I 332 -60.86 -30.32 -60.80
C GLY I 332 -60.96 -30.07 -59.30
N ILE I 333 -61.32 -28.83 -58.93
CA ILE I 333 -61.44 -28.44 -57.53
C ILE I 333 -62.85 -28.35 -56.94
N MET I 334 -63.86 -28.36 -57.81
CA MET I 334 -65.25 -28.35 -57.38
C MET I 334 -65.83 -29.78 -57.35
N GLY I 335 -67.15 -29.91 -57.15
CA GLY I 335 -67.81 -31.20 -57.10
C GLY I 335 -67.77 -31.81 -55.71
N GLU I 336 -68.92 -32.09 -55.09
CA GLU I 336 -70.24 -31.85 -55.67
C GLU I 336 -70.80 -30.48 -55.26
N TYR I 337 -70.22 -29.43 -55.83
CA TYR I 337 -70.64 -28.06 -55.59
C TYR I 337 -71.93 -27.82 -56.38
N ARG I 338 -72.99 -27.47 -55.66
CA ARG I 338 -74.32 -27.26 -56.24
C ARG I 338 -74.54 -25.93 -56.99
N GLY I 339 -73.45 -25.29 -57.41
CA GLY I 339 -73.48 -24.06 -58.16
C GLY I 339 -73.61 -24.35 -59.64
N THR I 340 -74.54 -23.66 -60.29
CA THR I 340 -74.81 -23.82 -61.72
C THR I 340 -74.38 -22.56 -62.49
N PRO I 341 -73.65 -22.73 -63.61
CA PRO I 341 -73.25 -21.57 -64.42
C PRO I 341 -74.41 -21.02 -65.24
N ARG I 342 -74.61 -19.70 -65.18
CA ARG I 342 -75.68 -19.03 -65.91
C ARG I 342 -75.42 -19.00 -67.42
N ASN I 343 -74.13 -18.91 -67.79
CA ASN I 343 -73.70 -18.94 -69.19
C ASN I 343 -72.95 -20.26 -69.38
N GLN I 344 -73.58 -21.21 -70.05
CA GLN I 344 -73.00 -22.53 -70.27
C GLN I 344 -71.79 -22.54 -71.20
N ASP I 345 -71.87 -21.75 -72.28
CA ASP I 345 -70.80 -21.66 -73.28
C ASP I 345 -69.47 -21.13 -72.71
N LEU I 346 -69.56 -20.12 -71.84
CA LEU I 346 -68.39 -19.53 -71.18
C LEU I 346 -67.78 -20.48 -70.16
N TYR I 347 -68.63 -21.25 -69.48
CA TYR I 347 -68.22 -22.25 -68.49
C TYR I 347 -67.41 -23.35 -69.17
N ASP I 348 -67.96 -23.90 -70.26
CA ASP I 348 -67.34 -24.97 -71.05
C ASP I 348 -66.00 -24.55 -71.66
N ALA I 349 -65.93 -23.30 -72.10
CA ALA I 349 -64.73 -22.72 -72.69
C ALA I 349 -63.64 -22.52 -71.63
N ALA I 350 -64.04 -22.11 -70.43
CA ALA I 350 -63.13 -21.90 -69.31
C ALA I 350 -62.66 -23.21 -68.71
N LYS I 351 -63.55 -24.20 -68.68
CA LYS I 351 -63.25 -25.56 -68.19
C LYS I 351 -62.20 -26.21 -69.09
N ALA I 352 -62.37 -26.02 -70.41
CA ALA I 352 -61.46 -26.54 -71.42
C ALA I 352 -60.06 -25.97 -71.31
N TYR I 353 -59.97 -24.64 -71.15
CA TYR I 353 -58.69 -23.95 -71.01
C TYR I 353 -57.96 -24.32 -69.71
N ALA I 354 -58.72 -24.46 -68.64
CA ALA I 354 -58.20 -24.84 -67.32
C ALA I 354 -57.64 -26.26 -67.32
N GLU I 355 -58.26 -27.14 -68.11
CA GLU I 355 -57.83 -28.52 -68.29
C GLU I 355 -56.51 -28.57 -69.06
N GLN I 356 -56.34 -27.62 -69.98
CA GLN I 356 -55.12 -27.48 -70.77
C GLN I 356 -53.97 -26.87 -69.96
N LEU I 357 -54.33 -26.07 -68.93
CA LEU I 357 -53.36 -25.42 -68.05
C LEU I 357 -52.62 -26.42 -67.16
N LYS I 358 -53.32 -27.48 -66.74
CA LYS I 358 -52.73 -28.53 -65.91
C LYS I 358 -51.92 -29.60 -66.66
N GLU I 359 -51.61 -29.30 -67.92
CA GLU I 359 -50.80 -30.16 -68.79
C GLU I 359 -49.48 -29.47 -69.17
N ASN I 360 -49.54 -28.15 -69.33
CA ASN I 360 -48.39 -27.31 -69.68
C ASN I 360 -47.62 -26.87 -68.41
N GLY I 361 -46.83 -25.81 -68.53
CA GLY I 361 -46.05 -25.25 -67.42
C GLY I 361 -44.61 -24.98 -67.82
N VAL I 362 -44.37 -23.76 -68.31
CA VAL I 362 -43.04 -23.33 -68.75
C VAL I 362 -42.37 -22.48 -67.65
N ILE I 363 -41.06 -22.66 -67.50
CA ILE I 363 -40.25 -21.94 -66.52
C ILE I 363 -40.00 -20.49 -66.95
N ASN I 364 -40.31 -19.55 -66.05
CA ASN I 364 -40.07 -18.13 -66.28
C ASN I 364 -38.76 -17.75 -65.59
N TYR I 365 -37.69 -17.68 -66.40
CA TYR I 365 -36.34 -17.38 -65.95
C TYR I 365 -36.05 -15.94 -65.55
N SER I 366 -36.94 -15.03 -65.96
CA SER I 366 -36.84 -13.61 -65.66
C SER I 366 -37.13 -13.27 -64.18
N VAL I 367 -37.89 -14.15 -63.52
CA VAL I 367 -38.28 -14.01 -62.11
C VAL I 367 -37.07 -14.16 -61.19
N LEU I 368 -36.24 -15.18 -61.47
CA LEU I 368 -35.03 -15.47 -60.70
C LEU I 368 -33.95 -14.41 -60.95
N ASP I 369 -33.15 -14.13 -59.92
CA ASP I 369 -32.07 -13.14 -60.00
C ASP I 369 -30.76 -13.73 -60.57
N LEU I 370 -30.88 -14.39 -61.71
CA LEU I 370 -29.77 -15.05 -62.40
C LEU I 370 -28.82 -14.06 -63.06
N THR I 371 -27.52 -14.32 -62.91
CA THR I 371 -26.46 -13.48 -63.47
C THR I 371 -26.01 -14.02 -64.84
N ALA I 372 -24.84 -14.67 -64.88
CA ALA I 372 -24.30 -15.27 -66.10
C ALA I 372 -24.99 -16.61 -66.32
N GLU I 373 -25.89 -16.65 -67.30
CA GLU I 373 -26.67 -17.84 -67.61
C GLU I 373 -26.03 -18.79 -68.61
N GLU I 374 -25.85 -20.03 -68.16
CA GLU I 374 -25.26 -21.12 -68.94
C GLU I 374 -26.20 -22.34 -68.88
N LEU I 375 -27.44 -22.09 -68.45
CA LEU I 375 -28.47 -23.11 -68.28
C LEU I 375 -29.00 -23.69 -69.59
N ALA J 2 -60.06 -3.60 -63.37
CA ALA J 2 -58.84 -4.32 -63.69
C ALA J 2 -58.76 -5.67 -62.99
N LEU J 3 -58.20 -6.66 -63.68
CA LEU J 3 -58.02 -8.00 -63.12
C LEU J 3 -56.94 -8.06 -62.03
N SER J 4 -56.20 -6.96 -61.87
CA SER J 4 -55.17 -6.83 -60.84
C SER J 4 -55.84 -6.60 -59.49
N LYS J 5 -57.02 -5.97 -59.53
CA LYS J 5 -57.81 -5.64 -58.35
C LYS J 5 -58.53 -6.83 -57.73
N VAL J 6 -58.74 -7.89 -58.51
CA VAL J 6 -59.38 -9.12 -58.03
C VAL J 6 -58.44 -9.93 -57.12
N LYS J 7 -58.39 -9.51 -55.86
CA LYS J 7 -57.56 -10.14 -54.84
C LYS J 7 -58.23 -10.04 -53.46
N LEU J 8 -57.75 -10.86 -52.53
CA LEU J 8 -58.26 -10.89 -51.16
C LEU J 8 -57.18 -11.47 -50.25
N ASN J 9 -56.72 -10.66 -49.29
CA ASN J 9 -55.67 -11.08 -48.37
C ASN J 9 -56.27 -11.77 -47.15
N ASP J 10 -56.66 -13.04 -47.34
CA ASP J 10 -57.27 -13.86 -46.30
C ASP J 10 -56.40 -14.08 -45.07
N THR J 11 -55.08 -14.23 -45.28
CA THR J 11 -54.12 -14.45 -44.19
C THR J 11 -54.08 -13.26 -43.23
N LEU J 12 -53.98 -12.06 -43.80
CA LEU J 12 -53.93 -10.81 -43.04
C LEU J 12 -55.26 -10.49 -42.35
N ASN J 13 -56.36 -10.71 -43.07
CA ASN J 13 -57.71 -10.46 -42.58
C ASN J 13 -58.11 -11.39 -41.43
N LYS J 14 -57.71 -12.67 -41.52
CA LYS J 14 -57.99 -13.66 -40.48
C LYS J 14 -57.29 -13.27 -39.17
N ASP J 15 -56.05 -12.81 -39.29
CA ASP J 15 -55.25 -12.32 -38.16
C ASP J 15 -55.89 -11.07 -37.56
N GLN J 16 -56.32 -10.16 -38.44
CA GLN J 16 -57.00 -8.91 -38.06
C GLN J 16 -58.24 -9.19 -37.22
N LEU J 17 -59.01 -10.20 -37.63
CA LEU J 17 -60.24 -10.63 -36.94
C LEU J 17 -59.93 -11.13 -35.53
N LEU J 18 -58.85 -11.92 -35.40
CA LEU J 18 -58.44 -12.47 -34.11
C LEU J 18 -57.75 -11.48 -33.20
N SER J 19 -57.01 -10.54 -33.79
CA SER J 19 -56.31 -9.49 -33.06
C SER J 19 -57.28 -8.44 -32.50
N SER J 20 -58.42 -8.28 -33.17
CA SER J 20 -59.43 -7.30 -32.78
C SER J 20 -60.70 -7.89 -32.16
N SER J 21 -60.54 -8.87 -31.28
CA SER J 21 -61.67 -9.50 -30.59
C SER J 21 -62.22 -8.57 -29.51
N LYS J 22 -63.55 -8.38 -29.53
CA LYS J 22 -64.23 -7.51 -28.56
C LYS J 22 -64.49 -8.23 -27.23
N TYR J 23 -64.43 -9.56 -27.26
CA TYR J 23 -64.71 -10.41 -26.11
C TYR J 23 -63.55 -11.35 -25.79
N THR J 24 -63.53 -11.85 -24.54
CA THR J 24 -62.44 -12.71 -24.05
C THR J 24 -62.90 -13.94 -23.29
N ILE J 25 -62.14 -15.03 -23.44
CA ILE J 25 -62.38 -16.27 -22.71
C ILE J 25 -61.35 -16.45 -21.60
N GLN J 26 -61.77 -17.07 -20.51
CA GLN J 26 -60.90 -17.36 -19.38
C GLN J 26 -61.07 -18.82 -18.99
N ARG J 27 -59.94 -19.54 -19.02
CA ARG J 27 -59.93 -20.98 -18.77
C ARG J 27 -59.59 -21.37 -17.34
N SER J 28 -60.26 -22.41 -16.84
CA SER J 28 -60.01 -22.92 -15.50
C SER J 28 -58.85 -23.92 -15.56
N THR J 29 -57.77 -23.62 -14.83
CA THR J 29 -56.57 -24.46 -14.78
C THR J 29 -56.78 -25.78 -14.04
N GLY J 30 -57.73 -25.77 -13.10
CA GLY J 30 -58.07 -26.91 -12.27
C GLY J 30 -58.37 -26.39 -10.88
N ASP J 31 -57.71 -26.97 -9.88
CA ASP J 31 -57.91 -26.56 -8.50
C ASP J 31 -56.94 -25.54 -7.94
N SER J 32 -55.63 -25.84 -8.00
CA SER J 32 -54.60 -24.95 -7.48
C SER J 32 -53.25 -25.09 -8.19
N ILE J 33 -52.55 -23.97 -8.33
CA ILE J 33 -51.21 -23.91 -8.91
C ILE J 33 -50.27 -23.32 -7.87
N ASP J 34 -49.17 -24.03 -7.62
CA ASP J 34 -48.14 -23.57 -6.70
C ASP J 34 -47.38 -22.45 -7.40
N THR J 35 -47.34 -21.29 -6.74
CA THR J 35 -46.63 -20.13 -7.27
C THR J 35 -45.49 -19.79 -6.30
N PRO J 36 -44.32 -20.47 -6.47
CA PRO J 36 -43.21 -20.17 -5.54
C PRO J 36 -42.53 -18.85 -5.86
N ASN J 37 -42.17 -18.12 -4.81
CA ASN J 37 -41.47 -16.85 -4.94
C ASN J 37 -39.97 -17.07 -4.80
N TYR J 38 -39.20 -15.99 -4.97
CA TYR J 38 -37.74 -16.00 -4.92
C TYR J 38 -37.12 -16.61 -3.65
N ASP J 39 -37.83 -16.49 -2.53
CA ASP J 39 -37.37 -17.03 -1.24
C ASP J 39 -37.20 -18.55 -1.21
N VAL J 40 -38.02 -19.22 -2.01
CA VAL J 40 -38.05 -20.68 -2.12
C VAL J 40 -37.14 -21.23 -3.24
N GLN J 41 -36.64 -20.32 -4.10
CA GLN J 41 -35.77 -20.65 -5.23
C GLN J 41 -34.55 -21.52 -4.91
N LYS J 42 -33.82 -21.13 -3.86
CA LYS J 42 -32.63 -21.85 -3.42
C LYS J 42 -32.94 -23.29 -2.97
N HIS J 43 -34.09 -23.46 -2.32
CA HIS J 43 -34.56 -24.76 -1.85
C HIS J 43 -34.89 -25.70 -3.01
N ILE J 44 -35.51 -25.16 -4.07
CA ILE J 44 -35.88 -25.93 -5.26
C ILE J 44 -34.61 -26.37 -6.01
N ASN J 45 -33.62 -25.48 -6.08
CA ASN J 45 -32.33 -25.76 -6.70
C ASN J 45 -31.63 -26.93 -6.01
N LYS J 46 -31.74 -26.97 -4.68
CA LYS J 46 -31.19 -28.03 -3.84
C LYS J 46 -31.93 -29.34 -4.13
N LEU J 47 -33.24 -29.25 -4.31
CA LEU J 47 -34.11 -30.40 -4.63
C LEU J 47 -33.78 -30.96 -6.03
N CYS J 48 -33.46 -30.05 -6.95
CA CYS J 48 -33.05 -30.41 -8.32
C CYS J 48 -31.72 -31.15 -8.26
N GLY J 49 -30.80 -30.64 -7.43
CA GLY J 49 -29.49 -31.20 -7.19
C GLY J 49 -29.54 -32.58 -6.57
N MET J 50 -30.53 -32.78 -5.69
CA MET J 50 -30.75 -34.07 -5.02
C MET J 50 -31.09 -35.16 -6.02
N LEU J 51 -31.90 -34.82 -7.03
CA LEU J 51 -32.27 -35.74 -8.10
C LEU J 51 -31.10 -36.00 -9.04
N LEU J 52 -30.26 -34.98 -9.22
CA LEU J 52 -29.08 -35.06 -10.08
C LEU J 52 -27.94 -35.89 -9.50
N ILE J 53 -27.82 -35.92 -8.17
CA ILE J 53 -26.77 -36.72 -7.51
C ILE J 53 -27.19 -38.18 -7.34
N THR J 54 -28.51 -38.41 -7.32
CA THR J 54 -29.09 -39.74 -7.16
C THR J 54 -28.85 -40.64 -8.37
N GLU J 55 -28.09 -41.71 -8.13
CA GLU J 55 -27.79 -42.72 -9.15
C GLU J 55 -29.08 -43.50 -9.39
N ASP J 56 -29.49 -43.57 -10.66
CA ASP J 56 -30.75 -44.22 -11.09
C ASP J 56 -31.95 -43.61 -10.35
N ALA J 57 -32.07 -42.29 -10.49
CA ALA J 57 -33.11 -41.49 -9.84
C ALA J 57 -34.49 -41.68 -10.47
N ASN J 58 -35.52 -41.46 -9.64
CA ASN J 58 -36.90 -41.52 -10.08
C ASN J 58 -37.31 -40.13 -10.56
N HIS J 59 -37.26 -39.95 -11.89
CA HIS J 59 -37.58 -38.68 -12.53
C HIS J 59 -39.06 -38.50 -12.87
N LYS J 60 -39.93 -39.08 -12.04
CA LYS J 60 -41.39 -38.99 -12.21
C LYS J 60 -41.89 -37.58 -11.93
N PHE J 61 -41.18 -36.89 -11.04
CA PHE J 61 -41.57 -35.55 -10.57
C PHE J 61 -40.66 -34.41 -11.04
N THR J 62 -39.60 -34.75 -11.75
CA THR J 62 -38.61 -33.79 -12.27
C THR J 62 -39.18 -32.73 -13.22
N GLY J 63 -40.17 -33.12 -14.02
CA GLY J 63 -40.86 -32.21 -14.95
C GLY J 63 -41.59 -31.12 -14.18
N LEU J 64 -42.26 -31.53 -13.10
CA LEU J 64 -43.00 -30.62 -12.23
C LEU J 64 -42.04 -29.78 -11.35
N ILE J 65 -41.00 -30.42 -10.83
CA ILE J 65 -39.97 -29.76 -10.00
C ILE J 65 -39.23 -28.71 -10.84
N GLY J 66 -38.95 -29.04 -12.09
CA GLY J 66 -38.33 -28.16 -13.07
C GLY J 66 -39.17 -26.92 -13.29
N MET J 67 -40.49 -27.13 -13.41
CA MET J 67 -41.45 -26.04 -13.56
C MET J 67 -41.51 -25.12 -12.35
N LEU J 68 -41.39 -25.72 -11.16
CA LEU J 68 -41.38 -24.98 -9.91
C LEU J 68 -40.15 -24.08 -9.81
N TYR J 69 -39.01 -24.57 -10.29
CA TYR J 69 -37.77 -23.78 -10.31
C TYR J 69 -37.88 -22.60 -11.26
N ALA J 70 -38.48 -22.82 -12.42
CA ALA J 70 -38.69 -21.78 -13.43
C ALA J 70 -39.63 -20.71 -12.88
N MET J 71 -40.63 -21.14 -12.13
CA MET J 71 -41.61 -20.25 -11.50
C MET J 71 -40.99 -19.46 -10.34
N SER J 72 -40.08 -20.10 -9.61
CA SER J 72 -39.38 -19.47 -8.48
C SER J 72 -38.37 -18.42 -8.95
N ARG J 73 -37.90 -18.58 -10.20
CA ARG J 73 -37.00 -17.63 -10.83
C ARG J 73 -37.79 -16.41 -11.29
N LEU J 74 -39.01 -16.65 -11.80
CA LEU J 74 -39.93 -15.60 -12.23
C LEU J 74 -40.49 -14.86 -11.01
N GLY J 75 -40.78 -15.61 -9.94
CA GLY J 75 -41.31 -15.11 -8.68
C GLY J 75 -42.81 -14.93 -8.72
N ARG J 76 -43.49 -15.41 -7.67
CA ARG J 76 -44.96 -15.38 -7.50
C ARG J 76 -45.74 -14.35 -8.33
N GLU J 77 -45.42 -13.06 -8.14
CA GLU J 77 -46.08 -11.95 -8.84
C GLU J 77 -46.09 -12.09 -10.36
N ASP J 78 -44.90 -12.29 -10.94
CA ASP J 78 -44.74 -12.46 -12.39
C ASP J 78 -45.37 -13.74 -12.93
N THR J 79 -45.17 -14.86 -12.25
CA THR J 79 -45.78 -16.14 -12.68
C THR J 79 -47.31 -16.10 -12.73
N ILE J 80 -47.95 -15.46 -11.74
CA ILE J 80 -49.41 -15.26 -11.70
C ILE J 80 -49.82 -14.40 -12.90
N LYS J 81 -49.05 -13.34 -13.16
CA LYS J 81 -49.27 -12.43 -14.29
C LYS J 81 -49.22 -13.17 -15.63
N ILE J 82 -48.22 -14.06 -15.80
CA ILE J 82 -48.08 -14.84 -17.04
C ILE J 82 -49.23 -15.82 -17.24
N LEU J 83 -49.74 -16.38 -16.13
CA LEU J 83 -50.86 -17.31 -16.15
C LEU J 83 -52.17 -16.59 -16.51
N ARG J 84 -52.35 -15.39 -15.97
CA ARG J 84 -53.53 -14.58 -16.24
C ARG J 84 -53.53 -14.00 -17.64
N ASP J 85 -52.37 -13.57 -18.11
CA ASP J 85 -52.20 -13.03 -19.47
C ASP J 85 -52.40 -14.09 -20.54
N ALA J 86 -52.09 -15.34 -20.19
CA ALA J 86 -52.25 -16.49 -21.09
C ALA J 86 -53.73 -16.85 -21.28
N GLY J 87 -54.55 -16.48 -20.30
CA GLY J 87 -56.00 -16.71 -20.30
C GLY J 87 -56.46 -17.77 -19.32
N TYR J 88 -55.83 -17.82 -18.15
CA TYR J 88 -56.17 -18.80 -17.12
C TYR J 88 -56.58 -18.20 -15.79
N HIS J 89 -57.59 -18.84 -15.17
CA HIS J 89 -58.10 -18.46 -13.86
C HIS J 89 -57.25 -19.23 -12.85
N VAL J 90 -56.47 -18.49 -12.06
CA VAL J 90 -55.55 -19.11 -11.11
C VAL J 90 -55.77 -18.95 -9.61
N LYS J 91 -55.83 -20.10 -8.93
CA LYS J 91 -55.93 -20.16 -7.48
C LYS J 91 -54.49 -20.44 -7.04
N ALA J 92 -53.79 -19.37 -6.71
CA ALA J 92 -52.38 -19.43 -6.34
C ALA J 92 -52.13 -20.05 -4.98
N ASN J 93 -51.20 -20.99 -4.94
CA ASN J 93 -50.78 -21.66 -3.71
C ASN J 93 -49.41 -21.13 -3.31
N GLY J 94 -49.33 -20.58 -2.09
CA GLY J 94 -48.10 -20.03 -1.55
C GLY J 94 -47.17 -21.11 -1.06
N VAL J 95 -45.96 -21.13 -1.61
CA VAL J 95 -44.95 -22.12 -1.26
C VAL J 95 -44.05 -21.58 -0.14
N ASP J 96 -44.07 -22.29 0.99
CA ASP J 96 -43.28 -21.95 2.17
C ASP J 96 -42.46 -23.15 2.64
N VAL J 97 -41.34 -22.87 3.31
CA VAL J 97 -40.47 -23.93 3.83
C VAL J 97 -40.88 -24.27 5.27
N THR J 98 -41.12 -25.55 5.52
CA THR J 98 -41.50 -26.07 6.84
C THR J 98 -40.65 -27.29 7.18
N THR J 99 -40.39 -27.47 8.47
CA THR J 99 -39.60 -28.60 8.96
C THR J 99 -40.54 -29.76 9.32
N HIS J 100 -40.30 -30.91 8.69
CA HIS J 100 -41.10 -32.10 8.92
C HIS J 100 -40.31 -33.17 9.66
N ARG J 101 -40.87 -33.64 10.77
CA ARG J 101 -40.25 -34.68 11.59
C ARG J 101 -40.93 -36.02 11.36
N GLN J 102 -40.15 -36.98 10.89
CA GLN J 102 -40.63 -38.34 10.61
C GLN J 102 -39.55 -39.36 10.96
N ASP J 103 -39.95 -40.42 11.65
CA ASP J 103 -39.03 -41.48 12.06
C ASP J 103 -38.81 -42.56 10.99
N ILE J 104 -37.71 -42.40 10.26
CA ILE J 104 -37.30 -43.32 9.20
C ILE J 104 -36.29 -44.30 9.81
N ASN J 105 -36.64 -45.59 9.73
CA ASN J 105 -35.86 -46.70 10.30
C ASN J 105 -35.66 -46.61 11.81
N GLY J 106 -36.73 -46.19 12.50
CA GLY J 106 -36.75 -46.01 13.95
C GLY J 106 -36.30 -44.64 14.43
N LYS J 107 -35.17 -44.18 13.89
CA LYS J 107 -34.56 -42.89 14.23
C LYS J 107 -35.38 -41.72 13.67
N GLU J 108 -35.78 -40.81 14.57
CA GLU J 108 -36.55 -39.62 14.20
C GLU J 108 -35.66 -38.65 13.44
N MET J 109 -36.10 -38.29 12.23
CA MET J 109 -35.35 -37.40 11.33
C MET J 109 -36.08 -36.11 10.96
N LYS J 110 -35.29 -35.06 10.74
CA LYS J 110 -35.82 -33.75 10.33
C LYS J 110 -35.57 -33.51 8.85
N PHE J 111 -36.57 -32.92 8.19
CA PHE J 111 -36.51 -32.60 6.77
C PHE J 111 -37.08 -31.24 6.46
N GLU J 112 -36.43 -30.52 5.57
CA GLU J 112 -36.90 -29.21 5.12
C GLU J 112 -37.73 -29.44 3.86
N VAL J 113 -39.04 -29.29 3.99
CA VAL J 113 -39.98 -29.50 2.89
C VAL J 113 -40.74 -28.25 2.48
N LEU J 114 -41.31 -28.28 1.28
CA LEU J 114 -42.09 -27.17 0.74
C LEU J 114 -43.58 -27.47 0.81
N THR J 115 -44.37 -26.43 1.09
CA THR J 115 -45.82 -26.55 1.15
C THR J 115 -46.39 -26.50 -0.27
N LEU J 116 -46.32 -27.64 -0.93
CA LEU J 116 -46.77 -27.81 -2.31
C LEU J 116 -48.00 -28.70 -2.40
N ALA J 117 -48.91 -28.32 -3.30
CA ALA J 117 -50.13 -29.08 -3.55
C ALA J 117 -49.84 -30.20 -4.54
N SER J 118 -49.06 -29.86 -5.58
CA SER J 118 -48.65 -30.79 -6.64
C SER J 118 -47.69 -31.87 -6.16
N LEU J 119 -46.88 -31.53 -5.14
CA LEU J 119 -45.89 -32.46 -4.59
C LEU J 119 -46.10 -32.73 -3.10
N THR J 120 -46.28 -34.01 -2.77
CA THR J 120 -46.50 -34.46 -1.40
C THR J 120 -45.23 -34.32 -0.57
N THR J 121 -45.39 -34.05 0.72
CA THR J 121 -44.28 -33.95 1.67
C THR J 121 -43.63 -35.32 1.86
N GLU J 122 -44.44 -36.36 1.67
CA GLU J 122 -44.01 -37.76 1.78
C GLU J 122 -43.10 -38.12 0.60
N ILE J 123 -43.38 -37.56 -0.57
CA ILE J 123 -42.56 -37.83 -1.76
C ILE J 123 -41.30 -36.96 -1.81
N GLN J 124 -41.38 -35.79 -1.18
CA GLN J 124 -40.28 -34.84 -1.09
C GLN J 124 -39.15 -35.38 -0.22
N ILE J 125 -39.52 -36.01 0.91
CA ILE J 125 -38.56 -36.60 1.85
C ILE J 125 -37.83 -37.78 1.23
N ASN J 126 -38.53 -38.53 0.38
CA ASN J 126 -37.98 -39.68 -0.33
C ASN J 126 -36.91 -39.30 -1.35
N ILE J 127 -37.02 -38.09 -1.91
CA ILE J 127 -36.03 -37.55 -2.85
C ILE J 127 -34.74 -37.27 -2.07
N GLU J 128 -34.89 -36.70 -0.87
CA GLU J 128 -33.78 -36.39 0.03
C GLU J 128 -33.16 -37.67 0.60
N ILE J 129 -34.01 -38.65 0.93
CA ILE J 129 -33.58 -39.94 1.47
C ILE J 129 -32.67 -40.70 0.48
N GLU J 130 -33.14 -40.83 -0.76
CA GLU J 130 -32.39 -41.53 -1.82
C GLU J 130 -31.13 -40.78 -2.27
N SER J 131 -31.14 -39.45 -2.12
CA SER J 131 -29.99 -38.62 -2.48
C SER J 131 -28.86 -38.79 -1.46
N ARG J 132 -29.24 -38.86 -0.18
CA ARG J 132 -28.31 -39.06 0.94
C ARG J 132 -27.58 -40.41 0.81
N LYS J 133 -28.30 -41.41 0.32
CA LYS J 133 -27.76 -42.75 0.06
C LYS J 133 -26.69 -42.67 -1.03
N SER J 134 -27.01 -41.95 -2.11
CA SER J 134 -26.11 -41.74 -3.24
C SER J 134 -24.95 -40.83 -2.89
N TYR J 135 -25.15 -39.94 -1.92
CA TYR J 135 -24.13 -39.00 -1.46
C TYR J 135 -23.09 -39.70 -0.60
N LYS J 136 -23.54 -40.57 0.31
CA LYS J 136 -22.63 -41.30 1.20
C LYS J 136 -21.80 -42.35 0.44
N LYS J 137 -22.38 -42.89 -0.63
CA LYS J 137 -21.72 -43.85 -1.52
C LYS J 137 -20.66 -43.11 -2.33
N MET J 138 -20.98 -41.87 -2.71
CA MET J 138 -20.10 -40.98 -3.46
C MET J 138 -18.95 -40.48 -2.57
N LEU J 139 -19.26 -40.25 -1.29
CA LEU J 139 -18.28 -39.81 -0.30
C LEU J 139 -17.30 -40.93 0.05
N LYS J 140 -17.78 -42.18 -0.04
CA LYS J 140 -16.98 -43.38 0.22
C LYS J 140 -16.04 -43.67 -0.94
N GLU J 141 -16.45 -43.29 -2.16
CA GLU J 141 -15.67 -43.50 -3.38
C GLU J 141 -14.57 -42.49 -3.64
N MET J 142 -14.85 -41.21 -3.38
CA MET J 142 -13.88 -40.13 -3.64
C MET J 142 -13.35 -39.37 -2.41
N GLY J 143 -13.76 -39.79 -1.22
CA GLY J 143 -13.33 -39.19 0.03
C GLY J 143 -14.01 -37.86 0.30
N GLU J 144 -13.61 -36.85 -0.46
CA GLU J 144 -14.15 -35.50 -0.37
C GLU J 144 -14.88 -35.16 -1.68
N VAL J 145 -16.11 -34.67 -1.57
CA VAL J 145 -16.93 -34.32 -2.73
C VAL J 145 -16.77 -32.85 -3.15
N ALA J 146 -16.30 -32.67 -4.38
CA ALA J 146 -16.05 -31.36 -4.99
C ALA J 146 -17.35 -30.55 -5.18
N PRO J 147 -17.25 -29.20 -5.27
CA PRO J 147 -18.44 -28.36 -5.48
C PRO J 147 -19.23 -28.66 -6.77
N GLU J 148 -18.54 -29.21 -7.77
CA GLU J 148 -19.13 -29.56 -9.06
C GLU J 148 -20.03 -30.80 -8.99
N TYR J 149 -19.67 -31.73 -8.12
CA TYR J 149 -20.38 -33.01 -7.96
C TYR J 149 -21.56 -33.00 -6.98
N ARG J 150 -21.67 -31.93 -6.18
CA ARG J 150 -22.71 -31.81 -5.16
C ARG J 150 -24.03 -31.14 -5.58
N HIS J 151 -25.06 -31.38 -4.77
CA HIS J 151 -26.42 -30.86 -4.95
C HIS J 151 -26.56 -29.34 -4.69
N ASP J 152 -25.61 -28.78 -3.93
CA ASP J 152 -25.59 -27.36 -3.56
C ASP J 152 -25.40 -26.42 -4.74
N SER J 153 -24.65 -26.87 -5.75
CA SER J 153 -24.31 -26.10 -6.95
C SER J 153 -25.47 -25.33 -7.55
N PRO J 154 -25.26 -24.03 -7.87
CA PRO J 154 -26.30 -23.17 -8.46
C PRO J 154 -26.76 -23.58 -9.86
N ASP J 155 -25.93 -24.38 -10.53
CA ASP J 155 -26.21 -24.88 -11.88
C ASP J 155 -27.35 -25.90 -11.92
N CYS J 156 -27.48 -26.68 -10.84
CA CYS J 156 -28.47 -27.75 -10.70
C CYS J 156 -29.86 -27.55 -11.29
N GLY J 157 -30.55 -26.49 -10.86
CA GLY J 157 -31.87 -26.16 -11.35
C GLY J 157 -31.89 -25.94 -12.84
N MET J 158 -30.94 -25.14 -13.32
CA MET J 158 -30.79 -24.83 -14.75
C MET J 158 -30.36 -25.99 -15.62
N ILE J 159 -29.62 -26.95 -15.03
CA ILE J 159 -29.19 -28.16 -15.72
C ILE J 159 -30.43 -28.97 -16.10
N ILE J 160 -31.35 -29.09 -15.15
CA ILE J 160 -32.64 -29.78 -15.36
C ILE J 160 -33.47 -29.05 -16.43
N LEU J 161 -33.49 -27.71 -16.35
CA LEU J 161 -34.21 -26.90 -17.32
C LEU J 161 -33.58 -26.87 -18.71
N CYS J 162 -32.34 -27.34 -18.81
CA CYS J 162 -31.63 -27.44 -20.09
C CYS J 162 -32.24 -28.52 -20.98
N ILE J 163 -32.62 -29.66 -20.37
CA ILE J 163 -33.30 -30.71 -21.12
C ILE J 163 -34.77 -30.37 -21.37
N ALA J 164 -35.31 -29.47 -20.55
CA ALA J 164 -36.68 -28.95 -20.72
C ALA J 164 -36.73 -28.07 -21.98
N ALA J 165 -35.61 -27.38 -22.24
CA ALA J 165 -35.44 -26.54 -23.42
C ALA J 165 -35.31 -27.42 -24.67
N LEU J 166 -34.74 -28.62 -24.49
CA LEU J 166 -34.59 -29.59 -25.57
C LEU J 166 -35.93 -30.24 -25.91
N VAL J 167 -36.76 -30.46 -24.89
CA VAL J 167 -38.11 -31.03 -25.05
C VAL J 167 -38.96 -30.01 -25.82
N ILE J 168 -38.86 -28.74 -25.41
CA ILE J 168 -39.56 -27.62 -26.03
C ILE J 168 -39.15 -27.45 -27.51
N THR J 169 -37.91 -27.83 -27.81
CA THR J 169 -37.33 -27.79 -29.15
C THR J 169 -38.03 -28.73 -30.13
N LYS J 170 -38.47 -29.89 -29.60
CA LYS J 170 -39.13 -30.93 -30.39
C LYS J 170 -40.64 -31.11 -30.12
N LEU J 171 -41.26 -30.12 -29.48
CA LEU J 171 -42.71 -30.16 -29.18
C LEU J 171 -43.60 -29.94 -30.41
N ALA J 172 -43.02 -29.37 -31.47
CA ALA J 172 -43.72 -29.08 -32.73
C ALA J 172 -44.31 -30.33 -33.40
N ALA J 173 -43.65 -31.47 -33.20
CA ALA J 173 -44.10 -32.76 -33.72
C ALA J 173 -45.37 -33.24 -32.98
N GLY J 174 -45.45 -32.87 -31.68
CA GLY J 174 -46.55 -33.15 -30.78
C GLY J 174 -46.89 -34.61 -30.53
N ASP J 175 -45.87 -35.46 -30.44
CA ASP J 175 -46.08 -36.91 -30.21
C ASP J 175 -44.92 -37.65 -29.52
N ARG J 176 -44.01 -36.91 -28.90
CA ARG J 176 -42.82 -37.46 -28.21
C ARG J 176 -41.81 -38.15 -29.14
N SER J 177 -41.97 -37.96 -30.45
CA SER J 177 -41.10 -38.55 -31.46
C SER J 177 -39.67 -37.99 -31.39
N GLY J 178 -39.57 -36.72 -30.99
CA GLY J 178 -38.31 -36.01 -30.85
C GLY J 178 -37.39 -36.50 -29.74
N LEU J 179 -37.93 -37.28 -28.80
CA LEU J 179 -37.20 -37.85 -27.66
C LEU J 179 -35.79 -38.38 -27.96
N THR J 180 -35.67 -39.10 -29.09
CA THR J 180 -34.39 -39.65 -29.54
C THR J 180 -33.36 -38.55 -29.78
N ALA J 181 -33.80 -37.49 -30.48
CA ALA J 181 -32.98 -36.31 -30.76
C ALA J 181 -32.69 -35.52 -29.48
N VAL J 182 -33.67 -35.50 -28.58
CA VAL J 182 -33.56 -34.81 -27.28
C VAL J 182 -32.42 -35.44 -26.47
N ILE J 183 -32.40 -36.77 -26.42
CA ILE J 183 -31.35 -37.53 -25.72
C ILE J 183 -30.00 -37.33 -26.41
N ARG J 184 -29.98 -37.51 -27.74
CA ARG J 184 -28.80 -37.34 -28.58
C ARG J 184 -28.09 -36.00 -28.31
N ARG J 185 -28.84 -34.91 -28.41
CA ARG J 185 -28.33 -33.56 -28.18
C ARG J 185 -27.90 -33.30 -26.74
N ALA J 186 -28.63 -33.91 -25.79
CA ALA J 186 -28.33 -33.81 -24.35
C ALA J 186 -27.01 -34.48 -24.00
N ASN J 187 -26.49 -35.27 -24.94
CA ASN J 187 -25.22 -35.97 -24.79
C ASN J 187 -24.06 -35.20 -25.43
N ASN J 188 -24.32 -34.61 -26.60
CA ASN J 188 -23.32 -33.80 -27.35
C ASN J 188 -23.07 -32.50 -26.58
N VAL J 189 -24.16 -31.75 -26.36
CA VAL J 189 -24.18 -30.54 -25.53
C VAL J 189 -24.41 -31.15 -24.15
N LEU J 190 -24.10 -30.42 -23.07
CA LEU J 190 -24.35 -30.89 -21.70
C LEU J 190 -23.56 -32.15 -21.29
N LYS J 191 -22.44 -32.41 -21.97
CA LYS J 191 -21.59 -33.58 -21.70
C LYS J 191 -20.84 -33.51 -20.38
N ASN J 192 -20.33 -32.31 -20.06
CA ASN J 192 -19.61 -32.05 -18.82
C ASN J 192 -20.54 -32.15 -17.60
N GLU J 193 -21.80 -31.74 -17.80
CA GLU J 193 -22.84 -31.75 -16.77
C GLU J 193 -23.23 -33.19 -16.40
N MET J 194 -23.22 -34.07 -17.40
CA MET J 194 -23.54 -35.49 -17.23
C MET J 194 -22.43 -36.23 -16.47
N LYS J 195 -21.20 -35.73 -16.60
CA LYS J 195 -20.03 -36.28 -15.92
C LYS J 195 -20.13 -36.03 -14.41
N ARG J 196 -20.51 -34.81 -14.04
CA ARG J 196 -20.65 -34.42 -12.64
C ARG J 196 -21.90 -34.93 -11.92
N TYR J 197 -22.95 -35.23 -12.69
CA TYR J 197 -24.20 -35.72 -12.12
C TYR J 197 -24.69 -37.07 -12.63
N LYS J 198 -24.67 -38.06 -11.73
CA LYS J 198 -25.10 -39.44 -12.00
C LYS J 198 -26.57 -39.55 -12.38
N GLY J 199 -27.39 -38.64 -11.84
CA GLY J 199 -28.83 -38.57 -12.05
C GLY J 199 -29.29 -37.80 -13.26
N LEU J 200 -28.35 -37.30 -14.07
CA LEU J 200 -28.71 -36.61 -15.30
C LEU J 200 -28.99 -37.66 -16.36
N LEU J 201 -30.23 -38.14 -16.36
CA LEU J 201 -30.70 -39.18 -17.27
C LEU J 201 -31.61 -38.50 -18.31
N PRO J 202 -31.05 -38.10 -19.47
CA PRO J 202 -31.83 -37.41 -20.51
C PRO J 202 -33.20 -38.01 -20.81
N LYS J 203 -33.25 -39.32 -21.08
CA LYS J 203 -34.50 -40.03 -21.36
C LYS J 203 -35.55 -39.87 -20.25
N ASP J 204 -35.13 -40.10 -19.01
CA ASP J 204 -36.00 -40.02 -17.84
C ASP J 204 -36.54 -38.61 -17.56
N ILE J 205 -35.66 -37.62 -17.62
CA ILE J 205 -36.03 -36.22 -17.40
C ILE J 205 -36.86 -35.66 -18.56
N ALA J 206 -36.47 -36.01 -19.79
CA ALA J 206 -37.18 -35.56 -21.00
C ALA J 206 -38.62 -36.05 -21.06
N ASN J 207 -38.85 -37.29 -20.63
CA ASN J 207 -40.18 -37.87 -20.58
C ASN J 207 -41.04 -37.18 -19.53
N SER J 208 -40.41 -36.80 -18.41
CA SER J 208 -41.07 -36.10 -17.31
C SER J 208 -41.60 -34.74 -17.76
N PHE J 209 -40.77 -34.02 -18.53
CA PHE J 209 -41.15 -32.72 -19.08
C PHE J 209 -42.21 -32.86 -20.17
N TYR J 210 -42.07 -33.89 -21.01
CA TYR J 210 -43.04 -34.22 -22.05
C TYR J 210 -44.42 -34.45 -21.40
N GLU J 211 -44.42 -35.19 -20.28
CA GLU J 211 -45.62 -35.49 -19.51
C GLU J 211 -46.26 -34.25 -18.90
N VAL J 212 -45.44 -33.39 -18.27
CA VAL J 212 -45.92 -32.16 -17.65
C VAL J 212 -46.52 -31.16 -18.65
N PHE J 213 -45.94 -31.10 -19.85
CA PHE J 213 -46.42 -30.24 -20.92
C PHE J 213 -47.70 -30.77 -21.57
N GLU J 214 -47.84 -32.10 -21.57
CA GLU J 214 -49.03 -32.77 -22.10
C GLU J 214 -50.19 -32.67 -21.12
N LYS J 215 -49.93 -32.95 -19.85
CA LYS J 215 -50.94 -32.90 -18.80
C LYS J 215 -51.35 -31.46 -18.42
N HIS J 216 -50.36 -30.55 -18.41
CA HIS J 216 -50.61 -29.15 -18.06
C HIS J 216 -50.10 -28.22 -19.16
N PRO J 217 -50.96 -27.93 -20.17
CA PRO J 217 -50.59 -27.07 -21.30
C PRO J 217 -50.25 -25.62 -20.92
N HIS J 218 -50.72 -25.18 -19.76
CA HIS J 218 -50.45 -23.84 -19.25
C HIS J 218 -48.99 -23.72 -18.80
N PHE J 219 -48.38 -24.84 -18.42
CA PHE J 219 -46.99 -24.89 -18.00
C PHE J 219 -46.03 -24.68 -19.15
N ILE J 220 -46.47 -25.02 -20.36
CA ILE J 220 -45.67 -24.79 -21.56
C ILE J 220 -45.59 -23.28 -21.83
N ASP J 221 -46.68 -22.57 -21.55
CA ASP J 221 -46.76 -21.11 -21.66
C ASP J 221 -45.84 -20.49 -20.60
N VAL J 222 -45.86 -21.08 -19.41
CA VAL J 222 -45.03 -20.65 -18.29
C VAL J 222 -43.55 -20.81 -18.63
N PHE J 223 -43.19 -21.99 -19.15
CA PHE J 223 -41.80 -22.27 -19.54
C PHE J 223 -41.28 -21.38 -20.66
N VAL J 224 -42.09 -21.21 -21.72
CA VAL J 224 -41.72 -20.38 -22.87
C VAL J 224 -41.45 -18.94 -22.41
N HIS J 225 -42.36 -18.41 -21.58
CA HIS J 225 -42.21 -17.06 -21.03
C HIS J 225 -41.08 -16.92 -20.03
N PHE J 226 -40.75 -18.01 -19.34
CA PHE J 226 -39.61 -18.03 -18.42
C PHE J 226 -38.33 -17.97 -19.26
N GLY J 227 -38.26 -18.82 -20.28
CA GLY J 227 -37.13 -18.93 -21.20
C GLY J 227 -36.78 -17.61 -21.85
N ILE J 228 -37.81 -16.86 -22.26
CA ILE J 228 -37.66 -15.54 -22.87
C ILE J 228 -37.12 -14.56 -21.81
N ALA J 229 -37.71 -14.61 -20.61
CA ALA J 229 -37.32 -13.77 -19.47
C ALA J 229 -35.88 -14.05 -19.03
N GLN J 230 -35.51 -15.33 -19.08
CA GLN J 230 -34.17 -15.81 -18.75
C GLN J 230 -33.21 -15.34 -19.84
N SER J 231 -33.64 -15.44 -21.10
CA SER J 231 -32.83 -15.01 -22.23
C SER J 231 -32.74 -13.48 -22.41
N SER J 232 -33.46 -12.75 -21.56
CA SER J 232 -33.45 -11.28 -21.54
C SER J 232 -32.35 -10.74 -20.61
N THR J 233 -31.74 -11.65 -19.86
CA THR J 233 -30.67 -11.36 -18.90
C THR J 233 -29.44 -10.71 -19.55
N ARG J 234 -28.68 -9.97 -18.74
CA ARG J 234 -27.47 -9.27 -19.17
C ARG J 234 -26.27 -10.22 -19.35
N GLY J 235 -26.21 -11.24 -18.51
CA GLY J 235 -25.18 -12.26 -18.46
C GLY J 235 -25.54 -13.36 -17.48
N GLY J 236 -24.63 -14.30 -17.28
CA GLY J 236 -24.82 -15.40 -16.36
C GLY J 236 -23.76 -16.48 -16.43
N SER J 237 -24.10 -17.65 -15.90
CA SER J 237 -23.21 -18.81 -15.89
C SER J 237 -23.16 -19.45 -17.27
N ARG J 238 -22.23 -20.40 -17.46
CA ARG J 238 -22.11 -21.11 -18.73
C ARG J 238 -23.29 -22.03 -18.98
N VAL J 239 -23.84 -22.60 -17.90
CA VAL J 239 -25.03 -23.48 -17.93
C VAL J 239 -26.25 -22.66 -18.34
N GLU J 240 -26.30 -21.41 -17.86
CA GLU J 240 -27.36 -20.46 -18.21
C GLU J 240 -27.24 -20.03 -19.68
N GLY J 241 -26.00 -20.04 -20.19
CA GLY J 241 -25.69 -19.74 -21.58
C GLY J 241 -26.10 -20.89 -22.49
N ILE J 242 -25.88 -22.12 -22.00
CA ILE J 242 -26.25 -23.35 -22.71
C ILE J 242 -27.77 -23.37 -22.85
N PHE J 243 -28.47 -23.12 -21.75
CA PHE J 243 -29.94 -23.07 -21.71
C PHE J 243 -30.47 -22.08 -22.74
N ALA J 244 -29.95 -20.86 -22.70
CA ALA J 244 -30.35 -19.77 -23.59
C ALA J 244 -30.21 -20.14 -25.06
N GLY J 245 -29.11 -20.84 -25.38
CA GLY J 245 -28.80 -21.32 -26.72
C GLY J 245 -29.76 -22.40 -27.15
N LEU J 246 -29.97 -23.39 -26.27
CA LEU J 246 -30.89 -24.50 -26.50
C LEU J 246 -32.35 -24.05 -26.59
N PHE J 247 -32.71 -23.06 -25.79
CA PHE J 247 -34.06 -22.49 -25.80
C PHE J 247 -34.32 -21.75 -27.11
N MET J 248 -33.30 -21.06 -27.61
CA MET J 248 -33.40 -20.34 -28.87
C MET J 248 -33.43 -21.23 -30.12
N ASN J 249 -33.05 -22.49 -29.94
CA ASN J 249 -33.10 -23.49 -31.01
C ASN J 249 -34.56 -23.83 -31.31
N ALA J 250 -35.43 -23.62 -30.31
CA ALA J 250 -36.86 -23.84 -30.43
C ALA J 250 -37.56 -22.77 -31.27
N TYR J 251 -36.99 -21.58 -31.34
CA TYR J 251 -37.55 -20.48 -32.13
C TYR J 251 -37.68 -20.91 -33.59
N GLY J 252 -38.92 -20.87 -34.09
CA GLY J 252 -39.25 -21.23 -35.45
C GLY J 252 -39.58 -22.71 -35.66
N ALA J 253 -39.90 -23.41 -34.58
CA ALA J 253 -40.28 -24.83 -34.67
C ALA J 253 -41.72 -24.93 -35.15
N GLY J 254 -41.97 -25.88 -36.05
CA GLY J 254 -43.27 -26.10 -36.65
C GLY J 254 -43.46 -25.19 -37.85
N GLN J 255 -42.37 -24.56 -38.28
CA GLN J 255 -42.37 -23.64 -39.42
C GLN J 255 -41.04 -23.69 -40.18
N VAL J 256 -40.55 -24.92 -40.39
CA VAL J 256 -39.31 -25.17 -41.11
C VAL J 256 -39.43 -24.87 -42.61
N MET J 257 -40.65 -25.07 -43.13
CA MET J 257 -40.95 -24.82 -44.53
C MET J 257 -40.76 -23.35 -44.92
N LEU J 258 -41.01 -22.47 -43.95
CA LEU J 258 -40.85 -21.02 -44.09
C LEU J 258 -39.37 -20.67 -44.31
N ARG J 259 -38.51 -21.32 -43.54
CA ARG J 259 -37.06 -21.10 -43.63
C ARG J 259 -36.45 -21.78 -44.85
N TRP J 260 -36.97 -22.95 -45.19
CA TRP J 260 -36.53 -23.70 -46.37
C TRP J 260 -36.96 -23.02 -47.67
N GLY J 261 -38.03 -22.23 -47.58
CA GLY J 261 -38.56 -21.43 -48.68
C GLY J 261 -37.61 -20.30 -49.03
N VAL J 262 -37.05 -19.68 -47.99
CA VAL J 262 -36.07 -18.60 -48.15
C VAL J 262 -34.78 -19.18 -48.73
N LEU J 263 -34.45 -20.41 -48.33
CA LEU J 263 -33.27 -21.13 -48.83
C LEU J 263 -33.36 -21.39 -50.33
N ALA J 264 -34.52 -21.89 -50.77
CA ALA J 264 -34.81 -22.18 -52.17
C ALA J 264 -34.63 -20.94 -53.05
N LYS J 265 -35.06 -19.79 -52.51
CA LYS J 265 -34.94 -18.48 -53.16
C LYS J 265 -33.46 -18.07 -53.18
N SER J 266 -32.77 -18.27 -52.06
CA SER J 266 -31.36 -17.92 -51.89
C SER J 266 -30.42 -18.69 -52.82
N VAL J 267 -30.72 -19.98 -53.03
CA VAL J 267 -29.94 -20.85 -53.91
C VAL J 267 -30.39 -20.72 -55.37
N LYS J 268 -31.51 -20.01 -55.57
CA LYS J 268 -32.13 -19.74 -56.88
C LYS J 268 -32.52 -21.02 -57.62
N ASN J 269 -33.32 -21.86 -56.96
CA ASN J 269 -33.81 -23.11 -57.54
C ASN J 269 -34.76 -22.79 -58.69
N ILE J 270 -34.39 -23.24 -59.88
CA ILE J 270 -35.11 -23.01 -61.14
C ILE J 270 -36.62 -23.28 -61.10
N MET J 271 -37.01 -24.35 -60.40
CA MET J 271 -38.41 -24.76 -60.28
C MET J 271 -39.36 -23.77 -59.59
N LEU J 272 -38.80 -22.71 -59.01
CA LEU J 272 -39.58 -21.63 -58.37
C LEU J 272 -40.27 -20.77 -59.42
N GLY J 273 -39.69 -20.73 -60.63
CA GLY J 273 -40.19 -19.98 -61.76
C GLY J 273 -41.28 -20.68 -62.56
N HIS J 274 -41.58 -21.93 -62.18
CA HIS J 274 -42.61 -22.73 -62.84
C HIS J 274 -43.98 -22.06 -62.77
N ALA J 275 -44.76 -22.22 -63.84
CA ALA J 275 -46.09 -21.62 -63.98
C ALA J 275 -47.06 -21.86 -62.81
N SER J 276 -47.11 -23.09 -62.32
CA SER J 276 -47.99 -23.46 -61.20
C SER J 276 -47.50 -22.94 -59.85
N VAL J 277 -46.20 -22.68 -59.75
CA VAL J 277 -45.57 -22.14 -58.53
C VAL J 277 -45.79 -20.62 -58.52
N GLN J 278 -45.72 -20.01 -59.70
CA GLN J 278 -45.92 -18.57 -59.88
C GLN J 278 -47.36 -18.11 -59.59
N ALA J 279 -48.32 -19.02 -59.81
CA ALA J 279 -49.73 -18.76 -59.54
C ALA J 279 -50.00 -18.60 -58.04
N GLU J 280 -49.27 -19.34 -57.22
CA GLU J 280 -49.38 -19.31 -55.78
C GLU J 280 -48.67 -18.13 -55.14
N MET J 281 -47.66 -17.60 -55.84
CA MET J 281 -46.81 -16.49 -55.38
C MET J 281 -47.45 -15.31 -54.66
N GLU J 282 -48.59 -14.84 -55.19
CA GLU J 282 -49.35 -13.72 -54.62
C GLU J 282 -49.73 -14.03 -53.17
N GLN J 283 -50.18 -15.25 -52.93
CA GLN J 283 -50.61 -15.71 -51.62
C GLN J 283 -49.47 -16.17 -50.71
N VAL J 284 -48.37 -16.69 -51.28
CA VAL J 284 -47.21 -17.12 -50.46
C VAL J 284 -46.49 -15.91 -49.87
N VAL J 285 -46.53 -14.80 -50.58
CA VAL J 285 -45.93 -13.55 -50.13
C VAL J 285 -46.74 -13.02 -48.92
N GLU J 286 -48.06 -13.17 -48.99
CA GLU J 286 -48.98 -12.76 -47.91
C GLU J 286 -48.59 -13.37 -46.57
N VAL J 287 -48.30 -14.68 -46.57
CA VAL J 287 -47.87 -15.41 -45.36
C VAL J 287 -46.47 -14.99 -44.89
N TYR J 288 -45.55 -14.78 -45.84
CA TYR J 288 -44.21 -14.32 -45.53
C TYR J 288 -44.22 -12.92 -44.93
N GLU J 289 -45.06 -12.05 -45.49
CA GLU J 289 -45.26 -10.69 -45.00
C GLU J 289 -45.95 -10.70 -43.63
N TYR J 290 -46.81 -11.71 -43.42
CA TYR J 290 -47.50 -11.91 -42.15
C TYR J 290 -46.51 -12.36 -41.08
N ALA J 291 -45.59 -13.25 -41.47
CA ALA J 291 -44.52 -13.75 -40.60
C ALA J 291 -43.57 -12.62 -40.22
N GLN J 292 -43.31 -11.74 -41.19
CA GLN J 292 -42.47 -10.56 -41.03
C GLN J 292 -43.13 -9.57 -40.07
N LYS J 293 -44.45 -9.43 -40.21
CA LYS J 293 -45.27 -8.53 -39.38
C LYS J 293 -45.26 -8.94 -37.91
N LEU J 294 -45.48 -10.24 -37.64
CA LEU J 294 -45.51 -10.79 -36.29
C LEU J 294 -44.16 -10.70 -35.57
N GLY J 295 -43.08 -10.86 -36.32
CA GLY J 295 -41.72 -10.80 -35.82
C GLY J 295 -41.42 -11.94 -34.88
N GLY J 296 -40.81 -11.61 -33.74
CA GLY J 296 -40.42 -12.53 -32.69
C GLY J 296 -41.54 -13.34 -32.08
N GLU J 297 -42.73 -12.74 -32.03
CA GLU J 297 -43.95 -13.35 -31.49
C GLU J 297 -44.25 -14.72 -32.12
N ALA J 298 -44.08 -14.79 -33.44
CA ALA J 298 -44.34 -15.98 -34.26
C ALA J 298 -43.45 -17.19 -34.00
N GLY J 299 -42.28 -16.97 -33.39
CA GLY J 299 -41.30 -18.01 -33.09
C GLY J 299 -41.80 -19.19 -32.27
N PHE J 300 -42.62 -18.90 -31.26
CA PHE J 300 -43.15 -19.94 -30.39
C PHE J 300 -44.64 -20.26 -30.60
N TYR J 301 -45.15 -19.86 -31.78
CA TYR J 301 -46.53 -20.08 -32.18
C TYR J 301 -46.96 -21.55 -32.26
N HIS J 302 -46.03 -22.43 -32.58
CA HIS J 302 -46.32 -23.87 -32.67
C HIS J 302 -46.04 -24.60 -31.37
N ILE J 303 -45.01 -24.16 -30.65
CA ILE J 303 -44.61 -24.73 -29.36
C ILE J 303 -45.79 -24.58 -28.38
N LEU J 304 -46.23 -23.34 -28.16
CA LEU J 304 -47.46 -23.06 -27.42
C LEU J 304 -48.48 -23.27 -28.54
N ASN J 305 -49.57 -23.98 -28.29
CA ASN J 305 -50.53 -24.21 -29.37
C ASN J 305 -51.36 -22.97 -29.69
N ASN J 306 -50.67 -21.95 -30.22
CA ASN J 306 -51.27 -20.68 -30.62
C ASN J 306 -52.21 -20.95 -31.79
N PRO J 307 -53.44 -20.43 -31.73
CA PRO J 307 -54.46 -20.61 -32.77
C PRO J 307 -54.04 -20.10 -34.15
N LYS J 308 -53.28 -19.00 -34.15
CA LYS J 308 -52.80 -18.35 -35.37
C LYS J 308 -51.65 -19.11 -36.06
N ALA J 309 -51.13 -20.16 -35.42
CA ALA J 309 -50.03 -20.97 -35.97
C ALA J 309 -50.32 -21.56 -37.35
N SER J 310 -51.61 -21.86 -37.57
CA SER J 310 -52.10 -22.42 -38.84
C SER J 310 -51.92 -21.45 -40.00
N LEU J 311 -52.01 -20.16 -39.71
CA LEU J 311 -51.88 -19.08 -40.70
C LEU J 311 -50.50 -18.97 -41.34
N LEU J 312 -49.49 -19.50 -40.67
CA LEU J 312 -48.10 -19.50 -41.13
C LEU J 312 -47.75 -20.68 -42.05
N SER J 313 -48.74 -21.55 -42.31
CA SER J 313 -48.56 -22.73 -43.15
C SER J 313 -48.40 -22.42 -44.64
N LEU J 314 -47.46 -23.11 -45.26
CA LEU J 314 -47.20 -23.02 -46.70
C LEU J 314 -47.73 -24.27 -47.41
N THR J 315 -48.16 -25.25 -46.61
CA THR J 315 -48.75 -26.52 -47.07
C THR J 315 -50.00 -26.28 -47.92
N GLN J 316 -50.69 -25.17 -47.65
CA GLN J 316 -51.86 -24.73 -48.41
C GLN J 316 -51.53 -24.38 -49.88
N PHE J 317 -50.24 -24.32 -50.18
CA PHE J 317 -49.71 -24.06 -51.52
C PHE J 317 -48.91 -25.29 -51.97
N PRO J 318 -49.60 -26.31 -52.55
CA PRO J 318 -49.01 -27.58 -52.98
C PRO J 318 -47.77 -27.49 -53.88
N HIS J 319 -47.80 -26.58 -54.85
CA HIS J 319 -46.72 -26.40 -55.81
C HIS J 319 -45.44 -25.80 -55.20
N PHE J 320 -45.59 -24.68 -54.50
CA PHE J 320 -44.46 -24.00 -53.83
C PHE J 320 -43.83 -24.87 -52.75
N SER J 321 -44.67 -25.54 -51.96
CA SER J 321 -44.21 -26.44 -50.89
C SER J 321 -43.36 -27.59 -51.44
N SER J 322 -43.77 -28.11 -52.59
CA SER J 322 -43.10 -29.22 -53.28
C SER J 322 -41.69 -28.86 -53.77
N VAL J 323 -41.56 -27.70 -54.42
CA VAL J 323 -40.26 -27.22 -54.90
C VAL J 323 -39.33 -26.91 -53.72
N VAL J 324 -39.92 -26.34 -52.66
CA VAL J 324 -39.21 -26.02 -51.42
C VAL J 324 -38.70 -27.29 -50.73
N LEU J 325 -39.56 -28.31 -50.67
CA LEU J 325 -39.23 -29.61 -50.09
C LEU J 325 -38.21 -30.36 -50.95
N GLY J 326 -38.32 -30.19 -52.28
CA GLY J 326 -37.44 -30.78 -53.27
C GLY J 326 -36.03 -30.23 -53.12
N ASN J 327 -35.94 -28.90 -53.08
CA ASN J 327 -34.68 -28.18 -52.89
C ASN J 327 -33.97 -28.60 -51.60
N ALA J 328 -34.76 -28.81 -50.54
CA ALA J 328 -34.27 -29.26 -49.23
C ALA J 328 -33.72 -30.69 -49.29
N ALA J 329 -34.32 -31.51 -50.14
CA ALA J 329 -33.90 -32.90 -50.33
C ALA J 329 -32.65 -32.97 -51.22
N GLY J 330 -32.62 -32.13 -52.25
CA GLY J 330 -31.52 -32.03 -53.21
C GLY J 330 -30.25 -31.51 -52.57
N LEU J 331 -30.40 -30.60 -51.60
CA LEU J 331 -29.29 -30.04 -50.84
C LEU J 331 -28.91 -30.96 -49.68
N GLY J 332 -29.68 -32.04 -49.50
CA GLY J 332 -29.48 -33.06 -48.48
C GLY J 332 -29.63 -32.55 -47.07
N ILE J 333 -30.58 -31.65 -46.85
CA ILE J 333 -30.81 -31.05 -45.52
C ILE J 333 -32.00 -31.58 -44.72
N MET J 334 -32.89 -32.32 -45.40
CA MET J 334 -34.04 -32.95 -44.73
C MET J 334 -33.74 -34.41 -44.35
N GLY J 335 -34.74 -35.16 -43.91
CA GLY J 335 -34.59 -36.55 -43.53
C GLY J 335 -34.14 -36.70 -42.08
N GLU J 336 -34.92 -37.39 -41.24
CA GLU J 336 -36.19 -38.02 -41.62
C GLU J 336 -37.39 -37.10 -41.35
N TYR J 337 -37.50 -36.06 -42.17
CA TYR J 337 -38.59 -35.11 -42.10
C TYR J 337 -39.84 -35.77 -42.68
N ARG J 338 -40.88 -35.86 -41.85
CA ARG J 338 -42.14 -36.53 -42.23
C ARG J 338 -43.10 -35.72 -43.14
N GLY J 339 -42.55 -34.73 -43.83
CA GLY J 339 -43.29 -33.91 -44.77
C GLY J 339 -43.32 -34.56 -46.13
N THR J 340 -44.52 -34.62 -46.72
CA THR J 340 -44.73 -35.24 -48.03
C THR J 340 -45.11 -34.17 -49.06
N PRO J 341 -44.46 -34.19 -50.25
CA PRO J 341 -44.82 -33.21 -51.30
C PRO J 341 -46.14 -33.57 -51.98
N ARG J 342 -47.02 -32.57 -52.10
CA ARG J 342 -48.33 -32.75 -52.75
C ARG J 342 -48.19 -32.95 -54.27
N ASN J 343 -47.20 -32.28 -54.87
CA ASN J 343 -46.90 -32.41 -56.29
C ASN J 343 -45.55 -33.14 -56.38
N GLN J 344 -45.61 -34.41 -56.77
CA GLN J 344 -44.41 -35.25 -56.87
C GLN J 344 -43.45 -34.85 -57.98
N ASP J 345 -43.99 -34.49 -59.14
CA ASP J 345 -43.22 -34.08 -60.32
C ASP J 345 -42.36 -32.83 -60.08
N LEU J 346 -42.95 -31.85 -59.39
CA LEU J 346 -42.27 -30.60 -59.05
C LEU J 346 -41.17 -30.81 -58.01
N TYR J 347 -41.42 -31.74 -57.08
CA TYR J 347 -40.47 -32.10 -56.02
C TYR J 347 -39.23 -32.73 -56.64
N ASP J 348 -39.45 -33.73 -57.51
CA ASP J 348 -38.39 -34.47 -58.20
C ASP J 348 -37.54 -33.57 -59.09
N ALA J 349 -38.19 -32.61 -59.75
CA ALA J 349 -37.53 -31.64 -60.62
C ALA J 349 -36.67 -30.66 -59.82
N ALA J 350 -37.17 -30.26 -58.65
CA ALA J 350 -36.47 -29.35 -57.74
C ALA J 350 -35.31 -30.04 -57.04
N LYS J 351 -35.51 -31.31 -56.68
CA LYS J 351 -34.49 -32.14 -56.04
C LYS J 351 -33.31 -32.35 -56.99
N ALA J 352 -33.63 -32.58 -58.26
CA ALA J 352 -32.64 -32.78 -59.32
C ALA J 352 -31.77 -31.54 -59.56
N TYR J 353 -32.42 -30.38 -59.63
CA TYR J 353 -31.72 -29.10 -59.84
C TYR J 353 -30.84 -28.72 -58.64
N ALA J 354 -31.34 -28.99 -57.44
CA ALA J 354 -30.62 -28.70 -56.19
C ALA J 354 -29.37 -29.58 -56.05
N GLU J 355 -29.46 -30.81 -56.57
CA GLU J 355 -28.34 -31.76 -56.58
C GLU J 355 -27.26 -31.28 -57.56
N GLN J 356 -27.69 -30.64 -58.64
CA GLN J 356 -26.79 -30.07 -59.64
C GLN J 356 -26.14 -28.78 -59.15
N LEU J 357 -26.81 -28.08 -58.23
CA LEU J 357 -26.32 -26.83 -57.65
C LEU J 357 -25.09 -27.05 -56.76
N LYS J 358 -25.07 -28.17 -56.05
CA LYS J 358 -23.96 -28.53 -55.16
C LYS J 358 -22.73 -29.16 -55.86
N GLU J 359 -22.71 -29.05 -57.19
CA GLU J 359 -21.61 -29.53 -58.02
C GLU J 359 -20.92 -28.37 -58.74
N ASN J 360 -21.70 -27.35 -59.10
CA ASN J 360 -21.21 -26.15 -59.77
C ASN J 360 -20.74 -25.10 -58.76
N GLY J 361 -20.68 -23.83 -59.18
CA GLY J 361 -20.27 -22.73 -58.33
C GLY J 361 -19.26 -21.82 -59.00
N VAL J 362 -19.78 -20.81 -59.69
CA VAL J 362 -18.96 -19.81 -60.40
C VAL J 362 -18.84 -18.53 -59.56
N ILE J 363 -17.67 -17.91 -59.60
CA ILE J 363 -17.38 -16.68 -58.86
C ILE J 363 -18.03 -15.45 -59.51
N ASN J 364 -18.78 -14.70 -58.72
CA ASN J 364 -19.42 -13.47 -59.17
C ASN J 364 -18.53 -12.29 -58.75
N TYR J 365 -17.76 -11.80 -59.71
CA TYR J 365 -16.78 -10.72 -59.52
C TYR J 365 -17.38 -9.31 -59.36
N SER J 366 -18.64 -9.16 -59.75
CA SER J 366 -19.37 -7.88 -59.65
C SER J 366 -19.73 -7.50 -58.21
N VAL J 367 -19.81 -8.51 -57.33
CA VAL J 367 -20.13 -8.32 -55.91
C VAL J 367 -19.00 -7.59 -55.16
N LEU J 368 -17.76 -8.00 -55.43
CA LEU J 368 -16.56 -7.41 -54.82
C LEU J 368 -16.30 -6.01 -55.38
N ASP J 369 -15.77 -5.12 -54.53
CA ASP J 369 -15.46 -3.74 -54.89
C ASP J 369 -14.08 -3.61 -55.57
N LEU J 370 -13.86 -4.43 -56.60
CA LEU J 370 -12.60 -4.47 -57.35
C LEU J 370 -12.42 -3.25 -58.26
N THR J 371 -11.21 -2.71 -58.28
CA THR J 371 -10.87 -1.54 -59.09
C THR J 371 -10.27 -1.97 -60.43
N ALA K 2 11.99 -39.84 41.33
CA ALA K 2 11.55 -39.76 39.95
C ALA K 2 11.51 -41.12 39.27
N LEU K 3 10.53 -41.31 38.39
CA LEU K 3 10.38 -42.56 37.63
C LEU K 3 11.47 -42.74 36.55
N SER K 4 12.25 -41.68 36.34
CA SER K 4 13.36 -41.71 35.39
C SER K 4 14.53 -42.47 36.00
N LYS K 5 14.62 -42.43 37.33
CA LYS K 5 15.67 -43.08 38.12
C LYS K 5 15.50 -44.59 38.24
N VAL K 6 14.29 -45.09 38.02
CA VAL K 6 14.02 -46.54 38.06
C VAL K 6 14.55 -47.24 36.80
N LYS K 7 15.85 -47.55 36.84
CA LYS K 7 16.57 -48.21 35.76
C LYS K 7 17.69 -49.09 36.32
N LEU K 8 18.21 -49.97 35.46
CA LEU K 8 19.31 -50.87 35.81
C LEU K 8 20.02 -51.29 34.53
N ASN K 9 21.30 -50.91 34.41
CA ASN K 9 22.08 -51.22 33.22
C ASN K 9 22.76 -52.58 33.36
N ASP K 10 21.97 -53.63 33.16
CA ASP K 10 22.42 -55.02 33.27
C ASP K 10 23.56 -55.39 32.31
N THR K 11 23.51 -54.86 31.09
CA THR K 11 24.52 -55.12 30.05
C THR K 11 25.90 -54.62 30.48
N LEU K 12 25.94 -53.39 30.97
CA LEU K 12 27.18 -52.76 31.45
C LEU K 12 27.72 -53.39 32.73
N ASN K 13 26.81 -53.70 33.65
CA ASN K 13 27.14 -54.32 34.94
C ASN K 13 27.69 -55.74 34.80
N LYS K 14 27.11 -56.51 33.88
CA LYS K 14 27.54 -57.88 33.61
C LYS K 14 28.97 -57.89 33.08
N ASP K 15 29.26 -56.95 32.18
CA ASP K 15 30.59 -56.76 31.61
C ASP K 15 31.58 -56.36 32.72
N GLN K 16 31.15 -55.42 33.57
CA GLN K 16 31.93 -54.92 34.71
C GLN K 16 32.35 -56.06 35.63
N LEU K 17 31.41 -56.99 35.89
CA LEU K 17 31.64 -58.17 36.73
C LEU K 17 32.72 -59.08 36.13
N LEU K 18 32.66 -59.28 34.82
CA LEU K 18 33.62 -60.13 34.11
C LEU K 18 34.98 -59.50 33.88
N SER K 19 34.98 -58.17 33.69
CA SER K 19 36.20 -57.41 33.50
C SER K 19 37.00 -57.26 34.79
N SER K 20 36.30 -57.33 35.93
CA SER K 20 36.92 -57.18 37.24
C SER K 20 37.00 -58.48 38.07
N SER K 21 37.39 -59.57 37.41
CA SER K 21 37.53 -60.86 38.08
C SER K 21 38.81 -60.89 38.92
N LYS K 22 38.68 -61.30 40.19
CA LYS K 22 39.81 -61.37 41.11
C LYS K 22 40.64 -62.64 40.92
N TYR K 23 40.03 -63.64 40.27
CA TYR K 23 40.65 -64.95 40.06
C TYR K 23 40.70 -65.33 38.58
N THR K 24 41.58 -66.29 38.26
CA THR K 24 41.81 -66.73 36.89
C THR K 24 41.87 -68.25 36.69
N ILE K 25 41.37 -68.69 35.54
CA ILE K 25 41.43 -70.10 35.14
C ILE K 25 42.49 -70.31 34.06
N GLN K 26 43.12 -71.47 34.09
CA GLN K 26 44.14 -71.84 33.10
C GLN K 26 43.81 -73.23 32.57
N ARG K 27 43.63 -73.30 31.25
CA ARG K 27 43.21 -74.52 30.56
C ARG K 27 44.35 -75.34 29.99
N SER K 28 44.23 -76.67 30.09
CA SER K 28 45.22 -77.59 29.55
C SER K 28 44.90 -77.84 28.07
N THR K 29 45.84 -77.49 27.19
CA THR K 29 45.70 -77.65 25.73
C THR K 29 45.74 -79.10 25.28
N GLY K 30 46.42 -79.94 26.07
CA GLY K 30 46.58 -81.35 25.80
C GLY K 30 48.00 -81.72 26.21
N ASP K 31 48.72 -82.36 25.29
CA ASP K 31 50.09 -82.78 25.55
C ASP K 31 51.19 -81.83 25.09
N SER K 32 51.19 -81.48 23.81
CA SER K 32 52.22 -80.59 23.23
C SER K 32 51.73 -79.80 22.03
N ILE K 33 52.21 -78.56 21.92
CA ILE K 33 51.93 -77.68 20.79
C ILE K 33 53.25 -77.31 20.14
N ASP K 34 53.34 -77.51 18.82
CA ASP K 34 54.51 -77.14 18.04
C ASP K 34 54.52 -75.62 17.91
N THR K 35 55.61 -75.01 18.35
CA THR K 35 55.77 -73.56 18.27
C THR K 35 56.95 -73.26 17.34
N PRO K 36 56.69 -73.21 16.01
CA PRO K 36 57.81 -72.95 15.09
C PRO K 36 58.22 -71.48 15.09
N ASN K 37 59.53 -71.26 15.01
CA ASN K 37 60.09 -69.91 14.98
C ASN K 37 60.34 -69.51 13.52
N TYR K 38 60.78 -68.27 13.33
CA TYR K 38 61.04 -67.68 12.02
C TYR K 38 61.98 -68.48 11.11
N ASP K 39 62.93 -69.22 11.71
CA ASP K 39 63.89 -70.03 10.97
C ASP K 39 63.26 -71.15 10.13
N VAL K 40 62.13 -71.65 10.62
CA VAL K 40 61.38 -72.74 10.01
C VAL K 40 60.29 -72.26 9.03
N GLN K 41 60.01 -70.95 9.05
CA GLN K 41 58.99 -70.29 8.21
C GLN K 41 59.08 -70.60 6.71
N LYS K 42 60.29 -70.48 6.14
CA LYS K 42 60.53 -70.73 4.73
C LYS K 42 60.24 -72.20 4.35
N HIS K 43 60.57 -73.12 5.25
CA HIS K 43 60.34 -74.54 5.05
C HIS K 43 58.83 -74.87 5.01
N ILE K 44 58.05 -74.23 5.88
CA ILE K 44 56.60 -74.43 5.94
C ILE K 44 55.93 -73.88 4.68
N ASN K 45 56.43 -72.73 4.19
CA ASN K 45 55.93 -72.11 2.96
C ASN K 45 56.14 -73.05 1.76
N LYS K 46 57.28 -73.75 1.76
CA LYS K 46 57.63 -74.72 0.73
C LYS K 46 56.67 -75.92 0.81
N LEU K 47 56.35 -76.33 2.05
CA LEU K 47 55.42 -77.43 2.33
C LEU K 47 53.99 -77.07 1.89
N CYS K 48 53.62 -75.81 2.07
CA CYS K 48 52.33 -75.27 1.65
C CYS K 48 52.26 -75.31 0.12
N GLY K 49 53.35 -74.91 -0.52
CA GLY K 49 53.51 -74.90 -1.96
C GLY K 49 53.43 -76.28 -2.58
N MET K 50 53.96 -77.26 -1.85
CA MET K 50 53.95 -78.66 -2.27
C MET K 50 52.53 -79.20 -2.38
N LEU K 51 51.67 -78.80 -1.44
CA LEU K 51 50.25 -79.18 -1.43
C LEU K 51 49.49 -78.44 -2.54
N LEU K 52 49.92 -77.20 -2.82
CA LEU K 52 49.30 -76.37 -3.84
C LEU K 52 49.61 -76.81 -5.28
N ILE K 53 50.79 -77.39 -5.49
CA ILE K 53 51.18 -77.87 -6.82
C ILE K 53 50.61 -79.27 -7.11
N THR K 54 50.32 -80.01 -6.04
CA THR K 54 49.77 -81.37 -6.13
C THR K 54 48.34 -81.39 -6.66
N GLU K 55 48.18 -82.01 -7.83
CA GLU K 55 46.87 -82.20 -8.47
C GLU K 55 46.12 -83.24 -7.63
N ASP K 56 44.91 -82.88 -7.22
CA ASP K 56 44.06 -83.71 -6.35
C ASP K 56 44.80 -84.09 -5.05
N ALA K 57 45.25 -83.06 -4.35
CA ALA K 57 46.02 -83.17 -3.11
C ALA K 57 45.17 -83.61 -1.92
N ASN K 58 45.85 -84.26 -0.96
CA ASN K 58 45.21 -84.70 0.28
C ASN K 58 45.35 -83.57 1.29
N HIS K 59 44.28 -82.79 1.42
CA HIS K 59 44.24 -81.64 2.32
C HIS K 59 43.78 -81.97 3.75
N LYS K 60 44.12 -83.17 4.20
CA LYS K 60 43.79 -83.65 5.54
C LYS K 60 44.59 -82.90 6.61
N PHE K 61 45.80 -82.48 6.23
CA PHE K 61 46.74 -81.83 7.13
C PHE K 61 46.99 -80.34 6.86
N THR K 62 46.36 -79.81 5.80
CA THR K 62 46.49 -78.41 5.40
C THR K 62 46.04 -77.38 6.44
N GLY K 63 45.01 -77.73 7.21
CA GLY K 63 44.49 -76.90 8.29
C GLY K 63 45.55 -76.72 9.37
N LEU K 64 46.21 -77.82 9.72
CA LEU K 64 47.28 -77.83 10.72
C LEU K 64 48.56 -77.18 10.17
N ILE K 65 48.91 -77.49 8.92
CA ILE K 65 50.08 -76.92 8.23
C ILE K 65 49.94 -75.40 8.11
N GLY K 66 48.71 -74.95 7.80
CA GLY K 66 48.34 -73.55 7.70
C GLY K 66 48.57 -72.84 9.02
N MET K 67 48.19 -73.51 10.12
CA MET K 67 48.39 -73.00 11.48
C MET K 67 49.85 -72.88 11.84
N LEU K 68 50.65 -73.85 11.39
CA LEU K 68 52.09 -73.86 11.62
C LEU K 68 52.76 -72.67 10.92
N TYR K 69 52.30 -72.35 9.71
CA TYR K 69 52.82 -71.21 8.96
C TYR K 69 52.50 -69.88 9.65
N ALA K 70 51.27 -69.77 10.17
CA ALA K 70 50.83 -68.58 10.90
C ALA K 70 51.65 -68.41 12.18
N MET K 71 51.96 -69.53 12.82
CA MET K 71 52.76 -69.55 14.04
C MET K 71 54.22 -69.22 13.77
N SER K 72 54.74 -69.66 12.61
CA SER K 72 56.12 -69.40 12.18
C SER K 72 56.31 -67.93 11.79
N ARG K 73 55.23 -67.28 11.40
CA ARG K 73 55.23 -65.86 11.05
C ARG K 73 55.25 -65.04 12.35
N LEU K 74 54.50 -65.51 13.35
CA LEU K 74 54.45 -64.89 14.68
C LEU K 74 55.78 -65.13 15.43
N GLY K 75 56.33 -66.33 15.27
CA GLY K 75 57.58 -66.76 15.88
C GLY K 75 57.41 -67.23 17.30
N ARG K 76 58.01 -68.39 17.61
CA ARG K 76 57.95 -69.07 18.92
C ARG K 76 57.56 -68.21 20.14
N GLU K 77 58.34 -67.17 20.42
CA GLU K 77 58.13 -66.27 21.55
C GLU K 77 56.73 -65.66 21.61
N ASP K 78 56.31 -65.04 20.50
CA ASP K 78 54.98 -64.43 20.38
C ASP K 78 53.84 -65.43 20.41
N THR K 79 53.96 -66.54 19.69
CA THR K 79 52.93 -67.59 19.70
C THR K 79 52.66 -68.18 21.09
N ILE K 80 53.73 -68.42 21.86
CA ILE K 80 53.62 -68.91 23.25
C ILE K 80 52.88 -67.86 24.10
N LYS K 81 53.25 -66.59 23.90
CA LYS K 81 52.63 -65.45 24.57
C LYS K 81 51.12 -65.37 24.29
N ILE K 82 50.73 -65.56 23.02
CA ILE K 82 49.30 -65.53 22.64
C ILE K 82 48.52 -66.68 23.23
N LEU K 83 49.16 -67.84 23.36
CA LEU K 83 48.56 -69.04 23.95
C LEU K 83 48.36 -68.86 25.46
N ARG K 84 49.35 -68.26 26.12
CA ARG K 84 49.30 -68.02 27.56
C ARG K 84 48.31 -66.91 27.93
N ASP K 85 48.27 -65.85 27.11
CA ASP K 85 47.34 -64.74 27.29
C ASP K 85 45.90 -65.14 27.08
N ALA K 86 45.69 -66.15 26.21
CA ALA K 86 44.36 -66.68 25.92
C ALA K 86 43.81 -67.50 27.08
N GLY K 87 44.70 -68.03 27.91
CA GLY K 87 44.38 -68.82 29.09
C GLY K 87 44.69 -70.29 28.97
N TYR K 88 45.81 -70.61 28.30
CA TYR K 88 46.22 -72.00 28.08
C TYR K 88 47.60 -72.34 28.62
N HIS K 89 47.70 -73.54 29.19
CA HIS K 89 48.96 -74.08 29.72
C HIS K 89 49.63 -74.78 28.55
N VAL K 90 50.78 -74.26 28.14
CA VAL K 90 51.48 -74.79 26.96
C VAL K 90 52.84 -75.45 27.13
N LYS K 91 52.92 -76.68 26.62
CA LYS K 91 54.15 -77.45 26.57
C LYS K 91 54.63 -77.26 25.13
N ALA K 92 55.50 -76.29 24.96
CA ALA K 92 56.02 -75.91 23.65
C ALA K 92 56.99 -76.92 23.05
N ASN K 93 56.75 -77.27 21.80
CA ASN K 93 57.59 -78.18 21.04
C ASN K 93 58.40 -77.37 20.02
N GLY K 94 59.72 -77.48 20.10
CA GLY K 94 60.64 -76.79 19.22
C GLY K 94 60.73 -77.45 17.87
N VAL K 95 60.41 -76.68 16.82
CA VAL K 95 60.43 -77.19 15.45
C VAL K 95 61.81 -76.92 14.80
N ASP K 96 62.48 -78.01 14.42
CA ASP K 96 63.81 -77.95 13.79
C ASP K 96 63.80 -78.75 12.48
N VAL K 97 64.69 -78.38 11.57
CA VAL K 97 64.81 -79.07 10.28
C VAL K 97 65.86 -80.18 10.40
N THR K 98 65.46 -81.40 10.01
CA THR K 98 66.33 -82.57 10.02
C THR K 98 66.23 -83.32 8.70
N THR K 99 67.32 -83.95 8.29
CA THR K 99 67.35 -84.73 7.05
C THR K 99 67.02 -86.18 7.34
N HIS K 100 65.98 -86.68 6.67
CA HIS K 100 65.54 -88.06 6.84
C HIS K 100 65.83 -88.89 5.59
N ARG K 101 66.51 -90.02 5.80
CA ARG K 101 66.87 -90.94 4.73
C ARG K 101 65.96 -92.16 4.76
N GLN K 102 65.23 -92.36 3.67
CA GLN K 102 64.30 -93.49 3.51
C GLN K 102 64.32 -93.97 2.07
N ASP K 103 64.38 -95.30 1.91
CA ASP K 103 64.41 -95.93 0.58
C ASP K 103 63.01 -96.16 -0.01
N ILE K 104 62.62 -95.23 -0.87
CA ILE K 104 61.33 -95.27 -1.57
C ILE K 104 61.57 -95.90 -2.94
N ASN K 105 60.88 -97.02 -3.20
CA ASN K 105 60.98 -97.81 -4.43
C ASN K 105 62.39 -98.36 -4.68
N GLY K 106 63.03 -98.80 -3.59
CA GLY K 106 64.38 -99.36 -3.60
C GLY K 106 65.49 -98.32 -3.44
N LYS K 107 65.38 -97.23 -4.20
CA LYS K 107 66.35 -96.13 -4.19
C LYS K 107 66.27 -95.31 -2.90
N GLU K 108 67.41 -95.19 -2.21
CA GLU K 108 67.50 -94.42 -0.97
C GLU K 108 67.39 -92.93 -1.28
N MET K 109 66.43 -92.28 -0.62
CA MET K 109 66.16 -90.85 -0.85
C MET K 109 66.30 -90.00 0.41
N LYS K 110 66.69 -88.74 0.21
CA LYS K 110 66.85 -87.75 1.28
C LYS K 110 65.68 -86.77 1.27
N PHE K 111 65.22 -86.42 2.47
CA PHE K 111 64.11 -85.50 2.66
C PHE K 111 64.36 -84.53 3.81
N GLU K 112 64.00 -83.27 3.61
CA GLU K 112 64.12 -82.25 4.64
C GLU K 112 62.78 -82.19 5.37
N VAL K 113 62.77 -82.69 6.61
CA VAL K 113 61.56 -82.75 7.42
C VAL K 113 61.64 -81.89 8.69
N LEU K 114 60.48 -81.61 9.27
CA LEU K 114 60.38 -80.82 10.50
C LEU K 114 60.08 -81.72 11.69
N THR K 115 60.67 -81.38 12.84
CA THR K 115 60.45 -82.13 14.08
C THR K 115 59.14 -81.67 14.70
N LEU K 116 58.05 -82.23 14.19
CA LEU K 116 56.70 -81.89 14.61
C LEU K 116 56.04 -83.07 15.32
N ALA K 117 55.27 -82.74 16.37
CA ALA K 117 54.52 -83.73 17.13
C ALA K 117 53.19 -84.01 16.44
N SER K 118 52.55 -82.94 15.99
CA SER K 118 51.27 -82.99 15.28
C SER K 118 51.36 -83.64 13.90
N LEU K 119 52.51 -83.50 13.26
CA LEU K 119 52.73 -84.06 11.93
C LEU K 119 53.90 -85.05 11.89
N THR K 120 53.59 -86.28 11.45
CA THR K 120 54.56 -87.36 11.35
C THR K 120 55.55 -87.10 10.21
N THR K 121 56.79 -87.57 10.40
CA THR K 121 57.84 -87.45 9.37
C THR K 121 57.50 -88.33 8.17
N GLU K 122 56.73 -89.40 8.43
CA GLU K 122 56.27 -90.34 7.43
C GLU K 122 55.20 -89.69 6.54
N ILE K 123 54.38 -88.82 7.11
CA ILE K 123 53.33 -88.13 6.36
C ILE K 123 53.88 -86.90 5.62
N GLN K 124 54.95 -86.32 6.16
CA GLN K 124 55.62 -85.15 5.60
C GLN K 124 56.31 -85.51 4.28
N ILE K 125 56.96 -86.68 4.27
CA ILE K 125 57.67 -87.17 3.07
C ILE K 125 56.71 -87.49 1.93
N ASN K 126 55.52 -87.97 2.29
CA ASN K 126 54.47 -88.29 1.33
C ASN K 126 53.89 -87.06 0.62
N ILE K 127 53.93 -85.90 1.31
CA ILE K 127 53.49 -84.63 0.73
C ILE K 127 54.51 -84.23 -0.35
N GLU K 128 55.79 -84.41 -0.05
CA GLU K 128 56.89 -84.12 -0.97
C GLU K 128 56.91 -85.12 -2.14
N ILE K 129 56.64 -86.39 -1.84
CA ILE K 129 56.60 -87.46 -2.84
C ILE K 129 55.53 -87.20 -3.91
N GLU K 130 54.30 -86.92 -3.46
CA GLU K 130 53.18 -86.64 -4.37
C GLU K 130 53.31 -85.32 -5.12
N SER K 131 54.03 -84.36 -4.54
CA SER K 131 54.27 -83.06 -5.16
C SER K 131 55.26 -83.19 -6.32
N ARG K 132 56.30 -84.01 -6.11
CA ARG K 132 57.33 -84.29 -7.12
C ARG K 132 56.73 -84.96 -8.35
N LYS K 133 55.73 -85.83 -8.12
CA LYS K 133 54.99 -86.52 -9.18
C LYS K 133 54.23 -85.48 -10.02
N SER K 134 53.54 -84.56 -9.33
CA SER K 134 52.78 -83.48 -9.96
C SER K 134 53.67 -82.44 -10.62
N TYR K 135 54.90 -82.30 -10.11
CA TYR K 135 55.88 -81.35 -10.64
C TYR K 135 56.49 -81.86 -11.94
N LYS K 136 56.83 -83.14 -12.00
CA LYS K 136 57.41 -83.75 -13.20
C LYS K 136 56.40 -83.85 -14.35
N LYS K 137 55.13 -84.00 -14.00
CA LYS K 137 54.02 -84.06 -14.94
C LYS K 137 53.78 -82.65 -15.50
N MET K 138 53.96 -81.65 -14.64
CA MET K 138 53.83 -80.24 -14.98
C MET K 138 55.00 -79.78 -15.84
N LEU K 139 56.19 -80.33 -15.56
CA LEU K 139 57.42 -80.04 -16.31
C LEU K 139 57.36 -80.65 -17.71
N LYS K 140 56.66 -81.78 -17.82
CA LYS K 140 56.46 -82.49 -19.09
C LYS K 140 55.45 -81.77 -19.99
N GLU K 141 54.49 -81.08 -19.36
CA GLU K 141 53.43 -80.34 -20.05
C GLU K 141 53.83 -78.96 -20.56
N MET K 142 54.59 -78.21 -19.76
CA MET K 142 54.99 -76.85 -20.12
C MET K 142 56.50 -76.61 -20.36
N GLY K 143 57.30 -77.67 -20.27
CA GLY K 143 58.74 -77.61 -20.47
C GLY K 143 59.47 -76.99 -19.30
N GLU K 144 59.31 -75.68 -19.14
CA GLU K 144 59.92 -74.91 -18.05
C GLU K 144 58.80 -74.34 -17.17
N VAL K 145 58.94 -74.55 -15.85
CA VAL K 145 57.95 -74.07 -14.89
C VAL K 145 58.26 -72.67 -14.35
N ALA K 146 57.33 -71.75 -14.59
CA ALA K 146 57.44 -70.35 -14.19
C ALA K 146 57.43 -70.18 -12.65
N PRO K 147 57.96 -69.04 -12.14
CA PRO K 147 57.97 -68.81 -10.68
C PRO K 147 56.58 -68.77 -10.01
N GLU K 148 55.56 -68.45 -10.80
CA GLU K 148 54.17 -68.36 -10.34
C GLU K 148 53.54 -69.73 -10.10
N TYR K 149 53.95 -70.72 -10.91
CA TYR K 149 53.42 -72.07 -10.84
C TYR K 149 54.10 -73.02 -9.86
N ARG K 150 55.27 -72.62 -9.35
CA ARG K 150 56.06 -73.45 -8.42
C ARG K 150 55.79 -73.29 -6.93
N HIS K 151 56.24 -74.30 -6.17
CA HIS K 151 56.11 -74.37 -4.71
C HIS K 151 57.00 -73.38 -3.94
N ASP K 152 58.06 -72.90 -4.58
CA ASP K 152 59.02 -71.96 -3.99
C ASP K 152 58.43 -70.59 -3.66
N SER K 153 57.46 -70.16 -4.46
CA SER K 153 56.80 -68.86 -4.34
C SER K 153 56.43 -68.46 -2.90
N PRO K 154 56.77 -67.22 -2.49
CA PRO K 154 56.48 -66.71 -1.15
C PRO K 154 54.99 -66.58 -0.82
N ASP K 155 54.17 -66.54 -1.86
CA ASP K 155 52.71 -66.41 -1.75
C ASP K 155 52.04 -67.66 -1.17
N CYS K 156 52.62 -68.83 -1.48
CA CYS K 156 52.12 -70.15 -1.09
C CYS K 156 51.48 -70.30 0.29
N GLY K 157 52.23 -69.98 1.34
CA GLY K 157 51.75 -70.05 2.72
C GLY K 157 50.52 -69.19 2.95
N MET K 158 50.61 -67.94 2.47
CA MET K 158 49.51 -66.98 2.58
C MET K 158 48.28 -67.29 1.74
N ILE K 159 48.49 -67.98 0.61
CA ILE K 159 47.41 -68.43 -0.27
C ILE K 159 46.52 -69.40 0.52
N ILE K 160 47.16 -70.34 1.21
CA ILE K 160 46.48 -71.31 2.07
C ILE K 160 45.74 -70.60 3.22
N LEU K 161 46.40 -69.61 3.82
CA LEU K 161 45.80 -68.82 4.91
C LEU K 161 44.68 -67.90 4.44
N CYS K 162 44.56 -67.68 3.13
CA CYS K 162 43.50 -66.86 2.55
C CYS K 162 42.15 -67.55 2.68
N ILE K 163 42.12 -68.87 2.46
CA ILE K 163 40.88 -69.64 2.65
C ILE K 163 40.59 -69.87 4.13
N ALA K 164 41.63 -69.79 4.97
CA ALA K 164 41.51 -69.89 6.43
C ALA K 164 40.79 -68.64 6.95
N ALA K 165 41.04 -67.50 6.29
CA ALA K 165 40.39 -66.22 6.60
C ALA K 165 38.92 -66.28 6.17
N LEU K 166 38.63 -67.05 5.12
CA LEU K 166 37.26 -67.23 4.63
C LEU K 166 36.47 -68.14 5.55
N VAL K 167 37.15 -69.14 6.13
CA VAL K 167 36.54 -70.08 7.09
C VAL K 167 36.19 -69.29 8.35
N ILE K 168 37.13 -68.46 8.80
CA ILE K 168 36.97 -67.59 9.97
C ILE K 168 35.81 -66.61 9.79
N THR K 169 35.57 -66.24 8.53
CA THR K 169 34.49 -65.32 8.13
C THR K 169 33.11 -65.90 8.41
N LYS K 170 32.98 -67.22 8.24
CA LYS K 170 31.72 -67.95 8.41
C LYS K 170 31.65 -68.86 9.67
N LEU K 171 32.56 -68.65 10.62
CA LEU K 171 32.58 -69.43 11.86
C LEU K 171 31.47 -69.08 12.85
N ALA K 172 30.87 -67.89 12.66
CA ALA K 172 29.77 -67.38 13.49
C ALA K 172 28.54 -68.28 13.51
N ALA K 173 28.31 -68.98 12.40
CA ALA K 173 27.21 -69.94 12.26
C ALA K 173 27.45 -71.19 13.13
N GLY K 174 28.74 -71.53 13.29
CA GLY K 174 29.24 -72.64 14.09
C GLY K 174 28.76 -74.04 13.73
N ASP K 175 28.62 -74.32 12.43
CA ASP K 175 28.15 -75.62 11.95
C ASP K 175 28.60 -76.03 10.54
N ARG K 176 29.63 -75.35 10.02
CA ARG K 176 30.17 -75.60 8.66
C ARG K 176 29.20 -75.27 7.51
N SER K 177 28.10 -74.58 7.84
CA SER K 177 27.08 -74.19 6.86
C SER K 177 27.60 -73.19 5.83
N GLY K 178 28.55 -72.36 6.27
CA GLY K 178 29.18 -71.33 5.46
C GLY K 178 30.08 -71.84 4.34
N LEU K 179 30.47 -73.12 4.41
CA LEU K 179 31.34 -73.77 3.42
C LEU K 179 31.04 -73.44 1.97
N THR K 180 29.75 -73.42 1.60
CA THR K 180 29.29 -73.09 0.24
C THR K 180 29.74 -71.69 -0.16
N ALA K 181 29.54 -70.73 0.75
CA ALA K 181 29.94 -69.34 0.55
C ALA K 181 31.46 -69.20 0.57
N VAL K 182 32.11 -70.02 1.39
CA VAL K 182 33.58 -70.05 1.50
C VAL K 182 34.19 -70.42 0.14
N ILE K 183 33.65 -71.48 -0.48
CA ILE K 183 34.08 -71.95 -1.80
C ILE K 183 33.77 -70.89 -2.86
N ARG K 184 32.53 -70.40 -2.86
CA ARG K 184 32.04 -69.38 -3.79
C ARG K 184 32.97 -68.17 -3.85
N ARG K 185 33.27 -67.60 -2.67
CA ARG K 185 34.14 -66.44 -2.55
C ARG K 185 35.60 -66.73 -2.91
N ALA K 186 36.06 -67.95 -2.60
CA ALA K 186 37.40 -68.42 -2.93
C ALA K 186 37.62 -68.53 -4.44
N ASN K 187 36.52 -68.50 -5.19
CA ASN K 187 36.55 -68.56 -6.64
C ASN K 187 36.49 -67.18 -7.28
N ASN K 188 35.68 -66.28 -6.71
CA ASN K 188 35.53 -64.89 -7.19
C ASN K 188 36.83 -64.14 -6.88
N VAL K 189 37.19 -64.12 -5.59
CA VAL K 189 38.47 -63.57 -5.09
C VAL K 189 39.38 -64.78 -5.26
N LEU K 190 40.70 -64.58 -5.29
CA LEU K 190 41.65 -65.70 -5.37
C LEU K 190 41.58 -66.53 -6.67
N LYS K 191 41.03 -65.94 -7.74
CA LYS K 191 40.87 -66.60 -9.03
C LYS K 191 42.18 -66.86 -9.76
N ASN K 192 43.07 -65.86 -9.71
CA ASN K 192 44.40 -65.93 -10.32
C ASN K 192 45.29 -66.97 -9.62
N GLU K 193 45.10 -67.10 -8.31
CA GLU K 193 45.84 -68.02 -7.46
C GLU K 193 45.47 -69.48 -7.78
N MET K 194 44.19 -69.70 -8.11
CA MET K 194 43.66 -71.01 -8.47
C MET K 194 44.16 -71.47 -9.83
N LYS K 195 44.46 -70.49 -10.71
CA LYS K 195 45.00 -70.74 -12.05
C LYS K 195 46.42 -71.30 -11.95
N ARG K 196 47.23 -70.68 -11.09
CA ARG K 196 48.62 -71.10 -10.89
C ARG K 196 48.83 -72.35 -10.05
N TYR K 197 47.86 -72.68 -9.19
CA TYR K 197 47.96 -73.86 -8.34
C TYR K 197 46.82 -74.87 -8.47
N LYS K 198 47.17 -76.05 -8.99
CA LYS K 198 46.25 -77.17 -9.21
C LYS K 198 45.64 -77.70 -7.91
N GLY K 199 46.41 -77.60 -6.82
CA GLY K 199 46.03 -78.07 -5.48
C GLY K 199 45.24 -77.10 -4.64
N LEU K 200 44.89 -75.94 -5.20
CA LEU K 200 44.06 -74.97 -4.48
C LEU K 200 42.61 -75.41 -4.62
N LEU K 201 42.21 -76.31 -3.73
CA LEU K 201 40.87 -76.89 -3.70
C LEU K 201 40.13 -76.27 -2.52
N PRO K 202 39.36 -75.18 -2.75
CA PRO K 202 38.64 -74.48 -1.67
C PRO K 202 37.90 -75.40 -0.70
N LYS K 203 37.08 -76.32 -1.22
CA LYS K 203 36.31 -77.25 -0.40
C LYS K 203 37.20 -78.09 0.52
N ASP K 204 38.25 -78.68 -0.04
CA ASP K 204 39.20 -79.53 0.69
C ASP K 204 39.97 -78.80 1.78
N ILE K 205 40.51 -77.62 1.44
CA ILE K 205 41.28 -76.80 2.37
C ILE K 205 40.38 -76.19 3.44
N ALA K 206 39.19 -75.71 3.04
CA ALA K 206 38.22 -75.10 3.95
C ALA K 206 37.74 -76.07 5.03
N ASN K 207 37.53 -77.32 4.65
CA ASN K 207 37.10 -78.36 5.58
C ASN K 207 38.21 -78.68 6.57
N SER K 208 39.46 -78.64 6.10
CA SER K 208 40.64 -78.90 6.93
C SER K 208 40.76 -77.85 8.03
N PHE K 209 40.54 -76.58 7.67
CA PHE K 209 40.58 -75.48 8.63
C PHE K 209 39.40 -75.53 9.58
N TYR K 210 38.22 -75.88 9.06
CA TYR K 210 37.01 -76.06 9.86
C TYR K 210 37.27 -77.13 10.94
N GLU K 211 37.92 -78.22 10.53
CA GLU K 211 38.28 -79.33 11.41
C GLU K 211 39.27 -78.92 12.50
N VAL K 212 40.34 -78.21 12.09
CA VAL K 212 41.37 -77.74 13.03
C VAL K 212 40.84 -76.76 14.08
N PHE K 213 39.89 -75.90 13.67
CA PHE K 213 39.26 -74.93 14.58
C PHE K 213 38.25 -75.59 15.51
N GLU K 214 37.65 -76.68 15.05
CA GLU K 214 36.69 -77.45 15.84
C GLU K 214 37.42 -78.32 16.86
N LYS K 215 38.47 -79.02 16.41
CA LYS K 215 39.26 -79.91 17.26
C LYS K 215 40.17 -79.14 18.23
N HIS K 216 40.74 -78.03 17.76
CA HIS K 216 41.64 -77.21 18.58
C HIS K 216 41.15 -75.75 18.63
N PRO K 217 40.26 -75.42 19.59
CA PRO K 217 39.71 -74.06 19.71
C PRO K 217 40.74 -72.97 20.04
N HIS K 218 41.89 -73.39 20.57
CA HIS K 218 42.98 -72.47 20.88
C HIS K 218 43.65 -71.95 19.61
N PHE K 219 43.57 -72.75 18.54
CA PHE K 219 44.14 -72.39 17.24
C PHE K 219 43.36 -71.28 16.57
N ILE K 220 42.08 -71.17 16.89
CA ILE K 220 41.24 -70.09 16.36
C ILE K 220 41.68 -68.75 16.99
N ASP K 221 42.08 -68.80 18.26
CA ASP K 221 42.62 -67.65 18.99
C ASP K 221 43.98 -67.27 18.37
N VAL K 222 44.78 -68.30 18.05
CA VAL K 222 46.08 -68.13 17.42
C VAL K 222 45.93 -67.46 16.05
N PHE K 223 45.01 -67.98 15.23
CA PHE K 223 44.74 -67.44 13.90
C PHE K 223 44.22 -66.00 13.91
N VAL K 224 43.25 -65.71 14.78
CA VAL K 224 42.67 -64.37 14.91
C VAL K 224 43.75 -63.36 15.27
N HIS K 225 44.58 -63.71 16.27
CA HIS K 225 45.69 -62.87 16.70
C HIS K 225 46.81 -62.74 15.68
N PHE K 226 46.98 -63.77 14.85
CA PHE K 226 47.96 -63.73 13.76
C PHE K 226 47.44 -62.76 12.70
N GLY K 227 46.16 -62.91 12.32
CA GLY K 227 45.49 -62.09 11.34
C GLY K 227 45.55 -60.61 11.66
N ILE K 228 45.36 -60.28 12.94
CA ILE K 228 45.44 -58.90 13.43
C ILE K 228 46.90 -58.41 13.32
N ALA K 229 47.85 -59.26 13.74
CA ALA K 229 49.29 -58.96 13.67
C ALA K 229 49.77 -58.78 12.24
N GLN K 230 49.22 -59.60 11.35
CA GLN K 230 49.48 -59.55 9.91
C GLN K 230 48.88 -58.27 9.34
N SER K 231 47.66 -57.94 9.77
CA SER K 231 46.97 -56.73 9.33
C SER K 231 47.52 -55.42 9.93
N SER K 232 48.49 -55.56 10.85
CA SER K 232 49.15 -54.43 11.48
C SER K 232 50.38 -53.98 10.67
N THR K 233 50.74 -54.78 9.67
CA THR K 233 51.87 -54.53 8.78
C THR K 233 51.76 -53.20 8.02
N ARG K 234 52.91 -52.67 7.60
CA ARG K 234 53.01 -51.40 6.86
C ARG K 234 52.61 -51.57 5.38
N GLY K 235 52.93 -52.72 4.81
CA GLY K 235 52.67 -53.09 3.44
C GLY K 235 53.00 -54.55 3.22
N GLY K 236 52.90 -54.99 1.96
CA GLY K 236 53.20 -56.36 1.58
C GLY K 236 52.82 -56.72 0.16
N SER K 237 52.72 -58.02 -0.09
CA SER K 237 52.35 -58.56 -1.41
C SER K 237 50.85 -58.39 -1.65
N ARG K 238 50.42 -58.64 -2.88
CA ARG K 238 48.99 -58.54 -3.22
C ARG K 238 48.17 -59.64 -2.55
N VAL K 239 48.78 -60.83 -2.40
CA VAL K 239 48.19 -61.99 -1.73
C VAL K 239 48.00 -61.68 -0.24
N GLU K 240 48.97 -60.96 0.32
CA GLU K 240 48.93 -60.51 1.71
C GLU K 240 47.84 -59.45 1.91
N GLY K 241 47.57 -58.69 0.84
CA GLY K 241 46.54 -57.68 0.79
C GLY K 241 45.16 -58.31 0.71
N ILE K 242 45.08 -59.40 -0.07
CA ILE K 242 43.85 -60.19 -0.24
C ILE K 242 43.48 -60.78 1.13
N PHE K 243 44.46 -61.40 1.79
CA PHE K 243 44.28 -62.00 3.11
C PHE K 243 43.74 -60.98 4.10
N ALA K 244 44.41 -59.83 4.17
CA ALA K 244 44.04 -58.74 5.08
C ALA K 244 42.60 -58.28 4.89
N GLY K 245 42.18 -58.21 3.62
CA GLY K 245 40.83 -57.82 3.23
C GLY K 245 39.82 -58.87 3.64
N LEU K 246 40.13 -60.13 3.32
CA LEU K 246 39.29 -61.28 3.65
C LEU K 246 39.19 -61.50 5.16
N PHE K 247 40.28 -61.27 5.87
CA PHE K 247 40.32 -61.39 7.34
C PHE K 247 39.45 -60.32 7.98
N MET K 248 39.47 -59.12 7.42
CA MET K 248 38.67 -58.01 7.92
C MET K 248 37.17 -58.14 7.64
N ASN K 249 36.82 -59.04 6.72
CA ASN K 249 35.42 -59.32 6.40
C ASN K 249 34.79 -60.08 7.57
N ALA K 250 35.63 -60.74 8.36
CA ALA K 250 35.20 -61.47 9.56
C ALA K 250 34.82 -60.54 10.71
N TYR K 251 35.40 -59.34 10.74
CA TYR K 251 35.09 -58.36 11.78
C TYR K 251 33.59 -58.06 11.81
N GLY K 252 32.98 -58.32 12.96
CA GLY K 252 31.55 -58.12 13.18
C GLY K 252 30.67 -59.30 12.82
N ALA K 253 31.26 -60.50 12.74
CA ALA K 253 30.50 -61.71 12.45
C ALA K 253 29.80 -62.18 13.71
N GLY K 254 28.55 -62.61 13.57
CA GLY K 254 27.70 -63.04 14.67
C GLY K 254 27.01 -61.86 15.33
N GLN K 255 27.09 -60.70 14.67
CA GLN K 255 26.50 -59.46 15.16
C GLN K 255 26.02 -58.58 14.00
N VAL K 256 25.36 -59.23 13.03
CA VAL K 256 24.81 -58.56 11.85
C VAL K 256 23.60 -57.69 12.19
N MET K 257 22.86 -58.10 13.22
CA MET K 257 21.68 -57.39 13.70
C MET K 257 22.02 -55.99 14.22
N LEU K 258 23.23 -55.86 14.76
CA LEU K 258 23.76 -54.60 15.28
C LEU K 258 23.95 -53.60 14.14
N ARG K 259 24.50 -54.09 13.01
CA ARG K 259 24.74 -53.28 11.83
C ARG K 259 23.46 -52.98 11.05
N TRP K 260 22.54 -53.95 11.03
CA TRP K 260 21.24 -53.79 10.38
C TRP K 260 20.33 -52.85 11.15
N GLY K 261 20.59 -52.72 12.45
CA GLY K 261 19.89 -51.83 13.35
C GLY K 261 20.22 -50.38 13.02
N VAL K 262 21.51 -50.14 12.73
CA VAL K 262 22.00 -48.81 12.36
C VAL K 262 21.43 -48.43 10.98
N LEU K 263 21.29 -49.44 10.11
CA LEU K 263 20.72 -49.27 8.78
C LEU K 263 19.26 -48.82 8.84
N ALA K 264 18.47 -49.50 9.67
CA ALA K 264 17.05 -49.20 9.89
C ALA K 264 16.85 -47.74 10.35
N LYS K 265 17.77 -47.29 11.21
CA LYS K 265 17.81 -45.92 11.72
C LYS K 265 18.19 -44.96 10.58
N SER K 266 19.21 -45.35 9.81
CA SER K 266 19.72 -44.55 8.70
C SER K 266 18.71 -44.32 7.57
N VAL K 267 17.92 -45.36 7.28
CA VAL K 267 16.87 -45.29 6.26
C VAL K 267 15.58 -44.69 6.81
N LYS K 268 15.54 -44.53 8.14
CA LYS K 268 14.39 -43.98 8.89
C LYS K 268 13.10 -44.80 8.72
N ASN K 269 13.20 -46.09 9.02
CA ASN K 269 12.06 -47.00 8.94
C ASN K 269 11.05 -46.62 10.01
N ILE K 270 9.85 -46.25 9.55
CA ILE K 270 8.73 -45.81 10.39
C ILE K 270 8.41 -46.67 11.61
N MET K 271 8.48 -47.99 11.43
CA MET K 271 8.20 -48.96 12.49
C MET K 271 9.09 -48.91 13.74
N LEU K 272 10.17 -48.12 13.67
CA LEU K 272 11.08 -47.91 14.80
C LEU K 272 10.42 -47.04 15.87
N GLY K 273 9.48 -46.21 15.45
CA GLY K 273 8.74 -45.31 16.32
C GLY K 273 7.55 -45.95 17.03
N HIS K 274 7.27 -47.22 16.71
CA HIS K 274 6.17 -47.98 17.32
C HIS K 274 6.32 -48.08 18.84
N ALA K 275 5.18 -48.03 19.53
CA ALA K 275 5.11 -48.06 20.99
C ALA K 275 5.89 -49.20 21.67
N SER K 276 5.77 -50.42 21.13
CA SER K 276 6.45 -51.59 21.68
C SER K 276 7.96 -51.61 21.39
N VAL K 277 8.37 -50.90 20.33
CA VAL K 277 9.78 -50.78 19.94
C VAL K 277 10.42 -49.69 20.82
N GLN K 278 9.67 -48.64 21.10
CA GLN K 278 10.11 -47.53 21.94
C GLN K 278 10.35 -47.93 23.40
N ALA K 279 9.60 -48.93 23.87
CA ALA K 279 9.73 -49.45 25.23
C ALA K 279 11.09 -50.13 25.45
N GLU K 280 11.59 -50.78 24.40
CA GLU K 280 12.87 -51.48 24.42
C GLU K 280 14.07 -50.55 24.27
N MET K 281 13.84 -49.39 23.64
CA MET K 281 14.87 -48.38 23.37
C MET K 281 15.93 -48.06 24.42
N GLU K 282 15.49 -47.94 25.68
CA GLU K 282 16.37 -47.66 26.82
C GLU K 282 17.47 -48.73 26.92
N GLN K 283 17.05 -49.98 26.77
CA GLN K 283 17.94 -51.13 26.85
C GLN K 283 18.73 -51.44 25.56
N VAL K 284 18.17 -51.10 24.40
CA VAL K 284 18.87 -51.32 23.12
C VAL K 284 20.05 -50.36 22.97
N VAL K 285 19.90 -49.18 23.55
CA VAL K 285 20.95 -48.16 23.56
C VAL K 285 22.12 -48.65 24.43
N GLU K 286 21.79 -49.30 25.55
CA GLU K 286 22.77 -49.88 26.48
C GLU K 286 23.75 -50.82 25.77
N VAL K 287 23.23 -51.70 24.92
CA VAL K 287 24.03 -52.64 24.13
C VAL K 287 24.86 -51.94 23.04
N TYR K 288 24.24 -50.95 22.38
CA TYR K 288 24.95 -50.17 21.36
C TYR K 288 26.09 -49.36 21.97
N GLU K 289 25.84 -48.78 23.15
CA GLU K 289 26.85 -48.03 23.89
C GLU K 289 27.95 -48.98 24.41
N TYR K 290 27.55 -50.22 24.72
CA TYR K 290 28.48 -51.27 25.16
C TYR K 290 29.39 -51.69 23.99
N ALA K 291 28.79 -51.81 22.81
CA ALA K 291 29.50 -52.16 21.58
C ALA K 291 30.49 -51.05 21.20
N GLN K 292 30.06 -49.80 21.45
CA GLN K 292 30.86 -48.60 21.21
C GLN K 292 32.03 -48.56 22.18
N LYS K 293 31.77 -48.94 23.43
CA LYS K 293 32.77 -48.99 24.50
C LYS K 293 33.89 -49.98 24.21
N LEU K 294 33.51 -51.19 23.82
CA LEU K 294 34.46 -52.27 23.50
C LEU K 294 35.35 -51.96 22.29
N GLY K 295 34.78 -51.27 21.30
CA GLY K 295 35.46 -50.89 20.08
C GLY K 295 35.84 -52.09 19.25
N GLY K 296 37.08 -52.09 18.78
CA GLY K 296 37.67 -53.13 17.94
C GLY K 296 37.68 -54.53 18.53
N GLU K 297 37.79 -54.58 19.86
CA GLU K 297 37.81 -55.83 20.64
C GLU K 297 36.60 -56.73 20.34
N ALA K 298 35.42 -56.10 20.25
CA ALA K 298 34.15 -56.76 19.99
C ALA K 298 33.98 -57.45 18.64
N GLY K 299 34.79 -57.06 17.66
CA GLY K 299 34.75 -57.58 16.30
C GLY K 299 34.87 -59.10 16.16
N PHE K 300 35.77 -59.69 16.95
CA PHE K 300 36.01 -61.13 16.91
C PHE K 300 35.43 -61.91 18.11
N TYR K 301 34.50 -61.27 18.81
CA TYR K 301 33.82 -61.85 19.98
C TYR K 301 33.04 -63.12 19.71
N HIS K 302 32.51 -63.27 18.50
CA HIS K 302 31.75 -64.46 18.13
C HIS K 302 32.62 -65.52 17.46
N ILE K 303 33.60 -65.07 16.69
CA ILE K 303 34.56 -65.95 15.99
C ILE K 303 35.30 -66.78 17.05
N LEU K 304 35.98 -66.11 17.98
CA LEU K 304 36.57 -66.77 19.16
C LEU K 304 35.33 -66.84 20.04
N ASN K 305 35.06 -67.98 20.68
CA ASN K 305 33.85 -68.05 21.50
C ASN K 305 33.98 -67.29 22.82
N ASN K 306 34.07 -65.96 22.68
CA ASN K 306 34.19 -65.04 23.83
C ASN K 306 32.89 -65.10 24.61
N PRO K 307 32.99 -65.25 25.95
CA PRO K 307 31.81 -65.34 26.83
C PRO K 307 30.89 -64.13 26.78
N LYS K 308 31.50 -62.96 26.60
CA LYS K 308 30.78 -61.69 26.54
C LYS K 308 30.03 -61.45 25.22
N ALA K 309 30.20 -62.35 24.25
CA ALA K 309 29.53 -62.25 22.94
C ALA K 309 28.00 -62.19 23.04
N SER K 310 27.46 -62.87 24.06
CA SER K 310 26.03 -62.93 24.34
C SER K 310 25.45 -61.55 24.68
N LEU K 311 26.27 -60.72 25.32
CA LEU K 311 25.91 -59.37 25.75
C LEU K 311 25.59 -58.40 24.61
N LEU K 312 26.12 -58.70 23.43
CA LEU K 312 25.92 -57.88 22.23
C LEU K 312 24.64 -58.23 21.45
N SER K 313 23.87 -59.19 21.96
CA SER K 313 22.64 -59.65 21.32
C SER K 313 21.48 -58.65 21.42
N LEU K 314 20.77 -58.49 20.30
CA LEU K 314 19.58 -57.64 20.21
C LEU K 314 18.32 -58.50 20.18
N THR K 315 18.52 -59.82 20.06
CA THR K 315 17.46 -60.86 20.04
C THR K 315 16.62 -60.80 21.32
N GLN K 316 17.26 -60.36 22.42
CA GLN K 316 16.59 -60.16 23.72
C GLN K 316 15.51 -59.07 23.67
N PHE K 317 15.46 -58.33 22.56
CA PHE K 317 14.47 -57.28 22.31
C PHE K 317 13.66 -57.69 21.07
N PRO K 318 12.59 -58.50 21.26
CA PRO K 318 11.73 -59.04 20.20
C PRO K 318 11.18 -58.02 19.20
N HIS K 319 10.71 -56.88 19.70
CA HIS K 319 10.12 -55.83 18.87
C HIS K 319 11.12 -55.12 17.97
N PHE K 320 12.21 -54.62 18.55
CA PHE K 320 13.28 -53.93 17.81
C PHE K 320 13.96 -54.84 16.78
N SER K 321 14.22 -56.10 17.18
CA SER K 321 14.83 -57.09 16.29
C SER K 321 13.97 -57.36 15.06
N SER K 322 12.66 -57.41 15.27
CA SER K 322 11.68 -57.66 14.22
C SER K 322 11.61 -56.56 13.16
N VAL K 323 11.56 -55.31 13.60
CA VAL K 323 11.56 -54.16 12.68
C VAL K 323 12.89 -54.06 11.92
N VAL K 324 13.98 -54.38 12.62
CA VAL K 324 15.34 -54.40 12.06
C VAL K 324 15.45 -55.49 10.98
N LEU K 325 14.92 -56.66 11.30
CA LEU K 325 14.91 -57.81 10.38
C LEU K 325 13.97 -57.57 9.20
N GLY K 326 12.87 -56.86 9.46
CA GLY K 326 11.87 -56.48 8.47
C GLY K 326 12.47 -55.53 7.46
N ASN K 327 13.11 -54.48 7.96
CA ASN K 327 13.79 -53.47 7.14
C ASN K 327 14.85 -54.10 6.25
N ALA K 328 15.57 -55.09 6.78
CA ALA K 328 16.60 -55.84 6.07
C ALA K 328 16.01 -56.69 4.94
N ALA K 329 14.79 -57.19 5.16
CA ALA K 329 14.08 -58.00 4.17
C ALA K 329 13.47 -57.12 3.09
N GLY K 330 12.92 -55.98 3.50
CA GLY K 330 12.29 -54.98 2.63
C GLY K 330 13.28 -54.33 1.69
N LEU K 331 14.52 -54.15 2.16
CA LEU K 331 15.61 -53.59 1.37
C LEU K 331 16.29 -54.70 0.54
N GLY K 332 15.85 -55.94 0.74
CA GLY K 332 16.33 -57.11 0.04
C GLY K 332 17.78 -57.45 0.30
N ILE K 333 18.23 -57.25 1.54
CA ILE K 333 19.62 -57.49 1.92
C ILE K 333 19.90 -58.78 2.70
N MET K 334 18.85 -59.42 3.21
CA MET K 334 18.97 -60.70 3.92
C MET K 334 18.71 -61.88 2.97
N GLY K 335 18.60 -63.10 3.51
CA GLY K 335 18.35 -64.29 2.73
C GLY K 335 19.64 -64.89 2.16
N GLU K 336 19.96 -66.14 2.50
CA GLU K 336 19.15 -67.00 3.36
C GLU K 336 19.61 -66.91 4.83
N TYR K 337 19.30 -65.77 5.45
CA TYR K 337 19.63 -65.53 6.85
C TYR K 337 18.63 -66.30 7.71
N ARG K 338 19.15 -67.21 8.53
CA ARG K 338 18.34 -68.07 9.38
C ARG K 338 17.74 -67.44 10.65
N GLY K 339 17.65 -66.11 10.66
CA GLY K 339 17.07 -65.35 11.75
C GLY K 339 15.57 -65.22 11.57
N THR K 340 14.83 -65.52 12.63
CA THR K 340 13.37 -65.48 12.64
C THR K 340 12.87 -64.33 13.52
N PRO K 341 11.92 -63.51 13.02
CA PRO K 341 11.38 -62.42 13.84
C PRO K 341 10.41 -62.92 14.90
N ARG K 342 10.60 -62.48 16.14
CA ARG K 342 9.74 -62.87 17.27
C ARG K 342 8.34 -62.26 17.17
N ASN K 343 8.26 -61.05 16.61
CA ASN K 343 7.00 -60.35 16.38
C ASN K 343 6.81 -60.31 14.86
N GLN K 344 5.88 -61.14 14.37
CA GLN K 344 5.62 -61.24 12.94
C GLN K 344 4.97 -60.00 12.34
N ASP K 345 4.01 -59.43 13.05
CA ASP K 345 3.29 -58.23 12.61
C ASP K 345 4.17 -57.00 12.40
N LEU K 346 5.13 -56.80 13.31
CA LEU K 346 6.09 -55.70 13.23
C LEU K 346 7.08 -55.89 12.10
N TYR K 347 7.47 -57.14 11.85
CA TYR K 347 8.38 -57.52 10.78
C TYR K 347 7.75 -57.20 9.41
N ASP K 348 6.51 -57.66 9.23
CA ASP K 348 5.73 -57.47 8.00
C ASP K 348 5.48 -55.99 7.70
N ALA K 349 5.22 -55.22 8.76
CA ALA K 349 4.98 -53.77 8.65
C ALA K 349 6.26 -53.03 8.27
N ALA K 350 7.39 -53.46 8.82
CA ALA K 350 8.70 -52.88 8.54
C ALA K 350 9.21 -53.26 7.15
N LYS K 351 8.91 -54.50 6.74
CA LYS K 351 9.28 -55.01 5.42
C LYS K 351 8.54 -54.23 4.34
N ALA K 352 7.26 -53.95 4.59
CA ALA K 352 6.38 -53.19 3.69
C ALA K 352 6.86 -51.77 3.49
N TYR K 353 7.21 -51.09 4.59
CA TYR K 353 7.71 -49.71 4.55
C TYR K 353 9.06 -49.60 3.86
N ALA K 354 9.93 -50.58 4.10
CA ALA K 354 11.27 -50.64 3.51
C ALA K 354 11.20 -50.85 1.99
N GLU K 355 10.19 -51.61 1.56
CA GLU K 355 9.93 -51.86 0.14
C GLU K 355 9.44 -50.58 -0.55
N GLN K 356 8.71 -49.76 0.20
CA GLN K 356 8.21 -48.48 -0.29
C GLN K 356 9.32 -47.42 -0.34
N LEU K 357 10.34 -47.58 0.51
CA LEU K 357 11.48 -46.67 0.59
C LEU K 357 12.36 -46.74 -0.66
N LYS K 358 12.50 -47.94 -1.22
CA LYS K 358 13.30 -48.16 -2.43
C LYS K 358 12.60 -47.80 -3.76
N GLU K 359 11.47 -47.09 -3.65
CA GLU K 359 10.69 -46.62 -4.79
C GLU K 359 10.66 -45.09 -4.85
N ASN K 360 10.67 -44.47 -3.66
CA ASN K 360 10.68 -43.01 -3.52
C ASN K 360 12.11 -42.45 -3.53
N GLY K 361 12.30 -41.25 -3.00
CA GLY K 361 13.60 -40.58 -2.93
C GLY K 361 13.52 -39.14 -3.35
N VAL K 362 13.26 -38.26 -2.38
CA VAL K 362 13.15 -36.81 -2.61
C VAL K 362 14.46 -36.13 -2.20
N ILE K 363 14.85 -35.10 -2.97
CA ILE K 363 16.07 -34.33 -2.73
C ILE K 363 15.91 -33.37 -1.55
N ASN K 364 16.85 -33.46 -0.60
CA ASN K 364 16.88 -32.57 0.56
C ASN K 364 17.89 -31.45 0.27
N TYR K 365 17.35 -30.30 -0.13
CA TYR K 365 18.13 -29.12 -0.52
C TYR K 365 18.80 -28.36 0.63
N SER K 366 18.34 -28.61 1.85
CA SER K 366 18.88 -27.98 3.06
C SER K 366 20.27 -28.48 3.44
N VAL K 367 20.61 -29.69 2.99
CA VAL K 367 21.91 -30.34 3.25
C VAL K 367 23.04 -29.61 2.53
N LEU K 368 22.81 -29.28 1.25
CA LEU K 368 23.77 -28.57 0.41
C LEU K 368 23.92 -27.12 0.84
N ASP K 369 25.14 -26.59 0.69
CA ASP K 369 25.47 -25.21 1.05
C ASP K 369 25.13 -24.21 -0.06
N LEU K 370 23.89 -24.29 -0.55
CA LEU K 370 23.38 -23.44 -1.63
C LEU K 370 23.13 -22.00 -1.19
N THR K 371 23.53 -21.05 -2.04
CA THR K 371 23.38 -19.62 -1.78
C THR K 371 22.08 -19.10 -2.41
N ALA K 372 22.19 -18.39 -3.54
CA ALA K 372 21.05 -17.85 -4.27
C ALA K 372 20.45 -18.98 -5.12
N GLU K 373 19.31 -19.49 -4.68
CA GLU K 373 18.63 -20.60 -5.34
C GLU K 373 17.65 -20.19 -6.44
N GLU K 374 17.91 -20.71 -7.63
CA GLU K 374 17.11 -20.46 -8.83
C GLU K 374 16.75 -21.82 -9.47
N LEU K 375 16.95 -22.89 -8.69
CA LEU K 375 16.71 -24.27 -9.13
C LEU K 375 15.25 -24.63 -9.32
N ALA L 2 17.44 -43.00 22.94
CA ALA L 2 17.27 -42.23 21.71
C ALA L 2 17.79 -43.00 20.49
N LEU L 3 17.10 -42.84 19.37
CA LEU L 3 17.49 -43.48 18.11
C LEU L 3 18.75 -42.86 17.50
N SER L 4 19.21 -41.75 18.08
CA SER L 4 20.44 -41.08 17.64
C SER L 4 21.65 -41.85 18.17
N LYS L 5 21.45 -42.53 19.30
CA LYS L 5 22.48 -43.32 19.98
C LYS L 5 22.77 -44.67 19.31
N VAL L 6 21.82 -45.16 18.50
CA VAL L 6 21.99 -46.42 17.75
C VAL L 6 22.95 -46.24 16.57
N LYS L 7 24.24 -46.31 16.89
CA LYS L 7 25.33 -46.17 15.91
C LYS L 7 26.52 -47.02 16.31
N LEU L 8 27.42 -47.25 15.35
CA LEU L 8 28.64 -48.04 15.55
C LEU L 8 29.66 -47.62 14.51
N ASN L 9 30.79 -47.08 14.97
CA ASN L 9 31.85 -46.62 14.08
C ASN L 9 32.82 -47.75 13.76
N ASP L 10 32.39 -48.63 12.86
CA ASP L 10 33.17 -49.79 12.43
C ASP L 10 34.52 -49.45 11.80
N THR L 11 34.57 -48.38 11.02
CA THR L 11 35.79 -47.92 10.34
C THR L 11 36.88 -47.55 11.35
N LEU L 12 36.51 -46.77 12.35
CA LEU L 12 37.42 -46.32 13.41
C LEU L 12 37.85 -47.46 14.34
N ASN L 13 36.89 -48.33 14.69
CA ASN L 13 37.12 -49.47 15.56
C ASN L 13 38.03 -50.53 14.94
N LYS L 14 37.87 -50.77 13.64
CA LYS L 14 38.70 -51.72 12.89
C LYS L 14 40.16 -51.28 12.88
N ASP L 15 40.36 -49.97 12.66
CA ASP L 15 41.67 -49.35 12.69
C ASP L 15 42.29 -49.46 14.10
N GLN L 16 41.47 -49.16 15.11
CA GLN L 16 41.86 -49.23 16.53
C GLN L 16 42.37 -50.62 16.88
N LEU L 17 41.68 -51.66 16.38
CA LEU L 17 42.05 -53.06 16.60
C LEU L 17 43.42 -53.38 16.01
N LEU L 18 43.67 -52.88 14.79
CA LEU L 18 44.93 -53.10 14.09
C LEU L 18 46.09 -52.27 14.61
N SER L 19 45.78 -51.05 15.07
CA SER L 19 46.77 -50.15 15.63
C SER L 19 47.24 -50.60 17.02
N SER L 20 46.38 -51.33 17.73
CA SER L 20 46.67 -51.81 19.07
C SER L 20 46.94 -53.32 19.17
N SER L 21 47.71 -53.85 18.22
CA SER L 21 48.06 -55.28 18.23
C SER L 21 49.14 -55.55 19.28
N LYS L 22 48.90 -56.57 20.11
CA LYS L 22 49.84 -56.94 21.17
C LYS L 22 50.99 -57.81 20.65
N TYR L 23 50.79 -58.40 19.48
CA TYR L 23 51.73 -59.32 18.84
C TYR L 23 52.12 -58.89 17.44
N THR L 24 53.26 -59.41 16.96
CA THR L 24 53.83 -59.03 15.66
C THR L 24 54.30 -60.20 14.80
N ILE L 25 54.17 -60.05 13.49
CA ILE L 25 54.65 -61.04 12.52
C ILE L 25 55.92 -60.54 11.84
N GLN L 26 56.81 -61.47 11.50
CA GLN L 26 58.06 -61.15 10.81
C GLN L 26 58.21 -62.07 9.60
N ARG L 27 58.33 -61.46 8.43
CA ARG L 27 58.38 -62.18 7.16
C ARG L 27 59.79 -62.43 6.65
N SER L 28 59.99 -63.61 6.06
CA SER L 28 61.27 -63.97 5.47
C SER L 28 61.33 -63.45 4.03
N THR L 29 62.30 -62.57 3.76
CA THR L 29 62.50 -61.95 2.44
C THR L 29 63.01 -62.93 1.38
N GLY L 30 63.71 -63.96 1.84
CA GLY L 30 64.30 -64.98 1.00
C GLY L 30 65.65 -65.34 1.59
N ASP L 31 66.68 -65.29 0.75
CA ASP L 31 68.04 -65.63 1.18
C ASP L 31 68.91 -64.46 1.60
N SER L 32 69.09 -63.48 0.70
CA SER L 32 69.93 -62.30 0.96
C SER L 32 69.50 -61.06 0.20
N ILE L 33 69.66 -59.91 0.85
CA ILE L 33 69.38 -58.60 0.24
C ILE L 33 70.67 -57.78 0.29
N ASP L 34 71.06 -57.24 -0.87
CA ASP L 34 72.22 -56.38 -0.98
C ASP L 34 71.85 -55.03 -0.36
N THR L 35 72.64 -54.61 0.63
CA THR L 35 72.43 -53.34 1.30
C THR L 35 73.64 -52.44 1.04
N PRO L 36 73.65 -51.74 -0.12
CA PRO L 36 74.82 -50.89 -0.40
C PRO L 36 74.82 -49.61 0.42
N ASN L 37 76.01 -49.22 0.86
CA ASN L 37 76.19 -48.00 1.64
C ASN L 37 76.61 -46.86 0.72
N TYR L 38 76.74 -45.67 1.29
CA TYR L 38 77.10 -44.44 0.57
C TYR L 38 78.38 -44.51 -0.27
N ASP L 39 79.34 -45.33 0.16
CA ASP L 39 80.62 -45.51 -0.55
C ASP L 39 80.47 -46.08 -1.96
N VAL L 40 79.44 -46.90 -2.15
CA VAL L 40 79.14 -47.58 -3.40
C VAL L 40 78.18 -46.79 -4.31
N GLN L 41 77.57 -45.73 -3.75
CA GLN L 41 76.60 -44.86 -4.45
C GLN L 41 77.06 -44.32 -5.79
N LYS L 42 78.28 -43.77 -5.83
CA LYS L 42 78.86 -43.20 -7.05
C LYS L 42 79.04 -44.25 -8.15
N HIS L 43 79.42 -45.46 -7.75
CA HIS L 43 79.60 -46.59 -8.67
C HIS L 43 78.29 -47.03 -9.31
N ILE L 44 77.21 -47.03 -8.53
CA ILE L 44 75.87 -47.41 -9.01
C ILE L 44 75.35 -46.37 -10.00
N ASN L 45 75.62 -45.09 -9.70
CA ASN L 45 75.23 -43.98 -10.57
C ASN L 45 75.90 -44.10 -11.94
N LYS L 46 77.17 -44.54 -11.93
CA LYS L 46 77.96 -44.76 -13.14
C LYS L 46 77.35 -45.93 -13.93
N LEU L 47 76.91 -46.97 -13.20
CA LEU L 47 76.26 -48.16 -13.78
C LEU L 47 74.92 -47.80 -14.42
N CYS L 48 74.20 -46.88 -13.77
CA CYS L 48 72.92 -46.35 -14.26
C CYS L 48 73.15 -45.59 -15.55
N GLY L 49 74.22 -44.78 -15.56
CA GLY L 49 74.64 -43.99 -16.70
C GLY L 49 75.06 -44.82 -17.88
N MET L 50 75.68 -45.98 -17.59
CA MET L 50 76.12 -46.92 -18.62
C MET L 50 74.94 -47.49 -19.40
N LEU L 51 73.84 -47.75 -18.69
CA LEU L 51 72.59 -48.25 -19.29
C LEU L 51 71.89 -47.14 -20.09
N LEU L 52 72.02 -45.91 -19.60
CA LEU L 52 71.43 -44.73 -20.23
C LEU L 52 72.13 -44.30 -21.52
N ILE L 53 73.44 -44.53 -21.62
CA ILE L 53 74.19 -44.18 -22.83
C ILE L 53 74.08 -45.26 -23.91
N THR L 54 73.79 -46.48 -23.47
CA THR L 54 73.65 -47.65 -24.35
C THR L 54 72.41 -47.55 -25.25
N GLU L 55 72.65 -47.47 -26.56
CA GLU L 55 71.61 -47.44 -27.57
C GLU L 55 71.00 -48.85 -27.61
N ASP L 56 69.68 -48.91 -27.47
CA ASP L 56 68.91 -50.17 -27.42
C ASP L 56 69.45 -51.10 -26.31
N ALA L 57 69.47 -50.55 -25.09
CA ALA L 57 69.98 -51.22 -23.90
C ALA L 57 69.06 -52.32 -23.39
N ASN L 58 69.67 -53.29 -22.71
CA ASN L 58 68.96 -54.40 -22.08
C ASN L 58 68.58 -53.96 -20.66
N HIS L 59 67.33 -53.51 -20.52
CA HIS L 59 66.82 -53.05 -19.24
C HIS L 59 66.20 -54.13 -18.36
N LYS L 60 66.75 -55.33 -18.45
CA LYS L 60 66.28 -56.49 -17.67
C LYS L 60 66.64 -56.33 -16.20
N PHE L 61 67.74 -55.62 -15.94
CA PHE L 61 68.28 -55.44 -14.59
C PHE L 61 68.17 -54.03 -14.03
N THR L 62 67.65 -53.10 -14.84
CA THR L 62 67.49 -51.69 -14.46
C THR L 62 66.59 -51.45 -13.25
N GLY L 63 65.54 -52.27 -13.10
CA GLY L 63 64.62 -52.20 -11.97
C GLY L 63 65.36 -52.50 -10.67
N LEU L 64 66.21 -53.53 -10.71
CA LEU L 64 67.03 -53.95 -9.57
C LEU L 64 68.17 -52.96 -9.31
N ILE L 65 68.83 -52.49 -10.39
CA ILE L 65 69.92 -51.52 -10.32
C ILE L 65 69.41 -50.19 -9.73
N GLY L 66 68.20 -49.81 -10.15
CA GLY L 66 67.51 -48.63 -9.67
C GLY L 66 67.27 -48.71 -8.17
N MET L 67 66.86 -49.89 -7.71
CA MET L 67 66.64 -50.17 -6.29
C MET L 67 67.93 -50.09 -5.48
N LEU L 68 69.03 -50.56 -6.07
CA LEU L 68 70.35 -50.51 -5.45
C LEU L 68 70.81 -49.06 -5.26
N TYR L 69 70.53 -48.20 -6.24
CA TYR L 69 70.87 -46.78 -6.16
C TYR L 69 70.08 -46.08 -5.05
N ALA L 70 68.78 -46.42 -4.94
CA ALA L 70 67.91 -45.86 -3.91
C ALA L 70 68.37 -46.29 -2.53
N MET L 71 68.85 -47.53 -2.43
CA MET L 71 69.37 -48.10 -1.19
C MET L 71 70.72 -47.50 -0.81
N SER L 72 71.55 -47.20 -1.82
CA SER L 72 72.86 -46.58 -1.62
C SER L 72 72.75 -45.12 -1.19
N ARG L 73 71.62 -44.49 -1.55
CA ARG L 73 71.32 -43.12 -1.13
C ARG L 73 70.87 -43.12 0.32
N LEU L 74 70.09 -44.13 0.70
CA LEU L 74 69.62 -44.32 2.07
C LEU L 74 70.77 -44.76 2.98
N GLY L 75 71.65 -45.61 2.44
CA GLY L 75 72.82 -46.13 3.13
C GLY L 75 72.50 -47.32 4.02
N ARG L 76 73.31 -48.37 3.91
CA ARG L 76 73.17 -49.64 4.66
C ARG L 76 72.34 -49.62 5.94
N GLU L 77 72.75 -48.80 6.91
CA GLU L 77 72.08 -48.67 8.21
C GLU L 77 70.58 -48.36 8.11
N ASP L 78 70.26 -47.30 7.36
CA ASP L 78 68.86 -46.88 7.15
C ASP L 78 68.03 -47.89 6.35
N THR L 79 68.59 -48.42 5.25
CA THR L 79 67.89 -49.43 4.46
C THR L 79 67.52 -50.71 5.23
N ILE L 80 68.43 -51.17 6.09
CA ILE L 80 68.19 -52.33 6.97
C ILE L 80 67.05 -51.99 7.94
N LYS L 81 67.10 -50.77 8.49
CA LYS L 81 66.07 -50.25 9.40
C LYS L 81 64.68 -50.22 8.74
N ILE L 82 64.62 -49.75 7.49
CA ILE L 82 63.35 -49.70 6.75
C ILE L 82 62.78 -51.08 6.45
N LEU L 83 63.68 -52.04 6.20
CA LEU L 83 63.30 -53.43 5.93
C LEU L 83 62.77 -54.11 7.20
N ARG L 84 63.41 -53.83 8.33
CA ARG L 84 63.01 -54.40 9.62
C ARG L 84 61.72 -53.78 10.14
N ASP L 85 61.57 -52.46 9.96
CA ASP L 85 60.36 -51.74 10.37
C ASP L 85 59.14 -52.15 9.55
N ALA L 86 59.38 -52.54 8.30
CA ALA L 86 58.33 -53.01 7.38
C ALA L 86 57.78 -54.37 7.78
N GLY L 87 58.61 -55.15 8.49
CA GLY L 87 58.28 -56.47 8.99
C GLY L 87 58.99 -57.60 8.28
N TYR L 88 60.25 -57.39 7.93
CA TYR L 88 61.04 -58.39 7.21
C TYR L 88 62.34 -58.78 7.92
N HIS L 89 62.63 -60.08 7.86
CA HIS L 89 63.86 -60.67 8.41
C HIS L 89 64.91 -60.56 7.32
N VAL L 90 65.94 -59.75 7.58
CA VAL L 90 66.97 -59.48 6.58
C VAL L 90 68.39 -59.97 6.81
N LYS L 91 68.90 -60.73 5.84
CA LYS L 91 70.27 -61.21 5.79
C LYS L 91 70.96 -60.22 4.85
N ALA L 92 71.57 -59.20 5.44
CA ALA L 92 72.22 -58.13 4.70
C ALA L 92 73.51 -58.54 4.02
N ASN L 93 73.61 -58.20 2.74
CA ASN L 93 74.81 -58.46 1.94
C ASN L 93 75.56 -57.14 1.74
N GLY L 94 76.82 -57.12 2.16
CA GLY L 94 77.68 -55.96 2.04
C GLY L 94 78.21 -55.78 0.63
N VAL L 95 77.92 -54.63 0.04
CA VAL L 95 78.35 -54.31 -1.32
C VAL L 95 79.70 -53.58 -1.30
N ASP L 96 80.69 -54.21 -1.94
CA ASP L 96 82.05 -53.67 -2.02
C ASP L 96 82.51 -53.64 -3.48
N VAL L 97 83.44 -52.74 -3.79
CA VAL L 97 83.99 -52.61 -5.14
C VAL L 97 85.26 -53.47 -5.26
N THR L 98 85.27 -54.33 -6.28
CA THR L 98 86.40 -55.23 -6.56
C THR L 98 86.75 -55.16 -8.04
N THR L 99 88.04 -55.34 -8.34
CA THR L 99 88.53 -55.32 -9.72
C THR L 99 88.53 -56.75 -10.28
N HIS L 100 87.83 -56.93 -11.40
CA HIS L 100 87.72 -58.23 -12.05
C HIS L 100 88.47 -58.22 -13.38
N ARG L 101 89.36 -59.20 -13.53
CA ARG L 101 90.15 -59.36 -14.75
C ARG L 101 89.61 -60.51 -15.59
N GLN L 102 89.19 -60.19 -16.81
CA GLN L 102 88.64 -61.15 -17.76
C GLN L 102 89.08 -60.80 -19.17
N ASP L 103 89.51 -61.81 -19.92
CA ASP L 103 89.97 -61.64 -21.30
C ASP L 103 88.85 -61.68 -22.33
N ILE L 104 88.38 -60.50 -22.72
CA ILE L 104 87.33 -60.31 -23.71
C ILE L 104 88.00 -60.08 -25.06
N ASN L 105 87.69 -60.97 -26.01
CA ASN L 105 88.23 -60.97 -27.37
C ASN L 105 89.77 -61.13 -27.41
N GLY L 106 90.27 -62.00 -26.52
CA GLY L 106 91.69 -62.29 -26.39
C GLY L 106 92.42 -61.38 -25.41
N LYS L 107 92.19 -60.08 -25.56
CA LYS L 107 92.83 -59.04 -24.74
C LYS L 107 92.27 -59.04 -23.30
N GLU L 108 93.17 -59.17 -22.33
CA GLU L 108 92.81 -59.18 -20.91
C GLU L 108 92.38 -57.77 -20.48
N MET L 109 91.16 -57.68 -19.93
CA MET L 109 90.57 -56.41 -19.52
C MET L 109 90.23 -56.34 -18.03
N LYS L 110 90.31 -55.13 -17.48
CA LYS L 110 89.99 -54.85 -16.08
C LYS L 110 88.63 -54.17 -15.97
N PHE L 111 87.86 -54.57 -14.96
CA PHE L 111 86.52 -54.03 -14.70
C PHE L 111 86.29 -53.80 -13.21
N GLU L 112 85.65 -52.69 -12.89
CA GLU L 112 85.29 -52.36 -11.51
C GLU L 112 83.87 -52.87 -11.30
N VAL L 113 83.74 -53.94 -10.52
CA VAL L 113 82.44 -54.57 -10.25
C VAL L 113 82.06 -54.52 -8.78
N LEU L 114 80.77 -54.73 -8.51
CA LEU L 114 80.23 -54.74 -7.15
C LEU L 114 79.95 -56.16 -6.69
N THR L 115 80.19 -56.42 -5.40
CA THR L 115 79.93 -57.73 -4.80
C THR L 115 78.44 -57.83 -4.47
N LEU L 116 77.66 -58.15 -5.50
CA LEU L 116 76.21 -58.27 -5.40
C LEU L 116 75.75 -59.71 -5.58
N ALA L 117 74.74 -60.08 -4.80
CA ALA L 117 74.14 -61.41 -4.87
C ALA L 117 73.10 -61.44 -5.98
N SER L 118 72.30 -60.37 -6.03
CA SER L 118 71.24 -60.19 -7.03
C SER L 118 71.77 -60.00 -8.45
N LEU L 119 72.96 -59.40 -8.56
CA LEU L 119 73.58 -59.13 -9.86
C LEU L 119 74.95 -59.80 -10.01
N THR L 120 75.06 -60.63 -11.04
CA THR L 120 76.29 -61.37 -11.36
C THR L 120 77.37 -60.44 -11.86
N THR L 121 78.63 -60.77 -11.56
CA THR L 121 79.79 -60.00 -12.02
C THR L 121 79.94 -60.14 -13.54
N GLU L 122 79.44 -61.26 -14.06
CA GLU L 122 79.45 -61.58 -15.50
C GLU L 122 78.45 -60.69 -16.24
N ILE L 123 77.32 -60.38 -15.60
CA ILE L 123 76.32 -59.52 -16.22
C ILE L 123 76.65 -58.04 -16.07
N GLN L 124 77.40 -57.71 -15.01
CA GLN L 124 77.83 -56.34 -14.72
C GLN L 124 78.84 -55.85 -15.75
N ILE L 125 79.78 -56.74 -16.13
CA ILE L 125 80.81 -56.44 -17.13
C ILE L 125 80.21 -56.22 -18.51
N ASN L 126 79.14 -56.96 -18.82
CA ASN L 126 78.42 -56.84 -20.09
C ASN L 126 77.69 -55.50 -20.25
N ILE L 127 77.29 -54.90 -19.13
CA ILE L 127 76.66 -53.58 -19.13
C ILE L 127 77.72 -52.54 -19.52
N GLU L 128 78.93 -52.69 -18.95
CA GLU L 128 80.08 -51.83 -19.24
C GLU L 128 80.59 -52.04 -20.68
N ILE L 129 80.60 -53.30 -21.13
CA ILE L 129 81.04 -53.68 -22.47
C ILE L 129 80.18 -53.02 -23.56
N GLU L 130 78.86 -53.17 -23.43
CA GLU L 130 77.91 -52.59 -24.38
C GLU L 130 77.82 -51.07 -24.33
N SER L 131 78.14 -50.48 -23.18
CA SER L 131 78.15 -49.04 -23.00
C SER L 131 79.35 -48.41 -23.70
N ARG L 132 80.50 -49.08 -23.60
CA ARG L 132 81.75 -48.65 -24.26
C ARG L 132 81.61 -48.63 -25.78
N LYS L 133 80.85 -49.59 -26.30
CA LYS L 133 80.54 -49.70 -27.73
C LYS L 133 79.72 -48.47 -28.16
N SER L 134 78.69 -48.15 -27.36
CA SER L 134 77.81 -47.01 -27.61
C SER L 134 78.51 -45.68 -27.37
N TYR L 135 79.53 -45.68 -26.51
CA TYR L 135 80.31 -44.48 -26.18
C TYR L 135 81.27 -44.14 -27.31
N LYS L 136 81.95 -45.15 -27.87
CA LYS L 136 82.90 -44.94 -28.96
C LYS L 136 82.20 -44.54 -30.27
N LYS L 137 80.97 -45.02 -30.45
CA LYS L 137 80.12 -44.69 -31.59
C LYS L 137 79.65 -43.23 -31.46
N MET L 138 79.38 -42.85 -30.21
CA MET L 138 78.95 -41.50 -29.85
C MET L 138 80.12 -40.51 -29.98
N LEU L 139 81.33 -40.98 -29.65
CA LEU L 139 82.55 -40.18 -29.74
C LEU L 139 82.94 -39.96 -31.22
N LYS L 140 82.60 -40.93 -32.06
CA LYS L 140 82.86 -40.88 -33.50
C LYS L 140 81.89 -39.91 -34.20
N GLU L 141 80.68 -39.79 -33.66
CA GLU L 141 79.62 -38.93 -34.20
C GLU L 141 79.74 -37.45 -33.85
N MET L 142 80.09 -37.16 -32.59
CA MET L 142 80.19 -35.78 -32.11
C MET L 142 81.59 -35.27 -31.73
N GLY L 143 82.60 -36.11 -31.90
CA GLY L 143 83.98 -35.77 -31.61
C GLY L 143 84.29 -35.79 -30.12
N GLU L 144 83.75 -34.79 -29.41
CA GLU L 144 83.91 -34.64 -27.97
C GLU L 144 82.53 -34.78 -27.31
N VAL L 145 82.45 -35.63 -26.28
CA VAL L 145 81.19 -35.86 -25.56
C VAL L 145 81.01 -34.95 -24.36
N ALA L 146 79.94 -34.15 -24.40
CA ALA L 146 79.59 -33.19 -23.37
C ALA L 146 79.23 -33.86 -22.03
N PRO L 147 79.33 -33.12 -20.89
CA PRO L 147 78.99 -33.70 -19.59
C PRO L 147 77.54 -34.19 -19.45
N GLU L 148 76.64 -33.61 -20.25
CA GLU L 148 75.21 -33.96 -20.26
C GLU L 148 74.93 -35.31 -20.91
N TYR L 149 75.74 -35.67 -21.92
CA TYR L 149 75.58 -36.90 -22.67
C TYR L 149 76.28 -38.14 -22.11
N ARG L 150 77.17 -37.93 -21.14
CA ARG L 150 77.96 -39.01 -20.53
C ARG L 150 77.37 -39.72 -19.31
N HIS L 151 77.90 -40.91 -19.02
CA HIS L 151 77.51 -41.76 -17.91
C HIS L 151 77.93 -41.24 -16.51
N ASP L 152 78.94 -40.36 -16.49
CA ASP L 152 79.49 -39.78 -15.27
C ASP L 152 78.50 -38.88 -14.52
N SER L 153 77.62 -38.20 -15.27
CA SER L 153 76.64 -37.26 -14.75
C SER L 153 75.90 -37.74 -13.50
N PRO L 154 75.80 -36.87 -12.45
CA PRO L 154 75.14 -37.20 -11.20
C PRO L 154 73.62 -37.44 -11.32
N ASP L 155 73.04 -36.95 -12.41
CA ASP L 155 71.62 -37.09 -12.69
C ASP L 155 71.21 -38.52 -13.04
N CYS L 156 72.12 -39.27 -13.66
CA CYS L 156 71.92 -40.64 -14.13
C CYS L 156 71.07 -41.58 -13.26
N GLY L 157 71.49 -41.78 -12.01
CA GLY L 157 70.78 -42.63 -11.08
C GLY L 157 69.35 -42.17 -10.84
N MET L 158 69.20 -40.87 -10.61
CA MET L 158 67.89 -40.25 -10.38
C MET L 158 66.98 -40.22 -11.61
N ILE L 159 67.58 -40.18 -12.81
CA ILE L 159 66.85 -40.21 -14.08
C ILE L 159 66.11 -41.54 -14.17
N ILE L 160 66.81 -42.63 -13.85
CA ILE L 160 66.26 -43.97 -13.82
C ILE L 160 65.15 -44.08 -12.76
N LEU L 161 65.40 -43.50 -11.59
CA LEU L 161 64.41 -43.48 -10.51
C LEU L 161 63.19 -42.59 -10.78
N CYS L 162 63.30 -41.74 -11.80
CA CYS L 162 62.20 -40.86 -12.21
C CYS L 162 61.07 -41.68 -12.84
N ILE L 163 61.43 -42.67 -13.66
CA ILE L 163 60.43 -43.57 -14.25
C ILE L 163 59.91 -44.58 -13.23
N ALA L 164 60.71 -44.84 -12.19
CA ALA L 164 60.33 -45.70 -11.08
C ALA L 164 59.23 -45.03 -10.27
N ALA L 165 59.29 -43.70 -10.19
CA ALA L 165 58.28 -42.86 -9.53
C ALA L 165 56.99 -42.86 -10.35
N LEU L 166 57.13 -42.99 -11.67
CA LEU L 166 55.99 -43.04 -12.57
C LEU L 166 55.28 -44.40 -12.50
N VAL L 167 56.07 -45.45 -12.30
CA VAL L 167 55.57 -46.82 -12.13
C VAL L 167 54.77 -46.88 -10.83
N ILE L 168 55.37 -46.30 -9.77
CA ILE L 168 54.75 -46.22 -8.44
C ILE L 168 53.43 -45.44 -8.48
N THR L 169 53.35 -44.48 -9.41
CA THR L 169 52.18 -43.64 -9.63
C THR L 169 50.96 -44.44 -10.10
N LYS L 170 51.23 -45.47 -10.90
CA LYS L 170 50.19 -46.33 -11.49
C LYS L 170 50.11 -47.77 -10.92
N LEU L 171 50.73 -47.99 -9.76
CA LEU L 171 50.71 -49.31 -9.10
C LEU L 171 49.37 -49.67 -8.45
N ALA L 172 48.54 -48.64 -8.23
CA ALA L 172 47.20 -48.79 -7.62
C ALA L 172 46.27 -49.71 -8.42
N ALA L 173 46.45 -49.73 -9.74
CA ALA L 173 45.69 -50.59 -10.65
C ALA L 173 46.08 -52.05 -10.46
N GLY L 174 47.35 -52.28 -10.11
CA GLY L 174 47.96 -53.58 -9.83
C GLY L 174 47.95 -54.61 -10.95
N ASP L 175 48.14 -54.16 -12.18
CA ASP L 175 48.12 -55.07 -13.35
C ASP L 175 48.94 -54.60 -14.57
N ARG L 176 49.84 -53.63 -14.37
CA ARG L 176 50.67 -53.05 -15.43
C ARG L 176 49.90 -52.28 -16.51
N SER L 177 48.62 -52.02 -16.25
CA SER L 177 47.75 -51.29 -17.18
C SER L 177 48.18 -49.84 -17.38
N GLY L 178 48.76 -49.26 -16.33
CA GLY L 178 49.26 -47.90 -16.32
C GLY L 178 50.46 -47.62 -17.21
N LEU L 179 51.15 -48.68 -17.64
CA LEU L 179 52.34 -48.59 -18.51
C LEU L 179 52.27 -47.58 -19.65
N THR L 180 51.12 -47.53 -20.32
CA THR L 180 50.86 -46.59 -21.43
C THR L 180 50.98 -45.14 -20.96
N ALA L 181 50.37 -44.85 -19.81
CA ALA L 181 50.42 -43.53 -19.17
C ALA L 181 51.81 -43.22 -18.64
N VAL L 182 52.49 -44.27 -18.15
CA VAL L 182 53.86 -44.18 -17.63
C VAL L 182 54.80 -43.71 -18.74
N ILE L 183 54.68 -44.31 -19.92
CA ILE L 183 55.48 -43.96 -21.10
C ILE L 183 55.13 -42.54 -21.57
N ARG L 184 53.82 -42.29 -21.72
CA ARG L 184 53.28 -40.99 -22.13
C ARG L 184 53.85 -39.84 -21.32
N ARG L 185 53.75 -39.95 -19.99
CA ARG L 185 54.25 -38.93 -19.06
C ARG L 185 55.77 -38.81 -19.06
N ALA L 186 56.46 -39.94 -19.24
CA ALA L 186 57.92 -39.99 -19.32
C ALA L 186 58.46 -39.27 -20.56
N ASN L 187 57.55 -38.97 -21.49
CA ASN L 187 57.88 -38.25 -22.71
C ASN L 187 57.59 -36.76 -22.59
N ASN L 188 56.47 -36.40 -21.94
CA ASN L 188 56.07 -35.00 -21.70
C ASN L 188 57.04 -34.37 -20.70
N VAL L 189 57.12 -35.00 -19.52
CA VAL L 189 58.07 -34.65 -18.46
C VAL L 189 59.29 -35.47 -18.90
N LEU L 190 60.49 -35.13 -18.41
CA LEU L 190 61.71 -35.91 -18.74
C LEU L 190 62.11 -35.92 -20.23
N LYS L 191 61.64 -34.92 -20.98
CA LYS L 191 61.93 -34.81 -22.42
C LYS L 191 63.39 -34.47 -22.74
N ASN L 192 63.95 -33.56 -21.95
CA ASN L 192 65.34 -33.12 -22.07
C ASN L 192 66.31 -34.27 -21.73
N GLU L 193 65.91 -35.08 -20.76
CA GLU L 193 66.69 -36.24 -20.28
C GLU L 193 66.78 -37.32 -21.35
N MET L 194 65.70 -37.48 -22.11
CA MET L 194 65.62 -38.46 -23.20
C MET L 194 66.48 -38.05 -24.39
N LYS L 195 66.69 -36.74 -24.55
CA LYS L 195 67.51 -36.18 -25.61
C LYS L 195 68.99 -36.51 -25.36
N ARG L 196 69.42 -36.36 -24.11
CA ARG L 196 70.80 -36.63 -23.72
C ARG L 196 71.17 -38.11 -23.57
N TYR L 197 70.17 -38.96 -23.31
CA TYR L 197 70.40 -40.40 -23.15
C TYR L 197 69.61 -41.31 -24.09
N LYS L 198 70.37 -41.98 -24.97
CA LYS L 198 69.84 -42.92 -25.96
C LYS L 198 69.15 -44.13 -25.34
N GLY L 199 69.62 -44.53 -24.16
CA GLY L 199 69.12 -45.67 -23.40
C GLY L 199 67.95 -45.41 -22.48
N LEU L 200 67.42 -44.18 -22.49
CA LEU L 200 66.25 -43.85 -21.69
C LEU L 200 65.03 -44.33 -22.47
N LEU L 201 64.71 -45.61 -22.29
CA LEU L 201 63.59 -46.27 -22.96
C LEU L 201 62.49 -46.47 -21.91
N PRO L 202 61.52 -45.51 -21.83
CA PRO L 202 60.45 -45.60 -20.82
C PRO L 202 59.78 -46.97 -20.68
N LYS L 203 59.36 -47.56 -21.80
CA LYS L 203 58.72 -48.88 -21.81
C LYS L 203 59.60 -49.97 -21.17
N ASP L 204 60.85 -50.03 -21.60
CA ASP L 204 61.82 -51.02 -21.11
C ASP L 204 62.16 -50.89 -19.62
N ILE L 205 62.42 -49.66 -19.19
CA ILE L 205 62.74 -49.37 -17.79
C ILE L 205 61.51 -49.54 -16.88
N ALA L 206 60.36 -49.06 -17.36
CA ALA L 206 59.10 -49.15 -16.61
C ALA L 206 58.68 -50.60 -16.33
N ASN L 207 58.87 -51.47 -17.32
CA ASN L 207 58.58 -52.89 -17.17
C ASN L 207 59.50 -53.55 -16.17
N SER L 208 60.77 -53.11 -16.16
CA SER L 208 61.79 -53.62 -15.23
C SER L 208 61.41 -53.32 -13.78
N PHE L 209 60.93 -52.10 -13.54
CA PHE L 209 60.49 -51.67 -12.22
C PHE L 209 59.20 -52.37 -11.82
N TYR L 210 58.29 -52.52 -12.78
CA TYR L 210 57.03 -53.25 -12.57
C TYR L 210 57.34 -54.68 -12.11
N GLU L 211 58.32 -55.30 -12.77
CA GLU L 211 58.78 -56.66 -12.47
C GLU L 211 59.39 -56.77 -11.07
N VAL L 212 60.29 -55.84 -10.74
CA VAL L 212 60.95 -55.82 -9.43
C VAL L 212 59.98 -55.61 -8.26
N PHE L 213 58.96 -54.80 -8.47
CA PHE L 213 57.93 -54.53 -7.46
C PHE L 213 56.96 -55.71 -7.31
N GLU L 214 56.76 -56.45 -8.39
CA GLU L 214 55.90 -57.64 -8.41
C GLU L 214 56.61 -58.82 -7.76
N LYS L 215 57.87 -59.04 -8.14
CA LYS L 215 58.69 -60.13 -7.62
C LYS L 215 59.15 -59.90 -6.18
N HIS L 216 59.49 -58.65 -5.86
CA HIS L 216 59.97 -58.28 -4.52
C HIS L 216 59.13 -57.15 -3.93
N PRO L 217 58.00 -57.50 -3.25
CA PRO L 217 57.10 -56.49 -2.66
C PRO L 217 57.72 -55.62 -1.57
N HIS L 218 58.81 -56.11 -0.97
CA HIS L 218 59.54 -55.38 0.06
C HIS L 218 60.30 -54.19 -0.55
N PHE L 219 60.64 -54.30 -1.83
CA PHE L 219 61.33 -53.24 -2.56
C PHE L 219 60.45 -52.04 -2.81
N ILE L 220 59.14 -52.27 -2.89
CA ILE L 220 58.18 -51.19 -3.06
C ILE L 220 58.12 -50.35 -1.78
N ASP L 221 58.26 -51.02 -0.63
CA ASP L 221 58.32 -50.36 0.68
C ASP L 221 59.63 -49.57 0.78
N VAL L 222 60.70 -50.15 0.25
CA VAL L 222 62.02 -49.52 0.21
C VAL L 222 61.97 -48.25 -0.64
N PHE L 223 61.40 -48.36 -1.84
CA PHE L 223 61.26 -47.23 -2.75
C PHE L 223 60.40 -46.09 -2.22
N VAL L 224 59.23 -46.43 -1.67
CA VAL L 224 58.31 -45.45 -1.10
C VAL L 224 58.99 -44.66 0.02
N HIS L 225 59.67 -45.39 0.92
CA HIS L 225 60.41 -44.78 2.02
C HIS L 225 61.63 -43.99 1.59
N PHE L 226 62.23 -44.39 0.46
CA PHE L 226 63.36 -43.66 -0.12
C PHE L 226 62.82 -42.34 -0.69
N GLY L 227 61.73 -42.43 -1.45
CA GLY L 227 61.08 -41.29 -2.08
C GLY L 227 60.69 -40.22 -1.09
N ILE L 228 60.16 -40.64 0.06
CA ILE L 228 59.78 -39.75 1.16
C ILE L 228 61.04 -39.11 1.75
N ALA L 229 62.08 -39.92 1.98
CA ALA L 229 63.38 -39.46 2.50
C ALA L 229 64.07 -38.49 1.56
N GLN L 230 63.94 -38.76 0.26
CA GLN L 230 64.47 -37.92 -0.81
C GLN L 230 63.67 -36.62 -0.85
N SER L 231 62.35 -36.72 -0.72
CA SER L 231 61.47 -35.56 -0.71
C SER L 231 61.52 -34.72 0.58
N SER L 232 62.29 -35.21 1.55
CA SER L 232 62.50 -34.51 2.83
C SER L 232 63.69 -33.55 2.77
N THR L 233 64.44 -33.64 1.66
CA THR L 233 65.61 -32.82 1.41
C THR L 233 65.31 -31.32 1.37
N ARG L 234 66.34 -30.51 1.63
CA ARG L 234 66.23 -29.05 1.65
C ARG L 234 66.21 -28.44 0.23
N GLY L 235 66.92 -29.08 -0.68
CA GLY L 235 67.04 -28.70 -2.07
C GLY L 235 67.79 -29.75 -2.85
N GLY L 236 68.06 -29.47 -4.13
CA GLY L 236 68.77 -30.37 -5.01
C GLY L 236 68.80 -29.96 -6.47
N SER L 237 69.09 -30.93 -7.33
CA SER L 237 69.14 -30.72 -8.79
C SER L 237 67.74 -30.63 -9.36
N ARG L 238 67.62 -30.24 -10.63
CA ARG L 238 66.32 -30.16 -11.29
C ARG L 238 65.71 -31.54 -11.53
N VAL L 239 66.57 -32.54 -11.77
CA VAL L 239 66.18 -33.94 -11.97
C VAL L 239 65.63 -34.49 -10.65
N GLU L 240 66.25 -34.08 -9.54
CA GLU L 240 65.81 -34.44 -8.19
C GLU L 240 64.47 -33.78 -7.87
N GLY L 241 64.23 -32.61 -8.46
CA GLY L 241 62.99 -31.87 -8.33
C GLY L 241 61.88 -32.52 -9.12
N ILE L 242 62.24 -33.02 -10.31
CA ILE L 242 61.32 -33.74 -11.20
C ILE L 242 60.85 -35.01 -10.48
N PHE L 243 61.81 -35.77 -9.93
CA PHE L 243 61.55 -36.99 -9.18
C PHE L 243 60.57 -36.74 -8.04
N ALA L 244 60.88 -35.73 -7.23
CA ALA L 244 60.07 -35.35 -6.07
C ALA L 244 58.63 -35.03 -6.44
N GLY L 245 58.45 -34.35 -7.59
CA GLY L 245 57.16 -33.98 -8.13
C GLY L 245 56.41 -35.20 -8.61
N LEU L 246 57.09 -36.05 -9.38
CA LEU L 246 56.53 -37.28 -9.92
C LEU L 246 56.19 -38.29 -8.82
N PHE L 247 57.02 -38.34 -7.77
CA PHE L 247 56.81 -39.22 -6.63
C PHE L 247 55.57 -38.77 -5.84
N MET L 248 55.40 -37.45 -5.72
CA MET L 248 54.24 -36.90 -5.03
C MET L 248 52.92 -37.03 -5.77
N ASN L 249 53.00 -37.34 -7.08
CA ASN L 249 51.82 -37.58 -7.90
C ASN L 249 51.18 -38.91 -7.48
N ALA L 250 51.99 -39.79 -6.89
CA ALA L 250 51.56 -41.09 -6.39
C ALA L 250 50.72 -40.97 -5.11
N TYR L 251 50.94 -39.91 -4.34
CA TYR L 251 50.19 -39.67 -3.10
C TYR L 251 48.69 -39.62 -3.40
N GLY L 252 47.96 -40.53 -2.76
CA GLY L 252 46.51 -40.65 -2.90
C GLY L 252 46.06 -41.55 -4.03
N ALA L 253 46.94 -42.43 -4.50
CA ALA L 253 46.60 -43.40 -5.55
C ALA L 253 45.82 -44.54 -4.94
N GLY L 254 44.77 -44.98 -5.63
CA GLY L 254 43.88 -46.03 -5.19
C GLY L 254 42.79 -45.47 -4.29
N GLN L 255 42.69 -44.15 -4.26
CA GLN L 255 41.71 -43.44 -3.44
C GLN L 255 41.24 -42.14 -4.12
N VAL L 256 40.99 -42.25 -5.43
CA VAL L 256 40.52 -41.13 -6.25
C VAL L 256 39.08 -40.73 -5.91
N MET L 257 38.30 -41.72 -5.49
CA MET L 257 36.90 -41.53 -5.11
C MET L 257 36.75 -40.57 -3.91
N LEU L 258 37.75 -40.61 -3.03
CA LEU L 258 37.83 -39.76 -1.85
C LEU L 258 37.97 -38.29 -2.26
N ARG L 259 38.83 -38.04 -3.25
CA ARG L 259 39.07 -36.70 -3.76
C ARG L 259 37.94 -36.19 -4.64
N TRP L 260 37.33 -37.10 -5.40
CA TRP L 260 36.19 -36.79 -6.26
C TRP L 260 34.93 -36.51 -5.45
N GLY L 261 34.89 -37.07 -4.23
CA GLY L 261 33.81 -36.88 -3.28
C GLY L 261 33.82 -35.46 -2.75
N VAL L 262 35.03 -34.94 -2.48
CA VAL L 262 35.22 -33.57 -2.00
C VAL L 262 34.85 -32.60 -3.13
N LEU L 263 35.15 -32.99 -4.38
CA LEU L 263 34.82 -32.21 -5.56
C LEU L 263 33.31 -32.05 -5.73
N ALA L 264 32.58 -33.15 -5.61
CA ALA L 264 31.13 -33.19 -5.71
C ALA L 264 30.46 -32.25 -4.69
N LYS L 265 31.04 -32.21 -3.49
CA LYS L 265 30.61 -31.33 -2.40
C LYS L 265 30.95 -29.87 -2.75
N SER L 266 32.17 -29.66 -3.27
CA SER L 266 32.66 -28.33 -3.65
C SER L 266 31.86 -27.67 -4.78
N VAL L 267 31.44 -28.48 -5.75
CA VAL L 267 30.64 -28.01 -6.88
C VAL L 267 29.14 -27.97 -6.52
N LYS L 268 28.80 -28.54 -5.36
CA LYS L 268 27.44 -28.61 -4.83
C LYS L 268 26.46 -29.36 -5.74
N ASN L 269 26.83 -30.60 -6.09
CA ASN L 269 26.01 -31.46 -6.94
C ASN L 269 24.74 -31.83 -6.19
N ILE L 270 23.61 -31.43 -6.76
CA ILE L 270 22.27 -31.63 -6.18
C ILE L 270 21.95 -33.05 -5.70
N MET L 271 22.40 -34.04 -6.45
CA MET L 271 22.18 -35.46 -6.13
C MET L 271 22.76 -35.97 -4.81
N LEU L 272 23.59 -35.15 -4.16
CA LEU L 272 24.18 -35.46 -2.86
C LEU L 272 23.12 -35.39 -1.75
N GLY L 273 22.08 -34.58 -1.99
CA GLY L 273 20.97 -34.37 -1.07
C GLY L 273 19.89 -35.44 -1.15
N HIS L 274 20.02 -36.37 -2.10
CA HIS L 274 19.07 -37.45 -2.30
C HIS L 274 18.93 -38.33 -1.05
N ALA L 275 17.72 -38.80 -0.80
CA ALA L 275 17.37 -39.62 0.37
C ALA L 275 18.27 -40.83 0.61
N SER L 276 18.58 -41.58 -0.45
CA SER L 276 19.43 -42.77 -0.35
C SER L 276 20.92 -42.45 -0.15
N VAL L 277 21.32 -41.25 -0.56
CA VAL L 277 22.70 -40.75 -0.39
C VAL L 277 22.85 -40.24 1.04
N GLN L 278 21.81 -39.60 1.55
CA GLN L 278 21.77 -39.06 2.91
C GLN L 278 21.81 -40.14 4.00
N ALA L 279 21.28 -41.32 3.68
CA ALA L 279 21.28 -42.47 4.58
C ALA L 279 22.70 -42.99 4.84
N GLU L 280 23.55 -42.90 3.82
CA GLU L 280 24.94 -43.35 3.90
C GLU L 280 25.85 -42.34 4.58
N MET L 281 25.46 -41.06 4.55
CA MET L 281 26.21 -39.94 5.11
C MET L 281 26.93 -40.10 6.44
N GLU L 282 26.24 -40.72 7.42
CA GLU L 282 26.77 -40.97 8.75
C GLU L 282 28.06 -41.79 8.67
N GLN L 283 28.03 -42.82 7.81
CA GLN L 283 29.17 -43.72 7.59
C GLN L 283 30.24 -43.19 6.63
N VAL L 284 29.84 -42.36 5.65
CA VAL L 284 30.82 -41.78 4.70
C VAL L 284 31.71 -40.74 5.40
N VAL L 285 31.15 -40.07 6.40
CA VAL L 285 31.87 -39.09 7.21
C VAL L 285 32.93 -39.82 8.04
N GLU L 286 32.57 -41.00 8.56
CA GLU L 286 33.47 -41.85 9.34
C GLU L 286 34.78 -42.13 8.61
N VAL L 287 34.68 -42.51 7.32
CA VAL L 287 35.84 -42.78 6.48
C VAL L 287 36.64 -41.52 6.16
N TYR L 288 35.94 -40.41 5.90
CA TYR L 288 36.59 -39.11 5.64
C TYR L 288 37.35 -38.62 6.87
N GLU L 289 36.74 -38.79 8.05
CA GLU L 289 37.34 -38.43 9.33
C GLU L 289 38.52 -39.36 9.63
N TYR L 290 38.42 -40.62 9.17
CA TYR L 290 39.49 -41.61 9.31
C TYR L 290 40.68 -41.24 8.43
N ALA L 291 40.38 -40.79 7.21
CA ALA L 291 41.38 -40.33 6.24
C ALA L 291 42.08 -39.08 6.76
N GLN L 292 41.31 -38.22 7.42
CA GLN L 292 41.80 -36.98 8.03
C GLN L 292 42.72 -37.31 9.21
N LYS L 293 42.32 -38.33 9.98
CA LYS L 293 43.07 -38.82 11.16
C LYS L 293 44.44 -39.37 10.78
N LEU L 294 44.48 -40.22 9.76
CA LEU L 294 45.72 -40.83 9.27
C LEU L 294 46.72 -39.83 8.70
N GLY L 295 46.18 -38.81 8.03
CA GLY L 295 46.97 -37.74 7.41
C GLY L 295 47.81 -38.26 6.26
N GLY L 296 49.08 -37.86 6.25
CA GLY L 296 50.06 -38.23 5.23
C GLY L 296 50.31 -39.71 5.07
N GLU L 297 50.19 -40.44 6.18
CA GLU L 297 50.38 -41.90 6.23
C GLU L 297 49.53 -42.64 5.18
N ALA L 298 48.27 -42.22 5.06
CA ALA L 298 47.28 -42.80 4.15
C ALA L 298 47.57 -42.67 2.65
N GLY L 299 48.43 -41.72 2.27
CA GLY L 299 48.80 -41.45 0.89
C GLY L 299 49.32 -42.63 0.09
N PHE L 300 50.17 -43.44 0.73
CA PHE L 300 50.78 -44.60 0.08
C PHE L 300 50.21 -45.96 0.52
N TYR L 301 49.01 -45.91 1.13
CA TYR L 301 48.31 -47.09 1.61
C TYR L 301 47.95 -48.12 0.54
N HIS L 302 47.72 -47.67 -0.69
CA HIS L 302 47.39 -48.57 -1.79
C HIS L 302 48.61 -49.00 -2.59
N ILE L 303 49.58 -48.09 -2.72
CA ILE L 303 50.85 -48.33 -3.41
C ILE L 303 51.56 -49.51 -2.73
N LEU L 304 51.84 -49.36 -1.43
CA LEU L 304 52.33 -50.45 -0.59
C LEU L 304 51.01 -51.14 -0.28
N ASN L 305 50.92 -52.46 -0.36
CA ASN L 305 49.65 -53.12 -0.08
C ASN L 305 49.32 -53.15 1.41
N ASN L 306 49.08 -51.96 1.96
CA ASN L 306 48.74 -51.77 3.37
C ASN L 306 47.38 -52.40 3.61
N PRO L 307 47.25 -53.21 4.68
CA PRO L 307 45.99 -53.90 5.02
C PRO L 307 44.82 -52.97 5.28
N LYS L 308 45.12 -51.81 5.87
CA LYS L 308 44.12 -50.80 6.20
C LYS L 308 43.60 -50.01 5.00
N ALA L 309 44.19 -50.22 3.82
CA ALA L 309 43.79 -49.53 2.58
C ALA L 309 42.31 -49.73 2.22
N SER L 310 41.78 -50.89 2.58
CA SER L 310 40.39 -51.27 2.34
C SER L 310 39.42 -50.37 3.10
N LEU L 311 39.85 -49.90 4.29
CA LEU L 311 39.06 -49.04 5.17
C LEU L 311 38.73 -47.67 4.60
N LEU L 312 39.53 -47.23 3.63
CA LEU L 312 39.37 -45.93 2.97
C LEU L 312 38.40 -45.97 1.77
N SER L 313 37.84 -47.14 1.50
CA SER L 313 36.91 -47.34 0.39
C SER L 313 35.54 -46.70 0.60
N LEU L 314 35.05 -46.06 -0.47
CA LEU L 314 33.71 -45.44 -0.49
C LEU L 314 32.75 -46.31 -1.33
N THR L 315 33.32 -47.33 -1.98
CA THR L 315 32.59 -48.31 -2.80
C THR L 315 31.53 -49.05 -1.98
N GLN L 316 31.79 -49.19 -0.68
CA GLN L 316 30.86 -49.80 0.29
C GLN L 316 29.56 -48.98 0.45
N PHE L 317 29.53 -47.78 -0.13
CA PHE L 317 28.38 -46.89 -0.14
C PHE L 317 27.96 -46.67 -1.60
N PRO L 318 27.12 -47.58 -2.15
CA PRO L 318 26.66 -47.57 -3.54
C PRO L 318 26.07 -46.26 -4.05
N HIS L 319 25.23 -45.62 -3.23
CA HIS L 319 24.56 -44.38 -3.60
C HIS L 319 25.48 -43.17 -3.70
N PHE L 320 26.28 -42.94 -2.65
CA PHE L 320 27.25 -41.84 -2.60
C PHE L 320 28.32 -41.97 -3.68
N SER L 321 28.83 -43.19 -3.87
CA SER L 321 29.84 -43.49 -4.90
C SER L 321 29.35 -43.16 -6.30
N SER L 322 28.07 -43.47 -6.55
CA SER L 322 27.41 -43.24 -7.84
C SER L 322 27.26 -41.77 -8.20
N VAL L 323 26.81 -40.95 -7.25
CA VAL L 323 26.68 -39.50 -7.45
C VAL L 323 28.06 -38.85 -7.63
N VAL L 324 29.04 -39.36 -6.87
CA VAL L 324 30.44 -38.90 -6.93
C VAL L 324 31.04 -39.23 -8.31
N LEU L 325 30.79 -40.46 -8.78
CA LEU L 325 31.26 -40.92 -10.09
C LEU L 325 30.54 -40.21 -11.23
N GLY L 326 29.26 -39.89 -11.00
CA GLY L 326 28.41 -39.16 -11.94
C GLY L 326 28.92 -37.75 -12.14
N ASN L 327 29.15 -37.06 -11.02
CA ASN L 327 29.69 -35.71 -11.00
C ASN L 327 31.03 -35.62 -11.73
N ALA L 328 31.87 -36.65 -11.55
CA ALA L 328 33.18 -36.76 -12.18
C ALA L 328 33.06 -36.95 -13.70
N ALA L 329 32.00 -37.65 -14.12
CA ALA L 329 31.74 -37.88 -15.55
C ALA L 329 31.13 -36.63 -16.19
N GLY L 330 30.23 -35.96 -15.47
CA GLY L 330 29.56 -34.74 -15.90
C GLY L 330 30.50 -33.57 -16.07
N LEU L 331 31.52 -33.53 -15.21
CA LEU L 331 32.57 -32.50 -15.26
C LEU L 331 33.66 -32.89 -16.28
N GLY L 332 33.53 -34.09 -16.85
CA GLY L 332 34.43 -34.65 -17.84
C GLY L 332 35.84 -34.89 -17.34
N ILE L 333 35.97 -35.33 -16.09
CA ILE L 333 37.28 -35.58 -15.47
C ILE L 333 37.73 -37.04 -15.36
N MET L 334 36.80 -37.97 -15.57
CA MET L 334 37.12 -39.40 -15.56
C MET L 334 37.36 -39.92 -16.99
N GLY L 335 37.48 -41.24 -17.16
CA GLY L 335 37.70 -41.86 -18.45
C GLY L 335 39.18 -41.90 -18.81
N GLU L 336 39.74 -43.09 -19.05
CA GLU L 336 39.03 -44.37 -18.99
C GLU L 336 39.15 -45.02 -17.60
N TYR L 337 38.46 -44.43 -16.63
CA TYR L 337 38.43 -44.93 -15.26
C TYR L 337 37.52 -46.15 -15.24
N ARG L 338 38.09 -47.30 -14.83
CA ARG L 338 37.38 -48.57 -14.80
C ARG L 338 36.40 -48.79 -13.62
N GLY L 339 35.96 -47.69 -13.01
CA GLY L 339 35.00 -47.71 -11.92
C GLY L 339 33.59 -47.68 -12.47
N THR L 340 32.76 -48.59 -11.95
CA THR L 340 31.37 -48.74 -12.37
C THR L 340 30.43 -48.31 -11.24
N PRO L 341 29.41 -47.47 -11.55
CA PRO L 341 28.45 -47.05 -10.51
C PRO L 341 27.46 -48.17 -10.18
N ARG L 342 27.28 -48.44 -8.88
CA ARG L 342 26.36 -49.46 -8.40
C ARG L 342 24.90 -49.07 -8.62
N ASN L 343 24.61 -47.77 -8.52
CA ASN L 343 23.28 -47.22 -8.76
C ASN L 343 23.38 -46.40 -10.05
N GLN L 344 22.83 -46.94 -11.12
CA GLN L 344 22.88 -46.29 -12.44
C GLN L 344 22.06 -45.01 -12.54
N ASP L 345 20.86 -45.03 -11.95
CA ASP L 345 19.94 -43.88 -11.96
C ASP L 345 20.51 -42.64 -11.28
N LEU L 346 21.18 -42.84 -10.15
CA LEU L 346 21.80 -41.76 -9.39
C LEU L 346 23.03 -41.18 -10.11
N TYR L 347 23.75 -42.06 -10.81
CA TYR L 347 24.93 -41.69 -11.60
C TYR L 347 24.52 -40.78 -12.75
N ASP L 348 23.50 -41.22 -13.50
CA ASP L 348 22.96 -40.48 -14.66
C ASP L 348 22.38 -39.13 -14.27
N ALA L 349 21.73 -39.07 -13.11
CA ALA L 349 21.15 -37.84 -12.58
C ALA L 349 22.23 -36.85 -12.14
N ALA L 350 23.31 -37.38 -11.57
CA ALA L 350 24.45 -36.58 -11.11
C ALA L 350 25.29 -36.09 -12.29
N LYS L 351 25.43 -36.94 -13.31
CA LYS L 351 26.16 -36.62 -14.53
C LYS L 351 25.46 -35.48 -15.27
N ALA L 352 24.14 -35.55 -15.31
CA ALA L 352 23.28 -34.54 -15.95
C ALA L 352 23.40 -33.17 -15.29
N TYR L 353 23.34 -33.15 -13.95
CA TYR L 353 23.46 -31.91 -13.17
C TYR L 353 24.84 -31.29 -13.28
N ALA L 354 25.88 -32.13 -13.29
CA ALA L 354 27.27 -31.70 -13.40
C ALA L 354 27.55 -31.07 -14.77
N GLU L 355 26.89 -31.60 -15.80
CA GLU L 355 26.99 -31.09 -17.17
C GLU L 355 26.33 -29.71 -17.27
N GLN L 356 25.27 -29.51 -16.48
CA GLN L 356 24.56 -28.24 -16.43
C GLN L 356 25.33 -27.19 -15.61
N LEU L 357 26.17 -27.66 -14.68
CA LEU L 357 26.99 -26.80 -13.84
C LEU L 357 28.10 -26.08 -14.63
N LYS L 358 28.64 -26.77 -15.64
CA LYS L 358 29.70 -26.20 -16.49
C LYS L 358 29.19 -25.30 -17.63
N GLU L 359 27.92 -24.89 -17.53
CA GLU L 359 27.28 -23.99 -18.49
C GLU L 359 26.86 -22.68 -17.81
N ASN L 360 26.48 -22.78 -16.53
CA ASN L 360 26.06 -21.64 -15.71
C ASN L 360 27.28 -20.99 -15.02
N GLY L 361 27.03 -20.24 -13.95
CA GLY L 361 28.06 -19.56 -13.19
C GLY L 361 27.71 -18.12 -12.88
N VAL L 362 27.04 -17.91 -11.75
CA VAL L 362 26.63 -16.58 -11.29
C VAL L 362 27.60 -16.09 -10.21
N ILE L 363 27.88 -14.78 -10.24
CA ILE L 363 28.80 -14.14 -9.30
C ILE L 363 28.14 -13.96 -7.93
N ASN L 364 28.84 -14.44 -6.89
CA ASN L 364 28.38 -14.29 -5.50
C ASN L 364 29.12 -13.10 -4.89
N TYR L 365 28.43 -11.97 -4.85
CA TYR L 365 28.97 -10.69 -4.37
C TYR L 365 29.15 -10.57 -2.85
N SER L 366 28.50 -11.48 -2.11
CA SER L 366 28.59 -11.52 -0.65
C SER L 366 29.94 -12.01 -0.13
N VAL L 367 30.65 -12.78 -0.95
CA VAL L 367 31.97 -13.34 -0.63
C VAL L 367 33.03 -12.24 -0.52
N LEU L 368 33.02 -11.31 -1.49
CA LEU L 368 33.95 -10.19 -1.54
C LEU L 368 33.65 -9.16 -0.44
N ASP L 369 34.70 -8.52 0.07
CA ASP L 369 34.58 -7.52 1.12
C ASP L 369 34.26 -6.11 0.58
N LEU L 370 33.23 -6.04 -0.26
CA LEU L 370 32.79 -4.81 -0.91
C LEU L 370 32.10 -3.84 0.05
N THR L 371 32.44 -2.56 -0.06
CA THR L 371 31.87 -1.50 0.78
C THR L 371 30.66 -0.85 0.08
N ALA L 372 30.87 0.35 -0.47
CA ALA L 372 29.82 1.08 -1.20
C ALA L 372 29.74 0.52 -2.62
N GLU L 373 28.68 -0.24 -2.87
CA GLU L 373 28.47 -0.89 -4.15
C GLU L 373 27.71 -0.06 -5.18
N GLU L 374 28.36 0.15 -6.32
CA GLU L 374 27.83 0.91 -7.45
C GLU L 374 27.99 0.06 -8.73
N LEU L 375 28.26 -1.23 -8.53
CA LEU L 375 28.48 -2.19 -9.62
C LEU L 375 27.25 -2.52 -10.45
N GLU L 376 26.07 -2.38 -9.83
CA GLU L 376 24.79 -2.64 -10.50
C GLU L 376 24.55 -1.65 -11.65
N ALA L 377 25.18 -0.47 -11.54
CA ALA L 377 25.14 0.55 -12.57
C ALA L 377 26.15 0.24 -13.69
N ILE L 378 27.24 -0.45 -13.32
CA ILE L 378 28.31 -0.87 -14.24
C ILE L 378 27.82 -1.94 -15.22
N ALA M 2 27.29 -34.76 8.14
CA ALA M 2 27.17 -33.49 7.44
C ALA M 2 28.10 -33.43 6.23
N LEU M 3 27.62 -32.77 5.17
CA LEU M 3 28.40 -32.59 3.94
C LEU M 3 29.57 -31.60 4.11
N SER M 4 29.60 -30.91 5.26
CA SER M 4 30.67 -29.98 5.60
C SER M 4 31.91 -30.77 6.02
N LYS M 5 31.68 -31.96 6.57
CA LYS M 5 32.72 -32.87 7.05
C LYS M 5 33.47 -33.60 5.94
N VAL M 6 32.86 -33.69 4.75
CA VAL M 6 33.50 -34.32 3.59
C VAL M 6 34.59 -33.43 2.98
N LYS M 7 35.77 -33.51 3.59
CA LYS M 7 36.94 -32.74 3.19
C LYS M 7 38.22 -33.53 3.47
N LEU M 8 39.31 -33.09 2.84
CA LEU M 8 40.63 -33.72 3.00
C LEU M 8 41.70 -32.70 2.65
N ASN M 9 42.52 -32.36 3.64
CA ASN M 9 43.58 -31.36 3.45
C ASN M 9 44.86 -32.03 2.94
N ASP M 10 44.86 -32.34 1.64
CA ASP M 10 45.98 -32.99 0.98
C ASP M 10 47.30 -32.23 1.03
N THR M 11 47.22 -30.90 0.92
CA THR M 11 48.39 -30.01 0.95
C THR M 11 49.12 -30.11 2.29
N LEU M 12 48.37 -30.03 3.38
CA LEU M 12 48.90 -30.11 4.75
C LEU M 12 49.40 -31.50 5.09
N ASN M 13 48.66 -32.53 4.68
CA ASN M 13 49.00 -33.93 4.92
C ASN M 13 50.26 -34.37 4.19
N LYS M 14 50.43 -33.91 2.94
CA LYS M 14 51.60 -34.21 2.13
C LYS M 14 52.88 -33.66 2.78
N ASP M 15 52.77 -32.43 3.29
CA ASP M 15 53.85 -31.76 4.01
C ASP M 15 54.17 -32.52 5.31
N GLN M 16 53.11 -32.92 6.03
CA GLN M 16 53.21 -33.67 7.27
C GLN M 16 54.00 -34.98 7.05
N LEU M 17 53.71 -35.66 5.95
CA LEU M 17 54.39 -36.90 5.57
C LEU M 17 55.89 -36.70 5.34
N LEU M 18 56.23 -35.60 4.66
CA LEU M 18 57.62 -35.25 4.36
C LEU M 18 58.39 -34.70 5.54
N SER M 19 57.69 -33.97 6.40
CA SER M 19 58.28 -33.39 7.60
C SER M 19 58.57 -34.44 8.68
N SER M 20 57.80 -35.53 8.64
CA SER M 20 57.93 -36.62 9.61
C SER M 20 58.56 -37.91 9.05
N SER M 21 59.62 -37.76 8.25
CA SER M 21 60.32 -38.92 7.68
C SER M 21 61.19 -39.58 8.74
N LYS M 22 61.07 -40.90 8.87
CA LYS M 22 61.83 -41.67 9.86
C LYS M 22 63.25 -42.00 9.36
N TYR M 23 63.44 -41.90 8.04
CA TYR M 23 64.70 -42.23 7.38
C TYR M 23 65.25 -41.08 6.56
N THR M 24 66.55 -41.12 6.27
CA THR M 24 67.26 -40.05 5.57
C THR M 24 68.19 -40.53 4.45
N ILE M 25 68.29 -39.72 3.40
CA ILE M 25 69.21 -39.97 2.29
C ILE M 25 70.42 -39.02 2.37
N GLN M 26 71.57 -39.50 1.92
CA GLN M 26 72.79 -38.72 1.88
C GLN M 26 73.42 -38.84 0.50
N ARG M 27 73.60 -37.69 -0.14
CA ARG M 27 74.10 -37.62 -1.52
C ARG M 27 75.59 -37.38 -1.63
N SER M 28 76.22 -38.04 -2.60
CA SER M 28 77.64 -37.87 -2.87
C SER M 28 77.84 -36.66 -3.79
N THR M 29 78.59 -35.67 -3.29
CA THR M 29 78.88 -34.43 -4.03
C THR M 29 79.83 -34.62 -5.21
N GLY M 30 80.67 -35.65 -5.10
CA GLY M 30 81.66 -35.99 -6.09
C GLY M 30 82.91 -36.44 -5.36
N ASP M 31 84.05 -35.85 -5.72
CA ASP M 31 85.32 -36.20 -5.09
C ASP M 31 85.75 -35.32 -3.91
N SER M 32 85.83 -34.00 -4.14
CA SER M 32 86.26 -33.05 -3.10
C SER M 32 85.68 -31.66 -3.28
N ILE M 33 85.40 -31.00 -2.15
CA ILE M 33 84.92 -29.62 -2.11
C ILE M 33 85.89 -28.80 -1.29
N ASP M 34 86.35 -27.69 -1.87
CA ASP M 34 87.25 -26.76 -1.20
C ASP M 34 86.43 -26.00 -0.16
N THR M 35 86.86 -26.07 1.08
CA THR M 35 86.20 -25.38 2.18
C THR M 35 87.16 -24.34 2.77
N PRO M 36 87.21 -23.14 2.15
CA PRO M 36 88.15 -22.13 2.67
C PRO M 36 87.65 -21.49 3.95
N ASN M 37 88.58 -21.25 4.87
CA ASN M 37 88.27 -20.61 6.15
C ASN M 37 88.55 -19.12 6.04
N TYR M 38 88.25 -18.40 7.13
CA TYR M 38 88.41 -16.94 7.22
C TYR M 38 89.81 -16.40 6.88
N ASP M 39 90.85 -17.20 7.14
CA ASP M 39 92.24 -16.82 6.87
C ASP M 39 92.53 -16.58 5.39
N VAL M 40 91.81 -17.30 4.54
CA VAL M 40 91.96 -17.24 3.10
C VAL M 40 91.02 -16.21 2.41
N GLN M 41 90.06 -15.69 3.19
CA GLN M 41 89.07 -14.71 2.73
C GLN M 41 89.62 -13.48 2.01
N LYS M 42 90.64 -12.85 2.61
CA LYS M 42 91.28 -11.66 2.05
C LYS M 42 91.95 -11.95 0.71
N HIS M 43 92.55 -13.14 0.57
CA HIS M 43 93.20 -13.58 -0.65
C HIS M 43 92.21 -13.77 -1.80
N ILE M 44 91.03 -14.32 -1.49
CA ILE M 44 89.97 -14.54 -2.47
C ILE M 44 89.40 -13.21 -2.96
N ASN M 45 89.25 -12.26 -2.02
CA ASN M 45 88.77 -10.90 -2.33
C ASN M 45 89.71 -10.21 -3.32
N LYS M 46 91.02 -10.42 -3.13
CA LYS M 46 92.06 -9.89 -4.00
C LYS M 46 91.95 -10.54 -5.39
N LEU M 47 91.68 -11.84 -5.41
CA LEU M 47 91.49 -12.61 -6.65
C LEU M 47 90.25 -12.14 -7.42
N CYS M 48 89.20 -11.78 -6.67
CA CYS M 48 87.95 -11.25 -7.22
C CYS M 48 88.24 -9.89 -7.85
N GLY M 49 89.03 -9.08 -7.15
CA GLY M 49 89.45 -7.76 -7.58
C GLY M 49 90.31 -7.79 -8.83
N MET M 50 91.14 -8.83 -8.95
CA MET M 50 92.00 -9.04 -10.10
C MET M 50 91.19 -9.25 -11.38
N LEU M 51 90.08 -9.98 -11.26
CA LEU M 51 89.16 -10.22 -12.37
C LEU M 51 88.37 -8.96 -12.71
N LEU M 52 88.08 -8.17 -11.70
CA LEU M 52 87.33 -6.92 -11.84
C LEU M 52 88.13 -5.79 -12.49
N ILE M 53 89.45 -5.78 -12.27
CA ILE M 53 90.32 -4.75 -12.87
C ILE M 53 90.71 -5.11 -14.30
N THR M 54 90.67 -6.41 -14.62
CA THR M 54 91.03 -6.93 -15.94
C THR M 54 90.00 -6.53 -17.01
N GLU M 55 90.48 -5.75 -17.98
CA GLU M 55 89.68 -5.32 -19.12
C GLU M 55 89.49 -6.55 -20.01
N ASP M 56 88.23 -6.84 -20.35
CA ASP M 56 87.84 -8.02 -21.12
C ASP M 56 88.35 -9.32 -20.48
N ALA M 57 87.98 -9.49 -19.21
CA ALA M 57 88.40 -10.63 -18.39
C ALA M 57 87.72 -11.94 -18.76
N ASN M 58 88.41 -13.04 -18.47
CA ASN M 58 87.90 -14.38 -18.71
C ASN M 58 87.15 -14.80 -17.44
N HIS M 59 85.82 -14.66 -17.49
CA HIS M 59 84.95 -14.99 -16.36
C HIS M 59 84.48 -16.45 -16.34
N LYS M 60 85.33 -17.35 -16.83
CA LYS M 60 85.03 -18.78 -16.87
C LYS M 60 85.03 -19.38 -15.47
N PHE M 61 85.83 -18.79 -14.58
CA PHE M 61 86.02 -19.28 -13.22
C PHE M 61 85.43 -18.40 -12.11
N THR M 62 84.87 -17.25 -12.52
CA THR M 62 84.27 -16.29 -11.58
C THR M 62 83.11 -16.84 -10.74
N GLY M 63 82.31 -17.73 -11.33
CA GLY M 63 81.21 -18.38 -10.64
C GLY M 63 81.71 -19.23 -9.48
N LEU M 64 82.78 -19.97 -9.74
CA LEU M 64 83.44 -20.81 -8.74
C LEU M 64 84.21 -19.98 -7.71
N ILE M 65 84.93 -18.95 -8.18
CA ILE M 65 85.69 -18.03 -7.32
C ILE M 65 84.74 -17.28 -6.38
N GLY M 66 83.58 -16.89 -6.91
CA GLY M 66 82.52 -16.23 -6.17
C GLY M 66 82.03 -17.11 -5.04
N MET M 67 81.85 -18.40 -5.34
CA MET M 67 81.43 -19.40 -4.36
C MET M 67 82.45 -19.61 -3.27
N LEU M 68 83.73 -19.55 -3.64
CA LEU M 68 84.84 -19.69 -2.70
C LEU M 68 84.86 -18.52 -1.71
N TYR M 69 84.56 -17.32 -2.20
CA TYR M 69 84.50 -16.13 -1.35
C TYR M 69 83.34 -16.21 -0.36
N ALA M 70 82.20 -16.71 -0.82
CA ALA M 70 81.01 -16.88 0.02
C ALA M 70 81.29 -17.92 1.11
N MET M 71 82.04 -18.97 0.75
CA MET M 71 82.43 -20.04 1.67
C MET M 71 83.47 -19.56 2.68
N SER M 72 84.37 -18.68 2.23
CA SER M 72 85.41 -18.11 3.10
C SER M 72 84.84 -17.12 4.11
N ARG M 73 83.68 -16.54 3.77
CA ARG M 73 82.96 -15.63 4.66
C ARG M 73 82.23 -16.46 5.72
N LEU M 74 81.69 -17.60 5.31
CA LEU M 74 81.02 -18.55 6.22
C LEU M 74 82.04 -19.24 7.11
N GLY M 75 83.20 -19.57 6.54
CA GLY M 75 84.31 -20.24 7.22
C GLY M 75 84.13 -21.74 7.30
N ARG M 76 85.19 -22.48 6.95
CA ARG M 76 85.25 -23.94 6.92
C ARG M 76 84.19 -24.71 7.74
N GLU M 77 84.17 -24.48 9.06
CA GLU M 77 83.25 -25.13 9.98
C GLU M 77 81.78 -25.01 9.59
N ASP M 78 81.33 -23.76 9.36
CA ASP M 78 79.96 -23.47 8.97
C ASP M 78 79.60 -23.99 7.58
N THR M 79 80.48 -23.80 6.59
CA THR M 79 80.25 -24.30 5.23
C THR M 79 80.07 -25.83 5.17
N ILE M 80 80.89 -26.57 5.93
CA ILE M 80 80.78 -28.04 6.03
C ILE M 80 79.42 -28.40 6.64
N LYS M 81 79.04 -27.66 7.68
CA LYS M 81 77.75 -27.83 8.37
C LYS M 81 76.58 -27.62 7.41
N ILE M 82 76.64 -26.58 6.58
CA ILE M 82 75.57 -26.29 5.61
C ILE M 82 75.47 -27.38 4.53
N LEU M 83 76.61 -27.94 4.14
CA LEU M 83 76.67 -29.01 3.15
C LEU M 83 76.10 -30.32 3.71
N ARG M 84 76.40 -30.61 4.98
CA ARG M 84 75.91 -31.81 5.65
C ARG M 84 74.43 -31.73 5.97
N ASP M 85 73.98 -30.54 6.39
CA ASP M 85 72.56 -30.29 6.70
C ASP M 85 71.68 -30.35 5.45
N ALA M 86 72.27 -30.00 4.31
CA ALA M 86 71.58 -30.03 3.01
C ALA M 86 71.35 -31.46 2.53
N GLY M 87 72.19 -32.38 2.99
CA GLY M 87 72.13 -33.80 2.68
C GLY M 87 73.24 -34.29 1.78
N TYR M 88 74.45 -33.76 1.98
CA TYR M 88 75.60 -34.13 1.16
C TYR M 88 76.78 -34.69 1.95
N HIS M 89 77.42 -35.71 1.37
CA HIS M 89 78.61 -36.34 1.93
C HIS M 89 79.80 -35.54 1.41
N VAL M 90 80.50 -34.88 2.32
CA VAL M 90 81.60 -34.00 1.93
C VAL M 90 83.04 -34.36 2.35
N LYS M 91 83.89 -34.42 1.34
CA LYS M 91 85.33 -34.63 1.51
C LYS M 91 85.91 -33.22 1.40
N ALA M 92 86.09 -32.60 2.57
CA ALA M 92 86.57 -31.23 2.67
C ALA M 92 88.04 -31.06 2.30
N ASN M 93 88.30 -30.09 1.44
CA ASN M 93 89.65 -29.74 1.02
C ASN M 93 90.05 -28.43 1.71
N GLY M 94 91.16 -28.47 2.45
CA GLY M 94 91.69 -27.33 3.18
C GLY M 94 92.43 -26.38 2.25
N VAL M 95 91.96 -25.13 2.22
CA VAL M 95 92.56 -24.10 1.37
C VAL M 95 93.63 -23.34 2.15
N ASP M 96 94.86 -23.40 1.64
CA ASP M 96 96.03 -22.74 2.24
C ASP M 96 96.75 -21.89 1.19
N VAL M 97 97.45 -20.86 1.65
CA VAL M 97 98.21 -19.98 0.76
C VAL M 97 99.65 -20.49 0.64
N THR M 98 100.10 -20.68 -0.60
CA THR M 98 101.45 -21.14 -0.91
C THR M 98 102.06 -20.25 -1.99
N THR M 99 103.38 -20.09 -1.93
CA THR M 99 104.11 -19.29 -2.91
C THR M 99 104.60 -20.20 -4.04
N HIS M 100 104.20 -19.85 -5.27
CA HIS M 100 104.59 -20.61 -6.46
C HIS M 100 105.56 -19.81 -7.32
N ARG M 101 106.68 -20.45 -7.63
CA ARG M 101 107.72 -19.84 -8.47
C ARG M 101 107.67 -20.45 -9.87
N GLN M 102 107.44 -19.57 -10.86
CA GLN M 102 107.36 -19.96 -12.26
C GLN M 102 107.97 -18.86 -13.13
N ASP M 103 108.80 -19.27 -14.09
CA ASP M 103 109.46 -18.34 -15.01
C ASP M 103 108.61 -17.98 -16.23
N ILE M 104 107.95 -16.83 -16.12
CA ILE M 104 107.10 -16.29 -17.18
C ILE M 104 107.94 -15.29 -17.99
N ASN M 105 108.07 -15.57 -19.29
CA ASN M 105 108.86 -14.79 -20.25
C ASN M 105 110.36 -14.71 -19.87
N GLY M 106 110.88 -15.84 -19.40
CA GLY M 106 112.26 -16.01 -18.98
C GLY M 106 112.53 -15.65 -17.53
N LYS M 107 111.99 -14.51 -17.10
CA LYS M 107 112.15 -14.00 -15.75
C LYS M 107 111.34 -14.82 -14.73
N GLU M 108 112.03 -15.33 -13.71
CA GLU M 108 111.42 -16.13 -12.65
C GLU M 108 110.55 -15.22 -11.77
N MET M 109 109.28 -15.59 -11.64
CA MET M 109 108.30 -14.80 -10.89
C MET M 109 107.67 -15.57 -9.72
N LYS M 110 107.30 -14.82 -8.69
CA LYS M 110 106.64 -15.37 -7.49
C LYS M 110 105.16 -15.02 -7.49
N PHE M 111 104.34 -15.99 -7.09
CA PHE M 111 102.89 -15.83 -7.02
C PHE M 111 102.31 -16.45 -5.77
N GLU M 112 101.34 -15.76 -5.17
CA GLU M 112 100.65 -16.25 -3.98
C GLU M 112 99.40 -16.96 -4.48
N VAL M 113 99.40 -18.29 -4.39
CA VAL M 113 98.30 -19.12 -4.87
C VAL M 113 97.61 -19.91 -3.74
N LEU M 114 96.40 -20.38 -4.02
CA LEU M 114 95.61 -21.16 -3.07
C LEU M 114 95.63 -22.64 -3.44
N THR M 115 95.66 -23.50 -2.43
CA THR M 115 95.65 -24.94 -2.63
C THR M 115 94.20 -25.40 -2.86
N LEU M 116 93.75 -25.21 -4.10
CA LEU M 116 92.40 -25.54 -4.52
C LEU M 116 92.38 -26.71 -5.49
N ALA M 117 91.37 -27.57 -5.34
CA ALA M 117 91.17 -28.73 -6.20
C ALA M 117 90.41 -28.29 -7.46
N SER M 118 89.39 -27.46 -7.25
CA SER M 118 88.55 -26.90 -8.31
C SER M 118 89.27 -25.93 -9.23
N LEU M 119 90.27 -25.23 -8.68
CA LEU M 119 91.04 -24.25 -9.43
C LEU M 119 92.53 -24.56 -9.45
N THR M 120 93.06 -24.70 -10.66
CA THR M 120 94.48 -25.01 -10.90
C THR M 120 95.36 -23.83 -10.53
N THR M 121 96.57 -24.11 -10.05
CA THR M 121 97.56 -23.08 -9.71
C THR M 121 98.05 -22.38 -10.98
N GLU M 122 97.98 -23.12 -12.10
CA GLU M 122 98.36 -22.63 -13.42
C GLU M 122 97.33 -21.60 -13.94
N ILE M 123 96.06 -21.82 -13.60
CA ILE M 123 94.99 -20.89 -14.02
C ILE M 123 94.89 -19.68 -13.09
N GLN M 124 95.30 -19.87 -11.83
CA GLN M 124 95.30 -18.82 -10.81
C GLN M 124 96.34 -17.75 -11.12
N ILE M 125 97.52 -18.18 -11.56
CA ILE M 125 98.62 -17.27 -11.93
C ILE M 125 98.27 -16.43 -13.15
N ASN M 126 97.52 -17.02 -14.08
CA ASN M 126 97.07 -16.34 -15.29
C ASN M 126 96.06 -15.22 -15.02
N ILE M 127 95.31 -15.34 -13.93
CA ILE M 127 94.35 -14.31 -13.50
C ILE M 127 95.16 -13.10 -13.00
N GLU M 128 96.24 -13.39 -12.24
CA GLU M 128 97.14 -12.37 -11.72
C GLU M 128 97.98 -11.73 -12.84
N ILE M 129 98.41 -12.55 -13.80
CA ILE M 129 99.20 -12.10 -14.95
C ILE M 129 98.43 -11.09 -15.81
N GLU M 130 97.19 -11.44 -16.18
CA GLU M 130 96.33 -10.57 -17.00
C GLU M 130 95.86 -9.32 -16.25
N SER M 131 95.77 -9.40 -14.93
CA SER M 131 95.35 -8.27 -14.09
C SER M 131 96.47 -7.23 -14.01
N ARG M 132 97.71 -7.71 -13.89
CA ARG M 132 98.90 -6.86 -13.83
C ARG M 132 99.07 -6.05 -15.12
N LYS M 133 98.71 -6.68 -16.25
CA LYS M 133 98.74 -6.06 -17.58
C LYS M 133 97.73 -4.90 -17.61
N SER M 134 96.52 -5.17 -17.12
CA SER M 134 95.43 -4.19 -17.05
C SER M 134 95.70 -3.10 -16.01
N TYR M 135 96.49 -3.44 -14.99
CA TYR M 135 96.85 -2.51 -13.91
C TYR M 135 97.90 -1.50 -14.39
N LYS M 136 98.91 -1.98 -15.12
CA LYS M 136 99.98 -1.12 -15.64
C LYS M 136 99.48 -0.17 -16.74
N LYS M 137 98.48 -0.63 -17.49
CA LYS M 137 97.82 0.14 -18.54
C LYS M 137 96.97 1.24 -17.89
N MET M 138 96.35 0.88 -16.76
CA MET M 138 95.53 1.77 -15.96
C MET M 138 96.40 2.82 -15.24
N LEU M 139 97.59 2.40 -14.82
CA LEU M 139 98.56 3.27 -14.14
C LEU M 139 99.17 4.27 -15.13
N LYS M 140 99.27 3.86 -16.39
CA LYS M 140 99.79 4.69 -17.48
C LYS M 140 98.77 5.75 -17.90
N GLU M 141 97.49 5.42 -17.76
CA GLU M 141 96.37 6.30 -18.14
C GLU M 141 96.02 7.37 -17.11
N MET M 142 96.02 7.01 -15.82
CA MET M 142 95.65 7.93 -14.75
C MET M 142 96.76 8.33 -13.76
N GLY M 143 97.97 7.84 -13.99
CA GLY M 143 99.13 8.13 -13.16
C GLY M 143 99.11 7.37 -11.84
N GLU M 144 98.20 7.78 -10.96
CA GLU M 144 98.02 7.16 -9.64
C GLU M 144 96.63 6.54 -9.59
N VAL M 145 96.56 5.27 -9.17
CA VAL M 145 95.30 4.54 -9.07
C VAL M 145 94.63 4.66 -7.69
N ALA M 146 93.44 5.21 -7.69
CA ALA M 146 92.64 5.45 -6.48
C ALA M 146 92.20 4.13 -5.81
N PRO M 147 91.87 4.17 -4.49
CA PRO M 147 91.44 2.95 -3.79
C PRO M 147 90.17 2.29 -4.35
N GLU M 148 89.34 3.08 -5.02
CA GLU M 148 88.08 2.62 -5.63
C GLU M 148 88.31 1.79 -6.89
N TYR M 149 89.37 2.12 -7.64
CA TYR M 149 89.69 1.46 -8.90
C TYR M 149 90.56 0.21 -8.80
N ARG M 150 91.16 -0.01 -7.62
CA ARG M 150 92.05 -1.15 -7.39
C ARG M 150 91.44 -2.46 -6.89
N HIS M 151 92.20 -3.55 -7.05
CA HIS M 151 91.82 -4.90 -6.65
C HIS M 151 91.81 -5.15 -5.13
N ASP M 152 92.52 -4.30 -4.39
CA ASP M 152 92.63 -4.37 -2.93
C ASP M 152 91.32 -4.14 -2.19
N SER M 153 90.47 -3.28 -2.76
CA SER M 153 89.18 -2.88 -2.19
C SER M 153 88.36 -4.04 -1.60
N PRO M 154 87.84 -3.86 -0.37
CA PRO M 154 87.03 -4.88 0.32
C PRO M 154 85.70 -5.21 -0.37
N ASP M 155 85.24 -4.29 -1.21
CA ASP M 155 83.99 -4.43 -1.96
C ASP M 155 84.04 -5.50 -3.04
N CYS M 156 85.23 -5.68 -3.63
CA CYS M 156 85.50 -6.63 -4.72
C CYS M 156 84.77 -7.97 -4.71
N GLY M 157 84.95 -8.75 -3.65
CA GLY M 157 84.32 -10.05 -3.48
C GLY M 157 82.80 -9.95 -3.52
N MET M 158 82.27 -9.00 -2.76
CA MET M 158 80.83 -8.75 -2.68
C MET M 158 80.21 -8.19 -3.96
N ILE M 159 81.01 -7.46 -4.74
CA ILE M 159 80.58 -6.90 -6.04
C ILE M 159 80.25 -8.07 -6.97
N ILE M 160 81.15 -9.07 -6.99
CA ILE M 160 80.96 -10.28 -7.78
C ILE M 160 79.73 -11.07 -7.30
N LEU M 161 79.57 -11.16 -5.98
CA LEU M 161 78.42 -11.84 -5.38
C LEU M 161 77.10 -11.09 -5.56
N CYS M 162 77.18 -9.82 -5.96
CA CYS M 162 75.98 -9.01 -6.23
C CYS M 162 75.26 -9.50 -7.48
N ILE M 163 76.03 -9.86 -8.52
CA ILE M 163 75.43 -10.42 -9.73
C ILE M 163 75.01 -11.88 -9.53
N ALA M 164 75.62 -12.54 -8.54
CA ALA M 164 75.26 -13.90 -8.15
C ALA M 164 73.88 -13.89 -7.51
N ALA M 165 73.57 -12.81 -6.80
CA ALA M 165 72.27 -12.58 -6.16
C ALA M 165 71.22 -12.30 -7.24
N LEU M 166 71.64 -11.69 -8.34
CA LEU M 166 70.77 -11.39 -9.48
C LEU M 166 70.44 -12.66 -10.26
N VAL M 167 71.43 -13.56 -10.35
CA VAL M 167 71.28 -14.86 -11.02
C VAL M 167 70.27 -15.70 -10.21
N ILE M 168 70.47 -15.70 -8.88
CA ILE M 168 69.61 -16.40 -7.94
C ILE M 168 68.16 -15.89 -8.00
N THR M 169 68.02 -14.60 -8.35
CA THR M 169 66.73 -13.92 -8.48
C THR M 169 65.90 -14.50 -9.63
N LYS M 170 66.58 -14.91 -10.70
CA LYS M 170 65.95 -15.45 -11.90
C LYS M 170 66.13 -16.96 -12.14
N LEU M 171 66.53 -17.69 -11.09
CA LEU M 171 66.73 -19.14 -11.17
C LEU M 171 65.43 -19.95 -11.22
N ALA M 172 64.33 -19.31 -10.82
CA ALA M 172 62.99 -19.92 -10.79
C ALA M 172 62.51 -20.39 -12.16
N ALA M 173 62.95 -19.68 -13.21
CA ALA M 173 62.64 -20.03 -14.60
C ALA M 173 63.36 -21.32 -15.02
N GLY M 174 64.54 -21.53 -14.44
CA GLY M 174 65.40 -22.70 -14.64
C GLY M 174 65.89 -22.98 -16.06
N ASP M 175 66.21 -21.93 -16.81
CA ASP M 175 66.66 -22.08 -18.20
C ASP M 175 67.55 -20.95 -18.74
N ARG M 176 68.10 -20.13 -17.84
CA ARG M 176 68.96 -18.96 -18.19
C ARG M 176 68.24 -17.84 -18.96
N SER M 177 66.91 -17.92 -19.00
CA SER M 177 66.09 -16.93 -19.70
C SER M 177 66.15 -15.55 -19.05
N GLY M 178 66.34 -15.54 -17.73
CA GLY M 178 66.44 -14.34 -16.93
C GLY M 178 67.68 -13.49 -17.16
N LEU M 179 68.70 -14.07 -17.81
CA LEU M 179 69.98 -13.40 -18.11
C LEU M 179 69.87 -11.95 -18.60
N THR M 180 68.91 -11.70 -19.49
CA THR M 180 68.65 -10.36 -20.03
C THR M 180 68.30 -9.36 -18.92
N ALA M 181 67.41 -9.80 -18.02
CA ALA M 181 66.97 -9.01 -16.87
C ALA M 181 68.11 -8.87 -15.85
N VAL M 182 68.92 -9.93 -15.73
CA VAL M 182 70.07 -9.96 -14.83
C VAL M 182 71.07 -8.86 -15.24
N ILE M 183 71.35 -8.77 -16.54
CA ILE M 183 72.25 -7.75 -17.10
C ILE M 183 71.63 -6.35 -16.93
N ARG M 184 70.37 -6.23 -17.33
CA ARG M 184 69.60 -4.98 -17.24
C ARG M 184 69.67 -4.36 -15.84
N ARG M 185 69.34 -5.16 -14.83
CA ARG M 185 69.36 -4.74 -13.42
C ARG M 185 70.77 -4.46 -12.90
N ALA M 186 71.75 -5.22 -13.36
CA ALA M 186 73.16 -5.06 -13.01
C ALA M 186 73.72 -3.73 -13.53
N ASN M 187 72.98 -3.09 -14.44
CA ASN M 187 73.35 -1.80 -15.00
C ASN M 187 72.66 -0.64 -14.28
N ASN M 188 71.38 -0.83 -13.92
CA ASN M 188 70.58 0.18 -13.20
C ASN M 188 71.12 0.30 -11.78
N VAL M 189 71.13 -0.84 -11.07
CA VAL M 189 71.73 -0.99 -9.74
C VAL M 189 73.18 -1.30 -10.11
N LEU M 190 74.12 -1.12 -9.19
CA LEU M 190 75.54 -1.46 -9.44
C LEU M 190 76.22 -0.64 -10.55
N LYS M 191 75.68 0.55 -10.85
CA LYS M 191 76.21 1.43 -11.89
C LYS M 191 77.55 2.06 -11.55
N ASN M 192 77.69 2.48 -10.29
CA ASN M 192 78.92 3.08 -9.77
C ASN M 192 80.06 2.06 -9.72
N GLU M 193 79.70 0.81 -9.44
CA GLU M 193 80.64 -0.32 -9.34
C GLU M 193 81.23 -0.66 -10.71
N MET M 194 80.40 -0.52 -11.75
CA MET M 194 80.80 -0.79 -13.13
C MET M 194 81.75 0.29 -13.66
N LYS M 195 81.62 1.50 -13.11
CA LYS M 195 82.48 2.64 -13.46
C LYS M 195 83.90 2.40 -12.96
N ARG M 196 84.02 1.93 -11.72
CA ARG M 196 85.32 1.66 -11.11
C ARG M 196 86.02 0.37 -11.56
N TYR M 197 85.25 -0.59 -12.06
CA TYR M 197 85.81 -1.86 -12.52
C TYR M 197 85.51 -2.23 -13.97
N LYS M 198 86.56 -2.24 -14.79
CA LYS M 198 86.51 -2.56 -16.21
C LYS M 198 86.05 -4.01 -16.48
N GLY M 199 86.36 -4.91 -15.55
CA GLY M 199 86.04 -6.32 -15.62
C GLY M 199 84.67 -6.72 -15.09
N LEU M 200 83.86 -5.75 -14.69
CA LEU M 200 82.51 -6.03 -14.23
C LEU M 200 81.63 -6.17 -15.47
N LEU M 201 81.63 -7.38 -16.03
CA LEU M 201 80.87 -7.73 -17.23
C LEU M 201 79.68 -8.57 -16.80
N PRO M 202 78.49 -7.94 -16.58
CA PRO M 202 77.31 -8.67 -16.12
C PRO M 202 77.02 -9.98 -16.85
N LYS M 203 76.99 -9.94 -18.19
CA LYS M 203 76.74 -11.13 -19.01
C LYS M 203 77.72 -12.27 -18.73
N ASP M 204 79.01 -11.94 -18.73
CA ASP M 204 80.09 -12.90 -18.50
C ASP M 204 80.07 -13.54 -17.10
N ILE M 205 79.90 -12.71 -16.07
CA ILE M 205 79.85 -13.16 -14.69
C ILE M 205 78.55 -13.93 -14.40
N ALA M 206 77.43 -13.42 -14.92
CA ALA M 206 76.11 -14.05 -14.73
C ALA M 206 76.04 -15.45 -15.31
N ASN M 207 76.67 -15.64 -16.48
CA ASN M 207 76.71 -16.95 -17.13
C ASN M 207 77.58 -17.93 -16.32
N SER M 208 78.65 -17.41 -15.71
CA SER M 208 79.55 -18.20 -14.88
C SER M 208 78.83 -18.76 -13.65
N PHE M 209 78.01 -17.90 -13.02
CA PHE M 209 77.21 -18.30 -11.87
C PHE M 209 76.09 -19.26 -12.27
N TYR M 210 75.47 -18.99 -13.41
CA TYR M 210 74.43 -19.87 -13.96
C TYR M 210 75.00 -21.27 -14.17
N GLU M 211 76.23 -21.33 -14.71
CA GLU M 211 76.96 -22.58 -14.96
C GLU M 211 77.28 -23.33 -13.67
N VAL M 212 77.81 -22.61 -12.67
CA VAL M 212 78.17 -23.20 -11.38
C VAL M 212 76.97 -23.76 -10.61
N PHE M 213 75.83 -23.09 -10.73
CA PHE M 213 74.58 -23.53 -10.08
C PHE M 213 73.94 -24.71 -10.80
N GLU M 214 74.18 -24.79 -12.12
CA GLU M 214 73.68 -25.89 -12.95
C GLU M 214 74.53 -27.13 -12.75
N LYS M 215 75.86 -26.96 -12.79
CA LYS M 215 76.82 -28.05 -12.62
C LYS M 215 76.90 -28.56 -11.18
N HIS M 216 76.82 -27.64 -10.22
CA HIS M 216 76.91 -27.99 -8.79
C HIS M 216 75.70 -27.44 -8.04
N PRO M 217 74.59 -28.22 -7.98
CA PRO M 217 73.36 -27.79 -7.29
C PRO M 217 73.50 -27.57 -5.79
N HIS M 218 74.54 -28.15 -5.20
CA HIS M 218 74.81 -28.00 -3.77
C HIS M 218 75.34 -26.59 -3.47
N PHE M 219 75.96 -25.97 -4.48
CA PHE M 219 76.48 -24.60 -4.36
C PHE M 219 75.38 -23.56 -4.27
N ILE M 220 74.22 -23.89 -4.86
CA ILE M 220 73.06 -23.00 -4.78
C ILE M 220 72.52 -22.98 -3.35
N ASP M 221 72.61 -24.13 -2.67
CA ASP M 221 72.23 -24.26 -1.26
C ASP M 221 73.22 -23.47 -0.41
N VAL M 222 74.50 -23.57 -0.78
CA VAL M 222 75.58 -22.85 -0.11
C VAL M 222 75.38 -21.34 -0.23
N PHE M 223 75.11 -20.88 -1.45
CA PHE M 223 74.88 -19.46 -1.71
C PHE M 223 73.65 -18.89 -0.99
N VAL M 224 72.53 -19.61 -1.06
CA VAL M 224 71.28 -19.20 -0.41
C VAL M 224 71.50 -19.03 1.10
N HIS M 225 72.15 -20.03 1.70
CA HIS M 225 72.45 -20.00 3.13
C HIS M 225 73.50 -18.97 3.52
N PHE M 226 74.39 -18.64 2.59
CA PHE M 226 75.38 -17.58 2.80
C PHE M 226 74.64 -16.24 2.79
N GLY M 227 73.79 -16.04 1.78
CA GLY M 227 73.01 -14.83 1.59
C GLY M 227 72.15 -14.49 2.81
N ILE M 228 71.54 -15.52 3.40
CA ILE M 228 70.72 -15.39 4.61
C ILE M 228 71.63 -15.01 5.78
N ALA M 229 72.78 -15.68 5.90
CA ALA M 229 73.77 -15.44 6.96
C ALA M 229 74.35 -14.03 6.85
N GLN M 230 74.57 -13.59 5.60
CA GLN M 230 75.07 -12.26 5.28
C GLN M 230 73.99 -11.23 5.61
N SER M 231 72.74 -11.55 5.28
CA SER M 231 71.62 -10.67 5.56
C SER M 231 71.19 -10.64 7.04
N SER M 232 71.84 -11.47 7.86
CA SER M 232 71.58 -11.54 9.30
C SER M 232 72.46 -10.55 10.06
N THR M 233 73.43 -9.97 9.35
CA THR M 233 74.39 -9.00 9.87
C THR M 233 73.72 -7.73 10.47
N ARG M 234 74.44 -7.07 11.34
CA ARG M 234 73.98 -5.86 12.03
C ARG M 234 74.06 -4.62 11.13
N GLY M 235 75.06 -4.58 10.26
CA GLY M 235 75.35 -3.46 9.37
C GLY M 235 76.48 -3.84 8.42
N GLY M 236 77.01 -2.87 7.68
CA GLY M 236 78.07 -3.14 6.70
C GLY M 236 78.26 -2.03 5.69
N SER M 237 78.95 -2.37 4.59
CA SER M 237 79.22 -1.43 3.51
C SER M 237 77.96 -1.22 2.65
N ARG M 238 78.02 -0.24 1.76
CA ARG M 238 76.90 0.03 0.85
C ARG M 238 76.72 -1.09 -0.19
N VAL M 239 77.85 -1.69 -0.60
CA VAL M 239 77.89 -2.82 -1.54
C VAL M 239 77.25 -4.04 -0.88
N GLU M 240 77.50 -4.20 0.42
CA GLU M 240 76.91 -5.27 1.24
C GLU M 240 75.40 -5.05 1.40
N GLY M 241 74.99 -3.78 1.38
CA GLY M 241 73.60 -3.37 1.47
C GLY M 241 72.88 -3.64 0.17
N ILE M 242 73.59 -3.40 -0.95
CA ILE M 242 73.09 -3.65 -2.31
C ILE M 242 72.84 -5.16 -2.45
N PHE M 243 73.83 -5.96 -2.06
CA PHE M 243 73.74 -7.42 -2.10
C PHE M 243 72.52 -7.92 -1.33
N ALA M 244 72.39 -7.46 -0.09
CA ALA M 244 71.30 -7.84 0.79
C ALA M 244 69.93 -7.55 0.20
N GLY M 245 69.82 -6.40 -0.48
CA GLY M 245 68.61 -5.96 -1.16
C GLY M 245 68.30 -6.83 -2.36
N LEU M 246 69.33 -7.05 -3.19
CA LEU M 246 69.23 -7.88 -4.39
C LEU M 246 68.95 -9.35 -4.05
N PHE M 247 69.54 -9.84 -2.96
CA PHE M 247 69.34 -11.22 -2.50
C PHE M 247 67.91 -11.40 -2.01
N MET M 248 67.37 -10.38 -1.35
CA MET M 248 65.99 -10.42 -0.86
C MET M 248 64.93 -10.29 -1.96
N ASN M 249 65.35 -9.86 -3.15
CA ASN M 249 64.47 -9.77 -4.32
C ASN M 249 64.13 -11.19 -4.79
N ALA M 250 65.01 -12.14 -4.47
CA ALA M 250 64.83 -13.54 -4.80
C ALA M 250 63.76 -14.22 -3.94
N TYR M 251 63.54 -13.71 -2.73
CA TYR M 251 62.51 -14.25 -1.83
C TYR M 251 61.15 -14.24 -2.51
N GLY M 252 60.56 -15.43 -2.63
CA GLY M 252 59.27 -15.62 -3.25
C GLY M 252 59.30 -15.86 -4.75
N ALA M 253 60.46 -16.24 -5.28
CA ALA M 253 60.60 -16.53 -6.72
C ALA M 253 60.04 -17.93 -6.99
N GLY M 254 59.30 -18.04 -8.09
CA GLY M 254 58.65 -19.28 -8.50
C GLY M 254 57.29 -19.42 -7.83
N GLN M 255 56.84 -18.32 -7.20
CA GLN M 255 55.56 -18.28 -6.49
C GLN M 255 54.94 -16.88 -6.58
N VAL M 256 54.98 -16.32 -7.80
CA VAL M 256 54.41 -15.00 -8.09
C VAL M 256 52.88 -15.02 -8.07
N MET M 257 52.31 -16.16 -8.42
CA MET M 257 50.86 -16.37 -8.44
C MET M 257 50.24 -16.22 -7.04
N LEU M 258 51.02 -16.58 -6.03
CA LEU M 258 50.63 -16.48 -4.63
C LEU M 258 50.47 -15.02 -4.22
N ARG M 259 51.40 -14.19 -4.67
CA ARG M 259 51.40 -12.76 -4.38
C ARG M 259 50.37 -12.00 -5.21
N TRP M 260 50.19 -12.44 -6.46
CA TRP M 260 49.21 -11.86 -7.37
C TRP M 260 47.78 -12.21 -6.95
N GLY M 261 47.64 -13.31 -6.22
CA GLY M 261 46.39 -13.79 -5.66
C GLY M 261 45.91 -12.87 -4.56
N VAL M 262 46.87 -12.43 -3.73
CA VAL M 262 46.60 -11.49 -2.63
C VAL M 262 46.22 -10.13 -3.21
N LEU M 263 46.86 -9.78 -4.33
CA LEU M 263 46.59 -8.52 -5.05
C LEU M 263 45.15 -8.47 -5.58
N ALA M 264 44.72 -9.57 -6.22
CA ALA M 264 43.37 -9.72 -6.76
C ALA M 264 42.31 -9.53 -5.67
N LYS M 265 42.60 -10.06 -4.48
CA LYS M 265 41.75 -9.94 -3.30
C LYS M 265 41.77 -8.49 -2.81
N SER M 266 42.96 -7.89 -2.76
CA SER M 266 43.16 -6.51 -2.29
C SER M 266 42.46 -5.47 -3.16
N VAL M 267 42.47 -5.69 -4.47
CA VAL M 267 41.81 -4.79 -5.43
C VAL M 267 40.31 -5.11 -5.58
N LYS M 268 39.91 -6.25 -4.99
CA LYS M 268 38.54 -6.76 -4.99
C LYS M 268 37.99 -7.02 -6.41
N ASN M 269 38.72 -7.84 -7.17
CA ASN M 269 38.34 -8.21 -8.53
C ASN M 269 37.09 -9.08 -8.47
N ILE M 270 36.03 -8.57 -9.09
CA ILE M 270 34.70 -9.20 -9.12
C ILE M 270 34.67 -10.69 -9.48
N MET M 271 35.51 -11.09 -10.44
CA MET M 271 35.60 -12.46 -10.91
C MET M 271 36.01 -13.53 -9.88
N LEU M 272 36.45 -13.08 -8.70
CA LEU M 272 36.83 -13.95 -7.58
C LEU M 272 35.59 -14.59 -6.96
N GLY M 273 34.46 -13.91 -7.09
CA GLY M 273 33.17 -14.36 -6.57
C GLY M 273 32.43 -15.33 -7.46
N HIS M 274 32.98 -15.60 -8.65
CA HIS M 274 32.40 -16.53 -9.62
C HIS M 274 32.26 -17.94 -9.04
N ALA M 275 31.17 -18.60 -9.42
CA ALA M 275 30.83 -19.95 -8.95
C ALA M 275 31.94 -21.00 -9.04
N SER M 276 32.63 -21.04 -10.19
CA SER M 276 33.73 -21.98 -10.41
C SER M 276 35.01 -21.65 -9.63
N VAL M 277 35.15 -20.37 -9.29
CA VAL M 277 36.30 -19.88 -8.50
C VAL M 277 36.04 -20.18 -7.02
N GLN M 278 34.77 -20.03 -6.61
CA GLN M 278 34.33 -20.29 -5.25
C GLN M 278 34.43 -21.77 -4.84
N ALA M 279 34.31 -22.66 -5.83
CA ALA M 279 34.40 -24.11 -5.63
C ALA M 279 35.82 -24.51 -5.22
N GLU M 280 36.81 -23.81 -5.77
CA GLU M 280 38.22 -24.05 -5.49
C GLU M 280 38.70 -23.45 -4.17
N MET M 281 37.99 -22.42 -3.71
CA MET M 281 38.32 -21.67 -2.48
C MET M 281 38.76 -22.43 -1.24
N GLU M 282 38.07 -23.54 -0.94
CA GLU M 282 38.38 -24.40 0.21
C GLU M 282 39.83 -24.89 0.13
N GLN M 283 40.23 -25.30 -1.07
CA GLN M 283 41.58 -25.81 -1.32
C GLN M 283 42.64 -24.74 -1.55
N VAL M 284 42.25 -23.57 -2.08
CA VAL M 284 43.22 -22.46 -2.28
C VAL M 284 43.65 -21.86 -0.95
N VAL M 285 42.74 -21.89 0.02
CA VAL M 285 43.01 -21.40 1.36
C VAL M 285 44.04 -22.32 2.04
N GLU M 286 43.90 -23.64 1.80
CA GLU M 286 44.81 -24.66 2.32
C GLU M 286 46.27 -24.35 1.97
N VAL M 287 46.53 -24.01 0.70
CA VAL M 287 47.87 -23.64 0.22
C VAL M 287 48.37 -22.32 0.81
N TYR M 288 47.46 -21.34 0.91
CA TYR M 288 47.80 -20.04 1.50
C TYR M 288 48.14 -20.17 2.98
N GLU M 289 47.36 -21.00 3.68
CA GLU M 289 47.59 -21.32 5.10
C GLU M 289 48.89 -22.11 5.28
N TYR M 290 49.21 -22.94 4.27
CA TYR M 290 50.43 -23.72 4.24
C TYR M 290 51.65 -22.80 4.05
N ALA M 291 51.49 -21.82 3.16
CA ALA M 291 52.51 -20.81 2.88
C ALA M 291 52.75 -19.94 4.12
N GLN M 292 51.66 -19.65 4.85
CA GLN M 292 51.67 -18.88 6.09
C GLN M 292 52.39 -19.67 7.18
N LYS M 293 52.13 -20.98 7.21
CA LYS M 293 52.73 -21.92 8.19
C LYS M 293 54.25 -22.02 8.03
N LEU M 294 54.71 -22.19 6.80
CA LEU M 294 56.14 -22.31 6.49
C LEU M 294 56.93 -21.03 6.78
N GLY M 295 56.29 -19.88 6.57
CA GLY M 295 56.88 -18.57 6.79
C GLY M 295 58.04 -18.30 5.85
N GLY M 296 59.14 -17.81 6.42
CA GLY M 296 60.36 -17.45 5.71
C GLY M 296 61.03 -18.58 4.95
N GLU M 297 60.87 -19.80 5.47
CA GLU M 297 61.41 -21.02 4.89
C GLU M 297 61.01 -21.20 3.41
N ALA M 298 59.74 -20.93 3.12
CA ALA M 298 59.14 -21.06 1.80
C ALA M 298 59.67 -20.13 0.71
N GLY M 299 60.31 -19.04 1.11
CA GLY M 299 60.86 -18.04 0.20
C GLY M 299 61.83 -18.53 -0.86
N PHE M 300 62.71 -19.45 -0.45
CA PHE M 300 63.72 -20.01 -1.35
C PHE M 300 63.45 -21.45 -1.80
N TYR M 301 62.19 -21.87 -1.65
CA TYR M 301 61.73 -23.22 -2.02
C TYR M 301 61.88 -23.56 -3.50
N HIS M 302 61.81 -22.55 -4.37
CA HIS M 302 61.94 -22.77 -5.81
C HIS M 302 63.36 -22.56 -6.29
N ILE M 303 64.07 -21.61 -5.67
CA ILE M 303 65.47 -21.30 -5.98
C ILE M 303 66.30 -22.57 -5.75
N LEU M 304 66.27 -23.09 -4.52
CA LEU M 304 66.86 -24.40 -4.19
C LEU M 304 65.72 -25.29 -4.66
N ASN M 305 66.01 -26.37 -5.39
CA ASN M 305 64.91 -27.22 -5.86
C ASN M 305 64.32 -28.08 -4.74
N ASN M 306 63.67 -27.40 -3.79
CA ASN M 306 63.02 -28.03 -2.64
C ASN M 306 61.84 -28.85 -3.17
N PRO M 307 61.72 -30.10 -2.71
CA PRO M 307 60.65 -31.02 -3.15
C PRO M 307 59.24 -30.51 -2.86
N LYS M 308 59.10 -29.81 -1.72
CA LYS M 308 57.83 -29.25 -1.27
C LYS M 308 57.37 -28.01 -2.05
N ALA M 309 58.22 -27.50 -2.95
CA ALA M 309 57.91 -26.31 -3.77
C ALA M 309 56.64 -26.47 -4.61
N SER M 310 56.37 -27.71 -5.03
CA SER M 310 55.20 -28.07 -5.83
C SER M 310 53.89 -27.83 -5.06
N LEU M 311 53.95 -28.00 -3.74
CA LEU M 311 52.79 -27.85 -2.84
C LEU M 311 52.24 -26.43 -2.76
N LEU M 312 53.08 -25.45 -3.10
CA LEU M 312 52.73 -24.03 -3.08
C LEU M 312 52.05 -23.55 -4.39
N SER M 313 51.88 -24.46 -5.34
CA SER M 313 51.28 -24.16 -6.64
C SER M 313 49.78 -23.88 -6.58
N LEU M 314 49.36 -22.85 -7.31
CA LEU M 314 47.94 -22.48 -7.44
C LEU M 314 47.43 -22.89 -8.83
N THR M 315 48.36 -23.33 -9.69
CA THR M 315 48.09 -23.81 -11.05
C THR M 315 47.11 -25.00 -11.04
N GLN M 316 47.14 -25.76 -9.95
CA GLN M 316 46.21 -26.88 -9.72
C GLN M 316 44.75 -26.44 -9.60
N PHE M 317 44.53 -25.13 -9.52
CA PHE M 317 43.20 -24.51 -9.45
C PHE M 317 43.05 -23.61 -10.69
N PRO M 318 42.60 -24.19 -11.83
CA PRO M 318 42.44 -23.51 -13.12
C PRO M 318 41.65 -22.20 -13.10
N HIS M 319 40.53 -22.19 -12.38
CA HIS M 319 39.64 -21.03 -12.29
C HIS M 319 40.23 -19.86 -11.52
N PHE M 320 40.71 -20.11 -10.31
CA PHE M 320 41.32 -19.09 -9.45
C PHE M 320 42.59 -18.52 -10.07
N SER M 321 43.43 -19.38 -10.67
CA SER M 321 44.66 -18.97 -11.34
C SER M 321 44.39 -18.02 -12.50
N SER M 322 43.32 -18.31 -13.24
CA SER M 322 42.89 -17.51 -14.40
C SER M 322 42.45 -16.10 -14.04
N VAL M 323 41.61 -15.97 -13.01
CA VAL M 323 41.16 -14.66 -12.53
C VAL M 323 42.33 -13.84 -11.96
N VAL M 324 43.23 -14.56 -11.27
CA VAL M 324 44.45 -13.98 -10.68
C VAL M 324 45.39 -13.46 -11.79
N LEU M 325 45.56 -14.27 -12.84
CA LEU M 325 46.38 -13.92 -13.99
C LEU M 325 45.74 -12.80 -14.81
N GLY M 326 44.41 -12.81 -14.87
CA GLY M 326 43.60 -11.81 -15.56
C GLY M 326 43.77 -10.45 -14.91
N ASN M 327 43.58 -10.42 -13.59
CA ASN M 327 43.73 -9.22 -12.77
C ASN M 327 45.13 -8.61 -12.92
N ALA M 328 46.14 -9.48 -12.99
CA ALA M 328 47.54 -9.09 -13.18
C ALA M 328 47.78 -8.46 -14.56
N ALA M 329 47.04 -8.95 -15.56
CA ALA M 329 47.14 -8.43 -16.93
C ALA M 329 46.38 -7.11 -17.06
N GLY M 330 45.21 -7.04 -16.42
CA GLY M 330 44.33 -5.87 -16.41
C GLY M 330 44.97 -4.68 -15.70
N LEU M 331 45.75 -4.96 -14.66
CA LEU M 331 46.48 -3.95 -13.91
C LEU M 331 47.82 -3.62 -14.59
N GLY M 332 48.12 -4.35 -15.66
CA GLY M 332 49.31 -4.19 -16.48
C GLY M 332 50.60 -4.49 -15.75
N ILE M 333 50.58 -5.50 -14.88
CA ILE M 333 51.76 -5.87 -14.09
C ILE M 333 52.54 -7.10 -14.56
N MET M 334 51.94 -7.88 -15.45
CA MET M 334 52.61 -9.06 -16.03
C MET M 334 53.27 -8.72 -17.38
N GLY M 335 53.75 -9.73 -18.10
CA GLY M 335 54.39 -9.55 -19.39
C GLY M 335 55.87 -9.21 -19.27
N GLU M 336 56.76 -10.02 -19.85
CA GLU M 336 56.40 -11.22 -20.61
C GLU M 336 56.41 -12.48 -19.74
N TYR M 337 55.40 -12.57 -18.87
CA TYR M 337 55.23 -13.72 -17.98
C TYR M 337 54.68 -14.88 -18.82
N ARG M 338 55.43 -15.98 -18.84
CA ARG M 338 55.09 -17.16 -19.63
C ARG M 338 53.99 -18.07 -19.06
N GLY M 339 53.17 -17.52 -18.17
CA GLY M 339 52.04 -18.23 -17.57
C GLY M 339 50.81 -18.09 -18.45
N THR M 340 50.16 -19.22 -18.70
CA THR M 340 48.97 -19.29 -19.54
C THR M 340 47.73 -19.63 -18.68
N PRO M 341 46.62 -18.90 -18.86
CA PRO M 341 45.40 -19.20 -18.10
C PRO M 341 44.68 -20.44 -18.65
N ARG M 342 44.33 -21.35 -17.75
CA ARG M 342 43.62 -22.59 -18.12
C ARG M 342 42.18 -22.32 -18.56
N ASN M 343 41.55 -21.31 -17.94
CA ASN M 343 40.20 -20.87 -18.29
C ASN M 343 40.34 -19.50 -18.94
N GLN M 344 40.18 -19.46 -20.26
CA GLN M 344 40.32 -18.22 -21.03
C GLN M 344 39.24 -17.18 -20.75
N ASP M 345 37.99 -17.65 -20.65
CA ASP M 345 36.83 -16.78 -20.40
C ASP M 345 36.89 -16.02 -19.07
N LEU M 346 37.36 -16.71 -18.02
CA LEU M 346 37.53 -16.12 -16.68
C LEU M 346 38.67 -15.10 -16.65
N TYR M 347 39.73 -15.40 -17.41
CA TYR M 347 40.90 -14.52 -17.53
C TYR M 347 40.50 -13.20 -18.18
N ASP M 348 39.81 -13.30 -19.33
CA ASP M 348 39.34 -12.14 -20.10
C ASP M 348 38.37 -11.26 -19.31
N ALA M 349 37.51 -11.90 -18.53
CA ALA M 349 36.53 -11.22 -17.67
C ALA M 349 37.21 -10.48 -16.53
N ALA M 350 38.25 -11.11 -15.96
CA ALA M 350 39.03 -10.53 -14.86
C ALA M 350 39.94 -9.40 -15.35
N LYS M 351 40.49 -9.56 -16.55
CA LYS M 351 41.34 -8.57 -17.19
C LYS M 351 40.55 -7.30 -17.48
N ALA M 352 39.31 -7.49 -17.94
CA ALA M 352 38.38 -6.41 -18.27
C ALA M 352 38.00 -5.59 -17.03
N TYR M 353 37.68 -6.28 -15.94
CA TYR M 353 37.30 -5.64 -14.67
C TYR M 353 38.47 -4.88 -14.04
N ALA M 354 39.66 -5.47 -14.13
CA ALA M 354 40.89 -4.88 -13.60
C ALA M 354 41.28 -3.61 -14.35
N GLU M 355 40.98 -3.58 -15.66
CA GLU M 355 41.22 -2.42 -16.51
C GLU M 355 40.26 -1.29 -16.16
N GLN M 356 39.05 -1.66 -15.72
CA GLN M 356 38.04 -0.70 -15.30
C GLN M 356 38.34 -0.15 -13.89
N LEU M 357 39.07 -0.94 -13.09
CA LEU M 357 39.46 -0.55 -11.73
C LEU M 357 40.46 0.60 -11.71
N LYS M 358 41.36 0.62 -12.70
CA LYS M 358 42.38 1.66 -12.82
C LYS M 358 41.90 2.96 -13.49
N GLU M 359 40.57 3.10 -13.62
CA GLU M 359 39.93 4.29 -14.17
C GLU M 359 39.06 4.99 -13.12
N ASN M 360 38.47 4.19 -12.23
CA ASN M 360 37.61 4.68 -11.14
C ASN M 360 38.45 5.02 -9.90
N GLY M 361 37.80 5.08 -8.74
CA GLY M 361 38.44 5.38 -7.47
C GLY M 361 37.70 6.42 -6.66
N VAL M 362 36.78 5.95 -5.83
CA VAL M 362 35.97 6.81 -4.96
C VAL M 362 36.54 6.82 -3.53
N ILE M 363 36.50 7.98 -2.89
CA ILE M 363 37.01 8.17 -1.54
C ILE M 363 36.07 7.56 -0.49
N ASN M 364 36.64 6.71 0.37
CA ASN M 364 35.90 6.09 1.47
C ASN M 364 36.20 6.89 2.75
N TYR M 365 35.25 7.77 3.09
CA TYR M 365 35.36 8.68 4.22
C TYR M 365 35.22 8.05 5.61
N SER M 366 34.68 6.83 5.65
CA SER M 366 34.49 6.07 6.89
C SER M 366 35.79 5.55 7.50
N VAL M 367 36.81 5.38 6.65
CA VAL M 367 38.14 4.90 7.04
C VAL M 367 38.87 5.91 7.94
N LEU M 368 38.82 7.18 7.53
CA LEU M 368 39.44 8.28 8.26
C LEU M 368 38.70 8.59 9.57
N ASP M 369 39.45 9.00 10.59
CA ASP M 369 38.90 9.32 11.91
C ASP M 369 38.36 10.76 11.98
N LEU M 370 37.52 11.12 11.02
CA LEU M 370 36.93 12.45 10.90
C LEU M 370 35.85 12.72 11.96
N THR M 371 35.88 13.91 12.54
CA THR M 371 34.92 14.33 13.58
C THR M 371 33.74 15.09 12.94
N ALA M 372 33.73 16.42 13.09
CA ALA M 372 32.69 17.26 12.51
C ALA M 372 33.02 17.50 11.03
N GLU M 373 32.25 16.84 10.17
CA GLU M 373 32.45 16.90 8.73
C GLU M 373 31.71 18.03 8.02
N GLU M 374 32.50 18.87 7.35
CA GLU M 374 32.02 20.02 6.59
C GLU M 374 32.60 19.96 5.17
N LEU M 375 33.14 18.78 4.82
CA LEU M 375 33.78 18.54 3.53
C LEU M 375 32.82 18.50 2.34
N ALA N 2 37.42 -18.73 2.81
CA ALA N 2 37.12 -17.30 2.82
C ALA N 2 38.23 -16.49 2.15
N LEU N 3 37.82 -15.44 1.45
CA LEU N 3 38.75 -14.53 0.76
C LEU N 3 39.56 -13.66 1.73
N SER N 4 39.18 -13.70 3.01
CA SER N 4 39.88 -12.98 4.07
C SER N 4 41.18 -13.71 4.41
N LYS N 5 41.16 -15.04 4.22
CA LYS N 5 42.29 -15.92 4.51
C LYS N 5 43.41 -15.85 3.47
N VAL N 6 43.09 -15.37 2.26
CA VAL N 6 44.09 -15.22 1.19
C VAL N 6 45.01 -14.01 1.45
N LYS N 7 46.02 -14.25 2.29
CA LYS N 7 47.01 -13.25 2.68
C LYS N 7 48.37 -13.91 2.93
N LEU N 8 49.41 -13.09 2.97
CA LEU N 8 50.78 -13.55 3.21
C LEU N 8 51.60 -12.36 3.73
N ASN N 9 52.10 -12.49 4.95
CA ASN N 9 52.88 -11.43 5.57
C ASN N 9 54.37 -11.57 5.22
N ASP N 10 54.70 -11.16 4.00
CA ASP N 10 56.06 -11.25 3.48
C ASP N 10 57.10 -10.45 4.28
N THR N 11 56.71 -9.28 4.79
CA THR N 11 57.59 -8.41 5.57
C THR N 11 58.04 -9.10 6.86
N LEU N 12 57.08 -9.67 7.58
CA LEU N 12 57.33 -10.38 8.84
C LEU N 12 58.10 -11.69 8.64
N ASN N 13 57.74 -12.43 7.60
CA ASN N 13 58.36 -13.71 7.25
C ASN N 13 59.83 -13.55 6.81
N LYS N 14 60.11 -12.49 6.05
CA LYS N 14 61.47 -12.20 5.58
C LYS N 14 62.39 -11.91 6.76
N ASP N 15 61.87 -11.13 7.72
CA ASP N 15 62.58 -10.81 8.96
C ASP N 15 62.81 -12.08 9.79
N GLN N 16 61.78 -12.92 9.89
CA GLN N 16 61.81 -14.19 10.60
C GLN N 16 62.93 -15.09 10.05
N LEU N 17 63.06 -15.14 8.73
CA LEU N 17 64.08 -15.92 8.04
C LEU N 17 65.50 -15.45 8.40
N LEU N 18 65.68 -14.12 8.45
CA LEU N 18 66.96 -13.52 8.77
C LEU N 18 67.31 -13.55 10.25
N SER N 19 66.29 -13.46 11.09
CA SER N 19 66.46 -13.52 12.54
C SER N 19 66.79 -14.94 13.03
N SER N 20 66.35 -15.93 12.26
CA SER N 20 66.55 -17.34 12.61
C SER N 20 67.59 -18.07 11.73
N SER N 21 68.71 -17.41 11.44
CA SER N 21 69.78 -18.00 10.64
C SER N 21 70.55 -19.05 11.46
N LYS N 22 70.73 -20.23 10.87
CA LYS N 22 71.44 -21.33 11.53
C LYS N 22 72.96 -21.19 11.40
N TYR N 23 73.39 -20.37 10.44
CA TYR N 23 74.81 -20.17 10.13
C TYR N 23 75.21 -18.70 10.20
N THR N 24 76.52 -18.45 10.35
CA THR N 24 77.06 -17.10 10.52
C THR N 24 78.29 -16.81 9.67
N ILE N 25 78.38 -15.56 9.21
CA ILE N 25 79.53 -15.08 8.45
C ILE N 25 80.41 -14.17 9.33
N GLN N 26 81.72 -14.22 9.08
CA GLN N 26 82.69 -13.38 9.77
C GLN N 26 83.58 -12.72 8.74
N ARG N 27 83.60 -11.39 8.78
CA ARG N 27 84.32 -10.57 7.80
C ARG N 27 85.71 -10.13 8.27
N SER N 28 86.65 -10.13 7.33
CA SER N 28 88.02 -9.68 7.61
C SER N 28 88.08 -8.16 7.44
N THR N 29 88.44 -7.47 8.52
CA THR N 29 88.54 -5.99 8.55
C THR N 29 89.71 -5.46 7.74
N GLY N 30 90.76 -6.28 7.61
CA GLY N 30 91.98 -5.94 6.91
C GLY N 30 93.13 -6.53 7.68
N ASP N 31 94.13 -5.70 8.00
CA ASP N 31 95.30 -6.16 8.72
C ASP N 31 95.27 -5.96 10.24
N SER N 32 95.06 -4.71 10.68
CA SER N 32 95.03 -4.37 12.11
C SER N 32 94.17 -3.15 12.42
N ILE N 33 93.52 -3.21 13.59
CA ILE N 33 92.70 -2.10 14.11
C ILE N 33 93.27 -1.69 15.46
N ASP N 34 93.54 -0.39 15.60
CA ASP N 34 94.03 0.17 16.85
C ASP N 34 92.85 0.19 17.82
N THR N 35 93.05 -0.44 18.98
CA THR N 35 92.02 -0.49 20.02
C THR N 35 92.56 0.23 21.26
N PRO N 36 92.43 1.57 21.30
CA PRO N 36 92.97 2.28 22.47
C PRO N 36 92.08 2.13 23.71
N ASN N 37 92.73 1.98 24.86
CA ASN N 37 92.03 1.84 26.13
C ASN N 37 91.94 3.20 26.82
N TYR N 38 91.27 3.24 27.95
CA TYR N 38 91.03 4.46 28.74
C TYR N 38 92.29 5.26 29.11
N ASP N 39 93.42 4.57 29.26
CA ASP N 39 94.71 5.19 29.62
C ASP N 39 95.21 6.19 28.57
N VAL N 40 94.87 5.91 27.32
CA VAL N 40 95.28 6.71 26.16
C VAL N 40 94.27 7.82 25.79
N GLN N 41 93.08 7.76 26.39
CA GLN N 41 91.98 8.71 26.16
C GLN N 41 92.34 10.19 26.28
N LYS N 42 93.02 10.53 27.36
CA LYS N 42 93.45 11.91 27.62
C LYS N 42 94.42 12.44 26.57
N HIS N 43 95.30 11.56 26.09
CA HIS N 43 96.27 11.89 25.04
C HIS N 43 95.60 12.17 23.70
N ILE N 44 94.56 11.41 23.37
CA ILE N 44 93.81 11.59 22.13
C ILE N 44 93.02 12.90 22.17
N ASN N 45 92.46 13.22 23.34
CA ASN N 45 91.72 14.47 23.55
C ASN N 45 92.64 15.68 23.32
N LYS N 46 93.90 15.56 23.75
CA LYS N 46 94.92 16.58 23.58
C LYS N 46 95.25 16.72 22.08
N LEU N 47 95.31 15.58 21.38
CA LEU N 47 95.57 15.53 19.94
C LEU N 47 94.43 16.16 19.15
N CYS N 48 93.19 15.96 19.63
CA CYS N 48 91.99 16.54 19.04
C CYS N 48 92.04 18.06 19.21
N GLY N 49 92.46 18.49 20.41
CA GLY N 49 92.61 19.89 20.77
C GLY N 49 93.66 20.60 19.95
N MET N 50 94.73 19.87 19.62
CA MET N 50 95.84 20.38 18.81
C MET N 50 95.36 20.74 17.41
N LEU N 51 94.48 19.92 16.84
CA LEU N 51 93.88 20.16 15.53
C LEU N 51 92.87 21.32 15.59
N LEU N 52 92.20 21.44 16.73
CA LEU N 52 91.21 22.50 16.95
C LEU N 52 91.81 23.89 17.16
N ILE N 53 93.02 23.96 17.72
CA ILE N 53 93.70 25.24 17.93
C ILE N 53 94.45 25.71 16.68
N THR N 54 94.78 24.75 15.81
CA THR N 54 95.51 25.02 14.57
C THR N 54 94.65 25.77 13.54
N GLU N 55 95.09 26.99 13.23
CA GLU N 55 94.45 27.84 12.23
C GLU N 55 94.76 27.20 10.87
N ASP N 56 93.69 26.96 10.09
CA ASP N 56 93.77 26.29 8.78
C ASP N 56 94.46 24.93 8.89
N ALA N 57 93.91 24.09 9.77
CA ALA N 57 94.43 22.76 10.07
C ALA N 57 94.19 21.75 8.96
N ASN N 58 95.06 20.75 8.92
CA ASN N 58 94.96 19.65 7.97
C ASN N 58 94.11 18.56 8.61
N HIS N 59 92.82 18.55 8.24
CA HIS N 59 91.86 17.59 8.78
C HIS N 59 91.77 16.28 7.99
N LYS N 60 92.90 15.85 7.42
CA LYS N 60 92.99 14.62 6.65
C LYS N 60 92.86 13.39 7.56
N PHE N 61 93.30 13.55 8.81
CA PHE N 61 93.34 12.46 9.78
C PHE N 61 92.34 12.59 10.94
N THR N 62 91.59 13.70 10.97
CA THR N 62 90.60 13.98 12.01
C THR N 62 89.47 12.95 12.13
N GLY N 63 89.06 12.37 11.00
CA GLY N 63 88.04 11.35 10.95
C GLY N 63 88.50 10.10 11.69
N LEU N 64 89.75 9.72 11.45
CA LEU N 64 90.39 8.58 12.10
C LEU N 64 90.72 8.86 13.57
N ILE N 65 91.22 10.07 13.85
CA ILE N 65 91.55 10.52 15.22
C ILE N 65 90.29 10.56 16.07
N GLY N 66 89.19 11.03 15.47
CA GLY N 66 87.87 11.09 16.08
C GLY N 66 87.40 9.71 16.48
N MET N 67 87.62 8.73 15.58
CA MET N 67 87.29 7.33 15.83
C MET N 67 88.09 6.73 16.96
N LEU N 68 89.37 7.12 17.04
CA LEU N 68 90.26 6.67 18.10
C LEU N 68 89.80 7.16 19.47
N TYR N 69 89.31 8.41 19.52
CA TYR N 69 88.79 8.99 20.75
C TYR N 69 87.52 8.28 21.22
N ALA N 70 86.64 7.95 20.26
CA ALA N 70 85.40 7.23 20.55
C ALA N 70 85.71 5.83 21.08
N MET N 71 86.76 5.21 20.51
CA MET N 71 87.22 3.88 20.91
C MET N 71 87.89 3.90 22.28
N SER N 72 88.61 4.99 22.57
CA SER N 72 89.29 5.17 23.87
C SER N 72 88.29 5.44 25.00
N ARG N 73 87.12 5.96 24.64
CA ARG N 73 86.03 6.19 25.59
C ARG N 73 85.34 4.87 25.90
N LEU N 74 85.20 4.03 24.87
CA LEU N 74 84.62 2.68 25.01
C LEU N 74 85.59 1.76 25.75
N GLY N 75 86.89 1.90 25.45
CA GLY N 75 87.96 1.13 26.05
C GLY N 75 88.16 -0.21 25.38
N ARG N 76 89.42 -0.53 25.06
CA ARG N 76 89.84 -1.77 24.39
C ARG N 76 88.88 -2.97 24.42
N GLU N 77 88.55 -3.43 25.62
CA GLU N 77 87.65 -4.58 25.83
C GLU N 77 86.30 -4.44 25.12
N ASP N 78 85.61 -3.32 25.38
CA ASP N 78 84.31 -3.05 24.76
C ASP N 78 84.37 -2.84 23.26
N THR N 79 85.35 -2.07 22.78
CA THR N 79 85.52 -1.84 21.34
C THR N 79 85.75 -3.13 20.53
N ILE N 80 86.56 -4.04 21.08
CA ILE N 80 86.80 -5.36 20.46
C ILE N 80 85.49 -6.15 20.42
N LYS N 81 84.74 -6.09 21.52
CA LYS N 81 83.42 -6.74 21.64
C LYS N 81 82.44 -6.23 20.59
N ILE N 82 82.39 -4.91 20.39
CA ILE N 82 81.51 -4.31 19.37
C ILE N 82 81.89 -4.69 17.94
N LEU N 83 83.19 -4.84 17.71
CA LEU N 83 83.71 -5.25 16.40
C LEU N 83 83.38 -6.72 16.10
N ARG N 84 83.49 -7.56 17.12
CA ARG N 84 83.20 -8.99 17.00
C ARG N 84 81.71 -9.27 16.88
N ASP N 85 80.90 -8.52 17.65
CA ASP N 85 79.44 -8.64 17.60
C ASP N 85 78.86 -8.17 16.27
N ALA N 86 79.55 -7.21 15.63
CA ALA N 86 79.16 -6.67 14.33
C ALA N 86 79.38 -7.69 13.21
N GLY N 87 80.33 -8.60 13.43
CA GLY N 87 80.68 -9.67 12.50
C GLY N 87 82.03 -9.50 11.83
N TYR N 88 83.01 -9.00 12.60
CA TYR N 88 84.35 -8.76 12.08
C TYR N 88 85.46 -9.49 12.84
N HIS N 89 86.43 -9.99 12.08
CA HIS N 89 87.61 -10.67 12.61
C HIS N 89 88.63 -9.58 12.88
N VAL N 90 88.96 -9.38 14.16
CA VAL N 90 89.87 -8.31 14.55
C VAL N 90 91.23 -8.64 15.15
N LYS N 91 92.25 -8.07 14.53
CA LYS N 91 93.64 -8.16 14.99
C LYS N 91 93.86 -6.83 15.71
N ALA N 92 93.65 -6.87 17.03
CA ALA N 92 93.75 -5.68 17.87
C ALA N 92 95.16 -5.18 18.08
N ASN N 93 95.34 -3.88 17.87
CA ASN N 93 96.62 -3.20 18.08
C ASN N 93 96.55 -2.38 19.36
N GLY N 94 97.45 -2.66 20.30
CA GLY N 94 97.53 -1.98 21.57
C GLY N 94 98.16 -0.61 21.44
N VAL N 95 97.43 0.41 21.84
CA VAL N 95 97.90 1.80 21.78
C VAL N 95 98.57 2.19 23.10
N ASP N 96 99.86 2.54 22.99
CA ASP N 96 100.68 2.95 24.13
C ASP N 96 101.36 4.29 23.85
N VAL N 97 101.67 5.03 24.91
CA VAL N 97 102.35 6.32 24.78
C VAL N 97 103.87 6.12 24.88
N THR N 98 104.58 6.64 23.88
CA THR N 98 106.04 6.57 23.80
C THR N 98 106.61 7.94 23.47
N THR N 99 107.82 8.21 23.98
CA THR N 99 108.50 9.48 23.73
C THR N 99 109.41 9.34 22.51
N HIS N 100 109.18 10.20 21.52
CA HIS N 100 109.96 10.19 20.28
C HIS N 100 110.85 11.43 20.20
N ARG N 101 112.14 11.19 19.98
CA ARG N 101 113.14 12.25 19.86
C ARG N 101 113.51 12.44 18.39
N GLN N 102 113.27 13.65 17.88
CA GLN N 102 113.56 14.02 16.51
C GLN N 102 114.03 15.48 16.45
N ASP N 103 115.10 15.71 15.70
CA ASP N 103 115.68 17.05 15.54
C ASP N 103 115.02 17.87 14.44
N ILE N 104 114.09 18.72 14.86
CA ILE N 104 113.35 19.62 13.96
C ILE N 104 114.05 20.98 13.99
N ASN N 105 114.50 21.41 12.79
CA ASN N 105 115.24 22.66 12.58
C ASN N 105 116.57 22.71 13.36
N GLY N 106 117.27 21.57 13.39
CA GLY N 106 118.53 21.40 14.07
C GLY N 106 118.42 21.00 15.54
N LYS N 107 117.54 21.69 16.27
CA LYS N 107 117.30 21.46 17.69
C LYS N 107 116.54 20.16 17.93
N GLU N 108 117.12 19.28 18.76
CA GLU N 108 116.52 17.99 19.10
C GLU N 108 115.31 18.21 20.01
N MET N 109 114.17 17.68 19.57
CA MET N 109 112.90 17.84 20.29
C MET N 109 112.26 16.53 20.72
N LYS N 110 111.54 16.58 21.84
CA LYS N 110 110.82 15.44 22.40
C LYS N 110 109.32 15.57 22.12
N PHE N 111 108.70 14.43 21.79
CA PHE N 111 107.27 14.36 21.48
C PHE N 111 106.63 13.12 22.09
N GLU N 112 105.42 13.30 22.63
CA GLU N 112 104.66 12.19 23.19
C GLU N 112 103.74 11.69 22.08
N VAL N 113 104.06 10.51 21.56
CA VAL N 113 103.31 9.89 20.46
C VAL N 113 102.64 8.58 20.86
N LEU N 114 101.66 8.17 20.06
CA LEU N 114 100.93 6.92 20.27
C LEU N 114 101.39 5.85 19.29
N THR N 115 101.43 4.61 19.77
CA THR N 115 101.82 3.47 18.93
C THR N 115 100.61 3.02 18.11
N LEU N 116 100.38 3.75 17.01
CA LEU N 116 99.26 3.52 16.12
C LEU N 116 99.72 3.00 14.76
N ALA N 117 98.95 2.07 14.21
CA ALA N 117 99.21 1.50 12.90
C ALA N 117 98.62 2.41 11.82
N SER N 118 97.40 2.88 12.08
CA SER N 118 96.67 3.79 11.18
C SER N 118 97.30 5.17 11.06
N LEU N 119 97.96 5.62 12.14
CA LEU N 119 98.59 6.93 12.18
C LEU N 119 100.09 6.86 12.46
N THR N 120 100.87 7.42 11.53
CA THR N 120 102.34 7.44 11.61
C THR N 120 102.80 8.39 12.71
N THR N 121 103.93 8.04 13.33
CA THR N 121 104.55 8.87 14.37
C THR N 121 105.08 10.16 13.76
N GLU N 122 105.42 10.10 12.47
CA GLU N 122 105.90 11.23 11.70
C GLU N 122 104.78 12.23 11.42
N ILE N 123 103.56 11.73 11.24
CA ILE N 123 102.40 12.60 11.00
C ILE N 123 101.82 13.15 12.31
N GLN N 124 102.01 12.42 13.40
CA GLN N 124 101.55 12.79 14.73
C GLN N 124 102.33 14.00 15.25
N ILE N 125 103.64 13.99 15.03
CA ILE N 125 104.53 15.08 15.46
C ILE N 125 104.23 16.37 14.72
N ASN N 126 103.83 16.26 13.44
CA ASN N 126 103.47 17.39 12.60
C ASN N 126 102.19 18.08 13.04
N ILE N 127 101.28 17.34 13.68
CA ILE N 127 100.05 17.89 14.24
C ILE N 127 100.42 18.77 15.44
N GLU N 128 101.35 18.27 16.26
CA GLU N 128 101.86 18.99 17.43
C GLU N 128 102.71 20.20 17.02
N ILE N 129 103.51 20.04 15.97
CA ILE N 129 104.37 21.10 15.43
C ILE N 129 103.55 22.31 14.95
N GLU N 130 102.54 22.04 14.12
CA GLU N 130 101.66 23.09 13.58
C GLU N 130 100.75 23.72 14.63
N SER N 131 100.43 22.97 15.68
CA SER N 131 99.60 23.46 16.78
C SER N 131 100.37 24.45 17.64
N ARG N 132 101.65 24.14 17.89
CA ARG N 132 102.56 24.98 18.68
C ARG N 132 102.77 26.34 18.00
N LYS N 133 102.80 26.33 16.67
CA LYS N 133 102.93 27.53 15.85
C LYS N 133 101.69 28.42 16.04
N SER N 134 100.51 27.79 15.99
CA SER N 134 99.22 28.46 16.17
C SER N 134 99.00 28.89 17.62
N TYR N 135 99.63 28.19 18.56
CA TYR N 135 99.54 28.49 19.98
C TYR N 135 100.37 29.71 20.36
N LYS N 136 101.59 29.79 19.81
CA LYS N 136 102.48 30.92 20.09
C LYS N 136 101.99 32.22 19.45
N LYS N 137 101.30 32.08 18.31
CA LYS N 137 100.69 33.21 17.59
C LYS N 137 99.48 33.70 18.38
N MET N 138 98.77 32.76 19.00
CA MET N 138 97.60 33.01 19.83
C MET N 138 98.03 33.64 21.16
N LEU N 139 99.18 33.21 21.68
CA LEU N 139 99.76 33.74 22.92
C LEU N 139 100.27 35.17 22.73
N LYS N 140 100.71 35.47 21.51
CA LYS N 140 101.21 36.79 21.13
C LYS N 140 100.06 37.78 20.96
N GLU N 141 98.89 37.27 20.55
CA GLU N 141 97.69 38.08 20.30
C GLU N 141 96.88 38.43 21.56
N MET N 142 96.73 37.47 22.46
CA MET N 142 95.94 37.67 23.69
C MET N 142 96.70 37.64 25.02
N GLY N 143 98.02 37.49 24.96
CA GLY N 143 98.88 37.46 26.13
C GLY N 143 98.80 36.15 26.89
N GLU N 144 97.67 35.94 27.56
CA GLU N 144 97.39 34.72 28.32
C GLU N 144 96.21 33.99 27.67
N VAL N 145 96.39 32.69 27.43
CA VAL N 145 95.35 31.86 26.81
C VAL N 145 94.43 31.18 27.83
N ALA N 146 93.15 31.52 27.73
CA ALA N 146 92.10 31.01 28.63
C ALA N 146 91.89 29.49 28.47
N PRO N 147 91.31 28.82 29.50
CA PRO N 147 91.07 27.37 29.40
C PRO N 147 90.14 26.93 28.27
N GLU N 148 89.28 27.84 27.82
CA GLU N 148 88.33 27.60 26.73
C GLU N 148 88.99 27.56 25.36
N TYR N 149 90.06 28.35 25.19
CA TYR N 149 90.77 28.46 23.92
C TYR N 149 91.90 27.44 23.69
N ARG N 150 92.29 26.73 24.75
CA ARG N 150 93.38 25.75 24.69
C ARG N 150 93.02 24.30 24.33
N HIS N 151 94.05 23.56 23.93
CA HIS N 151 93.95 22.15 23.55
C HIS N 151 93.71 21.17 24.70
N ASP N 152 94.02 21.61 25.93
CA ASP N 152 93.87 20.83 27.15
C ASP N 152 92.42 20.49 27.49
N SER N 153 91.51 21.41 27.15
CA SER N 153 90.07 21.30 27.45
C SER N 153 89.47 19.92 27.17
N PRO N 154 88.68 19.38 28.13
CA PRO N 154 88.05 18.06 28.01
C PRO N 154 87.00 17.97 26.90
N ASP N 155 86.50 19.13 26.47
CA ASP N 155 85.49 19.23 25.41
C ASP N 155 86.02 18.86 24.03
N CYS N 156 87.31 19.14 23.79
CA CYS N 156 88.01 18.93 22.53
C CYS N 156 87.65 17.68 21.71
N GLY N 157 87.82 16.51 22.32
CA GLY N 157 87.52 15.24 21.67
C GLY N 157 86.06 15.15 21.25
N MET N 158 85.16 15.51 22.16
CA MET N 158 83.72 15.51 21.92
C MET N 158 83.24 16.56 20.91
N ILE N 159 83.97 17.67 20.83
CA ILE N 159 83.67 18.76 19.86
C ILE N 159 83.84 18.18 18.45
N ILE N 160 84.94 17.45 18.24
CA ILE N 160 85.22 16.78 16.97
C ILE N 160 84.16 15.73 16.66
N LEU N 161 83.77 14.96 17.68
CA LEU N 161 82.74 13.94 17.53
C LEU N 161 81.32 14.50 17.34
N CYS N 162 81.16 15.80 17.60
CA CYS N 162 79.88 16.49 17.40
C CYS N 162 79.56 16.61 15.91
N ILE N 163 80.57 16.91 15.10
CA ILE N 163 80.40 16.98 13.65
C ILE N 163 80.32 15.58 13.04
N ALA N 164 80.87 14.60 13.75
CA ALA N 164 80.80 13.18 13.34
C ALA N 164 79.36 12.70 13.49
N ALA N 165 78.65 13.24 14.49
CA ALA N 165 77.24 12.94 14.74
C ALA N 165 76.38 13.60 13.66
N LEU N 166 76.85 14.73 13.14
CA LEU N 166 76.17 15.45 12.06
C LEU N 166 76.33 14.73 10.72
N VAL N 167 77.52 14.12 10.52
CA VAL N 167 77.82 13.33 9.33
C VAL N 167 76.92 12.09 9.34
N ILE N 168 76.85 11.44 10.51
CA ILE N 168 76.02 10.26 10.72
C ILE N 168 74.53 10.55 10.48
N THR N 169 74.15 11.80 10.74
CA THR N 169 72.78 12.31 10.55
C THR N 169 72.36 12.30 9.08
N LYS N 170 73.31 12.56 8.20
CA LYS N 170 73.08 12.64 6.75
C LYS N 170 73.69 11.49 5.92
N LEU N 171 74.05 10.38 6.59
CA LEU N 171 74.62 9.20 5.91
C LEU N 171 73.60 8.39 5.11
N ALA N 172 72.31 8.59 5.42
CA ALA N 172 71.19 7.91 4.76
C ALA N 172 71.14 8.14 3.25
N ALA N 173 71.58 9.33 2.83
CA ALA N 173 71.65 9.71 1.41
C ALA N 173 72.74 8.90 0.69
N GLY N 174 73.80 8.57 1.43
CA GLY N 174 74.94 7.77 0.98
C GLY N 174 75.74 8.30 -0.20
N ASP N 175 75.93 9.62 -0.27
CA ASP N 175 76.68 10.25 -1.36
C ASP N 175 77.34 11.60 -1.04
N ARG N 176 77.47 11.91 0.26
CA ARG N 176 78.07 13.17 0.75
C ARG N 176 77.26 14.43 0.40
N SER N 177 76.03 14.24 -0.06
CA SER N 177 75.13 15.33 -0.44
C SER N 177 74.72 16.19 0.76
N GLY N 178 74.63 15.55 1.93
CA GLY N 178 74.27 16.18 3.19
C GLY N 178 75.28 17.17 3.73
N LEU N 179 76.52 17.13 3.23
CA LEU N 179 77.61 18.01 3.66
C LEU N 179 77.24 19.48 3.87
N THR N 180 76.44 20.03 2.96
CA THR N 180 75.96 21.42 3.04
C THR N 180 75.16 21.66 4.31
N ALA N 181 74.25 20.72 4.61
CA ALA N 181 73.42 20.77 5.82
C ALA N 181 74.26 20.50 7.06
N VAL N 182 75.27 19.64 6.92
CA VAL N 182 76.21 19.30 8.01
C VAL N 182 76.94 20.56 8.46
N ILE N 183 77.45 21.33 7.49
CA ILE N 183 78.15 22.60 7.74
C ILE N 183 77.18 23.62 8.34
N ARG N 184 76.03 23.79 7.69
CA ARG N 184 74.97 24.71 8.12
C ARG N 184 74.61 24.54 9.59
N ARG N 185 74.29 23.30 9.98
CA ARG N 185 73.93 22.95 11.35
C ARG N 185 75.09 23.10 12.34
N ALA N 186 76.31 22.80 11.88
CA ALA N 186 77.53 22.95 12.68
C ALA N 186 77.82 24.41 13.01
N ASN N 187 77.14 25.32 12.31
CA ASN N 187 77.28 26.75 12.53
C ASN N 187 76.20 27.29 13.46
N ASN N 188 74.96 26.80 13.31
CA ASN N 188 73.80 27.20 14.15
C ASN N 188 74.01 26.64 15.55
N VAL N 189 74.18 25.32 15.63
CA VAL N 189 74.51 24.59 16.86
C VAL N 189 76.04 24.69 16.83
N LEU N 190 76.71 24.49 17.97
CA LEU N 190 78.19 24.50 18.01
C LEU N 190 78.85 25.85 17.65
N LYS N 191 78.09 26.95 17.77
CA LYS N 191 78.57 28.30 17.46
C LYS N 191 79.62 28.82 18.42
N ASN N 192 79.41 28.56 19.71
CA ASN N 192 80.32 28.96 20.79
C ASN N 192 81.65 28.20 20.70
N GLU N 193 81.57 26.95 20.26
CA GLU N 193 82.72 26.06 20.10
C GLU N 193 83.63 26.53 18.97
N MET N 194 83.01 27.07 17.92
CA MET N 194 83.72 27.59 16.75
C MET N 194 84.46 28.89 17.07
N LYS N 195 83.93 29.64 18.04
CA LYS N 195 84.52 30.89 18.52
C LYS N 195 85.84 30.60 19.24
N ARG N 196 85.83 29.59 20.11
CA ARG N 196 87.01 29.20 20.87
C ARG N 196 88.08 28.42 20.12
N TYR N 197 87.69 27.76 19.03
CA TYR N 197 88.63 26.97 18.23
C TYR N 197 88.71 27.35 16.75
N LYS N 198 89.87 27.90 16.38
CA LYS N 198 90.18 28.33 15.00
C LYS N 198 90.16 27.17 13.99
N GLY N 199 90.50 25.98 14.46
CA GLY N 199 90.56 24.76 13.67
C GLY N 199 89.27 23.98 13.53
N LEU N 200 88.18 24.50 14.08
CA LEU N 200 86.88 23.86 13.93
C LEU N 200 86.32 24.27 12.57
N LEU N 201 86.73 23.52 11.56
CA LEU N 201 86.34 23.73 10.16
C LEU N 201 85.34 22.65 9.79
N PRO N 202 84.01 22.92 9.92
CA PRO N 202 82.97 21.93 9.63
C PRO N 202 83.17 21.14 8.33
N LYS N 203 83.40 21.85 7.21
CA LYS N 203 83.62 21.22 5.91
C LYS N 203 84.79 20.23 5.91
N ASP N 204 85.93 20.67 6.44
CA ASP N 204 87.15 19.85 6.52
C ASP N 204 87.01 18.60 7.39
N ILE N 205 86.44 18.77 8.59
CA ILE N 205 86.23 17.68 9.53
C ILE N 205 85.14 16.72 9.05
N ALA N 206 84.06 17.28 8.51
CA ALA N 206 82.93 16.49 8.00
C ALA N 206 83.33 15.57 6.84
N ASN N 207 84.18 16.07 5.97
CA ASN N 207 84.69 15.29 4.83
C ASN N 207 85.59 14.15 5.32
N SER N 208 86.36 14.42 6.38
CA SER N 208 87.25 13.43 6.99
C SER N 208 86.47 12.25 7.56
N PHE N 209 85.35 12.57 8.23
CA PHE N 209 84.47 11.54 8.79
C PHE N 209 83.73 10.78 7.69
N TYR N 210 83.30 11.51 6.66
CA TYR N 210 82.64 10.92 5.50
C TYR N 210 83.58 9.90 4.86
N GLU N 211 84.85 10.27 4.73
CA GLU N 211 85.90 9.41 4.18
C GLU N 211 86.15 8.16 5.02
N VAL N 212 86.28 8.34 6.34
CA VAL N 212 86.52 7.23 7.26
C VAL N 212 85.37 6.21 7.30
N PHE N 213 84.13 6.71 7.18
CA PHE N 213 82.94 5.85 7.15
C PHE N 213 82.78 5.13 5.81
N GLU N 214 83.26 5.75 4.74
CA GLU N 214 83.24 5.17 3.40
C GLU N 214 84.32 4.11 3.25
N LYS N 215 85.54 4.44 3.68
CA LYS N 215 86.69 3.54 3.61
C LYS N 215 86.61 2.38 4.62
N HIS N 216 86.12 2.68 5.82
CA HIS N 216 86.01 1.68 6.88
C HIS N 216 84.56 1.61 7.42
N PRO N 217 83.71 0.78 6.79
CA PRO N 217 82.30 0.66 7.19
C PRO N 217 82.08 0.10 8.60
N HIS N 218 83.09 -0.58 9.13
CA HIS N 218 83.04 -1.12 10.49
C HIS N 218 83.12 0.00 11.53
N PHE N 219 83.75 1.11 11.16
CA PHE N 219 83.89 2.28 12.03
C PHE N 219 82.56 2.99 12.24
N ILE N 220 81.65 2.87 11.27
CA ILE N 220 80.33 3.45 11.39
C ILE N 220 79.53 2.68 12.46
N ASP N 221 79.76 1.36 12.53
CA ASP N 221 79.16 0.49 13.55
C ASP N 221 79.74 0.85 14.90
N VAL N 222 81.05 1.12 14.93
CA VAL N 222 81.76 1.52 16.13
C VAL N 222 81.22 2.85 16.66
N PHE N 223 81.08 3.83 15.77
CA PHE N 223 80.56 5.14 16.12
C PHE N 223 79.11 5.12 16.63
N VAL N 224 78.24 4.40 15.92
CA VAL N 224 76.83 4.28 16.29
C VAL N 224 76.70 3.67 17.68
N HIS N 225 77.45 2.59 17.93
CA HIS N 225 77.46 1.94 19.24
C HIS N 225 78.11 2.76 20.34
N PHE N 226 79.06 3.62 19.96
CA PHE N 226 79.69 4.54 20.91
C PHE N 226 78.66 5.59 21.30
N GLY N 227 78.00 6.17 20.30
CA GLY N 227 76.99 7.20 20.45
C GLY N 227 75.85 6.78 21.37
N ILE N 228 75.41 5.52 21.22
CA ILE N 228 74.37 4.93 22.07
C ILE N 228 74.90 4.77 23.50
N ALA N 229 76.13 4.27 23.62
CA ALA N 229 76.81 4.08 24.91
C ALA N 229 77.04 5.40 25.64
N GLN N 230 77.38 6.43 24.85
CA GLN N 230 77.58 7.80 25.32
C GLN N 230 76.23 8.37 25.75
N SER N 231 75.20 8.12 24.96
CA SER N 231 73.85 8.59 25.27
C SER N 231 73.14 7.82 26.40
N SER N 232 73.81 6.78 26.91
CA SER N 232 73.30 5.96 28.01
C SER N 232 73.74 6.54 29.37
N THR N 233 74.65 7.51 29.30
CA THR N 233 75.21 8.19 30.47
C THR N 233 74.14 8.90 31.34
N ARG N 234 74.49 9.11 32.60
CA ARG N 234 73.61 9.74 33.59
C ARG N 234 73.54 11.26 33.43
N GLY N 235 74.67 11.85 33.02
CA GLY N 235 74.85 13.29 32.88
C GLY N 235 76.20 13.58 32.24
N GLY N 236 76.58 14.85 32.18
CA GLY N 236 77.83 15.25 31.53
C GLY N 236 77.94 16.73 31.25
N SER N 237 78.89 17.07 30.38
CA SER N 237 79.13 18.45 29.98
C SER N 237 78.06 18.91 28.98
N ARG N 238 78.04 20.21 28.68
CA ARG N 238 77.09 20.75 27.72
C ARG N 238 77.41 20.30 26.29
N VAL N 239 78.71 20.14 26.00
CA VAL N 239 79.21 19.64 24.71
C VAL N 239 78.79 18.18 24.52
N GLU N 240 78.81 17.42 25.61
CA GLU N 240 78.36 16.03 25.65
C GLU N 240 76.84 15.95 25.44
N GLY N 241 76.14 16.99 25.89
CA GLY N 241 74.71 17.12 25.73
C GLY N 241 74.34 17.47 24.30
N ILE N 242 75.16 18.32 23.68
CA ILE N 242 75.02 18.73 22.28
C ILE N 242 75.18 17.48 21.40
N PHE N 243 76.25 16.72 21.65
CA PHE N 243 76.55 15.48 20.93
C PHE N 243 75.36 14.52 20.99
N ALA N 244 74.88 14.28 22.21
CA ALA N 244 73.76 13.37 22.46
C ALA N 244 72.51 13.74 21.68
N GLY N 245 72.24 15.05 21.61
CA GLY N 245 71.12 15.62 20.88
C GLY N 245 71.29 15.45 19.38
N LEU N 246 72.47 15.80 18.89
CA LEU N 246 72.83 15.68 17.47
C LEU N 246 72.87 14.23 17.00
N PHE N 247 73.33 13.33 17.87
CA PHE N 247 73.40 11.90 17.58
C PHE N 247 71.99 11.32 17.47
N MET N 248 71.09 11.80 18.34
CA MET N 248 69.70 11.35 18.33
C MET N 248 68.87 11.87 17.16
N ASN N 249 69.40 12.90 16.48
CA ASN N 249 68.77 13.46 15.27
C ASN N 249 68.89 12.45 14.14
N ALA N 250 69.91 11.58 14.23
CA ALA N 250 70.15 10.52 13.26
C ALA N 250 69.14 9.38 13.35
N TYR N 251 68.56 9.17 14.53
CA TYR N 251 67.55 8.13 14.73
C TYR N 251 66.39 8.32 13.76
N GLY N 252 66.15 7.29 12.94
CA GLY N 252 65.09 7.30 11.94
C GLY N 252 65.47 7.86 10.59
N ALA N 253 66.78 7.94 10.31
CA ALA N 253 67.27 8.44 9.02
C ALA N 253 67.14 7.32 7.98
N GLY N 254 66.69 7.70 6.78
CA GLY N 254 66.46 6.78 5.68
C GLY N 254 65.09 6.14 5.79
N GLN N 255 64.26 6.71 6.67
CA GLN N 255 62.90 6.23 6.91
C GLN N 255 61.97 7.39 7.26
N VAL N 256 62.11 8.49 6.53
CA VAL N 256 61.29 9.69 6.71
C VAL N 256 59.84 9.49 6.26
N MET N 257 59.67 8.61 5.27
CA MET N 257 58.35 8.28 4.73
C MET N 257 57.45 7.63 5.77
N LEU N 258 58.08 6.89 6.69
CA LEU N 258 57.40 6.20 7.80
C LEU N 258 56.79 7.24 8.76
N ARG N 259 57.56 8.29 9.05
CA ARG N 259 57.13 9.37 9.94
C ARG N 259 56.13 10.30 9.27
N TRP N 260 56.32 10.55 7.98
CA TRP N 260 55.43 11.38 7.18
C TRP N 260 54.08 10.70 6.95
N GLY N 261 54.09 9.36 7.01
CA GLY N 261 52.91 8.53 6.88
C GLY N 261 52.00 8.69 8.09
N VAL N 262 52.62 8.76 9.26
CA VAL N 262 51.91 8.97 10.54
C VAL N 262 51.33 10.38 10.56
N LEU N 263 52.07 11.33 9.97
CA LEU N 263 51.65 12.73 9.86
C LEU N 263 50.38 12.87 9.01
N ALA N 264 50.38 12.22 7.85
CA ALA N 264 49.24 12.20 6.92
C ALA N 264 47.97 11.68 7.59
N LYS N 265 48.14 10.66 8.44
CA LYS N 265 47.08 10.06 9.23
C LYS N 265 46.61 11.05 10.32
N SER N 266 47.59 11.68 10.98
CA SER N 266 47.34 12.64 12.06
C SER N 266 46.58 13.90 11.60
N VAL N 267 46.92 14.38 10.40
CA VAL N 267 46.26 15.55 9.80
C VAL N 267 44.96 15.16 9.09
N LYS N 268 44.75 13.85 8.94
CA LYS N 268 43.57 13.26 8.29
C LYS N 268 43.41 13.68 6.83
N ASN N 269 44.47 13.46 6.04
CA ASN N 269 44.47 13.79 4.62
C ASN N 269 43.49 12.86 3.90
N ILE N 270 42.48 13.48 3.28
CA ILE N 270 41.39 12.81 2.58
C ILE N 270 41.81 11.71 1.58
N MET N 271 42.90 11.96 0.85
CA MET N 271 43.43 11.04 -0.14
C MET N 271 43.88 9.66 0.36
N LEU N 272 43.94 9.49 1.69
CA LEU N 272 44.29 8.23 2.32
C LEU N 272 43.17 7.21 2.18
N GLY N 273 41.94 7.72 2.05
CA GLY N 273 40.73 6.93 1.89
C GLY N 273 40.46 6.46 0.46
N HIS N 274 41.29 6.90 -0.48
CA HIS N 274 41.17 6.53 -1.89
C HIS N 274 41.27 5.02 -2.08
N ALA N 275 40.49 4.51 -3.04
CA ALA N 275 40.41 3.09 -3.36
C ALA N 275 41.74 2.37 -3.59
N SER N 276 42.65 3.01 -4.35
CA SER N 276 43.96 2.44 -4.65
C SER N 276 44.93 2.49 -3.46
N VAL N 277 44.68 3.41 -2.53
CA VAL N 277 45.48 3.57 -1.31
C VAL N 277 45.01 2.53 -0.28
N GLN N 278 43.69 2.31 -0.25
CA GLN N 278 43.06 1.33 0.64
C GLN N 278 43.45 -0.12 0.33
N ALA N 279 43.76 -0.40 -0.95
CA ALA N 279 44.17 -1.73 -1.40
C ALA N 279 45.54 -2.11 -0.82
N GLU N 280 46.41 -1.11 -0.66
CA GLU N 280 47.75 -1.29 -0.13
C GLU N 280 47.78 -1.38 1.40
N MET N 281 46.77 -0.82 2.05
CA MET N 281 46.63 -0.78 3.51
C MET N 281 46.99 -2.01 4.33
N GLU N 282 46.56 -3.19 3.87
CA GLU N 282 46.84 -4.47 4.52
C GLU N 282 48.36 -4.67 4.67
N GLN N 283 49.08 -4.36 3.61
CA GLN N 283 50.53 -4.51 3.55
C GLN N 283 51.32 -3.35 4.18
N VAL N 284 50.76 -2.13 4.17
CA VAL N 284 51.43 -0.96 4.78
C VAL N 284 51.42 -1.08 6.30
N VAL N 285 50.38 -1.72 6.83
CA VAL N 285 50.24 -1.95 8.27
C VAL N 285 51.31 -2.96 8.70
N GLU N 286 51.56 -3.97 7.87
CA GLU N 286 52.58 -4.99 8.10
C GLU N 286 53.95 -4.38 8.40
N VAL N 287 54.36 -3.41 7.57
CA VAL N 287 55.63 -2.68 7.74
C VAL N 287 55.64 -1.80 8.99
N TYR N 288 54.52 -1.12 9.25
CA TYR N 288 54.39 -0.28 10.44
C TYR N 288 54.45 -1.11 11.71
N GLU N 289 53.78 -2.28 11.69
CA GLU N 289 53.80 -3.23 12.80
C GLU N 289 55.19 -3.83 12.97
N TYR N 290 55.91 -3.99 11.85
CA TYR N 290 57.28 -4.50 11.83
C TYR N 290 58.23 -3.46 12.45
N ALA N 291 58.00 -2.19 12.13
CA ALA N 291 58.77 -1.06 12.66
C ALA N 291 58.53 -0.93 14.17
N GLN N 292 57.28 -1.19 14.57
CA GLN N 292 56.85 -1.15 15.97
C GLN N 292 57.52 -2.31 16.74
N LYS N 293 57.60 -3.48 16.08
CA LYS N 293 58.19 -4.69 16.64
C LYS N 293 59.69 -4.52 16.93
N LEU N 294 60.42 -3.97 15.96
CA LEU N 294 61.86 -3.74 16.07
C LEU N 294 62.23 -2.72 17.14
N GLY N 295 61.38 -1.70 17.30
CA GLY N 295 61.56 -0.63 18.26
C GLY N 295 62.77 0.22 17.94
N GLY N 296 63.57 0.49 18.98
CA GLY N 296 64.78 1.30 18.92
C GLY N 296 65.85 0.80 17.96
N GLU N 297 65.91 -0.52 17.80
CA GLU N 297 66.85 -1.20 16.91
C GLU N 297 66.82 -0.65 15.47
N ALA N 298 65.60 -0.42 14.98
CA ALA N 298 65.34 0.08 13.63
C ALA N 298 65.83 1.49 13.31
N GLY N 299 66.08 2.29 14.34
CA GLY N 299 66.53 3.68 14.20
C GLY N 299 67.79 3.90 13.39
N PHE N 300 68.77 3.02 13.57
CA PHE N 300 70.05 3.12 12.87
C PHE N 300 70.24 2.09 11.74
N TYR N 301 69.13 1.49 11.30
CA TYR N 301 69.10 0.50 10.23
C TYR N 301 69.63 0.97 8.88
N HIS N 302 69.47 2.27 8.59
CA HIS N 302 69.94 2.83 7.33
C HIS N 302 71.33 3.42 7.45
N ILE N 303 71.63 4.00 8.62
CA ILE N 303 72.94 4.59 8.91
C ILE N 303 74.01 3.49 8.79
N LEU N 304 73.86 2.42 9.57
CA LEU N 304 74.69 1.21 9.42
C LEU N 304 73.94 0.55 8.27
N ASN N 305 74.63 0.04 7.26
CA ASN N 305 73.90 -0.58 6.14
C ASN N 305 73.32 -1.95 6.50
N ASN N 306 72.35 -1.93 7.42
CA ASN N 306 71.66 -3.13 7.89
C ASN N 306 70.85 -3.70 6.73
N PRO N 307 70.97 -5.02 6.48
CA PRO N 307 70.28 -5.70 5.38
C PRO N 307 68.75 -5.59 5.44
N LYS N 308 68.23 -5.58 6.66
CA LYS N 308 66.79 -5.50 6.92
C LYS N 308 66.19 -4.10 6.69
N ALA N 309 67.04 -3.10 6.44
CA ALA N 309 66.61 -1.72 6.20
C ALA N 309 65.62 -1.57 5.05
N SER N 310 65.76 -2.44 4.05
CA SER N 310 64.91 -2.49 2.86
C SER N 310 63.46 -2.84 3.22
N LEU N 311 63.29 -3.65 4.26
CA LEU N 311 61.97 -4.10 4.73
C LEU N 311 61.08 -3.01 5.28
N LEU N 312 61.70 -1.90 5.70
CA LEU N 312 60.99 -0.75 6.26
C LEU N 312 60.49 0.24 5.19
N SER N 313 60.75 -0.06 3.92
CA SER N 313 60.37 0.79 2.79
C SER N 313 58.86 0.80 2.51
N LEU N 314 58.35 2.00 2.25
CA LEU N 314 56.95 2.22 1.89
C LEU N 314 56.84 2.52 0.38
N THR N 315 57.99 2.68 -0.26
CA THR N 315 58.14 2.94 -1.71
C THR N 315 57.51 1.80 -2.53
N GLN N 316 57.51 0.59 -1.96
CA GLN N 316 56.89 -0.59 -2.56
C GLN N 316 55.36 -0.45 -2.70
N PHE N 317 54.80 0.61 -2.09
CA PHE N 317 53.38 0.93 -2.16
C PHE N 317 53.25 2.32 -2.83
N PRO N 318 53.20 2.35 -4.18
CA PRO N 318 53.14 3.57 -4.99
C PRO N 318 52.05 4.57 -4.61
N HIS N 319 50.84 4.07 -4.35
CA HIS N 319 49.70 4.92 -4.01
C HIS N 319 49.80 5.60 -2.66
N PHE N 320 50.07 4.81 -1.60
CA PHE N 320 50.23 5.32 -0.24
C PHE N 320 51.41 6.29 -0.11
N SER N 321 52.53 5.94 -0.75
CA SER N 321 53.73 6.79 -0.76
C SER N 321 53.46 8.16 -1.38
N SER N 322 52.67 8.16 -2.45
CA SER N 322 52.31 9.38 -3.18
C SER N 322 51.45 10.35 -2.37
N VAL N 323 50.43 9.84 -1.70
CA VAL N 323 49.56 10.66 -0.84
C VAL N 323 50.36 11.19 0.37
N VAL N 324 51.25 10.35 0.89
CA VAL N 324 52.14 10.69 2.01
C VAL N 324 53.11 11.81 1.61
N LEU N 325 53.69 11.67 0.41
CA LEU N 325 54.61 12.65 -0.15
C LEU N 325 53.89 13.95 -0.52
N GLY N 326 52.64 13.82 -0.97
CA GLY N 326 51.77 14.92 -1.34
C GLY N 326 51.44 15.77 -0.12
N ASN N 327 51.00 15.09 0.94
CA ASN N 327 50.68 15.72 2.22
C ASN N 327 51.87 16.49 2.79
N ALA N 328 53.06 15.90 2.64
CA ALA N 328 54.33 16.50 3.08
C ALA N 328 54.67 17.76 2.29
N ALA N 329 54.30 17.78 1.01
CA ALA N 329 54.53 18.92 0.12
C ALA N 329 53.50 20.02 0.39
N GLY N 330 52.25 19.62 0.61
CA GLY N 330 51.14 20.51 0.89
C GLY N 330 51.28 21.24 2.21
N LEU N 331 51.89 20.56 3.19
CA LEU N 331 52.17 21.13 4.50
C LEU N 331 53.49 21.92 4.48
N GLY N 332 54.17 21.88 3.34
CA GLY N 332 55.43 22.57 3.08
C GLY N 332 56.58 22.11 3.96
N ILE N 333 56.64 20.80 4.21
CA ILE N 333 57.68 20.22 5.06
C ILE N 333 58.82 19.49 4.35
N MET N 334 58.64 19.21 3.05
CA MET N 334 59.68 18.58 2.24
C MET N 334 60.49 19.64 1.46
N GLY N 335 61.35 19.21 0.54
CA GLY N 335 62.16 20.10 -0.27
C GLY N 335 63.45 20.49 0.43
N GLU N 336 64.61 20.19 -0.16
CA GLU N 336 64.74 19.53 -1.46
C GLU N 336 64.89 18.00 -1.29
N TYR N 337 63.78 17.36 -0.92
CA TYR N 337 63.73 15.92 -0.75
C TYR N 337 63.67 15.29 -2.14
N ARG N 338 64.66 14.45 -2.43
CA ARG N 338 64.79 13.81 -3.74
C ARG N 338 63.87 12.61 -4.01
N GLY N 339 62.77 12.53 -3.26
CA GLY N 339 61.77 11.48 -3.42
C GLY N 339 60.76 11.89 -4.46
N THR N 340 60.47 10.97 -5.38
CA THR N 340 59.53 11.20 -6.48
C THR N 340 58.29 10.32 -6.28
N PRO N 341 57.07 10.91 -6.42
CA PRO N 341 55.85 10.12 -6.30
C PRO N 341 55.59 9.26 -7.54
N ARG N 342 55.31 7.98 -7.32
CA ARG N 342 55.03 7.03 -8.41
C ARG N 342 53.68 7.31 -9.08
N ASN N 343 52.71 7.78 -8.30
CA ASN N 343 51.39 8.17 -8.79
C ASN N 343 51.31 9.69 -8.66
N GLN N 344 51.41 10.38 -9.80
CA GLN N 344 51.39 11.85 -9.82
C GLN N 344 50.04 12.46 -9.45
N ASP N 345 48.96 11.85 -9.95
CA ASP N 345 47.59 12.32 -9.69
C ASP N 345 47.20 12.31 -8.21
N LEU N 346 47.59 11.24 -7.51
CA LEU N 346 47.33 11.09 -6.08
C LEU N 346 48.16 12.07 -5.24
N TYR N 347 49.38 12.34 -5.69
CA TYR N 347 50.29 13.28 -5.04
C TYR N 347 49.71 14.69 -5.10
N ASP N 348 49.31 15.11 -6.30
CA ASP N 348 48.73 16.42 -6.57
C ASP N 348 47.44 16.66 -5.81
N ALA N 349 46.62 15.62 -5.69
CA ALA N 349 45.36 15.65 -4.97
C ALA N 349 45.58 15.78 -3.45
N ALA N 350 46.61 15.08 -2.96
CA ALA N 350 46.98 15.11 -1.54
C ALA N 350 47.65 16.43 -1.16
N LYS N 351 48.46 16.97 -2.08
CA LYS N 351 49.15 18.25 -1.90
C LYS N 351 48.12 19.38 -1.81
N ALA N 352 47.09 19.30 -2.66
CA ALA N 352 46.00 20.27 -2.70
C ALA N 352 45.19 20.30 -1.42
N TYR N 353 44.84 19.12 -0.91
CA TYR N 353 44.07 18.98 0.34
C TYR N 353 44.85 19.44 1.55
N ALA N 354 46.15 19.12 1.57
CA ALA N 354 47.06 19.52 2.65
C ALA N 354 47.25 21.03 2.72
N GLU N 355 47.23 21.67 1.55
CA GLU N 355 47.34 23.12 1.43
C GLU N 355 46.07 23.80 1.97
N GLN N 356 44.93 23.12 1.79
CA GLN N 356 43.64 23.59 2.29
C GLN N 356 43.51 23.39 3.80
N LEU N 357 44.24 22.40 4.33
CA LEU N 357 44.24 22.09 5.77
C LEU N 357 44.90 23.17 6.61
N LYS N 358 45.94 23.79 6.05
CA LYS N 358 46.67 24.88 6.74
C LYS N 358 46.02 26.26 6.63
N GLU N 359 44.76 26.29 6.20
CA GLU N 359 43.95 27.50 6.08
C GLU N 359 42.75 27.47 7.02
N ASN N 360 42.22 26.26 7.22
CA ASN N 360 41.08 26.01 8.12
C ASN N 360 41.54 25.78 9.56
N GLY N 361 40.69 25.15 10.37
CA GLY N 361 41.00 24.86 11.76
C GLY N 361 39.87 25.21 12.70
N VAL N 362 38.97 24.26 12.90
CA VAL N 362 37.81 24.43 13.79
C VAL N 362 38.09 23.76 15.14
N ILE N 363 37.62 24.39 16.21
CA ILE N 363 37.79 23.91 17.58
C ILE N 363 36.88 22.71 17.88
N ASN N 364 37.49 21.63 18.38
CA ASN N 364 36.76 20.42 18.77
C ASN N 364 36.54 20.48 20.29
N TYR N 365 35.33 20.88 20.66
CA TYR N 365 34.93 21.07 22.05
C TYR N 365 34.70 19.78 22.86
N SER N 366 34.54 18.66 22.15
CA SER N 366 34.33 17.35 22.77
C SER N 366 35.58 16.79 23.45
N VAL N 367 36.75 17.25 23.03
CA VAL N 367 38.05 16.83 23.57
C VAL N 367 38.24 17.32 25.01
N LEU N 368 37.89 18.59 25.24
CA LEU N 368 38.00 19.23 26.55
C LEU N 368 36.94 18.68 27.52
N ASP N 369 37.29 18.60 28.81
CA ASP N 369 36.40 18.11 29.85
C ASP N 369 35.47 19.20 30.40
N LEU N 370 34.78 19.88 29.48
CA LEU N 370 33.86 20.97 29.80
C LEU N 370 32.56 20.49 30.44
N THR N 371 32.12 21.21 31.48
CA THR N 371 30.89 20.88 32.22
C THR N 371 29.69 21.66 31.65
N ALA N 372 29.26 22.71 32.36
CA ALA N 372 28.15 23.55 31.93
C ALA N 372 28.68 24.56 30.91
N GLU N 373 28.34 24.32 29.64
CA GLU N 373 28.81 25.15 28.53
C GLU N 373 27.92 26.35 28.21
N GLU N 374 28.53 27.52 28.28
CA GLU N 374 27.88 28.80 28.00
C GLU N 374 28.75 29.58 26.99
N LEU N 375 29.68 28.87 26.36
CA LEU N 375 30.63 29.43 25.41
C LEU N 375 30.01 29.87 24.08
N GLU N 376 28.90 29.23 23.71
CA GLU N 376 28.17 29.56 22.48
C GLU N 376 27.62 30.99 22.51
N ALA N 377 27.38 31.49 23.73
CA ALA N 377 26.94 32.87 23.98
C ALA N 377 28.13 33.83 23.91
N ILE N 378 29.32 33.34 24.25
CA ILE N 378 30.58 34.10 24.23
C ILE N 378 31.00 34.44 22.77
N LYS N 379 30.70 33.52 21.84
CA LYS N 379 31.04 33.68 20.42
C LYS N 379 29.83 33.39 19.52
N ALA O 2 43.95 -1.26 9.35
CA ALA O 2 43.32 -0.07 9.90
C ALA O 2 44.29 1.11 9.97
N LEU O 3 43.78 2.32 9.72
CA LEU O 3 44.58 3.54 9.79
C LEU O 3 44.96 3.93 11.22
N SER O 4 44.39 3.23 12.20
CA SER O 4 44.69 3.42 13.61
C SER O 4 46.04 2.79 13.93
N LYS O 5 46.38 1.75 13.18
CA LYS O 5 47.61 0.98 13.33
C LYS O 5 48.86 1.70 12.79
N VAL O 6 48.65 2.66 11.87
CA VAL O 6 49.76 3.44 11.30
C VAL O 6 50.29 4.48 12.32
N LYS O 7 51.17 3.99 13.18
CA LYS O 7 51.80 4.78 14.23
C LYS O 7 53.21 4.27 14.53
N LEU O 8 54.00 5.10 15.23
CA LEU O 8 55.36 4.76 15.63
C LEU O 8 55.74 5.60 16.84
N ASN O 9 56.00 4.94 17.97
CA ASN O 9 56.35 5.62 19.21
C ASN O 9 57.86 5.86 19.30
N ASP O 10 58.31 6.87 18.56
CA ASP O 10 59.72 7.25 18.50
C ASP O 10 60.34 7.64 19.85
N THR O 11 59.57 8.33 20.68
CA THR O 11 60.01 8.78 22.00
C THR O 11 60.36 7.59 22.91
N LEU O 12 59.47 6.61 22.95
CA LEU O 12 59.63 5.40 23.76
C LEU O 12 60.74 4.49 23.23
N ASN O 13 60.80 4.35 21.90
CA ASN O 13 61.80 3.52 21.22
C ASN O 13 63.22 4.07 21.37
N LYS O 14 63.37 5.39 21.30
CA LYS O 14 64.67 6.05 21.45
C LYS O 14 65.22 5.81 22.85
N ASP O 15 64.35 5.91 23.85
CA ASP O 15 64.69 5.64 25.24
C ASP O 15 65.07 4.18 25.42
N GLN O 16 64.28 3.28 24.81
CA GLN O 16 64.52 1.83 24.84
C GLN O 16 65.92 1.49 24.31
N LEU O 17 66.32 2.14 23.22
CA LEU O 17 67.63 1.97 22.59
C LEU O 17 68.77 2.38 23.54
N LEU O 18 68.58 3.49 24.24
CA LEU O 18 69.57 4.01 25.18
C LEU O 18 69.62 3.26 26.51
N SER O 19 68.46 2.78 26.95
CA SER O 19 68.34 2.01 28.18
C SER O 19 68.92 0.60 28.03
N SER O 20 68.93 0.08 26.81
CA SER O 20 69.42 -1.26 26.51
C SER O 20 70.76 -1.30 25.77
N SER O 21 71.70 -0.45 26.18
CA SER O 21 73.04 -0.41 25.56
C SER O 21 73.87 -1.60 26.04
N LYS O 22 74.48 -2.30 25.09
CA LYS O 22 75.31 -3.48 25.39
C LYS O 22 76.74 -3.08 25.82
N TYR O 23 77.12 -1.84 25.50
CA TYR O 23 78.46 -1.32 25.76
C TYR O 23 78.43 -0.03 26.57
N THR O 24 79.57 0.31 27.18
CA THR O 24 79.70 1.48 28.07
C THR O 24 80.95 2.32 27.83
N ILE O 25 80.80 3.62 28.04
CA ILE O 25 81.94 4.56 27.97
C ILE O 25 82.37 5.01 29.37
N GLN O 26 83.67 5.27 29.53
CA GLN O 26 84.23 5.74 30.79
C GLN O 26 85.10 6.96 30.53
N ARG O 27 84.75 8.06 31.18
CA ARG O 27 85.41 9.35 30.99
C ARG O 27 86.50 9.66 31.99
N SER O 28 87.58 10.27 31.51
CA SER O 28 88.69 10.68 32.37
C SER O 28 88.38 12.05 32.97
N THR O 29 88.32 12.11 34.31
CA THR O 29 88.02 13.34 35.05
C THR O 29 89.15 14.37 35.00
N GLY O 30 90.37 13.88 34.83
CA GLY O 30 91.58 14.68 34.78
C GLY O 30 92.67 13.92 35.50
N ASP O 31 93.30 14.59 36.46
CA ASP O 31 94.39 13.97 37.21
C ASP O 31 94.01 13.34 38.55
N SER O 32 93.39 14.13 39.43
CA SER O 32 92.98 13.67 40.77
C SER O 32 91.79 14.41 41.34
N ILE O 33 90.95 13.68 42.08
CA ILE O 33 89.79 14.23 42.77
C ILE O 33 89.94 13.93 44.26
N ASP O 34 89.82 14.98 45.07
CA ASP O 34 89.88 14.86 46.52
C ASP O 34 88.57 14.22 46.97
N THR O 35 88.69 13.09 47.68
CA THR O 35 87.53 12.37 48.20
C THR O 35 87.60 12.39 49.74
N PRO O 36 87.10 13.48 50.37
CA PRO O 36 87.18 13.53 51.83
C PRO O 36 86.15 12.64 52.49
N ASN O 37 86.57 11.99 53.58
CA ASN O 37 85.69 11.11 54.35
C ASN O 37 85.10 11.88 55.53
N TYR O 38 84.22 11.22 56.28
CA TYR O 38 83.52 11.79 57.44
C TYR O 38 84.42 12.44 58.51
N ASP O 39 85.64 11.92 58.66
CA ASP O 39 86.60 12.42 59.64
C ASP O 39 87.02 13.88 59.40
N VAL O 40 87.03 14.26 58.14
CA VAL O 40 87.43 15.59 57.69
C VAL O 40 86.26 16.60 57.59
N GLN O 41 85.03 16.07 57.69
CA GLN O 41 83.79 16.85 57.59
C GLN O 41 83.70 18.07 58.50
N LYS O 42 84.04 17.88 59.79
CA LYS O 42 84.02 18.96 60.79
C LYS O 42 85.00 20.08 60.45
N HIS O 43 86.16 19.71 59.92
CA HIS O 43 87.20 20.65 59.51
C HIS O 43 86.75 21.52 58.33
N ILE O 44 86.05 20.91 57.36
CA ILE O 44 85.53 21.63 56.19
C ILE O 44 84.44 22.61 56.61
N ASN O 45 83.59 22.19 57.55
CA ASN O 45 82.51 23.04 58.09
C ASN O 45 83.09 24.30 58.74
N LYS O 46 84.23 24.12 59.44
CA LYS O 46 84.95 25.20 60.09
C LYS O 46 85.52 26.15 59.03
N LEU O 47 86.03 25.57 57.94
CA LEU O 47 86.58 26.32 56.80
C LEU O 47 85.48 27.13 56.09
N CYS O 48 84.29 26.54 56.00
CA CYS O 48 83.11 27.19 55.43
C CYS O 48 82.71 28.38 56.29
N GLY O 49 82.75 28.17 57.62
CA GLY O 49 82.44 29.17 58.63
C GLY O 49 83.41 30.32 58.61
N MET O 50 84.68 30.03 58.32
CA MET O 50 85.75 31.02 58.23
C MET O 50 85.48 32.01 57.10
N LEU O 51 84.97 31.50 55.98
CA LEU O 51 84.62 32.32 54.82
C LEU O 51 83.35 33.14 55.10
N LEU O 52 82.44 32.56 55.89
CA LEU O 52 81.19 33.20 56.26
C LEU O 52 81.34 34.33 57.28
N ILE O 53 82.34 34.25 58.15
CA ILE O 53 82.60 35.30 59.15
C ILE O 53 83.42 36.45 58.56
N THR O 54 84.17 36.14 57.51
CA THR O 54 85.03 37.11 56.82
C THR O 54 84.23 38.17 56.07
N GLU O 55 84.38 39.42 56.52
CA GLU O 55 83.75 40.58 55.90
C GLU O 55 84.47 40.81 54.56
N ASP O 56 83.70 40.88 53.48
CA ASP O 56 84.21 41.03 52.11
C ASP O 56 85.21 39.90 51.77
N ALA O 57 84.74 38.67 51.93
CA ALA O 57 85.52 37.46 51.71
C ALA O 57 85.79 37.17 50.24
N ASN O 58 86.90 36.47 49.99
CA ASN O 58 87.28 36.03 48.66
C ASN O 58 86.64 34.67 48.41
N HIS O 59 85.52 34.69 47.71
CA HIS O 59 84.76 33.47 47.40
C HIS O 59 85.18 32.77 46.11
N LYS O 60 86.47 32.86 45.79
CA LYS O 60 87.05 32.23 44.59
C LYS O 60 87.07 30.72 44.73
N PHE O 61 87.20 30.25 45.97
CA PHE O 61 87.33 28.83 46.28
C PHE O 61 86.12 28.20 46.98
N THR O 62 85.12 29.02 47.29
CA THR O 62 83.90 28.57 47.98
C THR O 62 83.09 27.50 47.25
N GLY O 63 83.08 27.56 45.91
CA GLY O 63 82.41 26.59 45.06
C GLY O 63 83.03 25.21 45.23
N LEU O 64 84.37 25.19 45.25
CA LEU O 64 85.14 23.96 45.44
C LEU O 64 85.07 23.47 46.89
N ILE O 65 85.17 24.39 47.85
CA ILE O 65 85.09 24.09 49.29
C ILE O 65 83.71 23.52 49.62
N GLY O 66 82.67 24.09 49.01
CA GLY O 66 81.29 23.65 49.13
C GLY O 66 81.14 22.22 48.65
N MET O 67 81.79 21.90 47.53
CA MET O 67 81.80 20.56 46.96
C MET O 67 82.50 19.55 47.87
N LEU O 68 83.58 19.99 48.52
CA LEU O 68 84.33 19.17 49.46
C LEU O 68 83.49 18.82 50.67
N TYR O 69 82.68 19.77 51.15
CA TYR O 69 81.78 19.54 52.28
C TYR O 69 80.69 18.53 51.93
N ALA O 70 80.14 18.64 50.73
CA ALA O 70 79.11 17.73 50.23
C ALA O 70 79.68 16.32 50.10
N MET O 71 80.94 16.23 49.66
CA MET O 71 81.65 14.96 49.51
C MET O 71 82.00 14.35 50.86
N SER O 72 82.33 15.19 51.84
CA SER O 72 82.65 14.75 53.20
C SER O 72 81.42 14.25 53.95
N ARG O 73 80.25 14.72 53.54
CA ARG O 73 78.97 14.28 54.10
C ARG O 73 78.62 12.92 53.52
N LEU O 74 78.90 12.74 52.22
CA LEU O 74 78.70 11.47 51.53
C LEU O 74 79.72 10.42 52.00
N GLY O 75 80.96 10.87 52.23
CA GLY O 75 82.06 10.05 52.68
C GLY O 75 82.74 9.29 51.56
N ARG O 76 84.08 9.35 51.55
CA ARG O 76 84.95 8.72 50.53
C ARG O 76 84.35 7.58 49.70
N GLU O 77 83.92 6.50 50.37
CA GLU O 77 83.35 5.32 49.72
C GLU O 77 82.17 5.63 48.79
N ASP O 78 81.17 6.35 49.30
CA ASP O 78 80.00 6.74 48.54
C ASP O 78 80.31 7.72 47.41
N THR O 79 81.12 8.75 47.68
CA THR O 79 81.50 9.72 46.64
C THR O 79 82.23 9.10 45.44
N ILE O 80 83.13 8.14 45.72
CA ILE O 80 83.83 7.38 44.66
C ILE O 80 82.81 6.58 43.84
N LYS O 81 81.87 5.96 44.55
CA LYS O 81 80.78 5.18 43.94
C LYS O 81 79.92 6.04 43.01
N ILE O 82 79.57 7.25 43.44
CA ILE O 82 78.77 8.17 42.62
C ILE O 82 79.52 8.65 41.38
N LEU O 83 80.83 8.82 41.51
CA LEU O 83 81.70 9.23 40.39
C LEU O 83 81.84 8.11 39.36
N ARG O 84 81.97 6.87 39.84
CA ARG O 84 82.11 5.70 38.99
C ARG O 84 80.79 5.34 38.29
N ASP O 85 79.68 5.46 39.03
CA ASP O 85 78.33 5.21 38.48
C ASP O 85 77.94 6.23 37.42
N ALA O 86 78.45 7.45 37.56
CA ALA O 86 78.20 8.55 36.61
C ALA O 86 78.91 8.31 35.28
N GLY O 87 80.00 7.54 35.32
CA GLY O 87 80.80 7.19 34.16
C GLY O 87 82.16 7.85 34.13
N TYR O 88 82.80 7.99 35.29
CA TYR O 88 84.10 8.63 35.39
C TYR O 88 85.19 7.76 36.01
N HIS O 89 86.38 7.86 35.44
CA HIS O 89 87.58 7.17 35.92
C HIS O 89 88.19 8.07 36.98
N VAL O 90 88.20 7.61 38.23
CA VAL O 90 88.69 8.41 39.34
C VAL O 90 89.94 8.00 40.10
N LYS O 91 90.88 8.93 40.17
CA LYS O 91 92.12 8.78 40.94
C LYS O 91 91.83 9.55 42.23
N ALA O 92 91.37 8.81 43.24
CA ALA O 92 90.97 9.36 44.52
C ALA O 92 92.14 9.86 45.36
N ASN O 93 92.00 11.09 45.86
CA ASN O 93 92.98 11.71 46.75
C ASN O 93 92.43 11.71 48.17
N GLY O 94 93.18 11.10 49.09
CA GLY O 94 92.81 11.00 50.49
C GLY O 94 93.07 12.30 51.22
N VAL O 95 92.02 12.86 51.82
CA VAL O 95 92.09 14.11 52.56
C VAL O 95 92.37 13.83 54.04
N ASP O 96 93.50 14.35 54.52
CA ASP O 96 93.94 14.18 55.91
C ASP O 96 94.27 15.55 56.52
N VAL O 97 94.16 15.65 57.84
CA VAL O 97 94.47 16.90 58.56
C VAL O 97 95.94 16.87 59.00
N THR O 98 96.67 17.92 58.65
CA THR O 98 98.09 18.09 59.01
C THR O 98 98.31 19.48 59.57
N THR O 99 99.27 19.60 60.48
CA THR O 99 99.62 20.88 61.09
C THR O 99 100.76 21.52 60.30
N HIS O 100 100.52 22.74 59.83
CA HIS O 100 101.49 23.49 59.04
C HIS O 100 102.02 24.69 59.83
N ARG O 101 103.34 24.77 59.94
CA ARG O 101 104.02 25.86 60.64
C ARG O 101 104.62 26.84 59.64
N GLN O 102 104.16 28.09 59.73
CA GLN O 102 104.61 29.17 58.86
C GLN O 102 104.67 30.48 59.65
N ASP O 103 105.77 31.21 59.47
CA ASP O 103 105.97 32.49 60.16
C ASP O 103 105.36 33.68 59.43
N ILE O 104 104.16 34.05 59.88
CA ILE O 104 103.41 35.18 59.34
C ILE O 104 103.71 36.40 60.22
N ASN O 105 104.24 37.45 59.59
CA ASN O 105 104.65 38.71 60.23
C ASN O 105 105.72 38.51 61.31
N GLY O 106 106.68 37.62 61.02
CA GLY O 106 107.78 37.28 61.89
C GLY O 106 107.49 36.15 62.88
N LYS O 107 106.32 36.24 63.52
CA LYS O 107 105.88 35.25 64.52
C LYS O 107 105.47 33.94 63.85
N GLU O 108 106.08 32.84 64.31
CA GLU O 108 105.80 31.50 63.79
C GLU O 108 104.42 31.05 64.26
N MET O 109 103.58 30.69 63.30
CA MET O 109 102.20 30.28 63.57
C MET O 109 101.85 28.87 63.11
N LYS O 110 100.94 28.24 63.84
CA LYS O 110 100.45 26.88 63.53
C LYS O 110 99.07 26.94 62.90
N PHE O 111 98.86 26.10 61.89
CA PHE O 111 97.60 26.01 61.16
C PHE O 111 97.20 24.57 60.88
N GLU O 112 95.92 24.27 61.03
CA GLU O 112 95.39 22.95 60.74
C GLU O 112 94.88 23.00 59.30
N VAL O 113 95.60 22.32 58.41
CA VAL O 113 95.28 22.30 56.98
C VAL O 113 94.91 20.89 56.48
N LEU O 114 94.27 20.85 55.31
CA LEU O 114 93.87 19.60 54.68
C LEU O 114 94.79 19.28 53.50
N THR O 115 95.08 17.99 53.32
CA THR O 115 95.91 17.52 52.21
C THR O 115 95.05 17.43 50.95
N LEU O 116 94.86 18.59 50.32
CA LEU O 116 94.05 18.72 49.12
C LEU O 116 94.90 19.06 47.91
N ALA O 117 94.52 18.47 46.76
CA ALA O 117 95.19 18.72 45.49
C ALA O 117 94.61 19.98 44.86
N SER O 118 93.29 20.09 44.92
CA SER O 118 92.53 21.22 44.37
C SER O 118 92.78 22.53 45.13
N LEU O 119 93.06 22.42 46.43
CA LEU O 119 93.30 23.59 47.28
C LEU O 119 94.68 23.56 47.94
N THR O 120 95.44 24.63 47.68
CA THR O 120 96.80 24.79 48.21
C THR O 120 96.76 25.06 49.71
N THR O 121 97.79 24.59 50.41
CA THR O 121 97.94 24.81 51.86
C THR O 121 98.22 26.30 52.13
N GLU O 122 98.81 26.96 51.14
CA GLU O 122 99.12 28.38 51.18
C GLU O 122 97.84 29.23 51.09
N ILE O 123 96.87 28.74 50.32
CA ILE O 123 95.59 29.45 50.17
C ILE O 123 94.63 29.15 51.32
N GLN O 124 94.79 27.98 51.93
CA GLN O 124 93.98 27.53 53.07
C GLN O 124 94.28 28.36 54.31
N ILE O 125 95.57 28.64 54.53
CA ILE O 125 96.02 29.45 55.67
C ILE O 125 95.54 30.90 55.58
N ASN O 126 95.47 31.41 54.36
CA ASN O 126 94.99 32.76 54.08
C ASN O 126 93.50 32.95 54.38
N ILE O 127 92.73 31.87 54.27
CA ILE O 127 91.30 31.88 54.60
C ILE O 127 91.17 32.03 56.12
N GLU O 128 92.01 31.30 56.86
CA GLU O 128 92.07 31.35 58.32
C GLU O 128 92.62 32.69 58.82
N ILE O 129 93.64 33.22 58.12
CA ILE O 129 94.26 34.50 58.44
C ILE O 129 93.26 35.66 58.36
N GLU O 130 92.55 35.75 57.23
CA GLU O 130 91.55 36.80 57.02
C GLU O 130 90.31 36.67 57.90
N SER O 131 90.00 35.43 58.31
CA SER O 131 88.86 35.17 59.19
C SER O 131 89.15 35.63 60.61
N ARG O 132 90.39 35.40 61.06
CA ARG O 132 90.85 35.82 62.39
C ARG O 132 90.82 37.34 62.54
N LYS O 133 91.13 38.05 61.45
CA LYS O 133 91.08 39.51 61.37
C LYS O 133 89.64 39.98 61.57
N SER O 134 88.71 39.33 60.85
CA SER O 134 87.28 39.63 60.93
C SER O 134 86.66 39.21 62.25
N TYR O 135 87.25 38.19 62.89
CA TYR O 135 86.79 37.68 64.19
C TYR O 135 87.18 38.62 65.33
N LYS O 136 88.41 39.13 65.30
CA LYS O 136 88.89 40.06 66.33
C LYS O 136 88.21 41.42 66.26
N LYS O 137 87.82 41.82 65.04
CA LYS O 137 87.09 43.06 64.78
C LYS O 137 85.66 42.90 65.30
N MET O 138 85.12 41.69 65.14
CA MET O 138 83.78 41.31 65.58
C MET O 138 83.75 41.20 67.11
N LEU O 139 84.84 40.72 67.69
CA LEU O 139 84.99 40.57 69.15
C LEU O 139 85.13 41.94 69.82
N LYS O 140 85.71 42.90 69.09
CA LYS O 140 85.90 44.27 69.55
C LYS O 140 84.58 45.05 69.52
N GLU O 141 83.70 44.68 68.58
CA GLU O 141 82.40 45.34 68.39
C GLU O 141 81.30 44.87 69.34
N MET O 142 81.24 43.55 69.60
CA MET O 142 80.19 42.98 70.45
C MET O 142 80.64 42.36 71.77
N GLY O 143 81.95 42.44 72.06
CA GLY O 143 82.53 41.89 73.29
C GLY O 143 82.66 40.39 73.26
N GLU O 144 81.52 39.71 73.36
CA GLU O 144 81.43 38.26 73.34
C GLU O 144 80.64 37.82 72.09
N VAL O 145 81.21 36.88 71.33
CA VAL O 145 80.58 36.38 70.11
C VAL O 145 79.69 35.15 70.35
N ALA O 146 78.41 35.32 70.02
CA ALA O 146 77.38 34.29 70.19
C ALA O 146 77.63 33.07 69.28
N PRO O 147 77.06 31.89 69.64
CA PRO O 147 77.24 30.68 68.80
C PRO O 147 76.71 30.80 67.37
N GLU O 148 75.75 31.71 67.16
CA GLU O 148 75.13 31.94 65.85
C GLU O 148 76.05 32.72 64.90
N TYR O 149 76.87 33.61 65.47
CA TYR O 149 77.76 34.47 64.70
C TYR O 149 79.14 33.88 64.38
N ARG O 150 79.49 32.76 65.04
CA ARG O 150 80.80 32.12 64.87
C ARG O 150 80.92 31.05 63.78
N HIS O 151 82.18 30.76 63.41
CA HIS O 151 82.54 29.77 62.39
C HIS O 151 82.34 28.30 62.81
N ASP O 152 82.28 28.07 64.13
CA ASP O 152 82.09 26.75 64.72
C ASP O 152 80.75 26.09 64.40
N SER O 153 79.72 26.93 64.26
CA SER O 153 78.33 26.50 64.00
C SER O 153 78.20 25.42 62.95
N PRO O 154 77.41 24.35 63.25
CA PRO O 154 77.19 23.22 62.32
C PRO O 154 76.45 23.60 61.03
N ASP O 155 75.76 24.74 61.07
CA ASP O 155 74.98 25.25 59.94
C ASP O 155 75.86 25.74 58.79
N CYS O 156 77.04 26.26 59.13
CA CYS O 156 78.02 26.84 58.19
C CYS O 156 78.19 26.19 56.82
N GLY O 157 78.54 24.90 56.81
CA GLY O 157 78.72 24.14 55.59
C GLY O 157 77.46 24.10 54.75
N MET O 158 76.33 23.81 55.40
CA MET O 158 75.02 23.75 54.75
C MET O 158 74.49 25.10 54.26
N ILE O 159 74.88 26.17 54.94
CA ILE O 159 74.51 27.55 54.56
C ILE O 159 75.10 27.84 53.18
N ILE O 160 76.37 27.48 53.00
CA ILE O 160 77.08 27.63 51.73
C ILE O 160 76.43 26.76 50.64
N LEU O 161 76.07 25.53 51.01
CA LEU O 161 75.39 24.62 50.09
C LEU O 161 73.95 25.01 49.74
N CYS O 162 73.39 25.94 50.52
CA CYS O 162 72.04 26.46 50.28
C CYS O 162 72.01 27.31 49.01
N ILE O 163 73.04 28.13 48.81
CA ILE O 163 73.15 28.93 47.58
C ILE O 163 73.57 28.06 46.39
N ALA O 164 74.22 26.93 46.67
CA ALA O 164 74.61 25.96 45.66
C ALA O 164 73.35 25.28 45.10
N ALA O 165 72.34 25.12 45.97
CA ALA O 165 71.04 24.56 45.60
C ALA O 165 70.27 25.57 44.75
N LEU O 166 70.52 26.86 45.00
CA LEU O 166 69.90 27.93 44.23
C LEU O 166 70.51 28.05 42.83
N VAL O 167 71.83 27.80 42.75
CA VAL O 167 72.57 27.80 41.48
C VAL O 167 72.06 26.63 40.62
N ILE O 168 71.93 25.48 41.27
CA ILE O 168 71.42 24.25 40.63
C ILE O 168 69.99 24.44 40.11
N THR O 169 69.24 25.31 40.80
CA THR O 169 67.86 25.65 40.46
C THR O 169 67.75 26.36 39.09
N LYS O 170 68.76 27.18 38.80
CA LYS O 170 68.81 27.97 37.56
C LYS O 170 69.86 27.51 36.52
N LEU O 171 70.36 26.28 36.66
CA LEU O 171 71.34 25.72 35.73
C LEU O 171 70.76 25.32 34.37
N ALA O 172 69.43 25.15 34.32
CA ALA O 172 68.70 24.77 33.12
C ALA O 172 68.87 25.75 31.96
N ALA O 173 69.06 27.04 32.29
CA ALA O 173 69.30 28.10 31.32
C ALA O 173 70.69 27.95 30.68
N GLY O 174 71.64 27.42 31.47
CA GLY O 174 73.01 27.14 31.08
C GLY O 174 73.86 28.30 30.61
N ASP O 175 73.70 29.47 31.24
CA ASP O 175 74.45 30.68 30.86
C ASP O 175 74.64 31.73 31.96
N ARG O 176 74.43 31.33 33.22
CA ARG O 176 74.56 32.21 34.40
C ARG O 176 73.52 33.35 34.46
N SER O 177 72.49 33.27 33.59
CA SER O 177 71.44 34.27 33.51
C SER O 177 70.59 34.32 34.78
N GLY O 178 70.44 33.16 35.43
CA GLY O 178 69.68 32.98 36.65
C GLY O 178 70.25 33.66 37.89
N LEU O 179 71.52 34.04 37.83
CA LEU O 179 72.25 34.70 38.94
C LEU O 179 71.46 35.77 39.69
N THR O 180 70.73 36.62 38.95
CA THR O 180 69.90 37.68 39.52
C THR O 180 68.82 37.10 40.43
N ALA O 181 68.16 36.05 39.96
CA ALA O 181 67.13 35.34 40.71
C ALA O 181 67.74 34.57 41.89
N VAL O 182 68.95 34.05 41.67
CA VAL O 182 69.70 33.32 42.70
C VAL O 182 69.96 34.23 43.90
N ILE O 183 70.43 35.46 43.61
CA ILE O 183 70.70 36.47 44.65
C ILE O 183 69.39 36.89 45.32
N ARG O 184 68.39 37.22 44.50
CA ARG O 184 67.06 37.64 44.96
C ARG O 184 66.48 36.67 45.99
N ARG O 185 66.43 35.38 45.62
CA ARG O 185 65.91 34.32 46.49
C ARG O 185 66.76 34.08 47.74
N ALA O 186 68.09 34.22 47.59
CA ALA O 186 69.04 34.09 48.69
C ALA O 186 68.85 35.17 49.75
N ASN O 187 68.11 36.21 49.39
CA ASN O 187 67.81 37.32 50.28
C ASN O 187 66.45 37.15 50.97
N ASN O 188 65.46 36.66 50.23
CA ASN O 188 64.10 36.40 50.75
C ASN O 188 64.16 35.22 51.72
N VAL O 189 64.65 34.08 51.21
CA VAL O 189 64.92 32.87 51.99
C VAL O 189 66.33 33.16 52.48
N LEU O 190 66.79 32.48 53.53
CA LEU O 190 68.17 32.65 54.04
C LEU O 190 68.50 34.06 54.58
N LYS O 191 67.47 34.82 54.96
CA LYS O 191 67.63 36.18 55.49
C LYS O 191 68.28 36.25 56.86
N ASN O 192 67.88 35.32 57.73
CA ASN O 192 68.42 35.20 59.09
C ASN O 192 69.89 34.79 59.08
N GLU O 193 70.24 33.95 58.10
CA GLU O 193 71.59 33.43 57.90
C GLU O 193 72.56 34.54 57.47
N MET O 194 72.05 35.48 56.67
CA MET O 194 72.80 36.62 56.17
C MET O 194 73.08 37.64 57.28
N LYS O 195 72.19 37.67 58.27
CA LYS O 195 72.31 38.55 59.44
C LYS O 195 73.49 38.10 60.31
N ARG O 196 73.58 36.79 60.54
CA ARG O 196 74.63 36.21 61.37
C ARG O 196 76.01 36.10 60.70
N TYR O 197 76.04 36.06 59.37
CA TYR O 197 77.29 35.95 58.63
C TYR O 197 77.57 37.05 57.61
N LYS O 198 78.59 37.86 57.92
CA LYS O 198 79.04 38.98 57.09
C LYS O 198 79.53 38.54 55.70
N GLY O 199 80.08 37.34 55.62
CA GLY O 199 80.63 36.74 54.42
C GLY O 199 79.65 36.00 53.53
N LEU O 200 78.37 36.01 53.90
CA LEU O 200 77.34 35.38 53.07
C LEU O 200 76.98 36.36 51.96
N LEU O 201 77.78 36.32 50.89
CA LEU O 201 77.63 37.20 49.73
C LEU O 201 77.04 36.35 48.60
N PRO O 202 75.71 36.34 48.43
CA PRO O 202 75.05 35.54 47.39
C PRO O 202 75.71 35.58 46.01
N LYS O 203 75.95 36.79 45.49
CA LYS O 203 76.59 36.99 44.18
C LYS O 203 77.96 36.30 44.08
N ASP O 204 78.81 36.52 45.08
CA ASP O 204 80.16 35.96 45.14
C ASP O 204 80.20 34.43 45.23
N ILE O 205 79.37 33.88 46.13
CA ILE O 205 79.29 32.43 46.32
C ILE O 205 78.61 31.74 45.13
N ALA O 206 77.54 32.35 44.61
CA ALA O 206 76.79 31.82 43.46
C ALA O 206 77.64 31.71 42.20
N ASN O 207 78.50 32.70 41.98
CA ASN O 207 79.41 32.70 40.83
C ASN O 207 80.46 31.61 40.98
N SER O 208 80.90 31.37 42.22
CA SER O 208 81.88 30.34 42.53
C SER O 208 81.36 28.95 42.20
N PHE O 209 80.09 28.70 42.56
CA PHE O 209 79.43 27.43 42.26
C PHE O 209 79.15 27.29 40.77
N TYR O 210 78.75 28.39 40.13
CA TYR O 210 78.52 28.43 38.68
C TYR O 210 79.80 28.02 37.97
N GLU O 211 80.93 28.56 38.44
CA GLU O 211 82.26 28.28 37.90
C GLU O 211 82.67 26.81 38.07
N VAL O 212 82.48 26.28 39.29
CA VAL O 212 82.82 24.89 39.60
C VAL O 212 82.00 23.86 38.79
N PHE O 213 80.73 24.18 38.55
CA PHE O 213 79.84 23.34 37.75
C PHE O 213 80.15 23.41 36.26
N GLU O 214 80.66 24.56 35.82
CA GLU O 214 81.05 24.78 34.43
C GLU O 214 82.39 24.10 34.14
N LYS O 215 83.37 24.31 35.03
CA LYS O 215 84.70 23.74 34.90
C LYS O 215 84.74 22.23 35.17
N HIS O 216 83.96 21.78 36.15
CA HIS O 216 83.90 20.37 36.52
C HIS O 216 82.47 19.84 36.48
N PRO O 217 82.00 19.37 35.30
CA PRO O 217 80.63 18.86 35.13
C PRO O 217 80.29 17.63 35.97
N HIS O 218 81.32 16.90 36.41
CA HIS O 218 81.14 15.73 37.26
C HIS O 218 80.72 16.13 38.67
N PHE O 219 81.08 17.35 39.08
CA PHE O 219 80.72 17.88 40.39
C PHE O 219 79.24 18.20 40.49
N ILE O 220 78.61 18.49 39.35
CA ILE O 220 77.17 18.74 39.31
C ILE O 220 76.43 17.43 39.58
N ASP O 221 76.99 16.32 39.09
CA ASP O 221 76.45 14.97 39.34
C ASP O 221 76.63 14.63 40.81
N VAL O 222 77.78 15.01 41.36
CA VAL O 222 78.10 14.81 42.77
C VAL O 222 77.13 15.57 43.66
N PHE O 223 76.91 16.86 43.34
CA PHE O 223 76.00 17.71 44.09
C PHE O 223 74.54 17.23 44.04
N VAL O 224 74.06 16.89 42.85
CA VAL O 224 72.69 16.41 42.66
C VAL O 224 72.44 15.15 43.49
N HIS O 225 73.39 14.22 43.42
CA HIS O 225 73.32 12.97 44.20
C HIS O 225 73.49 13.16 45.69
N PHE O 226 74.23 14.20 46.08
CA PHE O 226 74.38 14.55 47.49
C PHE O 226 73.05 15.11 47.99
N GLY O 227 72.48 16.04 47.23
CA GLY O 227 71.21 16.69 47.53
C GLY O 227 70.07 15.70 47.74
N ILE O 228 70.03 14.66 46.89
CA ILE O 228 69.04 13.59 46.98
C ILE O 228 69.30 12.77 48.25
N ALA O 229 70.57 12.45 48.51
CA ALA O 229 71.01 11.69 49.69
C ALA O 229 70.72 12.45 50.98
N GLN O 230 70.91 13.77 50.92
CA GLN O 230 70.64 14.69 52.02
C GLN O 230 69.12 14.77 52.23
N SER O 231 68.37 14.84 51.13
CA SER O 231 66.91 14.89 51.19
C SER O 231 66.24 13.56 51.54
N SER O 232 67.04 12.51 51.67
CA SER O 232 66.58 11.17 52.05
C SER O 232 66.59 10.99 53.57
N THR O 233 67.18 11.96 54.27
CA THR O 233 67.30 11.99 55.72
C THR O 233 65.94 11.95 56.45
N ARG O 234 65.96 11.48 57.69
CA ARG O 234 64.77 11.36 58.54
C ARG O 234 64.33 12.71 59.12
N GLY O 235 65.31 13.56 59.42
CA GLY O 235 65.14 14.88 59.98
C GLY O 235 66.45 15.64 60.00
N GLY O 236 66.44 16.84 60.56
CA GLY O 236 67.62 17.67 60.70
C GLY O 236 67.38 19.07 61.19
N SER O 237 68.36 19.95 60.96
CA SER O 237 68.29 21.36 61.37
C SER O 237 67.37 22.13 60.42
N ARG O 238 67.05 23.38 60.79
CA ARG O 238 66.21 24.23 59.96
C ARG O 238 66.91 24.65 58.66
N VAL O 239 68.24 24.82 58.74
CA VAL O 239 69.11 25.16 57.61
C VAL O 239 69.13 23.98 56.63
N GLU O 240 69.15 22.77 57.18
CA GLU O 240 69.09 21.53 56.40
C GLU O 240 67.72 21.37 55.73
N GLY O 241 66.68 21.92 56.36
CA GLY O 241 65.33 21.93 55.86
C GLY O 241 65.19 22.93 54.72
N ILE O 242 65.84 24.08 54.88
CA ILE O 242 65.89 25.15 53.87
C ILE O 242 66.55 24.59 52.61
N PHE O 243 67.71 23.95 52.80
CA PHE O 243 68.46 23.33 51.70
C PHE O 243 67.61 22.34 50.93
N ALA O 244 66.97 21.43 51.66
CA ALA O 244 66.11 20.39 51.09
C ALA O 244 64.98 20.96 50.24
N GLY O 245 64.40 22.07 50.71
CA GLY O 245 63.34 22.79 50.04
C GLY O 245 63.83 23.45 48.78
N LEU O 246 64.97 24.16 48.91
CA LEU O 246 65.61 24.86 47.78
C LEU O 246 66.13 23.89 46.73
N PHE O 247 66.63 22.73 47.16
CA PHE O 247 67.14 21.69 46.26
C PHE O 247 65.99 21.08 45.48
N MET O 248 64.84 20.90 46.14
CA MET O 248 63.65 20.37 45.49
C MET O 248 62.96 21.32 44.51
N ASN O 249 63.32 22.60 44.59
CA ASN O 249 62.82 23.63 43.67
C ASN O 249 63.44 23.39 42.28
N ALA O 250 64.60 22.74 42.27
CA ALA O 250 65.32 22.39 41.05
C ALA O 250 64.65 21.25 40.27
N TYR O 251 63.92 20.39 40.98
CA TYR O 251 63.21 19.27 40.35
C TYR O 251 62.25 19.80 39.27
N GLY O 252 62.47 19.34 38.04
CA GLY O 252 61.68 19.72 36.89
C GLY O 252 62.16 20.95 36.16
N ALA O 253 63.42 21.33 36.36
CA ALA O 253 64.00 22.49 35.67
C ALA O 253 64.38 22.07 34.26
N GLY O 254 64.11 22.95 33.30
CA GLY O 254 64.35 22.72 31.89
C GLY O 254 63.19 21.96 31.25
N GLN O 255 62.09 21.87 31.99
CA GLN O 255 60.88 21.17 31.55
C GLN O 255 59.62 21.83 32.11
N VAL O 256 59.62 23.17 32.06
CA VAL O 256 58.48 23.98 32.53
C VAL O 256 57.26 23.85 31.61
N MET O 257 57.53 23.61 30.32
CA MET O 257 56.48 23.45 29.32
C MET O 257 55.60 22.23 29.60
N LEU O 258 56.21 21.21 30.21
CA LEU O 258 55.53 19.98 30.61
C LEU O 258 54.49 20.26 31.69
N ARG O 259 54.88 21.10 32.66
CA ARG O 259 54.01 21.49 33.77
C ARG O 259 52.95 22.49 33.35
N TRP O 260 53.32 23.40 32.44
CA TRP O 260 52.41 24.41 31.90
C TRP O 260 51.37 23.77 30.98
N GLY O 261 51.71 22.62 30.41
CA GLY O 261 50.86 21.84 29.55
C GLY O 261 49.72 21.23 30.35
N VAL O 262 50.05 20.75 31.55
CA VAL O 262 49.07 20.17 32.48
C VAL O 262 48.14 21.27 32.98
N LEU O 263 48.70 22.47 33.16
CA LEU O 263 47.95 23.66 33.59
C LEU O 263 46.89 24.05 32.57
N ALA O 264 47.29 24.10 31.29
CA ALA O 264 46.41 24.44 30.16
C ALA O 264 45.22 23.48 30.09
N LYS O 265 45.48 22.21 30.37
CA LYS O 265 44.48 21.15 30.41
C LYS O 265 43.57 21.35 31.64
N SER O 266 44.18 21.65 32.78
CA SER O 266 43.48 21.87 34.04
C SER O 266 42.53 23.07 34.02
N VAL O 267 42.94 24.15 33.35
CA VAL O 267 42.13 25.35 33.20
C VAL O 267 41.13 25.24 32.03
N LYS O 268 41.32 24.18 31.23
CA LYS O 268 40.50 23.88 30.06
C LYS O 268 40.52 24.98 28.99
N ASN O 269 41.74 25.34 28.55
CA ASN O 269 41.93 26.36 27.53
C ASN O 269 41.40 25.83 26.20
N ILE O 270 40.41 26.55 25.68
CA ILE O 270 39.70 26.21 24.43
C ILE O 270 40.58 25.85 23.23
N MET O 271 41.68 26.59 23.08
CA MET O 271 42.64 26.39 21.98
C MET O 271 43.33 25.03 21.90
N LEU O 272 43.17 24.21 22.93
CA LEU O 272 43.71 22.84 22.98
C LEU O 272 42.94 21.93 22.04
N GLY O 273 41.67 22.27 21.80
CA GLY O 273 40.77 21.53 20.92
C GLY O 273 40.94 21.84 19.44
N HIS O 274 41.79 22.82 19.12
CA HIS O 274 42.05 23.22 17.74
C HIS O 274 42.59 22.05 16.90
N ALA O 275 42.18 22.03 15.63
CA ALA O 275 42.55 20.99 14.67
C ALA O 275 44.05 20.67 14.56
N SER O 276 44.87 21.72 14.51
CA SER O 276 46.32 21.56 14.40
C SER O 276 46.99 21.11 15.71
N VAL O 277 46.33 21.38 16.83
CA VAL O 277 46.79 20.98 18.16
C VAL O 277 46.42 19.51 18.38
N GLN O 278 45.23 19.13 17.89
CA GLN O 278 44.71 17.75 17.99
C GLN O 278 45.54 16.74 17.18
N ALA O 279 46.14 17.21 16.09
CA ALA O 279 46.99 16.39 15.22
C ALA O 279 48.26 15.94 15.94
N GLU O 280 48.78 16.81 16.81
CA GLU O 280 49.99 16.55 17.58
C GLU O 280 49.74 15.67 18.81
N MET O 281 48.50 15.68 19.30
CA MET O 281 48.07 14.94 20.49
C MET O 281 48.57 13.52 20.72
N GLU O 282 48.56 12.71 19.65
CA GLU O 282 49.04 11.33 19.69
C GLU O 282 50.49 11.26 20.18
N GLN O 283 51.31 12.17 19.66
CA GLN O 283 52.73 12.26 20.00
C GLN O 283 53.03 13.01 21.30
N VAL O 284 52.19 13.98 21.67
CA VAL O 284 52.39 14.73 22.94
C VAL O 284 52.11 13.85 24.14
N VAL O 285 51.19 12.90 23.97
CA VAL O 285 50.84 11.94 25.01
C VAL O 285 52.03 10.99 25.23
N GLU O 286 52.69 10.61 24.14
CA GLU O 286 53.88 9.74 24.17
C GLU O 286 54.96 10.29 25.12
N VAL O 287 55.25 11.60 25.02
CA VAL O 287 56.23 12.27 25.87
C VAL O 287 55.75 12.38 27.32
N TYR O 288 54.47 12.67 27.52
CA TYR O 288 53.88 12.74 28.86
C TYR O 288 53.90 11.38 29.54
N GLU O 289 53.59 10.33 28.79
CA GLU O 289 53.63 8.96 29.26
C GLU O 289 55.08 8.52 29.54
N TYR O 290 56.01 9.07 28.76
CA TYR O 290 57.45 8.83 28.93
C TYR O 290 57.94 9.49 30.22
N ALA O 291 57.46 10.72 30.47
CA ALA O 291 57.78 11.48 31.67
C ALA O 291 57.22 10.78 32.91
N GLN O 292 56.03 10.20 32.75
CA GLN O 292 55.33 9.43 33.79
C GLN O 292 56.11 8.15 34.10
N LYS O 293 56.63 7.52 33.04
CA LYS O 293 57.41 6.28 33.12
C LYS O 293 58.72 6.47 33.90
N LEU O 294 59.46 7.53 33.56
CA LEU O 294 60.74 7.85 34.20
C LEU O 294 60.60 8.20 35.68
N GLY O 295 59.49 8.87 36.02
CA GLY O 295 59.19 9.30 37.38
C GLY O 295 60.17 10.33 37.88
N GLY O 296 60.65 10.12 39.11
CA GLY O 296 61.60 10.98 39.80
C GLY O 296 62.93 11.20 39.10
N GLU O 297 63.36 10.17 38.37
CA GLU O 297 64.62 10.19 37.60
C GLU O 297 64.71 11.39 36.66
N ALA O 298 63.61 11.70 35.98
CA ALA O 298 63.48 12.78 35.01
C ALA O 298 63.64 14.20 35.55
N GLY O 299 63.46 14.37 36.85
CA GLY O 299 63.54 15.67 37.52
C GLY O 299 64.84 16.45 37.33
N PHE O 300 65.96 15.74 37.36
CA PHE O 300 67.28 16.36 37.22
C PHE O 300 67.96 16.11 35.87
N TYR O 301 67.15 15.69 34.89
CA TYR O 301 67.60 15.39 33.53
C TYR O 301 68.24 16.56 32.79
N HIS O 302 67.80 17.78 33.09
CA HIS O 302 68.35 18.98 32.46
C HIS O 302 69.48 19.61 33.26
N ILE O 303 69.38 19.52 34.59
CA ILE O 303 70.40 20.03 35.52
C ILE O 303 71.73 19.31 35.21
N LEU O 304 71.72 17.98 35.32
CA LEU O 304 72.85 17.15 34.88
C LEU O 304 72.54 17.08 33.39
N ASN O 305 73.52 17.26 32.52
CA ASN O 305 73.21 17.22 31.09
C ASN O 305 72.97 15.80 30.58
N ASN O 306 71.86 15.22 31.05
CA ASN O 306 71.44 13.88 30.67
C ASN O 306 71.06 13.89 29.20
N PRO O 307 71.56 12.91 28.42
CA PRO O 307 71.30 12.81 26.98
C PRO O 307 69.83 12.69 26.61
N LYS O 308 69.09 11.99 27.46
CA LYS O 308 67.66 11.75 27.27
C LYS O 308 66.77 12.97 27.56
N ALA O 309 67.36 14.06 28.08
CA ALA O 309 66.64 15.30 28.39
C ALA O 309 65.89 15.89 27.19
N SER O 310 66.45 15.69 26.00
CA SER O 310 65.89 16.16 24.73
C SER O 310 64.55 15.50 24.43
N LEU O 311 64.39 14.25 24.86
CA LEU O 311 63.18 13.44 24.64
C LEU O 311 61.93 13.97 25.34
N LEU O 312 62.14 14.77 26.39
CA LEU O 312 61.06 15.36 27.17
C LEU O 312 60.55 16.70 26.60
N SER O 313 61.12 17.13 25.49
CA SER O 313 60.75 18.38 24.83
C SER O 313 59.39 18.35 24.14
N LEU O 314 58.63 19.44 24.33
CA LEU O 314 57.33 19.63 23.70
C LEU O 314 57.44 20.65 22.55
N THR O 315 58.62 21.28 22.46
CA THR O 315 58.97 22.26 21.42
C THR O 315 58.85 21.65 20.01
N GLN O 316 59.05 20.35 19.92
CA GLN O 316 58.90 19.58 18.68
C GLN O 316 57.45 19.56 18.16
N PHE O 317 56.53 20.07 18.98
CA PHE O 317 55.11 20.21 18.65
C PHE O 317 54.75 21.70 18.70
N PRO O 318 54.97 22.42 17.57
CA PRO O 318 54.75 23.87 17.45
C PRO O 318 53.38 24.38 17.90
N HIS O 319 52.31 23.67 17.52
CA HIS O 319 50.94 24.06 17.84
C HIS O 319 50.59 23.94 19.32
N PHE O 320 50.85 22.77 19.90
CA PHE O 320 50.59 22.51 21.33
C PHE O 320 51.42 23.41 22.24
N SER O 321 52.70 23.59 21.90
CA SER O 321 53.60 24.46 22.65
C SER O 321 53.12 25.90 22.69
N SER O 322 52.58 26.37 21.56
CA SER O 322 52.05 27.72 21.42
C SER O 322 50.83 28.01 22.28
N VAL O 323 49.86 27.10 22.28
CA VAL O 323 48.67 27.23 23.11
C VAL O 323 49.03 27.15 24.61
N VAL O 324 49.99 26.28 24.93
CA VAL O 324 50.51 26.10 26.28
C VAL O 324 51.21 27.37 26.77
N LEU O 325 52.03 27.96 25.89
CA LEU O 325 52.75 29.20 26.16
C LEU O 325 51.81 30.40 26.23
N GLY O 326 50.75 30.36 25.42
CA GLY O 326 49.70 31.37 25.37
C GLY O 326 48.93 31.41 26.67
N ASN O 327 48.48 30.23 27.10
CA ASN O 327 47.75 30.04 28.35
C ASN O 327 48.56 30.54 29.55
N ALA O 328 49.87 30.29 29.52
CA ALA O 328 50.81 30.71 30.56
C ALA O 328 50.96 32.24 30.59
N ALA O 329 50.86 32.87 29.42
CA ALA O 329 50.95 34.32 29.29
C ALA O 329 49.64 34.99 29.70
N GLY O 330 48.51 34.37 29.32
CA GLY O 330 47.17 34.83 29.63
C GLY O 330 46.85 34.77 31.11
N LEU O 331 47.41 33.76 31.79
CA LEU O 331 47.27 33.60 33.23
C LEU O 331 48.30 34.44 33.99
N GLY O 332 49.19 35.10 33.23
CA GLY O 332 50.23 35.97 33.73
C GLY O 332 51.26 35.28 34.59
N ILE O 333 51.62 34.05 34.21
CA ILE O 333 52.60 33.25 34.96
C ILE O 333 54.01 33.16 34.38
N MET O 334 54.17 33.56 33.11
CA MET O 334 55.49 33.60 32.47
C MET O 334 56.11 35.00 32.57
N GLY O 335 57.22 35.22 31.87
CA GLY O 335 57.91 36.51 31.86
C GLY O 335 58.88 36.64 33.02
N GLU O 336 60.17 36.85 32.76
CA GLU O 336 60.73 36.97 31.41
C GLU O 336 61.25 35.64 30.87
N TYR O 337 60.30 34.75 30.56
CA TYR O 337 60.60 33.44 30.00
C TYR O 337 60.99 33.63 28.53
N ARG O 338 62.21 33.20 28.20
CA ARG O 338 62.77 33.36 26.85
C ARG O 338 62.27 32.37 25.78
N GLY O 339 61.11 31.76 26.03
CA GLY O 339 60.47 30.84 25.11
C GLY O 339 59.61 31.60 24.12
N THR O 340 59.77 31.27 22.83
CA THR O 340 59.04 31.92 21.75
C THR O 340 58.06 30.91 21.12
N PRO O 341 56.79 31.33 20.90
CA PRO O 341 55.81 30.44 20.25
C PRO O 341 56.05 30.33 18.75
N ARG O 342 56.07 29.09 18.25
CA ARG O 342 56.29 28.82 16.82
C ARG O 342 55.07 29.25 15.98
N ASN O 343 53.88 29.10 16.55
CA ASN O 343 52.62 29.52 15.91
C ASN O 343 52.11 30.72 16.70
N GLN O 344 52.26 31.91 16.12
CA GLN O 344 51.85 33.15 16.78
C GLN O 344 50.34 33.31 16.96
N ASP O 345 49.57 32.91 15.93
CA ASP O 345 48.11 33.00 15.94
C ASP O 345 47.45 32.17 17.04
N LEU O 346 47.97 30.95 17.25
CA LEU O 346 47.49 30.04 18.28
C LEU O 346 47.83 30.54 19.68
N TYR O 347 49.01 31.16 19.82
CA TYR O 347 49.49 31.73 21.07
C TYR O 347 48.57 32.88 21.50
N ASP O 348 48.32 33.80 20.58
CA ASP O 348 47.47 34.98 20.80
C ASP O 348 46.04 34.61 21.15
N ALA O 349 45.53 33.56 20.50
CA ALA O 349 44.18 33.05 20.73
C ALA O 349 44.06 32.39 22.11
N ALA O 350 45.11 31.68 22.51
CA ALA O 350 45.17 31.02 23.81
C ALA O 350 45.38 32.01 24.95
N LYS O 351 46.18 33.05 24.68
CA LYS O 351 46.45 34.12 25.64
C LYS O 351 45.16 34.89 25.94
N ALA O 352 44.38 35.14 24.88
CA ALA O 352 43.10 35.85 24.96
C ALA O 352 42.07 35.09 25.80
N TYR O 353 41.96 33.78 25.56
CA TYR O 353 41.02 32.92 26.29
C TYR O 353 41.40 32.77 27.76
N ALA O 354 42.70 32.67 28.02
CA ALA O 354 43.24 32.53 29.38
C ALA O 354 43.01 33.81 30.20
N GLU O 355 43.05 34.96 29.52
CA GLU O 355 42.78 36.26 30.13
C GLU O 355 41.30 36.38 30.50
N GLN O 356 40.45 35.75 29.70
CA GLN O 356 39.00 35.72 29.94
C GLN O 356 38.63 34.74 31.06
N LEU O 357 39.48 33.73 31.25
CA LEU O 357 39.28 32.71 32.29
C LEU O 357 39.44 33.27 33.71
N LYS O 358 40.37 34.23 33.85
CA LYS O 358 40.63 34.87 35.15
C LYS O 358 39.66 36.01 35.52
N GLU O 359 38.56 36.09 34.78
CA GLU O 359 37.49 37.07 35.00
C GLU O 359 36.19 36.38 35.41
N ASN O 360 35.97 35.19 34.84
CA ASN O 360 34.78 34.37 35.12
C ASN O 360 35.01 33.47 36.34
N GLY O 361 34.24 32.38 36.45
CA GLY O 361 34.34 31.43 37.54
C GLY O 361 33.00 31.06 38.13
N VAL O 362 32.39 30.02 37.55
CA VAL O 362 31.07 29.54 37.98
C VAL O 362 31.23 28.30 38.88
N ILE O 363 30.38 28.22 39.90
CA ILE O 363 30.37 27.13 40.88
C ILE O 363 29.77 25.85 40.27
N ASN O 364 30.51 24.76 40.39
CA ASN O 364 30.06 23.44 39.93
C ASN O 364 29.50 22.67 41.14
N TYR O 365 28.17 22.69 41.24
CA TYR O 365 27.43 22.08 42.34
C TYR O 365 27.36 20.55 42.33
N SER O 366 27.67 19.95 41.18
CA SER O 366 27.67 18.50 41.01
C SER O 366 28.83 17.80 41.73
N VAL O 367 29.91 18.54 41.97
CA VAL O 367 31.12 18.05 42.65
C VAL O 367 30.84 17.74 44.13
N LEU O 368 30.14 18.65 44.79
CA LEU O 368 29.77 18.52 46.20
C LEU O 368 28.70 17.44 46.40
N ASP O 369 28.77 16.76 47.54
CA ASP O 369 27.82 15.69 47.89
C ASP O 369 26.53 16.23 48.53
N LEU O 370 25.91 17.20 47.87
CA LEU O 370 24.69 17.86 48.33
C LEU O 370 23.46 16.98 48.19
N THR O 371 22.62 16.99 49.23
CA THR O 371 21.38 16.20 49.28
C THR O 371 20.18 17.03 48.78
N ALA O 372 19.34 17.50 49.71
CA ALA O 372 18.19 18.32 49.40
C ALA O 372 18.66 19.76 49.21
N GLU O 373 18.68 20.19 47.95
CA GLU O 373 19.16 21.53 47.59
C GLU O 373 18.09 22.62 47.60
N GLU O 374 18.35 23.65 48.40
CA GLU O 374 17.47 24.80 48.56
C GLU O 374 18.29 26.08 48.35
N ALA P 2 44.63 11.32 24.01
CA ALA P 2 43.60 11.95 24.83
C ALA P 2 44.19 13.01 25.76
N LEU P 3 43.44 14.09 25.97
CA LEU P 3 43.84 15.18 26.86
C LEU P 3 43.81 14.78 28.34
N SER P 4 43.24 13.60 28.63
CA SER P 4 43.18 13.06 29.98
C SER P 4 44.56 12.51 30.37
N LYS P 5 45.30 12.07 29.36
CA LYS P 5 46.64 11.50 29.51
C LYS P 5 47.74 12.54 29.80
N VAL P 6 47.48 13.80 29.44
CA VAL P 6 48.42 14.90 29.70
C VAL P 6 48.44 15.29 31.19
N LYS P 7 49.21 14.52 31.95
CA LYS P 7 49.39 14.71 33.39
C LYS P 7 50.79 14.29 33.83
N LEU P 8 51.16 14.71 35.04
CA LEU P 8 52.45 14.40 35.63
C LEU P 8 52.34 14.50 37.14
N ASN P 9 52.55 13.38 37.83
CA ASN P 9 52.44 13.33 39.28
C ASN P 9 53.78 13.67 39.93
N ASP P 10 54.08 14.97 39.96
CA ASP P 10 55.33 15.48 40.53
C ASP P 10 55.53 15.17 42.01
N THR P 11 54.44 15.21 42.79
CA THR P 11 54.48 14.93 44.23
C THR P 11 54.95 13.50 44.51
N LEU P 12 54.36 12.54 43.80
CA LEU P 12 54.68 11.12 43.93
C LEU P 12 56.08 10.78 43.40
N ASN P 13 56.43 11.39 42.26
CA ASN P 13 57.73 11.18 41.62
C ASN P 13 58.90 11.73 42.44
N LYS P 14 58.70 12.90 43.05
CA LYS P 14 59.71 13.53 43.91
C LYS P 14 60.03 12.65 45.12
N ASP P 15 58.97 12.09 45.71
CA ASP P 15 59.08 11.16 46.83
C ASP P 15 59.81 9.88 46.39
N GLN P 16 59.42 9.36 45.22
CA GLN P 16 60.03 8.17 44.61
C GLN P 16 61.54 8.34 44.47
N LEU P 17 61.95 9.52 44.00
CA LEU P 17 63.37 9.87 43.82
C LEU P 17 64.15 9.83 45.14
N LEU P 18 63.52 10.37 46.19
CA LEU P 18 64.13 10.42 47.52
C LEU P 18 64.11 9.09 48.25
N SER P 19 63.06 8.31 48.03
CA SER P 19 62.91 6.99 48.64
C SER P 19 63.85 5.96 48.02
N SER P 20 64.25 6.19 46.77
CA SER P 20 65.13 5.28 46.04
C SER P 20 66.56 5.82 45.82
N SER P 21 67.14 6.42 46.85
CA SER P 21 68.50 6.95 46.79
C SER P 21 69.52 5.81 46.86
N LYS P 22 70.47 5.81 45.91
CA LYS P 22 71.51 4.78 45.85
C LYS P 22 72.66 5.07 46.81
N TYR P 23 72.75 6.32 47.25
CA TYR P 23 73.83 6.79 48.13
C TYR P 23 73.31 7.42 49.41
N THR P 24 74.18 7.49 50.43
CA THR P 24 73.81 8.00 51.76
C THR P 24 74.81 8.99 52.36
N ILE P 25 74.28 9.96 53.11
CA ILE P 25 75.10 10.92 53.85
C ILE P 25 75.11 10.59 55.34
N GLN P 26 76.23 10.89 55.99
CA GLN P 26 76.38 10.67 57.43
C GLN P 26 76.92 11.93 58.07
N ARG P 27 76.17 12.46 59.03
CA ARG P 27 76.48 13.73 59.69
C ARG P 27 77.23 13.57 61.01
N SER P 28 78.17 14.48 61.24
CA SER P 28 78.95 14.49 62.49
C SER P 28 78.16 15.27 63.55
N THR P 29 77.82 14.60 64.65
CA THR P 29 77.07 15.19 65.77
C THR P 29 77.87 16.21 66.57
N GLY P 30 79.19 16.04 66.56
CA GLY P 30 80.12 16.88 67.28
C GLY P 30 81.21 15.99 67.84
N ASP P 31 81.44 16.10 69.15
CA ASP P 31 82.47 15.31 69.80
C ASP P 31 82.00 14.02 70.48
N SER P 32 81.03 14.13 71.39
CA SER P 32 80.51 12.99 72.13
C SER P 32 79.06 13.15 72.59
N ILE P 33 78.32 12.04 72.58
CA ILE P 33 76.94 11.99 73.04
C ILE P 33 76.86 10.96 74.17
N ASP P 34 76.31 11.38 75.31
CA ASP P 34 76.10 10.50 76.45
C ASP P 34 74.94 9.57 76.11
N THR P 35 75.21 8.26 76.18
CA THR P 35 74.21 7.25 75.91
C THR P 35 73.97 6.44 77.19
N PRO P 36 73.08 6.96 78.08
CA PRO P 36 72.85 6.22 79.32
C PRO P 36 71.98 4.99 79.12
N ASN P 37 72.32 3.92 79.83
CA ASN P 37 71.58 2.67 79.76
C ASN P 37 70.59 2.61 80.92
N TYR P 38 69.78 1.55 80.95
CA TYR P 38 68.73 1.32 81.95
C TYR P 38 69.19 1.40 83.41
N ASP P 39 70.45 1.02 83.66
CA ASP P 39 71.03 1.04 85.02
C ASP P 39 71.08 2.42 85.65
N VAL P 40 71.25 3.43 84.80
CA VAL P 40 71.37 4.83 85.20
C VAL P 40 70.00 5.58 85.23
N GLN P 41 68.98 4.94 84.69
CA GLN P 41 67.61 5.49 84.60
C GLN P 41 67.02 6.01 85.91
N LYS P 42 67.13 5.21 86.97
CA LYS P 42 66.63 5.58 88.30
C LYS P 42 67.33 6.81 88.87
N HIS P 43 68.64 6.91 88.61
CA HIS P 43 69.44 8.05 89.06
C HIS P 43 69.03 9.36 88.37
N ILE P 44 68.72 9.28 87.07
CA ILE P 44 68.28 10.45 86.30
C ILE P 44 66.90 10.91 86.77
N ASN P 45 66.02 9.95 87.07
CA ASN P 45 64.69 10.25 87.59
C ASN P 45 64.77 11.01 88.93
N LYS P 46 65.74 10.62 89.76
CA LYS P 46 66.00 11.27 91.04
C LYS P 46 66.51 12.70 90.80
N LEU P 47 67.36 12.86 89.78
CA LEU P 47 67.91 14.16 89.38
C LEU P 47 66.81 15.09 88.85
N CYS P 48 65.85 14.50 88.13
CA CYS P 48 64.68 15.22 87.61
C CYS P 48 63.82 15.69 88.77
N GLY P 49 63.64 14.81 89.75
CA GLY P 49 62.89 15.07 90.97
C GLY P 49 63.50 16.16 91.82
N MET P 50 64.83 16.21 91.83
CA MET P 50 65.59 17.23 92.56
C MET P 50 65.32 18.63 92.04
N LEU P 51 65.20 18.74 90.71
CA LEU P 51 64.88 20.01 90.04
C LEU P 51 63.41 20.39 90.28
N LEU P 52 62.55 19.37 90.37
CA LEU P 52 61.11 19.56 90.59
C LEU P 52 60.76 19.98 92.02
N ILE P 53 61.56 19.55 93.00
CA ILE P 53 61.32 19.93 94.40
C ILE P 53 61.91 21.30 94.73
N THR P 54 62.91 21.71 93.95
CA THR P 54 63.61 22.99 94.13
C THR P 54 62.73 24.18 93.77
N GLU P 55 62.45 25.00 94.79
CA GLU P 55 61.67 26.22 94.64
C GLU P 55 62.56 27.22 93.88
N ASP P 56 62.02 27.76 92.79
CA ASP P 56 62.74 28.69 91.89
C ASP P 56 64.05 28.06 91.38
N ALA P 57 63.90 26.88 90.77
CA ALA P 57 65.00 26.07 90.25
C ALA P 57 65.62 26.66 88.99
N ASN P 58 66.90 26.33 88.78
CA ASN P 58 67.65 26.73 87.61
C ASN P 58 67.45 25.65 86.55
N HIS P 59 66.52 25.91 85.63
CA HIS P 59 66.19 24.97 84.56
C HIS P 59 67.03 25.13 83.29
N LYS P 60 68.30 25.53 83.48
CA LYS P 60 69.24 25.72 82.38
C LYS P 60 69.64 24.37 81.76
N PHE P 61 69.63 23.33 82.59
CA PHE P 61 70.06 21.99 82.20
C PHE P 61 68.96 20.95 82.10
N THR P 62 67.73 21.35 82.44
CA THR P 62 66.56 20.46 82.42
C THR P 62 66.22 19.87 81.04
N GLY P 63 66.45 20.63 79.98
CA GLY P 63 66.25 20.19 78.60
C GLY P 63 67.16 19.02 78.27
N LEU P 64 68.43 19.16 78.68
CA LEU P 64 69.45 18.13 78.49
C LEU P 64 69.22 16.93 79.42
N ILE P 65 68.88 17.20 80.69
CA ILE P 65 68.59 16.16 81.69
C ILE P 65 67.38 15.33 81.26
N GLY P 66 66.37 16.02 80.71
CA GLY P 66 65.17 15.43 80.17
C GLY P 66 65.49 14.46 79.05
N MET P 67 66.42 14.88 78.17
CA MET P 67 66.90 14.06 77.06
C MET P 67 67.64 12.82 77.54
N LEU P 68 68.40 12.98 78.61
CA LEU P 68 69.15 11.87 79.22
C LEU P 68 68.21 10.81 79.79
N TYR P 69 67.10 11.26 80.38
CA TYR P 69 66.08 10.35 80.92
C TYR P 69 65.39 9.57 79.81
N ALA P 70 65.08 10.25 78.70
CA ALA P 70 64.45 9.63 77.55
C ALA P 70 65.39 8.58 76.93
N MET P 71 66.68 8.90 76.93
CA MET P 71 67.72 8.00 76.41
C MET P 71 67.94 6.80 77.33
N SER P 72 67.83 7.03 78.64
CA SER P 72 67.98 5.96 79.64
C SER P 72 66.80 4.99 79.63
N ARG P 73 65.65 5.48 79.16
CA ARG P 73 64.45 4.65 79.01
C ARG P 73 64.59 3.79 77.76
N LEU P 74 65.18 4.36 76.71
CA LEU P 74 65.45 3.65 75.45
C LEU P 74 66.60 2.64 75.65
N GLY P 75 67.60 3.04 76.44
CA GLY P 75 68.77 2.24 76.76
C GLY P 75 69.83 2.29 75.69
N ARG P 76 71.08 2.51 76.11
CA ARG P 76 72.28 2.63 75.25
C ARG P 76 72.18 2.06 73.83
N GLU P 77 71.92 0.75 73.73
CA GLU P 77 71.82 0.03 72.45
C GLU P 77 70.82 0.66 71.47
N ASP P 78 69.59 0.87 71.93
CA ASP P 78 68.53 1.47 71.12
C ASP P 78 68.78 2.93 70.77
N THR P 79 69.22 3.74 71.74
CA THR P 79 69.54 5.14 71.48
C THR P 79 70.63 5.36 70.42
N ILE P 80 71.67 4.52 70.45
CA ILE P 80 72.75 4.54 69.45
C ILE P 80 72.17 4.18 68.07
N LYS P 81 71.31 3.17 68.06
CA LYS P 81 70.61 2.72 66.85
C LYS P 81 69.76 3.84 66.23
N ILE P 82 69.01 4.57 67.07
CA ILE P 82 68.19 5.69 66.59
C ILE P 82 69.02 6.84 66.03
N LEU P 83 70.19 7.08 66.63
CA LEU P 83 71.12 8.11 66.19
C LEU P 83 71.76 7.76 64.84
N ARG P 84 72.11 6.48 64.68
CA ARG P 84 72.72 5.98 63.45
C ARG P 84 71.72 5.90 62.30
N ASP P 85 70.49 5.47 62.62
CA ASP P 85 69.40 5.39 61.63
C ASP P 85 68.96 6.76 61.14
N ALA P 86 69.11 7.77 61.99
CA ALA P 86 68.76 9.16 61.67
C ALA P 86 69.77 9.77 60.70
N GLY P 87 70.99 9.24 60.69
CA GLY P 87 72.07 9.65 59.82
C GLY P 87 73.19 10.40 60.52
N TYR P 88 73.51 9.97 61.74
CA TYR P 88 74.56 10.60 62.54
C TYR P 88 75.68 9.67 62.97
N HIS P 89 76.90 10.20 62.93
CA HIS P 89 78.11 9.51 63.36
C HIS P 89 78.24 9.77 64.86
N VAL P 90 78.11 8.71 65.64
CA VAL P 90 78.13 8.85 67.10
C VAL P 90 79.27 8.24 67.90
N LYS P 91 79.90 9.10 68.71
CA LYS P 91 80.94 8.71 69.65
C LYS P 91 80.20 8.62 70.99
N ALA P 92 79.78 7.40 71.31
CA ALA P 92 78.99 7.13 72.51
C ALA P 92 79.78 7.23 73.79
N ASN P 93 79.23 7.96 74.75
CA ASN P 93 79.82 8.13 76.08
C ASN P 93 79.01 7.30 77.07
N GLY P 94 79.70 6.38 77.76
CA GLY P 94 79.09 5.50 78.75
C GLY P 94 78.85 6.22 80.06
N VAL P 95 77.59 6.24 80.49
CA VAL P 95 77.19 6.90 81.73
C VAL P 95 77.22 5.91 82.89
N ASP P 96 78.06 6.21 83.87
CA ASP P 96 78.23 5.39 85.08
C ASP P 96 78.06 6.24 86.33
N VAL P 97 77.66 5.59 87.44
CA VAL P 97 77.49 6.28 88.72
C VAL P 97 78.79 6.20 89.52
N THR P 98 79.27 7.35 89.96
CA THR P 98 80.48 7.47 90.78
C THR P 98 80.22 8.37 91.98
N THR P 99 80.91 8.08 93.08
CA THR P 99 80.78 8.87 94.31
C THR P 99 81.85 9.96 94.32
N HIS P 100 81.39 11.21 94.44
CA HIS P 100 82.27 12.38 94.47
C HIS P 100 82.30 13.01 95.86
N ARG P 101 83.51 13.17 96.39
CA ARG P 101 83.71 13.78 97.71
C ARG P 101 84.22 15.21 97.55
N GLN P 102 83.44 16.15 98.07
CA GLN P 102 83.76 17.58 98.02
C GLN P 102 83.32 18.26 99.32
N ASP P 103 84.19 19.10 99.87
CA ASP P 103 83.91 19.82 101.11
C ASP P 103 83.16 21.13 100.90
N ILE P 104 81.84 21.06 101.08
CA ILE P 104 80.95 22.20 100.95
C ILE P 104 80.72 22.78 102.35
N ASN P 105 81.07 24.06 102.49
CA ASN P 105 81.00 24.81 103.76
C ASN P 105 81.84 24.19 104.88
N GLY P 106 83.04 23.73 104.50
CA GLY P 106 84.00 23.10 105.40
C GLY P 106 83.82 21.60 105.57
N LYS P 107 82.58 21.18 105.79
CA LYS P 107 82.21 19.78 105.98
C LYS P 107 82.31 18.98 104.68
N GLU P 108 83.08 17.90 104.71
CA GLU P 108 83.27 17.02 103.56
C GLU P 108 82.00 16.23 103.30
N MET P 109 81.49 16.34 102.08
CA MET P 109 80.23 15.70 101.67
C MET P 109 80.38 14.72 100.52
N LYS P 110 79.53 13.69 100.51
CA LYS P 110 79.50 12.67 99.46
C LYS P 110 78.31 12.90 98.54
N PHE P 111 78.53 12.70 97.24
CA PHE P 111 77.50 12.87 96.21
C PHE P 111 77.57 11.78 95.17
N GLU P 112 76.41 11.29 94.75
CA GLU P 112 76.31 10.28 93.70
C GLU P 112 76.12 11.03 92.39
N VAL P 113 77.15 11.03 91.56
CA VAL P 113 77.14 11.74 90.28
C VAL P 113 77.28 10.80 89.08
N LEU P 114 76.90 11.31 87.90
CA LEU P 114 76.99 10.56 86.66
C LEU P 114 78.18 11.03 85.82
N THR P 115 78.82 10.09 85.14
CA THR P 115 79.95 10.40 84.26
C THR P 115 79.42 10.89 82.92
N LEU P 116 79.07 12.17 82.90
CA LEU P 116 78.50 12.83 81.73
C LEU P 116 79.45 13.87 81.16
N ALA P 117 79.49 13.95 79.83
CA ALA P 117 80.31 14.91 79.11
C ALA P 117 79.56 16.24 79.02
N SER P 118 78.26 16.15 78.71
CA SER P 118 77.36 17.29 78.59
C SER P 118 77.09 18.01 79.91
N LEU P 119 77.13 17.25 81.01
CA LEU P 119 76.88 17.79 82.34
C LEU P 119 78.04 17.58 83.29
N THR P 120 78.55 18.70 83.83
CA THR P 120 79.68 18.71 84.76
C THR P 120 79.27 18.12 86.11
N THR P 121 80.23 17.47 86.78
CA THR P 121 80.02 16.91 88.12
C THR P 121 79.83 18.03 89.14
N GLU P 122 80.42 19.19 88.83
CA GLU P 122 80.33 20.39 89.65
C GLU P 122 78.92 20.99 89.59
N ILE P 123 78.28 20.88 88.42
CA ILE P 123 76.92 21.41 88.25
C ILE P 123 75.86 20.42 88.75
N GLN P 124 76.20 19.13 88.73
CA GLN P 124 75.33 18.05 89.20
C GLN P 124 75.13 18.12 90.71
N ILE P 125 76.24 18.39 91.43
CA ILE P 125 76.23 18.51 92.89
C ILE P 125 75.40 19.70 93.36
N ASN P 126 75.45 20.79 92.58
CA ASN P 126 74.69 22.00 92.86
C ASN P 126 73.18 21.83 92.74
N ILE P 127 72.75 20.89 91.89
CA ILE P 127 71.34 20.54 91.72
C ILE P 127 70.88 19.84 93.01
N GLU P 128 71.71 18.94 93.51
CA GLU P 128 71.45 18.20 94.76
C GLU P 128 71.52 19.12 95.98
N ILE P 129 72.48 20.05 95.97
CA ILE P 129 72.67 21.03 97.05
C ILE P 129 71.44 21.92 97.24
N GLU P 130 70.97 22.52 96.14
CA GLU P 130 69.81 23.39 96.15
C GLU P 130 68.49 22.66 96.42
N SER P 131 68.43 21.38 96.07
CA SER P 131 67.25 20.54 96.31
C SER P 131 67.12 20.20 97.80
N ARG P 132 68.25 19.91 98.43
CA ARG P 132 68.32 19.60 99.87
C ARG P 132 67.86 20.79 100.71
N LYS P 133 68.19 22.00 100.25
CA LYS P 133 67.77 23.26 100.88
C LYS P 133 66.24 23.37 100.83
N SER P 134 65.68 23.11 99.63
CA SER P 134 64.24 23.15 99.40
C SER P 134 63.50 22.00 100.09
N TYR P 135 64.20 20.90 100.31
CA TYR P 135 63.64 19.72 100.98
C TYR P 135 63.53 19.94 102.49
N LYS P 136 64.56 20.52 103.10
CA LYS P 136 64.57 20.79 104.53
C LYS P 136 63.57 21.89 104.93
N LYS P 137 63.35 22.83 104.00
CA LYS P 137 62.39 23.93 104.16
C LYS P 137 60.96 23.34 104.07
N MET P 138 60.82 22.35 103.18
CA MET P 138 59.56 21.63 102.95
C MET P 138 59.25 20.71 104.14
N LEU P 139 60.30 20.13 104.72
CA LEU P 139 60.19 19.25 105.89
C LEU P 139 59.82 20.05 107.15
N LYS P 140 60.27 21.31 107.19
CA LYS P 140 59.99 22.23 108.29
C LYS P 140 58.54 22.74 108.23
N GLU P 141 58.00 22.84 107.02
CA GLU P 141 56.65 23.32 106.77
C GLU P 141 55.52 22.29 106.97
N MET P 142 55.76 21.06 106.53
CA MET P 142 54.76 20.00 106.63
C MET P 142 55.09 18.81 107.56
N GLY P 143 56.23 18.88 108.24
CA GLY P 143 56.68 17.84 109.16
C GLY P 143 57.20 16.61 108.45
N GLU P 144 56.29 15.86 107.85
CA GLU P 144 56.60 14.63 107.10
C GLU P 144 56.21 14.86 105.63
N VAL P 145 57.15 14.55 104.73
CA VAL P 145 56.94 14.71 103.29
C VAL P 145 56.37 13.45 102.62
N ALA P 146 55.18 13.61 102.05
CA ALA P 146 54.46 12.54 101.36
C ALA P 146 55.19 12.04 100.11
N PRO P 147 54.90 10.79 99.65
CA PRO P 147 55.54 10.26 98.44
C PRO P 147 55.30 11.07 97.15
N GLU P 148 54.20 11.81 97.13
CA GLU P 148 53.81 12.64 95.98
C GLU P 148 54.66 13.91 95.86
N TYR P 149 55.09 14.44 97.00
CA TYR P 149 55.87 15.69 97.06
C TYR P 149 57.38 15.53 96.95
N ARG P 150 57.88 14.29 97.05
CA ARG P 150 59.31 13.99 97.01
C ARG P 150 59.93 13.69 95.64
N HIS P 151 61.25 13.81 95.58
CA HIS P 151 62.07 13.57 94.38
C HIS P 151 62.18 12.09 93.96
N ASP P 152 61.92 11.18 94.90
CA ASP P 152 61.98 9.73 94.69
C ASP P 152 60.95 9.20 93.70
N SER P 153 59.78 9.86 93.67
CA SER P 153 58.64 9.47 92.83
C SER P 153 59.01 9.10 91.39
N PRO P 154 58.49 7.97 90.89
CA PRO P 154 58.76 7.50 89.51
C PRO P 154 58.22 8.42 88.42
N ASP P 155 57.26 9.27 88.77
CA ASP P 155 56.62 10.21 87.86
C ASP P 155 57.56 11.34 87.42
N CYS P 156 58.46 11.73 88.32
CA CYS P 156 59.42 12.84 88.13
C CYS P 156 60.02 13.04 86.74
N GLY P 157 60.70 12.01 86.22
CA GLY P 157 61.31 12.05 84.91
C GLY P 157 60.30 12.33 83.81
N MET P 158 59.19 11.60 83.86
CA MET P 158 58.10 11.75 82.89
C MET P 158 57.34 13.07 82.98
N ILE P 159 57.29 13.66 84.18
CA ILE P 159 56.65 14.95 84.41
C ILE P 159 57.41 16.01 83.60
N ILE P 160 58.75 15.96 83.67
CA ILE P 160 59.62 16.85 82.91
C ILE P 160 59.44 16.63 81.40
N LEU P 161 59.36 15.37 81.00
CA LEU P 161 59.15 15.02 79.60
C LEU P 161 57.75 15.36 79.07
N CYS P 162 56.82 15.65 79.98
CA CYS P 162 55.46 16.05 79.61
C CYS P 162 55.46 17.44 78.98
N ILE P 163 56.27 18.36 79.52
CA ILE P 163 56.40 19.69 78.92
C ILE P 163 57.26 19.66 77.68
N ALA P 164 58.11 18.64 77.56
CA ALA P 164 58.94 18.41 76.37
C ALA P 164 58.04 17.99 75.21
N ALA P 165 56.97 17.27 75.53
CA ALA P 165 55.96 16.85 74.55
C ALA P 165 55.14 18.05 74.10
N LEU P 166 54.98 19.03 75.00
CA LEU P 166 54.25 20.26 74.70
C LEU P 166 55.09 21.18 73.81
N VAL P 167 56.41 21.18 74.02
CA VAL P 167 57.37 21.95 73.21
C VAL P 167 57.37 21.38 71.79
N ILE P 168 57.42 20.05 71.72
CA ILE P 168 57.39 19.30 70.45
C ILE P 168 56.09 19.57 69.67
N THR P 169 55.01 19.85 70.41
CA THR P 169 53.70 20.14 69.87
C THR P 169 53.67 21.45 69.07
N LYS P 170 54.47 22.42 69.53
CA LYS P 170 54.56 23.75 68.91
C LYS P 170 55.86 24.04 68.15
N LEU P 171 56.64 23.00 67.83
CA LEU P 171 57.91 23.14 67.10
C LEU P 171 57.73 23.46 65.62
N ALA P 172 56.53 23.20 65.09
CA ALA P 172 56.17 23.43 63.69
C ALA P 172 56.31 24.89 63.26
N ALA P 173 56.08 25.81 64.21
CA ALA P 173 56.22 27.25 64.00
C ALA P 173 57.70 27.63 63.82
N GLY P 174 58.58 26.89 64.51
CA GLY P 174 60.03 27.02 64.49
C GLY P 174 60.61 28.35 64.93
N ASP P 175 60.02 28.97 65.95
CA ASP P 175 60.49 30.26 66.45
C ASP P 175 60.18 30.58 67.92
N ARG P 176 59.84 29.54 68.70
CA ARG P 176 59.48 29.68 70.13
C ARG P 176 58.20 30.47 70.41
N SER P 177 57.42 30.74 69.34
CA SER P 177 56.18 31.49 69.44
C SER P 177 55.11 30.75 70.23
N GLY P 178 55.15 29.41 70.16
CA GLY P 178 54.23 28.52 70.84
C GLY P 178 54.35 28.49 72.36
N LEU P 179 55.47 29.00 72.89
CA LEU P 179 55.75 29.04 74.34
C LEU P 179 54.57 29.43 75.24
N THR P 180 53.82 30.45 74.81
CA THR P 180 52.63 30.93 75.53
C THR P 180 51.59 29.83 75.67
N ALA P 181 51.32 29.12 74.56
CA ALA P 181 50.39 27.99 74.52
C ALA P 181 50.93 26.80 75.30
N VAL P 182 52.26 26.63 75.26
CA VAL P 182 52.95 25.56 75.97
C VAL P 182 52.73 25.72 77.48
N ILE P 183 52.90 26.94 77.98
CA ILE P 183 52.68 27.27 79.40
C ILE P 183 51.20 27.10 79.75
N ARG P 184 50.33 27.70 78.93
CA ARG P 184 48.87 27.64 79.10
C ARG P 184 48.37 26.21 79.30
N ARG P 185 48.75 25.33 78.36
CA ARG P 185 48.36 23.92 78.40
C ARG P 185 48.97 23.15 79.57
N ALA P 186 50.22 23.50 79.92
CA ALA P 186 50.93 22.91 81.06
C ALA P 186 50.26 23.23 82.38
N ASN P 187 49.35 24.20 82.37
CA ASN P 187 48.60 24.61 83.54
C ASN P 187 47.23 23.94 83.61
N ASN P 188 46.57 23.81 82.45
CA ASN P 188 45.25 23.15 82.34
C ASN P 188 45.43 21.65 82.58
N VAL P 189 46.28 21.04 81.77
CA VAL P 189 46.71 19.64 81.90
C VAL P 189 47.87 19.79 82.88
N LEU P 190 48.27 18.70 83.57
CA LEU P 190 49.42 18.74 84.49
C LEU P 190 49.25 19.68 85.71
N LYS P 191 48.00 19.98 86.07
CA LYS P 191 47.69 20.86 87.21
C LYS P 191 48.02 20.25 88.57
N ASN P 192 47.71 18.96 88.72
CA ASN P 192 47.97 18.20 89.94
C ASN P 192 49.48 18.04 90.18
N GLU P 193 50.23 17.90 89.08
CA GLU P 193 51.68 17.73 89.09
C GLU P 193 52.38 19.01 89.57
N MET P 194 51.82 20.16 89.19
CA MET P 194 52.33 21.47 89.58
C MET P 194 52.10 21.76 91.06
N LYS P 195 51.05 21.15 91.62
CA LYS P 195 50.71 21.28 93.04
C LYS P 195 51.75 20.56 93.90
N ARG P 196 52.14 19.36 93.48
CA ARG P 196 53.12 18.56 94.20
C ARG P 196 54.58 18.98 94.03
N TYR P 197 54.89 19.67 92.93
CA TYR P 197 56.24 20.12 92.66
C TYR P 197 56.42 21.63 92.45
N LYS P 198 57.11 22.25 93.39
CA LYS P 198 57.41 23.69 93.40
C LYS P 198 58.26 24.13 92.20
N GLY P 199 59.11 23.23 91.73
CA GLY P 199 60.03 23.44 90.62
C GLY P 199 59.48 23.18 89.23
N LEU P 200 58.19 22.85 89.13
CA LEU P 200 57.55 22.64 87.84
C LEU P 200 57.18 24.02 87.30
N LEU P 201 58.15 24.65 86.64
CA LEU P 201 58.01 25.98 86.06
C LEU P 201 57.91 25.81 84.54
N PRO P 202 56.68 25.74 83.99
CA PRO P 202 56.48 25.54 82.55
C PRO P 202 57.36 26.40 81.64
N LYS P 203 57.38 27.72 81.88
CA LYS P 203 58.19 28.66 81.10
C LYS P 203 59.68 28.30 81.10
N ASP P 204 60.23 28.06 82.30
CA ASP P 204 61.65 27.72 82.48
C ASP P 204 62.06 26.40 81.83
N ILE P 205 61.25 25.35 82.04
CA ILE P 205 61.51 24.02 81.49
C ILE P 205 61.30 24.01 79.96
N ALA P 206 60.23 24.67 79.51
CA ALA P 206 59.90 24.75 78.08
C ALA P 206 60.98 25.44 77.25
N ASN P 207 61.56 26.49 77.81
CA ASN P 207 62.66 27.21 77.16
C ASN P 207 63.91 26.35 77.07
N SER P 208 64.14 25.54 78.11
CA SER P 208 65.28 24.62 78.17
C SER P 208 65.21 23.58 77.07
N PHE P 209 64.01 23.04 76.86
CA PHE P 209 63.77 22.06 75.80
C PHE P 209 63.85 22.70 74.41
N TYR P 210 63.31 23.90 74.30
CA TYR P 210 63.38 24.69 73.05
C TYR P 210 64.84 24.89 72.67
N GLU P 211 65.66 25.23 73.66
CA GLU P 211 67.11 25.44 73.50
C GLU P 211 67.84 24.16 73.06
N VAL P 212 67.56 23.05 73.75
CA VAL P 212 68.19 21.76 73.43
C VAL P 212 67.85 21.24 72.03
N PHE P 213 66.61 21.48 71.59
CA PHE P 213 66.16 21.09 70.25
C PHE P 213 66.73 22.00 69.15
N GLU P 214 67.00 23.25 69.51
CA GLU P 214 67.59 24.23 68.60
C GLU P 214 69.09 23.99 68.45
N LYS P 215 69.77 23.79 69.58
CA LYS P 215 71.21 23.55 69.61
C LYS P 215 71.59 22.15 69.12
N HIS P 216 70.77 21.15 69.46
CA HIS P 216 71.03 19.77 69.06
C HIS P 216 69.82 19.18 68.34
N PRO P 217 69.74 19.36 67.00
CA PRO P 217 68.61 18.86 66.19
C PRO P 217 68.46 17.34 66.18
N HIS P 218 69.52 16.62 66.51
CA HIS P 218 69.50 15.16 66.58
C HIS P 218 68.71 14.69 67.79
N PHE P 219 68.65 15.53 68.83
CA PHE P 219 67.90 15.23 70.05
C PHE P 219 66.40 15.26 69.83
N ILE P 220 65.96 16.04 68.84
CA ILE P 220 64.54 16.10 68.48
C ILE P 220 64.13 14.77 67.84
N ASP P 221 65.05 14.18 67.08
CA ASP P 221 64.85 12.85 66.47
C ASP P 221 64.81 11.80 67.57
N VAL P 222 65.69 11.96 68.55
CA VAL P 222 65.77 11.08 69.71
C VAL P 222 64.47 11.12 70.51
N PHE P 223 63.99 12.33 70.80
CA PHE P 223 62.75 12.53 71.53
C PHE P 223 61.50 11.98 70.83
N VAL P 224 61.38 12.28 69.54
CA VAL P 224 60.25 11.82 68.72
C VAL P 224 60.19 10.29 68.72
N HIS P 225 61.36 9.66 68.50
CA HIS P 225 61.46 8.20 68.52
C HIS P 225 61.26 7.57 69.88
N PHE P 226 61.60 8.32 70.94
CA PHE P 226 61.38 7.88 72.30
C PHE P 226 59.87 7.90 72.58
N GLY P 227 59.24 9.03 72.22
CA GLY P 227 57.81 9.26 72.39
C GLY P 227 56.96 8.18 71.73
N ILE P 228 57.36 7.77 70.53
CA ILE P 228 56.69 6.71 69.77
C ILE P 228 56.90 5.37 70.50
N ALA P 229 58.13 5.11 70.94
CA ALA P 229 58.50 3.90 71.69
C ALA P 229 57.77 3.81 73.03
N GLN P 230 57.61 4.97 73.67
CA GLN P 230 56.89 5.12 74.92
C GLN P 230 55.40 4.89 74.67
N SER P 231 54.90 5.45 73.57
CA SER P 231 53.49 5.29 73.20
C SER P 231 53.14 3.90 72.64
N SER P 232 54.15 3.05 72.48
CA SER P 232 53.98 1.68 72.01
C SER P 232 53.72 0.71 73.17
N THR P 233 53.90 1.23 74.40
CA THR P 233 53.70 0.48 75.64
C THR P 233 52.29 -0.10 75.79
N ARG P 234 52.17 -1.15 76.60
CA ARG P 234 50.91 -1.84 76.87
C ARG P 234 50.00 -1.05 77.84
N GLY P 235 50.63 -0.37 78.79
CA GLY P 235 50.01 0.42 79.83
C GLY P 235 51.06 1.18 80.63
N GLY P 236 50.62 1.85 81.68
CA GLY P 236 51.52 2.60 82.55
C GLY P 236 50.82 3.48 83.56
N SER P 237 51.56 4.44 84.10
CA SER P 237 51.04 5.40 85.08
C SER P 237 50.16 6.44 84.40
N ARG P 238 49.46 7.25 85.20
CA ARG P 238 48.61 8.31 84.67
C ARG P 238 49.42 9.43 84.03
N VAL P 239 50.61 9.70 84.59
CA VAL P 239 51.57 10.70 84.09
C VAL P 239 52.10 10.23 82.72
N GLU P 240 52.32 8.93 82.60
CA GLU P 240 52.75 8.29 81.35
C GLU P 240 51.64 8.37 80.29
N GLY P 241 50.39 8.36 80.76
CA GLY P 241 49.20 8.48 79.93
C GLY P 241 49.03 9.90 79.44
N ILE P 242 49.33 10.87 80.32
CA ILE P 242 49.28 12.30 80.02
C ILE P 242 50.31 12.58 78.93
N PHE P 243 51.54 12.10 79.13
CA PHE P 243 52.63 12.25 78.16
C PHE P 243 52.23 11.74 76.79
N ALA P 244 51.73 10.50 76.75
CA ALA P 244 51.31 9.83 75.53
C ALA P 244 50.27 10.63 74.76
N GLY P 245 49.33 11.23 75.49
CA GLY P 245 48.26 12.06 74.96
C GLY P 245 48.81 13.36 74.41
N LEU P 246 49.67 14.02 75.20
CA LEU P 246 50.31 15.27 74.81
C LEU P 246 51.28 15.10 73.64
N PHE P 247 51.97 13.96 73.59
CA PHE P 247 52.90 13.63 72.51
C PHE P 247 52.13 13.40 71.21
N MET P 248 50.96 12.77 71.32
CA MET P 248 50.12 12.52 70.15
C MET P 248 49.41 13.76 69.61
N ASN P 249 49.39 14.84 70.40
CA ASN P 249 48.83 16.12 69.98
C ASN P 249 49.75 16.73 68.92
N ALA P 250 51.03 16.35 68.96
CA ALA P 250 52.04 16.80 68.00
C ALA P 250 51.87 16.19 66.62
N TYR P 251 51.26 14.99 66.56
CA TYR P 251 51.01 14.31 65.28
C TYR P 251 50.20 15.21 64.36
N GLY P 252 50.76 15.51 63.20
CA GLY P 252 50.14 16.33 62.18
C GLY P 252 50.41 17.82 62.32
N ALA P 253 51.46 18.18 63.07
CA ALA P 253 51.85 19.59 63.23
C ALA P 253 52.60 20.05 61.99
N GLY P 254 52.29 21.26 61.55
CA GLY P 254 52.87 21.84 60.35
C GLY P 254 52.12 21.42 59.10
N GLN P 255 50.95 20.80 59.33
CA GLN P 255 50.09 20.31 58.25
C GLN P 255 48.61 20.41 58.65
N VAL P 256 48.25 21.56 59.23
CA VAL P 256 46.87 21.85 59.66
C VAL P 256 45.94 22.08 58.46
N MET P 257 46.51 22.59 57.38
CA MET P 257 45.77 22.86 56.15
C MET P 257 45.21 21.58 55.53
N LEU P 258 45.92 20.48 55.72
CA LEU P 258 45.54 19.15 55.25
C LEU P 258 44.27 18.69 55.96
N ARG P 259 44.21 18.91 57.27
CA ARG P 259 43.08 18.54 58.10
C ARG P 259 41.88 19.47 57.91
N TRP P 260 42.18 20.75 57.72
CA TRP P 260 41.16 21.78 57.46
C TRP P 260 40.53 21.61 56.07
N GLY P 261 41.28 21.00 55.17
CA GLY P 261 40.85 20.69 53.82
C GLY P 261 39.78 19.61 53.83
N VAL P 262 39.98 18.61 54.70
CA VAL P 262 39.03 17.51 54.87
C VAL P 262 37.76 18.06 55.52
N LEU P 263 37.93 19.03 56.42
CA LEU P 263 36.82 19.69 57.11
C LEU P 263 35.91 20.44 56.12
N ALA P 264 36.54 21.22 55.22
CA ALA P 264 35.84 21.99 54.19
C ALA P 264 34.99 21.08 53.30
N LYS P 265 35.53 19.90 52.99
CA LYS P 265 34.86 18.86 52.21
C LYS P 265 33.70 18.27 53.03
N SER P 266 33.96 17.99 54.31
CA SER P 266 32.99 17.41 55.24
C SER P 266 31.77 18.30 55.49
N VAL P 267 32.01 19.62 55.58
CA VAL P 267 30.95 20.61 55.79
C VAL P 267 30.29 21.00 54.47
N LYS P 268 30.90 20.58 53.36
CA LYS P 268 30.45 20.85 51.99
C LYS P 268 30.40 22.34 51.65
N ASN P 269 31.52 23.03 51.85
CA ASN P 269 31.65 24.45 51.54
C ASN P 269 31.55 24.64 50.04
N ILE P 270 30.53 25.41 49.64
CA ILE P 270 30.21 25.70 48.25
C ILE P 270 31.37 26.16 47.36
N MET P 271 32.24 26.99 47.93
CA MET P 271 33.41 27.53 47.22
C MET P 271 34.45 26.51 46.72
N LEU P 272 34.30 25.26 47.13
CA LEU P 272 35.17 24.17 46.69
C LEU P 272 34.88 23.79 45.23
N GLY P 273 33.64 24.06 44.80
CA GLY P 273 33.17 23.79 43.45
C GLY P 273 33.53 24.86 42.43
N HIS P 274 34.14 25.95 42.90
CA HIS P 274 34.56 27.06 42.04
C HIS P 274 35.54 26.61 40.96
N ALA P 275 35.42 27.21 39.78
CA ALA P 275 36.24 26.89 38.61
C ALA P 275 37.75 26.87 38.83
N SER P 276 38.27 27.87 39.54
CA SER P 276 39.71 27.98 39.83
C SER P 276 40.19 26.99 40.89
N VAL P 277 39.26 26.53 41.73
CA VAL P 277 39.54 25.54 42.78
C VAL P 277 39.53 24.15 42.14
N GLN P 278 38.62 23.94 41.19
CA GLN P 278 38.48 22.69 40.45
C GLN P 278 39.68 22.38 39.56
N ALA P 279 40.35 23.42 39.08
CA ALA P 279 41.55 23.29 38.24
C ALA P 279 42.72 22.69 39.01
N GLU P 280 42.80 23.02 40.30
CA GLU P 280 43.85 22.54 41.18
C GLU P 280 43.61 21.12 41.69
N MET P 281 42.33 20.72 41.72
CA MET P 281 41.89 19.42 42.21
C MET P 281 42.70 18.17 41.88
N GLU P 282 43.12 18.05 40.62
CA GLU P 282 43.93 16.93 40.13
C GLU P 282 45.21 16.80 40.95
N GLN P 283 45.85 17.94 41.21
CA GLN P 283 47.09 18.01 41.97
C GLN P 283 46.92 17.98 43.49
N VAL P 284 45.79 18.48 44.01
CA VAL P 284 45.53 18.47 45.47
C VAL P 284 45.26 17.05 45.95
N VAL P 285 44.68 16.24 45.06
CA VAL P 285 44.39 14.84 45.35
C VAL P 285 45.71 14.07 45.45
N GLU P 286 46.67 14.41 44.58
CA GLU P 286 48.01 13.82 44.56
C GLU P 286 48.69 13.90 45.93
N VAL P 287 48.64 15.08 46.56
CA VAL P 287 49.21 15.31 47.89
C VAL P 287 48.44 14.57 48.99
N TYR P 288 47.11 14.55 48.89
CA TYR P 288 46.27 13.83 49.84
C TYR P 288 46.52 12.33 49.77
N GLU P 289 46.66 11.82 48.54
CA GLU P 289 46.97 10.40 48.29
C GLU P 289 48.39 10.08 48.76
N TYR P 290 49.28 11.07 48.67
CA TYR P 290 50.66 10.95 49.14
C TYR P 290 50.69 10.88 50.67
N ALA P 291 49.87 11.71 51.31
CA ALA P 291 49.73 11.74 52.76
C ALA P 291 49.13 10.44 53.28
N GLN P 292 48.19 9.89 52.49
CA GLN P 292 47.54 8.61 52.77
C GLN P 292 48.55 7.46 52.65
N LYS P 293 49.42 7.56 51.64
CA LYS P 293 50.46 6.58 51.34
C LYS P 293 51.49 6.48 52.48
N LEU P 294 51.98 7.64 52.93
CA LEU P 294 52.97 7.72 54.01
C LEU P 294 52.44 7.22 55.35
N GLY P 295 51.16 7.45 55.62
CA GLY P 295 50.49 7.04 56.83
C GLY P 295 51.04 7.75 58.05
N GLY P 296 51.31 6.99 59.11
CA GLY P 296 51.82 7.46 60.38
C GLY P 296 53.15 8.18 60.32
N GLU P 297 53.98 7.78 59.36
CA GLU P 297 55.31 8.34 59.12
C GLU P 297 55.27 9.88 58.96
N ALA P 298 54.28 10.34 58.20
CA ALA P 298 54.07 11.76 57.88
C ALA P 298 53.73 12.68 59.05
N GLY P 299 53.26 12.11 60.15
CA GLY P 299 52.85 12.85 61.34
C GLY P 299 53.90 13.76 61.95
N PHE P 300 55.14 13.29 61.99
CA PHE P 300 56.25 14.04 62.58
C PHE P 300 57.23 14.64 61.55
N TYR P 301 56.78 14.71 60.31
CA TYR P 301 57.56 15.25 59.18
C TYR P 301 58.00 16.70 59.34
N HIS P 302 57.20 17.50 60.05
CA HIS P 302 57.52 18.91 60.26
C HIS P 302 58.26 19.14 61.57
N ILE P 303 57.93 18.35 62.58
CA ILE P 303 58.56 18.40 63.92
C ILE P 303 60.06 18.12 63.73
N LEU P 304 60.39 16.95 63.18
CA LEU P 304 61.76 16.63 62.77
C LEU P 304 61.79 17.34 61.42
N ASN P 305 62.84 18.07 61.10
CA ASN P 305 62.87 18.77 59.81
C ASN P 305 63.11 17.82 58.63
N ASN P 306 62.12 16.95 58.40
CA ASN P 306 62.16 15.97 57.31
C ASN P 306 62.09 16.73 55.99
N PRO P 307 62.99 16.40 55.04
CA PRO P 307 63.06 17.07 53.73
C PRO P 307 61.77 16.96 52.92
N LYS P 308 61.09 15.83 53.05
CA LYS P 308 59.84 15.55 52.34
C LYS P 308 58.62 16.30 52.88
N ALA P 309 58.79 17.01 54.00
CA ALA P 309 57.71 17.79 54.63
C ALA P 309 57.08 18.83 53.70
N SER P 310 57.91 19.37 52.80
CA SER P 310 57.51 20.38 51.82
C SER P 310 56.47 19.82 50.83
N LEU P 311 56.59 18.52 50.53
CA LEU P 311 55.70 17.82 49.60
C LEU P 311 54.24 17.73 50.04
N LEU P 312 54.01 17.86 51.34
CA LEU P 312 52.67 17.81 51.94
C LEU P 312 51.95 19.16 51.94
N SER P 313 52.60 20.20 51.41
CA SER P 313 52.05 21.55 51.36
C SER P 313 50.92 21.71 50.36
N LEU P 314 49.88 22.43 50.79
CA LEU P 314 48.72 22.78 49.96
C LEU P 314 48.78 24.24 49.55
N THR P 315 49.75 24.97 50.13
CA THR P 315 50.03 26.39 49.85
C THR P 315 50.35 26.62 48.37
N GLN P 316 50.92 25.59 47.74
CA GLN P 316 51.23 25.59 46.31
C GLN P 316 49.96 25.68 45.41
N PHE P 317 48.79 25.54 46.06
CA PHE P 317 47.49 25.65 45.40
C PHE P 317 46.74 26.84 46.04
N PRO P 318 46.97 28.07 45.54
CA PRO P 318 46.40 29.33 46.06
C PRO P 318 44.89 29.34 46.25
N HIS P 319 44.16 28.82 45.26
CA HIS P 319 42.69 28.80 45.29
C HIS P 319 42.10 27.87 46.33
N PHE P 320 42.53 26.61 46.34
CA PHE P 320 42.07 25.60 47.30
C PHE P 320 42.43 25.97 48.74
N SER P 321 43.66 26.46 48.94
CA SER P 321 44.13 26.90 50.26
C SER P 321 43.27 28.02 50.83
N SER P 322 42.87 28.95 49.96
CA SER P 322 42.05 30.10 50.32
C SER P 322 40.64 29.73 50.79
N VAL P 323 39.97 28.84 50.06
CA VAL P 323 38.64 28.35 50.43
C VAL P 323 38.71 27.54 51.73
N VAL P 324 39.78 26.77 51.87
CA VAL P 324 40.04 25.96 53.06
C VAL P 324 40.27 26.85 54.29
N LEU P 325 41.07 27.91 54.10
CA LEU P 325 41.36 28.90 55.14
C LEU P 325 40.13 29.73 55.49
N GLY P 326 39.30 30.01 54.47
CA GLY P 326 38.06 30.75 54.59
C GLY P 326 37.06 29.99 55.43
N ASN P 327 36.87 28.71 55.07
CA ASN P 327 35.98 27.80 55.80
C ASN P 327 36.37 27.68 57.27
N ALA P 328 37.69 27.65 57.53
CA ALA P 328 38.25 27.58 58.88
C ALA P 328 37.97 28.85 59.69
N ALA P 329 37.94 29.99 58.99
CA ALA P 329 37.66 31.28 59.60
C ALA P 329 36.17 31.45 59.85
N GLY P 330 35.35 31.00 58.90
CA GLY P 330 33.89 31.06 58.95
C GLY P 330 33.32 30.18 60.05
N LEU P 331 33.98 29.05 60.29
CA LEU P 331 33.60 28.11 61.35
C LEU P 331 34.20 28.55 62.70
N GLY P 332 35.00 29.61 62.66
CA GLY P 332 35.66 30.21 63.81
C GLY P 332 36.65 29.30 64.51
N ILE P 333 37.39 28.52 63.73
CA ILE P 333 38.36 27.56 64.27
C ILE P 333 39.84 27.97 64.19
N MET P 334 40.13 29.01 63.39
CA MET P 334 41.50 29.54 63.29
C MET P 334 41.70 30.74 64.24
N GLY P 335 42.82 31.43 64.11
CA GLY P 335 43.13 32.60 64.94
C GLY P 335 43.78 32.21 66.25
N GLU P 336 45.00 32.69 66.54
CA GLU P 336 45.75 33.58 65.66
C GLU P 336 46.70 32.80 64.74
N TYR P 337 46.11 32.12 63.76
CA TYR P 337 46.85 31.36 62.77
C TYR P 337 47.47 32.34 61.78
N ARG P 338 48.80 32.33 61.68
CA ARG P 338 49.55 33.24 60.83
C ARG P 338 49.56 32.93 59.31
N GLY P 339 48.58 32.14 58.87
CA GLY P 339 48.41 31.78 57.47
C GLY P 339 47.59 32.83 56.75
N THR P 340 48.09 33.25 55.60
CA THR P 340 47.45 34.28 54.78
C THR P 340 46.91 33.66 53.48
N PRO P 341 45.65 33.97 53.10
CA PRO P 341 45.10 33.45 51.84
C PRO P 341 45.66 34.18 50.62
N ARG P 342 46.11 33.42 49.63
CA ARG P 342 46.67 33.98 48.39
C ARG P 342 45.59 34.64 47.53
N ASN P 343 44.37 34.07 47.56
CA ASN P 343 43.21 34.60 46.84
C ASN P 343 42.25 35.13 47.91
N GLN P 344 42.18 36.45 48.04
CA GLN P 344 41.34 37.09 49.04
C GLN P 344 39.84 36.93 48.79
N ASP P 345 39.43 37.06 47.54
CA ASP P 345 38.02 36.96 47.12
C ASP P 345 37.41 35.58 47.42
N LEU P 346 38.18 34.52 47.18
CA LEU P 346 37.76 33.14 47.45
C LEU P 346 37.66 32.85 48.93
N TYR P 347 38.58 33.44 49.70
CA TYR P 347 38.63 33.31 51.16
C TYR P 347 37.37 33.93 51.78
N ASP P 348 37.08 35.17 51.38
CA ASP P 348 35.92 35.93 51.86
C ASP P 348 34.59 35.26 51.53
N ALA P 349 34.52 34.67 50.33
CA ALA P 349 33.34 33.95 49.86
C ALA P 349 33.13 32.65 50.65
N ALA P 350 34.22 31.97 50.97
CA ALA P 350 34.20 30.72 51.74
C ALA P 350 33.90 30.98 53.20
N LYS P 351 34.44 32.08 53.73
CA LYS P 351 34.21 32.51 55.12
C LYS P 351 32.73 32.83 55.32
N ALA P 352 32.15 33.51 54.34
CA ALA P 352 30.73 33.90 54.35
C ALA P 352 29.80 32.69 54.35
N TYR P 353 30.08 31.72 53.48
CA TYR P 353 29.29 30.49 53.39
C TYR P 353 29.38 29.63 54.64
N ALA P 354 30.59 29.56 55.21
CA ALA P 354 30.86 28.79 56.43
C ALA P 354 30.13 29.38 57.64
N GLU P 355 30.00 30.72 57.65
CA GLU P 355 29.28 31.45 58.69
C GLU P 355 27.78 31.17 58.59
N GLN P 356 27.30 30.96 57.36
CA GLN P 356 25.89 30.63 57.10
C GLN P 356 25.58 29.17 57.43
N LEU P 357 26.61 28.32 57.37
CA LEU P 357 26.49 26.89 57.67
C LEU P 357 26.21 26.63 59.15
N LYS P 358 26.80 27.45 60.02
CA LYS P 358 26.61 27.34 61.47
C LYS P 358 25.32 27.97 62.01
N GLU P 359 24.41 28.30 61.10
CA GLU P 359 23.10 28.87 61.43
C GLU P 359 21.97 27.92 61.02
N ASN P 360 22.19 27.19 59.92
CA ASN P 360 21.24 26.21 59.38
C ASN P 360 21.45 24.83 60.02
N GLY P 361 20.97 23.78 59.36
CA GLY P 361 21.10 22.40 59.85
C GLY P 361 19.81 21.62 59.72
N VAL P 362 19.66 20.96 58.57
CA VAL P 362 18.46 20.17 58.26
C VAL P 362 18.74 18.67 58.51
N ILE P 363 17.73 17.97 59.03
CA ILE P 363 17.82 16.54 59.33
C ILE P 363 17.75 15.70 58.05
N ASN P 364 18.73 14.81 57.90
CA ASN P 364 18.77 13.87 56.77
C ASN P 364 18.21 12.53 57.24
N TYR P 365 16.95 12.30 56.89
CA TYR P 365 16.19 11.11 57.29
C TYR P 365 16.57 9.81 56.57
N SER P 366 17.28 9.94 55.45
CA SER P 366 17.74 8.79 54.66
C SER P 366 18.87 8.00 55.32
N VAL P 367 19.61 8.67 56.22
CA VAL P 367 20.73 8.07 56.96
C VAL P 367 20.24 7.00 57.96
N LEU P 368 19.17 7.34 58.68
CA LEU P 368 18.56 6.46 59.67
C LEU P 368 17.83 5.28 59.00
N ASP P 369 17.85 4.12 59.66
CA ASP P 369 17.20 2.91 59.16
C ASP P 369 15.71 2.85 59.51
N LEU P 370 14.99 3.93 59.19
CA LEU P 370 13.56 4.07 59.46
C LEU P 370 12.70 3.22 58.54
N THR P 371 11.69 2.58 59.12
CA THR P 371 10.75 1.70 58.40
C THR P 371 9.51 2.48 57.97
N ALA P 372 8.39 2.28 58.66
CA ALA P 372 7.14 2.97 58.37
C ALA P 372 7.20 4.36 59.02
N GLU P 373 7.38 5.38 58.18
CA GLU P 373 7.52 6.76 58.63
C GLU P 373 6.20 7.52 58.77
N GLU P 374 5.96 8.01 59.98
CA GLU P 374 4.78 8.79 60.35
C GLU P 374 5.24 10.07 61.05
N LEU P 375 6.52 10.38 60.91
CA LEU P 375 7.14 11.55 61.53
C LEU P 375 6.72 12.89 60.94
N ALA Q 2 38.90 14.02 42.37
CA ALA Q 2 37.59 13.97 43.01
C ALA Q 2 37.67 14.44 44.47
N LEU Q 3 36.62 15.13 44.91
CA LEU Q 3 36.52 15.62 46.29
C LEU Q 3 36.28 14.48 47.30
N SER Q 4 36.01 13.29 46.79
CA SER Q 4 35.81 12.10 47.61
C SER Q 4 37.16 11.59 48.11
N LYS Q 5 38.21 11.86 47.31
CA LYS Q 5 39.58 11.46 47.59
C LYS Q 5 40.26 12.30 48.67
N VAL Q 6 39.77 13.51 48.91
CA VAL Q 6 40.31 14.40 49.95
C VAL Q 6 39.89 13.93 51.35
N LYS Q 7 40.66 12.97 51.86
CA LYS Q 7 40.48 12.37 53.18
C LYS Q 7 41.82 11.96 53.78
N LEU Q 8 41.81 11.71 55.09
CA LEU Q 8 43.00 11.28 55.83
C LEU Q 8 42.55 10.56 57.09
N ASN Q 9 42.91 9.28 57.19
CA ASN Q 9 42.52 8.45 58.34
C ASN Q 9 43.56 8.58 59.45
N ASP Q 10 43.51 9.69 60.17
CA ASP Q 10 44.43 9.98 61.26
C ASP Q 10 44.41 8.97 62.41
N THR Q 11 43.23 8.45 62.74
CA THR Q 11 43.05 7.47 63.82
C THR Q 11 43.81 6.17 63.52
N LEU Q 12 43.65 5.67 62.30
CA LEU Q 12 44.29 4.45 61.85
C LEU Q 12 45.80 4.61 61.68
N ASN Q 13 46.21 5.75 61.12
CA ASN Q 13 47.62 6.08 60.88
C ASN Q 13 48.41 6.26 62.18
N LYS Q 14 47.79 6.90 63.19
CA LYS Q 14 48.42 7.12 64.48
C LYS Q 14 48.70 5.78 65.18
N ASP Q 15 47.74 4.86 65.08
CA ASP Q 15 47.86 3.51 65.61
C ASP Q 15 48.97 2.75 64.88
N GLN Q 16 48.98 2.88 63.55
CA GLN Q 16 49.97 2.26 62.67
C GLN Q 16 51.40 2.68 63.07
N LEU Q 17 51.57 3.96 63.37
CA LEU Q 17 52.84 4.54 63.80
C LEU Q 17 53.33 3.92 65.12
N LEU Q 18 52.39 3.74 66.05
CA LEU Q 18 52.70 3.18 67.37
C LEU Q 18 52.89 1.66 67.35
N SER Q 19 52.14 0.98 66.49
CA SER Q 19 52.22 -0.47 66.33
C SER Q 19 53.51 -0.89 65.62
N SER Q 20 54.06 0.01 64.80
CA SER Q 20 55.27 -0.27 64.03
C SER Q 20 56.53 0.47 64.53
N SER Q 21 56.72 0.52 65.85
CA SER Q 21 57.88 1.16 66.44
C SER Q 21 59.12 0.28 66.26
N LYS Q 22 60.21 0.88 65.76
CA LYS Q 22 61.47 0.16 65.54
C LYS Q 22 62.29 0.01 66.82
N TYR Q 23 61.98 0.85 67.81
CA TYR Q 23 62.70 0.90 69.09
C TYR Q 23 61.78 0.70 70.28
N THR Q 24 62.37 0.33 71.42
CA THR Q 24 61.62 0.02 72.65
C THR Q 24 62.19 0.64 73.92
N ILE Q 25 61.28 1.01 74.83
CA ILE Q 25 61.64 1.53 76.14
C ILE Q 25 61.43 0.49 77.23
N GLN Q 26 62.28 0.53 78.25
CA GLN Q 26 62.19 -0.38 79.39
C GLN Q 26 62.26 0.44 80.67
N ARG Q 27 61.22 0.31 81.50
CA ARG Q 27 61.07 1.09 82.72
C ARG Q 27 61.55 0.37 83.97
N SER Q 28 62.18 1.14 84.87
CA SER Q 28 62.66 0.61 86.14
C SER Q 28 61.51 0.65 87.16
N THR Q 29 61.14 -0.53 87.67
CA THR Q 29 60.04 -0.67 88.65
C THR Q 29 60.38 -0.11 90.03
N GLY Q 30 61.68 -0.10 90.34
CA GLY Q 30 62.20 0.36 91.61
C GLY Q 30 63.35 -0.55 91.99
N ASP Q 31 63.29 -1.08 93.21
CA ASP Q 31 64.34 -1.96 93.71
C ASP Q 31 64.09 -3.46 93.56
N SER Q 32 62.96 -3.95 94.08
CA SER Q 32 62.61 -5.37 94.02
C SER Q 32 61.11 -5.64 94.04
N ILE Q 33 60.70 -6.66 93.30
CA ILE Q 33 59.30 -7.11 93.27
C ILE Q 33 59.27 -8.57 93.71
N ASP Q 34 58.41 -8.86 94.69
CA ASP Q 34 58.21 -10.20 95.19
C ASP Q 34 57.42 -10.97 94.14
N THR Q 35 57.99 -12.09 93.68
CA THR Q 35 57.35 -12.94 92.69
C THR Q 35 57.06 -14.30 93.33
N PRO Q 36 55.91 -14.43 94.05
CA PRO Q 36 55.64 -15.71 94.69
C PRO Q 36 55.16 -16.76 93.70
N ASN Q 37 55.63 -18.00 93.90
CA ASN Q 37 55.24 -19.12 93.06
C ASN Q 37 54.09 -19.88 93.71
N TYR Q 38 53.59 -20.89 93.00
CA TYR Q 38 52.46 -21.72 93.43
C TYR Q 38 52.58 -22.34 94.83
N ASP Q 39 53.81 -22.64 95.25
CA ASP Q 39 54.09 -23.24 96.56
C ASP Q 39 53.67 -22.37 97.74
N VAL Q 40 53.74 -21.06 97.54
CA VAL Q 40 53.42 -20.05 98.54
C VAL Q 40 51.94 -19.59 98.50
N GLN Q 41 51.22 -19.99 97.44
CA GLN Q 41 49.81 -19.65 97.21
C GLN Q 41 48.86 -19.93 98.37
N LYS Q 42 48.96 -21.14 98.93
CA LYS Q 42 48.13 -21.57 100.06
C LYS Q 42 48.36 -20.72 101.31
N HIS Q 43 49.62 -20.34 101.55
CA HIS Q 43 50.01 -19.49 102.68
C HIS Q 43 49.43 -18.08 102.57
N ILE Q 44 49.41 -17.52 101.35
CA ILE Q 44 48.86 -16.19 101.09
C ILE Q 44 47.34 -16.21 101.30
N ASN Q 45 46.69 -17.28 100.86
CA ASN Q 45 45.24 -17.46 101.02
C ASN Q 45 44.87 -17.48 102.51
N LYS Q 46 45.71 -18.10 103.32
CA LYS Q 46 45.55 -18.17 104.77
C LYS Q 46 45.71 -16.76 105.38
N LEU Q 47 46.68 -16.01 104.85
CA LEU Q 47 46.94 -14.63 105.27
C LEU Q 47 45.77 -13.70 104.91
N CYS Q 48 45.15 -13.96 103.76
CA CYS Q 48 43.97 -13.22 103.28
C CYS Q 48 42.81 -13.52 104.22
N GLY Q 49 42.67 -14.79 104.60
CA GLY Q 49 41.65 -15.28 105.51
C GLY Q 49 41.78 -14.70 106.90
N MET Q 50 43.02 -14.49 107.34
CA MET Q 50 43.34 -13.91 108.64
C MET Q 50 42.82 -12.48 108.75
N LEU Q 51 42.94 -11.72 107.66
CA LEU Q 51 42.45 -10.35 107.57
C LEU Q 51 40.92 -10.32 107.51
N LEU Q 52 40.35 -11.34 106.86
CA LEU Q 52 38.90 -11.48 106.70
C LEU Q 52 38.17 -11.88 107.99
N ILE Q 53 38.84 -12.64 108.85
CA ILE Q 53 38.24 -13.06 110.14
C ILE Q 53 38.38 -11.99 111.21
N THR Q 54 39.39 -11.12 111.04
CA THR Q 54 39.69 -10.03 111.97
C THR Q 54 38.61 -8.94 111.96
N GLU Q 55 37.94 -8.79 113.10
CA GLU Q 55 36.92 -7.76 113.31
C GLU Q 55 37.65 -6.43 113.39
N ASP Q 56 37.23 -5.47 112.56
CA ASP Q 56 37.85 -4.14 112.44
C ASP Q 56 39.35 -4.26 112.12
N ALA Q 57 39.63 -4.97 111.02
CA ALA Q 57 40.98 -5.26 110.55
C ALA Q 57 41.68 -4.05 109.94
N ASN Q 58 43.01 -4.08 110.00
CA ASN Q 58 43.84 -3.04 109.42
C ASN Q 58 44.15 -3.45 107.98
N HIS Q 59 43.39 -2.88 107.05
CA HIS Q 59 43.52 -3.18 105.63
C HIS Q 59 44.53 -2.30 104.89
N LYS Q 60 45.59 -1.90 105.60
CA LYS Q 60 46.66 -1.06 105.04
C LYS Q 60 47.49 -1.84 104.03
N PHE Q 61 47.58 -3.15 104.25
CA PHE Q 61 48.42 -4.04 103.45
C PHE Q 61 47.66 -5.03 102.56
N THR Q 62 46.33 -5.01 102.65
CA THR Q 62 45.44 -5.90 101.89
C THR Q 62 45.56 -5.75 100.36
N GLY Q 63 45.79 -4.53 99.88
CA GLY Q 63 45.98 -4.23 98.48
C GLY Q 63 47.21 -4.95 97.94
N LEU Q 64 48.29 -4.89 98.72
CA LEU Q 64 49.56 -5.55 98.39
C LEU Q 64 49.47 -7.06 98.55
N ILE Q 65 48.82 -7.52 99.64
CA ILE Q 65 48.62 -8.95 99.93
C ILE Q 65 47.75 -9.59 98.83
N GLY Q 66 46.74 -8.84 98.38
CA GLY Q 66 45.85 -9.23 97.29
C GLY Q 66 46.64 -9.44 96.01
N MET Q 67 47.58 -8.53 95.74
CA MET Q 67 48.46 -8.60 94.58
C MET Q 67 49.38 -9.81 94.63
N LEU Q 68 49.86 -10.14 95.84
CA LEU Q 68 50.72 -11.29 96.06
C LEU Q 68 49.98 -12.59 95.78
N TYR Q 69 48.70 -12.65 96.15
CA TYR Q 69 47.86 -13.82 95.89
C TYR Q 69 47.63 -14.01 94.39
N ALA Q 70 47.39 -12.91 93.68
CA ALA Q 70 47.17 -12.93 92.24
C ALA Q 70 48.44 -13.40 91.53
N MET Q 71 49.60 -12.96 92.05
CA MET Q 71 50.90 -13.34 91.52
C MET Q 71 51.24 -14.80 91.80
N SER Q 72 50.82 -15.29 92.97
CA SER Q 72 51.03 -16.69 93.38
C SER Q 72 50.16 -17.66 92.58
N ARG Q 73 49.04 -17.15 92.06
CA ARG Q 73 48.13 -17.92 91.21
C ARG Q 73 48.75 -18.01 89.80
N LEU Q 74 49.37 -16.91 89.35
CA LEU Q 74 50.06 -16.85 88.07
C LEU Q 74 51.35 -17.67 88.11
N GLY Q 75 52.04 -17.60 89.26
CA GLY Q 75 53.29 -18.31 89.51
C GLY Q 75 54.50 -17.58 88.95
N ARG Q 76 55.55 -17.46 89.78
CA ARG Q 76 56.82 -16.77 89.47
C ARG Q 76 57.16 -16.56 87.99
N GLU Q 77 57.26 -17.66 87.23
CA GLU Q 77 57.59 -17.63 85.80
C GLU Q 77 56.69 -16.72 84.96
N ASP Q 78 55.37 -16.93 85.07
CA ASP Q 78 54.38 -16.14 84.36
C ASP Q 78 54.32 -14.69 84.80
N THR Q 79 54.34 -14.43 86.11
CA THR Q 79 54.33 -13.06 86.63
C THR Q 79 55.52 -12.21 86.16
N ILE Q 80 56.72 -12.81 86.12
CA ILE Q 80 57.94 -12.16 85.61
C ILE Q 80 57.74 -11.83 84.12
N LYS Q 81 57.19 -12.79 83.38
CA LYS Q 81 56.88 -12.65 81.96
C LYS Q 81 55.92 -11.49 81.70
N ILE Q 82 54.86 -11.38 82.51
CA ILE Q 82 53.88 -10.28 82.37
C ILE Q 82 54.49 -8.91 82.67
N LEU Q 83 55.42 -8.87 83.63
CA LEU Q 83 56.12 -7.65 84.00
C LEU Q 83 57.08 -7.20 82.90
N ARG Q 84 57.77 -8.16 82.30
CA ARG Q 84 58.72 -7.90 81.22
C ARG Q 84 58.03 -7.50 79.92
N ASP Q 85 56.90 -8.18 79.62
CA ASP Q 85 56.10 -7.88 78.43
C ASP Q 85 55.43 -6.51 78.51
N ALA Q 86 55.14 -6.07 79.74
CA ALA Q 86 54.53 -4.76 79.99
C ALA Q 86 55.51 -3.62 79.75
N GLY Q 87 56.81 -3.92 79.87
CA GLY Q 87 57.90 -2.99 79.64
C GLY Q 87 58.63 -2.58 80.91
N TYR Q 88 58.80 -3.53 81.83
CA TYR Q 88 59.47 -3.26 83.10
C TYR Q 88 60.68 -4.13 83.38
N HIS Q 89 61.72 -3.51 83.95
CA HIS Q 89 62.96 -4.18 84.35
C HIS Q 89 62.71 -4.69 85.77
N VAL Q 90 62.70 -6.01 85.91
CA VAL Q 90 62.40 -6.64 87.20
C VAL Q 90 63.47 -7.42 87.93
N LYS Q 91 63.69 -7.02 89.18
CA LYS Q 91 64.59 -7.70 90.11
C LYS Q 91 63.66 -8.55 90.97
N ALA Q 92 63.50 -9.80 90.56
CA ALA Q 92 62.58 -10.74 91.21
C ALA Q 92 63.05 -11.21 92.57
N ASN Q 93 62.15 -11.13 93.54
CA ASN Q 93 62.41 -11.59 94.90
C ASN Q 93 61.65 -12.90 95.13
N GLY Q 94 62.39 -13.95 95.49
CA GLY Q 94 61.85 -15.27 95.74
C GLY Q 94 61.17 -15.35 97.10
N VAL Q 95 59.88 -15.70 97.09
CA VAL Q 95 59.10 -15.81 98.31
C VAL Q 95 59.14 -17.25 98.84
N ASP Q 96 59.66 -17.38 100.06
CA ASP Q 96 59.79 -18.68 100.75
C ASP Q 96 59.17 -18.60 102.14
N VAL Q 97 58.74 -19.75 102.65
CA VAL Q 97 58.14 -19.84 103.99
C VAL Q 97 59.23 -20.16 105.02
N THR Q 98 59.30 -19.33 106.05
CA THR Q 98 60.27 -19.50 107.15
C THR Q 98 59.56 -19.37 108.49
N THR Q 99 60.06 -20.09 109.49
CA THR Q 99 59.50 -20.05 110.84
C THR Q 99 60.22 -18.99 111.66
N HIS Q 100 59.45 -18.04 112.20
CA HIS Q 100 59.99 -16.96 113.01
C HIS Q 100 59.58 -17.11 114.46
N ARG Q 101 60.57 -17.08 115.34
CA ARG Q 101 60.35 -17.20 116.78
C ARG Q 101 60.50 -15.83 117.45
N GLN Q 102 59.42 -15.39 118.09
CA GLN Q 102 59.38 -14.10 118.79
C GLN Q 102 58.53 -14.24 120.05
N ASP Q 103 59.04 -13.69 121.15
CA ASP Q 103 58.34 -13.73 122.44
C ASP Q 103 57.35 -12.59 122.64
N ILE Q 104 56.08 -12.91 122.37
CA ILE Q 104 54.96 -11.97 122.50
C ILE Q 104 54.33 -12.21 123.88
N ASN Q 105 54.31 -11.15 124.69
CA ASN Q 105 53.80 -11.15 126.08
C ASN Q 105 54.53 -12.14 126.98
N GLY Q 106 55.87 -12.21 126.82
CA GLY Q 106 56.75 -13.08 127.57
C GLY Q 106 56.93 -14.46 126.98
N LYS Q 107 55.81 -15.08 126.60
CA LYS Q 107 55.78 -16.43 126.02
C LYS Q 107 56.33 -16.44 124.59
N GLU Q 108 57.34 -17.28 124.36
CA GLU Q 108 57.97 -17.43 123.05
C GLU Q 108 57.01 -18.14 122.09
N MET Q 109 56.74 -17.49 120.97
CA MET Q 109 55.79 -17.99 119.97
C MET Q 109 56.41 -18.22 118.59
N LYS Q 110 55.87 -19.20 117.87
CA LYS Q 110 56.30 -19.55 116.51
C LYS Q 110 55.30 -19.04 115.49
N PHE Q 111 55.82 -18.52 114.38
CA PHE Q 111 55.00 -17.99 113.28
C PHE Q 111 55.55 -18.39 111.93
N GLU Q 112 54.65 -18.74 111.01
CA GLU Q 112 55.02 -19.09 109.64
C GLU Q 112 54.90 -17.81 108.83
N VAL Q 113 56.05 -17.26 108.43
CA VAL Q 113 56.12 -16.01 107.68
C VAL Q 113 56.73 -16.19 106.28
N LEU Q 114 56.48 -15.21 105.42
CA LEU Q 114 57.00 -15.21 104.05
C LEU Q 114 58.16 -14.23 103.92
N THR Q 115 59.15 -14.62 103.11
CA THR Q 115 60.32 -13.78 102.85
C THR Q 115 59.96 -12.74 101.78
N LEU Q 116 59.30 -11.69 102.25
CA LEU Q 116 58.83 -10.60 101.40
C LEU Q 116 59.58 -9.30 101.68
N ALA Q 117 59.86 -8.56 100.61
CA ALA Q 117 60.53 -7.27 100.68
C ALA Q 117 59.50 -6.18 100.98
N SER Q 118 58.37 -6.27 100.30
CA SER Q 118 57.25 -5.34 100.44
C SER Q 118 56.55 -5.42 101.80
N LEU Q 119 56.56 -6.62 102.38
CA LEU Q 119 55.91 -6.86 103.67
C LEU Q 119 56.88 -7.38 104.73
N THR Q 120 56.97 -6.63 105.83
CA THR Q 120 57.85 -6.96 106.96
C THR Q 120 57.34 -8.19 107.70
N THR Q 121 58.28 -8.96 108.26
CA THR Q 121 57.97 -10.15 109.06
C THR Q 121 57.29 -9.72 110.37
N GLU Q 122 57.61 -8.51 110.81
CA GLU Q 122 57.06 -7.91 112.03
C GLU Q 122 55.59 -7.53 111.81
N ILE Q 123 55.24 -7.12 110.60
CA ILE Q 123 53.86 -6.75 110.28
C ILE Q 123 53.00 -7.98 109.95
N GLN Q 124 53.66 -9.03 109.45
CA GLN Q 124 53.02 -10.29 109.10
C GLN Q 124 52.52 -11.02 110.33
N ILE Q 125 53.35 -11.03 111.39
CA ILE Q 125 53.02 -11.66 112.67
C ILE Q 125 51.84 -10.97 113.36
N ASN Q 126 51.76 -9.65 113.20
CA ASN Q 126 50.68 -8.85 113.77
C ASN Q 126 49.32 -9.12 113.14
N ILE Q 127 49.32 -9.55 111.87
CA ILE Q 127 48.10 -9.93 111.16
C ILE Q 127 47.59 -11.24 111.77
N GLU Q 128 48.51 -12.16 112.04
CA GLU Q 128 48.21 -13.46 112.67
C GLU Q 128 47.80 -13.28 114.14
N ILE Q 129 48.47 -12.35 114.84
CA ILE Q 129 48.18 -12.04 116.24
C ILE Q 129 46.76 -11.54 116.43
N GLU Q 130 46.37 -10.53 115.64
CA GLU Q 130 45.04 -9.93 115.70
C GLU Q 130 43.93 -10.85 115.21
N SER Q 131 44.27 -11.78 114.32
CA SER Q 131 43.33 -12.77 113.78
C SER Q 131 42.99 -13.82 114.83
N ARG Q 132 44.01 -14.25 115.58
CA ARG Q 132 43.88 -15.23 116.67
C ARG Q 132 42.96 -14.70 117.77
N LYS Q 133 43.05 -13.40 118.03
CA LYS Q 133 42.21 -12.70 119.01
C LYS Q 133 40.75 -12.75 118.56
N SER Q 134 40.53 -12.45 117.27
CA SER Q 134 39.20 -12.47 116.67
C SER Q 134 38.65 -13.89 116.50
N TYR Q 135 39.55 -14.87 116.39
CA TYR Q 135 39.19 -16.28 116.25
C TYR Q 135 38.73 -16.87 117.59
N LYS Q 136 39.44 -16.54 118.67
CA LYS Q 136 39.09 -17.04 120.00
C LYS Q 136 37.79 -16.42 120.53
N LYS Q 137 37.52 -15.18 120.11
CA LYS Q 137 36.30 -14.45 120.46
C LYS Q 137 35.13 -15.07 119.69
N MET Q 138 35.41 -15.49 118.46
CA MET Q 138 34.45 -16.14 117.56
C MET Q 138 34.15 -17.57 118.05
N LEU Q 139 35.18 -18.23 118.59
CA LEU Q 139 35.07 -19.59 119.13
C LEU Q 139 34.27 -19.59 120.44
N LYS Q 140 34.36 -18.48 121.18
CA LYS Q 140 33.65 -18.28 122.44
C LYS Q 140 32.16 -18.00 122.19
N GLU Q 141 31.86 -17.37 121.05
CA GLU Q 141 30.50 -17.00 120.66
C GLU Q 141 29.66 -18.11 120.04
N MET Q 142 30.29 -18.93 119.18
CA MET Q 142 29.60 -20.01 118.47
C MET Q 142 30.03 -21.45 118.82
N GLY Q 143 30.96 -21.59 119.76
CA GLY Q 143 31.46 -22.88 120.20
C GLY Q 143 32.41 -23.51 119.19
N GLU Q 144 31.85 -23.96 118.07
CA GLU Q 144 32.60 -24.59 116.99
C GLU Q 144 32.49 -23.70 115.74
N VAL Q 145 33.63 -23.39 115.12
CA VAL Q 145 33.66 -22.56 113.91
C VAL Q 145 33.58 -23.35 112.61
N ALA Q 146 32.54 -23.08 111.85
CA ALA Q 146 32.26 -23.74 110.58
C ALA Q 146 33.32 -23.44 109.50
N PRO Q 147 33.45 -24.30 108.47
CA PRO Q 147 34.45 -24.07 107.40
C PRO Q 147 34.26 -22.76 106.62
N GLU Q 148 33.03 -22.25 106.60
CA GLU Q 148 32.68 -21.01 105.91
C GLU Q 148 33.19 -19.76 106.63
N TYR Q 149 33.23 -19.83 107.96
CA TYR Q 149 33.64 -18.71 108.80
C TYR Q 149 35.14 -18.59 109.09
N ARG Q 150 35.90 -19.64 108.76
CA ARG Q 150 37.34 -19.69 109.03
C ARG Q 150 38.27 -19.17 107.92
N HIS Q 151 39.51 -18.89 108.32
CA HIS Q 151 40.58 -18.38 107.45
C HIS Q 151 41.14 -19.42 106.45
N ASP Q 152 40.94 -20.71 106.76
CA ASP Q 152 41.40 -21.82 105.94
C ASP Q 152 40.76 -21.90 104.56
N SER Q 153 39.50 -21.48 104.48
CA SER Q 153 38.68 -21.53 103.26
C SER Q 153 39.40 -21.06 101.99
N PRO Q 154 39.30 -21.84 100.89
CA PRO Q 154 39.96 -21.50 99.62
C PRO Q 154 39.43 -20.23 98.95
N ASP Q 155 38.23 -19.81 99.34
CA ASP Q 155 37.58 -18.62 98.81
C ASP Q 155 38.25 -17.31 99.24
N CYS Q 156 38.83 -17.32 100.44
CA CYS Q 156 39.49 -16.17 101.07
C CYS Q 156 40.29 -15.22 100.19
N GLY Q 157 41.28 -15.75 99.48
CA GLY Q 157 42.13 -14.98 98.58
C GLY Q 157 41.32 -14.31 97.48
N MET Q 158 40.44 -15.09 96.86
CA MET Q 158 39.56 -14.61 95.78
C MET Q 158 38.48 -13.62 96.23
N ILE Q 159 38.06 -13.74 97.50
CA ILE Q 159 37.07 -12.82 98.09
C ILE Q 159 37.69 -11.42 98.12
N ILE Q 160 38.94 -11.34 98.55
CA ILE Q 160 39.70 -10.08 98.59
C ILE Q 160 39.89 -9.52 97.17
N LEU Q 161 40.21 -10.41 96.23
CA LEU Q 161 40.39 -10.02 94.83
C LEU Q 161 39.08 -9.63 94.12
N CYS Q 162 37.94 -9.96 94.74
CA CYS Q 162 36.62 -9.59 94.22
C CYS Q 162 36.40 -8.10 94.31
N ILE Q 163 36.82 -7.49 95.42
CA ILE Q 163 36.72 -6.04 95.57
C ILE Q 163 37.79 -5.31 94.76
N ALA Q 164 38.88 -6.03 94.46
CA ALA Q 164 39.97 -5.52 93.61
C ALA Q 164 39.46 -5.39 92.18
N ALA Q 165 38.56 -6.30 91.79
CA ALA Q 165 37.91 -6.29 90.48
C ALA Q 165 36.91 -5.14 90.40
N LEU Q 166 36.33 -4.77 91.56
CA LEU Q 166 35.40 -3.66 91.66
C LEU Q 166 36.13 -2.32 91.57
N VAL Q 167 37.33 -2.26 92.14
CA VAL Q 167 38.20 -1.08 92.10
C VAL Q 167 38.63 -0.86 90.65
N ILE Q 168 39.04 -1.94 89.99
CA ILE Q 168 39.44 -1.94 88.59
C ILE Q 168 38.31 -1.47 87.66
N THR Q 169 37.08 -1.76 88.09
CA THR Q 169 35.85 -1.38 87.38
C THR Q 169 35.66 0.13 87.29
N LYS Q 170 36.08 0.83 88.36
CA LYS Q 170 35.94 2.28 88.48
C LYS Q 170 37.25 3.08 88.38
N LEU Q 171 38.31 2.45 87.87
CA LEU Q 171 39.62 3.10 87.70
C LEU Q 171 39.67 4.12 86.55
N ALA Q 172 38.70 4.01 85.63
CA ALA Q 172 38.58 4.89 84.46
C ALA Q 172 38.42 6.37 84.82
N ALA Q 173 37.79 6.63 85.96
CA ALA Q 173 37.59 7.97 86.48
C ALA Q 173 38.92 8.58 86.97
N GLY Q 174 39.81 7.70 87.45
CA GLY Q 174 41.15 8.01 87.92
C GLY Q 174 41.28 9.00 89.06
N ASP Q 175 40.37 8.93 90.03
CA ASP Q 175 40.38 9.85 91.18
C ASP Q 175 39.72 9.31 92.47
N ARG Q 176 39.49 7.99 92.53
CA ARG Q 176 38.85 7.32 93.69
C ARG Q 176 37.37 7.70 93.89
N SER Q 177 36.79 8.38 92.91
CA SER Q 177 35.38 8.82 92.96
C SER Q 177 34.41 7.64 92.95
N GLY Q 178 34.81 6.55 92.30
CA GLY Q 178 34.03 5.33 92.18
C GLY Q 178 33.84 4.55 93.47
N LEU Q 179 34.67 4.84 94.49
CA LEU Q 179 34.63 4.18 95.81
C LEU Q 179 33.25 3.92 96.38
N THR Q 180 32.35 4.92 96.26
CA THR Q 180 30.97 4.81 96.73
C THR Q 180 30.22 3.67 96.03
N ALA Q 181 30.38 3.59 94.70
CA ALA Q 181 29.80 2.54 93.88
C ALA Q 181 30.46 1.20 94.15
N VAL Q 182 31.76 1.23 94.43
CA VAL Q 182 32.56 0.04 94.75
C VAL Q 182 32.00 -0.62 96.01
N ILE Q 183 31.75 0.20 97.04
CA ILE Q 183 31.18 -0.27 98.31
C ILE Q 183 29.75 -0.77 98.09
N ARG Q 184 28.94 0.05 97.42
CA ARG Q 184 27.55 -0.26 97.09
C ARG Q 184 27.39 -1.64 96.46
N ARG Q 185 28.16 -1.88 95.39
CA ARG Q 185 28.14 -3.15 94.65
C ARG Q 185 28.69 -4.33 95.47
N ALA Q 186 29.70 -4.05 96.30
CA ALA Q 186 30.31 -5.05 97.20
C ALA Q 186 29.33 -5.53 98.27
N ASN Q 187 28.22 -4.80 98.41
CA ASN Q 187 27.16 -5.14 99.35
C ASN Q 187 26.03 -5.92 98.69
N ASN Q 188 25.67 -5.52 97.47
CA ASN Q 188 24.61 -6.19 96.68
C ASN Q 188 25.12 -7.57 96.25
N VAL Q 189 26.24 -7.57 95.55
CA VAL Q 189 26.97 -8.78 95.15
C VAL Q 189 27.84 -9.02 96.39
N LEU Q 190 28.36 -10.22 96.59
CA LEU Q 190 29.25 -10.52 97.72
C LEU Q 190 28.62 -10.37 99.12
N LYS Q 191 27.28 -10.45 99.19
CA LYS Q 191 26.53 -10.31 100.44
C LYS Q 191 26.73 -11.49 101.40
N ASN Q 192 26.74 -12.69 100.85
CA ASN Q 192 26.94 -13.93 101.61
C ASN Q 192 28.36 -14.01 102.19
N GLU Q 193 29.31 -13.47 101.43
CA GLU Q 193 30.73 -13.43 101.79
C GLU Q 193 30.97 -12.51 102.98
N MET Q 194 30.22 -11.41 103.03
CA MET Q 194 30.30 -10.42 104.11
C MET Q 194 29.71 -10.96 105.41
N LYS Q 195 28.76 -11.89 105.28
CA LYS Q 195 28.11 -12.54 106.43
C LYS Q 195 29.11 -13.45 107.14
N ARG Q 196 29.87 -14.23 106.36
CA ARG Q 196 30.87 -15.15 106.89
C ARG Q 196 32.18 -14.52 107.38
N TYR Q 197 32.50 -13.33 106.85
CA TYR Q 197 33.73 -12.64 107.24
C TYR Q 197 33.56 -11.23 107.80
N LYS Q 198 33.87 -11.10 109.09
CA LYS Q 198 33.78 -9.83 109.83
C LYS Q 198 34.71 -8.74 109.29
N GLY Q 199 35.85 -9.17 108.74
CA GLY Q 199 36.88 -8.31 108.17
C GLY Q 199 36.70 -7.90 106.72
N LEU Q 200 35.59 -8.29 106.11
CA LEU Q 200 35.29 -7.90 104.73
C LEU Q 200 34.69 -6.49 104.80
N LEU Q 201 35.58 -5.50 104.83
CA LEU Q 201 35.23 -4.09 104.90
C LEU Q 201 35.48 -3.47 103.52
N PRO Q 202 34.44 -3.41 102.66
CA PRO Q 202 34.60 -2.87 101.30
C PRO Q 202 35.39 -1.57 101.20
N LYS Q 203 35.03 -0.56 102.00
CA LYS Q 203 35.70 0.73 102.01
C LYS Q 203 37.21 0.62 102.30
N ASP Q 204 37.55 -0.13 103.35
CA ASP Q 204 38.94 -0.34 103.78
C ASP Q 204 39.79 -1.09 102.75
N ILE Q 205 39.26 -2.18 102.21
CA ILE Q 205 39.95 -3.00 101.22
C ILE Q 205 40.05 -2.27 99.88
N ALA Q 206 38.97 -1.61 99.47
CA ALA Q 206 38.91 -0.85 98.21
C ALA Q 206 39.93 0.27 98.16
N ASN Q 207 40.11 0.97 99.28
CA ASN Q 207 41.08 2.05 99.39
C ASN Q 207 42.51 1.51 99.30
N SER Q 208 42.73 0.32 99.87
CA SER Q 208 44.03 -0.35 99.84
C SER Q 208 44.44 -0.69 98.41
N PHE Q 209 43.49 -1.19 97.63
CA PHE Q 209 43.73 -1.52 96.22
C PHE Q 209 43.91 -0.27 95.39
N TYR Q 210 43.12 0.76 95.67
CA TYR Q 210 43.22 2.06 95.02
C TYR Q 210 44.64 2.61 95.22
N GLU Q 211 45.14 2.50 96.45
CA GLU Q 211 46.48 2.94 96.84
C GLU Q 211 47.59 2.16 96.11
N VAL Q 212 47.46 0.82 96.09
CA VAL Q 212 48.45 -0.04 95.43
C VAL Q 212 48.54 0.19 93.91
N PHE Q 213 47.40 0.47 93.29
CA PHE Q 213 47.33 0.76 91.85
C PHE Q 213 47.86 2.16 91.52
N GLU Q 214 47.72 3.08 92.47
CA GLU Q 214 48.21 4.45 92.33
C GLU Q 214 49.73 4.50 92.54
N LYS Q 215 50.19 3.84 93.59
CA LYS Q 215 51.62 3.80 93.94
C LYS Q 215 52.43 2.90 93.00
N HIS Q 216 51.85 1.77 92.59
CA HIS Q 216 52.51 0.82 91.70
C HIS Q 216 51.66 0.54 90.47
N PRO Q 217 51.81 1.37 89.41
CA PRO Q 217 51.03 1.21 88.17
C PRO Q 217 51.27 -0.10 87.41
N HIS Q 218 52.40 -0.74 87.69
CA HIS Q 218 52.73 -2.03 87.07
C HIS Q 218 51.86 -3.15 87.64
N PHE Q 219 51.39 -2.96 88.87
CA PHE Q 219 50.52 -3.92 89.54
C PHE Q 219 49.13 -3.97 88.92
N ILE Q 220 48.71 -2.85 88.31
CA ILE Q 220 47.42 -2.80 87.62
C ILE Q 220 47.50 -3.66 86.35
N ASP Q 221 48.67 -3.66 85.71
CA ASP Q 221 48.95 -4.50 84.53
C ASP Q 221 48.96 -5.98 84.96
N VAL Q 222 49.55 -6.22 86.13
CA VAL Q 222 49.62 -7.56 86.72
C VAL Q 222 48.22 -8.09 87.02
N PHE Q 223 47.39 -7.25 87.67
CA PHE Q 223 46.02 -7.62 88.01
C PHE Q 223 45.13 -7.87 86.80
N VAL Q 224 45.20 -6.97 85.81
CA VAL Q 224 44.40 -7.10 84.58
C VAL Q 224 44.74 -8.41 83.87
N HIS Q 225 46.04 -8.70 83.74
CA HIS Q 225 46.50 -9.93 83.12
C HIS Q 225 46.20 -11.19 83.92
N PHE Q 226 46.14 -11.03 85.24
CA PHE Q 226 45.76 -12.13 86.13
C PHE Q 226 44.27 -12.43 85.91
N GLY Q 227 43.45 -11.37 85.94
CA GLY Q 227 42.01 -11.43 85.75
C GLY Q 227 41.61 -12.12 84.46
N ILE Q 228 42.34 -11.81 83.38
CA ILE Q 228 42.13 -12.43 82.06
C ILE Q 228 42.51 -13.91 82.13
N ALA Q 229 43.66 -14.20 82.76
CA ALA Q 229 44.17 -15.57 82.94
C ALA Q 229 43.23 -16.42 83.80
N GLN Q 230 42.66 -15.78 84.82
CA GLN Q 230 41.68 -16.37 85.73
C GLN Q 230 40.38 -16.61 84.96
N SER Q 231 39.98 -15.64 84.14
CA SER Q 231 38.77 -15.75 83.33
C SER Q 231 38.89 -16.69 82.12
N SER Q 232 40.10 -17.21 81.91
CA SER Q 232 40.39 -18.18 80.85
C SER Q 232 40.16 -19.62 81.30
N THR Q 233 39.93 -19.78 82.60
CA THR Q 233 39.69 -21.06 83.24
C THR Q 233 38.45 -21.79 82.70
N ARG Q 234 38.45 -23.12 82.85
CA ARG Q 234 37.37 -23.99 82.38
C ARG Q 234 36.14 -23.95 83.29
N GLY Q 235 36.39 -23.79 84.59
CA GLY Q 235 35.41 -23.74 85.64
C GLY Q 235 36.04 -23.36 86.97
N GLY Q 236 35.26 -23.37 88.03
CA GLY Q 236 35.73 -23.05 89.37
C GLY Q 236 34.64 -22.90 90.40
N SER Q 237 34.99 -22.25 91.51
CA SER Q 237 34.06 -22.01 92.62
C SER Q 237 33.09 -20.88 92.27
N ARG Q 238 32.08 -20.68 93.10
CA ARG Q 238 31.11 -19.61 92.88
C ARG Q 238 31.72 -18.22 93.08
N VAL Q 239 32.66 -18.14 94.04
CA VAL Q 239 33.41 -16.93 94.36
C VAL Q 239 34.30 -16.55 93.16
N GLU Q 240 34.87 -17.58 92.52
CA GLU Q 240 35.69 -17.42 91.32
C GLU Q 240 34.83 -16.97 90.13
N GLY Q 241 33.55 -17.36 90.16
CA GLY Q 241 32.56 -16.99 89.15
C GLY Q 241 32.14 -15.55 89.34
N ILE Q 242 32.00 -15.14 90.61
CA ILE Q 242 31.65 -13.76 91.00
C ILE Q 242 32.78 -12.84 90.51
N PHE Q 243 34.02 -13.21 90.83
CA PHE Q 243 35.20 -12.45 90.42
C PHE Q 243 35.23 -12.24 88.91
N ALA Q 244 35.08 -13.34 88.17
CA ALA Q 244 35.09 -13.34 86.71
C ALA Q 244 34.06 -12.39 86.11
N GLY Q 245 32.87 -12.37 86.72
CA GLY Q 245 31.76 -11.52 86.34
C GLY Q 245 32.07 -10.06 86.62
N LEU Q 246 32.54 -9.80 87.84
CA LEU Q 246 32.91 -8.45 88.28
C LEU Q 246 34.10 -7.89 87.50
N PHE Q 247 35.06 -8.76 87.16
CA PHE Q 247 36.24 -8.37 86.38
C PHE Q 247 35.83 -8.00 84.96
N MET Q 248 34.87 -8.74 84.40
CA MET Q 248 34.36 -8.46 83.07
C MET Q 248 33.49 -7.21 82.95
N ASN Q 249 33.04 -6.70 84.11
CA ASN Q 249 32.27 -5.46 84.17
C ASN Q 249 33.19 -4.28 83.84
N ALA Q 250 34.49 -4.48 84.08
CA ALA Q 250 35.52 -3.48 83.79
C ALA Q 250 35.78 -3.32 82.29
N TYR Q 251 35.53 -4.38 81.51
CA TYR Q 251 35.73 -4.34 80.06
C TYR Q 251 34.91 -3.21 79.45
N GLY Q 252 35.61 -2.29 78.78
CA GLY Q 252 35.02 -1.14 78.13
C GLY Q 252 34.85 0.09 79.00
N ALA Q 253 35.61 0.14 80.11
CA ALA Q 253 35.58 1.31 81.01
C ALA Q 253 36.42 2.42 80.41
N GLY Q 254 35.90 3.64 80.51
CA GLY Q 254 36.54 4.84 79.95
C GLY Q 254 36.17 5.00 78.49
N GLN Q 255 35.19 4.23 78.04
CA GLN Q 255 34.72 4.24 76.66
C GLN Q 255 33.21 3.96 76.57
N VAL Q 256 32.46 4.58 77.49
CA VAL Q 256 31.00 4.44 77.57
C VAL Q 256 30.30 5.13 76.39
N MET Q 257 30.92 6.20 75.89
CA MET Q 257 30.40 6.97 74.77
C MET Q 257 30.32 6.13 73.49
N LEU Q 258 31.25 5.18 73.37
CA LEU Q 258 31.32 4.26 72.24
C LEU Q 258 30.09 3.33 72.24
N ARG Q 259 29.72 2.85 73.42
CA ARG Q 259 28.58 1.96 73.59
C ARG Q 259 27.25 2.70 73.50
N TRP Q 260 27.24 3.93 74.02
CA TRP Q 260 26.05 4.79 73.98
C TRP Q 260 25.78 5.29 72.56
N GLY Q 261 26.83 5.33 71.74
CA GLY Q 261 26.77 5.71 70.34
C GLY Q 261 26.04 4.66 69.54
N VAL Q 262 26.32 3.38 69.85
CA VAL Q 262 25.66 2.24 69.20
C VAL Q 262 24.19 2.21 69.61
N LEU Q 263 23.93 2.60 70.86
CA LEU Q 263 22.56 2.66 71.41
C LEU Q 263 21.72 3.69 70.66
N ALA Q 264 22.27 4.89 70.46
CA ALA Q 264 21.62 5.99 69.74
C ALA Q 264 21.23 5.58 68.32
N LYS Q 265 22.11 4.79 67.68
CA LYS Q 265 21.89 4.24 66.35
C LYS Q 265 20.79 3.17 66.41
N SER Q 266 20.87 2.30 67.43
CA SER Q 266 19.91 1.21 67.63
C SER Q 266 18.48 1.69 67.89
N VAL Q 267 18.35 2.78 68.65
CA VAL Q 267 17.04 3.38 68.96
C VAL Q 267 16.57 4.32 67.84
N LYS Q 268 17.49 4.61 66.90
CA LYS Q 268 17.26 5.49 65.75
C LYS Q 268 16.88 6.91 66.14
N ASN Q 269 17.74 7.54 66.95
CA ASN Q 269 17.53 8.92 67.41
C ASN Q 269 17.69 9.85 66.21
N ILE Q 270 16.61 10.56 65.92
CA ILE Q 270 16.50 11.49 64.80
C ILE Q 270 17.67 12.49 64.62
N MET Q 271 18.16 13.00 65.74
CA MET Q 271 19.25 13.97 65.76
C MET Q 271 20.60 13.50 65.18
N LEU Q 272 20.71 12.20 64.89
CA LEU Q 272 21.90 11.61 64.28
C LEU Q 272 22.01 12.01 62.81
N GLY Q 273 20.86 12.30 62.20
CA GLY Q 273 20.75 12.71 60.81
C GLY Q 273 21.01 14.19 60.56
N HIS Q 274 21.22 14.95 61.63
CA HIS Q 274 21.50 16.39 61.56
C HIS Q 274 22.76 16.68 60.74
N ALA Q 275 22.71 17.78 60.01
CA ALA Q 275 23.81 18.22 59.13
C ALA Q 275 25.20 18.28 59.76
N SER Q 276 25.28 18.83 60.98
CA SER Q 276 26.55 18.95 61.70
C SER Q 276 27.05 17.62 62.26
N VAL Q 277 26.13 16.68 62.48
CA VAL Q 277 26.45 15.33 62.98
C VAL Q 277 26.94 14.48 61.80
N GLN Q 278 26.30 14.68 60.65
CA GLN Q 278 26.65 13.98 59.41
C GLN Q 278 28.04 14.33 58.87
N ALA Q 279 28.50 15.55 59.16
CA ALA Q 279 29.83 16.04 58.75
C ALA Q 279 30.94 15.27 59.48
N GLU Q 280 30.68 14.89 60.73
CA GLU Q 280 31.62 14.16 61.57
C GLU Q 280 31.66 12.67 61.27
N MET Q 281 30.56 12.15 60.71
CA MET Q 281 30.38 10.73 60.38
C MET Q 281 31.54 9.95 59.76
N GLU Q 282 32.22 10.57 58.79
CA GLU Q 282 33.38 9.97 58.11
C GLU Q 282 34.46 9.59 59.13
N GLN Q 283 34.71 10.50 60.07
CA GLN Q 283 35.71 10.32 61.11
C GLN Q 283 35.25 9.49 62.31
N VAL Q 284 33.95 9.51 62.63
CA VAL Q 284 33.42 8.71 63.75
C VAL Q 284 33.44 7.22 63.42
N VAL Q 285 33.28 6.92 62.13
CA VAL Q 285 33.32 5.54 61.62
C VAL Q 285 34.75 5.02 61.77
N GLU Q 286 35.73 5.88 61.49
CA GLU Q 286 37.16 5.55 61.61
C GLU Q 286 37.51 5.00 62.99
N VAL Q 287 37.02 5.67 64.04
CA VAL Q 287 37.24 5.25 65.43
C VAL Q 287 36.49 3.96 65.78
N TYR Q 288 35.26 3.82 65.28
CA TYR Q 288 34.46 2.61 65.48
C TYR Q 288 35.10 1.41 64.80
N GLU Q 289 35.61 1.63 63.59
CA GLU Q 289 36.32 0.60 62.82
C GLU Q 289 37.65 0.26 63.48
N TYR Q 290 38.26 1.26 64.14
CA TYR Q 290 39.50 1.08 64.89
C TYR Q 290 39.25 0.24 66.15
N ALA Q 291 38.12 0.51 66.81
CA ALA Q 291 37.68 -0.22 68.00
C ALA Q 291 37.35 -1.67 67.63
N GLN Q 292 36.77 -1.85 66.44
CA GLN Q 292 36.44 -3.17 65.89
C GLN Q 292 37.71 -3.94 65.57
N LYS Q 293 38.71 -3.23 65.04
CA LYS Q 293 40.01 -3.79 64.66
C LYS Q 293 40.78 -4.32 65.87
N LEU Q 294 40.84 -3.52 66.94
CA LEU Q 294 41.54 -3.89 68.18
C LEU Q 294 40.91 -5.07 68.90
N GLY Q 295 39.58 -5.16 68.84
CA GLY Q 295 38.80 -6.21 69.47
C GLY Q 295 38.89 -6.16 70.98
N GLY Q 296 39.12 -7.33 71.59
CA GLY Q 296 39.23 -7.53 73.02
C GLY Q 296 40.32 -6.71 73.71
N GLU Q 297 41.40 -6.47 72.97
CA GLU Q 297 42.57 -5.70 73.43
C GLU Q 297 42.17 -4.32 73.99
N ALA Q 298 41.27 -3.65 73.28
CA ALA Q 298 40.77 -2.32 73.60
C ALA Q 298 39.97 -2.18 74.91
N GLY Q 299 39.44 -3.30 75.42
CA GLY Q 299 38.64 -3.33 76.64
C GLY Q 299 39.27 -2.75 77.88
N PHE Q 300 40.56 -3.02 78.08
CA PHE Q 300 41.29 -2.54 79.25
C PHE Q 300 42.27 -1.39 78.96
N TYR Q 301 42.08 -0.73 77.80
CA TYR Q 301 42.90 0.39 77.36
C TYR Q 301 42.90 1.60 78.29
N HIS Q 302 41.80 1.81 79.01
CA HIS Q 302 41.70 2.94 79.94
C HIS Q 302 42.09 2.56 81.35
N ILE Q 303 41.77 1.32 81.73
CA ILE Q 303 42.10 0.77 83.06
C ILE Q 303 43.62 0.80 83.23
N LEU Q 304 44.34 0.13 82.34
CA LEU Q 304 45.80 0.23 82.25
C LEU Q 304 45.92 1.54 81.46
N ASN Q 305 46.79 2.45 81.85
CA ASN Q 305 46.88 3.71 81.10
C ASN Q 305 47.59 3.55 79.75
N ASN Q 306 46.93 2.81 78.86
CA ASN Q 306 47.43 2.53 77.52
C ASN Q 306 47.44 3.86 76.74
N PRO Q 307 48.56 4.16 76.06
CA PRO Q 307 48.72 5.41 75.29
C PRO Q 307 47.69 5.59 74.18
N LYS Q 308 47.31 4.48 73.57
CA LYS Q 308 46.35 4.46 72.47
C LYS Q 308 44.89 4.67 72.90
N ALA Q 309 44.64 4.71 74.22
CA ALA Q 309 43.29 4.91 74.77
C ALA Q 309 42.61 6.20 74.29
N SER Q 310 43.43 7.22 74.04
CA SER Q 310 42.99 8.53 73.56
C SER Q 310 42.35 8.44 72.17
N LEU Q 311 42.85 7.50 71.35
CA LEU Q 311 42.38 7.28 69.98
C LEU Q 311 40.94 6.81 69.86
N LEU Q 312 40.43 6.22 70.94
CA LEU Q 312 39.06 5.70 71.01
C LEU Q 312 38.03 6.76 71.42
N SER Q 313 38.48 7.99 71.65
CA SER Q 313 37.63 9.09 72.07
C SER Q 313 36.70 9.61 70.96
N LEU Q 314 35.45 9.86 71.35
CA LEU Q 314 34.42 10.43 70.46
C LEU Q 314 34.18 11.91 70.81
N THR Q 315 34.79 12.34 71.92
CA THR Q 315 34.75 13.72 72.44
C THR Q 315 35.28 14.72 71.40
N GLN Q 316 36.21 14.25 70.57
CA GLN Q 316 36.77 15.02 69.47
C GLN Q 316 35.74 15.40 68.39
N PHE Q 317 34.55 14.82 68.50
CA PHE Q 317 33.41 15.08 67.61
C PHE Q 317 32.27 15.67 68.48
N PRO Q 318 32.27 17.01 68.69
CA PRO Q 318 31.31 17.71 69.53
C PRO Q 318 29.83 17.45 69.23
N HIS Q 319 29.47 17.42 67.95
CA HIS Q 319 28.09 17.21 67.53
C HIS Q 319 27.56 15.81 67.79
N PHE Q 320 28.29 14.79 67.34
CA PHE Q 320 27.93 13.38 67.54
C PHE Q 320 27.89 13.00 69.02
N SER Q 321 28.87 13.47 69.78
CA SER Q 321 28.95 13.22 71.22
C SER Q 321 27.74 13.77 71.97
N SER Q 322 27.29 14.95 71.54
CA SER Q 322 26.14 15.64 72.13
C SER Q 322 24.82 14.92 71.93
N VAL Q 323 24.56 14.45 70.70
CA VAL Q 323 23.35 13.68 70.39
C VAL Q 323 23.36 12.33 71.12
N VAL Q 324 24.55 11.73 71.20
CA VAL Q 324 24.79 10.46 71.90
C VAL Q 324 24.53 10.62 73.40
N LEU Q 325 25.04 11.72 73.97
CA LEU Q 325 24.85 12.04 75.39
C LEU Q 325 23.41 12.44 75.69
N GLY Q 326 22.76 13.08 74.72
CA GLY Q 326 21.36 13.50 74.79
C GLY Q 326 20.45 12.29 74.84
N ASN Q 327 20.67 11.37 73.89
CA ASN Q 327 19.93 10.12 73.81
C ASN Q 327 20.03 9.30 75.10
N ALA Q 328 21.23 9.30 75.69
CA ALA Q 328 21.52 8.62 76.96
C ALA Q 328 20.76 9.25 78.13
N ALA Q 329 20.58 10.58 78.08
CA ALA Q 329 19.86 11.32 79.10
C ALA Q 329 18.34 11.15 78.94
N GLY Q 330 17.89 11.15 77.69
CA GLY Q 330 16.49 10.99 77.31
C GLY Q 330 15.95 9.61 77.65
N LEU Q 331 16.82 8.61 77.53
CA LEU Q 331 16.49 7.22 77.87
C LEU Q 331 16.67 6.97 79.37
N GLY Q 332 17.17 8.00 80.08
CA GLY Q 332 17.40 7.99 81.51
C GLY Q 332 18.45 6.98 81.97
N ILE Q 333 19.50 6.82 81.19
CA ILE Q 333 20.57 5.86 81.49
C ILE Q 333 21.87 6.44 82.06
N MET Q 334 22.04 7.75 81.96
CA MET Q 334 23.21 8.44 82.52
C MET Q 334 22.90 9.00 83.93
N GLY Q 335 23.81 9.80 84.48
CA GLY Q 335 23.64 10.41 85.79
C GLY Q 335 24.09 9.48 86.91
N GLU Q 336 25.05 9.90 87.73
CA GLU Q 336 25.71 11.20 87.64
C GLU Q 336 26.99 11.13 86.80
N TYR Q 337 26.81 10.98 85.49
CA TYR Q 337 27.91 10.93 84.53
C TYR Q 337 28.43 12.35 84.35
N ARG Q 338 29.72 12.55 84.65
CA ARG Q 338 30.36 13.86 84.58
C ARG Q 338 30.75 14.37 83.19
N GLY Q 339 30.11 13.80 82.15
CA GLY Q 339 30.32 14.20 80.77
C GLY Q 339 29.41 15.35 80.41
N THR Q 340 29.99 16.37 79.79
CA THR Q 340 29.28 17.59 79.40
C THR Q 340 29.20 17.67 77.86
N PRO Q 341 27.99 17.95 77.31
CA PRO Q 341 27.86 18.08 75.86
C PRO Q 341 28.43 19.41 75.35
N ARG Q 342 29.26 19.34 74.30
CA ARG Q 342 29.88 20.51 73.70
C ARG Q 342 28.85 21.38 72.95
N ASN Q 343 27.85 20.73 72.35
CA ASN Q 343 26.76 21.40 71.65
C ASN Q 343 25.50 21.18 72.50
N GLN Q 344 25.07 22.22 73.19
CA GLN Q 344 23.90 22.14 74.07
C GLN Q 344 22.58 21.94 73.34
N ASP Q 345 22.41 22.65 72.23
CA ASP Q 345 21.19 22.59 71.41
C ASP Q 345 20.90 21.20 70.84
N LEU Q 346 21.95 20.52 70.38
CA LEU Q 346 21.86 19.16 69.84
C LEU Q 346 21.55 18.14 70.92
N TYR Q 347 22.11 18.36 72.11
CA TYR Q 347 21.91 17.50 73.28
C TYR Q 347 20.43 17.55 73.71
N ASP Q 348 19.91 18.78 73.86
CA ASP Q 348 18.52 19.03 74.26
C ASP Q 348 17.51 18.46 73.27
N ALA Q 349 17.84 18.57 71.98
CA ALA Q 349 17.00 18.05 70.90
C ALA Q 349 16.98 16.52 70.89
N ALA Q 350 18.13 15.91 71.17
CA ALA Q 350 18.28 14.46 71.23
C ALA Q 350 17.65 13.88 72.48
N LYS Q 351 17.75 14.61 73.60
CA LYS Q 351 17.16 14.23 74.88
C LYS Q 351 15.64 14.21 74.77
N ALA Q 352 15.09 15.22 74.07
CA ALA Q 352 13.66 15.37 73.83
C ALA Q 352 13.09 14.22 73.00
N TYR Q 353 13.79 13.88 71.91
CA TYR Q 353 13.36 12.79 71.02
C TYR Q 353 13.44 11.42 71.70
N ALA Q 354 14.49 11.22 72.50
CA ALA Q 354 14.70 9.98 73.24
C ALA Q 354 13.62 9.77 74.32
N GLU Q 355 13.15 10.87 74.90
CA GLU Q 355 12.07 10.86 75.89
C GLU Q 355 10.74 10.49 75.23
N GLN Q 356 10.58 10.89 73.96
CA GLN Q 356 9.40 10.58 73.16
C GLN Q 356 9.43 9.12 72.67
N LEU Q 357 10.63 8.56 72.53
CA LEU Q 357 10.82 7.17 72.09
C LEU Q 357 10.34 6.16 73.11
N LYS Q 358 10.51 6.49 74.39
CA LYS Q 358 10.08 5.61 75.49
C LYS Q 358 8.58 5.70 75.85
N GLU Q 359 7.81 6.33 74.97
CA GLU Q 359 6.36 6.48 75.11
C GLU Q 359 5.62 5.75 73.98
N ASN Q 360 6.24 5.73 72.80
CA ASN Q 360 5.70 5.07 71.61
C ASN Q 360 6.12 3.60 71.56
N GLY Q 361 6.07 3.00 70.37
CA GLY Q 361 6.45 1.61 70.16
C GLY Q 361 5.45 0.86 69.31
N VAL Q 362 5.65 0.91 67.99
CA VAL Q 362 4.78 0.23 67.02
C VAL Q 362 5.44 -1.08 66.56
N ILE Q 363 4.61 -2.11 66.37
CA ILE Q 363 5.06 -3.44 65.96
C ILE Q 363 5.42 -3.47 64.47
N ASN Q 364 6.64 -3.96 64.18
CA ASN Q 364 7.13 -4.11 62.82
C ASN Q 364 6.92 -5.57 62.40
N TYR Q 365 5.84 -5.80 61.65
CA TYR Q 365 5.42 -7.12 61.21
C TYR Q 365 6.26 -7.76 60.10
N SER Q 366 7.06 -6.93 59.42
CA SER Q 366 7.95 -7.38 58.34
C SER Q 366 9.15 -8.20 58.83
N VAL Q 367 9.52 -7.99 60.10
CA VAL Q 367 10.64 -8.69 60.75
C VAL Q 367 10.34 -10.17 60.95
N LEU Q 368 9.13 -10.47 61.41
CA LEU Q 368 8.66 -11.84 61.65
C LEU Q 368 8.42 -12.58 60.33
N ASP Q 369 8.68 -13.89 60.34
CA ASP Q 369 8.50 -14.75 59.17
C ASP Q 369 7.05 -15.25 59.01
N LEU Q 370 6.11 -14.30 59.05
CA LEU Q 370 4.68 -14.58 58.95
C LEU Q 370 4.25 -14.96 57.53
N THR Q 371 3.39 -15.98 57.44
CA THR Q 371 2.88 -16.49 56.16
C THR Q 371 1.52 -15.82 55.83
N ALA Q 372 0.44 -16.55 56.01
CA ALA Q 372 -0.92 -16.04 55.77
C ALA Q 372 -1.35 -15.23 56.98
N GLU Q 373 -1.37 -13.91 56.81
CA GLU Q 373 -1.71 -12.97 57.87
C GLU Q 373 -3.20 -12.65 57.98
N GLU Q 374 -3.74 -12.92 59.17
CA GLU Q 374 -5.13 -12.69 59.52
C GLU Q 374 -5.19 -11.89 60.83
N LEU Q 375 -4.04 -11.33 61.22
CA LEU Q 375 -3.87 -10.56 62.45
C LEU Q 375 -4.57 -9.21 62.45
N ALA R 2 29.01 5.82 57.14
CA ALA R 2 27.65 5.29 57.27
C ALA R 2 27.32 4.93 58.72
N LEU R 3 26.05 5.16 59.10
CA LEU R 3 25.56 4.85 60.44
C LEU R 3 25.44 3.34 60.68
N SER R 4 25.59 2.56 59.62
CA SER R 4 25.55 1.09 59.69
C SER R 4 26.86 0.59 60.29
N LYS R 5 27.93 1.35 60.06
CA LYS R 5 29.28 1.03 60.52
C LYS R 5 29.50 1.28 62.02
N VAL R 6 28.66 2.12 62.62
CA VAL R 6 28.73 2.41 64.07
C VAL R 6 28.19 1.24 64.90
N LYS R 7 29.08 0.26 65.11
CA LYS R 7 28.79 -0.95 65.87
C LYS R 7 30.05 -1.45 66.59
N LEU R 8 29.84 -2.33 67.57
CA LEU R 8 30.92 -2.92 68.35
C LEU R 8 30.44 -4.24 68.93
N ASN R 9 31.09 -5.34 68.51
CA ASN R 9 30.71 -6.67 68.98
C ASN R 9 31.44 -7.03 70.27
N ASP R 10 30.95 -6.46 71.38
CA ASP R 10 31.53 -6.66 72.71
C ASP R 10 31.55 -8.12 73.18
N THR R 11 30.48 -8.87 72.85
CA THR R 11 30.36 -10.28 73.23
C THR R 11 31.47 -11.14 72.62
N LEU R 12 31.69 -10.95 71.31
CA LEU R 12 32.72 -11.67 70.57
C LEU R 12 34.14 -11.26 70.97
N ASN R 13 34.33 -9.95 71.15
CA ASN R 13 35.63 -9.38 71.54
C ASN R 13 36.07 -9.80 72.95
N LYS R 14 35.11 -9.85 73.89
CA LYS R 14 35.38 -10.28 75.26
C LYS R 14 35.87 -11.73 75.30
N ASP R 15 35.21 -12.57 74.50
CA ASP R 15 35.57 -13.98 74.36
C ASP R 15 36.96 -14.11 73.73
N GLN R 16 37.21 -13.30 72.68
CA GLN R 16 38.49 -13.26 71.97
C GLN R 16 39.64 -12.95 72.93
N LEU R 17 39.40 -11.98 73.83
CA LEU R 17 40.38 -11.57 74.85
C LEU R 17 40.73 -12.72 75.80
N LEU R 18 39.70 -13.46 76.22
CA LEU R 18 39.87 -14.59 77.14
C LEU R 18 40.43 -15.84 76.48
N SER R 19 40.08 -16.04 75.22
CA SER R 19 40.56 -17.19 74.44
C SER R 19 42.03 -17.03 74.06
N SER R 20 42.49 -15.79 73.95
CA SER R 20 43.87 -15.47 73.56
C SER R 20 44.75 -14.96 74.70
N SER R 21 44.65 -15.57 75.88
CA SER R 21 45.46 -15.19 77.03
C SER R 21 46.88 -15.71 76.87
N LYS R 22 47.86 -14.82 77.06
CA LYS R 22 49.28 -15.17 76.93
C LYS R 22 49.82 -15.84 78.21
N TYR R 23 49.10 -15.65 79.32
CA TYR R 23 49.50 -16.15 80.64
C TYR R 23 48.43 -17.02 81.26
N THR R 24 48.84 -17.84 82.24
CA THR R 24 47.96 -18.81 82.90
C THR R 24 48.07 -18.86 84.42
N ILE R 25 46.94 -19.14 85.06
CA ILE R 25 46.89 -19.33 86.52
C ILE R 25 46.75 -20.80 86.88
N GLN R 26 47.34 -21.19 88.01
CA GLN R 26 47.27 -22.55 88.52
C GLN R 26 46.86 -22.53 89.97
N ARG R 27 45.76 -23.20 90.27
CA ARG R 27 45.14 -23.21 91.60
C ARG R 27 45.54 -24.42 92.45
N SER R 28 45.73 -24.16 93.74
CA SER R 28 46.07 -25.21 94.70
C SER R 28 44.77 -25.86 95.20
N THR R 29 44.63 -27.17 94.95
CA THR R 29 43.46 -27.95 95.34
C THR R 29 43.34 -28.17 96.85
N GLY R 30 44.49 -28.15 97.52
CA GLY R 30 44.60 -28.36 98.94
C GLY R 30 45.85 -29.19 99.19
N ASP R 31 45.69 -30.29 99.93
CA ASP R 31 46.82 -31.15 100.26
C ASP R 31 47.02 -32.36 99.34
N SER R 32 45.99 -33.19 99.20
CA SER R 32 46.06 -34.40 98.36
C SER R 32 44.71 -34.82 97.80
N ILE R 33 44.75 -35.35 96.57
CA ILE R 33 43.58 -35.89 95.89
C ILE R 33 43.85 -37.36 95.56
N ASP R 34 42.92 -38.22 95.96
CA ASP R 34 43.00 -39.66 95.68
C ASP R 34 42.68 -39.84 94.20
N THR R 35 43.60 -40.45 93.48
CA THR R 35 43.44 -40.73 92.06
C THR R 35 43.41 -42.25 91.85
N PRO R 36 42.22 -42.87 92.03
CA PRO R 36 42.17 -44.34 91.85
C PRO R 36 42.21 -44.75 90.40
N ASN R 37 42.94 -45.84 90.13
CA ASN R 37 43.06 -46.38 88.79
C ASN R 37 42.05 -47.51 88.61
N TYR R 38 42.00 -48.05 87.39
CA TYR R 38 41.07 -49.12 86.99
C TYR R 38 41.08 -50.37 87.89
N ASP R 39 42.23 -50.68 88.48
CA ASP R 39 42.39 -51.83 89.37
C ASP R 39 41.52 -51.79 90.62
N VAL R 40 41.26 -50.57 91.09
CA VAL R 40 40.48 -50.29 92.29
C VAL R 40 38.97 -50.09 92.02
N GLN R 41 38.63 -49.95 90.73
CA GLN R 41 37.25 -49.72 90.25
C GLN R 41 36.20 -50.69 90.78
N LYS R 42 36.50 -51.99 90.71
CA LYS R 42 35.61 -53.05 91.17
C LYS R 42 35.34 -52.96 92.67
N HIS R 43 36.37 -52.61 93.44
CA HIS R 43 36.29 -52.45 94.88
C HIS R 43 35.37 -51.28 95.29
N ILE R 44 35.45 -50.18 94.54
CA ILE R 44 34.62 -48.99 94.79
C ILE R 44 33.16 -49.30 94.46
N ASN R 45 32.93 -50.06 93.40
CA ASN R 45 31.58 -50.47 93.00
C ASN R 45 30.93 -51.31 94.10
N LYS R 46 31.73 -52.17 94.73
CA LYS R 46 31.30 -53.01 95.85
C LYS R 46 30.96 -52.14 97.05
N LEU R 47 31.77 -51.10 97.28
CA LEU R 47 31.56 -50.13 98.35
C LEU R 47 30.28 -49.32 98.14
N CYS R 48 30.00 -49.00 96.87
CA CYS R 48 28.79 -48.28 96.46
C CYS R 48 27.57 -49.16 96.73
N GLY R 49 27.71 -50.45 96.40
CA GLY R 49 26.69 -51.48 96.61
C GLY R 49 26.38 -51.71 98.06
N MET R 50 27.42 -51.61 98.91
CA MET R 50 27.29 -51.77 100.36
C MET R 50 26.39 -50.69 100.96
N LEU R 51 26.52 -49.46 100.45
CA LEU R 51 25.70 -48.32 100.88
C LEU R 51 24.27 -48.46 100.35
N LEU R 52 24.14 -49.05 99.16
CA LEU R 52 22.85 -49.26 98.52
C LEU R 52 22.01 -50.37 99.16
N ILE R 53 22.67 -51.39 99.72
CA ILE R 53 21.96 -52.49 100.39
C ILE R 53 21.59 -52.14 101.83
N THR R 54 22.33 -51.19 102.42
CA THR R 54 22.12 -50.73 103.79
C THR R 54 20.82 -49.95 103.95
N GLU R 55 19.92 -50.52 104.75
CA GLU R 55 18.63 -49.89 105.08
C GLU R 55 18.95 -48.72 106.02
N ASP R 56 18.46 -47.53 105.64
CA ASP R 56 18.71 -46.27 106.37
C ASP R 56 20.22 -46.01 106.51
N ALA R 57 20.89 -45.99 105.36
CA ALA R 57 22.34 -45.81 105.26
C ALA R 57 22.79 -44.38 105.55
N ASN R 58 24.03 -44.26 106.01
CA ASN R 58 24.66 -42.97 106.28
C ASN R 58 25.34 -42.53 104.99
N HIS R 59 24.66 -41.65 104.26
CA HIS R 59 25.16 -41.13 102.98
C HIS R 59 26.02 -39.88 103.11
N LYS R 60 26.77 -39.78 104.21
CA LYS R 60 27.66 -38.65 104.49
C LYS R 60 28.86 -38.67 103.55
N PHE R 61 29.26 -39.88 103.13
CA PHE R 61 30.44 -40.09 102.31
C PHE R 61 30.17 -40.53 100.88
N THR R 62 28.90 -40.74 100.55
CA THR R 62 28.46 -41.19 99.22
C THR R 62 28.84 -40.25 98.07
N GLY R 63 28.83 -38.95 98.33
CA GLY R 63 29.21 -37.93 97.36
C GLY R 63 30.67 -38.09 96.97
N LEU R 64 31.52 -38.31 97.98
CA LEU R 64 32.95 -38.53 97.80
C LEU R 64 33.24 -39.92 97.18
N ILE R 65 32.54 -40.94 97.67
CA ILE R 65 32.66 -42.33 97.16
C ILE R 65 32.26 -42.38 95.68
N GLY R 66 31.19 -41.65 95.35
CA GLY R 66 30.68 -41.52 93.99
C GLY R 66 31.74 -40.92 93.08
N MET R 67 32.43 -39.89 93.59
CA MET R 67 33.52 -39.23 92.87
C MET R 67 34.70 -40.16 92.63
N LEU R 68 34.99 -41.00 93.62
CA LEU R 68 36.07 -41.98 93.53
C LEU R 68 35.79 -43.02 92.45
N TYR R 69 34.52 -43.43 92.33
CA TYR R 69 34.10 -44.38 91.30
C TYR R 69 34.24 -43.78 89.90
N ALA R 70 33.85 -42.51 89.76
CA ALA R 70 33.96 -41.79 88.49
C ALA R 70 35.42 -41.64 88.08
N MET R 71 36.28 -41.41 89.08
CA MET R 71 37.72 -41.27 88.87
C MET R 71 38.38 -42.61 88.52
N SER R 72 37.87 -43.69 89.13
CA SER R 72 38.37 -45.05 88.87
C SER R 72 37.98 -45.56 87.49
N ARG R 73 36.90 -45.00 86.94
CA ARG R 73 36.43 -45.30 85.60
C ARG R 73 37.31 -44.57 84.59
N LEU R 74 37.69 -43.33 84.93
CA LEU R 74 38.58 -42.51 84.11
C LEU R 74 40.02 -43.05 84.17
N GLY R 75 40.42 -43.52 85.36
CA GLY R 75 41.72 -44.08 85.63
C GLY R 75 42.78 -43.02 85.89
N ARG R 76 43.56 -43.22 86.96
CA ARG R 76 44.64 -42.32 87.42
C ARG R 76 45.20 -41.31 86.41
N GLU R 77 45.75 -41.82 85.31
CA GLU R 77 46.35 -41.00 84.25
C GLU R 77 45.42 -39.92 83.70
N ASP R 78 44.22 -40.32 83.27
CA ASP R 78 43.22 -39.41 82.74
C ASP R 78 42.67 -38.42 83.78
N THR R 79 42.35 -38.90 84.98
CA THR R 79 41.87 -38.03 86.05
C THR R 79 42.85 -36.91 86.45
N ILE R 80 44.15 -37.24 86.51
CA ILE R 80 45.22 -36.26 86.77
C ILE R 80 45.25 -35.23 85.63
N LYS R 81 45.14 -35.72 84.41
CA LYS R 81 45.11 -34.89 83.20
C LYS R 81 43.94 -33.90 83.23
N ILE R 82 42.75 -34.37 83.62
CA ILE R 82 41.56 -33.50 83.70
C ILE R 82 41.69 -32.43 84.79
N LEU R 83 42.37 -32.79 85.89
CA LEU R 83 42.62 -31.87 87.00
C LEU R 83 43.62 -30.79 86.62
N ARG R 84 44.66 -31.19 85.87
CA ARG R 84 45.70 -30.26 85.41
C ARG R 84 45.19 -29.35 84.29
N ASP R 85 44.39 -29.89 83.38
CA ASP R 85 43.79 -29.13 82.29
C ASP R 85 42.77 -28.10 82.79
N ALA R 86 42.12 -28.41 83.91
CA ALA R 86 41.15 -27.53 84.55
C ALA R 86 41.81 -26.32 85.20
N GLY R 87 43.09 -26.48 85.56
CA GLY R 87 43.90 -25.44 86.16
C GLY R 87 44.22 -25.66 87.63
N TYR R 88 44.45 -26.91 87.99
CA TYR R 88 44.75 -27.28 89.38
C TYR R 88 46.08 -28.00 89.57
N HIS R 89 46.76 -27.64 90.66
CA HIS R 89 48.02 -28.25 91.07
C HIS R 89 47.66 -29.46 91.91
N VAL R 90 47.97 -30.65 91.41
CA VAL R 90 47.59 -31.88 92.09
C VAL R 90 48.67 -32.80 92.66
N LYS R 91 48.51 -33.10 93.96
CA LYS R 91 49.36 -34.04 94.68
C LYS R 91 48.53 -35.32 94.69
N ALA R 92 48.80 -36.18 93.72
CA ALA R 92 48.07 -37.42 93.52
C ALA R 92 48.36 -38.47 94.57
N ASN R 93 47.29 -39.04 95.12
CA ASN R 93 47.37 -40.11 96.11
C ASN R 93 46.98 -41.43 95.43
N GLY R 94 47.89 -42.41 95.47
CA GLY R 94 47.68 -43.72 94.89
C GLY R 94 46.80 -44.59 95.75
N VAL R 95 45.69 -45.04 95.17
CA VAL R 95 44.72 -45.88 95.87
C VAL R 95 45.05 -47.36 95.65
N ASP R 96 45.33 -48.06 96.75
CA ASP R 96 45.67 -49.48 96.74
C ASP R 96 44.78 -50.24 97.73
N VAL R 97 44.58 -51.53 97.47
CA VAL R 97 43.77 -52.39 98.34
C VAL R 97 44.68 -53.07 99.37
N THR R 98 44.32 -52.91 100.65
CA THR R 98 45.05 -53.50 101.78
C THR R 98 44.07 -54.20 102.72
N THR R 99 44.54 -55.26 103.35
CA THR R 99 43.74 -56.02 104.30
C THR R 99 43.96 -55.48 105.72
N HIS R 100 42.87 -55.06 106.36
CA HIS R 100 42.91 -54.51 107.71
C HIS R 100 42.27 -55.47 108.70
N ARG R 101 43.03 -55.79 109.75
CA ARG R 101 42.56 -56.69 110.82
C ARG R 101 42.20 -55.88 112.06
N GLN R 102 40.94 -55.99 112.45
CA GLN R 102 40.40 -55.29 113.62
C GLN R 102 39.39 -56.19 114.33
N ASP R 103 39.50 -56.25 115.65
CA ASP R 103 38.60 -57.06 116.48
C ASP R 103 37.31 -56.35 116.87
N ILE R 104 36.26 -56.63 116.09
CA ILE R 104 34.93 -56.07 116.31
C ILE R 104 34.13 -57.09 117.13
N ASN R 105 33.66 -56.63 118.29
CA ASN R 105 32.90 -57.44 119.27
C ASN R 105 33.68 -58.66 119.78
N GLY R 106 34.98 -58.46 120.03
CA GLY R 106 35.91 -59.47 120.51
C GLY R 106 36.57 -60.29 119.41
N LYS R 107 35.76 -60.75 118.45
CA LYS R 107 36.21 -61.57 117.33
C LYS R 107 37.02 -60.74 116.32
N GLU R 108 38.24 -61.20 116.04
CA GLU R 108 39.13 -60.53 115.08
C GLU R 108 38.61 -60.74 113.67
N MET R 109 38.41 -59.62 112.96
CA MET R 109 37.86 -59.63 111.61
C MET R 109 38.77 -59.01 110.57
N LYS R 110 38.67 -59.52 109.34
CA LYS R 110 39.44 -59.03 108.20
C LYS R 110 38.56 -58.19 107.28
N PHE R 111 39.14 -57.09 106.78
CA PHE R 111 38.44 -56.18 105.88
C PHE R 111 39.35 -55.72 104.75
N GLU R 112 38.78 -55.64 103.55
CA GLU R 112 39.50 -55.15 102.38
C GLU R 112 39.20 -53.66 102.27
N VAL R 113 40.22 -52.86 102.57
CA VAL R 113 40.09 -51.39 102.56
C VAL R 113 40.98 -50.73 101.51
N LEU R 114 40.66 -49.47 101.19
CA LEU R 114 41.42 -48.68 100.23
C LEU R 114 42.28 -47.65 100.94
N THR R 115 43.48 -47.42 100.40
CA THR R 115 44.40 -46.42 100.96
C THR R 115 43.99 -45.04 100.47
N LEU R 116 42.99 -44.48 101.14
CA LEU R 116 42.42 -43.19 100.80
C LEU R 116 42.73 -42.15 101.87
N ALA R 117 43.01 -40.93 101.43
CA ALA R 117 43.27 -39.79 102.32
C ALA R 117 41.95 -39.18 102.75
N SER R 118 41.04 -39.03 101.80
CA SER R 118 39.71 -38.47 102.00
C SER R 118 38.80 -39.35 102.86
N LEU R 119 39.01 -40.67 102.78
CA LEU R 119 38.21 -41.63 103.52
C LEU R 119 39.05 -42.50 104.46
N THR R 120 38.71 -42.45 105.74
CA THR R 120 39.39 -43.20 106.79
C THR R 120 39.10 -44.70 106.67
N THR R 121 40.09 -45.51 107.04
CA THR R 121 39.95 -46.98 107.05
C THR R 121 38.94 -47.40 108.12
N GLU R 122 38.82 -46.58 109.16
CA GLU R 122 37.90 -46.79 110.27
C GLU R 122 36.45 -46.55 109.82
N ILE R 123 36.26 -45.61 108.90
CA ILE R 123 34.92 -45.31 108.39
C ILE R 123 34.51 -46.26 107.26
N GLN R 124 35.51 -46.79 106.56
CA GLN R 124 35.33 -47.75 105.46
C GLN R 124 34.81 -49.08 105.99
N ILE R 125 35.37 -49.54 107.11
CA ILE R 125 34.99 -50.80 107.76
C ILE R 125 33.56 -50.74 108.29
N ASN R 126 33.15 -49.56 108.76
CA ASN R 126 31.80 -49.32 109.27
C ASN R 126 30.72 -49.39 108.19
N ILE R 127 31.10 -49.07 106.94
CA ILE R 127 30.20 -49.16 105.79
C ILE R 127 29.94 -50.65 105.51
N GLU R 128 31.00 -51.45 105.59
CA GLU R 128 30.94 -52.91 105.40
C GLU R 128 30.20 -53.59 106.57
N ILE R 129 30.45 -53.11 107.80
CA ILE R 129 29.82 -53.62 109.01
C ILE R 129 28.29 -53.47 108.96
N GLU R 130 27.82 -52.26 108.66
CA GLU R 130 26.39 -51.95 108.59
C GLU R 130 25.69 -52.61 107.39
N SER R 131 26.45 -52.87 106.32
CA SER R 131 25.93 -53.53 105.13
C SER R 131 25.68 -55.01 105.39
N ARG R 132 26.61 -55.65 106.12
CA ARG R 132 26.53 -57.06 106.51
C ARG R 132 25.30 -57.31 107.39
N LYS R 133 24.98 -56.33 108.25
CA LYS R 133 23.80 -56.37 109.12
C LYS R 133 22.53 -56.37 108.27
N SER R 134 22.49 -55.47 107.28
CA SER R 134 21.38 -55.32 106.34
C SER R 134 21.27 -56.51 105.37
N TYR R 135 22.41 -57.15 105.11
CA TYR R 135 22.48 -58.30 104.21
C TYR R 135 21.94 -59.56 104.88
N LYS R 136 22.29 -59.77 106.16
CA LYS R 136 21.83 -60.94 106.91
C LYS R 136 20.33 -60.86 107.24
N LYS R 137 19.83 -59.64 107.39
CA LYS R 137 18.41 -59.36 107.63
C LYS R 137 17.63 -59.63 106.34
N MET R 138 18.26 -59.29 105.22
CA MET R 138 17.71 -59.49 103.87
C MET R 138 17.72 -60.98 103.50
N LEU R 139 18.76 -61.68 103.96
CA LEU R 139 18.91 -63.12 103.73
C LEU R 139 17.89 -63.92 104.56
N LYS R 140 17.53 -63.37 105.73
CA LYS R 140 16.54 -63.96 106.62
C LYS R 140 15.11 -63.78 106.10
N GLU R 141 14.90 -62.69 105.36
CA GLU R 141 13.59 -62.33 104.79
C GLU R 141 13.24 -63.06 103.48
N MET R 142 14.22 -63.20 102.58
CA MET R 142 14.01 -63.83 101.28
C MET R 142 14.73 -65.16 101.02
N GLY R 143 15.45 -65.66 102.02
CA GLY R 143 16.18 -66.91 101.93
C GLY R 143 17.45 -66.79 101.11
N GLU R 144 17.28 -66.65 99.80
CA GLU R 144 18.38 -66.50 98.84
C GLU R 144 18.28 -65.12 98.19
N VAL R 145 19.39 -64.39 98.18
CA VAL R 145 19.45 -63.05 97.60
C VAL R 145 19.85 -63.04 96.12
N ALA R 146 18.94 -62.54 95.29
CA ALA R 146 19.11 -62.45 93.84
C ALA R 146 20.25 -61.50 93.44
N PRO R 147 20.82 -61.66 92.21
CA PRO R 147 21.91 -60.77 91.76
C PRO R 147 21.54 -59.28 91.67
N GLU R 148 20.25 -59.00 91.52
CA GLU R 148 19.72 -57.63 91.42
C GLU R 148 19.73 -56.91 92.76
N TYR R 149 19.50 -57.66 93.84
CA TYR R 149 19.42 -57.12 95.20
C TYR R 149 20.73 -56.97 95.95
N ARG R 150 21.80 -57.59 95.42
CA ARG R 150 23.12 -57.59 96.06
C ARG R 150 24.08 -56.45 95.69
N HIS R 151 25.09 -56.27 96.55
CA HIS R 151 26.14 -55.25 96.40
C HIS R 151 27.15 -55.51 95.27
N ASP R 152 27.25 -56.78 94.85
CA ASP R 152 28.16 -57.23 93.80
C ASP R 152 27.84 -56.64 92.42
N SER R 153 26.55 -56.41 92.15
CA SER R 153 26.05 -55.91 90.87
C SER R 153 26.86 -54.76 90.28
N PRO R 154 27.20 -54.84 88.97
CA PRO R 154 27.98 -53.81 88.27
C PRO R 154 27.28 -52.45 88.16
N ASP R 155 25.96 -52.47 88.31
CA ASP R 155 25.12 -51.27 88.23
C ASP R 155 25.33 -50.31 89.41
N CYS R 156 25.62 -50.88 90.58
CA CYS R 156 25.81 -50.16 91.85
C CYS R 156 26.49 -48.79 91.81
N GLY R 157 27.71 -48.74 91.29
CA GLY R 157 28.47 -47.50 91.17
C GLY R 157 27.75 -46.47 90.33
N MET R 158 27.26 -46.90 89.18
CA MET R 158 26.52 -46.04 88.24
C MET R 158 25.15 -45.59 88.74
N ILE R 159 24.53 -46.41 89.59
CA ILE R 159 23.23 -46.08 90.21
C ILE R 159 23.42 -44.84 91.09
N ILE R 160 24.50 -44.84 91.88
CA ILE R 160 24.86 -43.71 92.73
C ILE R 160 25.18 -42.47 91.89
N LEU R 161 25.91 -42.66 90.78
CA LEU R 161 26.25 -41.58 89.87
C LEU R 161 25.06 -41.05 89.07
N CYS R 162 23.95 -41.80 89.07
CA CYS R 162 22.72 -41.39 88.38
C CYS R 162 22.08 -40.20 89.10
N ILE R 163 22.09 -40.23 90.44
CA ILE R 163 21.58 -39.09 91.20
C ILE R 163 22.55 -37.93 91.22
N ALA R 164 23.84 -38.23 90.97
CA ALA R 164 24.89 -37.21 90.86
C ALA R 164 24.66 -36.41 89.57
N ALA R 165 24.14 -37.09 88.54
CA ALA R 165 23.79 -36.48 87.26
C ALA R 165 22.55 -35.59 87.42
N LEU R 166 21.68 -35.97 88.36
CA LEU R 166 20.47 -35.21 88.67
C LEU R 166 20.82 -33.94 89.47
N VAL R 167 21.83 -34.05 90.33
CA VAL R 167 22.33 -32.92 91.14
C VAL R 167 22.96 -31.91 90.18
N ILE R 168 23.77 -32.42 89.25
CA ILE R 168 24.44 -31.63 88.23
C ILE R 168 23.44 -30.90 87.32
N THR R 169 22.26 -31.52 87.15
CA THR R 169 21.16 -31.00 86.35
C THR R 169 20.58 -29.69 86.94
N LYS R 170 20.58 -29.62 88.27
CA LYS R 170 20.03 -28.48 89.01
C LYS R 170 21.07 -27.57 89.71
N LEU R 171 22.35 -27.70 89.33
CA LEU R 171 23.43 -26.89 89.90
C LEU R 171 23.43 -25.44 89.44
N ALA R 172 22.74 -25.16 88.33
CA ALA R 172 22.63 -23.83 87.73
C ALA R 172 22.01 -22.80 88.67
N ALA R 173 21.10 -23.26 89.53
CA ALA R 173 20.45 -22.41 90.54
C ALA R 173 21.45 -21.99 91.63
N GLY R 174 22.41 -22.88 91.91
CA GLY R 174 23.50 -22.69 92.85
C GLY R 174 23.13 -22.45 94.30
N ASP R 175 22.08 -23.14 94.79
CA ASP R 175 21.61 -22.97 96.17
C ASP R 175 20.88 -24.18 96.77
N ARG R 176 21.01 -25.35 96.15
CA ARG R 176 20.34 -26.60 96.58
C ARG R 176 18.81 -26.58 96.47
N SER R 177 18.28 -25.56 95.79
CA SER R 177 16.84 -25.40 95.59
C SER R 177 16.23 -26.52 94.73
N GLY R 178 17.03 -27.03 93.81
CA GLY R 178 16.66 -28.11 92.90
C GLY R 178 16.43 -29.47 93.55
N LEU R 179 16.92 -29.65 94.78
CA LEU R 179 16.80 -30.90 95.54
C LEU R 179 15.44 -31.60 95.47
N THR R 180 14.36 -30.82 95.55
CA THR R 180 12.99 -31.33 95.46
C THR R 180 12.75 -32.01 94.11
N ALA R 181 13.18 -31.36 93.03
CA ALA R 181 13.08 -31.87 91.66
C ALA R 181 14.01 -33.06 91.47
N VAL R 182 15.17 -33.02 92.13
CA VAL R 182 16.18 -34.08 92.07
C VAL R 182 15.58 -35.38 92.63
N ILE R 183 14.91 -35.27 93.79
CA ILE R 183 14.24 -36.40 94.45
C ILE R 183 13.07 -36.89 93.58
N ARG R 184 12.23 -35.95 93.15
CA ARG R 184 11.06 -36.23 92.30
C ARG R 184 11.43 -37.07 91.08
N ARG R 185 12.43 -36.60 90.32
CA ARG R 185 12.91 -37.29 89.12
C ARG R 185 13.57 -38.63 89.41
N ALA R 186 14.28 -38.70 90.55
CA ALA R 186 14.94 -39.93 91.01
C ALA R 186 13.93 -41.03 91.35
N ASN R 187 12.66 -40.64 91.47
CA ASN R 187 11.57 -41.56 91.76
C ASN R 187 10.84 -42.01 90.49
N ASN R 188 10.65 -41.08 89.55
CA ASN R 188 9.99 -41.36 88.25
C ASN R 188 10.93 -42.23 87.42
N VAL R 189 12.13 -41.71 87.18
CA VAL R 189 13.23 -42.43 86.51
C VAL R 189 13.85 -43.16 87.70
N LEU R 190 14.63 -44.22 87.46
CA LEU R 190 15.33 -44.95 88.54
C LEU R 190 14.40 -45.64 89.57
N LYS R 191 13.16 -45.92 89.17
CA LYS R 191 12.16 -46.55 90.03
C LYS R 191 12.46 -48.02 90.34
N ASN R 192 12.91 -48.75 89.32
CA ASN R 192 13.28 -50.16 89.42
C ASN R 192 14.52 -50.34 90.30
N GLU R 193 15.44 -49.38 90.22
CA GLU R 193 16.68 -49.36 90.99
C GLU R 193 16.42 -49.18 92.48
N MET R 194 15.40 -48.37 92.79
CA MET R 194 14.98 -48.10 94.18
C MET R 194 14.32 -49.31 94.82
N LYS R 195 13.70 -50.15 93.98
CA LYS R 195 13.04 -51.38 94.41
C LYS R 195 14.08 -52.40 94.89
N ARG R 196 15.16 -52.54 94.11
CA ARG R 196 16.23 -53.48 94.43
C ARG R 196 17.20 -53.03 95.53
N TYR R 197 17.29 -51.72 95.77
CA TYR R 197 18.19 -51.19 96.79
C TYR R 197 17.52 -50.32 97.85
N LYS R 198 17.52 -50.84 99.09
CA LYS R 198 16.94 -50.18 100.27
C LYS R 198 17.63 -48.86 100.62
N GLY R 199 18.93 -48.78 100.32
CA GLY R 199 19.79 -47.64 100.58
C GLY R 199 19.79 -46.55 99.53
N LEU R 200 18.98 -46.70 98.49
CA LEU R 200 18.87 -45.68 97.45
C LEU R 200 17.92 -44.60 97.97
N LEU R 201 18.48 -43.67 98.75
CA LEU R 201 17.75 -42.58 99.36
C LEU R 201 18.10 -41.30 98.59
N PRO R 202 17.28 -40.92 97.58
CA PRO R 202 17.55 -39.73 96.76
C PRO R 202 17.96 -38.48 97.53
N LYS R 203 17.19 -38.11 98.55
CA LYS R 203 17.48 -36.93 99.39
C LYS R 203 18.87 -37.00 100.03
N ASP R 204 19.18 -38.13 100.66
CA ASP R 204 20.45 -38.36 101.36
C ASP R 204 21.66 -38.34 100.43
N ILE R 205 21.57 -39.05 99.30
CA ILE R 205 22.65 -39.12 98.31
C ILE R 205 22.81 -37.79 97.57
N ALA R 206 21.69 -37.15 97.21
CA ALA R 206 21.69 -35.85 96.51
C ALA R 206 22.36 -34.75 97.31
N ASN R 207 22.11 -34.74 98.63
CA ASN R 207 22.72 -33.76 99.52
C ASN R 207 24.22 -33.99 99.64
N SER R 208 24.64 -35.26 99.63
CA SER R 208 26.04 -35.65 99.69
C SER R 208 26.81 -35.12 98.49
N PHE R 209 26.21 -35.26 97.31
CA PHE R 209 26.81 -34.76 96.06
C PHE R 209 26.81 -33.23 96.01
N TYR R 210 25.72 -32.62 96.49
CA TYR R 210 25.61 -31.17 96.59
C TYR R 210 26.75 -30.63 97.46
N GLU R 211 26.99 -31.32 98.59
CA GLU R 211 28.06 -30.98 99.53
C GLU R 211 29.45 -31.11 98.91
N VAL R 212 29.72 -32.23 98.24
CA VAL R 212 31.01 -32.49 97.58
C VAL R 212 31.34 -31.49 96.47
N PHE R 213 30.31 -31.06 95.73
CA PHE R 213 30.46 -30.07 94.66
C PHE R 213 30.65 -28.66 95.20
N GLU R 214 30.08 -28.39 96.38
CA GLU R 214 30.20 -27.10 97.05
C GLU R 214 31.57 -26.99 97.73
N LYS R 215 31.97 -28.03 98.44
CA LYS R 215 33.24 -28.07 99.15
C LYS R 215 34.45 -28.23 98.21
N HIS R 216 34.29 -29.03 97.16
CA HIS R 216 35.35 -29.28 96.19
C HIS R 216 34.88 -28.98 94.77
N PRO R 217 35.01 -27.70 94.33
CA PRO R 217 34.57 -27.27 92.99
C PRO R 217 35.30 -27.96 91.83
N HIS R 218 36.49 -28.49 92.10
CA HIS R 218 37.27 -29.21 91.10
C HIS R 218 36.65 -30.56 90.77
N PHE R 219 35.89 -31.11 91.72
CA PHE R 219 35.19 -32.39 91.54
C PHE R 219 34.02 -32.27 90.57
N ILE R 220 33.45 -31.07 90.47
CA ILE R 220 32.38 -30.82 89.52
C ILE R 220 32.94 -30.87 88.09
N ASP R 221 34.18 -30.38 87.92
CA ASP R 221 34.90 -30.44 86.65
C ASP R 221 35.22 -31.89 86.32
N VAL R 222 35.61 -32.64 87.35
CA VAL R 222 35.91 -34.07 87.23
C VAL R 222 34.68 -34.84 86.79
N PHE R 223 33.55 -34.60 87.46
CA PHE R 223 32.29 -35.26 87.14
C PHE R 223 31.76 -34.95 85.74
N VAL R 224 31.78 -33.66 85.37
CA VAL R 224 31.32 -33.21 84.04
C VAL R 224 32.13 -33.90 82.94
N HIS R 225 33.46 -33.91 83.11
CA HIS R 225 34.36 -34.56 82.16
C HIS R 225 34.26 -36.07 82.14
N PHE R 226 33.88 -36.66 83.28
CA PHE R 226 33.65 -38.10 83.37
C PHE R 226 32.37 -38.42 82.59
N GLY R 227 31.30 -37.65 82.86
CA GLY R 227 30.01 -37.79 82.22
C GLY R 227 30.08 -37.74 80.71
N ILE R 228 30.89 -36.82 80.20
CA ILE R 228 31.12 -36.66 78.75
C ILE R 228 31.89 -37.89 78.23
N ALA R 229 32.92 -38.32 78.97
CA ALA R 229 33.73 -39.50 78.64
C ALA R 229 32.91 -40.78 78.65
N GLN R 230 31.99 -40.86 79.62
CA GLN R 230 31.05 -41.97 79.78
C GLN R 230 30.05 -41.93 78.63
N SER R 231 29.57 -40.75 78.28
CA SER R 231 28.63 -40.57 77.18
C SER R 231 29.25 -40.71 75.78
N SER R 232 30.58 -40.89 75.74
CA SER R 232 31.32 -41.07 74.50
C SER R 232 31.41 -42.56 74.11
N THR R 233 30.99 -43.41 75.06
CA THR R 233 30.97 -44.86 74.91
C THR R 233 30.12 -45.35 73.72
N ARG R 234 30.44 -46.55 73.24
CA ARG R 234 29.76 -47.17 72.11
C ARG R 234 28.40 -47.77 72.49
N GLY R 235 28.31 -48.28 73.72
CA GLY R 235 27.15 -48.96 74.26
C GLY R 235 27.36 -49.25 75.74
N GLY R 236 26.42 -49.97 76.35
CA GLY R 236 26.51 -50.26 77.78
C GLY R 236 25.23 -50.82 78.38
N SER R 237 25.16 -50.82 79.71
CA SER R 237 24.00 -51.30 80.45
C SER R 237 22.86 -50.30 80.38
N ARG R 238 21.67 -50.70 80.84
CA ARG R 238 20.52 -49.81 80.85
C ARG R 238 20.67 -48.67 81.86
N VAL R 239 21.34 -48.98 82.98
CA VAL R 239 21.65 -48.03 84.06
C VAL R 239 22.64 -46.97 83.52
N GLU R 240 23.58 -47.43 82.69
CA GLU R 240 24.55 -46.56 82.03
C GLU R 240 23.86 -45.67 80.99
N GLY R 241 22.77 -46.17 80.42
CA GLY R 241 21.93 -45.46 79.47
C GLY R 241 21.10 -44.40 80.17
N ILE R 242 20.61 -44.74 81.36
CA ILE R 242 19.83 -43.84 82.21
C ILE R 242 20.73 -42.66 82.60
N PHE R 243 21.94 -42.97 83.08
CA PHE R 243 22.93 -41.97 83.47
C PHE R 243 23.20 -41.00 82.32
N ALA R 244 23.50 -41.55 81.15
CA ALA R 244 23.82 -40.77 79.95
C ALA R 244 22.70 -39.80 79.58
N GLY R 245 21.46 -40.26 79.72
CA GLY R 245 20.26 -39.48 79.46
C GLY R 245 20.10 -38.37 80.47
N LEU R 246 20.22 -38.73 81.75
CA LEU R 246 20.13 -37.78 82.86
C LEU R 246 21.24 -36.74 82.86
N PHE R 247 22.45 -37.17 82.46
CA PHE R 247 23.61 -36.29 82.37
C PHE R 247 23.41 -35.28 81.24
N MET R 248 22.82 -35.73 80.14
CA MET R 248 22.55 -34.86 79.01
C MET R 248 21.41 -33.86 79.23
N ASN R 249 20.61 -34.09 80.28
CA ASN R 249 19.54 -33.19 80.67
C ASN R 249 20.15 -31.90 81.24
N ALA R 250 21.38 -32.03 81.75
CA ALA R 250 22.14 -30.91 82.31
C ALA R 250 22.65 -29.96 81.23
N TYR R 251 22.86 -30.46 80.00
CA TYR R 251 23.33 -29.65 78.88
C TYR R 251 22.37 -28.47 78.65
N GLY R 252 22.91 -27.27 78.75
CA GLY R 252 22.17 -26.03 78.56
C GLY R 252 21.51 -25.48 79.82
N ALA R 253 21.98 -25.92 80.99
CA ALA R 253 21.45 -25.42 82.26
C ALA R 253 22.07 -24.06 82.55
N GLY R 254 21.25 -23.14 83.04
CA GLY R 254 21.63 -21.77 83.33
C GLY R 254 21.55 -20.90 82.09
N GLN R 255 20.91 -21.44 81.05
CA GLN R 255 20.75 -20.76 79.77
C GLN R 255 19.42 -21.16 79.10
N VAL R 256 18.37 -21.21 79.91
CA VAL R 256 17.02 -21.56 79.45
C VAL R 256 16.40 -20.45 78.58
N MET R 257 16.80 -19.21 78.86
CA MET R 257 16.34 -18.03 78.13
C MET R 257 16.74 -18.08 76.65
N LEU R 258 17.90 -18.70 76.39
CA LEU R 258 18.45 -18.88 75.05
C LEU R 258 17.55 -19.80 74.24
N ARG R 259 17.09 -20.89 74.87
CA ARG R 259 16.22 -21.87 74.24
C ARG R 259 14.78 -21.37 74.10
N TRP R 260 14.33 -20.60 75.10
CA TRP R 260 13.00 -20.00 75.09
C TRP R 260 12.89 -18.88 74.06
N GLY R 261 14.04 -18.28 73.74
CA GLY R 261 14.16 -17.23 72.74
C GLY R 261 13.92 -17.80 71.35
N VAL R 262 14.46 -19.00 71.11
CA VAL R 262 14.30 -19.71 69.83
C VAL R 262 12.84 -20.13 69.69
N LEU R 263 12.22 -20.50 70.82
CA LEU R 263 10.81 -20.90 70.88
C LEU R 263 9.89 -19.75 70.47
N ALA R 264 10.13 -18.56 71.04
CA ALA R 264 9.37 -17.34 70.75
C ALA R 264 9.41 -17.00 69.27
N LYS R 265 10.58 -17.21 68.64
CA LYS R 265 10.80 -17.02 67.22
C LYS R 265 10.03 -18.07 66.43
N SER R 266 10.12 -19.33 66.88
CA SER R 266 9.48 -20.47 66.24
C SER R 266 7.95 -20.39 66.24
N VAL R 267 7.37 -19.89 67.33
CA VAL R 267 5.93 -19.71 67.45
C VAL R 267 5.47 -18.39 66.82
N LYS R 268 6.44 -17.55 66.47
CA LYS R 268 6.23 -16.23 65.85
C LYS R 268 5.41 -15.28 66.72
N ASN R 269 5.88 -15.07 67.95
CA ASN R 269 5.22 -14.17 68.91
C ASN R 269 5.36 -12.75 68.40
N ILE R 270 4.21 -12.13 68.16
CA ILE R 270 4.10 -10.76 67.63
C ILE R 270 4.95 -9.69 68.30
N MET R 271 5.05 -9.77 69.63
CA MET R 271 5.82 -8.83 70.44
C MET R 271 7.32 -8.75 70.16
N LEU R 272 7.84 -9.68 69.36
CA LEU R 272 9.24 -9.71 68.95
C LEU R 272 9.54 -8.59 67.96
N GLY R 273 8.50 -8.17 67.22
CA GLY R 273 8.57 -7.11 66.23
C GLY R 273 8.48 -5.70 66.80
N HIS R 274 8.24 -5.60 68.11
CA HIS R 274 8.13 -4.32 68.81
C HIS R 274 9.40 -3.48 68.66
N ALA R 275 9.22 -2.16 68.56
CA ALA R 275 10.30 -1.20 68.37
C ALA R 275 11.47 -1.30 69.36
N SER R 276 11.15 -1.46 70.65
CA SER R 276 12.17 -1.59 71.70
C SER R 276 12.89 -2.94 71.72
N VAL R 277 12.22 -3.96 71.16
CA VAL R 277 12.78 -5.31 71.05
C VAL R 277 13.71 -5.35 69.82
N GLN R 278 13.30 -4.66 68.76
CA GLN R 278 14.07 -4.55 67.52
C GLN R 278 15.40 -3.80 67.68
N ALA R 279 15.44 -2.87 68.63
CA ALA R 279 16.64 -2.09 68.94
C ALA R 279 17.74 -2.97 69.52
N GLU R 280 17.34 -3.97 70.30
CA GLU R 280 18.26 -4.90 70.95
C GLU R 280 18.75 -6.01 70.00
N MET R 281 17.96 -6.28 68.96
CA MET R 281 18.25 -7.34 67.98
C MET R 281 19.67 -7.52 67.47
N GLU R 282 20.35 -6.42 67.16
CA GLU R 282 21.73 -6.42 66.67
C GLU R 282 22.64 -7.13 67.68
N GLN R 283 22.45 -6.82 68.96
CA GLN R 283 23.22 -7.39 70.05
C GLN R 283 22.77 -8.78 70.52
N VAL R 284 21.48 -9.08 70.39
CA VAL R 284 20.97 -10.41 70.77
C VAL R 284 21.44 -11.49 69.80
N VAL R 285 21.64 -11.10 68.54
CA VAL R 285 22.14 -11.99 67.50
C VAL R 285 23.60 -12.33 67.81
N GLU R 286 24.36 -11.33 68.29
CA GLU R 286 25.76 -11.49 68.68
C GLU R 286 25.96 -12.64 69.68
N VAL R 287 25.11 -12.68 70.71
CA VAL R 287 25.14 -13.73 71.73
C VAL R 287 24.71 -15.10 71.18
N TYR R 288 23.69 -15.09 70.32
CA TYR R 288 23.22 -16.33 69.68
C TYR R 288 24.28 -16.91 68.75
N GLU R 289 24.95 -16.02 68.01
CA GLU R 289 26.05 -16.40 67.11
C GLU R 289 27.26 -16.87 67.92
N TYR R 290 27.43 -16.29 69.12
CA TYR R 290 28.50 -16.68 70.05
C TYR R 290 28.22 -18.08 70.61
N ALA R 291 26.95 -18.34 70.94
CA ALA R 291 26.50 -19.63 71.44
C ALA R 291 26.66 -20.70 70.36
N GLN R 292 26.39 -20.30 69.11
CA GLN R 292 26.54 -21.16 67.93
C GLN R 292 28.01 -21.49 67.70
N LYS R 293 28.87 -20.48 67.90
CA LYS R 293 30.32 -20.60 67.73
C LYS R 293 30.94 -21.59 68.73
N LEU R 294 30.56 -21.46 70.01
CA LEU R 294 31.07 -22.32 71.07
C LEU R 294 30.65 -23.78 70.93
N GLY R 295 29.43 -23.99 70.42
CA GLY R 295 28.87 -25.31 70.21
C GLY R 295 28.62 -26.04 71.51
N GLY R 296 29.04 -27.31 71.54
CA GLY R 296 28.91 -28.22 72.68
C GLY R 296 29.57 -27.75 73.96
N GLU R 297 30.67 -27.02 73.80
CA GLU R 297 31.46 -26.46 74.90
C GLU R 297 30.61 -25.65 75.89
N ALA R 298 29.72 -24.83 75.33
CA ALA R 298 28.82 -23.93 76.06
C ALA R 298 27.78 -24.60 76.96
N GLY R 299 27.48 -25.87 76.70
CA GLY R 299 26.48 -26.64 77.43
C GLY R 299 26.67 -26.72 78.94
N PHE R 300 27.92 -26.88 79.38
CA PHE R 300 28.24 -26.99 80.80
C PHE R 300 28.92 -25.76 81.40
N TYR R 301 28.78 -24.63 80.69
CA TYR R 301 29.34 -23.34 81.10
C TYR R 301 28.84 -22.81 82.44
N HIS R 302 27.59 -23.13 82.79
CA HIS R 302 27.02 -22.69 84.05
C HIS R 302 27.19 -23.70 85.17
N ILE R 303 27.14 -24.99 84.81
CA ILE R 303 27.33 -26.11 85.74
C ILE R 303 28.72 -25.97 86.38
N LEU R 304 29.76 -25.97 85.54
CA LEU R 304 31.13 -25.65 85.98
C LEU R 304 31.05 -24.13 85.97
N ASN R 305 31.54 -23.45 86.99
CA ASN R 305 31.44 -21.99 86.99
C ASN R 305 32.42 -21.33 86.02
N ASN R 306 32.18 -21.57 84.74
CA ASN R 306 33.00 -21.02 83.65
C ASN R 306 32.81 -19.51 83.62
N PRO R 307 33.92 -18.76 83.56
CA PRO R 307 33.90 -17.28 83.55
C PRO R 307 33.11 -16.68 82.40
N LYS R 308 33.17 -17.34 81.24
CA LYS R 308 32.50 -16.92 80.03
C LYS R 308 30.97 -17.14 80.03
N ALA R 309 30.46 -17.83 81.06
CA ALA R 309 29.02 -18.12 81.20
C ALA R 309 28.14 -16.87 81.18
N SER R 310 28.69 -15.77 81.71
CA SER R 310 28.02 -14.47 81.79
C SER R 310 27.73 -13.91 80.39
N LEU R 311 28.61 -14.21 79.44
CA LEU R 311 28.51 -13.74 78.05
C LEU R 311 27.31 -14.27 77.28
N LEU R 312 26.77 -15.39 77.74
CA LEU R 312 25.60 -16.04 77.13
C LEU R 312 24.26 -15.49 77.64
N SER R 313 24.31 -14.52 78.54
CA SER R 313 23.11 -13.91 79.14
C SER R 313 22.33 -13.01 78.18
N LEU R 314 21.01 -13.16 78.22
CA LEU R 314 20.08 -12.34 77.44
C LEU R 314 19.38 -11.32 78.35
N THR R 315 19.61 -11.46 79.66
CA THR R 315 19.09 -10.57 80.71
C THR R 315 19.54 -9.12 80.50
N GLN R 316 20.71 -8.96 79.87
CA GLN R 316 21.27 -7.65 79.49
C GLN R 316 20.40 -6.91 78.46
N PHE R 317 19.41 -7.61 77.91
CA PHE R 317 18.46 -7.07 76.95
C PHE R 317 17.05 -7.17 77.57
N PRO R 318 16.65 -6.16 78.38
CA PRO R 318 15.37 -6.12 79.09
C PRO R 318 14.12 -6.38 78.26
N HIS R 319 14.04 -5.78 77.08
CA HIS R 319 12.89 -5.91 76.19
C HIS R 319 12.71 -7.30 75.59
N PHE R 320 13.78 -7.82 74.97
CA PHE R 320 13.77 -9.16 74.37
C PHE R 320 13.54 -10.26 75.40
N SER R 321 14.18 -10.14 76.56
CA SER R 321 14.02 -11.10 77.66
C SER R 321 12.58 -11.18 78.14
N SER R 322 11.93 -10.01 78.21
CA SER R 322 10.54 -9.89 78.66
C SER R 322 9.53 -10.56 77.73
N VAL R 323 9.66 -10.34 76.42
CA VAL R 323 8.80 -10.99 75.42
C VAL R 323 9.02 -12.50 75.40
N VAL R 324 10.29 -12.90 75.57
CA VAL R 324 10.71 -14.31 75.63
C VAL R 324 10.11 -15.00 76.86
N LEU R 325 10.18 -14.30 78.00
CA LEU R 325 9.62 -14.79 79.27
C LEU R 325 8.10 -14.80 79.24
N GLY R 326 7.51 -13.83 78.54
CA GLY R 326 6.08 -13.69 78.35
C GLY R 326 5.53 -14.85 77.54
N ASN R 327 6.18 -15.11 76.41
CA ASN R 327 5.83 -16.21 75.51
C ASN R 327 5.88 -17.56 76.23
N ALA R 328 6.89 -17.73 77.10
CA ALA R 328 7.09 -18.92 77.91
C ALA R 328 5.97 -19.10 78.95
N ALA R 329 5.46 -17.98 79.45
CA ALA R 329 4.36 -17.99 80.43
C ALA R 329 3.01 -18.24 79.73
N GLY R 330 2.83 -17.63 78.55
CA GLY R 330 1.64 -17.75 77.74
C GLY R 330 1.44 -19.16 77.20
N LEU R 331 2.55 -19.83 76.91
CA LEU R 331 2.55 -21.21 76.44
C LEU R 331 2.49 -22.19 77.62
N GLY R 332 2.54 -21.63 78.84
CA GLY R 332 2.46 -22.36 80.10
C GLY R 332 3.61 -23.31 80.34
N ILE R 333 4.81 -22.91 79.94
CA ILE R 333 6.01 -23.74 80.08
C ILE R 333 6.97 -23.38 81.23
N MET R 334 6.79 -22.20 81.82
CA MET R 334 7.59 -21.78 82.97
C MET R 334 6.86 -22.09 84.29
N GLY R 335 7.39 -21.58 85.41
CA GLY R 335 6.80 -21.79 86.72
C GLY R 335 7.25 -23.09 87.36
N GLU R 336 7.88 -23.05 88.54
CA GLU R 336 8.16 -21.82 89.27
C GLU R 336 9.56 -21.28 88.94
N TYR R 337 9.70 -20.74 87.74
CA TYR R 337 10.94 -20.15 87.26
C TYR R 337 11.09 -18.78 87.94
N ARG R 338 12.18 -18.61 88.68
CA ARG R 338 12.45 -17.39 89.45
C ARG R 338 12.96 -16.18 88.64
N GLY R 339 12.72 -16.20 87.33
CA GLY R 339 13.09 -15.11 86.44
C GLY R 339 12.00 -14.06 86.39
N THR R 340 12.41 -12.80 86.55
CA THR R 340 11.49 -11.66 86.55
C THR R 340 11.70 -10.81 85.30
N PRO R 341 10.60 -10.42 84.60
CA PRO R 341 10.73 -9.57 83.41
C PRO R 341 11.01 -8.12 83.79
N ARG R 342 12.03 -7.53 83.15
CA ARG R 342 12.42 -6.14 83.40
C ARG R 342 11.38 -5.15 82.86
N ASN R 343 10.74 -5.51 81.76
CA ASN R 343 9.66 -4.72 81.14
C ASN R 343 8.37 -5.50 81.34
N GLN R 344 7.54 -5.04 82.27
CA GLN R 344 6.28 -5.72 82.60
C GLN R 344 5.23 -5.67 81.48
N ASP R 345 5.11 -4.51 80.84
CA ASP R 345 4.15 -4.29 79.75
C ASP R 345 4.37 -5.21 78.54
N LEU R 346 5.64 -5.40 78.18
CA LEU R 346 6.03 -6.27 77.06
C LEU R 346 5.80 -7.74 77.39
N TYR R 347 6.02 -8.11 78.65
CA TYR R 347 5.81 -9.46 79.15
C TYR R 347 4.33 -9.83 79.06
N ASP R 348 3.47 -8.95 79.59
CA ASP R 348 2.02 -9.13 79.60
C ASP R 348 1.42 -9.21 78.21
N ALA R 349 1.96 -8.41 77.30
CA ALA R 349 1.53 -8.38 75.90
C ALA R 349 1.93 -9.66 75.16
N ALA R 350 3.12 -10.18 75.48
CA ALA R 350 3.65 -11.42 74.89
C ALA R 350 2.95 -12.64 75.45
N LYS R 351 2.63 -12.59 76.75
CA LYS R 351 1.91 -13.67 77.44
C LYS R 351 0.49 -13.80 76.86
N ALA R 352 -0.14 -12.66 76.60
CA ALA R 352 -1.47 -12.59 76.01
C ALA R 352 -1.54 -13.20 74.61
N TYR R 353 -0.57 -12.82 73.77
CA TYR R 353 -0.49 -13.32 72.40
C TYR R 353 -0.18 -14.83 72.34
N ALA R 354 0.69 -15.28 73.24
CA ALA R 354 1.06 -16.70 73.34
C ALA R 354 -0.11 -17.57 73.78
N GLU R 355 -0.97 -17.00 74.63
CA GLU R 355 -2.19 -17.67 75.10
C GLU R 355 -3.20 -17.80 73.97
N GLN R 356 -3.20 -16.82 73.06
CA GLN R 356 -4.06 -16.82 71.88
C GLN R 356 -3.55 -17.78 70.80
N LEU R 357 -2.23 -18.03 70.80
CA LEU R 357 -1.58 -18.94 69.85
C LEU R 357 -1.98 -20.39 70.07
N LYS R 358 -2.17 -20.78 71.34
CA LYS R 358 -2.57 -22.14 71.71
C LYS R 358 -4.07 -22.44 71.58
N GLU R 359 -4.79 -21.54 70.90
CA GLU R 359 -6.22 -21.68 70.63
C GLU R 359 -6.47 -21.80 69.12
N ASN R 360 -5.66 -21.11 68.33
CA ASN R 360 -5.74 -21.12 66.87
C ASN R 360 -4.92 -22.27 66.27
N GLY R 361 -4.55 -22.15 64.98
CA GLY R 361 -3.75 -23.14 64.27
C GLY R 361 -4.32 -23.46 62.90
N VAL R 362 -3.86 -22.72 61.90
CA VAL R 362 -4.32 -22.89 60.51
C VAL R 362 -3.28 -23.69 59.72
N ILE R 363 -3.77 -24.56 58.83
CA ILE R 363 -2.93 -25.42 57.99
C ILE R 363 -2.29 -24.63 56.85
N ASN R 364 -0.96 -24.75 56.74
CA ASN R 364 -0.20 -24.12 55.67
C ASN R 364 0.05 -25.17 54.58
N TYR R 365 -0.77 -25.11 53.53
CA TYR R 365 -0.76 -26.05 52.42
C TYR R 365 0.43 -25.93 51.44
N SER R 366 1.11 -24.78 51.49
CA SER R 366 2.26 -24.50 50.64
C SER R 366 3.51 -25.30 51.03
N VAL R 367 3.57 -25.73 52.29
CA VAL R 367 4.69 -26.51 52.84
C VAL R 367 4.74 -27.92 52.22
N LEU R 368 3.58 -28.56 52.12
CA LEU R 368 3.44 -29.90 51.55
C LEU R 368 3.63 -29.88 50.03
N ASP R 369 4.22 -30.96 49.51
CA ASP R 369 4.49 -31.11 48.08
C ASP R 369 3.27 -31.63 47.29
N LEU R 370 2.13 -30.96 47.49
CA LEU R 370 0.86 -31.32 46.86
C LEU R 370 0.82 -30.96 45.37
N THR R 371 0.28 -31.89 44.56
CA THR R 371 0.17 -31.72 43.11
C THR R 371 -1.20 -31.14 42.75
N ALA R 372 -2.10 -31.98 42.22
CA ALA R 372 -3.45 -31.58 41.85
C ALA R 372 -4.31 -31.56 43.11
N GLU R 373 -4.62 -30.36 43.58
CA GLU R 373 -5.38 -30.17 44.81
C GLU R 373 -6.90 -30.13 44.62
N GLU R 374 -7.57 -31.03 45.32
CA GLU R 374 -9.02 -31.19 45.30
C GLU R 374 -9.52 -31.23 46.76
N LEU R 375 -8.65 -30.80 47.68
CA LEU R 375 -8.93 -30.79 49.11
C LEU R 375 -9.97 -29.77 49.56
N GLU R 376 -10.11 -28.70 48.80
CA GLU R 376 -11.10 -27.65 49.08
C GLU R 376 -12.54 -28.19 48.98
N ALA R 377 -12.71 -29.24 48.20
CA ALA R 377 -13.98 -29.93 48.02
C ALA R 377 -14.20 -30.92 49.18
N ALA S 2 18.94 -9.99 62.44
CA ALA S 2 17.79 -10.68 61.88
C ALA S 2 17.30 -11.79 62.80
N LEU S 3 15.99 -11.98 62.83
CA LEU S 3 15.35 -13.03 63.64
C LEU S 3 15.61 -14.44 63.10
N SER S 4 16.18 -14.51 61.89
CA SER S 4 16.56 -15.78 61.26
C SER S 4 17.82 -16.34 61.91
N LYS S 5 18.64 -15.41 62.41
CA LYS S 5 19.92 -15.72 63.07
C LYS S 5 19.76 -16.29 64.49
N VAL S 6 18.62 -16.02 65.13
CA VAL S 6 18.33 -16.53 66.47
C VAL S 6 17.99 -18.03 66.44
N LYS S 7 19.05 -18.83 66.42
CA LYS S 7 18.96 -20.29 66.38
C LYS S 7 20.13 -20.93 67.14
N LEU S 8 19.97 -22.21 67.46
CA LEU S 8 20.98 -22.99 68.18
C LEU S 8 20.76 -24.47 67.89
N ASN S 9 21.74 -25.10 67.25
CA ASN S 9 21.63 -26.52 66.89
C ASN S 9 22.14 -27.40 68.03
N ASP S 10 21.29 -27.54 69.06
CA ASP S 10 21.61 -28.34 70.24
C ASP S 10 21.91 -29.81 69.97
N THR S 11 21.18 -30.41 69.02
CA THR S 11 21.34 -31.82 68.64
C THR S 11 22.75 -32.09 68.09
N LEU S 12 23.18 -31.23 67.17
CA LEU S 12 24.51 -31.33 66.54
C LEU S 12 25.64 -31.02 67.51
N ASN S 13 25.44 -29.99 68.32
CA ASN S 13 26.42 -29.55 69.32
C ASN S 13 26.65 -30.57 70.43
N LYS S 14 25.57 -31.22 70.89
CA LYS S 14 25.64 -32.25 71.92
C LYS S 14 26.47 -33.45 71.43
N ASP S 15 26.24 -33.83 70.17
CA ASP S 15 26.99 -34.90 69.51
C ASP S 15 28.47 -34.52 69.37
N GLN S 16 28.71 -33.27 68.95
CA GLN S 16 30.04 -32.70 68.79
C GLN S 16 30.84 -32.79 70.10
N LEU S 17 30.18 -32.47 71.21
CA LEU S 17 30.77 -32.53 72.56
C LEU S 17 31.20 -33.95 72.93
N LEU S 18 30.34 -34.92 72.61
CA LEU S 18 30.60 -36.33 72.90
C LEU S 18 31.61 -36.98 71.96
N SER S 19 31.60 -36.55 70.70
CA SER S 19 32.52 -37.06 69.69
C SER S 19 33.95 -36.54 69.90
N SER S 20 34.07 -35.37 70.53
CA SER S 20 35.35 -34.74 70.79
C SER S 20 35.82 -34.77 72.26
N SER S 21 35.63 -35.91 72.91
CA SER S 21 36.05 -36.08 74.31
C SER S 21 37.57 -36.23 74.39
N LYS S 22 38.20 -35.46 75.27
CA LYS S 22 39.65 -35.49 75.46
C LYS S 22 40.08 -36.65 76.37
N TYR S 23 39.13 -37.17 77.13
CA TYR S 23 39.38 -38.24 78.11
C TYR S 23 38.48 -39.46 77.87
N THR S 24 38.90 -40.60 78.41
CA THR S 24 38.21 -41.89 78.20
C THR S 24 38.01 -42.71 79.46
N ILE S 25 36.88 -43.43 79.51
CA ILE S 25 36.57 -44.35 80.60
C ILE S 25 36.76 -45.79 80.16
N GLN S 26 37.18 -46.64 81.10
CA GLN S 26 37.35 -48.07 80.84
C GLN S 26 36.67 -48.84 81.95
N ARG S 27 35.73 -49.70 81.56
CA ARG S 27 34.89 -50.46 82.47
C ARG S 27 35.40 -51.86 82.76
N SER S 28 35.26 -52.28 84.01
CA SER S 28 35.64 -53.63 84.43
C SER S 28 34.47 -54.59 84.16
N THR S 29 34.72 -55.59 83.31
CA THR S 29 33.72 -56.60 82.93
C THR S 29 33.36 -57.56 84.06
N GLY S 30 34.30 -57.76 84.97
CA GLY S 30 34.18 -58.65 86.10
C GLY S 30 35.50 -59.33 86.31
N ASP S 31 35.48 -60.66 86.39
CA ASP S 31 36.70 -61.44 86.60
C ASP S 31 37.38 -61.98 85.35
N SER S 32 36.64 -62.74 84.53
CA SER S 32 37.17 -63.34 83.30
C SER S 32 36.13 -63.57 82.22
N ILE S 33 36.55 -63.39 80.97
CA ILE S 33 35.71 -63.64 79.80
C ILE S 33 36.40 -64.70 78.94
N ASP S 34 35.65 -65.75 78.60
CA ASP S 34 36.15 -66.81 77.73
C ASP S 34 36.19 -66.26 76.32
N THR S 35 37.38 -66.31 75.71
CA THR S 35 37.58 -65.84 74.34
C THR S 35 37.98 -67.04 73.47
N PRO S 36 36.97 -67.80 72.97
CA PRO S 36 37.33 -68.97 72.16
C PRO S 36 37.77 -68.57 70.75
N ASN S 37 38.79 -69.28 70.26
CA ASN S 37 39.32 -69.05 68.92
C ASN S 37 38.68 -70.04 67.94
N TYR S 38 39.02 -69.90 66.66
CA TYR S 38 38.49 -70.72 65.57
C TYR S 38 38.62 -72.24 65.75
N ASP S 39 39.67 -72.67 66.45
CA ASP S 39 39.93 -74.08 66.72
C ASP S 39 38.83 -74.78 67.53
N VAL S 40 38.19 -74.00 68.40
CA VAL S 40 37.14 -74.48 69.28
C VAL S 40 35.71 -74.33 68.69
N GLN S 41 35.61 -73.60 67.58
CA GLN S 41 34.35 -73.33 66.87
C GLN S 41 33.49 -74.55 66.54
N LYS S 42 34.13 -75.58 65.99
CA LYS S 42 33.45 -76.83 65.61
C LYS S 42 32.87 -77.55 66.83
N HIS S 43 33.60 -77.51 67.95
CA HIS S 43 33.18 -78.11 69.21
C HIS S 43 31.94 -77.43 69.79
N ILE S 44 31.89 -76.10 69.69
CA ILE S 44 30.75 -75.31 70.19
C ILE S 44 29.51 -75.57 69.35
N ASN S 45 29.71 -75.71 68.03
CA ASN S 45 28.63 -76.02 67.09
C ASN S 45 27.98 -77.37 67.43
N LYS S 46 28.83 -78.33 67.82
CA LYS S 46 28.41 -79.67 68.24
C LYS S 46 27.60 -79.57 69.55
N LEU S 47 28.06 -78.69 70.45
CA LEU S 47 27.40 -78.44 71.74
C LEU S 47 26.03 -77.78 71.53
N CYS S 48 25.95 -76.90 70.53
CA CYS S 48 24.71 -76.23 70.14
C CYS S 48 23.73 -77.26 69.60
N GLY S 49 24.25 -78.18 68.78
CA GLY S 49 23.51 -79.27 68.17
C GLY S 49 22.97 -80.24 69.20
N MET S 50 23.75 -80.46 70.26
CA MET S 50 23.37 -81.36 71.36
C MET S 50 22.12 -80.85 72.09
N LEU S 51 22.04 -79.52 72.26
CA LEU S 51 20.90 -78.87 72.89
C LEU S 51 19.68 -78.89 71.95
N LEU S 52 19.95 -78.80 70.64
CA LEU S 52 18.91 -78.80 69.62
C LEU S 52 18.27 -80.17 69.39
N ILE S 53 19.03 -81.25 69.59
CA ILE S 53 18.50 -82.60 69.44
C ILE S 53 17.76 -83.09 70.70
N THR S 54 18.10 -82.49 71.84
CA THR S 54 17.52 -82.81 73.14
C THR S 54 16.06 -82.38 73.24
N GLU S 55 15.17 -83.37 73.38
CA GLU S 55 13.74 -83.15 73.54
C GLU S 55 13.55 -82.59 74.96
N ASP S 56 12.87 -81.44 75.04
CA ASP S 56 12.64 -80.70 76.30
C ASP S 56 13.96 -80.38 76.99
N ALA S 57 14.84 -79.71 76.24
CA ALA S 57 16.18 -79.33 76.68
C ALA S 57 16.19 -78.21 77.71
N ASN S 58 17.24 -78.20 78.53
CA ASN S 58 17.44 -77.16 79.53
C ASN S 58 18.25 -76.04 78.87
N HIS S 59 17.54 -75.01 78.44
CA HIS S 59 18.14 -73.86 77.76
C HIS S 59 18.62 -72.75 78.70
N LYS S 60 19.07 -73.13 79.89
CA LYS S 60 19.57 -72.21 80.91
C LYS S 60 20.91 -71.61 80.48
N PHE S 61 21.67 -72.38 79.71
CA PHE S 61 23.01 -72.01 79.28
C PHE S 61 23.17 -71.69 77.80
N THR S 62 22.08 -71.86 77.04
CA THR S 62 22.06 -71.62 75.58
C THR S 62 22.41 -70.18 75.16
N GLY S 63 22.02 -69.20 75.98
CA GLY S 63 22.32 -67.79 75.75
C GLY S 63 23.83 -67.56 75.79
N LEU S 64 24.48 -68.18 76.78
CA LEU S 64 25.92 -68.10 76.97
C LEU S 64 26.67 -68.93 75.91
N ILE S 65 26.17 -70.13 75.63
CA ILE S 65 26.74 -71.04 74.63
C ILE S 65 26.67 -70.40 73.24
N GLY S 66 25.55 -69.72 72.97
CA GLY S 66 25.32 -68.98 71.74
C GLY S 66 26.35 -67.88 71.57
N MET S 67 26.64 -67.19 72.67
CA MET S 67 27.66 -66.13 72.70
C MET S 67 29.05 -66.66 72.44
N LEU S 68 29.33 -67.85 72.97
CA LEU S 68 30.62 -68.51 72.78
C LEU S 68 30.83 -68.89 71.31
N TYR S 69 29.76 -69.32 70.64
CA TYR S 69 29.82 -69.66 69.22
C TYR S 69 30.09 -68.42 68.36
N ALA S 70 29.43 -67.31 68.71
CA ALA S 70 29.61 -66.04 68.00
C ALA S 70 31.05 -65.54 68.18
N MET S 71 31.60 -65.74 69.38
CA MET S 71 32.97 -65.36 69.70
C MET S 71 33.99 -66.25 69.00
N SER S 72 33.67 -67.54 68.86
CA SER S 72 34.53 -68.50 68.18
C SER S 72 34.57 -68.27 66.67
N ARG S 73 33.51 -67.66 66.14
CA ARG S 73 33.43 -67.28 64.73
C ARG S 73 34.28 -66.04 64.49
N LEU S 74 34.25 -65.11 65.45
CA LEU S 74 35.06 -63.89 65.41
C LEU S 74 36.54 -64.23 65.65
N GLY S 75 36.80 -65.17 66.56
CA GLY S 75 38.13 -65.64 66.92
C GLY S 75 38.80 -64.75 67.94
N ARG S 76 39.37 -65.37 68.98
CA ARG S 76 40.06 -64.70 70.10
C ARG S 76 40.55 -63.27 69.89
N GLU S 77 41.43 -63.07 68.90
CA GLU S 77 42.00 -61.76 68.56
C GLU S 77 40.97 -60.66 68.32
N ASP S 78 40.02 -60.94 67.43
CA ASP S 78 38.95 -60.00 67.09
C ASP S 78 37.98 -59.75 68.23
N THR S 79 37.55 -60.82 68.93
CA THR S 79 36.65 -60.67 70.08
C THR S 79 37.22 -59.79 71.21
N ILE S 80 38.52 -59.95 71.51
CA ILE S 80 39.23 -59.14 72.50
C ILE S 80 39.23 -57.67 72.03
N LYS S 81 39.50 -57.48 70.74
CA LYS S 81 39.51 -56.15 70.10
C LYS S 81 38.14 -55.47 70.23
N ILE S 82 37.06 -56.21 69.98
CA ILE S 82 35.69 -55.65 70.09
C ILE S 82 35.33 -55.28 71.52
N LEU S 83 35.83 -56.05 72.49
CA LEU S 83 35.61 -55.81 73.91
C LEU S 83 36.38 -54.57 74.38
N ARG S 84 37.60 -54.40 73.89
CA ARG S 84 38.45 -53.26 74.24
C ARG S 84 37.97 -51.97 73.58
N ASP S 85 37.53 -52.07 72.32
CA ASP S 85 37.00 -50.93 71.57
C ASP S 85 35.68 -50.43 72.15
N ALA S 86 34.91 -51.34 72.76
CA ALA S 86 33.63 -51.03 73.39
C ALA S 86 33.83 -50.24 74.68
N GLY S 87 35.00 -50.40 75.31
CA GLY S 87 35.39 -49.72 76.54
C GLY S 87 35.44 -50.62 77.75
N TYR S 88 35.91 -51.86 77.55
CA TYR S 88 35.99 -52.83 78.63
C TYR S 88 37.39 -53.39 78.87
N HIS S 89 37.72 -53.57 80.15
CA HIS S 89 38.99 -54.14 80.59
C HIS S 89 38.77 -55.65 80.64
N VAL S 90 39.47 -56.38 79.78
CA VAL S 90 39.28 -57.82 79.67
C VAL S 90 40.42 -58.76 80.06
N LYS S 91 40.07 -59.69 80.94
CA LYS S 91 40.97 -60.77 81.38
C LYS S 91 40.50 -61.97 80.55
N ALA S 92 41.17 -62.17 79.42
CA ALA S 92 40.83 -63.22 78.47
C ALA S 92 41.16 -64.62 78.96
N ASN S 93 40.17 -65.51 78.84
CA ASN S 93 40.32 -66.92 79.20
C ASN S 93 40.41 -67.75 77.92
N GLY S 94 41.51 -68.49 77.78
CA GLY S 94 41.76 -69.34 76.63
C GLY S 94 40.96 -70.62 76.69
N VAL S 95 40.14 -70.85 75.67
CA VAL S 95 39.30 -72.04 75.58
C VAL S 95 40.03 -73.15 74.82
N ASP S 96 40.24 -74.27 75.52
CA ASP S 96 40.92 -75.44 74.96
C ASP S 96 40.06 -76.70 75.17
N VAL S 97 40.25 -77.70 74.31
CA VAL S 97 39.53 -78.96 74.41
C VAL S 97 40.33 -79.96 75.23
N THR S 98 39.69 -80.51 76.27
CA THR S 98 40.30 -81.50 77.16
C THR S 98 39.35 -82.69 77.33
N THR S 99 39.93 -83.87 77.52
CA THR S 99 39.15 -85.09 77.73
C THR S 99 38.94 -85.31 79.22
N HIS S 100 37.67 -85.41 79.62
CA HIS S 100 37.30 -85.62 81.02
C HIS S 100 36.72 -87.01 81.22
N ARG S 101 37.30 -87.74 82.19
CA ARG S 101 36.87 -89.09 82.53
C ARG S 101 36.07 -89.06 83.83
N GLN S 102 34.81 -89.50 83.73
CA GLN S 102 33.89 -89.55 84.86
C GLN S 102 33.01 -90.79 84.74
N ASP S 103 32.84 -91.50 85.86
CA ASP S 103 32.03 -92.71 85.92
C ASP S 103 30.55 -92.44 86.17
N ILE S 104 29.79 -92.42 85.08
CA ILE S 104 28.34 -92.20 85.11
C ILE S 104 27.66 -93.57 85.10
N ASN S 105 26.86 -93.82 86.14
CA ASN S 105 26.14 -95.08 86.37
C ASN S 105 27.08 -96.30 86.49
N GLY S 106 28.20 -96.09 87.18
CA GLY S 106 29.23 -97.09 87.40
C GLY S 106 30.29 -97.17 86.31
N LYS S 107 29.84 -97.19 85.06
CA LYS S 107 30.70 -97.27 83.89
C LYS S 107 31.47 -95.96 83.65
N GLU S 108 32.81 -96.07 83.58
CA GLU S 108 33.68 -94.93 83.34
C GLU S 108 33.54 -94.45 81.91
N MET S 109 33.21 -93.16 81.76
CA MET S 109 32.98 -92.56 80.45
C MET S 109 33.91 -91.38 80.13
N LYS S 110 34.19 -91.21 78.84
CA LYS S 110 35.05 -90.14 78.33
C LYS S 110 34.19 -89.05 77.68
N PHE S 111 34.57 -87.79 77.92
CA PHE S 111 33.87 -86.64 77.38
C PHE S 111 34.84 -85.57 76.91
N GLU S 112 34.53 -84.96 75.76
CA GLU S 112 35.33 -83.86 75.23
C GLU S 112 34.71 -82.57 75.72
N VAL S 113 35.39 -81.91 76.65
CA VAL S 113 34.91 -80.67 77.27
C VAL S 113 35.81 -79.47 76.96
N LEU S 114 35.26 -78.26 77.17
CA LEU S 114 35.99 -77.02 76.96
C LEU S 114 36.39 -76.40 78.28
N THR S 115 37.58 -75.78 78.31
CA THR S 115 38.09 -75.11 79.50
C THR S 115 37.46 -73.73 79.59
N LEU S 116 36.22 -73.71 80.10
CA LEU S 116 35.44 -72.50 80.24
C LEU S 116 35.24 -72.12 81.70
N ALA S 117 35.29 -70.82 81.97
CA ALA S 117 35.07 -70.27 83.31
C ALA S 117 33.58 -70.11 83.56
N SER S 118 32.88 -69.60 82.54
CA SER S 118 31.43 -69.38 82.57
C SER S 118 30.62 -70.68 82.61
N LEU S 119 31.16 -71.74 82.01
CA LEU S 119 30.50 -73.04 81.94
C LEU S 119 31.32 -74.15 82.59
N THR S 120 30.71 -74.80 83.59
CA THR S 120 31.33 -75.90 84.33
C THR S 120 31.46 -77.14 83.45
N THR S 121 32.52 -77.92 83.69
CA THR S 121 32.75 -79.19 82.99
C THR S 121 31.69 -80.21 83.39
N GLU S 122 31.15 -80.04 84.60
CA GLU S 122 30.10 -80.89 85.15
C GLU S 122 28.77 -80.63 84.44
N ILE S 123 28.53 -79.38 84.05
CA ILE S 123 27.30 -79.01 83.34
C ILE S 123 27.38 -79.31 81.84
N GLN S 124 28.62 -79.30 81.31
CA GLN S 124 28.90 -79.58 79.91
C GLN S 124 28.64 -81.05 79.58
N ILE S 125 29.05 -81.93 80.49
CA ILE S 125 28.86 -83.38 80.34
C ILE S 125 27.39 -83.76 80.36
N ASN S 126 26.61 -83.05 81.19
CA ASN S 126 25.17 -83.25 81.31
C ASN S 126 24.39 -82.89 80.05
N ILE S 127 24.92 -81.95 79.27
CA ILE S 127 24.33 -81.54 77.98
C ILE S 127 24.52 -82.71 77.00
N GLU S 128 25.72 -83.31 77.01
CA GLU S 128 26.06 -84.46 76.18
C GLU S 128 25.29 -85.73 76.62
N ILE S 129 25.14 -85.89 77.94
CA ILE S 129 24.42 -87.03 78.53
C ILE S 129 22.96 -87.05 78.09
N GLU S 130 22.27 -85.92 78.26
CA GLU S 130 20.86 -85.79 77.89
C GLU S 130 20.61 -85.83 76.38
N SER S 131 21.62 -85.42 75.60
CA SER S 131 21.54 -85.44 74.13
C SER S 131 21.62 -86.87 73.61
N ARG S 132 22.50 -87.66 74.21
CA ARG S 132 22.69 -89.08 73.87
C ARG S 132 21.42 -89.89 74.11
N LYS S 133 20.70 -89.53 75.18
CA LYS S 133 19.42 -90.14 75.54
C LYS S 133 18.39 -89.85 74.44
N SER S 134 18.34 -88.58 74.01
CA SER S 134 17.44 -88.13 72.95
C SER S 134 17.83 -88.64 71.58
N TYR S 135 19.12 -88.92 71.40
CA TYR S 135 19.67 -89.45 70.14
C TYR S 135 19.32 -90.93 69.97
N LYS S 136 19.46 -91.72 71.04
CA LYS S 136 19.16 -93.15 71.01
C LYS S 136 17.66 -93.43 70.85
N LYS S 137 16.84 -92.51 71.39
CA LYS S 137 15.38 -92.56 71.29
C LYS S 137 14.98 -92.23 69.85
N MET S 138 15.71 -91.29 69.26
CA MET S 138 15.53 -90.84 67.88
C MET S 138 15.99 -91.93 66.89
N LEU S 139 17.06 -92.65 67.26
CA LEU S 139 17.60 -93.74 66.46
C LEU S 139 16.67 -94.96 66.49
N LYS S 140 15.94 -95.11 67.59
CA LYS S 140 14.98 -96.20 67.79
C LYS S 140 13.69 -95.94 66.99
N GLU S 141 13.37 -94.66 66.81
CA GLU S 141 12.16 -94.23 66.09
C GLU S 141 12.28 -94.22 64.57
N MET S 142 13.43 -93.77 64.05
CA MET S 142 13.64 -93.67 62.61
C MET S 142 14.72 -94.59 62.00
N GLY S 143 15.33 -95.43 62.83
CA GLY S 143 16.36 -96.38 62.40
C GLY S 143 17.70 -95.71 62.15
N GLU S 144 17.76 -94.94 61.06
CA GLU S 144 18.96 -94.19 60.67
C GLU S 144 18.65 -92.70 60.72
N VAL S 145 19.53 -91.95 61.39
CA VAL S 145 19.36 -90.49 61.54
C VAL S 145 20.04 -89.69 60.43
N ALA S 146 19.23 -88.94 59.69
CA ALA S 146 19.66 -88.12 58.56
C ALA S 146 20.59 -86.97 59.00
N PRO S 147 21.43 -86.42 58.08
CA PRO S 147 22.32 -85.30 58.43
C PRO S 147 21.61 -84.04 58.92
N GLU S 148 20.36 -83.87 58.54
CA GLU S 148 19.53 -82.71 58.92
C GLU S 148 19.07 -82.77 60.36
N TYR S 149 18.83 -83.98 60.86
CA TYR S 149 18.33 -84.22 62.21
C TYR S 149 19.39 -84.33 63.31
N ARG S 150 20.66 -84.47 62.92
CA ARG S 150 21.78 -84.63 63.85
C ARG S 150 22.48 -83.36 64.35
N HIS S 151 23.21 -83.51 65.46
CA HIS S 151 23.97 -82.45 66.12
C HIS S 151 25.23 -81.99 65.36
N ASP S 152 25.73 -82.85 64.46
CA ASP S 152 26.92 -82.59 63.64
C ASP S 152 26.76 -81.42 62.66
N SER S 153 25.54 -81.24 62.16
CA SER S 153 25.19 -80.22 61.16
C SER S 153 25.80 -78.84 61.44
N PRO S 154 26.41 -78.21 60.41
CA PRO S 154 27.03 -76.89 60.54
C PRO S 154 26.05 -75.75 60.84
N ASP S 155 24.77 -75.99 60.56
CA ASP S 155 23.69 -75.02 60.78
C ASP S 155 23.40 -74.79 62.27
N CYS S 156 23.59 -75.83 63.09
CA CYS S 156 23.32 -75.83 64.52
C CYS S 156 23.62 -74.57 65.32
N GLY S 157 24.87 -74.12 65.30
CA GLY S 157 25.30 -72.92 65.99
C GLY S 157 24.54 -71.69 65.54
N MET S 158 24.43 -71.53 64.21
CA MET S 158 23.71 -70.41 63.61
C MET S 158 22.20 -70.43 63.80
N ILE S 159 21.63 -71.63 63.95
CA ILE S 159 20.19 -71.82 64.23
C ILE S 159 19.88 -71.18 65.59
N ILE S 160 20.73 -71.46 66.58
CA ILE S 160 20.62 -70.88 67.92
C ILE S 160 20.79 -69.36 67.87
N LEU S 161 21.75 -68.90 67.08
CA LEU S 161 22.00 -67.46 66.91
C LEU S 161 20.90 -66.73 66.12
N CYS S 162 20.04 -67.50 65.44
CA CYS S 162 18.91 -66.94 64.69
C CYS S 162 17.86 -66.37 65.63
N ILE S 163 17.60 -67.07 66.73
CA ILE S 163 16.67 -66.56 67.75
C ILE S 163 17.30 -65.45 68.59
N ALA S 164 18.63 -65.44 68.63
CA ALA S 164 19.40 -64.39 69.31
C ALA S 164 19.26 -63.07 68.54
N ALA S 165 19.14 -63.20 67.21
CA ALA S 165 18.92 -62.06 66.31
C ALA S 165 17.49 -61.53 66.48
N LEU S 166 16.57 -62.44 66.83
CA LEU S 166 15.18 -62.08 67.07
C LEU S 166 15.01 -61.37 68.41
N VAL S 167 15.82 -61.79 69.39
CA VAL S 167 15.84 -61.17 70.74
C VAL S 167 16.39 -59.74 70.59
N ILE S 168 17.47 -59.62 69.82
CA ILE S 168 18.13 -58.34 69.53
C ILE S 168 17.17 -57.37 68.81
N THR S 169 16.25 -57.96 68.03
CA THR S 169 15.24 -57.23 67.27
C THR S 169 14.26 -56.49 68.18
N LYS S 170 13.95 -57.10 69.32
CA LYS S 170 12.99 -56.57 70.30
C LYS S 170 13.60 -56.04 71.61
N LEU S 171 14.91 -55.80 71.62
CA LEU S 171 15.62 -55.29 72.80
C LEU S 171 15.35 -53.81 73.09
N ALA S 172 14.86 -53.09 72.07
CA ALA S 172 14.54 -51.66 72.15
C ALA S 172 13.49 -51.33 73.21
N ALA S 173 12.58 -52.27 73.46
CA ALA S 173 11.54 -52.15 74.48
C ALA S 173 12.16 -52.22 75.88
N GLY S 174 13.24 -53.01 76.01
CA GLY S 174 14.02 -53.20 77.22
C GLY S 174 13.31 -53.77 78.43
N ASP S 175 12.39 -54.71 78.21
CA ASP S 175 11.62 -55.34 79.29
C ASP S 175 11.09 -56.76 79.02
N ARG S 176 11.65 -57.42 78.00
CA ARG S 176 11.25 -58.79 77.58
C ARG S 176 9.82 -58.90 77.03
N SER S 177 9.19 -57.74 76.77
CA SER S 177 7.83 -57.67 76.24
C SER S 177 7.72 -58.25 74.83
N GLY S 178 8.80 -58.13 74.05
CA GLY S 178 8.91 -58.62 72.69
C GLY S 178 8.90 -60.13 72.54
N LEU S 179 9.15 -60.85 73.64
CA LEU S 179 9.20 -62.33 73.67
C LEU S 179 8.10 -63.04 72.86
N THR S 180 6.87 -62.55 72.96
CA THR S 180 5.72 -63.09 72.23
C THR S 180 5.94 -63.02 70.73
N ALA S 181 6.41 -61.86 70.25
CA ALA S 181 6.74 -61.63 68.84
C ALA S 181 7.96 -62.43 68.42
N VAL S 182 8.91 -62.59 69.35
CA VAL S 182 10.13 -63.36 69.13
C VAL S 182 9.77 -64.82 68.82
N ILE S 183 8.88 -65.39 69.64
CA ILE S 183 8.39 -66.77 69.46
C ILE S 183 7.59 -66.88 68.16
N ARG S 184 6.64 -65.96 67.97
CA ARG S 184 5.79 -65.89 66.78
C ARG S 184 6.60 -65.95 65.48
N ARG S 185 7.58 -65.06 65.37
CA ARG S 185 8.45 -64.97 64.20
C ARG S 185 9.36 -66.19 64.03
N ALA S 186 9.82 -66.74 65.16
CA ALA S 186 10.65 -67.95 65.18
C ALA S 186 9.90 -69.17 64.66
N ASN S 187 8.57 -69.05 64.55
CA ASN S 187 7.72 -70.11 64.06
C ASN S 187 7.41 -69.93 62.56
N ASN S 188 7.18 -68.69 62.14
CA ASN S 188 6.90 -68.35 60.73
C ASN S 188 8.17 -68.55 59.92
N VAL S 189 9.24 -67.85 60.32
CA VAL S 189 10.58 -68.00 59.76
C VAL S 189 11.11 -69.16 60.61
N LEU S 190 12.17 -69.84 60.16
CA LEU S 190 12.78 -70.93 60.95
C LEU S 190 11.87 -72.16 61.21
N LYS S 191 10.84 -72.32 60.37
CA LYS S 191 9.88 -73.43 60.50
C LYS S 191 10.47 -74.80 60.18
N ASN S 192 11.29 -74.85 59.13
CA ASN S 192 11.97 -76.07 58.69
C ASN S 192 13.01 -76.53 59.72
N GLU S 193 13.64 -75.56 60.37
CA GLU S 193 14.67 -75.78 61.40
C GLU S 193 14.06 -76.42 62.66
N MET S 194 12.83 -76.01 62.98
CA MET S 194 12.09 -76.51 64.12
C MET S 194 11.62 -77.96 63.90
N LYS S 195 11.42 -78.32 62.64
CA LYS S 195 11.02 -79.66 62.23
C LYS S 195 12.17 -80.65 62.49
N ARG S 196 13.38 -80.25 62.10
CA ARG S 196 14.56 -81.09 62.27
C ARG S 196 15.13 -81.17 63.69
N TYR S 197 14.85 -80.15 64.51
CA TYR S 197 15.35 -80.10 65.88
C TYR S 197 14.28 -79.98 66.97
N LYS S 198 14.16 -81.06 67.75
CA LYS S 198 13.20 -81.16 68.87
C LYS S 198 13.45 -80.13 69.97
N GLY S 199 14.73 -79.76 70.15
CA GLY S 199 15.18 -78.81 71.16
C GLY S 199 15.15 -77.35 70.77
N LEU S 200 14.63 -77.04 69.58
CA LEU S 200 14.48 -75.65 69.15
C LEU S 200 13.20 -75.12 69.79
N LEU S 201 13.34 -74.65 71.02
CA LEU S 201 12.24 -74.11 71.82
C LEU S 201 12.42 -72.59 71.87
N PRO S 202 11.75 -71.85 70.94
CA PRO S 202 11.88 -70.38 70.88
C PRO S 202 11.80 -69.66 72.23
N LYS S 203 10.76 -69.95 73.02
CA LYS S 203 10.57 -69.34 74.34
C LYS S 203 11.76 -69.57 75.27
N ASP S 204 12.21 -70.82 75.37
CA ASP S 204 13.33 -71.22 76.23
C ASP S 204 14.67 -70.58 75.83
N ILE S 205 14.98 -70.62 74.53
CA ILE S 205 16.23 -70.05 74.01
C ILE S 205 16.20 -68.52 74.05
N ALA S 206 15.05 -67.93 73.70
CA ALA S 206 14.87 -66.48 73.70
C ALA S 206 15.06 -65.86 75.08
N ASN S 207 14.55 -66.54 76.11
CA ASN S 207 14.69 -66.10 77.49
C ASN S 207 16.14 -66.18 77.94
N SER S 208 16.86 -67.20 77.48
CA SER S 208 18.27 -67.40 77.79
C SER S 208 19.12 -66.26 77.24
N PHE S 209 18.83 -65.84 76.01
CA PHE S 209 19.52 -64.71 75.38
C PHE S 209 19.15 -63.39 76.04
N TYR S 210 17.88 -63.24 76.38
CA TYR S 210 17.39 -62.06 77.10
C TYR S 210 18.15 -61.92 78.42
N GLU S 211 18.33 -63.05 79.11
CA GLU S 211 19.05 -63.11 80.39
C GLU S 211 20.53 -62.75 80.23
N VAL S 212 21.20 -63.33 79.23
CA VAL S 212 22.62 -63.06 78.96
C VAL S 212 22.90 -61.60 78.59
N PHE S 213 21.98 -60.98 77.85
CA PHE S 213 22.10 -59.58 77.46
C PHE S 213 21.81 -58.62 78.61
N GLU S 214 20.95 -59.07 79.54
CA GLU S 214 20.61 -58.30 80.73
C GLU S 214 21.73 -58.38 81.77
N LYS S 215 22.23 -59.58 82.01
CA LYS S 215 23.30 -59.83 82.97
C LYS S 215 24.67 -59.34 82.48
N HIS S 216 24.94 -59.52 81.19
CA HIS S 216 26.21 -59.11 80.59
C HIS S 216 25.97 -58.18 79.38
N PRO S 217 25.87 -56.86 79.64
CA PRO S 217 25.62 -55.86 78.58
C PRO S 217 26.72 -55.77 77.52
N HIS S 218 27.92 -56.23 77.86
CA HIS S 218 29.04 -56.23 76.94
C HIS S 218 28.87 -57.29 75.86
N PHE S 219 28.09 -58.34 76.17
CA PHE S 219 27.80 -59.41 75.23
C PHE S 219 26.87 -58.96 74.11
N ILE S 220 26.05 -57.95 74.41
CA ILE S 220 25.16 -57.39 73.40
C ILE S 220 25.99 -56.63 72.36
N ASP S 221 27.08 -55.99 72.81
CA ASP S 221 28.03 -55.30 71.94
C ASP S 221 28.77 -56.34 71.10
N VAL S 222 29.12 -57.46 71.73
CA VAL S 222 29.79 -58.57 71.07
C VAL S 222 28.90 -59.16 69.97
N PHE S 223 27.63 -59.42 70.31
CA PHE S 223 26.67 -59.97 69.35
C PHE S 223 26.39 -59.05 68.16
N VAL S 224 26.15 -57.76 68.45
CA VAL S 224 25.88 -56.76 67.40
C VAL S 224 27.05 -56.70 66.42
N HIS S 225 28.27 -56.63 66.96
CA HIS S 225 29.48 -56.61 66.14
C HIS S 225 29.77 -57.90 65.40
N PHE S 226 29.32 -59.02 65.98
CA PHE S 226 29.45 -60.32 65.32
C PHE S 226 28.48 -60.35 64.14
N GLY S 227 27.23 -59.95 64.39
CA GLY S 227 26.17 -59.90 63.39
C GLY S 227 26.53 -59.08 62.18
N ILE S 228 27.17 -57.93 62.41
CA ILE S 228 27.65 -57.04 61.35
C ILE S 228 28.78 -57.73 60.57
N ALA S 229 29.71 -58.36 61.31
CA ALA S 229 30.85 -59.09 60.73
C ALA S 229 30.39 -60.29 59.91
N GLN S 230 29.34 -60.95 60.41
CA GLN S 230 28.70 -62.09 59.76
C GLN S 230 27.98 -61.59 58.51
N SER S 231 27.30 -60.46 58.62
CA SER S 231 26.58 -59.87 57.50
C SER S 231 27.48 -59.20 56.45
N SER S 232 28.79 -59.17 56.73
CA SER S 232 29.80 -58.61 55.83
C SER S 232 30.32 -59.67 54.85
N THR S 233 29.94 -60.92 55.12
CA THR S 233 30.32 -62.09 54.32
C THR S 233 29.87 -62.00 52.84
N ARG S 234 30.56 -62.75 51.98
CA ARG S 234 30.27 -62.77 50.55
C ARG S 234 29.05 -63.64 50.20
N GLY S 235 28.87 -64.72 50.97
CA GLY S 235 27.83 -65.70 50.78
C GLY S 235 27.83 -66.68 51.94
N GLY S 236 27.04 -67.76 51.83
CA GLY S 236 26.91 -68.73 52.91
C GLY S 236 25.73 -69.66 52.77
N SER S 237 25.38 -70.32 53.88
CA SER S 237 24.25 -71.24 53.92
C SER S 237 22.93 -70.47 53.97
N ARG S 238 21.82 -71.18 53.80
CA ARG S 238 20.50 -70.56 53.87
C ARG S 238 20.15 -70.10 55.29
N VAL S 239 20.63 -70.85 56.29
CA VAL S 239 20.47 -70.53 57.71
C VAL S 239 21.24 -69.25 58.04
N GLU S 240 22.42 -69.11 57.43
CA GLU S 240 23.26 -67.92 57.57
C GLU S 240 22.60 -66.71 56.90
N GLY S 241 21.80 -66.98 55.85
CA GLY S 241 21.03 -65.99 55.13
C GLY S 241 19.83 -65.52 55.94
N ILE S 242 19.20 -66.48 56.63
CA ILE S 242 18.06 -66.24 57.53
C ILE S 242 18.54 -65.32 58.66
N PHE S 243 19.66 -65.70 59.28
CA PHE S 243 20.27 -64.92 60.37
C PHE S 243 20.52 -63.48 59.94
N ALA S 244 21.18 -63.31 58.80
CA ALA S 244 21.53 -62.02 58.24
C ALA S 244 20.32 -61.11 58.04
N GLY S 245 19.22 -61.73 57.58
CA GLY S 245 17.95 -61.06 57.34
C GLY S 245 17.31 -60.65 58.65
N LEU S 246 17.25 -61.59 59.59
CA LEU S 246 16.69 -61.36 60.93
C LEU S 246 17.50 -60.35 61.74
N PHE S 247 18.81 -60.37 61.58
CA PHE S 247 19.71 -59.43 62.26
C PHE S 247 19.50 -58.01 61.72
N MET S 248 19.28 -57.91 60.41
CA MET S 248 19.04 -56.62 59.78
C MET S 248 17.66 -56.01 60.07
N ASN S 249 16.76 -56.84 60.60
CA ASN S 249 15.44 -56.39 61.02
C ASN S 249 15.57 -55.52 62.27
N ALA S 250 16.66 -55.74 63.01
CA ALA S 250 16.98 -54.99 64.21
C ALA S 250 17.45 -53.55 63.91
N TYR S 251 18.02 -53.34 62.73
CA TYR S 251 18.49 -52.02 62.30
C TYR S 251 17.35 -51.02 62.36
N GLY S 252 17.53 -49.98 63.17
CA GLY S 252 16.55 -48.91 63.35
C GLY S 252 15.54 -49.16 64.45
N ALA S 253 15.84 -50.07 65.37
CA ALA S 253 14.95 -50.36 66.50
C ALA S 253 15.14 -49.27 67.55
N GLY S 254 14.02 -48.84 68.13
CA GLY S 254 13.98 -47.77 69.12
C GLY S 254 13.93 -46.41 68.46
N GLN S 255 13.69 -46.42 67.14
CA GLN S 255 13.62 -45.21 66.33
C GLN S 255 12.61 -45.36 65.19
N VAL S 256 11.47 -45.94 65.51
CA VAL S 256 10.37 -46.16 64.57
C VAL S 256 9.69 -44.85 64.16
N MET S 257 9.69 -43.88 65.09
CA MET S 257 9.10 -42.56 64.87
C MET S 257 9.81 -41.80 63.74
N LEU S 258 11.10 -42.06 63.60
CA LEU S 258 11.95 -41.46 62.56
C LEU S 258 11.49 -41.95 61.17
N ARG S 259 11.20 -43.25 61.07
CA ARG S 259 10.76 -43.87 59.83
C ARG S 259 9.31 -43.54 59.51
N TRP S 260 8.48 -43.45 60.55
CA TRP S 260 7.06 -43.09 60.42
C TRP S 260 6.89 -41.63 60.05
N GLY S 261 7.90 -40.81 60.38
CA GLY S 261 7.95 -39.40 60.06
C GLY S 261 8.15 -39.20 58.58
N VAL S 262 9.02 -40.03 57.99
CA VAL S 262 9.30 -40.01 56.55
C VAL S 262 8.06 -40.49 55.80
N LEU S 263 7.34 -41.44 56.38
CA LEU S 263 6.09 -41.98 55.82
C LEU S 263 5.01 -40.90 55.73
N ALA S 264 4.83 -40.15 56.82
CA ALA S 264 3.86 -39.06 56.90
C ALA S 264 4.10 -38.00 55.82
N LYS S 265 5.38 -37.73 55.56
CA LYS S 265 5.83 -36.81 54.52
C LYS S 265 5.55 -37.41 53.14
N SER S 266 5.86 -38.70 52.98
CA SER S 266 5.67 -39.44 51.73
C SER S 266 4.21 -39.54 51.29
N VAL S 267 3.32 -39.73 52.26
CA VAL S 267 1.87 -39.82 52.01
C VAL S 267 1.23 -38.43 51.95
N LYS S 268 2.01 -37.41 52.32
CA LYS S 268 1.60 -36.00 52.34
C LYS S 268 0.40 -35.72 53.25
N ASN S 269 0.54 -36.12 54.53
CA ASN S 269 -0.50 -35.92 55.54
C ASN S 269 -0.62 -34.43 55.81
N ILE S 270 -1.83 -33.91 55.53
CA ILE S 270 -2.16 -32.48 55.67
C ILE S 270 -1.77 -31.81 56.99
N MET S 271 -1.93 -32.55 58.09
CA MET S 271 -1.60 -32.06 59.44
C MET S 271 -0.14 -31.67 59.70
N LEU S 272 0.74 -32.00 58.76
CA LEU S 272 2.17 -31.65 58.83
C LEU S 272 2.37 -30.15 58.60
N GLY S 273 1.43 -29.55 57.87
CA GLY S 273 1.43 -28.13 57.54
C GLY S 273 0.86 -27.23 58.62
N HIS S 274 0.35 -27.84 59.69
CA HIS S 274 -0.23 -27.11 60.83
C HIS S 274 0.80 -26.18 61.48
N ALA S 275 0.31 -25.01 61.93
CA ALA S 275 1.13 -23.97 62.55
C ALA S 275 2.05 -24.42 63.68
N SER S 276 1.53 -25.26 64.59
CA SER S 276 2.30 -25.77 65.72
C SER S 276 3.31 -26.84 65.34
N VAL S 277 3.07 -27.51 64.22
CA VAL S 277 3.96 -28.54 63.67
C VAL S 277 5.10 -27.85 62.91
N GLN S 278 4.75 -26.76 62.21
CA GLN S 278 5.71 -25.95 61.46
C GLN S 278 6.74 -25.23 62.34
N ALA S 279 6.34 -24.91 63.57
CA ALA S 279 7.21 -24.26 64.55
C ALA S 279 8.37 -25.17 64.98
N GLU S 280 8.07 -26.46 65.05
CA GLU S 280 9.04 -27.48 65.45
C GLU S 280 9.99 -27.90 64.32
N MET S 281 9.54 -27.69 63.07
CA MET S 281 10.28 -28.05 61.85
C MET S 281 11.78 -27.78 61.78
N GLU S 282 12.20 -26.60 62.23
CA GLU S 282 13.61 -26.20 62.26
C GLU S 282 14.44 -27.20 63.06
N GLN S 283 13.90 -27.62 64.21
CA GLN S 283 14.56 -28.56 65.10
C GLN S 283 14.39 -30.04 64.71
N VAL S 284 13.27 -30.39 64.06
CA VAL S 284 13.05 -31.78 63.62
C VAL S 284 13.97 -32.15 62.47
N VAL S 285 14.32 -31.14 61.66
CA VAL S 285 15.24 -31.31 60.55
C VAL S 285 16.65 -31.59 61.10
N GLU S 286 17.00 -30.89 62.19
CA GLU S 286 18.29 -31.05 62.87
C GLU S 286 18.55 -32.51 63.25
N VAL S 287 17.55 -33.18 63.81
CA VAL S 287 17.64 -34.61 64.19
C VAL S 287 17.70 -35.53 62.98
N TYR S 288 16.91 -35.21 61.94
CA TYR S 288 16.92 -35.99 60.70
C TYR S 288 18.27 -35.88 59.98
N GLU S 289 18.82 -34.67 59.98
CA GLU S 289 20.14 -34.39 59.41
C GLU S 289 21.24 -35.07 60.23
N TYR S 290 21.00 -35.17 61.55
CA TYR S 290 21.90 -35.84 62.47
C TYR S 290 21.89 -37.36 62.22
N ALA S 291 20.70 -37.90 61.98
CA ALA S 291 20.49 -39.31 61.68
C ALA S 291 21.14 -39.65 60.33
N GLN S 292 21.05 -38.70 59.39
CA GLN S 292 21.65 -38.81 58.05
C GLN S 292 23.18 -38.80 58.16
N LYS S 293 23.69 -37.94 59.06
CA LYS S 293 25.12 -37.79 59.32
C LYS S 293 25.75 -39.06 59.88
N LEU S 294 25.10 -39.65 60.89
CA LEU S 294 25.58 -40.87 61.54
C LEU S 294 25.58 -42.08 60.62
N GLY S 295 24.59 -42.15 59.73
CA GLY S 295 24.43 -43.23 58.77
C GLY S 295 24.12 -44.55 59.45
N GLY S 296 24.83 -45.59 59.02
CA GLY S 296 24.69 -46.96 59.51
C GLY S 296 24.94 -47.15 60.99
N GLU S 297 25.83 -46.31 61.54
CA GLU S 297 26.20 -46.32 62.95
C GLU S 297 24.99 -46.23 63.89
N ALA S 298 24.05 -45.34 63.52
CA ALA S 298 22.82 -45.06 64.27
C ALA S 298 21.82 -46.20 64.39
N GLY S 299 21.91 -47.19 63.50
CA GLY S 299 21.02 -48.35 63.44
C GLY S 299 20.90 -49.15 64.72
N PHE S 300 22.03 -49.38 65.38
CA PHE S 300 22.07 -50.16 66.62
C PHE S 300 22.26 -49.33 67.90
N TYR S 301 22.00 -48.02 67.79
CA TYR S 301 22.13 -47.07 68.89
C TYR S 301 21.23 -47.36 70.10
N HIS S 302 20.07 -47.97 69.86
CA HIS S 302 19.15 -48.30 70.95
C HIS S 302 19.34 -49.71 71.46
N ILE S 303 19.70 -50.63 70.56
CA ILE S 303 19.96 -52.04 70.88
C ILE S 303 21.12 -52.09 71.88
N LEU S 304 22.28 -51.54 71.51
CA LEU S 304 23.39 -51.33 72.43
C LEU S 304 22.92 -50.04 73.11
N ASN S 305 23.01 -49.93 74.43
CA ASN S 305 22.54 -48.70 75.07
C ASN S 305 23.50 -47.53 74.87
N ASN S 306 23.61 -47.10 73.61
CA ASN S 306 24.46 -45.97 73.20
C ASN S 306 23.90 -44.71 73.81
N PRO S 307 24.77 -43.90 74.45
CA PRO S 307 24.37 -42.65 75.11
C PRO S 307 23.71 -41.63 74.19
N LYS S 308 24.19 -41.59 72.94
CA LYS S 308 23.68 -40.69 71.91
C LYS S 308 22.30 -41.06 71.35
N ALA S 309 21.79 -42.23 71.73
CA ALA S 309 20.48 -42.71 71.27
C ALA S 309 19.31 -41.75 71.57
N SER S 310 19.45 -41.02 72.68
CA SER S 310 18.47 -40.03 73.12
C SER S 310 18.34 -38.87 72.13
N LEU S 311 19.44 -38.53 71.47
CA LEU S 311 19.52 -37.44 70.50
C LEU S 311 18.67 -37.63 69.25
N LEU S 312 18.35 -38.89 68.95
CA LEU S 312 17.55 -39.27 67.79
C LEU S 312 16.03 -39.22 68.05
N SER S 313 15.64 -38.85 69.27
CA SER S 313 14.24 -38.77 69.68
C SER S 313 13.47 -37.61 69.05
N LEU S 314 12.25 -37.91 68.61
CA LEU S 314 11.32 -36.92 68.05
C LEU S 314 10.22 -36.59 69.06
N THR S 315 10.19 -37.35 70.16
CA THR S 315 9.27 -37.20 71.29
C THR S 315 9.36 -35.79 71.90
N GLN S 316 10.56 -35.21 71.81
CA GLN S 316 10.83 -33.83 72.26
C GLN S 316 10.04 -32.78 71.47
N PHE S 317 9.39 -33.21 70.39
CA PHE S 317 8.55 -32.36 69.54
C PHE S 317 7.12 -32.93 69.58
N PRO S 318 6.32 -32.52 70.59
CA PRO S 318 4.95 -33.01 70.82
C PRO S 318 4.00 -32.96 69.64
N HIS S 319 4.04 -31.86 68.89
CA HIS S 319 3.16 -31.65 67.74
C HIS S 319 3.47 -32.55 66.54
N PHE S 320 4.73 -32.56 66.12
CA PHE S 320 5.20 -33.39 65.00
C PHE S 320 5.03 -34.88 65.29
N SER S 321 5.38 -35.29 66.51
CA SER S 321 5.24 -36.69 66.94
C SER S 321 3.79 -37.17 66.88
N SER S 322 2.87 -36.29 67.26
CA SER S 322 1.44 -36.57 67.27
C SER S 322 0.84 -36.80 65.87
N VAL S 323 1.19 -35.93 64.92
CA VAL S 323 0.73 -36.07 63.54
C VAL S 323 1.35 -37.33 62.89
N VAL S 324 2.60 -37.60 63.23
CA VAL S 324 3.35 -38.78 62.77
C VAL S 324 2.70 -40.07 63.30
N LEU S 325 2.36 -40.05 64.59
CA LEU S 325 1.69 -41.17 65.27
C LEU S 325 0.26 -41.36 64.77
N GLY S 326 -0.40 -40.24 64.46
CA GLY S 326 -1.75 -40.19 63.91
C GLY S 326 -1.80 -40.83 62.55
N ASN S 327 -0.90 -40.39 61.68
CA ASN S 327 -0.76 -40.92 60.32
C ASN S 327 -0.51 -42.44 60.33
N ALA S 328 0.30 -42.90 61.29
CA ALA S 328 0.63 -44.31 61.48
C ALA S 328 -0.60 -45.12 61.92
N ALA S 329 -1.48 -44.49 62.70
CA ALA S 329 -2.70 -45.11 63.17
C ALA S 329 -3.77 -45.13 62.08
N GLY S 330 -3.85 -44.04 61.32
CA GLY S 330 -4.78 -43.87 60.21
C GLY S 330 -4.50 -44.82 59.06
N LEU S 331 -3.22 -45.12 58.85
CA LEU S 331 -2.78 -46.06 57.82
C LEU S 331 -2.84 -47.50 58.34
N GLY S 332 -3.19 -47.64 59.63
CA GLY S 332 -3.33 -48.91 60.33
C GLY S 332 -2.04 -49.70 60.44
N ILE S 333 -0.93 -49.01 60.66
CA ILE S 333 0.39 -49.65 60.76
C ILE S 333 0.97 -49.81 62.17
N MET S 334 0.38 -49.13 63.14
CA MET S 334 0.79 -49.26 64.55
C MET S 334 -0.09 -50.27 65.29
N GLY S 335 0.05 -50.36 66.62
CA GLY S 335 -0.73 -51.27 67.45
C GLY S 335 -0.10 -52.65 67.51
N GLU S 336 0.24 -53.14 68.70
CA GLU S 336 0.06 -52.43 69.98
C GLU S 336 1.31 -51.64 70.38
N TYR S 337 1.54 -50.54 69.64
CA TYR S 337 2.66 -49.65 69.90
C TYR S 337 2.30 -48.82 71.13
N ARG S 338 3.14 -48.92 72.17
CA ARG S 338 2.93 -48.23 73.44
C ARG S 338 3.28 -46.73 73.47
N GLY S 339 3.33 -46.10 72.30
CA GLY S 339 3.58 -44.69 72.16
C GLY S 339 2.30 -43.89 72.27
N THR S 340 2.33 -42.85 73.10
CA THR S 340 1.17 -41.99 73.34
C THR S 340 1.41 -40.60 72.75
N PRO S 341 0.41 -40.05 72.01
CA PRO S 341 0.56 -38.70 71.45
C PRO S 341 0.38 -37.61 72.52
N ARG S 342 1.32 -36.67 72.55
CA ARG S 342 1.28 -35.56 73.52
C ARG S 342 0.16 -34.56 73.20
N ASN S 343 -0.13 -34.39 71.91
CA ASN S 343 -1.22 -33.53 71.44
C ASN S 343 -2.28 -34.45 70.85
N GLN S 344 -3.37 -34.63 71.59
CA GLN S 344 -4.46 -35.53 71.17
C GLN S 344 -5.23 -35.04 69.94
N ASP S 345 -5.50 -33.74 69.89
CA ASP S 345 -6.25 -33.11 68.79
C ASP S 345 -5.56 -33.26 67.43
N LEU S 346 -4.24 -33.08 67.41
CA LEU S 346 -3.42 -33.21 66.20
C LEU S 346 -3.33 -34.65 65.74
N TYR S 347 -3.29 -35.58 66.69
CA TYR S 347 -3.24 -37.02 66.44
C TYR S 347 -4.52 -37.47 65.74
N ASP S 348 -5.66 -37.09 66.33
CA ASP S 348 -7.00 -37.41 65.82
C ASP S 348 -7.26 -36.85 64.43
N ALA S 349 -6.77 -35.63 64.19
CA ALA S 349 -6.89 -34.95 62.91
C ALA S 349 -6.04 -35.63 61.83
N ALA S 350 -4.84 -36.09 62.22
CA ALA S 350 -3.92 -36.78 61.33
C ALA S 350 -4.38 -38.20 61.03
N LYS S 351 -4.96 -38.85 62.03
CA LYS S 351 -5.52 -40.21 61.91
C LYS S 351 -6.69 -40.19 60.94
N ALA S 352 -7.52 -39.17 61.04
CA ALA S 352 -8.69 -38.97 60.18
C ALA S 352 -8.31 -38.77 58.72
N TYR S 353 -7.31 -37.92 58.47
CA TYR S 353 -6.83 -37.64 57.11
C TYR S 353 -6.15 -38.86 56.47
N ALA S 354 -5.40 -39.60 57.28
CA ALA S 354 -4.70 -40.81 56.84
C ALA S 354 -5.68 -41.92 56.46
N GLU S 355 -6.82 -41.97 57.17
CA GLU S 355 -7.89 -42.92 56.90
C GLU S 355 -8.59 -42.58 55.58
N GLN S 356 -8.65 -41.28 55.27
CA GLN S 356 -9.23 -40.79 54.02
C GLN S 356 -8.29 -41.00 52.84
N LEU S 357 -6.98 -41.06 53.12
CA LEU S 357 -5.95 -41.27 52.10
C LEU S 357 -6.01 -42.68 51.50
N LYS S 358 -6.34 -43.66 52.33
CA LYS S 358 -6.45 -45.06 51.90
C LYS S 358 -7.78 -45.44 51.22
N GLU S 359 -8.55 -44.42 50.84
CA GLU S 359 -9.82 -44.56 50.14
C GLU S 359 -9.75 -43.94 48.74
N ASN S 360 -8.98 -42.85 48.64
CA ASN S 360 -8.78 -42.13 47.37
C ASN S 360 -7.60 -42.73 46.59
N GLY S 361 -7.03 -41.94 45.68
CA GLY S 361 -5.90 -42.34 44.85
C GLY S 361 -6.10 -41.99 43.40
N VAL S 362 -5.67 -40.77 43.02
CA VAL S 362 -5.80 -40.26 41.66
C VAL S 362 -4.44 -40.40 40.95
N ILE S 363 -4.51 -40.76 39.65
CA ILE S 363 -3.33 -40.95 38.81
C ILE S 363 -2.70 -39.61 38.42
N ASN S 364 -1.40 -39.47 38.67
CA ASN S 364 -0.63 -38.29 38.29
C ASN S 364 0.08 -38.60 36.98
N TYR S 365 -0.51 -38.11 35.88
CA TYR S 365 -0.02 -38.34 34.51
C TYR S 365 1.25 -37.59 34.12
N SER S 366 1.59 -36.55 34.89
CA SER S 366 2.78 -35.74 34.66
C SER S 366 4.09 -36.46 34.98
N VAL S 367 4.00 -37.47 35.87
CA VAL S 367 5.15 -38.28 36.30
C VAL S 367 5.69 -39.16 35.15
N LEU S 368 4.76 -39.79 34.43
CA LEU S 368 5.08 -40.65 33.30
C LEU S 368 5.58 -39.84 32.09
N ASP S 369 6.49 -40.43 31.33
CA ASP S 369 7.08 -39.79 30.14
C ASP S 369 6.21 -39.98 28.89
N LEU S 370 4.92 -39.66 29.02
CA LEU S 370 3.94 -39.80 27.94
C LEU S 370 4.10 -38.75 26.84
N THR S 371 3.99 -39.20 25.59
CA THR S 371 4.12 -38.33 24.42
C THR S 371 2.74 -37.84 23.96
N ALA S 372 2.22 -38.43 22.88
CA ALA S 372 0.91 -38.07 22.34
C ALA S 372 -0.17 -38.80 23.16
N GLU S 373 -0.86 -38.03 24.00
CA GLU S 373 -1.88 -38.56 24.89
C GLU S 373 -3.29 -38.61 24.30
N GLU S 374 -3.83 -39.82 24.27
CA GLU S 374 -5.17 -40.12 23.76
C GLU S 374 -5.92 -40.95 24.83
N LEU S 375 -5.38 -40.95 26.05
CA LEU S 375 -5.92 -41.70 27.17
C LEU S 375 -7.24 -41.20 27.72
N GLU S 376 -7.49 -39.89 27.54
CA GLU S 376 -8.73 -39.26 27.98
C GLU S 376 -9.95 -39.81 27.22
N ALA S 377 -9.70 -40.33 26.02
CA ALA S 377 -10.71 -40.98 25.19
C ALA S 377 -10.92 -42.43 25.66
N ILE S 378 -9.87 -43.04 26.21
CA ILE S 378 -9.88 -44.41 26.74
C ILE S 378 -10.77 -44.53 27.98
N LYS S 379 -10.83 -43.46 28.78
CA LYS S 379 -11.63 -43.38 30.01
C LYS S 379 -12.93 -44.21 30.04
N ALA T 2 12.73 -27.39 56.08
CA ALA T 2 11.91 -27.85 54.96
C ALA T 2 11.52 -29.33 55.12
N LEU T 3 10.30 -29.64 54.67
CA LEU T 3 9.79 -31.02 54.73
C LEU T 3 10.47 -31.95 53.71
N SER T 4 11.27 -31.36 52.83
CA SER T 4 12.05 -32.11 51.84
C SER T 4 13.24 -32.78 52.52
N LYS T 5 13.72 -32.13 53.60
CA LYS T 5 14.87 -32.59 54.38
C LYS T 5 14.56 -33.78 55.31
N VAL T 6 13.28 -33.99 55.63
CA VAL T 6 12.85 -35.11 56.47
C VAL T 6 12.88 -36.43 55.68
N LYS T 7 14.09 -37.00 55.62
CA LYS T 7 14.34 -38.27 54.93
C LYS T 7 15.45 -39.05 55.63
N LEU T 8 15.56 -40.34 55.28
CA LEU T 8 16.58 -41.23 55.82
C LEU T 8 16.79 -42.39 54.85
N ASN T 9 18.01 -42.48 54.30
CA ASN T 9 18.34 -43.51 53.33
C ASN T 9 18.83 -44.79 54.04
N ASP T 10 17.87 -45.54 54.58
CA ASP T 10 18.14 -46.78 55.31
C ASP T 10 18.85 -47.85 54.48
N THR T 11 18.49 -47.97 53.21
CA THR T 11 19.08 -48.96 52.28
C THR T 11 20.58 -48.73 52.12
N LEU T 12 20.96 -47.48 51.86
CA LEU T 12 22.35 -47.07 51.67
C LEU T 12 23.17 -47.16 52.97
N ASN T 13 22.56 -46.72 54.07
CA ASN T 13 23.19 -46.72 55.39
C ASN T 13 23.45 -48.14 55.92
N LYS T 14 22.50 -49.05 55.69
CA LYS T 14 22.64 -50.45 56.09
C LYS T 14 23.82 -51.11 55.38
N ASP T 15 23.94 -50.83 54.09
CA ASP T 15 25.06 -51.31 53.26
C ASP T 15 26.38 -50.72 53.76
N GLN T 16 26.36 -49.42 54.05
CA GLN T 16 27.53 -48.68 54.57
C GLN T 16 28.05 -49.34 55.86
N LEU T 17 27.12 -49.72 56.75
CA LEU T 17 27.43 -50.38 58.03
C LEU T 17 28.12 -51.72 57.80
N LEU T 18 27.63 -52.49 56.84
CA LEU T 18 28.18 -53.80 56.51
C LEU T 18 29.49 -53.75 55.72
N SER T 19 29.60 -52.74 54.87
CA SER T 19 30.81 -52.54 54.06
C SER T 19 31.98 -52.03 54.90
N SER T 20 31.67 -51.35 56.01
CA SER T 20 32.69 -50.79 56.90
C SER T 20 32.84 -51.51 58.25
N SER T 21 32.83 -52.85 58.21
CA SER T 21 32.99 -53.65 59.43
C SER T 21 34.45 -53.67 59.87
N LYS T 22 34.67 -53.38 61.15
CA LYS T 22 36.04 -53.34 61.71
C LYS T 22 36.54 -54.74 62.07
N TYR T 23 35.62 -55.70 62.18
CA TYR T 23 35.91 -57.07 62.60
C TYR T 23 35.41 -58.09 61.57
N THR T 24 35.98 -59.30 61.62
CA THR T 24 35.69 -60.37 60.66
C THR T 24 35.47 -61.74 61.28
N ILE T 25 34.59 -62.52 60.66
CA ILE T 25 34.33 -63.92 61.06
C ILE T 25 34.98 -64.90 60.07
N GLN T 26 35.41 -66.04 60.58
CA GLN T 26 36.02 -67.09 59.77
C GLN T 26 35.36 -68.42 60.11
N ARG T 27 34.78 -69.05 59.08
CA ARG T 27 34.02 -70.27 59.22
C ARG T 27 34.82 -71.55 58.95
N SER T 28 34.55 -72.58 59.74
CA SER T 28 35.19 -73.88 59.57
C SER T 28 34.41 -74.69 58.54
N THR T 29 35.08 -75.05 57.44
CA THR T 29 34.49 -75.83 56.34
C THR T 29 34.17 -77.27 56.70
N GLY T 30 34.93 -77.80 57.65
CA GLY T 30 34.84 -79.16 58.12
C GLY T 30 36.24 -79.67 58.38
N ASP T 31 36.55 -80.83 57.79
CA ASP T 31 37.87 -81.44 57.98
C ASP T 31 38.91 -81.14 56.90
N SER T 32 38.58 -81.43 55.64
CA SER T 32 39.48 -81.22 54.52
C SER T 32 38.77 -80.99 53.18
N ILE T 33 39.36 -80.12 52.36
CA ILE T 33 38.86 -79.81 51.02
C ILE T 33 39.97 -80.16 50.03
N ASP T 34 39.62 -80.96 49.01
CA ASP T 34 40.54 -81.33 47.95
C ASP T 34 40.71 -80.10 47.05
N THR T 35 41.95 -79.68 46.90
CA THR T 35 42.29 -78.54 46.05
C THR T 35 43.15 -79.02 44.88
N PRO T 36 42.51 -79.53 43.80
CA PRO T 36 43.31 -80.02 42.68
C PRO T 36 43.90 -78.90 41.84
N ASN T 37 45.15 -79.10 41.41
CA ASN T 37 45.85 -78.12 40.58
C ASN T 37 45.70 -78.53 39.11
N TYR T 38 46.23 -77.68 38.22
CA TYR T 38 46.17 -77.85 36.77
C TYR T 38 46.66 -79.21 36.25
N ASP T 39 47.63 -79.80 36.94
CA ASP T 39 48.21 -81.10 36.56
C ASP T 39 47.21 -82.25 36.57
N VAL T 40 46.23 -82.15 37.45
CA VAL T 40 45.18 -83.14 37.64
C VAL T 40 43.92 -82.90 36.79
N GLN T 41 43.85 -81.71 36.18
CA GLN T 41 42.72 -81.27 35.34
C GLN T 41 42.30 -82.23 34.23
N LYS T 42 43.29 -82.72 33.47
CA LYS T 42 43.06 -83.66 32.37
C LYS T 42 42.46 -84.98 32.86
N HIS T 43 42.93 -85.45 34.02
CA HIS T 43 42.45 -86.68 34.64
C HIS T 43 40.98 -86.57 35.07
N ILE T 44 40.59 -85.41 35.60
CA ILE T 44 39.21 -85.16 36.05
C ILE T 44 38.28 -85.09 34.83
N ASN T 45 38.76 -84.49 33.74
CA ASN T 45 38.00 -84.40 32.50
C ASN T 45 37.70 -85.79 31.94
N LYS T 46 38.68 -86.69 32.07
CA LYS T 46 38.56 -88.09 31.64
C LYS T 46 37.52 -88.80 32.53
N LEU T 47 37.54 -88.49 33.82
CA LEU T 47 36.60 -89.04 34.80
C LEU T 47 35.17 -88.56 34.53
N CYS T 48 35.05 -87.30 34.10
CA CYS T 48 33.77 -86.70 33.71
C CYS T 48 33.23 -87.40 32.47
N GLY T 49 34.14 -87.66 31.52
CA GLY T 49 33.84 -88.36 30.28
C GLY T 49 33.40 -89.79 30.49
N MET T 50 33.99 -90.43 31.50
CA MET T 50 33.66 -91.81 31.88
C MET T 50 32.21 -91.93 32.34
N LEU T 51 31.74 -90.92 33.08
CA LEU T 51 30.35 -90.86 33.55
C LEU T 51 29.40 -90.53 32.41
N LEU T 52 29.89 -89.74 31.45
CA LEU T 52 29.10 -89.34 30.29
C LEU T 52 28.91 -90.44 29.24
N ILE T 53 29.88 -91.35 29.14
CA ILE T 53 29.78 -92.48 28.21
C ILE T 53 28.96 -93.64 28.79
N THR T 54 28.91 -93.70 30.12
CA THR T 54 28.19 -94.74 30.85
C THR T 54 26.67 -94.63 30.70
N GLU T 55 26.09 -95.64 30.07
CA GLU T 55 24.64 -95.74 29.88
C GLU T 55 24.04 -96.04 31.25
N ASP T 56 23.06 -95.22 31.65
CA ASP T 56 22.41 -95.29 32.96
C ASP T 56 23.44 -95.21 34.11
N ALA T 57 24.22 -94.14 34.07
CA ALA T 57 25.30 -93.88 35.03
C ALA T 57 24.81 -93.48 36.41
N ASN T 58 25.63 -93.77 37.41
CA ASN T 58 25.35 -93.41 38.79
C ASN T 58 25.94 -92.01 39.02
N HIS T 59 25.08 -91.00 38.94
CA HIS T 59 25.47 -89.61 39.12
C HIS T 59 25.43 -89.11 40.56
N LYS T 60 25.72 -90.01 41.50
CA LYS T 60 25.74 -89.70 42.93
C LYS T 60 26.93 -88.80 43.27
N PHE T 61 28.01 -88.93 42.50
CA PHE T 61 29.25 -88.22 42.74
C PHE T 61 29.61 -87.15 41.71
N THR T 62 28.77 -87.03 40.68
CA THR T 62 28.96 -86.07 39.58
C THR T 62 29.00 -84.59 40.02
N GLY T 63 28.21 -84.24 41.04
CA GLY T 63 28.16 -82.91 41.61
C GLY T 63 29.50 -82.55 42.22
N LEU T 64 30.08 -83.50 42.95
CA LEU T 64 31.39 -83.34 43.57
C LEU T 64 32.54 -83.39 42.55
N ILE T 65 32.43 -84.31 41.58
CA ILE T 65 33.41 -84.47 40.50
C ILE T 65 33.44 -83.19 39.64
N GLY T 66 32.26 -82.63 39.39
CA GLY T 66 32.07 -81.39 38.65
C GLY T 66 32.79 -80.24 39.35
N MET T 67 32.67 -80.19 40.68
CA MET T 67 33.32 -79.20 41.51
C MET T 67 34.84 -79.32 41.48
N LEU T 68 35.32 -80.57 41.44
CA LEU T 68 36.75 -80.85 41.35
C LEU T 68 37.34 -80.36 40.04
N TYR T 69 36.58 -80.51 38.94
CA TYR T 69 36.99 -80.03 37.63
C TYR T 69 37.08 -78.50 37.59
N ALA T 70 36.09 -77.84 38.20
CA ALA T 70 36.06 -76.39 38.28
C ALA T 70 37.24 -75.87 39.10
N MET T 71 37.58 -76.60 40.16
CA MET T 71 38.71 -76.27 41.04
C MET T 71 40.05 -76.52 40.34
N SER T 72 40.12 -77.56 39.52
CA SER T 72 41.33 -77.90 38.76
C SER T 72 41.60 -76.91 37.64
N ARG T 73 40.53 -76.24 37.17
CA ARG T 73 40.63 -75.19 36.15
C ARG T 73 41.16 -73.91 36.81
N LEU T 74 40.69 -73.65 38.04
CA LEU T 74 41.13 -72.51 38.82
C LEU T 74 42.57 -72.71 39.32
N GLY T 75 42.88 -73.95 39.70
CA GLY T 75 44.20 -74.36 40.19
C GLY T 75 44.39 -74.06 41.65
N ARG T 76 44.89 -75.06 42.40
CA ARG T 76 45.15 -75.02 43.84
C ARG T 76 45.27 -73.63 44.50
N GLU T 77 46.23 -72.83 44.04
CA GLU T 77 46.49 -71.48 44.57
C GLU T 77 45.27 -70.57 44.57
N ASP T 78 44.62 -70.45 43.40
CA ASP T 78 43.42 -69.62 43.24
C ASP T 78 42.21 -70.14 44.01
N THR T 79 41.95 -71.46 43.94
CA THR T 79 40.84 -72.05 44.70
C THR T 79 40.93 -71.85 46.22
N ILE T 80 42.14 -71.97 46.78
CA ILE T 80 42.39 -71.72 48.21
C ILE T 80 42.09 -70.25 48.51
N LYS T 81 42.54 -69.36 47.63
CA LYS T 81 42.31 -67.92 47.72
C LYS T 81 40.83 -67.58 47.73
N ILE T 82 40.05 -68.22 46.85
CA ILE T 82 38.59 -67.99 46.79
C ILE T 82 37.87 -68.48 48.03
N LEU T 83 38.36 -69.57 48.61
CA LEU T 83 37.81 -70.14 49.84
C LEU T 83 38.10 -69.26 51.04
N ARG T 84 39.31 -68.70 51.10
CA ARG T 84 39.73 -67.82 52.18
C ARG T 84 39.06 -66.45 52.10
N ASP T 85 38.92 -65.93 50.88
CA ASP T 85 38.26 -64.64 50.64
C ASP T 85 36.76 -64.70 50.95
N ALA T 86 36.18 -65.88 50.79
CA ALA T 86 34.75 -66.13 51.07
C ALA T 86 34.47 -66.12 52.57
N GLY T 87 35.50 -66.44 53.36
CA GLY T 87 35.45 -66.46 54.81
C GLY T 87 35.50 -67.85 55.41
N TYR T 88 36.31 -68.72 54.80
CA TYR T 88 36.44 -70.11 55.27
C TYR T 88 37.86 -70.52 55.62
N HIS T 89 37.98 -71.30 56.70
CA HIS T 89 39.25 -71.85 57.18
C HIS T 89 39.43 -73.16 56.45
N VAL T 90 40.46 -73.22 55.60
CA VAL T 90 40.70 -74.40 54.75
C VAL T 90 41.94 -75.25 54.97
N LYS T 91 41.70 -76.54 55.17
CA LYS T 91 42.74 -77.55 55.29
C LYS T 91 42.78 -78.19 53.90
N ALA T 92 43.70 -77.68 53.08
CA ALA T 92 43.83 -78.10 51.70
C ALA T 92 44.43 -79.49 51.53
N ASN T 93 43.76 -80.30 50.71
CA ASN T 93 44.21 -81.65 50.39
C ASN T 93 44.78 -81.65 48.97
N GLY T 94 46.03 -82.06 48.83
CA GLY T 94 46.73 -82.13 47.56
C GLY T 94 46.30 -83.35 46.76
N VAL T 95 45.79 -83.10 45.55
CA VAL T 95 45.33 -84.16 44.66
C VAL T 95 46.47 -84.59 43.73
N ASP T 96 46.84 -85.87 43.83
CA ASP T 96 47.90 -86.47 43.03
C ASP T 96 47.38 -87.74 42.34
N VAL T 97 48.01 -88.10 41.21
CA VAL T 97 47.64 -89.31 40.47
C VAL T 97 48.52 -90.48 40.94
N THR T 98 47.86 -91.57 41.32
CA THR T 98 48.52 -92.79 41.78
C THR T 98 47.91 -94.00 41.07
N THR T 99 48.74 -95.02 40.85
CA THR T 99 48.30 -96.26 40.21
C THR T 99 47.87 -97.26 41.26
N HIS T 100 46.62 -97.72 41.16
CA HIS T 100 46.05 -98.69 42.09
C HIS T 100 45.84 -100.04 41.42
N ARG T 101 46.40 -101.08 42.05
CA ARG T 101 46.28 -102.45 41.55
C ARG T 101 45.26 -103.23 42.38
N GLN T 102 44.23 -103.70 41.71
CA GLN T 102 43.15 -104.47 42.34
C GLN T 102 42.66 -105.56 41.38
N ASP T 103 42.49 -106.77 41.92
CA ASP T 103 42.03 -107.91 41.13
C ASP T 103 40.51 -108.01 41.03
N ILE T 104 40.00 -107.50 39.90
CA ILE T 104 38.56 -107.53 39.59
C ILE T 104 38.30 -108.75 38.71
N ASN T 105 37.41 -109.61 39.21
CA ASN T 105 37.02 -110.88 38.57
C ASN T 105 38.21 -111.84 38.38
N GLY T 106 39.08 -111.89 39.39
CA GLY T 106 40.28 -112.73 39.40
C GLY T 106 41.51 -112.08 38.80
N LYS T 107 41.33 -111.48 37.62
CA LYS T 107 42.40 -110.81 36.88
C LYS T 107 42.81 -109.50 37.54
N GLU T 108 44.11 -109.39 37.84
CA GLU T 108 44.69 -108.19 38.47
C GLU T 108 44.70 -107.04 37.46
N MET T 109 44.08 -105.93 37.85
CA MET T 109 43.95 -104.76 36.99
C MET T 109 44.58 -103.48 37.57
N LYS T 110 45.06 -102.62 36.67
CA LYS T 110 45.67 -101.34 37.03
C LYS T 110 44.70 -100.20 36.75
N PHE T 111 44.67 -99.23 37.67
CA PHE T 111 43.80 -98.05 37.56
C PHE T 111 44.52 -96.78 37.97
N GLU T 112 44.29 -95.70 37.23
CA GLU T 112 44.86 -94.40 37.55
C GLU T 112 43.81 -93.66 38.38
N VAL T 113 44.10 -93.51 39.67
CA VAL T 113 43.20 -92.86 40.62
C VAL T 113 43.78 -91.57 41.22
N LEU T 114 42.90 -90.74 41.78
CA LEU T 114 43.28 -89.49 42.42
C LEU T 114 43.25 -89.63 43.93
N THR T 115 44.19 -88.97 44.60
CA THR T 115 44.27 -88.96 46.06
C THR T 115 43.28 -87.93 46.61
N LEU T 116 42.02 -88.36 46.67
CA LEU T 116 40.91 -87.51 47.12
C LEU T 116 40.35 -88.00 48.44
N ALA T 117 39.98 -87.04 49.29
CA ALA T 117 39.37 -87.32 50.59
C ALA T 117 37.87 -87.51 50.41
N SER T 118 37.27 -86.64 49.59
CA SER T 118 35.85 -86.66 49.28
C SER T 118 35.43 -87.87 48.45
N LEU T 119 36.34 -88.37 47.62
CA LEU T 119 36.07 -89.52 46.75
C LEU T 119 37.02 -90.68 47.00
N THR T 120 36.43 -91.84 47.33
CA THR T 120 37.16 -93.07 47.61
C THR T 120 37.78 -93.63 46.34
N THR T 121 38.95 -94.28 46.49
CA THR T 121 39.65 -94.93 45.38
C THR T 121 38.83 -96.14 44.89
N GLU T 122 38.06 -96.71 45.81
CA GLU T 122 37.18 -97.85 45.54
C GLU T 122 35.99 -97.43 44.68
N ILE T 123 35.51 -96.19 44.87
CA ILE T 123 34.39 -95.69 44.08
C ILE T 123 34.84 -95.12 42.73
N GLN T 124 36.11 -94.67 42.68
CA GLN T 124 36.72 -94.12 41.47
C GLN T 124 36.93 -95.21 40.43
N ILE T 125 37.38 -96.39 40.88
CA ILE T 125 37.63 -97.55 40.01
C ILE T 125 36.34 -98.07 39.40
N ASN T 126 35.25 -98.00 40.18
CA ASN T 126 33.92 -98.43 39.74
C ASN T 126 33.33 -97.56 38.63
N ILE T 127 33.73 -96.29 38.59
CA ILE T 127 33.32 -95.35 37.55
C ILE T 127 34.00 -95.78 36.24
N GLU T 128 35.29 -96.14 36.34
CA GLU T 128 36.09 -96.62 35.21
C GLU T 128 35.62 -98.00 34.74
N ILE T 129 35.27 -98.87 35.70
CA ILE T 129 34.79 -100.23 35.42
C ILE T 129 33.50 -100.21 34.60
N GLU T 130 32.51 -99.44 35.06
CA GLU T 130 31.21 -99.31 34.38
C GLU T 130 31.29 -98.58 33.04
N SER T 131 32.27 -97.69 32.90
CA SER T 131 32.49 -96.94 31.67
C SER T 131 33.06 -97.84 30.57
N ARG T 132 33.99 -98.72 30.97
CA ARG T 132 34.62 -99.69 30.08
C ARG T 132 33.59 -100.66 29.50
N LYS T 133 32.60 -101.03 30.33
CA LYS T 133 31.49 -101.90 29.94
C LYS T 133 30.66 -101.21 28.85
N SER T 134 30.35 -99.93 29.09
CA SER T 134 29.58 -99.10 28.16
C SER T 134 30.37 -98.76 26.90
N TYR T 135 31.70 -98.73 27.01
CA TYR T 135 32.60 -98.44 25.90
C TYR T 135 32.71 -99.62 24.94
N LYS T 136 32.84 -100.83 25.50
CA LYS T 136 32.96 -102.05 24.70
C LYS T 136 31.65 -102.40 23.98
N LYS T 137 30.52 -102.03 24.60
CA LYS T 137 29.18 -102.22 24.05
C LYS T 137 28.98 -101.22 22.90
N MET T 138 29.55 -100.02 23.08
CA MET T 138 29.52 -98.94 22.09
C MET T 138 30.43 -99.26 20.91
N LEU T 139 31.56 -99.92 21.20
CA LEU T 139 32.53 -100.35 20.19
C LEU T 139 31.98 -101.50 19.34
N LYS T 140 31.12 -102.32 19.96
CA LYS T 140 30.47 -103.45 19.30
C LYS T 140 29.35 -102.97 18.38
N GLU T 141 28.73 -101.84 18.73
CA GLU T 141 27.61 -101.26 17.98
C GLU T 141 28.02 -100.43 16.76
N MET T 142 29.08 -99.63 16.90
CA MET T 142 29.54 -98.76 15.82
C MET T 142 30.92 -99.05 15.21
N GLY T 143 31.56 -100.13 15.68
CA GLY T 143 32.86 -100.56 15.20
C GLY T 143 33.99 -99.69 15.73
N GLU T 144 34.06 -98.46 15.21
CA GLU T 144 35.06 -97.47 15.60
C GLU T 144 34.36 -96.29 16.27
N VAL T 145 34.85 -95.89 17.44
CA VAL T 145 34.27 -94.78 18.19
C VAL T 145 34.91 -93.43 17.87
N ALA T 146 34.09 -92.52 17.36
CA ALA T 146 34.49 -91.17 16.97
C ALA T 146 34.97 -90.32 18.16
N PRO T 147 35.78 -89.26 17.91
CA PRO T 147 36.26 -88.39 19.01
C PRO T 147 35.16 -87.69 19.81
N GLU T 148 34.00 -87.51 19.18
CA GLU T 148 32.83 -86.84 19.78
C GLU T 148 32.13 -87.73 20.82
N TYR T 149 32.14 -89.04 20.57
CA TYR T 149 31.46 -90.02 21.42
C TYR T 149 32.29 -90.55 22.60
N ARG T 150 33.60 -90.29 22.59
CA ARG T 150 34.51 -90.78 23.64
C ARG T 150 34.73 -89.89 24.87
N HIS T 151 35.25 -90.51 25.93
CA HIS T 151 35.54 -89.87 27.21
C HIS T 151 36.75 -88.92 27.19
N ASP T 152 37.63 -89.10 26.20
CA ASP T 152 38.85 -88.29 26.01
C ASP T 152 38.57 -86.81 25.70
N SER T 153 37.46 -86.56 25.00
CA SER T 153 37.05 -85.22 24.56
C SER T 153 37.20 -84.14 25.62
N PRO T 154 37.81 -82.98 25.26
CA PRO T 154 38.01 -81.85 26.18
C PRO T 154 36.71 -81.19 26.67
N ASP T 155 35.63 -81.41 25.93
CA ASP T 155 34.32 -80.87 26.26
C ASP T 155 33.69 -81.48 27.50
N CYS T 156 33.98 -82.77 27.73
CA CYS T 156 33.45 -83.57 28.84
C CYS T 156 33.24 -82.89 30.19
N GLY T 157 34.30 -82.33 30.76
CA GLY T 157 34.26 -81.64 32.04
C GLY T 157 33.28 -80.48 32.01
N MET T 158 33.38 -79.66 30.96
CA MET T 158 32.52 -78.49 30.77
C MET T 158 31.07 -78.82 30.46
N ILE T 159 30.83 -79.98 29.84
CA ILE T 159 29.47 -80.47 29.54
C ILE T 159 28.74 -80.69 30.87
N ILE T 160 29.44 -81.33 31.81
CA ILE T 160 28.91 -81.57 33.16
C ILE T 160 28.66 -80.26 33.89
N LEU T 161 29.60 -79.31 33.76
CA LEU T 161 29.47 -77.99 34.38
C LEU T 161 28.39 -77.11 33.72
N CYS T 162 27.93 -77.51 32.54
CA CYS T 162 26.85 -76.80 31.83
C CYS T 162 25.52 -76.95 32.57
N ILE T 163 25.25 -78.16 33.07
CA ILE T 163 24.04 -78.39 33.86
C ILE T 163 24.17 -77.82 35.28
N ALA T 164 25.42 -77.66 35.73
CA ALA T 164 25.72 -77.03 37.02
C ALA T 164 25.38 -75.54 36.95
N ALA T 165 25.57 -74.96 35.77
CA ALA T 165 25.22 -73.56 35.49
C ALA T 165 23.70 -73.40 35.45
N LEU T 166 23.01 -74.46 35.02
CA LEU T 166 21.54 -74.47 34.97
C LEU T 166 20.94 -74.61 36.37
N VAL T 167 21.62 -75.37 37.23
CA VAL T 167 21.22 -75.55 38.63
C VAL T 167 21.38 -74.21 39.36
N ILE T 168 22.52 -73.56 39.12
CA ILE T 168 22.84 -72.25 39.68
C ILE T 168 21.82 -71.18 39.25
N THR T 169 21.26 -71.38 38.04
CA THR T 169 20.26 -70.50 37.45
C THR T 169 18.95 -70.49 38.25
N LYS T 170 18.61 -71.64 38.82
CA LYS T 170 17.38 -71.83 39.59
C LYS T 170 17.55 -72.01 41.11
N LEU T 171 18.73 -71.63 41.62
CA LEU T 171 19.02 -71.73 43.06
C LEU T 171 18.33 -70.67 43.92
N ALA T 172 17.87 -69.59 43.26
CA ALA T 172 17.17 -68.47 43.90
C ALA T 172 15.89 -68.89 44.63
N ALA T 173 15.23 -69.93 44.11
CA ALA T 173 14.02 -70.49 44.70
C ALA T 173 14.35 -71.22 46.02
N GLY T 174 15.56 -71.80 46.08
CA GLY T 174 16.12 -72.50 47.22
C GLY T 174 15.37 -73.73 47.72
N ASP T 175 14.81 -74.52 46.81
CA ASP T 175 14.04 -75.72 47.18
C ASP T 175 13.97 -76.83 46.12
N ARG T 176 14.88 -76.78 45.13
CA ARG T 176 14.93 -77.76 44.03
C ARG T 176 13.72 -77.75 43.09
N SER T 177 12.87 -76.72 43.22
CA SER T 177 11.66 -76.56 42.41
C SER T 177 11.98 -76.33 40.93
N GLY T 178 13.12 -75.68 40.67
CA GLY T 178 13.61 -75.37 39.35
C GLY T 178 14.04 -76.55 38.51
N LEU T 179 14.26 -77.70 39.14
CA LEU T 179 14.70 -78.96 38.49
C LEU T 179 14.02 -79.28 37.15
N THR T 180 12.70 -79.07 37.10
CA THR T 180 11.90 -79.30 35.89
C THR T 180 12.38 -78.41 34.74
N ALA T 181 12.60 -77.13 35.04
CA ALA T 181 13.11 -76.15 34.08
C ALA T 181 14.57 -76.43 33.72
N VAL T 182 15.32 -76.93 34.70
CA VAL T 182 16.73 -77.29 34.53
C VAL T 182 16.84 -78.40 33.48
N ILE T 183 15.99 -79.43 33.60
CA ILE T 183 15.95 -80.55 32.65
C ILE T 183 15.48 -80.06 31.28
N ARG T 184 14.36 -79.32 31.28
CA ARG T 184 13.77 -78.75 30.07
C ARG T 184 14.79 -78.00 29.22
N ARG T 185 15.51 -77.06 29.85
CA ARG T 185 16.53 -76.25 29.18
C ARG T 185 17.75 -77.06 28.74
N ALA T 186 18.11 -78.07 29.54
CA ALA T 186 19.23 -78.98 29.25
C ALA T 186 18.95 -79.83 28.01
N ASN T 187 17.69 -79.85 27.58
CA ASN T 187 17.27 -80.59 26.40
C ASN T 187 17.21 -79.68 25.16
N ASN T 188 16.75 -78.44 25.33
CA ASN T 188 16.65 -77.45 24.25
C ASN T 188 18.07 -77.02 23.86
N VAL T 189 18.80 -76.51 24.85
CA VAL T 189 20.22 -76.16 24.74
C VAL T 189 20.87 -77.52 25.05
N LEU T 190 22.14 -77.71 24.68
CA LEU T 190 22.86 -78.95 24.99
C LEU T 190 22.29 -80.24 24.35
N LYS T 191 21.53 -80.07 23.26
CA LYS T 191 20.90 -81.19 22.55
C LYS T 191 21.89 -82.09 21.82
N ASN T 192 22.88 -81.47 21.17
CA ASN T 192 23.94 -82.15 20.44
C ASN T 192 24.85 -82.95 21.39
N GLU T 193 25.06 -82.40 22.58
CA GLU T 193 25.88 -83.00 23.64
C GLU T 193 25.24 -84.29 24.19
N MET T 194 23.91 -84.27 24.27
CA MET T 194 23.11 -85.41 24.75
C MET T 194 23.12 -86.56 23.74
N LYS T 195 23.27 -86.21 22.46
CA LYS T 195 23.33 -87.19 21.36
C LYS T 195 24.63 -87.99 21.45
N ARG T 196 25.74 -87.29 21.71
CA ARG T 196 27.06 -87.93 21.81
C ARG T 196 27.34 -88.67 23.12
N TYR T 197 26.63 -88.28 24.19
CA TYR T 197 26.82 -88.91 25.49
C TYR T 197 25.58 -89.53 26.12
N LYS T 198 25.59 -90.86 26.22
CA LYS T 198 24.51 -91.67 26.80
C LYS T 198 24.25 -91.35 28.28
N GLY T 199 25.31 -90.97 28.99
CA GLY T 199 25.30 -90.65 30.41
C GLY T 199 24.93 -89.23 30.77
N LEU T 200 24.59 -88.41 29.78
CA LEU T 200 24.16 -87.04 30.04
C LEU T 200 22.69 -87.09 30.42
N LEU T 201 22.45 -87.34 31.71
CA LEU T 201 21.12 -87.45 32.29
C LEU T 201 20.86 -86.17 33.11
N PRO T 202 20.21 -85.15 32.49
CA PRO T 202 19.95 -83.88 33.18
C PRO T 202 19.42 -84.00 34.60
N LYS T 203 18.36 -84.80 34.80
CA LYS T 203 17.76 -85.01 36.12
C LYS T 203 18.76 -85.54 37.15
N ASP T 204 19.52 -86.58 36.78
CA ASP T 204 20.51 -87.21 37.64
C ASP T 204 21.67 -86.31 38.02
N ILE T 205 22.23 -85.60 37.03
CA ILE T 205 23.36 -84.68 37.24
C ILE T 205 22.91 -83.43 37.99
N ALA T 206 21.74 -82.89 37.64
CA ALA T 206 21.17 -81.70 38.27
C ALA T 206 20.91 -81.88 39.76
N ASN T 207 20.43 -83.07 40.13
CA ASN T 207 20.16 -83.41 41.52
C ASN T 207 21.47 -83.52 42.30
N SER T 208 22.51 -84.04 41.64
CA SER T 208 23.83 -84.19 42.24
C SER T 208 24.43 -82.83 42.60
N PHE T 209 24.28 -81.87 41.68
CA PHE T 209 24.76 -80.50 41.91
C PHE T 209 23.93 -79.79 42.97
N TYR T 210 22.61 -80.01 42.94
CA TYR T 210 21.68 -79.46 43.93
C TYR T 210 22.11 -79.94 45.33
N GLU T 211 22.45 -81.23 45.42
CA GLU T 211 22.90 -81.86 46.66
C GLU T 211 24.23 -81.28 47.16
N VAL T 212 25.21 -81.15 46.26
CA VAL T 212 26.53 -80.60 46.59
C VAL T 212 26.48 -79.14 47.08
N PHE T 213 25.58 -78.35 46.48
CA PHE T 213 25.39 -76.95 46.85
C PHE T 213 24.64 -76.80 48.17
N GLU T 214 23.77 -77.77 48.46
CA GLU T 214 23.01 -77.81 49.71
C GLU T 214 23.89 -78.28 50.87
N LYS T 215 24.63 -79.36 50.64
CA LYS T 215 25.52 -79.92 51.65
C LYS T 215 26.78 -79.08 51.89
N HIS T 216 27.33 -78.51 50.83
CA HIS T 216 28.53 -77.68 50.91
C HIS T 216 28.29 -76.29 50.29
N PRO T 217 27.79 -75.33 51.09
CA PRO T 217 27.50 -73.97 50.62
C PRO T 217 28.71 -73.18 50.12
N HIS T 218 29.89 -73.59 50.55
CA HIS T 218 31.14 -72.97 50.13
C HIS T 218 31.47 -73.31 48.67
N PHE T 219 30.97 -74.45 48.21
CA PHE T 219 31.15 -74.90 46.83
C PHE T 219 30.36 -74.04 45.84
N ILE T 220 29.27 -73.45 46.30
CA ILE T 220 28.47 -72.56 45.47
C ILE T 220 29.26 -71.27 45.22
N ASP T 221 30.02 -70.83 46.22
CA ASP T 221 30.90 -69.67 46.13
C ASP T 221 32.04 -70.00 45.16
N VAL T 222 32.55 -71.23 45.26
CA VAL T 222 33.61 -71.72 44.40
C VAL T 222 33.15 -71.75 42.94
N PHE T 223 31.96 -72.31 42.71
CA PHE T 223 31.38 -72.39 41.37
C PHE T 223 31.10 -71.03 40.74
N VAL T 224 30.48 -70.13 41.50
CA VAL T 224 30.15 -68.78 41.02
C VAL T 224 31.43 -68.06 40.60
N HIS T 225 32.45 -68.12 41.45
CA HIS T 225 33.75 -67.51 41.16
C HIS T 225 34.51 -68.17 40.04
N PHE T 226 34.28 -69.47 39.84
CA PHE T 226 34.88 -70.19 38.72
C PHE T 226 34.21 -69.72 37.43
N GLY T 227 32.87 -69.68 37.44
CA GLY T 227 32.04 -69.26 36.32
C GLY T 227 32.40 -67.87 35.81
N ILE T 228 32.66 -66.95 36.75
CA ILE T 228 33.07 -65.58 36.44
C ILE T 228 34.47 -65.61 35.82
N ALA T 229 35.38 -66.39 36.42
CA ALA T 229 36.76 -66.56 35.94
C ALA T 229 36.82 -67.19 34.55
N GLN T 230 35.90 -68.14 34.33
CA GLN T 230 35.73 -68.84 33.05
C GLN T 230 35.16 -67.85 32.04
N SER T 231 34.19 -67.04 32.46
CA SER T 231 33.58 -66.04 31.59
C SER T 231 34.46 -64.80 31.33
N SER T 232 35.63 -64.76 31.98
CA SER T 232 36.61 -63.69 31.80
C SER T 232 37.58 -64.00 30.66
N THR T 233 37.51 -65.24 30.16
CA THR T 233 38.35 -65.74 29.08
C THR T 233 38.20 -64.95 27.77
N ARG T 234 39.24 -65.01 26.94
CA ARG T 234 39.28 -64.32 25.65
C ARG T 234 38.45 -65.01 24.57
N GLY T 235 38.42 -66.35 24.63
CA GLY T 235 37.70 -67.21 23.73
C GLY T 235 37.72 -68.64 24.22
N GLY T 236 37.17 -69.55 23.44
CA GLY T 236 37.14 -70.97 23.75
C GLY T 236 36.30 -71.82 22.82
N SER T 237 35.96 -73.03 23.30
CA SER T 237 35.14 -73.97 22.54
C SER T 237 33.67 -73.53 22.54
N ARG T 238 32.85 -74.19 21.72
CA ARG T 238 31.43 -73.89 21.68
C ARG T 238 30.70 -74.29 22.96
N VAL T 239 31.16 -75.39 23.57
CA VAL T 239 30.65 -75.91 24.84
C VAL T 239 30.97 -74.91 25.97
N GLU T 240 32.15 -74.30 25.89
CA GLU T 240 32.59 -73.27 26.82
C GLU T 240 31.76 -71.99 26.64
N GLY T 241 31.30 -71.77 25.40
CA GLY T 241 30.44 -70.65 25.05
C GLY T 241 29.04 -70.86 25.57
N ILE T 242 28.56 -72.11 25.50
CA ILE T 242 27.25 -72.53 26.00
C ILE T 242 27.23 -72.30 27.52
N PHE T 243 28.27 -72.79 28.19
CA PHE T 243 28.42 -72.64 29.65
C PHE T 243 28.35 -71.17 30.05
N ALA T 244 29.15 -70.34 29.39
CA ALA T 244 29.23 -68.91 29.65
C ALA T 244 27.88 -68.22 29.53
N GLY T 245 27.10 -68.63 28.53
CA GLY T 245 25.77 -68.12 28.25
C GLY T 245 24.79 -68.55 29.33
N LEU T 246 24.82 -69.85 29.65
CA LEU T 246 23.97 -70.44 30.68
C LEU T 246 24.29 -69.90 32.09
N PHE T 247 25.58 -69.66 32.35
CA PHE T 247 26.04 -69.11 33.62
C PHE T 247 25.57 -67.67 33.77
N MET T 248 25.58 -66.93 32.68
CA MET T 248 25.12 -65.54 32.68
C MET T 248 23.61 -65.37 32.80
N ASN T 249 22.87 -66.46 32.57
CA ASN T 249 21.42 -66.48 32.72
C ASN T 249 21.08 -66.39 34.21
N ALA T 250 22.02 -66.82 35.06
CA ALA T 250 21.89 -66.77 36.52
C ALA T 250 22.00 -65.37 37.07
N TYR T 251 22.72 -64.49 36.36
CA TYR T 251 22.89 -63.09 36.78
C TYR T 251 21.52 -62.43 36.94
N GLY T 252 21.27 -61.96 38.16
CA GLY T 252 20.03 -61.28 38.50
C GLY T 252 18.93 -62.20 38.99
N ALA T 253 19.29 -63.41 39.42
CA ALA T 253 18.31 -64.36 39.96
C ALA T 253 17.98 -63.98 41.40
N GLY T 254 16.70 -64.06 41.74
CA GLY T 254 16.19 -63.69 43.05
C GLY T 254 15.91 -62.20 43.12
N GLN T 255 15.93 -61.55 41.96
CA GLN T 255 15.70 -60.11 41.83
C GLN T 255 15.00 -59.78 40.51
N VAL T 256 14.00 -60.59 40.16
CA VAL T 256 13.20 -60.42 38.95
C VAL T 256 12.29 -59.19 39.02
N MET T 257 11.86 -58.87 40.24
CA MET T 257 11.00 -57.72 40.50
C MET T 257 11.68 -56.39 40.13
N LEU T 258 13.00 -56.36 40.27
CA LEU T 258 13.84 -55.21 39.94
C LEU T 258 13.80 -54.96 38.43
N ARG T 259 13.88 -56.04 37.65
CA ARG T 259 13.86 -55.98 36.19
C ARG T 259 12.46 -55.72 35.65
N TRP T 260 11.46 -56.29 36.30
CA TRP T 260 10.06 -56.11 35.95
C TRP T 260 9.57 -54.70 36.27
N GLY T 261 10.24 -54.06 37.23
CA GLY T 261 9.98 -52.69 37.64
C GLY T 261 10.40 -51.73 36.55
N VAL T 262 11.55 -52.01 35.92
CA VAL T 262 12.08 -51.20 34.82
C VAL T 262 11.16 -51.38 33.60
N LEU T 263 10.62 -52.59 33.44
CA LEU T 263 9.69 -52.91 32.35
C LEU T 263 8.40 -52.10 32.45
N ALA T 264 7.83 -52.05 33.66
CA ALA T 264 6.61 -51.30 33.95
C ALA T 264 6.76 -49.82 33.62
N LYS T 265 7.95 -49.29 33.92
CA LYS T 265 8.34 -47.91 33.61
C LYS T 265 8.48 -47.73 32.09
N SER T 266 9.14 -48.70 31.45
CA SER T 266 9.39 -48.69 30.00
C SER T 266 8.11 -48.75 29.16
N VAL T 267 7.13 -49.53 29.62
CA VAL T 267 5.84 -49.66 28.95
C VAL T 267 4.87 -48.55 29.35
N LYS T 268 5.28 -47.78 30.37
CA LYS T 268 4.51 -46.65 30.92
C LYS T 268 3.14 -47.05 31.46
N ASN T 269 3.14 -48.03 32.38
CA ASN T 269 1.92 -48.52 33.01
C ASN T 269 1.36 -47.41 33.90
N ILE T 270 0.14 -46.98 33.57
CA ILE T 270 -0.59 -45.91 34.24
C ILE T 270 -0.63 -45.97 35.77
N MET T 271 -0.80 -47.18 36.30
CA MET T 271 -0.87 -47.43 37.74
C MET T 271 0.36 -47.05 38.57
N LEU T 272 1.46 -46.72 37.89
CA LEU T 272 2.71 -46.27 38.54
C LEU T 272 2.55 -44.86 39.10
N GLY T 273 1.64 -44.10 38.50
CA GLY T 273 1.34 -42.73 38.89
C GLY T 273 0.36 -42.60 40.05
N HIS T 274 -0.18 -43.74 40.50
CA HIS T 274 -1.11 -43.78 41.63
C HIS T 274 -0.52 -43.20 42.90
N ALA T 275 -1.36 -42.52 43.68
CA ALA T 275 -0.98 -41.86 44.92
C ALA T 275 -0.19 -42.70 45.92
N SER T 276 -0.64 -43.94 46.14
CA SER T 276 0.01 -44.87 47.07
C SER T 276 1.34 -45.44 46.55
N VAL T 277 1.48 -45.45 45.22
CA VAL T 277 2.69 -45.92 44.55
C VAL T 277 3.74 -44.79 44.58
N GLN T 278 3.26 -43.56 44.40
CA GLN T 278 4.09 -42.36 44.42
C GLN T 278 4.71 -42.08 45.80
N ALA T 279 4.02 -42.50 46.86
CA ALA T 279 4.50 -42.34 48.24
C ALA T 279 5.74 -43.18 48.50
N GLU T 280 5.79 -44.36 47.87
CA GLU T 280 6.91 -45.30 48.00
C GLU T 280 8.12 -44.93 47.15
N MET T 281 7.87 -44.17 46.08
CA MET T 281 8.89 -43.75 45.11
C MET T 281 10.25 -43.28 45.61
N GLU T 282 10.25 -42.46 46.66
CA GLU T 282 11.48 -41.94 47.28
C GLU T 282 12.38 -43.09 47.73
N GLN T 283 11.77 -44.11 48.33
CA GLN T 283 12.47 -45.28 48.84
C GLN T 283 12.77 -46.35 47.78
N VAL T 284 11.92 -46.46 46.75
CA VAL T 284 12.16 -47.44 45.66
C VAL T 284 13.35 -47.04 44.80
N VAL T 285 13.57 -45.72 44.69
CA VAL T 285 14.69 -45.16 43.95
C VAL T 285 15.99 -45.49 44.70
N GLU T 286 15.94 -45.43 46.04
CA GLU T 286 17.07 -45.75 46.92
C GLU T 286 17.64 -47.15 46.62
N VAL T 287 16.75 -48.14 46.49
CA VAL T 287 17.13 -49.52 46.18
C VAL T 287 17.67 -49.66 44.75
N TYR T 288 17.04 -48.98 43.80
CA TYR T 288 17.48 -48.99 42.41
C TYR T 288 18.86 -48.35 42.26
N GLU T 289 19.07 -47.25 42.99
CA GLU T 289 20.36 -46.55 43.02
C GLU T 289 21.41 -47.40 43.73
N TYR T 290 20.97 -48.19 44.71
CA TYR T 290 21.82 -49.13 45.44
C TYR T 290 22.26 -50.27 44.53
N ALA T 291 21.32 -50.77 43.72
CA ALA T 291 21.56 -51.83 42.75
C ALA T 291 22.52 -51.33 41.66
N GLN T 292 22.37 -50.06 41.29
CA GLN T 292 23.22 -49.39 40.30
C GLN T 292 24.63 -49.23 40.87
N LYS T 293 24.71 -48.90 42.15
CA LYS T 293 25.98 -48.71 42.88
C LYS T 293 26.81 -49.99 42.95
N LEU T 294 26.16 -51.09 43.33
CA LEU T 294 26.80 -52.40 43.45
C LEU T 294 27.31 -52.96 42.12
N GLY T 295 26.57 -52.67 41.05
CA GLY T 295 26.89 -53.11 39.70
C GLY T 295 26.82 -54.61 39.56
N GLY T 296 27.84 -55.17 38.93
CA GLY T 296 27.96 -56.60 38.66
C GLY T 296 27.96 -57.50 39.88
N GLU T 297 28.47 -56.97 40.99
CA GLU T 297 28.56 -57.66 42.29
C GLU T 297 27.20 -58.22 42.73
N ALA T 298 26.16 -57.39 42.56
CA ALA T 298 24.77 -57.70 42.95
C ALA T 298 24.10 -58.86 42.21
N GLY T 299 24.62 -59.21 41.03
CA GLY T 299 24.08 -60.27 40.19
C GLY T 299 23.94 -61.64 40.84
N PHE T 300 24.93 -62.03 41.63
CA PHE T 300 24.95 -63.33 42.31
C PHE T 300 24.67 -63.27 43.81
N TYR T 301 24.09 -62.15 44.25
CA TYR T 301 23.74 -61.91 45.65
C TYR T 301 22.74 -62.89 46.25
N HIS T 302 21.85 -63.43 45.42
CA HIS T 302 20.86 -64.39 45.88
C HIS T 302 21.31 -65.83 45.71
N ILE T 303 22.07 -66.08 44.63
CA ILE T 303 22.63 -67.41 44.33
C ILE T 303 23.52 -67.83 45.50
N LEU T 304 24.55 -67.03 45.79
CA LEU T 304 25.37 -67.20 46.99
C LEU T 304 24.46 -66.50 48.01
N ASN T 305 24.25 -67.08 49.18
CA ASN T 305 23.36 -66.43 50.15
C ASN T 305 24.00 -65.21 50.81
N ASN T 306 24.23 -64.18 50.00
CA ASN T 306 24.83 -62.92 50.44
C ASN T 306 23.85 -62.23 51.38
N PRO T 307 24.34 -61.76 52.55
CA PRO T 307 23.50 -61.10 53.57
C PRO T 307 22.78 -59.85 53.06
N LYS T 308 23.47 -59.11 52.18
CA LYS T 308 22.95 -57.88 51.60
C LYS T 308 21.86 -58.08 50.54
N ALA T 309 21.60 -59.34 50.16
CA ALA T 309 20.57 -59.68 49.16
C ALA T 309 19.18 -59.16 49.50
N SER T 310 18.89 -59.10 50.81
CA SER T 310 17.62 -58.64 51.35
C SER T 310 17.39 -57.15 51.04
N LEU T 311 18.48 -56.38 50.97
CA LEU T 311 18.45 -54.94 50.69
C LEU T 311 17.94 -54.56 49.30
N LEU T 312 18.02 -55.52 48.37
CA LEU T 312 17.58 -55.33 46.99
C LEU T 312 16.09 -55.63 46.77
N SER T 313 15.39 -56.00 47.85
CA SER T 313 13.97 -56.34 47.80
C SER T 313 13.05 -55.13 47.59
N LEU T 314 12.06 -55.32 46.73
CA LEU T 314 11.03 -54.31 46.44
C LEU T 314 9.71 -54.70 47.12
N THR T 315 9.69 -55.91 47.67
CA THR T 315 8.55 -56.49 48.41
C THR T 315 8.16 -55.61 49.60
N GLN T 316 9.15 -54.91 50.15
CA GLN T 316 8.96 -53.96 51.26
C GLN T 316 8.09 -52.74 50.86
N PHE T 317 7.80 -52.63 49.56
CA PHE T 317 6.95 -51.60 49.00
C PHE T 317 5.74 -52.29 48.35
N PRO T 318 4.67 -52.58 49.15
CA PRO T 318 3.46 -53.29 48.72
C PRO T 318 2.78 -52.75 47.45
N HIS T 319 2.66 -51.43 47.37
CA HIS T 319 1.99 -50.77 46.24
C HIS T 319 2.74 -50.87 44.92
N PHE T 320 4.01 -50.48 44.93
CA PHE T 320 4.88 -50.55 43.75
C PHE T 320 5.07 -51.98 43.24
N SER T 321 5.27 -52.92 44.17
CA SER T 321 5.42 -54.34 43.84
C SER T 321 4.21 -54.90 43.13
N SER T 322 3.02 -54.48 43.59
CA SER T 322 1.74 -54.91 43.05
C SER T 322 1.50 -54.46 41.61
N VAL T 323 1.76 -53.18 41.32
CA VAL T 323 1.63 -52.64 39.96
C VAL T 323 2.66 -53.29 39.02
N VAL T 324 3.87 -53.53 39.55
CA VAL T 324 4.95 -54.18 38.82
C VAL T 324 4.58 -55.63 38.48
N LEU T 325 4.01 -56.34 39.47
CA LEU T 325 3.55 -57.72 39.30
C LEU T 325 2.34 -57.80 38.39
N GLY T 326 1.48 -56.78 38.45
CA GLY T 326 0.28 -56.65 37.62
C GLY T 326 0.65 -56.48 36.18
N ASN T 327 1.57 -55.54 35.91
CA ASN T 327 2.09 -55.26 34.58
C ASN T 327 2.71 -56.51 33.94
N ALA T 328 3.42 -57.29 34.76
CA ALA T 328 4.07 -58.53 34.36
C ALA T 328 3.03 -59.60 33.98
N ALA T 329 1.90 -59.60 34.69
CA ALA T 329 0.80 -60.54 34.43
C ALA T 329 0.01 -60.12 33.19
N GLY T 330 -0.22 -58.82 33.04
CA GLY T 330 -0.94 -58.21 31.93
C GLY T 330 -0.22 -58.38 30.61
N LEU T 331 1.11 -58.35 30.66
CA LEU T 331 1.97 -58.55 29.49
C LEU T 331 2.20 -60.04 29.24
N GLY T 332 1.68 -60.88 30.14
CA GLY T 332 1.75 -62.33 30.09
C GLY T 332 3.16 -62.88 30.17
N ILE T 333 3.99 -62.26 31.01
CA ILE T 333 5.39 -62.67 31.18
C ILE T 333 5.72 -63.47 32.43
N MET T 334 4.80 -63.49 33.40
CA MET T 334 4.97 -64.28 34.63
C MET T 334 4.27 -65.64 34.50
N GLY T 335 4.19 -66.39 35.60
CA GLY T 335 3.53 -67.69 35.62
C GLY T 335 4.49 -68.80 35.20
N GLU T 336 4.71 -69.80 36.06
CA GLU T 336 4.10 -69.89 37.39
C GLU T 336 4.99 -69.27 38.47
N TYR T 337 5.07 -67.94 38.46
CA TYR T 337 5.83 -67.17 39.43
C TYR T 337 5.05 -67.16 40.73
N ARG T 338 5.67 -67.68 41.80
CA ARG T 338 5.04 -67.79 43.11
C ARG T 338 4.97 -66.51 43.95
N GLY T 339 5.06 -65.36 43.29
CA GLY T 339 4.96 -64.05 43.92
C GLY T 339 3.51 -63.62 44.00
N THR T 340 3.13 -63.15 45.19
CA THR T 340 1.77 -62.70 45.49
C THR T 340 1.75 -61.18 45.72
N PRO T 341 0.80 -60.46 45.07
CA PRO T 341 0.68 -59.01 45.28
C PRO T 341 0.04 -58.67 46.63
N ARG T 342 0.68 -57.77 47.37
CA ARG T 342 0.17 -57.33 48.68
C ARG T 342 -1.10 -56.48 48.56
N ASN T 343 -1.18 -55.69 47.48
CA ASN T 343 -2.35 -54.86 47.18
C ASN T 343 -2.99 -55.48 45.94
N GLN T 344 -4.12 -56.15 46.15
CA GLN T 344 -4.84 -56.84 45.07
C GLN T 344 -5.47 -55.88 44.05
N ASP T 345 -6.06 -54.80 44.53
CA ASP T 345 -6.73 -53.79 43.70
C ASP T 345 -5.79 -53.11 42.69
N LEU T 346 -4.58 -52.79 43.15
CA LEU T 346 -3.55 -52.16 42.32
C LEU T 346 -2.99 -53.12 41.29
N TYR T 347 -2.89 -54.40 41.66
CA TYR T 347 -2.42 -55.47 40.78
C TYR T 347 -3.40 -55.66 39.62
N ASP T 348 -4.68 -55.78 39.95
CA ASP T 348 -5.76 -55.97 38.99
C ASP T 348 -5.89 -54.81 38.02
N ALA T 349 -5.71 -53.59 38.53
CA ALA T 349 -5.76 -52.36 37.74
C ALA T 349 -4.58 -52.27 36.78
N ALA T 350 -3.40 -52.70 37.24
CA ALA T 350 -2.17 -52.70 36.44
C ALA T 350 -2.19 -53.80 35.39
N LYS T 351 -2.76 -54.96 35.75
CA LYS T 351 -2.91 -56.10 34.86
C LYS T 351 -3.83 -55.75 33.70
N ALA T 352 -4.92 -55.03 34.02
CA ALA T 352 -5.91 -54.58 33.06
C ALA T 352 -5.33 -53.60 32.04
N TYR T 353 -4.56 -52.61 32.53
CA TYR T 353 -3.92 -51.61 31.67
C TYR T 353 -2.85 -52.22 30.77
N ALA T 354 -2.09 -53.17 31.31
CA ALA T 354 -1.03 -53.87 30.58
C ALA T 354 -1.61 -54.73 29.46
N GLU T 355 -2.80 -55.29 29.69
CA GLU T 355 -3.52 -56.10 28.71
C GLU T 355 -4.03 -55.20 27.57
N GLN T 356 -4.36 -53.96 27.89
CA GLN T 356 -4.80 -52.97 26.91
C GLN T 356 -3.63 -52.41 26.10
N LEU T 357 -2.43 -52.43 26.69
CA LEU T 357 -1.21 -51.96 26.05
C LEU T 357 -0.78 -52.84 24.87
N LYS T 358 -1.00 -54.15 25.01
CA LYS T 358 -0.67 -55.12 23.96
C LYS T 358 -1.70 -55.25 22.83
N GLU T 359 -2.62 -54.29 22.77
CA GLU T 359 -3.66 -54.20 21.73
C GLU T 359 -3.49 -52.94 20.89
N ASN T 360 -3.02 -51.87 21.53
CA ASN T 360 -2.77 -50.58 20.88
C ASN T 360 -1.36 -50.54 20.29
N GLY T 361 -0.84 -49.32 20.05
CA GLY T 361 0.49 -49.11 19.51
C GLY T 361 0.50 -48.09 18.38
N VAL T 362 0.66 -46.82 18.75
CA VAL T 362 0.68 -45.71 17.79
C VAL T 362 2.13 -45.30 17.51
N ILE T 363 2.39 -44.95 16.25
CA ILE T 363 3.71 -44.53 15.78
C ILE T 363 4.04 -43.11 16.25
N ASN T 364 5.21 -42.95 16.88
CA ASN T 364 5.69 -41.65 17.33
C ASN T 364 6.68 -41.13 16.28
N TYR T 365 6.18 -40.24 15.43
CA TYR T 365 6.93 -39.66 14.32
C TYR T 365 8.00 -38.63 14.69
N SER T 366 7.91 -38.11 15.91
CA SER T 366 8.86 -37.12 16.45
C SER T 366 10.25 -37.71 16.75
N VAL T 367 10.29 -39.02 16.99
CA VAL T 367 11.52 -39.77 17.29
C VAL T 367 12.46 -39.81 16.07
N LEU T 368 11.88 -40.12 14.91
CA LEU T 368 12.61 -40.19 13.65
C LEU T 368 13.05 -38.82 13.17
N ASP T 369 14.22 -38.76 12.51
CA ASP T 369 14.78 -37.52 11.99
C ASP T 369 14.23 -37.15 10.60
N LEU T 370 12.90 -37.14 10.49
CA LEU T 370 12.18 -36.85 9.24
C LEU T 370 12.23 -35.37 8.87
N THR T 371 12.45 -35.11 7.58
CA THR T 371 12.54 -33.74 7.04
C THR T 371 11.17 -33.30 6.51
N ALA T 372 11.02 -33.29 5.18
CA ALA T 372 9.76 -32.90 4.53
C ALA T 372 8.82 -34.10 4.56
N GLU T 373 7.81 -34.02 5.43
CA GLU T 373 6.85 -35.09 5.63
C GLU T 373 5.63 -35.04 4.72
N GLU T 374 5.45 -36.14 3.98
CA GLU T 374 4.35 -36.32 3.03
C GLU T 374 3.67 -37.68 3.31
N LEU T 375 3.99 -38.23 4.49
CA LEU T 375 3.48 -39.54 4.94
C LEU T 375 2.00 -39.56 5.26
B BO4 OA . -21.64 -7.47 9.25
O1 BO4 OA . -22.65 -8.40 9.33
O2 BO4 OA . -21.11 -7.21 10.48
O3 BO4 OA . -22.11 -6.30 8.71
O4 BO4 OA . -20.64 -8.00 8.49
B BO4 PA . -5.96 22.81 8.87
O1 BO4 PA . -6.29 21.53 9.28
O2 BO4 PA . -5.62 23.61 9.92
O3 BO4 PA . -7.04 23.36 8.23
O4 BO4 PA . -4.88 22.75 8.05
B BO4 QA . -10.31 55.49 0.62
O1 BO4 QA . -9.85 54.39 1.29
O2 BO4 QA . -10.39 56.58 1.45
O3 BO4 QA . -11.54 55.23 0.10
O4 BO4 QA . -9.42 55.83 -0.35
B BO4 RA . -32.31 78.37 -12.37
O1 BO4 RA . -31.30 77.85 -11.61
O2 BO4 RA . -32.93 79.41 -11.75
O3 BO4 RA . -33.24 77.39 -12.64
O4 BO4 RA . -31.80 78.88 -13.53
B BO4 SA . -104.09 3.66 -24.17
O1 BO4 SA . -104.72 4.87 -24.40
O2 BO4 SA . -104.69 2.95 -23.17
O3 BO4 SA . -102.77 3.87 -23.84
O4 BO4 SA . -104.19 2.90 -25.30
B BO4 TA . -82.13 -19.01 -11.07
O1 BO4 TA . -83.31 -18.40 -11.38
O2 BO4 TA . -82.21 -19.71 -9.90
O3 BO4 TA . -81.12 -18.07 -11.01
O4 BO4 TA . -81.85 -19.96 -12.01
B BO4 UA . 61.60 -81.81 19.96
O1 BO4 UA . 61.13 -82.46 21.07
O2 BO4 UA . 62.66 -82.46 19.41
O3 BO4 UA . 61.99 -80.53 20.27
O4 BO4 UA . 60.62 -81.80 19.02
B BO4 VA . 79.77 -60.43 0.55
O1 BO4 VA . 79.28 -61.62 1.03
O2 BO4 VA . 81.06 -60.56 0.13
O3 BO4 VA . 79.73 -59.48 1.53
O4 BO4 VA . 79.02 -60.05 -0.52
B BO4 WA . 95.14 -30.07 0.46
O1 BO4 WA . 94.88 -31.38 0.15
O2 BO4 WA . 96.47 -29.79 0.41
O3 BO4 WA . 94.65 -29.79 1.72
O4 BO4 WA . 94.55 -29.27 -0.48
B BO4 XA . 102.01 -2.54 19.05
O1 BO4 XA . 102.15 -3.55 18.12
O2 BO4 XA . 103.20 -2.10 19.51
O3 BO4 XA . 101.23 -2.98 20.09
O4 BO4 XA . 101.43 -1.45 18.44
B BO4 YA . 97.68 12.44 49.54
O1 BO4 YA . 98.28 12.11 48.35
O2 BO4 YA . 98.61 12.69 50.51
O3 BO4 YA . 96.87 11.41 49.94
O4 BO4 YA . 96.97 13.59 49.37
B BO4 ZA . 47.17 -86.30 50.59
O1 BO4 ZA . 47.00 -86.19 51.95
O2 BO4 ZA . 47.92 -87.39 50.26
O3 BO4 ZA . 47.80 -85.18 50.11
O4 BO4 ZA . 45.96 -86.46 49.99
#